data_3GKF
#
_entry.id   3GKF
#
_cell.length_a   78.501
_cell.length_b   104.610
_cell.length_c   171.673
_cell.angle_alpha   89.88
_cell.angle_beta   79.31
_cell.angle_gamma   89.61
#
_symmetry.space_group_name_H-M   'P 1'
#
loop_
_entity.id
_entity.type
_entity.pdbx_description
1 polymer 'Aldolase lsrF'
2 water water
#
_entity_poly.entity_id   1
_entity_poly.type   'polypeptide(L)'
_entity_poly.pdbx_seq_one_letter_code
;GSMADLDDIKDGKDFRTDQPQKNIPFTLKGCGALDWGMQSRLSRIFNPKTGKTVMLAFDHGYFQGPTTGLERIDINIAPL
FEHADVLMCTRGILRSVVPPATNRPVVLRASGANSILAELSNEAVALSMDDAVRLNSCAVAAQVYIGSEYEHQSIKNIIQ
LVDAGMKVGMPTMAVTGVGKDMVRDQRYFSLATRIAAEMGAQIIKTYYVEKGFERIVAGCPVPIVIAGGKKLPEREALEM
CWQAIDQGASGVDMGRNIFQSDHPVAMMKAVQAVVHHNETADRAYELYLSEKQ
;
_entity_poly.pdbx_strand_id   O,L,M,N,K,F,I,H,G,J,S,P,Q,R,T,E,B,C,D,A
#
# COMPACT_ATOMS: atom_id res chain seq x y z
N GLY A 12 -56.89 -5.48 40.74
CA GLY A 12 -55.70 -6.20 41.28
C GLY A 12 -54.76 -6.75 40.19
N LYS A 13 -54.70 -6.07 39.06
CA LYS A 13 -53.83 -6.46 37.94
C LYS A 13 -52.68 -5.46 37.78
N ASP A 14 -51.48 -5.94 37.47
CA ASP A 14 -50.35 -5.02 37.27
C ASP A 14 -49.76 -5.05 35.86
N PHE A 15 -49.90 -3.95 35.13
CA PHE A 15 -49.34 -3.88 33.78
C PHE A 15 -47.97 -3.25 33.78
N ARG A 16 -47.47 -2.89 34.94
CA ARG A 16 -46.14 -2.34 35.03
C ARG A 16 -45.97 -1.26 33.96
N THR A 17 -46.84 -0.26 33.98
CA THR A 17 -46.76 0.84 33.03
C THR A 17 -45.50 1.66 33.15
N ASP A 18 -44.90 1.66 34.33
CA ASP A 18 -43.73 2.48 34.55
C ASP A 18 -42.54 1.87 33.84
N GLN A 19 -42.68 0.61 33.44
CA GLN A 19 -41.60 -0.12 32.80
C GLN A 19 -41.99 -0.57 31.38
N PRO A 20 -41.36 0.01 30.36
CA PRO A 20 -41.80 -0.17 28.99
C PRO A 20 -41.12 -1.35 28.33
N GLN A 21 -41.91 -2.13 27.59
CA GLN A 21 -41.40 -3.31 26.91
C GLN A 21 -40.28 -2.97 25.95
N LYS A 22 -39.22 -3.79 25.98
CA LYS A 22 -38.01 -3.51 25.22
C LYS A 22 -37.60 -4.78 24.50
N ASN A 23 -37.06 -4.62 23.30
CA ASN A 23 -36.73 -5.77 22.46
C ASN A 23 -35.37 -6.36 22.74
N ILE A 24 -35.31 -7.65 23.04
CA ILE A 24 -34.01 -8.30 23.16
C ILE A 24 -33.32 -8.51 21.81
N PRO A 25 -32.11 -7.96 21.70
CA PRO A 25 -31.33 -8.12 20.49
C PRO A 25 -30.96 -9.57 20.22
N PHE A 26 -30.83 -9.89 18.95
CA PHE A 26 -30.32 -11.18 18.54
C PHE A 26 -28.93 -10.93 17.95
N THR A 27 -27.90 -11.45 18.60
CA THR A 27 -26.54 -11.00 18.26
C THR A 27 -25.82 -11.88 17.27
N LEU A 28 -26.33 -13.08 17.04
CA LEU A 28 -25.69 -14.00 16.10
C LEU A 28 -25.36 -13.29 14.80
N LYS A 29 -24.14 -13.48 14.33
CA LYS A 29 -23.62 -12.69 13.23
C LYS A 29 -24.44 -12.80 11.91
N GLY A 30 -24.97 -11.67 11.47
CA GLY A 30 -25.66 -11.62 10.19
C GLY A 30 -27.02 -12.30 10.21
N CYS A 31 -27.48 -12.64 11.41
CA CYS A 31 -28.79 -13.29 11.53
C CYS A 31 -29.77 -12.41 12.29
N GLY A 32 -29.60 -11.11 12.19
CA GLY A 32 -30.45 -10.19 12.93
C GLY A 32 -31.80 -9.91 12.28
N ALA A 33 -31.97 -10.31 11.02
CA ALA A 33 -33.16 -9.94 10.31
C ALA A 33 -33.94 -11.16 9.86
N LEU A 34 -33.98 -12.16 10.72
CA LEU A 34 -34.65 -13.39 10.34
C LEU A 34 -35.88 -13.59 11.17
N ASP A 35 -36.84 -14.26 10.58
CA ASP A 35 -38.06 -14.57 11.29
C ASP A 35 -37.78 -15.43 12.53
N TRP A 36 -38.75 -15.51 13.43
CA TRP A 36 -38.54 -16.16 14.72
C TRP A 36 -38.10 -17.62 14.61
N GLY A 37 -38.80 -18.37 13.77
CA GLY A 37 -38.49 -19.79 13.57
C GLY A 37 -37.09 -19.98 13.06
N MET A 38 -36.68 -19.17 12.11
CA MET A 38 -35.34 -19.33 11.57
C MET A 38 -34.31 -19.01 12.62
N GLN A 39 -34.56 -17.94 13.37
CA GLN A 39 -33.64 -17.55 14.43
C GLN A 39 -33.57 -18.64 15.49
N SER A 40 -34.70 -19.32 15.66
CA SER A 40 -34.78 -20.40 16.62
C SER A 40 -33.94 -21.60 16.26
N ARG A 41 -33.96 -21.95 14.98
CA ARG A 41 -33.23 -23.11 14.53
C ARG A 41 -31.77 -22.83 14.69
N LEU A 42 -31.37 -21.66 14.22
CA LEU A 42 -29.97 -21.22 14.34
C LEU A 42 -29.52 -21.20 15.80
N SER A 43 -30.42 -20.83 16.69
CA SER A 43 -30.10 -20.76 18.09
C SER A 43 -29.90 -22.13 18.68
N ARG A 44 -30.51 -23.13 18.05
CA ARG A 44 -30.27 -24.52 18.43
C ARG A 44 -28.83 -24.89 18.16
N ILE A 45 -28.37 -24.45 17.00
CA ILE A 45 -27.06 -24.81 16.51
C ILE A 45 -25.96 -24.06 17.22
N PHE A 46 -26.07 -22.73 17.21
CA PHE A 46 -25.08 -21.85 17.81
C PHE A 46 -25.52 -21.42 19.18
N ASN A 47 -24.70 -21.70 20.17
CA ASN A 47 -25.06 -21.35 21.51
C ASN A 47 -25.26 -19.85 21.66
N PRO A 48 -26.41 -19.44 22.19
CA PRO A 48 -26.74 -18.02 22.31
C PRO A 48 -25.76 -17.29 23.25
N LYS A 49 -25.37 -17.94 24.34
CA LYS A 49 -24.41 -17.37 25.27
C LYS A 49 -23.06 -17.09 24.62
N THR A 50 -22.46 -18.11 24.00
CA THR A 50 -21.12 -17.97 23.40
C THR A 50 -21.15 -17.69 21.89
N GLY A 51 -22.30 -17.89 21.27
CA GLY A 51 -22.44 -17.64 19.84
C GLY A 51 -21.64 -18.60 18.98
N LYS A 52 -21.44 -19.82 19.49
CA LYS A 52 -20.60 -20.81 18.83
C LYS A 52 -21.16 -22.21 18.91
N THR A 53 -20.59 -23.10 18.12
CA THR A 53 -21.06 -24.46 18.07
C THR A 53 -19.91 -25.47 17.90
N VAL A 54 -20.10 -26.65 18.49
CA VAL A 54 -19.25 -27.77 18.25
C VAL A 54 -20.04 -28.78 17.43
N MET A 55 -19.61 -29.00 16.19
CA MET A 55 -20.38 -29.83 15.27
C MET A 55 -19.72 -31.19 15.04
N LEU A 56 -20.46 -32.27 15.23
CA LEU A 56 -19.93 -33.58 14.90
C LEU A 56 -20.51 -34.07 13.58
N ALA A 57 -19.72 -33.98 12.53
CA ALA A 57 -20.23 -34.28 11.22
C ALA A 57 -19.75 -35.65 10.75
N PHE A 58 -20.69 -36.52 10.37
CA PHE A 58 -20.33 -37.83 9.82
C PHE A 58 -21.03 -38.16 8.51
N ASP A 59 -21.00 -37.24 7.56
CA ASP A 59 -21.83 -37.39 6.39
C ASP A 59 -21.08 -37.96 5.19
N HIS A 60 -19.80 -38.22 5.38
CA HIS A 60 -18.90 -38.54 4.27
C HIS A 60 -19.30 -39.77 3.49
N GLY A 61 -20.04 -40.66 4.14
CA GLY A 61 -20.53 -41.85 3.46
C GLY A 61 -21.23 -41.45 2.18
N TYR A 62 -21.65 -40.18 2.12
CA TYR A 62 -22.56 -39.79 1.06
C TYR A 62 -21.99 -39.95 -0.34
N PHE A 63 -20.67 -39.82 -0.47
CA PHE A 63 -20.03 -40.01 -1.76
C PHE A 63 -18.87 -40.95 -1.61
N GLN A 64 -18.61 -41.32 -0.36
CA GLN A 64 -17.40 -42.06 -0.02
C GLN A 64 -17.61 -43.51 0.41
N GLY A 65 -18.85 -43.88 0.73
CA GLY A 65 -19.09 -45.21 1.24
C GLY A 65 -18.56 -45.27 2.66
N PRO A 66 -18.23 -46.50 3.16
CA PRO A 66 -17.81 -46.69 4.52
C PRO A 66 -16.37 -46.26 4.73
N THR A 67 -16.17 -44.96 4.71
CA THR A 67 -14.91 -44.39 5.08
C THR A 67 -14.46 -44.88 6.46
N THR A 68 -13.14 -44.86 6.66
CA THR A 68 -12.57 -45.31 7.93
C THR A 68 -13.08 -44.56 9.14
N GLY A 69 -13.51 -45.29 10.15
CA GLY A 69 -14.03 -44.70 11.34
C GLY A 69 -15.51 -44.41 11.21
N LEU A 70 -16.06 -44.51 10.00
CA LEU A 70 -17.49 -44.36 9.79
C LEU A 70 -18.04 -45.69 9.38
N GLU A 71 -17.24 -46.72 9.55
CA GLU A 71 -17.68 -48.05 9.17
C GLU A 71 -18.98 -48.37 9.86
N ARG A 72 -19.04 -48.11 11.16
CA ARG A 72 -20.25 -48.40 11.90
C ARG A 72 -20.63 -47.18 12.71
N ILE A 73 -21.47 -46.34 12.13
CA ILE A 73 -21.91 -45.18 12.85
C ILE A 73 -22.53 -45.63 14.15
N ASP A 74 -23.35 -46.67 14.05
CA ASP A 74 -24.20 -47.05 15.15
C ASP A 74 -23.41 -47.39 16.43
N ILE A 75 -22.17 -47.82 16.25
CA ILE A 75 -21.39 -48.25 17.38
C ILE A 75 -20.32 -47.25 17.74
N ASN A 76 -19.55 -46.87 16.73
CA ASN A 76 -18.46 -45.92 16.85
C ASN A 76 -18.91 -44.53 17.22
N ILE A 77 -19.88 -44.00 16.49
CA ILE A 77 -20.26 -42.61 16.61
C ILE A 77 -21.39 -42.38 17.62
N ALA A 78 -22.22 -43.40 17.80
CA ALA A 78 -23.39 -43.27 18.69
C ALA A 78 -23.06 -42.73 20.07
N PRO A 79 -21.98 -43.22 20.67
CA PRO A 79 -21.50 -42.72 21.97
C PRO A 79 -21.13 -41.23 21.90
N LEU A 80 -20.79 -40.76 20.71
CA LEU A 80 -20.25 -39.42 20.54
C LEU A 80 -21.28 -38.27 20.58
N PHE A 81 -22.54 -38.61 20.31
CA PHE A 81 -23.57 -37.61 20.11
C PHE A 81 -23.71 -36.63 21.28
N GLU A 82 -23.82 -37.16 22.49
CA GLU A 82 -24.13 -36.31 23.62
C GLU A 82 -23.14 -35.15 23.81
N HIS A 83 -21.92 -35.29 23.28
CA HIS A 83 -20.91 -34.26 23.52
C HIS A 83 -20.79 -33.31 22.36
N ALA A 84 -21.78 -33.33 21.48
CA ALA A 84 -21.77 -32.43 20.35
C ALA A 84 -22.90 -31.42 20.49
N ASP A 85 -22.69 -30.22 19.96
CA ASP A 85 -23.76 -29.21 19.95
C ASP A 85 -24.76 -29.54 18.84
N VAL A 86 -24.23 -29.96 17.71
CA VAL A 86 -25.05 -30.25 16.55
C VAL A 86 -24.45 -31.42 15.77
N LEU A 87 -25.32 -32.27 15.24
CA LEU A 87 -24.89 -33.39 14.44
C LEU A 87 -25.05 -33.06 12.98
N MET A 88 -24.19 -33.65 12.14
CA MET A 88 -24.41 -33.52 10.73
C MET A 88 -24.25 -34.83 10.00
N CYS A 89 -25.33 -35.30 9.36
CA CYS A 89 -25.29 -36.57 8.67
C CYS A 89 -26.29 -36.58 7.55
N THR A 90 -26.36 -37.68 6.83
CA THR A 90 -27.39 -37.82 5.81
C THR A 90 -28.72 -38.19 6.43
N ARG A 91 -29.77 -38.03 5.63
CA ARG A 91 -31.09 -38.37 6.08
C ARG A 91 -31.18 -39.89 6.16
N GLY A 92 -30.39 -40.55 5.32
CA GLY A 92 -30.42 -42.01 5.30
C GLY A 92 -29.93 -42.53 6.63
N ILE A 93 -28.75 -42.06 7.02
CA ILE A 93 -28.11 -42.49 8.23
C ILE A 93 -28.93 -42.08 9.43
N LEU A 94 -29.38 -40.84 9.43
CA LEU A 94 -30.17 -40.34 10.54
C LEU A 94 -31.34 -41.23 10.85
N ARG A 95 -32.12 -41.58 9.84
CA ARG A 95 -33.27 -42.41 10.12
C ARG A 95 -32.87 -43.77 10.63
N SER A 96 -31.84 -44.36 10.04
CA SER A 96 -31.51 -45.76 10.34
C SER A 96 -30.78 -45.99 11.65
N VAL A 97 -29.84 -45.13 11.99
CA VAL A 97 -28.96 -45.42 13.12
C VAL A 97 -28.71 -44.27 14.09
N VAL A 98 -29.37 -43.15 13.89
CA VAL A 98 -29.32 -42.11 14.90
C VAL A 98 -30.63 -42.14 15.68
N PRO A 99 -30.53 -42.36 16.98
CA PRO A 99 -31.72 -42.47 17.78
C PRO A 99 -32.36 -41.13 17.89
N PRO A 100 -33.68 -41.05 17.64
CA PRO A 100 -34.38 -39.77 17.79
C PRO A 100 -34.14 -39.18 19.19
N ALA A 101 -34.05 -40.05 20.18
CA ALA A 101 -33.97 -39.60 21.55
C ALA A 101 -32.60 -38.99 21.82
N THR A 102 -31.75 -39.05 20.81
CA THR A 102 -30.40 -38.52 20.93
C THR A 102 -30.53 -37.07 21.33
N ASN A 103 -31.69 -36.50 21.01
CA ASN A 103 -32.08 -35.15 21.39
C ASN A 103 -31.07 -34.05 21.07
N ARG A 104 -30.40 -34.18 19.94
CA ARG A 104 -29.44 -33.17 19.50
C ARG A 104 -29.88 -32.55 18.15
N PRO A 105 -29.63 -31.25 17.98
CA PRO A 105 -29.99 -30.58 16.71
C PRO A 105 -29.20 -31.16 15.56
N VAL A 106 -29.83 -31.33 14.39
CA VAL A 106 -29.09 -31.86 13.25
C VAL A 106 -29.10 -30.91 12.06
N VAL A 107 -27.99 -30.93 11.34
CA VAL A 107 -27.88 -30.24 10.07
C VAL A 107 -27.85 -31.31 9.00
N LEU A 108 -28.95 -31.46 8.27
CA LEU A 108 -28.98 -32.49 7.24
C LEU A 108 -28.09 -32.17 6.04
N ARG A 109 -27.27 -33.12 5.66
CA ARG A 109 -26.54 -32.99 4.41
C ARG A 109 -27.51 -33.20 3.26
N ALA A 110 -27.66 -32.22 2.38
CA ALA A 110 -28.68 -32.25 1.33
C ALA A 110 -28.14 -32.23 -0.11
N SER A 111 -26.87 -32.57 -0.29
CA SER A 111 -26.32 -32.64 -1.63
C SER A 111 -25.78 -34.06 -1.75
N GLY A 112 -25.54 -34.52 -2.97
CA GLY A 112 -25.07 -35.88 -3.14
C GLY A 112 -25.04 -36.22 -4.61
N ALA A 113 -25.09 -37.51 -4.93
CA ALA A 113 -25.12 -37.99 -6.33
C ALA A 113 -23.73 -37.96 -6.97
N ASN A 114 -22.71 -37.72 -6.16
CA ASN A 114 -21.35 -37.94 -6.63
C ASN A 114 -20.75 -39.22 -6.01
N SER A 115 -19.67 -39.74 -6.58
CA SER A 115 -18.94 -40.86 -5.98
C SER A 115 -17.48 -40.44 -5.95
N ILE A 116 -16.66 -41.17 -5.20
CA ILE A 116 -15.22 -40.96 -5.29
C ILE A 116 -14.71 -41.60 -6.58
N LEU A 117 -15.61 -42.23 -7.31
CA LEU A 117 -15.22 -42.91 -8.53
C LEU A 117 -15.35 -42.01 -9.75
N ALA A 118 -15.84 -40.81 -9.55
CA ALA A 118 -16.16 -39.94 -10.68
C ALA A 118 -15.84 -38.53 -10.28
N GLU A 119 -16.23 -37.56 -11.09
CA GLU A 119 -15.94 -36.16 -10.74
C GLU A 119 -16.55 -35.81 -9.39
N LEU A 120 -15.76 -35.22 -8.51
CA LEU A 120 -16.21 -34.97 -7.14
C LEU A 120 -17.27 -33.88 -7.08
N SER A 121 -17.15 -32.87 -7.93
CA SER A 121 -18.04 -31.72 -7.85
C SER A 121 -19.42 -31.97 -8.45
N ASN A 122 -19.67 -33.17 -8.96
CA ASN A 122 -20.93 -33.45 -9.63
C ASN A 122 -22.07 -33.79 -8.68
N GLU A 123 -22.65 -32.76 -8.06
CA GLU A 123 -23.60 -32.98 -6.96
C GLU A 123 -24.97 -32.48 -7.35
N ALA A 124 -26.01 -33.07 -6.79
CA ALA A 124 -27.33 -32.51 -6.96
C ALA A 124 -27.99 -32.40 -5.60
N VAL A 125 -29.11 -31.69 -5.53
CA VAL A 125 -29.82 -31.64 -4.26
C VAL A 125 -30.34 -33.02 -3.95
N ALA A 126 -30.08 -33.45 -2.71
CA ALA A 126 -30.22 -34.85 -2.34
C ALA A 126 -31.41 -35.15 -1.46
N LEU A 127 -32.22 -34.15 -1.18
CA LEU A 127 -33.49 -34.38 -0.47
C LEU A 127 -34.34 -33.11 -0.53
N SER A 128 -35.66 -33.28 -0.42
CA SER A 128 -36.59 -32.14 -0.49
C SER A 128 -36.68 -31.40 0.86
N MET A 129 -36.90 -30.07 0.82
CA MET A 129 -37.00 -29.31 2.07
C MET A 129 -38.14 -29.94 2.84
N ASP A 130 -39.07 -30.47 2.06
CA ASP A 130 -40.25 -31.13 2.55
C ASP A 130 -39.83 -32.16 3.60
N ASP A 131 -38.89 -33.03 3.22
CA ASP A 131 -38.41 -34.08 4.12
C ASP A 131 -37.54 -33.49 5.24
N ALA A 132 -36.71 -32.51 4.90
CA ALA A 132 -35.88 -31.91 5.92
C ALA A 132 -36.80 -31.39 7.01
N VAL A 133 -37.93 -30.83 6.61
CA VAL A 133 -38.87 -30.24 7.58
C VAL A 133 -39.50 -31.39 8.33
N ARG A 134 -39.76 -32.47 7.60
CA ARG A 134 -40.34 -33.63 8.21
C ARG A 134 -39.43 -34.23 9.26
N LEU A 135 -38.13 -34.03 9.09
CA LEU A 135 -37.14 -34.58 9.97
C LEU A 135 -36.74 -33.60 11.05
N ASN A 136 -37.46 -32.50 11.15
CA ASN A 136 -37.16 -31.50 12.18
C ASN A 136 -35.72 -30.98 12.13
N SER A 137 -35.23 -30.62 10.95
CA SER A 137 -33.83 -30.23 10.85
C SER A 137 -33.66 -28.83 11.38
N CYS A 138 -32.45 -28.49 11.79
CA CYS A 138 -32.13 -27.13 12.15
C CYS A 138 -31.55 -26.46 10.93
N ALA A 139 -31.04 -27.24 9.99
CA ALA A 139 -30.55 -26.65 8.76
C ALA A 139 -30.28 -27.73 7.76
N VAL A 140 -30.14 -27.30 6.51
CA VAL A 140 -29.77 -28.20 5.44
C VAL A 140 -28.48 -27.68 4.86
N ALA A 141 -27.65 -28.61 4.40
CA ALA A 141 -26.34 -28.25 3.89
C ALA A 141 -26.08 -28.88 2.54
N ALA A 142 -25.32 -28.16 1.72
CA ALA A 142 -24.86 -28.64 0.43
C ALA A 142 -23.51 -28.02 0.15
N GLN A 143 -22.82 -28.59 -0.82
CA GLN A 143 -21.45 -28.24 -1.11
C GLN A 143 -21.44 -27.33 -2.26
N VAL A 144 -20.61 -26.30 -2.20
CA VAL A 144 -20.38 -25.48 -3.38
C VAL A 144 -18.95 -25.73 -3.85
N TYR A 145 -18.71 -25.73 -5.16
CA TYR A 145 -17.39 -26.09 -5.65
C TYR A 145 -16.83 -25.05 -6.58
N ILE A 146 -16.42 -23.90 -6.04
CA ILE A 146 -15.84 -22.90 -6.92
C ILE A 146 -14.62 -23.49 -7.59
N GLY A 147 -14.41 -23.17 -8.85
CA GLY A 147 -13.26 -23.66 -9.59
C GLY A 147 -13.34 -25.10 -10.10
N SER A 148 -14.25 -25.90 -9.58
CA SER A 148 -14.40 -27.23 -10.14
C SER A 148 -15.30 -27.26 -11.36
N GLU A 149 -15.38 -28.43 -11.99
CA GLU A 149 -16.09 -28.55 -13.24
C GLU A 149 -17.58 -28.20 -13.14
N TYR A 150 -18.19 -28.55 -12.01
CA TYR A 150 -19.64 -28.41 -11.86
C TYR A 150 -19.98 -27.32 -10.87
N GLU A 151 -19.19 -26.25 -10.93
CA GLU A 151 -19.33 -25.18 -9.98
C GLU A 151 -20.68 -24.50 -10.15
N HIS A 152 -21.18 -24.47 -11.39
CA HIS A 152 -22.47 -23.81 -11.67
C HIS A 152 -23.60 -24.53 -10.94
N GLN A 153 -23.70 -25.85 -11.16
CA GLN A 153 -24.70 -26.70 -10.55
C GLN A 153 -24.61 -26.61 -9.06
N SER A 154 -23.40 -26.46 -8.54
CA SER A 154 -23.24 -26.46 -7.10
C SER A 154 -23.85 -25.22 -6.51
N ILE A 155 -23.74 -24.09 -7.19
CA ILE A 155 -24.33 -22.89 -6.62
C ILE A 155 -25.85 -22.93 -6.78
N LYS A 156 -26.28 -23.39 -7.94
CA LYS A 156 -27.67 -23.57 -8.17
C LYS A 156 -28.26 -24.39 -7.05
N ASN A 157 -27.48 -25.34 -6.54
CA ASN A 157 -28.02 -26.18 -5.49
C ASN A 157 -28.28 -25.35 -4.28
N ILE A 158 -27.34 -24.49 -3.94
CA ILE A 158 -27.48 -23.68 -2.74
C ILE A 158 -28.68 -22.79 -2.91
N ILE A 159 -28.76 -22.21 -4.10
CA ILE A 159 -29.82 -21.29 -4.39
C ILE A 159 -31.15 -21.96 -4.10
N GLN A 160 -31.28 -23.15 -4.66
CA GLN A 160 -32.52 -23.83 -4.62
C GLN A 160 -32.91 -24.16 -3.20
N LEU A 161 -31.91 -24.48 -2.39
CA LEU A 161 -32.18 -24.83 -1.01
C LEU A 161 -32.58 -23.59 -0.23
N VAL A 162 -31.98 -22.45 -0.56
CA VAL A 162 -32.37 -21.22 0.10
C VAL A 162 -33.79 -20.80 -0.31
N ASP A 163 -34.13 -20.93 -1.58
CA ASP A 163 -35.48 -20.61 -2.00
C ASP A 163 -36.49 -21.39 -1.17
N ALA A 164 -36.19 -22.66 -0.95
CA ALA A 164 -37.10 -23.56 -0.24
C ALA A 164 -37.08 -23.29 1.25
N GLY A 165 -35.90 -23.00 1.76
CA GLY A 165 -35.74 -22.88 3.20
C GLY A 165 -36.47 -21.64 3.66
N MET A 166 -36.43 -20.62 2.80
CA MET A 166 -37.04 -19.35 3.14
C MET A 166 -38.56 -19.47 3.29
N LYS A 167 -39.16 -20.41 2.56
CA LYS A 167 -40.58 -20.61 2.63
C LYS A 167 -40.88 -21.18 3.99
N VAL A 168 -39.89 -21.78 4.60
CA VAL A 168 -40.22 -22.68 5.67
C VAL A 168 -39.42 -22.44 6.97
N GLY A 169 -38.46 -21.53 6.96
CA GLY A 169 -37.73 -21.18 8.17
C GLY A 169 -36.45 -22.01 8.35
N MET A 170 -36.02 -22.64 7.27
CA MET A 170 -34.87 -23.52 7.32
C MET A 170 -33.62 -22.80 6.85
N PRO A 171 -32.61 -22.71 7.73
CA PRO A 171 -31.35 -22.11 7.32
C PRO A 171 -30.59 -23.05 6.42
N THR A 172 -29.75 -22.48 5.55
CA THR A 172 -28.94 -23.29 4.66
C THR A 172 -27.47 -23.08 4.91
N MET A 173 -26.76 -24.20 4.97
CA MET A 173 -25.31 -24.19 5.16
C MET A 173 -24.61 -24.56 3.87
N ALA A 174 -23.74 -23.67 3.40
CA ALA A 174 -22.98 -23.94 2.20
C ALA A 174 -21.59 -24.36 2.59
N VAL A 175 -21.15 -25.53 2.13
CA VAL A 175 -19.81 -25.98 2.42
C VAL A 175 -18.96 -25.87 1.19
N THR A 176 -17.78 -25.28 1.34
CA THR A 176 -16.90 -25.09 0.22
C THR A 176 -16.01 -26.30 0.00
N GLY A 177 -16.25 -27.05 -1.08
CA GLY A 177 -15.39 -28.20 -1.41
C GLY A 177 -14.35 -27.85 -2.46
N VAL A 178 -13.19 -28.51 -2.45
CA VAL A 178 -12.05 -28.02 -3.26
C VAL A 178 -11.42 -28.97 -4.29
N ARG A 184 -5.70 -23.30 -2.76
CA ARG A 184 -6.28 -23.66 -1.46
C ARG A 184 -5.91 -22.63 -0.38
N ASP A 185 -5.82 -21.38 -0.80
CA ASP A 185 -5.33 -20.28 0.03
C ASP A 185 -6.45 -19.31 0.35
N GLN A 186 -6.15 -18.29 1.15
CA GLN A 186 -7.20 -17.36 1.59
C GLN A 186 -8.00 -16.75 0.47
N ARG A 187 -7.31 -16.13 -0.47
CA ARG A 187 -8.02 -15.41 -1.52
C ARG A 187 -9.11 -16.34 -2.06
N TYR A 188 -8.77 -17.62 -2.21
CA TYR A 188 -9.69 -18.56 -2.76
C TYR A 188 -10.89 -18.81 -1.88
N PHE A 189 -10.67 -19.14 -0.62
CA PHE A 189 -11.80 -19.39 0.27
C PHE A 189 -12.63 -18.14 0.45
N SER A 190 -12.00 -16.99 0.36
CA SER A 190 -12.76 -15.75 0.37
C SER A 190 -13.82 -15.75 -0.74
N LEU A 191 -13.36 -15.94 -1.96
CA LEU A 191 -14.26 -16.00 -3.08
C LEU A 191 -15.40 -16.99 -2.81
N ALA A 192 -15.02 -18.20 -2.46
CA ALA A 192 -15.99 -19.25 -2.32
C ALA A 192 -16.95 -18.98 -1.19
N THR A 193 -16.47 -18.59 -0.02
CA THR A 193 -17.37 -18.39 1.10
C THR A 193 -18.31 -17.25 0.82
N ARG A 194 -17.75 -16.19 0.25
CA ARG A 194 -18.50 -14.94 0.05
C ARG A 194 -19.60 -15.08 -1.02
N ILE A 195 -19.30 -15.78 -2.11
CA ILE A 195 -20.31 -16.08 -3.09
C ILE A 195 -21.44 -16.88 -2.45
N ALA A 196 -21.08 -17.92 -1.74
CA ALA A 196 -22.09 -18.74 -1.11
C ALA A 196 -22.96 -17.87 -0.21
N ALA A 197 -22.32 -17.03 0.59
CA ALA A 197 -23.05 -16.28 1.63
C ALA A 197 -24.01 -15.32 0.97
N GLU A 198 -23.50 -14.79 -0.14
CA GLU A 198 -24.11 -13.74 -0.90
C GLU A 198 -25.34 -14.34 -1.57
N MET A 199 -25.19 -15.57 -2.07
CA MET A 199 -26.33 -16.25 -2.68
C MET A 199 -27.45 -16.35 -1.67
N GLY A 200 -27.12 -16.54 -0.40
CA GLY A 200 -28.15 -16.59 0.61
C GLY A 200 -27.92 -17.56 1.75
N ALA A 201 -26.80 -18.29 1.72
CA ALA A 201 -26.55 -19.28 2.76
C ALA A 201 -26.36 -18.58 4.09
N GLN A 202 -27.00 -19.09 5.12
CA GLN A 202 -26.90 -18.49 6.44
C GLN A 202 -25.66 -18.97 7.18
N ILE A 203 -25.25 -20.20 6.92
CA ILE A 203 -24.04 -20.71 7.54
C ILE A 203 -23.07 -21.12 6.48
N ILE A 204 -21.83 -20.65 6.62
CA ILE A 204 -20.76 -21.11 5.76
C ILE A 204 -19.84 -22.08 6.48
N LYS A 205 -19.56 -23.23 5.87
CA LYS A 205 -18.59 -24.13 6.46
C LYS A 205 -17.39 -24.25 5.57
N THR A 206 -16.21 -24.09 6.15
CA THR A 206 -15.03 -24.01 5.32
C THR A 206 -13.78 -24.50 6.05
N TYR A 207 -12.64 -24.34 5.39
CA TYR A 207 -11.38 -24.85 5.92
C TYR A 207 -10.54 -23.77 6.56
N TYR A 208 -9.73 -24.14 7.55
CA TYR A 208 -8.87 -23.16 8.16
C TYR A 208 -7.64 -22.87 7.32
N VAL A 209 -7.14 -21.65 7.41
CA VAL A 209 -6.04 -21.27 6.59
C VAL A 209 -4.98 -20.61 7.47
N GLU A 210 -3.72 -21.02 7.32
CA GLU A 210 -2.66 -20.56 8.19
C GLU A 210 -2.34 -19.09 8.00
N LYS A 211 -2.51 -18.60 6.80
CA LYS A 211 -2.34 -17.18 6.55
C LYS A 211 -3.62 -16.54 6.05
N GLY A 212 -4.13 -15.56 6.80
CA GLY A 212 -5.23 -14.72 6.30
C GLY A 212 -6.66 -15.17 6.59
N PHE A 213 -6.81 -16.14 7.50
CA PHE A 213 -8.13 -16.60 7.88
C PHE A 213 -9.02 -15.43 8.31
N GLU A 214 -8.40 -14.44 8.92
CA GLU A 214 -9.12 -13.29 9.42
C GLU A 214 -9.91 -12.60 8.31
N ARG A 215 -9.29 -12.45 7.15
CA ARG A 215 -9.94 -11.85 5.99
C ARG A 215 -11.13 -12.67 5.56
N ILE A 216 -11.00 -13.99 5.66
CA ILE A 216 -12.08 -14.86 5.29
C ILE A 216 -13.28 -14.62 6.19
N VAL A 217 -13.05 -14.68 7.50
CA VAL A 217 -14.11 -14.40 8.44
C VAL A 217 -14.66 -13.01 8.24
N ALA A 218 -13.78 -12.01 8.23
CA ALA A 218 -14.18 -10.60 8.14
C ALA A 218 -15.03 -10.35 6.90
N GLY A 219 -14.68 -11.03 5.82
CA GLY A 219 -15.41 -10.90 4.57
C GLY A 219 -16.73 -11.66 4.50
N CYS A 220 -16.93 -12.61 5.39
CA CYS A 220 -18.17 -13.36 5.42
C CYS A 220 -19.16 -12.67 6.36
N PRO A 221 -20.39 -12.41 5.89
CA PRO A 221 -21.35 -11.70 6.74
C PRO A 221 -22.17 -12.62 7.65
N VAL A 222 -21.87 -13.93 7.62
CA VAL A 222 -22.66 -14.87 8.36
C VAL A 222 -21.73 -15.86 9.00
N PRO A 223 -22.25 -16.65 9.95
CA PRO A 223 -21.37 -17.47 10.74
C PRO A 223 -20.55 -18.42 9.90
N ILE A 224 -19.30 -18.61 10.33
CA ILE A 224 -18.42 -19.57 9.69
C ILE A 224 -18.04 -20.70 10.62
N VAL A 225 -18.08 -21.90 10.08
CA VAL A 225 -17.71 -23.07 10.81
C VAL A 225 -16.61 -23.69 9.99
N ILE A 226 -15.61 -24.26 10.66
CA ILE A 226 -14.49 -24.83 9.94
C ILE A 226 -14.51 -26.34 10.00
N ALA A 227 -14.17 -26.96 8.87
CA ALA A 227 -14.03 -28.39 8.83
C ALA A 227 -12.59 -28.73 9.19
N GLY A 228 -12.41 -29.89 9.83
CA GLY A 228 -11.10 -30.34 10.30
C GLY A 228 -10.16 -30.76 9.19
N GLY A 229 -10.66 -31.48 8.19
CA GLY A 229 -9.80 -32.00 7.14
C GLY A 229 -9.15 -33.30 7.60
N LYS A 230 -8.06 -33.69 6.96
CA LYS A 230 -7.40 -34.95 7.32
C LYS A 230 -7.00 -35.00 8.80
N LYS A 231 -6.95 -36.21 9.34
CA LYS A 231 -6.62 -36.43 10.73
C LYS A 231 -5.24 -35.88 11.04
N LEU A 232 -5.14 -35.20 12.16
CA LEU A 232 -3.87 -34.69 12.64
C LEU A 232 -3.71 -35.22 14.04
N PRO A 233 -2.48 -35.17 14.55
CA PRO A 233 -2.28 -35.41 15.97
C PRO A 233 -3.10 -34.41 16.75
N GLU A 234 -3.77 -34.87 17.79
CA GLU A 234 -4.67 -34.00 18.54
C GLU A 234 -4.08 -32.67 18.88
N ARG A 235 -2.89 -32.67 19.48
CA ARG A 235 -2.25 -31.42 19.83
C ARG A 235 -2.39 -30.41 18.67
N GLU A 236 -2.14 -30.87 17.45
CA GLU A 236 -2.16 -29.98 16.31
C GLU A 236 -3.55 -29.56 15.88
N ALA A 237 -4.51 -30.47 16.01
CA ALA A 237 -5.89 -30.17 15.68
C ALA A 237 -6.41 -29.13 16.66
N LEU A 238 -6.16 -29.34 17.93
CA LEU A 238 -6.59 -28.38 18.93
C LEU A 238 -6.02 -27.00 18.61
N GLU A 239 -4.75 -26.94 18.26
CA GLU A 239 -4.16 -25.64 17.98
C GLU A 239 -4.92 -24.98 16.84
N MET A 240 -5.21 -25.76 15.82
CA MET A 240 -6.02 -25.30 14.70
C MET A 240 -7.36 -24.78 15.20
N CYS A 241 -8.03 -25.56 16.03
CA CYS A 241 -9.26 -25.10 16.63
C CYS A 241 -9.04 -23.80 17.30
N TRP A 242 -8.05 -23.79 18.18
CA TRP A 242 -7.85 -22.62 18.99
C TRP A 242 -7.69 -21.42 18.07
N GLN A 243 -6.88 -21.62 17.03
CA GLN A 243 -6.57 -20.56 16.08
C GLN A 243 -7.81 -20.08 15.35
N ALA A 244 -8.60 -21.01 14.83
CA ALA A 244 -9.82 -20.67 14.12
C ALA A 244 -10.73 -19.81 14.99
N ILE A 245 -11.01 -20.27 16.20
CA ILE A 245 -11.86 -19.52 17.10
C ILE A 245 -11.24 -18.16 17.38
N ASP A 246 -9.98 -18.16 17.77
CA ASP A 246 -9.30 -16.94 18.11
C ASP A 246 -9.44 -15.96 16.96
N GLN A 247 -9.54 -16.48 15.75
CA GLN A 247 -9.60 -15.63 14.57
C GLN A 247 -11.03 -15.45 14.06
N GLY A 248 -12.00 -15.79 14.90
CA GLY A 248 -13.39 -15.38 14.69
C GLY A 248 -14.34 -16.38 14.08
N ALA A 249 -13.94 -17.64 13.98
CA ALA A 249 -14.85 -18.66 13.48
C ALA A 249 -15.95 -18.84 14.52
N SER A 250 -17.13 -19.30 14.11
CA SER A 250 -18.26 -19.44 15.05
C SER A 250 -18.46 -20.87 15.54
N GLY A 251 -17.73 -21.79 14.93
CA GLY A 251 -17.80 -23.18 15.33
C GLY A 251 -16.73 -23.96 14.63
N VAL A 252 -16.53 -25.19 15.06
CA VAL A 252 -15.55 -26.03 14.40
C VAL A 252 -16.22 -27.35 14.23
N ASP A 253 -15.97 -27.97 13.10
CA ASP A 253 -16.33 -29.35 12.95
C ASP A 253 -15.05 -30.13 12.73
N MET A 254 -14.70 -30.96 13.71
CA MET A 254 -13.58 -31.88 13.57
C MET A 254 -14.18 -33.18 13.22
N GLY A 255 -14.12 -33.58 11.97
CA GLY A 255 -14.68 -34.86 11.63
C GLY A 255 -13.68 -35.93 12.01
N ARG A 256 -12.82 -36.23 11.04
CA ARG A 256 -11.88 -37.31 11.19
C ARG A 256 -11.14 -37.14 12.49
N ASN A 257 -10.78 -35.89 12.79
CA ASN A 257 -9.97 -35.59 13.95
C ASN A 257 -10.65 -35.97 15.23
N ILE A 258 -11.90 -36.41 15.12
CA ILE A 258 -12.61 -36.87 16.29
C ILE A 258 -12.90 -38.34 16.22
N PHE A 259 -13.75 -38.75 15.28
CA PHE A 259 -14.20 -40.13 15.24
C PHE A 259 -13.04 -41.08 15.00
N GLN A 260 -11.95 -40.55 14.44
CA GLN A 260 -10.78 -41.36 14.21
C GLN A 260 -9.79 -41.37 15.38
N SER A 261 -9.83 -40.37 16.26
CA SER A 261 -8.96 -40.38 17.44
C SER A 261 -9.21 -41.61 18.29
N ASP A 262 -8.15 -42.13 18.91
CA ASP A 262 -8.29 -43.30 19.79
C ASP A 262 -9.15 -42.95 21.01
N HIS A 263 -9.18 -41.67 21.34
CA HIS A 263 -9.90 -41.23 22.52
C HIS A 263 -10.85 -40.10 22.14
N PRO A 264 -11.91 -40.45 21.40
CA PRO A 264 -12.88 -39.50 20.87
C PRO A 264 -13.51 -38.58 21.90
N VAL A 265 -14.17 -39.13 22.90
CA VAL A 265 -14.87 -38.30 23.86
C VAL A 265 -13.92 -37.30 24.51
N ALA A 266 -12.71 -37.74 24.82
CA ALA A 266 -11.73 -36.86 25.41
C ALA A 266 -11.48 -35.71 24.48
N MET A 267 -11.35 -36.01 23.18
CA MET A 267 -11.09 -34.97 22.19
C MET A 267 -12.19 -33.92 22.22
N MET A 268 -13.43 -34.39 22.19
CA MET A 268 -14.56 -33.48 22.15
C MET A 268 -14.55 -32.50 23.30
N LYS A 269 -14.31 -33.01 24.50
CA LYS A 269 -14.25 -32.14 25.66
C LYS A 269 -13.11 -31.16 25.48
N ALA A 270 -12.05 -31.60 24.81
CA ALA A 270 -10.95 -30.71 24.47
C ALA A 270 -11.50 -29.58 23.61
N VAL A 271 -12.20 -29.97 22.56
CA VAL A 271 -12.77 -29.03 21.62
C VAL A 271 -13.80 -28.13 22.30
N GLN A 272 -14.66 -28.72 23.13
CA GLN A 272 -15.65 -27.92 23.84
C GLN A 272 -14.96 -26.80 24.54
N ALA A 273 -13.87 -27.16 25.23
CA ALA A 273 -13.13 -26.20 26.01
C ALA A 273 -12.63 -25.05 25.16
N VAL A 274 -11.90 -25.37 24.09
CA VAL A 274 -11.37 -24.31 23.25
C VAL A 274 -12.48 -23.43 22.75
N VAL A 275 -13.54 -24.06 22.22
CA VAL A 275 -14.58 -23.32 21.54
C VAL A 275 -15.42 -22.47 22.50
N HIS A 276 -16.13 -23.10 23.41
CA HIS A 276 -17.04 -22.38 24.28
C HIS A 276 -16.36 -21.69 25.43
N HIS A 277 -15.39 -22.36 26.02
CA HIS A 277 -14.85 -21.89 27.28
C HIS A 277 -13.55 -21.11 27.17
N ASN A 278 -12.96 -21.07 25.98
CA ASN A 278 -11.79 -20.24 25.81
C ASN A 278 -10.46 -20.84 26.24
N GLU A 279 -10.46 -22.07 26.75
CA GLU A 279 -9.18 -22.65 27.17
C GLU A 279 -8.17 -22.46 26.07
N THR A 280 -6.92 -22.29 26.48
CA THR A 280 -5.82 -22.14 25.57
C THR A 280 -5.52 -23.53 25.05
N ALA A 281 -4.87 -23.62 23.88
CA ALA A 281 -4.63 -24.93 23.29
C ALA A 281 -4.04 -25.91 24.28
N ASP A 282 -3.01 -25.47 25.00
CA ASP A 282 -2.29 -26.36 25.90
C ASP A 282 -3.18 -26.93 26.99
N ARG A 283 -3.86 -26.08 27.74
CA ARG A 283 -4.75 -26.58 28.76
C ARG A 283 -5.68 -27.58 28.12
N ALA A 284 -6.23 -27.17 26.98
CA ALA A 284 -7.21 -28.01 26.29
C ALA A 284 -6.62 -29.39 26.13
N TYR A 285 -5.46 -29.46 25.48
CA TYR A 285 -4.82 -30.73 25.22
C TYR A 285 -4.70 -31.53 26.51
N GLU A 286 -4.30 -30.83 27.57
CA GLU A 286 -4.06 -31.46 28.84
C GLU A 286 -5.29 -32.17 29.38
N LEU A 287 -6.43 -31.50 29.37
CA LEU A 287 -7.64 -32.20 29.77
C LEU A 287 -7.94 -33.26 28.70
N TYR A 288 -7.38 -33.09 27.52
CA TYR A 288 -7.48 -34.13 26.52
C TYR A 288 -6.94 -35.40 27.12
N LEU A 289 -5.68 -35.33 27.56
CA LEU A 289 -4.97 -36.43 28.20
C LEU A 289 -5.62 -36.80 29.52
N SER A 290 -6.03 -35.78 30.26
CA SER A 290 -6.78 -35.98 31.48
C SER A 290 -7.92 -36.98 31.25
N GLU A 291 -8.71 -36.73 30.21
CA GLU A 291 -9.95 -37.47 29.99
C GLU A 291 -9.82 -38.89 29.40
N LYS A 292 -8.64 -39.24 28.91
CA LYS A 292 -8.37 -40.64 28.51
C LYS A 292 -8.52 -41.62 29.72
N GLY B 12 -94.35 -56.15 -2.92
CA GLY B 12 -94.37 -56.39 -4.40
C GLY B 12 -93.03 -56.12 -5.10
N LYS B 13 -91.93 -56.29 -4.37
CA LYS B 13 -90.57 -56.10 -4.91
C LYS B 13 -89.87 -57.48 -5.05
N ASP B 14 -89.09 -57.67 -6.12
CA ASP B 14 -88.34 -58.93 -6.31
C ASP B 14 -86.82 -58.79 -6.36
N PHE B 15 -86.13 -59.28 -5.35
CA PHE B 15 -84.69 -59.16 -5.29
C PHE B 15 -84.03 -60.37 -5.88
N ARG B 16 -84.85 -61.31 -6.34
CA ARG B 16 -84.30 -62.49 -6.96
C ARG B 16 -83.19 -63.07 -6.09
N THR B 17 -83.49 -63.37 -4.84
CA THR B 17 -82.50 -63.90 -3.90
C THR B 17 -81.96 -65.25 -4.31
N ASP B 18 -82.75 -65.96 -5.10
CA ASP B 18 -82.39 -67.33 -5.49
C ASP B 18 -81.28 -67.29 -6.52
N GLN B 19 -81.07 -66.10 -7.09
CA GLN B 19 -80.09 -65.92 -8.15
C GLN B 19 -79.04 -64.88 -7.80
N PRO B 20 -77.82 -65.33 -7.54
CA PRO B 20 -76.80 -64.49 -6.96
C PRO B 20 -76.01 -63.71 -8.01
N GLN B 21 -75.80 -62.43 -7.73
CA GLN B 21 -75.05 -61.57 -8.65
C GLN B 21 -73.69 -62.18 -8.97
N LYS B 22 -73.32 -62.16 -10.24
CA LYS B 22 -72.05 -62.75 -10.69
C LYS B 22 -71.30 -61.76 -11.56
N ASN B 23 -69.98 -61.73 -11.47
CA ASN B 23 -69.19 -60.74 -12.22
C ASN B 23 -68.91 -61.13 -13.64
N ILE B 24 -69.23 -60.25 -14.60
CA ILE B 24 -68.84 -60.53 -15.99
C ILE B 24 -67.35 -60.33 -16.22
N PRO B 25 -66.65 -61.38 -16.68
CA PRO B 25 -65.23 -61.28 -16.99
C PRO B 25 -64.95 -60.29 -18.09
N PHE B 26 -63.76 -59.69 -18.04
CA PHE B 26 -63.31 -58.82 -19.11
C PHE B 26 -62.17 -59.56 -19.83
N THR B 27 -62.38 -59.93 -21.08
CA THR B 27 -61.44 -60.88 -21.66
C THR B 27 -60.31 -60.28 -22.46
N LEU B 28 -60.43 -59.01 -22.83
CA LEU B 28 -59.37 -58.34 -23.57
C LEU B 28 -57.99 -58.64 -22.96
N LYS B 29 -57.04 -58.97 -23.82
CA LYS B 29 -55.79 -59.51 -23.33
C LYS B 29 -54.95 -58.58 -22.49
N GLY B 30 -54.69 -58.98 -21.24
CA GLY B 30 -53.85 -58.20 -20.30
C GLY B 30 -54.52 -56.95 -19.74
N CYS B 31 -55.82 -56.82 -19.98
CA CYS B 31 -56.54 -55.65 -19.51
C CYS B 31 -57.57 -56.02 -18.47
N GLY B 32 -57.34 -57.13 -17.78
CA GLY B 32 -58.32 -57.62 -16.81
C GLY B 32 -58.25 -56.92 -15.46
N ALA B 33 -57.24 -56.09 -15.23
CA ALA B 33 -57.08 -55.48 -13.93
C ALA B 33 -57.12 -53.95 -14.05
N LEU B 34 -58.01 -53.44 -14.91
CA LEU B 34 -58.08 -51.99 -15.12
C LEU B 34 -59.38 -51.44 -14.59
N ASP B 35 -59.32 -50.20 -14.13
CA ASP B 35 -60.50 -49.56 -13.67
C ASP B 35 -61.54 -49.45 -14.78
N TRP B 36 -62.78 -49.24 -14.40
CA TRP B 36 -63.91 -49.27 -15.36
C TRP B 36 -63.70 -48.35 -16.57
N GLY B 37 -63.33 -47.09 -16.29
CA GLY B 37 -63.14 -46.05 -17.30
C GLY B 37 -62.12 -46.51 -18.32
N MET B 38 -61.01 -47.03 -17.83
CA MET B 38 -59.96 -47.44 -18.75
C MET B 38 -60.43 -48.62 -19.58
N GLN B 39 -61.03 -49.61 -18.92
CA GLN B 39 -61.62 -50.75 -19.66
C GLN B 39 -62.66 -50.29 -20.66
N SER B 40 -63.36 -49.20 -20.34
CA SER B 40 -64.38 -48.70 -21.22
C SER B 40 -63.72 -48.14 -22.48
N ARG B 41 -62.69 -47.31 -22.30
CA ARG B 41 -62.04 -46.70 -23.44
C ARG B 41 -61.48 -47.78 -24.36
N LEU B 42 -60.82 -48.77 -23.76
CA LEU B 42 -60.25 -49.89 -24.54
C LEU B 42 -61.35 -50.68 -25.27
N SER B 43 -62.53 -50.72 -24.65
CA SER B 43 -63.66 -51.42 -25.24
C SER B 43 -64.18 -50.66 -26.45
N ARG B 44 -63.98 -49.35 -26.46
CA ARG B 44 -64.31 -48.54 -27.63
C ARG B 44 -63.42 -48.87 -28.81
N ILE B 45 -62.17 -49.10 -28.52
CA ILE B 45 -61.21 -49.43 -29.53
C ILE B 45 -61.35 -50.87 -30.04
N PHE B 46 -61.30 -51.83 -29.11
CA PHE B 46 -61.28 -53.22 -29.47
C PHE B 46 -62.65 -53.77 -29.29
N ASN B 47 -63.23 -54.34 -30.34
CA ASN B 47 -64.57 -54.87 -30.22
C ASN B 47 -64.64 -55.97 -29.17
N PRO B 48 -65.57 -55.86 -28.22
CA PRO B 48 -65.73 -56.81 -27.13
C PRO B 48 -66.07 -58.20 -27.62
N LYS B 49 -66.96 -58.29 -28.61
CA LYS B 49 -67.32 -59.57 -29.21
C LYS B 49 -66.10 -60.30 -29.80
N THR B 50 -65.37 -59.63 -30.69
CA THR B 50 -64.24 -60.26 -31.38
C THR B 50 -62.89 -59.94 -30.77
N GLY B 51 -62.85 -58.93 -29.91
CA GLY B 51 -61.60 -58.56 -29.26
C GLY B 51 -60.59 -57.98 -30.20
N LYS B 52 -61.05 -57.36 -31.27
CA LYS B 52 -60.13 -56.83 -32.29
C LYS B 52 -60.56 -55.48 -32.81
N THR B 53 -59.68 -54.87 -33.59
CA THR B 53 -59.95 -53.53 -34.08
C THR B 53 -59.37 -53.32 -35.47
N VAL B 54 -60.08 -52.53 -36.27
CA VAL B 54 -59.58 -52.06 -37.53
C VAL B 54 -59.29 -50.60 -37.37
N MET B 55 -58.03 -50.24 -37.50
CA MET B 55 -57.64 -48.87 -37.19
C MET B 55 -57.26 -48.09 -38.44
N LEU B 56 -57.84 -46.92 -38.65
CA LEU B 56 -57.43 -46.07 -39.76
C LEU B 56 -56.54 -44.92 -39.25
N ALA B 57 -55.23 -45.09 -39.41
CA ALA B 57 -54.28 -44.13 -38.91
C ALA B 57 -53.80 -43.19 -40.01
N PHE B 58 -53.95 -41.89 -39.78
CA PHE B 58 -53.40 -40.89 -40.72
C PHE B 58 -52.53 -39.80 -40.03
N ASP B 59 -51.59 -40.21 -39.21
CA ASP B 59 -50.92 -39.25 -38.35
C ASP B 59 -49.57 -38.84 -38.89
N HIS B 60 -49.18 -39.44 -40.00
CA HIS B 60 -47.83 -39.28 -40.54
C HIS B 60 -47.44 -37.82 -40.82
N GLY B 61 -48.41 -36.96 -41.04
CA GLY B 61 -48.10 -35.57 -41.26
C GLY B 61 -47.24 -35.03 -40.13
N TYR B 62 -47.25 -35.73 -39.00
CA TYR B 62 -46.65 -35.20 -37.78
C TYR B 62 -45.16 -34.95 -37.91
N PHE B 63 -44.47 -35.80 -38.66
CA PHE B 63 -43.08 -35.54 -38.94
C PHE B 63 -42.82 -35.46 -40.44
N GLN B 64 -43.83 -35.75 -41.22
CA GLN B 64 -43.65 -35.93 -42.64
C GLN B 64 -44.26 -34.87 -43.53
N GLY B 65 -45.11 -34.02 -42.98
CA GLY B 65 -45.78 -33.04 -43.80
C GLY B 65 -46.83 -33.76 -44.64
N PRO B 66 -47.23 -33.15 -45.76
CA PRO B 66 -48.31 -33.68 -46.58
C PRO B 66 -47.81 -34.86 -47.38
N THR B 67 -47.67 -35.99 -46.72
CA THR B 67 -47.35 -37.24 -47.41
C THR B 67 -48.41 -37.60 -48.44
N THR B 68 -48.01 -38.38 -49.42
CA THR B 68 -48.91 -38.79 -50.47
C THR B 68 -50.14 -39.51 -49.95
N GLY B 69 -51.30 -39.03 -50.37
CA GLY B 69 -52.55 -39.64 -49.94
C GLY B 69 -53.10 -38.96 -48.70
N LEU B 70 -52.25 -38.20 -48.01
CA LEU B 70 -52.69 -37.41 -46.85
C LEU B 70 -52.66 -35.95 -47.18
N GLU B 71 -52.53 -35.63 -48.47
CA GLU B 71 -52.51 -34.25 -48.90
C GLU B 71 -53.73 -33.54 -48.34
N ARG B 72 -54.90 -34.11 -48.58
CA ARG B 72 -56.13 -33.51 -48.10
C ARG B 72 -56.93 -34.51 -47.29
N ILE B 73 -56.67 -34.55 -45.99
CA ILE B 73 -57.41 -35.45 -45.15
C ILE B 73 -58.88 -35.16 -45.34
N ASP B 74 -59.23 -33.89 -45.45
CA ASP B 74 -60.63 -33.48 -45.37
C ASP B 74 -61.45 -34.04 -46.49
N ILE B 75 -60.78 -34.38 -47.59
CA ILE B 75 -61.47 -34.87 -48.78
C ILE B 75 -61.22 -36.37 -49.04
N ASN B 76 -59.96 -36.72 -49.08
CA ASN B 76 -59.53 -38.09 -49.24
C ASN B 76 -59.94 -39.04 -48.13
N ILE B 77 -59.67 -38.67 -46.89
CA ILE B 77 -59.84 -39.56 -45.75
C ILE B 77 -61.21 -39.42 -45.07
N ALA B 78 -61.84 -38.26 -45.21
CA ALA B 78 -63.10 -38.02 -44.53
C ALA B 78 -64.17 -39.10 -44.81
N PRO B 79 -64.27 -39.52 -46.09
CA PRO B 79 -65.19 -40.59 -46.48
C PRO B 79 -64.85 -41.88 -45.77
N LEU B 80 -63.61 -42.03 -45.35
CA LEU B 80 -63.13 -43.32 -44.85
C LEU B 80 -63.51 -43.64 -43.40
N PHE B 81 -63.82 -42.59 -42.63
CA PHE B 81 -63.99 -42.74 -41.20
C PHE B 81 -65.01 -43.80 -40.81
N GLU B 82 -66.18 -43.76 -41.43
CA GLU B 82 -67.25 -44.61 -41.00
C GLU B 82 -66.88 -46.07 -41.03
N HIS B 83 -65.90 -46.46 -41.84
CA HIS B 83 -65.62 -47.89 -42.00
C HIS B 83 -64.50 -48.33 -41.12
N ALA B 84 -64.13 -47.47 -40.17
CA ALA B 84 -63.01 -47.76 -39.27
C ALA B 84 -63.54 -47.96 -37.85
N ASP B 85 -62.88 -48.82 -37.08
CA ASP B 85 -63.23 -49.02 -35.68
C ASP B 85 -62.71 -47.84 -34.86
N VAL B 86 -61.49 -47.44 -35.19
CA VAL B 86 -60.85 -46.39 -34.46
C VAL B 86 -59.99 -45.56 -35.41
N LEU B 87 -59.93 -44.26 -35.14
CA LEU B 87 -59.13 -43.36 -35.95
C LEU B 87 -57.86 -43.02 -35.19
N MET B 88 -56.80 -42.77 -35.93
CA MET B 88 -55.59 -42.29 -35.31
C MET B 88 -55.00 -41.11 -36.04
N CYS B 89 -55.00 -39.96 -35.41
CA CYS B 89 -54.46 -38.78 -36.02
C CYS B 89 -53.84 -37.84 -34.94
N THR B 90 -53.27 -36.74 -35.38
CA THR B 90 -52.84 -35.70 -34.45
C THR B 90 -54.03 -34.88 -33.93
N ARG B 91 -53.76 -34.18 -32.84
CA ARG B 91 -54.80 -33.36 -32.27
C ARG B 91 -55.01 -32.21 -33.22
N GLY B 92 -53.96 -31.80 -33.93
CA GLY B 92 -54.09 -30.66 -34.82
C GLY B 92 -55.07 -30.99 -35.92
N ILE B 93 -54.85 -32.12 -36.56
CA ILE B 93 -55.70 -32.58 -37.66
C ILE B 93 -57.13 -32.84 -37.17
N LEU B 94 -57.23 -33.52 -36.03
CA LEU B 94 -58.50 -33.85 -35.48
C LEU B 94 -59.37 -32.60 -35.32
N ARG B 95 -58.83 -31.55 -34.69
CA ARG B 95 -59.66 -30.37 -34.45
C ARG B 95 -60.05 -29.70 -35.74
N SER B 96 -59.14 -29.66 -36.70
CA SER B 96 -59.38 -28.89 -37.91
C SER B 96 -60.27 -29.57 -38.96
N VAL B 97 -60.07 -30.87 -39.21
CA VAL B 97 -60.71 -31.49 -40.37
C VAL B 97 -61.41 -32.81 -40.11
N VAL B 98 -61.37 -33.30 -38.87
CA VAL B 98 -62.19 -34.43 -38.48
C VAL B 98 -63.43 -33.92 -37.80
N PRO B 99 -64.59 -34.22 -38.37
CA PRO B 99 -65.82 -33.74 -37.78
C PRO B 99 -66.10 -34.48 -36.48
N PRO B 100 -66.47 -33.76 -35.44
CA PRO B 100 -66.79 -34.39 -34.18
C PRO B 100 -67.87 -35.43 -34.37
N ALA B 101 -68.84 -35.15 -35.27
CA ALA B 101 -69.98 -36.03 -35.48
C ALA B 101 -69.58 -37.34 -36.18
N THR B 102 -68.34 -37.42 -36.60
CA THR B 102 -67.80 -38.62 -37.18
C THR B 102 -68.04 -39.78 -36.24
N ASN B 103 -68.20 -39.46 -34.95
CA ASN B 103 -68.61 -40.43 -33.95
C ASN B 103 -67.81 -41.72 -33.95
N ARG B 104 -66.51 -41.62 -34.13
CA ARG B 104 -65.64 -42.77 -34.06
C ARG B 104 -64.58 -42.54 -32.98
N PRO B 105 -64.18 -43.61 -32.28
CA PRO B 105 -63.16 -43.48 -31.26
C PRO B 105 -61.84 -43.05 -31.86
N VAL B 106 -61.09 -42.19 -31.18
CA VAL B 106 -59.77 -41.81 -31.69
C VAL B 106 -58.66 -42.13 -30.71
N VAL B 107 -57.53 -42.51 -31.29
CA VAL B 107 -56.29 -42.65 -30.54
C VAL B 107 -55.41 -41.46 -30.98
N LEU B 108 -55.29 -40.48 -30.12
CA LEU B 108 -54.46 -39.35 -30.45
C LEU B 108 -52.97 -39.67 -30.47
N ARG B 109 -52.31 -39.24 -31.54
CA ARG B 109 -50.85 -39.35 -31.62
C ARG B 109 -50.26 -38.27 -30.73
N ALA B 110 -49.40 -38.64 -29.77
CA ALA B 110 -48.95 -37.71 -28.73
C ALA B 110 -47.44 -37.53 -28.67
N SER B 111 -46.75 -37.96 -29.72
CA SER B 111 -45.31 -37.71 -29.78
C SER B 111 -45.12 -36.84 -31.02
N GLY B 112 -43.97 -36.20 -31.13
CA GLY B 112 -43.67 -35.40 -32.31
C GLY B 112 -42.39 -34.66 -32.07
N ALA B 113 -42.19 -33.58 -32.82
CA ALA B 113 -41.01 -32.74 -32.69
C ALA B 113 -39.85 -33.29 -33.49
N ASN B 114 -40.11 -34.28 -34.34
CA ASN B 114 -39.11 -34.70 -35.30
C ASN B 114 -39.51 -34.27 -36.71
N SER B 115 -38.57 -34.29 -37.64
CA SER B 115 -38.89 -34.04 -39.06
C SER B 115 -38.19 -35.11 -39.85
N ILE B 116 -38.60 -35.28 -41.10
CA ILE B 116 -37.88 -36.20 -41.97
C ILE B 116 -36.57 -35.57 -42.36
N LEU B 117 -36.37 -34.31 -41.95
CA LEU B 117 -35.14 -33.59 -42.27
C LEU B 117 -34.05 -33.79 -41.25
N ALA B 118 -34.37 -34.47 -40.16
CA ALA B 118 -33.42 -34.63 -39.06
C ALA B 118 -33.52 -36.03 -38.53
N GLU B 119 -32.86 -36.29 -37.43
CA GLU B 119 -32.94 -37.62 -36.84
C GLU B 119 -34.39 -38.01 -36.53
N LEU B 120 -34.79 -39.17 -37.06
CA LEU B 120 -36.16 -39.60 -36.93
C LEU B 120 -36.53 -39.84 -35.47
N SER B 121 -35.64 -40.42 -34.68
CA SER B 121 -36.03 -40.87 -33.35
C SER B 121 -36.14 -39.72 -32.34
N ASN B 122 -35.86 -38.50 -32.78
CA ASN B 122 -35.85 -37.37 -31.87
C ASN B 122 -37.23 -36.77 -31.53
N GLU B 123 -37.98 -37.49 -30.71
CA GLU B 123 -39.38 -37.14 -30.46
C GLU B 123 -39.56 -36.68 -29.02
N ALA B 124 -40.60 -35.88 -28.79
CA ALA B 124 -40.95 -35.45 -27.44
C ALA B 124 -42.44 -35.63 -27.32
N VAL B 125 -42.93 -35.48 -26.09
CA VAL B 125 -44.38 -35.65 -25.90
C VAL B 125 -45.03 -34.46 -26.53
N ALA B 126 -46.04 -34.73 -27.36
CA ALA B 126 -46.57 -33.71 -28.24
C ALA B 126 -47.92 -33.06 -27.80
N LEU B 127 -48.49 -33.53 -26.69
CA LEU B 127 -49.66 -32.89 -26.13
C LEU B 127 -49.89 -33.41 -24.70
N SER B 128 -50.50 -32.58 -23.87
CA SER B 128 -50.70 -32.94 -22.48
C SER B 128 -51.90 -33.89 -22.35
N MET B 129 -51.87 -34.74 -21.33
CA MET B 129 -52.98 -35.70 -21.11
C MET B 129 -54.20 -34.86 -20.88
N ASP B 130 -53.97 -33.71 -20.29
CA ASP B 130 -54.98 -32.69 -20.13
C ASP B 130 -55.82 -32.49 -21.41
N ASP B 131 -55.13 -32.14 -22.49
CA ASP B 131 -55.83 -31.97 -23.76
C ASP B 131 -56.38 -33.28 -24.36
N ALA B 132 -55.68 -34.39 -24.15
CA ALA B 132 -56.17 -35.66 -24.66
C ALA B 132 -57.53 -35.95 -24.05
N VAL B 133 -57.62 -35.67 -22.74
CA VAL B 133 -58.84 -35.88 -22.00
C VAL B 133 -59.86 -34.86 -22.47
N ARG B 134 -59.39 -33.66 -22.76
CA ARG B 134 -60.29 -32.62 -23.26
C ARG B 134 -60.88 -33.03 -24.61
N LEU B 135 -60.12 -33.84 -25.36
CA LEU B 135 -60.60 -34.23 -26.67
C LEU B 135 -61.37 -35.55 -26.66
N ASN B 136 -61.68 -36.06 -25.47
CA ASN B 136 -62.35 -37.34 -25.35
C ASN B 136 -61.62 -38.49 -26.04
N SER B 137 -60.30 -38.58 -25.90
CA SER B 137 -59.58 -39.67 -26.57
C SER B 137 -59.82 -41.03 -25.94
N CYS B 138 -59.62 -42.08 -26.72
CA CYS B 138 -59.69 -43.42 -26.19
C CYS B 138 -58.31 -43.88 -25.80
N ALA B 139 -57.29 -43.23 -26.36
CA ALA B 139 -55.96 -43.52 -25.95
C ALA B 139 -55.05 -42.50 -26.55
N VAL B 140 -53.82 -42.44 -26.03
CA VAL B 140 -52.77 -41.60 -26.57
C VAL B 140 -51.66 -42.53 -27.00
N ALA B 141 -50.98 -42.15 -28.08
CA ALA B 141 -49.90 -42.96 -28.65
C ALA B 141 -48.61 -42.15 -28.80
N ALA B 142 -47.49 -42.85 -28.60
CA ALA B 142 -46.18 -42.27 -28.84
C ALA B 142 -45.26 -43.38 -29.33
N GLN B 143 -44.14 -42.97 -29.91
CA GLN B 143 -43.26 -43.91 -30.59
C GLN B 143 -42.15 -44.23 -29.65
N VAL B 144 -41.71 -45.47 -29.66
CA VAL B 144 -40.53 -45.84 -28.96
C VAL B 144 -39.52 -46.29 -30.04
N TYR B 145 -38.26 -45.92 -29.86
CA TYR B 145 -37.24 -46.25 -30.86
C TYR B 145 -36.07 -47.07 -30.30
N ILE B 146 -36.29 -48.33 -29.98
CA ILE B 146 -35.17 -49.10 -29.50
C ILE B 146 -34.11 -49.09 -30.57
N GLY B 147 -32.84 -48.99 -30.15
CA GLY B 147 -31.71 -49.06 -31.06
C GLY B 147 -31.41 -47.76 -31.77
N SER B 148 -32.33 -46.81 -31.77
CA SER B 148 -32.04 -45.52 -32.38
C SER B 148 -31.31 -44.61 -31.40
N GLU B 149 -30.83 -43.49 -31.90
CA GLU B 149 -30.05 -42.58 -31.11
C GLU B 149 -30.80 -42.04 -29.90
N TYR B 150 -32.11 -41.79 -30.06
CA TYR B 150 -32.91 -41.19 -28.99
C TYR B 150 -33.82 -42.18 -28.30
N GLU B 151 -33.34 -43.41 -28.18
CA GLU B 151 -34.17 -44.46 -27.64
C GLU B 151 -34.54 -44.18 -26.18
N HIS B 152 -33.67 -43.53 -25.44
CA HIS B 152 -33.93 -43.25 -24.05
C HIS B 152 -35.10 -42.31 -23.89
N GLN B 153 -35.08 -41.20 -24.62
CA GLN B 153 -36.10 -40.20 -24.52
C GLN B 153 -37.38 -40.86 -24.97
N SER B 154 -37.30 -41.74 -25.95
CA SER B 154 -38.55 -42.34 -26.49
C SER B 154 -39.27 -43.11 -25.40
N ILE B 155 -38.52 -43.85 -24.60
CA ILE B 155 -39.13 -44.63 -23.57
C ILE B 155 -39.64 -43.73 -22.46
N LYS B 156 -38.86 -42.68 -22.20
CA LYS B 156 -39.27 -41.72 -21.20
C LYS B 156 -40.59 -41.13 -21.57
N ASN B 157 -40.77 -40.95 -22.87
CA ASN B 157 -42.05 -40.44 -23.37
C ASN B 157 -43.20 -41.37 -22.99
N ILE B 158 -43.00 -42.66 -23.25
CA ILE B 158 -44.05 -43.60 -22.97
C ILE B 158 -44.33 -43.57 -21.48
N ILE B 159 -43.26 -43.52 -20.70
CA ILE B 159 -43.37 -43.56 -19.26
C ILE B 159 -44.23 -42.43 -18.79
N GLN B 160 -43.89 -41.26 -19.26
CA GLN B 160 -44.61 -40.09 -18.87
C GLN B 160 -46.08 -40.14 -19.25
N LEU B 161 -46.37 -40.59 -20.45
CA LEU B 161 -47.76 -40.69 -20.84
C LEU B 161 -48.52 -41.66 -19.97
N VAL B 162 -47.90 -42.77 -19.59
CA VAL B 162 -48.54 -43.74 -18.75
C VAL B 162 -48.79 -43.14 -17.37
N ASP B 163 -47.80 -42.42 -16.83
CA ASP B 163 -47.96 -41.84 -15.53
C ASP B 163 -49.17 -40.95 -15.49
N ALA B 164 -49.32 -40.16 -16.57
CA ALA B 164 -50.44 -39.25 -16.72
C ALA B 164 -51.74 -39.99 -16.96
N GLY B 165 -51.68 -41.03 -17.79
CA GLY B 165 -52.90 -41.70 -18.26
C GLY B 165 -53.53 -42.44 -17.10
N MET B 166 -52.67 -42.94 -16.20
CA MET B 166 -53.14 -43.70 -15.05
C MET B 166 -53.93 -42.83 -14.07
N LYS B 167 -53.59 -41.54 -13.97
CA LYS B 167 -54.34 -40.60 -13.14
C LYS B 167 -55.76 -40.48 -13.71
N VAL B 168 -55.91 -40.77 -14.99
CA VAL B 168 -57.08 -40.24 -15.65
C VAL B 168 -57.90 -41.30 -16.42
N GLY B 169 -57.35 -42.50 -16.53
CA GLY B 169 -58.05 -43.61 -17.13
C GLY B 169 -57.76 -43.73 -18.59
N MET B 170 -56.65 -43.16 -19.03
CA MET B 170 -56.33 -43.11 -20.45
C MET B 170 -55.29 -44.14 -20.79
N PRO B 171 -55.62 -45.07 -21.68
CA PRO B 171 -54.64 -46.08 -22.09
C PRO B 171 -53.55 -45.47 -22.96
N THR B 172 -52.39 -46.09 -22.95
CA THR B 172 -51.30 -45.62 -23.79
C THR B 172 -50.91 -46.67 -24.82
N MET B 173 -50.69 -46.21 -26.04
CA MET B 173 -50.22 -47.06 -27.12
C MET B 173 -48.78 -46.68 -27.45
N ALA B 174 -47.90 -47.67 -27.40
CA ALA B 174 -46.51 -47.48 -27.77
C ALA B 174 -46.35 -48.09 -29.14
N VAL B 175 -45.86 -47.28 -30.08
CA VAL B 175 -45.52 -47.74 -31.42
C VAL B 175 -43.99 -47.93 -31.59
N THR B 176 -43.61 -49.06 -32.13
CA THR B 176 -42.19 -49.34 -32.30
C THR B 176 -41.68 -48.82 -33.65
N GLY B 177 -40.88 -47.76 -33.63
CA GLY B 177 -40.35 -47.18 -34.86
C GLY B 177 -38.93 -47.66 -35.05
N VAL B 178 -38.45 -47.77 -36.32
CA VAL B 178 -37.21 -48.53 -36.57
C VAL B 178 -36.11 -47.83 -37.36
N ARG B 184 -34.53 -55.72 -38.30
CA ARG B 184 -35.97 -55.62 -38.49
C ARG B 184 -36.70 -56.98 -38.39
N ASP B 185 -36.18 -57.84 -37.51
CA ASP B 185 -36.62 -59.22 -37.40
C ASP B 185 -37.33 -59.46 -36.07
N GLN B 186 -37.81 -60.68 -35.85
CA GLN B 186 -38.58 -60.98 -34.67
C GLN B 186 -37.86 -60.64 -33.39
N ARG B 187 -36.64 -61.11 -33.25
CA ARG B 187 -35.97 -60.97 -31.99
C ARG B 187 -36.01 -59.51 -31.65
N TYR B 188 -35.86 -58.68 -32.67
CA TYR B 188 -35.85 -57.28 -32.43
C TYR B 188 -37.19 -56.72 -31.93
N PHE B 189 -38.25 -56.99 -32.68
CA PHE B 189 -39.55 -56.50 -32.29
C PHE B 189 -39.97 -57.04 -30.97
N SER B 190 -39.48 -58.22 -30.65
CA SER B 190 -39.76 -58.79 -29.34
C SER B 190 -39.21 -57.90 -28.24
N LEU B 191 -37.95 -57.53 -28.36
CA LEU B 191 -37.34 -56.62 -27.42
C LEU B 191 -38.17 -55.33 -27.32
N ALA B 192 -38.39 -54.68 -28.47
CA ALA B 192 -39.08 -53.39 -28.47
C ALA B 192 -40.48 -53.48 -27.90
N THR B 193 -41.28 -54.45 -28.36
CA THR B 193 -42.67 -54.52 -27.90
C THR B 193 -42.74 -54.79 -26.42
N ARG B 194 -41.86 -55.68 -25.98
CA ARG B 194 -41.89 -56.14 -24.61
C ARG B 194 -41.45 -55.06 -23.62
N ILE B 195 -40.40 -54.34 -23.96
CA ILE B 195 -39.99 -53.23 -23.11
C ILE B 195 -41.11 -52.22 -22.99
N ALA B 196 -41.67 -51.81 -24.12
CA ALA B 196 -42.77 -50.84 -24.08
C ALA B 196 -43.89 -51.36 -23.18
N ALA B 197 -44.29 -52.61 -23.39
CA ALA B 197 -45.43 -53.17 -22.68
C ALA B 197 -45.14 -53.21 -21.20
N GLU B 198 -43.91 -53.55 -20.91
CA GLU B 198 -43.41 -53.71 -19.58
C GLU B 198 -43.42 -52.35 -18.89
N MET B 199 -43.00 -51.32 -19.62
CA MET B 199 -42.98 -49.97 -19.06
C MET B 199 -44.36 -49.57 -18.62
N GLY B 200 -45.36 -50.05 -19.32
CA GLY B 200 -46.74 -49.77 -18.93
C GLY B 200 -47.74 -49.57 -20.05
N ALA B 201 -47.26 -49.57 -21.30
CA ALA B 201 -48.20 -49.34 -22.42
C ALA B 201 -49.28 -50.41 -22.48
N GLN B 202 -50.55 -50.00 -22.58
CA GLN B 202 -51.65 -50.97 -22.70
C GLN B 202 -51.83 -51.51 -24.10
N ILE B 203 -51.46 -50.74 -25.11
CA ILE B 203 -51.57 -51.22 -26.49
C ILE B 203 -50.23 -51.08 -27.17
N ILE B 204 -49.80 -52.13 -27.86
CA ILE B 204 -48.57 -52.08 -28.61
C ILE B 204 -48.88 -52.07 -30.10
N LYS B 205 -48.31 -51.12 -30.83
CA LYS B 205 -48.46 -51.16 -32.28
C LYS B 205 -47.13 -51.46 -32.94
N THR B 206 -47.11 -52.42 -33.85
CA THR B 206 -45.84 -52.84 -34.40
C THR B 206 -46.02 -53.43 -35.78
N TYR B 207 -44.93 -53.92 -36.34
CA TYR B 207 -44.90 -54.41 -37.71
C TYR B 207 -45.05 -55.90 -37.77
N TYR B 208 -45.61 -56.40 -38.87
CA TYR B 208 -45.69 -57.83 -39.07
C TYR B 208 -44.36 -58.43 -39.53
N VAL B 209 -44.11 -59.67 -39.16
CA VAL B 209 -42.85 -60.31 -39.47
C VAL B 209 -43.11 -61.70 -40.04
N GLU B 210 -42.48 -62.00 -41.16
CA GLU B 210 -42.78 -63.24 -41.88
C GLU B 210 -42.36 -64.47 -41.12
N LYS B 211 -41.31 -64.35 -40.32
CA LYS B 211 -40.91 -65.45 -39.45
C LYS B 211 -40.95 -65.05 -37.99
N GLY B 212 -41.74 -65.76 -37.20
CA GLY B 212 -41.68 -65.61 -35.74
C GLY B 212 -42.60 -64.59 -35.11
N PHE B 213 -43.58 -64.11 -35.88
CA PHE B 213 -44.55 -63.17 -35.35
C PHE B 213 -45.24 -63.73 -34.12
N GLU B 214 -45.44 -65.04 -34.10
CA GLU B 214 -46.10 -65.70 -33.00
C GLU B 214 -45.38 -65.41 -31.69
N ARG B 215 -44.06 -65.47 -31.73
CA ARG B 215 -43.27 -65.24 -30.54
C ARG B 215 -43.45 -63.81 -30.06
N ILE B 216 -43.54 -62.89 -31.01
CA ILE B 216 -43.80 -61.48 -30.68
C ILE B 216 -45.13 -61.32 -29.92
N VAL B 217 -46.20 -61.84 -30.50
CA VAL B 217 -47.48 -61.79 -29.83
C VAL B 217 -47.42 -62.49 -28.48
N ALA B 218 -46.87 -63.70 -28.49
CA ALA B 218 -46.91 -64.53 -27.30
C ALA B 218 -46.17 -63.86 -26.17
N GLY B 219 -45.09 -63.15 -26.51
CA GLY B 219 -44.28 -62.44 -25.51
C GLY B 219 -44.83 -61.09 -25.04
N CYS B 220 -45.82 -60.57 -25.75
CA CYS B 220 -46.45 -59.32 -25.37
C CYS B 220 -47.63 -59.63 -24.52
N PRO B 221 -47.76 -58.97 -23.37
CA PRO B 221 -48.87 -59.30 -22.47
C PRO B 221 -50.11 -58.47 -22.73
N VAL B 222 -50.02 -57.59 -23.72
CA VAL B 222 -51.13 -56.69 -24.00
C VAL B 222 -51.40 -56.68 -25.49
N PRO B 223 -52.57 -56.14 -25.89
CA PRO B 223 -52.96 -56.22 -27.28
C PRO B 223 -51.90 -55.67 -28.23
N ILE B 224 -51.75 -56.34 -29.36
CA ILE B 224 -50.89 -55.85 -30.40
C ILE B 224 -51.69 -55.50 -31.64
N VAL B 225 -51.31 -54.40 -32.26
CA VAL B 225 -51.91 -53.99 -33.50
C VAL B 225 -50.74 -53.86 -34.46
N ILE B 226 -50.96 -54.17 -35.73
CA ILE B 226 -49.84 -54.06 -36.66
C ILE B 226 -50.05 -52.94 -37.63
N ALA B 227 -48.96 -52.26 -37.93
CA ALA B 227 -48.96 -51.23 -38.95
C ALA B 227 -48.71 -51.89 -40.30
N GLY B 228 -49.29 -51.32 -41.35
CA GLY B 228 -49.17 -51.85 -42.70
C GLY B 228 -47.79 -51.67 -43.29
N GLY B 229 -47.17 -50.53 -43.07
CA GLY B 229 -45.90 -50.24 -43.74
C GLY B 229 -46.13 -49.75 -45.16
N LYS B 230 -45.13 -49.86 -46.03
CA LYS B 230 -45.25 -49.36 -47.40
C LYS B 230 -46.42 -50.01 -48.15
N LYS B 231 -47.00 -49.26 -49.09
CA LYS B 231 -48.10 -49.76 -49.89
C LYS B 231 -47.71 -51.05 -50.61
N LEU B 232 -48.64 -52.00 -50.62
CA LEU B 232 -48.46 -53.23 -51.33
C LEU B 232 -49.69 -53.36 -52.21
N PRO B 233 -49.63 -54.26 -53.18
CA PRO B 233 -50.82 -54.70 -53.88
C PRO B 233 -51.81 -55.29 -52.88
N GLU B 234 -53.08 -54.97 -53.02
CA GLU B 234 -54.07 -55.35 -52.02
C GLU B 234 -54.01 -56.82 -51.66
N ARG B 235 -54.01 -57.65 -52.68
CA ARG B 235 -53.96 -59.07 -52.45
C ARG B 235 -52.89 -59.37 -51.40
N GLU B 236 -51.73 -58.74 -51.51
CA GLU B 236 -50.63 -59.03 -50.61
C GLU B 236 -50.83 -58.44 -49.21
N ALA B 237 -51.42 -57.26 -49.15
CA ALA B 237 -51.73 -56.63 -47.87
C ALA B 237 -52.75 -57.46 -47.11
N LEU B 238 -53.80 -57.88 -47.79
CA LEU B 238 -54.78 -58.71 -47.15
C LEU B 238 -54.14 -59.96 -46.56
N GLU B 239 -53.26 -60.59 -47.33
CA GLU B 239 -52.64 -61.82 -46.89
C GLU B 239 -51.87 -61.53 -45.62
N MET B 240 -51.17 -60.41 -45.58
CA MET B 240 -50.48 -59.96 -44.38
C MET B 240 -51.44 -59.77 -43.22
N CYS B 241 -52.56 -59.08 -43.47
CA CYS B 241 -53.61 -58.95 -42.48
C CYS B 241 -54.03 -60.30 -41.98
N TRP B 242 -54.40 -61.16 -42.91
CA TRP B 242 -54.89 -62.46 -42.57
C TRP B 242 -53.89 -63.19 -41.68
N GLN B 243 -52.62 -63.12 -42.05
CA GLN B 243 -51.56 -63.78 -41.32
C GLN B 243 -51.38 -63.22 -39.94
N ALA B 244 -51.38 -61.89 -39.82
CA ALA B 244 -51.25 -61.23 -38.52
C ALA B 244 -52.36 -61.64 -37.55
N ILE B 245 -53.60 -61.55 -38.02
CA ILE B 245 -54.72 -61.99 -37.22
C ILE B 245 -54.62 -63.45 -36.88
N ASP B 246 -54.42 -64.28 -37.88
CA ASP B 246 -54.27 -65.71 -37.65
C ASP B 246 -53.22 -65.99 -36.59
N GLN B 247 -52.20 -65.13 -36.52
CA GLN B 247 -51.12 -65.37 -35.58
C GLN B 247 -51.27 -64.59 -34.28
N GLY B 248 -52.45 -64.03 -34.05
CA GLY B 248 -52.78 -63.52 -32.74
C GLY B 248 -52.79 -62.01 -32.56
N ALA B 249 -52.58 -61.28 -33.65
CA ALA B 249 -52.66 -59.84 -33.52
C ALA B 249 -54.09 -59.43 -33.15
N SER B 250 -54.26 -58.29 -32.45
CA SER B 250 -55.59 -57.85 -32.00
C SER B 250 -56.24 -56.80 -32.89
N GLY B 251 -55.47 -56.31 -33.85
CA GLY B 251 -56.01 -55.36 -34.79
C GLY B 251 -54.97 -55.13 -35.84
N VAL B 252 -55.37 -54.50 -36.91
CA VAL B 252 -54.42 -54.11 -37.92
C VAL B 252 -54.68 -52.65 -38.21
N ASP B 253 -53.61 -51.95 -38.54
CA ASP B 253 -53.77 -50.64 -39.11
C ASP B 253 -53.07 -50.65 -40.45
N MET B 254 -53.85 -50.60 -41.51
CA MET B 254 -53.29 -50.44 -42.84
C MET B 254 -53.36 -48.97 -43.14
N GLY B 255 -52.24 -48.29 -43.13
CA GLY B 255 -52.33 -46.87 -43.39
C GLY B 255 -52.31 -46.74 -44.89
N ARG B 256 -51.10 -46.66 -45.41
CA ARG B 256 -50.90 -46.40 -46.81
C ARG B 256 -51.76 -47.36 -47.59
N ASN B 257 -51.79 -48.60 -47.11
CA ASN B 257 -52.41 -49.66 -47.84
C ASN B 257 -53.89 -49.42 -48.01
N ILE B 258 -54.39 -48.40 -47.32
CA ILE B 258 -55.77 -48.06 -47.48
C ILE B 258 -55.95 -46.73 -48.20
N PHE B 259 -55.53 -45.64 -47.56
CA PHE B 259 -55.79 -44.31 -48.12
C PHE B 259 -55.17 -44.16 -49.50
N GLN B 260 -54.14 -44.97 -49.78
CA GLN B 260 -53.48 -44.92 -51.08
C GLN B 260 -54.09 -45.85 -52.13
N SER B 261 -54.83 -46.87 -51.70
CA SER B 261 -55.44 -47.74 -52.68
C SER B 261 -56.40 -46.93 -53.54
N ASP B 262 -56.60 -47.37 -54.78
CA ASP B 262 -57.51 -46.67 -55.69
C ASP B 262 -58.94 -46.92 -55.25
N HIS B 263 -59.15 -47.97 -54.49
CA HIS B 263 -60.49 -48.29 -54.01
C HIS B 263 -60.51 -48.51 -52.50
N PRO B 264 -60.33 -47.42 -51.74
CA PRO B 264 -60.17 -47.44 -50.29
C PRO B 264 -61.28 -48.16 -49.57
N VAL B 265 -62.51 -47.73 -49.78
CA VAL B 265 -63.63 -48.26 -49.01
C VAL B 265 -63.70 -49.75 -49.21
N ALA B 266 -63.50 -50.15 -50.45
CA ALA B 266 -63.52 -51.56 -50.75
C ALA B 266 -62.49 -52.26 -49.90
N MET B 267 -61.30 -51.68 -49.83
CA MET B 267 -60.22 -52.29 -49.07
C MET B 267 -60.62 -52.47 -47.62
N MET B 268 -61.21 -51.44 -47.03
CA MET B 268 -61.54 -51.51 -45.62
C MET B 268 -62.50 -52.64 -45.34
N LYS B 269 -63.50 -52.79 -46.18
CA LYS B 269 -64.43 -53.89 -46.02
C LYS B 269 -63.70 -55.22 -46.13
N ALA B 270 -62.71 -55.26 -46.98
CA ALA B 270 -61.87 -56.42 -47.09
C ALA B 270 -61.26 -56.67 -45.72
N VAL B 271 -60.64 -55.64 -45.17
CA VAL B 271 -59.94 -55.76 -43.92
C VAL B 271 -60.91 -56.10 -42.81
N GLN B 272 -62.07 -55.47 -42.80
CA GLN B 272 -63.07 -55.78 -41.79
C GLN B 272 -63.32 -57.27 -41.78
N ALA B 273 -63.47 -57.82 -42.98
CA ALA B 273 -63.80 -59.21 -43.13
C ALA B 273 -62.73 -60.09 -42.54
N VAL B 274 -61.47 -59.84 -42.91
CA VAL B 274 -60.41 -60.68 -42.40
C VAL B 274 -60.34 -60.58 -40.90
N VAL B 275 -60.41 -59.36 -40.38
CA VAL B 275 -60.19 -59.10 -38.96
C VAL B 275 -61.31 -59.60 -38.07
N HIS B 276 -62.50 -59.05 -38.25
CA HIS B 276 -63.63 -59.39 -37.39
C HIS B 276 -64.33 -60.69 -37.76
N HIS B 277 -64.47 -60.94 -39.05
CA HIS B 277 -65.34 -62.02 -39.50
C HIS B 277 -64.60 -63.28 -39.91
N ASN B 278 -63.29 -63.22 -39.97
CA ASN B 278 -62.55 -64.43 -40.23
C ASN B 278 -62.42 -64.84 -41.68
N GLU B 279 -62.91 -64.03 -42.62
CA GLU B 279 -62.81 -64.44 -43.99
C GLU B 279 -61.36 -64.78 -44.29
N THR B 280 -61.17 -65.72 -45.19
CA THR B 280 -59.87 -66.12 -45.65
C THR B 280 -59.38 -65.05 -46.61
N ALA B 281 -58.08 -64.92 -46.77
CA ALA B 281 -57.54 -63.87 -47.60
C ALA B 281 -58.26 -63.77 -48.95
N ASP B 282 -58.41 -64.90 -49.62
CA ASP B 282 -58.99 -64.93 -50.97
C ASP B 282 -60.40 -64.39 -51.02
N ARG B 283 -61.29 -64.93 -50.20
CA ARG B 283 -62.64 -64.41 -50.17
C ARG B 283 -62.57 -62.93 -49.94
N ALA B 284 -61.79 -62.56 -48.94
CA ALA B 284 -61.61 -61.17 -48.59
C ALA B 284 -61.32 -60.40 -49.86
N TYR B 285 -60.24 -60.77 -50.55
CA TYR B 285 -59.84 -60.07 -51.75
C TYR B 285 -61.01 -59.95 -52.73
N GLU B 286 -61.75 -61.04 -52.85
CA GLU B 286 -62.85 -61.10 -53.79
C GLU B 286 -63.92 -60.08 -53.55
N LEU B 287 -64.41 -59.99 -52.31
CA LEU B 287 -65.32 -58.91 -52.01
C LEU B 287 -64.58 -57.56 -52.16
N TYR B 288 -63.25 -57.60 -52.12
CA TYR B 288 -62.47 -56.39 -52.41
C TYR B 288 -62.86 -55.92 -53.79
N LEU B 289 -62.70 -56.82 -54.76
CA LEU B 289 -63.06 -56.57 -56.15
C LEU B 289 -64.55 -56.38 -56.32
N SER B 290 -65.32 -57.19 -55.60
CA SER B 290 -66.76 -57.05 -55.51
C SER B 290 -67.14 -55.57 -55.25
N GLU B 291 -66.53 -54.98 -54.21
CA GLU B 291 -66.92 -53.65 -53.75
C GLU B 291 -66.44 -52.44 -54.61
N LYS B 292 -65.54 -52.67 -55.56
CA LYS B 292 -65.15 -51.63 -56.52
C LYS B 292 -66.38 -51.19 -57.35
N GLY C 12 -99.17 -13.39 -23.15
CA GLY C 12 -98.64 -12.37 -24.10
C GLY C 12 -97.17 -12.55 -24.44
N LYS C 13 -96.70 -13.79 -24.38
CA LYS C 13 -95.31 -14.09 -24.68
C LYS C 13 -95.25 -14.85 -26.00
N ASP C 14 -94.24 -14.60 -26.82
CA ASP C 14 -94.09 -15.34 -28.08
C ASP C 14 -92.80 -16.17 -28.22
N PHE C 15 -92.92 -17.49 -28.22
CA PHE C 15 -91.76 -18.34 -28.34
C PHE C 15 -91.48 -18.72 -29.79
N ARG C 16 -92.30 -18.20 -30.69
CA ARG C 16 -92.08 -18.48 -32.09
C ARG C 16 -91.85 -19.98 -32.32
N THR C 17 -92.81 -20.79 -31.90
CA THR C 17 -92.68 -22.24 -32.04
C THR C 17 -92.66 -22.68 -33.49
N ASP C 18 -93.22 -21.86 -34.36
CA ASP C 18 -93.29 -22.25 -35.76
C ASP C 18 -91.93 -22.13 -36.41
N GLN C 19 -91.00 -21.47 -35.71
CA GLN C 19 -89.67 -21.23 -36.24
C GLN C 19 -88.61 -21.81 -35.35
N PRO C 20 -87.91 -22.84 -35.82
CA PRO C 20 -87.04 -23.61 -34.97
C PRO C 20 -85.60 -23.05 -34.94
N GLN C 21 -85.01 -23.01 -33.76
CA GLN C 21 -83.67 -22.48 -33.59
C GLN C 21 -82.70 -23.25 -34.45
N LYS C 22 -81.80 -22.53 -35.13
CA LYS C 22 -80.85 -23.12 -36.06
C LYS C 22 -79.46 -22.60 -35.78
N ASN C 23 -78.45 -23.43 -35.94
CA ASN C 23 -77.08 -23.05 -35.60
C ASN C 23 -76.38 -22.33 -36.70
N ILE C 24 -75.86 -21.14 -36.40
CA ILE C 24 -75.03 -20.47 -37.38
C ILE C 24 -73.67 -21.13 -37.54
N PRO C 25 -73.32 -21.57 -38.75
CA PRO C 25 -72.02 -22.15 -39.04
C PRO C 25 -70.88 -21.17 -38.82
N PHE C 26 -69.73 -21.70 -38.40
CA PHE C 26 -68.53 -20.94 -38.28
C PHE C 26 -67.59 -21.34 -39.44
N THR C 27 -67.32 -20.42 -40.37
CA THR C 27 -66.72 -20.84 -41.65
C THR C 27 -65.22 -20.74 -41.72
N LEU C 28 -64.62 -20.01 -40.78
CA LEU C 28 -63.16 -19.87 -40.73
C LEU C 28 -62.45 -21.21 -40.88
N LYS C 29 -61.48 -21.26 -41.77
CA LYS C 29 -60.92 -22.55 -42.18
C LYS C 29 -60.27 -23.35 -41.06
N GLY C 30 -60.80 -24.54 -40.81
CA GLY C 30 -60.19 -25.46 -39.85
C GLY C 30 -60.46 -25.10 -38.39
N CYS C 31 -61.32 -24.11 -38.20
CA CYS C 31 -61.66 -23.68 -36.85
C CYS C 31 -63.13 -23.94 -36.52
N GLY C 32 -63.72 -24.96 -37.13
CA GLY C 32 -65.13 -25.23 -36.93
C GLY C 32 -65.43 -26.00 -35.65
N ALA C 33 -64.40 -26.52 -34.97
CA ALA C 33 -64.60 -27.37 -33.80
C ALA C 33 -63.95 -26.78 -32.57
N LEU C 34 -64.00 -25.47 -32.44
CA LEU C 34 -63.40 -24.84 -31.30
C LEU C 34 -64.43 -24.24 -30.36
N ASP C 35 -64.05 -24.14 -29.10
CA ASP C 35 -64.91 -23.56 -28.10
C ASP C 35 -65.21 -22.08 -28.41
N TRP C 36 -66.29 -21.57 -27.84
CA TRP C 36 -66.75 -20.23 -28.17
C TRP C 36 -65.65 -19.17 -28.02
N GLY C 37 -64.97 -19.21 -26.89
CA GLY C 37 -63.91 -18.24 -26.59
C GLY C 37 -62.79 -18.27 -27.62
N MET C 38 -62.34 -19.46 -27.96
CA MET C 38 -61.30 -19.53 -28.94
C MET C 38 -61.80 -19.01 -30.29
N GLN C 39 -63.02 -19.39 -30.65
CA GLN C 39 -63.57 -18.95 -31.92
C GLN C 39 -63.71 -17.42 -31.89
N SER C 40 -63.99 -16.90 -30.70
CA SER C 40 -64.15 -15.49 -30.55
C SER C 40 -62.85 -14.76 -30.82
N ARG C 41 -61.74 -15.26 -30.25
CA ARG C 41 -60.47 -14.58 -30.39
C ARG C 41 -60.06 -14.60 -31.84
N LEU C 42 -60.27 -15.73 -32.51
CA LEU C 42 -59.94 -15.87 -33.92
C LEU C 42 -60.76 -14.93 -34.76
N SER C 43 -62.02 -14.75 -34.38
CA SER C 43 -62.93 -13.83 -35.07
C SER C 43 -62.49 -12.37 -34.96
N ARG C 44 -61.80 -12.04 -33.87
CA ARG C 44 -61.20 -10.71 -33.73
C ARG C 44 -60.12 -10.52 -34.76
N ILE C 45 -59.37 -11.58 -35.02
CA ILE C 45 -58.21 -11.51 -35.90
C ILE C 45 -58.61 -11.56 -37.36
N PHE C 46 -59.37 -12.58 -37.71
CA PHE C 46 -59.86 -12.74 -39.09
C PHE C 46 -61.27 -12.27 -39.24
N ASN C 47 -61.47 -11.30 -40.11
CA ASN C 47 -62.79 -10.76 -40.32
C ASN C 47 -63.80 -11.83 -40.78
N PRO C 48 -64.91 -11.94 -40.04
CA PRO C 48 -65.93 -12.96 -40.26
C PRO C 48 -66.57 -12.82 -41.64
N LYS C 49 -66.81 -11.58 -42.06
CA LYS C 49 -67.33 -11.34 -43.41
C LYS C 49 -66.39 -11.88 -44.51
N THR C 50 -65.12 -11.47 -44.48
CA THR C 50 -64.18 -11.84 -45.54
C THR C 50 -63.29 -13.01 -45.20
N GLY C 51 -63.24 -13.36 -43.92
CA GLY C 51 -62.40 -14.49 -43.48
C GLY C 51 -60.91 -14.22 -43.61
N LYS C 52 -60.52 -12.95 -43.54
CA LYS C 52 -59.14 -12.52 -43.76
C LYS C 52 -58.69 -11.43 -42.80
N THR C 53 -57.38 -11.23 -42.75
CA THR C 53 -56.82 -10.26 -41.83
C THR C 53 -55.66 -9.50 -42.46
N VAL C 54 -55.51 -8.24 -42.08
CA VAL C 54 -54.34 -7.47 -42.41
C VAL C 54 -53.57 -7.28 -41.12
N MET C 55 -52.38 -7.85 -41.06
CA MET C 55 -51.64 -7.85 -39.81
C MET C 55 -50.46 -6.89 -39.86
N LEU C 56 -50.32 -6.03 -38.83
CA LEU C 56 -49.14 -5.18 -38.74
C LEU C 56 -48.18 -5.72 -37.69
N ALA C 57 -47.17 -6.44 -38.13
CA ALA C 57 -46.24 -7.06 -37.19
C ALA C 57 -44.98 -6.23 -36.99
N PHE C 58 -44.69 -5.86 -35.75
CA PHE C 58 -43.41 -5.21 -35.44
C PHE C 58 -42.66 -5.85 -34.26
N ASP C 59 -42.43 -7.16 -34.35
CA ASP C 59 -41.85 -7.88 -33.22
C ASP C 59 -40.36 -8.14 -33.36
N HIS C 60 -39.76 -7.70 -34.47
CA HIS C 60 -38.40 -8.08 -34.85
C HIS C 60 -37.37 -7.65 -33.83
N GLY C 61 -37.70 -6.65 -33.03
CA GLY C 61 -36.75 -6.23 -32.03
C GLY C 61 -36.37 -7.42 -31.18
N TYR C 62 -37.21 -8.44 -31.19
CA TYR C 62 -37.08 -9.51 -30.22
C TYR C 62 -35.74 -10.27 -30.28
N PHE C 63 -35.17 -10.42 -31.47
CA PHE C 63 -33.85 -10.99 -31.58
C PHE C 63 -32.94 -10.03 -32.32
N GLN C 64 -33.51 -8.93 -32.79
CA GLN C 64 -32.79 -8.03 -33.68
C GLN C 64 -32.42 -6.67 -33.14
N GLY C 65 -32.98 -6.28 -32.01
CA GLY C 65 -32.71 -4.95 -31.48
C GLY C 65 -33.45 -3.96 -32.34
N PRO C 66 -33.00 -2.68 -32.34
CA PRO C 66 -33.66 -1.60 -33.05
C PRO C 66 -33.42 -1.68 -34.56
N THR C 67 -34.10 -2.63 -35.20
CA THR C 67 -34.06 -2.75 -36.64
C THR C 67 -34.54 -1.49 -37.29
N THR C 68 -34.15 -1.27 -38.53
CA THR C 68 -34.50 -0.04 -39.25
C THR C 68 -35.99 0.11 -39.41
N GLY C 69 -36.51 1.26 -38.99
CA GLY C 69 -37.94 1.49 -39.10
C GLY C 69 -38.66 1.13 -37.81
N LEU C 70 -38.02 0.35 -36.96
CA LEU C 70 -38.59 -0.01 -35.67
C LEU C 70 -37.81 0.71 -34.59
N GLU C 71 -37.02 1.69 -35.01
CA GLU C 71 -36.19 2.44 -34.06
C GLU C 71 -37.11 3.00 -33.00
N ARG C 72 -38.15 3.68 -33.42
CA ARG C 72 -39.05 4.26 -32.46
C ARG C 72 -40.48 3.81 -32.73
N ILE C 73 -40.91 2.69 -32.14
CA ILE C 73 -42.26 2.21 -32.37
C ILE C 73 -43.24 3.30 -32.03
N ASP C 74 -42.96 4.01 -30.94
CA ASP C 74 -43.92 4.94 -30.36
C ASP C 74 -44.27 6.08 -31.30
N ILE C 75 -43.35 6.39 -32.21
CA ILE C 75 -43.54 7.50 -33.12
C ILE C 75 -43.86 7.04 -34.52
N ASN C 76 -43.01 6.18 -35.06
CA ASN C 76 -43.17 5.62 -36.37
C ASN C 76 -44.40 4.76 -36.58
N ILE C 77 -44.60 3.80 -35.68
CA ILE C 77 -45.61 2.77 -35.86
C ILE C 77 -46.92 3.14 -35.19
N ALA C 78 -46.85 3.97 -34.17
CA ALA C 78 -48.07 4.34 -33.43
C ALA C 78 -49.22 4.83 -34.30
N PRO C 79 -48.93 5.71 -35.27
CA PRO C 79 -49.90 6.17 -36.28
C PRO C 79 -50.48 5.03 -37.14
N LEU C 80 -49.74 3.95 -37.26
CA LEU C 80 -50.14 2.85 -38.14
C LEU C 80 -51.24 1.93 -37.59
N PHE C 81 -51.42 1.91 -36.27
CA PHE C 81 -52.25 0.90 -35.65
C PHE C 81 -53.64 0.86 -36.18
N GLU C 82 -54.27 2.04 -36.28
CA GLU C 82 -55.67 2.08 -36.64
C GLU C 82 -55.97 1.44 -37.97
N HIS C 83 -54.99 1.30 -38.85
CA HIS C 83 -55.28 0.78 -40.16
C HIS C 83 -54.97 -0.69 -40.27
N ALA C 84 -54.78 -1.32 -39.12
CA ALA C 84 -54.47 -2.73 -39.09
C ALA C 84 -55.61 -3.50 -38.47
N ASP C 85 -55.80 -4.75 -38.91
CA ASP C 85 -56.79 -5.63 -38.31
C ASP C 85 -56.27 -6.14 -37.00
N VAL C 86 -54.99 -6.50 -37.00
CA VAL C 86 -54.37 -7.12 -35.85
C VAL C 86 -52.93 -6.69 -35.78
N LEU C 87 -52.46 -6.47 -34.55
CA LEU C 87 -51.08 -6.08 -34.29
C LEU C 87 -50.30 -7.27 -33.84
N MET C 88 -49.02 -7.25 -34.15
CA MET C 88 -48.14 -8.28 -33.60
C MET C 88 -46.84 -7.70 -33.05
N CYS C 89 -46.61 -7.89 -31.77
CA CYS C 89 -45.44 -7.36 -31.14
C CYS C 89 -45.11 -8.19 -29.90
N THR C 90 -44.01 -7.85 -29.24
CA THR C 90 -43.65 -8.45 -27.96
C THR C 90 -44.44 -7.86 -26.80
N ARG C 91 -44.49 -8.59 -25.71
CA ARG C 91 -45.21 -8.14 -24.57
C ARG C 91 -44.50 -6.91 -24.01
N GLY C 92 -43.18 -6.86 -24.21
CA GLY C 92 -42.41 -5.77 -23.65
C GLY C 92 -42.82 -4.48 -24.34
N ILE C 93 -42.75 -4.50 -25.66
CA ILE C 93 -43.14 -3.35 -26.46
C ILE C 93 -44.59 -2.96 -26.24
N LEU C 94 -45.46 -3.97 -26.21
CA LEU C 94 -46.86 -3.72 -26.00
C LEU C 94 -47.11 -2.92 -24.71
N ARG C 95 -46.58 -3.38 -23.60
CA ARG C 95 -46.88 -2.65 -22.37
C ARG C 95 -46.30 -1.25 -22.43
N SER C 96 -45.09 -1.09 -22.94
CA SER C 96 -44.42 0.19 -22.85
C SER C 96 -44.94 1.24 -23.84
N VAL C 97 -45.16 0.87 -25.09
CA VAL C 97 -45.41 1.89 -26.10
C VAL C 97 -46.61 1.67 -26.99
N VAL C 98 -47.39 0.65 -26.70
CA VAL C 98 -48.66 0.49 -27.40
C VAL C 98 -49.76 0.92 -26.47
N PRO C 99 -50.50 1.94 -26.87
CA PRO C 99 -51.54 2.41 -25.98
C PRO C 99 -52.70 1.40 -25.92
N PRO C 100 -53.11 1.02 -24.73
CA PRO C 100 -54.25 0.11 -24.58
C PRO C 100 -55.46 0.59 -25.38
N ALA C 101 -55.65 1.89 -25.45
CA ALA C 101 -56.82 2.44 -26.11
C ALA C 101 -56.70 2.24 -27.62
N THR C 102 -55.58 1.71 -28.05
CA THR C 102 -55.36 1.49 -29.46
C THR C 102 -56.49 0.64 -29.96
N ASN C 103 -57.08 -0.10 -29.03
CA ASN C 103 -58.28 -0.92 -29.29
C ASN C 103 -58.20 -1.84 -30.50
N ARG C 104 -57.04 -2.46 -30.71
CA ARG C 104 -56.86 -3.40 -31.79
C ARG C 104 -56.38 -4.74 -31.23
N PRO C 105 -56.85 -5.86 -31.84
CA PRO C 105 -56.49 -7.22 -31.37
C PRO C 105 -55.02 -7.42 -31.52
N VAL C 106 -54.38 -8.05 -30.52
CA VAL C 106 -52.95 -8.33 -30.68
C VAL C 106 -52.67 -9.83 -30.71
N VAL C 107 -51.64 -10.18 -31.49
CA VAL C 107 -51.04 -11.49 -31.40
C VAL C 107 -49.67 -11.29 -30.75
N LEU C 108 -49.52 -11.77 -29.51
CA LEU C 108 -48.24 -11.69 -28.81
C LEU C 108 -47.22 -12.65 -29.36
N ARG C 109 -46.06 -12.12 -29.68
CA ARG C 109 -44.89 -12.93 -30.00
C ARG C 109 -44.36 -13.56 -28.72
N ALA C 110 -44.29 -14.89 -28.68
CA ALA C 110 -44.05 -15.60 -27.46
C ALA C 110 -42.85 -16.51 -27.53
N SER C 111 -41.96 -16.27 -28.49
CA SER C 111 -40.70 -16.99 -28.55
C SER C 111 -39.64 -15.94 -28.51
N GLY C 112 -38.41 -16.34 -28.20
CA GLY C 112 -37.29 -15.40 -28.09
C GLY C 112 -36.09 -16.11 -27.52
N ALA C 113 -35.15 -15.32 -26.97
CA ALA C 113 -33.90 -15.80 -26.36
C ALA C 113 -32.86 -16.13 -27.43
N ASN C 114 -33.09 -15.66 -28.65
CA ASN C 114 -32.06 -15.70 -29.67
C ASN C 114 -31.58 -14.30 -29.99
N SER C 115 -30.43 -14.16 -30.64
CA SER C 115 -29.87 -12.84 -31.04
C SER C 115 -29.45 -13.03 -32.44
N ILE C 116 -29.19 -11.93 -33.11
CA ILE C 116 -28.64 -12.01 -34.47
C ILE C 116 -27.17 -12.31 -34.35
N LEU C 117 -26.67 -12.35 -33.12
CA LEU C 117 -25.26 -12.60 -32.89
C LEU C 117 -24.97 -14.07 -32.72
N ALA C 118 -26.00 -14.90 -32.69
CA ALA C 118 -25.83 -16.33 -32.42
C ALA C 118 -26.77 -17.11 -33.31
N GLU C 119 -26.88 -18.41 -33.07
CA GLU C 119 -27.70 -19.24 -33.93
C GLU C 119 -29.13 -18.72 -33.87
N LEU C 120 -29.70 -18.50 -35.05
CA LEU C 120 -31.00 -17.89 -35.14
C LEU C 120 -32.09 -18.80 -34.55
N SER C 121 -31.98 -20.09 -34.77
CA SER C 121 -33.07 -20.98 -34.41
C SER C 121 -33.14 -21.29 -32.91
N ASN C 122 -32.23 -20.71 -32.14
CA ASN C 122 -32.16 -21.03 -30.70
C ASN C 122 -33.18 -20.26 -29.84
N GLU C 123 -34.46 -20.64 -29.92
CA GLU C 123 -35.53 -19.89 -29.29
C GLU C 123 -36.16 -20.68 -28.16
N ALA C 124 -36.66 -19.96 -27.16
CA ALA C 124 -37.42 -20.60 -26.09
C ALA C 124 -38.75 -19.85 -25.95
N VAL C 125 -39.67 -20.43 -25.19
CA VAL C 125 -40.92 -19.75 -25.01
C VAL C 125 -40.63 -18.51 -24.20
N ALA C 126 -41.15 -17.38 -24.64
CA ALA C 126 -40.75 -16.07 -24.13
C ALA C 126 -41.78 -15.39 -23.18
N LEU C 127 -42.90 -16.05 -22.95
CA LEU C 127 -43.81 -15.59 -21.91
C LEU C 127 -44.82 -16.70 -21.53
N SER C 128 -45.36 -16.65 -20.33
CA SER C 128 -46.32 -17.63 -19.90
C SER C 128 -47.71 -17.34 -20.49
N MET C 129 -48.50 -18.37 -20.76
CA MET C 129 -49.86 -18.13 -21.26
C MET C 129 -50.55 -17.24 -20.26
N ASP C 130 -50.16 -17.44 -19.00
CA ASP C 130 -50.66 -16.70 -17.89
C ASP C 130 -50.68 -15.21 -18.18
N ASP C 131 -49.53 -14.70 -18.66
CA ASP C 131 -49.39 -13.29 -18.97
C ASP C 131 -50.05 -12.94 -20.29
N ALA C 132 -50.06 -13.89 -21.23
CA ALA C 132 -50.75 -13.66 -22.49
C ALA C 132 -52.23 -13.38 -22.22
N VAL C 133 -52.77 -14.15 -21.27
CA VAL C 133 -54.15 -14.04 -20.89
C VAL C 133 -54.30 -12.75 -20.13
N ARG C 134 -53.31 -12.42 -19.33
CA ARG C 134 -53.38 -11.17 -18.59
C ARG C 134 -53.41 -9.97 -19.51
N LEU C 135 -52.80 -10.12 -20.68
CA LEU C 135 -52.70 -9.04 -21.62
C LEU C 135 -53.81 -9.05 -22.63
N ASN C 136 -54.83 -9.90 -22.42
CA ASN C 136 -55.94 -9.99 -23.36
C ASN C 136 -55.54 -10.28 -24.81
N SER C 137 -54.66 -11.24 -25.02
CA SER C 137 -54.19 -11.49 -26.36
C SER C 137 -55.26 -12.20 -27.15
N CYS C 138 -55.21 -12.10 -28.46
CA CYS C 138 -56.03 -12.92 -29.31
C CYS C 138 -55.34 -14.20 -29.67
N ALA C 139 -54.04 -14.19 -29.58
CA ALA C 139 -53.26 -15.36 -29.90
C ALA C 139 -51.83 -15.14 -29.45
N VAL C 140 -51.10 -16.23 -29.36
CA VAL C 140 -49.68 -16.20 -29.06
C VAL C 140 -48.95 -16.85 -30.23
N ALA C 141 -47.78 -16.30 -30.55
CA ALA C 141 -47.04 -16.80 -31.68
C ALA C 141 -45.61 -17.20 -31.28
N ALA C 142 -45.11 -18.25 -31.94
CA ALA C 142 -43.72 -18.69 -31.82
C ALA C 142 -43.21 -19.22 -33.16
N GLN C 143 -41.90 -19.31 -33.26
CA GLN C 143 -41.27 -19.67 -34.53
C GLN C 143 -40.93 -21.13 -34.51
N VAL C 144 -41.08 -21.76 -35.64
CA VAL C 144 -40.67 -23.13 -35.77
C VAL C 144 -39.59 -23.07 -36.83
N TYR C 145 -38.56 -23.88 -36.65
CA TYR C 145 -37.41 -23.84 -37.56
C TYR C 145 -37.09 -25.21 -38.15
N ILE C 146 -37.92 -25.70 -39.06
CA ILE C 146 -37.58 -26.97 -39.63
C ILE C 146 -36.25 -26.82 -40.35
N GLY C 147 -35.42 -27.86 -40.23
CA GLY C 147 -34.14 -27.91 -40.90
C GLY C 147 -33.05 -27.14 -40.22
N SER C 148 -33.38 -26.30 -39.25
CA SER C 148 -32.34 -25.61 -38.52
C SER C 148 -31.84 -26.45 -37.37
N GLU C 149 -30.80 -25.98 -36.71
CA GLU C 149 -30.13 -26.74 -35.67
C GLU C 149 -31.05 -27.04 -34.50
N TYR C 150 -31.88 -26.06 -34.14
CA TYR C 150 -32.75 -26.20 -32.96
C TYR C 150 -34.22 -26.49 -33.33
N GLU C 151 -34.40 -27.26 -34.38
CA GLU C 151 -35.71 -27.48 -34.87
C GLU C 151 -36.57 -28.21 -33.87
N HIS C 152 -35.94 -29.06 -33.08
CA HIS C 152 -36.67 -29.85 -32.09
C HIS C 152 -37.28 -28.95 -30.99
N GLN C 153 -36.46 -28.09 -30.41
CA GLN C 153 -36.89 -27.15 -29.40
C GLN C 153 -38.01 -26.30 -29.96
N SER C 154 -37.89 -25.88 -31.22
CA SER C 154 -38.85 -24.94 -31.80
C SER C 154 -40.21 -25.56 -31.82
N ILE C 155 -40.27 -26.86 -32.14
CA ILE C 155 -41.57 -27.52 -32.21
C ILE C 155 -42.13 -27.72 -30.83
N LYS C 156 -41.27 -28.15 -29.93
CA LYS C 156 -41.61 -28.25 -28.52
C LYS C 156 -42.23 -26.93 -28.04
N ASN C 157 -41.71 -25.82 -28.52
CA ASN C 157 -42.23 -24.54 -28.10
C ASN C 157 -43.66 -24.37 -28.55
N ILE C 158 -43.93 -24.74 -29.78
CA ILE C 158 -45.29 -24.68 -30.30
C ILE C 158 -46.17 -25.60 -29.45
N ILE C 159 -45.71 -26.84 -29.29
CA ILE C 159 -46.46 -27.80 -28.52
C ILE C 159 -46.87 -27.23 -27.20
N GLN C 160 -45.88 -26.70 -26.49
CA GLN C 160 -46.14 -26.25 -25.17
C GLN C 160 -47.15 -25.09 -25.15
N LEU C 161 -47.09 -24.24 -26.17
CA LEU C 161 -47.97 -23.11 -26.22
C LEU C 161 -49.37 -23.56 -26.48
N VAL C 162 -49.52 -24.63 -27.24
CA VAL C 162 -50.83 -25.18 -27.58
C VAL C 162 -51.44 -25.88 -26.35
N ASP C 163 -50.59 -26.60 -25.62
CA ASP C 163 -51.07 -27.25 -24.40
C ASP C 163 -51.65 -26.20 -23.48
N ALA C 164 -50.98 -25.07 -23.40
CA ALA C 164 -51.41 -24.05 -22.46
C ALA C 164 -52.61 -23.29 -23.01
N GLY C 165 -52.61 -23.07 -24.33
CA GLY C 165 -53.63 -22.23 -24.97
C GLY C 165 -54.98 -22.96 -24.93
N MET C 166 -54.90 -24.28 -25.00
CA MET C 166 -56.09 -25.07 -24.98
C MET C 166 -56.78 -25.01 -23.62
N LYS C 167 -56.02 -24.86 -22.55
CA LYS C 167 -56.64 -24.78 -21.24
C LYS C 167 -57.42 -23.49 -21.18
N VAL C 168 -57.10 -22.54 -22.04
CA VAL C 168 -57.53 -21.19 -21.73
C VAL C 168 -58.24 -20.47 -22.90
N GLY C 169 -58.25 -21.10 -24.07
CA GLY C 169 -58.99 -20.59 -25.21
C GLY C 169 -58.13 -19.71 -26.08
N MET C 170 -56.82 -19.88 -25.97
CA MET C 170 -55.87 -19.06 -26.69
C MET C 170 -55.32 -19.75 -27.91
N PRO C 171 -55.63 -19.24 -29.10
CA PRO C 171 -55.07 -19.81 -30.33
C PRO C 171 -53.55 -19.60 -30.38
N THR C 172 -52.86 -20.49 -31.08
CA THR C 172 -51.43 -20.38 -31.22
C THR C 172 -51.08 -20.23 -32.67
N MET C 173 -50.18 -19.29 -32.95
CA MET C 173 -49.68 -19.05 -34.29
C MET C 173 -48.25 -19.56 -34.39
N ALA C 174 -48.01 -20.46 -35.35
CA ALA C 174 -46.67 -20.93 -35.63
C ALA C 174 -46.09 -20.17 -36.84
N VAL C 175 -44.91 -19.55 -36.67
CA VAL C 175 -44.26 -18.93 -37.79
C VAL C 175 -43.10 -19.75 -38.25
N THR C 176 -43.02 -19.97 -39.56
CA THR C 176 -41.95 -20.79 -40.09
C THR C 176 -40.71 -19.95 -40.40
N GLY C 177 -39.64 -20.11 -39.63
CA GLY C 177 -38.41 -19.35 -39.86
C GLY C 177 -37.41 -20.20 -40.61
N VAL C 178 -36.54 -19.59 -41.41
CA VAL C 178 -35.70 -20.36 -42.37
C VAL C 178 -34.18 -20.20 -42.34
N ARG C 184 -35.80 -23.12 -49.80
CA ARG C 184 -36.79 -22.05 -49.57
C ARG C 184 -37.93 -22.11 -50.58
N ASP C 185 -38.30 -23.34 -50.94
CA ASP C 185 -39.27 -23.61 -52.00
C ASP C 185 -40.54 -24.23 -51.43
N GLN C 186 -41.51 -24.50 -52.30
CA GLN C 186 -42.79 -25.01 -51.82
C GLN C 186 -42.65 -26.26 -50.97
N ARG C 187 -41.99 -27.26 -51.50
CA ARG C 187 -41.99 -28.54 -50.82
C ARG C 187 -41.59 -28.32 -49.38
N TYR C 188 -40.64 -27.42 -49.20
CA TYR C 188 -40.14 -27.10 -47.86
C TYR C 188 -41.19 -26.44 -46.96
N PHE C 189 -41.81 -25.36 -47.42
CA PHE C 189 -42.83 -24.72 -46.62
C PHE C 189 -44.01 -25.64 -46.37
N SER C 190 -44.27 -26.54 -47.30
CA SER C 190 -45.31 -27.51 -47.07
C SER C 190 -45.00 -28.33 -45.81
N LEU C 191 -43.80 -28.90 -45.77
CA LEU C 191 -43.41 -29.68 -44.63
C LEU C 191 -43.54 -28.87 -43.37
N ALA C 192 -42.96 -27.68 -43.37
CA ALA C 192 -42.94 -26.87 -42.16
C ALA C 192 -44.33 -26.46 -41.74
N THR C 193 -45.13 -25.95 -42.66
CA THR C 193 -46.43 -25.44 -42.26
C THR C 193 -47.27 -26.60 -41.77
N ARG C 194 -47.13 -27.73 -42.43
CA ARG C 194 -48.01 -28.85 -42.13
C ARG C 194 -47.71 -29.47 -40.78
N ILE C 195 -46.42 -29.61 -40.49
CA ILE C 195 -46.03 -30.12 -39.17
C ILE C 195 -46.55 -29.22 -38.06
N ALA C 196 -46.35 -27.92 -38.24
CA ALA C 196 -46.80 -26.96 -37.26
C ALA C 196 -48.28 -27.16 -37.02
N ALA C 197 -49.02 -27.18 -38.13
CA ALA C 197 -50.49 -27.19 -38.08
C ALA C 197 -50.93 -28.46 -37.37
N GLU C 198 -50.25 -29.51 -37.76
CA GLU C 198 -50.53 -30.84 -37.29
C GLU C 198 -50.28 -30.96 -35.77
N MET C 199 -49.17 -30.37 -35.31
CA MET C 199 -48.87 -30.28 -33.87
C MET C 199 -49.96 -29.61 -33.10
N GLY C 200 -50.64 -28.63 -33.71
CA GLY C 200 -51.83 -28.03 -33.12
C GLY C 200 -52.00 -26.53 -33.29
N ALA C 201 -51.11 -25.90 -34.03
CA ALA C 201 -51.21 -24.45 -34.19
C ALA C 201 -52.46 -24.16 -34.96
N GLN C 202 -53.23 -23.17 -34.50
CA GLN C 202 -54.44 -22.74 -35.24
C GLN C 202 -54.17 -21.79 -36.41
N ILE C 203 -53.09 -20.99 -36.30
CA ILE C 203 -52.71 -20.11 -37.40
C ILE C 203 -51.30 -20.41 -37.80
N ILE C 204 -51.06 -20.45 -39.10
CA ILE C 204 -49.69 -20.62 -39.61
C ILE C 204 -49.28 -19.33 -40.33
N LYS C 205 -48.13 -18.80 -39.97
CA LYS C 205 -47.63 -17.67 -40.71
C LYS C 205 -46.43 -18.10 -41.50
N THR C 206 -46.39 -17.77 -42.77
CA THR C 206 -45.30 -18.25 -43.59
C THR C 206 -45.01 -17.31 -44.75
N TYR C 207 -44.12 -17.75 -45.64
CA TYR C 207 -43.67 -16.90 -46.75
C TYR C 207 -44.33 -17.26 -48.06
N TYR C 208 -44.48 -16.28 -48.93
CA TYR C 208 -45.08 -16.55 -50.24
C TYR C 208 -44.06 -17.20 -51.17
N VAL C 209 -44.56 -18.02 -52.07
CA VAL C 209 -43.70 -18.77 -52.96
C VAL C 209 -44.18 -18.63 -54.40
N GLU C 210 -43.28 -18.28 -55.31
CA GLU C 210 -43.68 -17.97 -56.68
C GLU C 210 -44.21 -19.17 -57.42
N LYS C 211 -43.74 -20.35 -57.04
CA LYS C 211 -44.27 -21.56 -57.64
C LYS C 211 -44.80 -22.51 -56.57
N GLY C 212 -46.09 -22.82 -56.65
CA GLY C 212 -46.66 -23.88 -55.82
C GLY C 212 -47.30 -23.46 -54.51
N PHE C 213 -47.51 -22.15 -54.33
CA PHE C 213 -48.10 -21.65 -53.10
C PHE C 213 -49.42 -22.34 -52.83
N GLU C 214 -50.14 -22.66 -53.88
CA GLU C 214 -51.45 -23.26 -53.77
C GLU C 214 -51.37 -24.57 -52.99
N ARG C 215 -50.35 -25.36 -53.26
CA ARG C 215 -50.17 -26.63 -52.58
C ARG C 215 -49.95 -26.38 -51.09
N ILE C 216 -49.23 -25.30 -50.80
CA ILE C 216 -48.96 -24.98 -49.42
C ILE C 216 -50.29 -24.69 -48.69
N VAL C 217 -51.08 -23.79 -49.24
CA VAL C 217 -52.37 -23.49 -48.66
C VAL C 217 -53.24 -24.73 -48.59
N ALA C 218 -53.30 -25.45 -49.71
CA ALA C 218 -54.20 -26.58 -49.82
C ALA C 218 -53.86 -27.63 -48.78
N GLY C 219 -52.58 -27.81 -48.53
CA GLY C 219 -52.09 -28.81 -47.57
C GLY C 219 -52.21 -28.38 -46.11
N CYS C 220 -52.43 -27.10 -45.87
CA CYS C 220 -52.57 -26.62 -44.50
C CYS C 220 -54.04 -26.61 -44.16
N PRO C 221 -54.40 -27.18 -43.02
CA PRO C 221 -55.80 -27.26 -42.65
C PRO C 221 -56.29 -26.05 -41.87
N VAL C 222 -55.44 -25.06 -41.67
CA VAL C 222 -55.83 -23.94 -40.87
C VAL C 222 -55.38 -22.70 -41.60
N PRO C 223 -55.87 -21.53 -41.16
CA PRO C 223 -55.56 -20.29 -41.82
C PRO C 223 -54.07 -20.02 -41.96
N ILE C 224 -53.70 -19.50 -43.12
CA ILE C 224 -52.32 -19.09 -43.37
C ILE C 224 -52.24 -17.60 -43.59
N VAL C 225 -51.24 -17.01 -42.96
CA VAL C 225 -50.93 -15.62 -43.15
C VAL C 225 -49.52 -15.57 -43.71
N ILE C 226 -49.25 -14.64 -44.61
CA ILE C 226 -47.92 -14.58 -45.19
C ILE C 226 -47.16 -13.37 -44.68
N ALA C 227 -45.87 -13.59 -44.38
CA ALA C 227 -45.00 -12.52 -44.02
C ALA C 227 -44.43 -11.91 -45.30
N GLY C 228 -44.14 -10.61 -45.25
CA GLY C 228 -43.66 -9.87 -46.41
C GLY C 228 -42.22 -10.17 -46.76
N GLY C 229 -41.35 -10.32 -45.77
CA GLY C 229 -39.93 -10.50 -46.07
C GLY C 229 -39.26 -9.16 -46.29
N LYS C 230 -38.15 -9.17 -47.01
CA LYS C 230 -37.42 -7.93 -47.25
C LYS C 230 -38.25 -6.90 -48.02
N LYS C 231 -37.93 -5.63 -47.82
CA LYS C 231 -38.65 -4.52 -48.45
C LYS C 231 -38.56 -4.62 -49.95
N LEU C 232 -39.70 -4.39 -50.60
CA LEU C 232 -39.74 -4.37 -52.04
C LEU C 232 -40.37 -3.07 -52.41
N PRO C 233 -40.22 -2.67 -53.67
CA PRO C 233 -41.01 -1.58 -54.20
C PRO C 233 -42.50 -1.92 -54.04
N GLU C 234 -43.31 -0.93 -53.65
CA GLU C 234 -44.69 -1.20 -53.32
C GLU C 234 -45.41 -1.96 -54.41
N ARG C 235 -45.26 -1.51 -55.64
CA ARG C 235 -45.95 -2.16 -56.73
C ARG C 235 -45.72 -3.67 -56.61
N GLU C 236 -44.48 -4.06 -56.34
CA GLU C 236 -44.16 -5.49 -56.27
C GLU C 236 -44.74 -6.20 -55.06
N ALA C 237 -44.73 -5.52 -53.93
CA ALA C 237 -45.29 -6.06 -52.71
C ALA C 237 -46.77 -6.30 -52.89
N LEU C 238 -47.45 -5.30 -53.40
CA LEU C 238 -48.88 -5.43 -53.64
C LEU C 238 -49.16 -6.63 -54.53
N GLU C 239 -48.37 -6.80 -55.57
CA GLU C 239 -48.58 -7.92 -56.46
C GLU C 239 -48.47 -9.22 -55.67
N MET C 240 -47.47 -9.30 -54.83
CA MET C 240 -47.29 -10.46 -53.97
C MET C 240 -48.51 -10.67 -53.11
N CYS C 241 -49.00 -9.60 -52.50
CA CYS C 241 -50.19 -9.67 -51.70
C CYS C 241 -51.29 -10.22 -52.55
N TRP C 242 -51.48 -9.59 -53.68
CA TRP C 242 -52.59 -9.95 -54.52
C TRP C 242 -52.52 -11.43 -54.83
N GLN C 243 -51.32 -11.89 -55.17
CA GLN C 243 -51.13 -13.28 -55.51
C GLN C 243 -51.40 -14.20 -54.35
N ALA C 244 -50.87 -13.86 -53.19
CA ALA C 244 -51.08 -14.67 -52.00
C ALA C 244 -52.58 -14.86 -51.69
N ILE C 245 -53.30 -13.76 -51.66
CA ILE C 245 -54.73 -13.82 -51.44
C ILE C 245 -55.41 -14.62 -52.55
N ASP C 246 -55.15 -14.25 -53.79
CA ASP C 246 -55.73 -14.98 -54.90
C ASP C 246 -55.50 -16.48 -54.77
N GLN C 247 -54.40 -16.84 -54.16
CA GLN C 247 -54.05 -18.26 -54.04
C GLN C 247 -54.45 -18.86 -52.70
N GLY C 248 -55.29 -18.14 -51.95
CA GLY C 248 -55.94 -18.72 -50.78
C GLY C 248 -55.37 -18.40 -49.42
N ALA C 249 -54.43 -17.48 -49.33
CA ALA C 249 -53.96 -17.06 -48.04
C ALA C 249 -55.06 -16.33 -47.28
N SER C 250 -55.06 -16.39 -45.96
CA SER C 250 -56.12 -15.79 -45.20
C SER C 250 -55.76 -14.40 -44.69
N GLY C 251 -54.51 -14.02 -44.88
CA GLY C 251 -54.11 -12.71 -44.40
C GLY C 251 -52.70 -12.45 -44.88
N VAL C 252 -52.26 -11.21 -44.78
CA VAL C 252 -50.92 -10.91 -45.09
C VAL C 252 -50.37 -10.06 -43.97
N ASP C 253 -49.12 -10.27 -43.68
CA ASP C 253 -48.41 -9.36 -42.85
C ASP C 253 -47.25 -8.79 -43.64
N MET C 254 -47.34 -7.51 -43.99
CA MET C 254 -46.24 -6.82 -44.63
C MET C 254 -45.55 -6.09 -43.52
N GLY C 255 -44.41 -6.57 -43.10
CA GLY C 255 -43.75 -5.85 -42.03
C GLY C 255 -43.01 -4.71 -42.67
N ARG C 256 -41.76 -4.99 -43.03
CA ARG C 256 -40.88 -4.00 -43.56
C ARG C 256 -41.58 -3.25 -44.67
N ASN C 257 -42.31 -4.00 -45.48
CA ASN C 257 -42.94 -3.41 -46.62
C ASN C 257 -43.95 -2.36 -46.25
N ILE C 258 -44.23 -2.22 -44.97
CA ILE C 258 -45.10 -1.17 -44.56
C ILE C 258 -44.37 -0.11 -43.78
N PHE C 259 -43.87 -0.47 -42.59
CA PHE C 259 -43.26 0.53 -41.70
C PHE C 259 -42.07 1.21 -42.35
N GLN C 260 -41.48 0.53 -43.34
CA GLN C 260 -40.34 1.09 -44.06
C GLN C 260 -40.70 1.92 -45.29
N SER C 261 -41.90 1.73 -45.83
CA SER C 261 -42.35 2.59 -46.92
C SER C 261 -42.37 4.06 -46.53
N ASP C 262 -42.09 4.96 -47.48
CA ASP C 262 -42.13 6.39 -47.20
C ASP C 262 -43.56 6.84 -46.98
N HIS C 263 -44.51 6.08 -47.49
CA HIS C 263 -45.92 6.40 -47.31
C HIS C 263 -46.71 5.22 -46.73
N PRO C 264 -46.50 4.94 -45.43
CA PRO C 264 -47.02 3.77 -44.76
C PRO C 264 -48.53 3.63 -44.84
N VAL C 265 -49.24 4.65 -44.36
CA VAL C 265 -50.67 4.56 -44.26
C VAL C 265 -51.23 4.30 -45.64
N ALA C 266 -50.68 4.95 -46.64
CA ALA C 266 -51.17 4.74 -47.98
C ALA C 266 -51.01 3.27 -48.33
N MET C 267 -49.88 2.68 -47.97
CA MET C 267 -49.61 1.30 -48.28
C MET C 267 -50.68 0.41 -47.67
N MET C 268 -51.00 0.68 -46.41
CA MET C 268 -51.93 -0.17 -45.69
C MET C 268 -53.28 -0.20 -46.37
N LYS C 269 -53.75 0.98 -46.79
CA LYS C 269 -55.03 1.08 -47.49
C LYS C 269 -54.93 0.29 -48.78
N ALA C 270 -53.76 0.32 -49.40
CA ALA C 270 -53.52 -0.50 -50.56
C ALA C 270 -53.74 -1.96 -50.19
N VAL C 271 -53.07 -2.40 -49.13
CA VAL C 271 -53.18 -3.77 -48.68
C VAL C 271 -54.60 -4.12 -48.28
N GLN C 272 -55.26 -3.21 -47.58
CA GLN C 272 -56.62 -3.47 -47.15
C GLN C 272 -57.40 -3.81 -48.38
N ALA C 273 -57.22 -3.01 -49.43
CA ALA C 273 -58.01 -3.17 -50.64
C ALA C 273 -57.78 -4.53 -51.26
N VAL C 274 -56.53 -4.92 -51.45
CA VAL C 274 -56.27 -6.21 -52.03
C VAL C 274 -56.88 -7.31 -51.20
N VAL C 275 -56.65 -7.26 -49.90
CA VAL C 275 -57.02 -8.35 -49.03
C VAL C 275 -58.52 -8.49 -48.84
N HIS C 276 -59.15 -7.46 -48.29
CA HIS C 276 -60.56 -7.56 -47.95
C HIS C 276 -61.48 -7.30 -49.13
N HIS C 277 -61.12 -6.32 -49.95
CA HIS C 277 -62.03 -5.82 -50.97
C HIS C 277 -61.76 -6.35 -52.37
N ASN C 278 -60.67 -7.07 -52.55
CA ASN C 278 -60.49 -7.73 -53.82
C ASN C 278 -59.88 -6.89 -54.91
N GLU C 279 -59.53 -5.65 -54.60
CA GLU C 279 -58.99 -4.82 -55.67
C GLU C 279 -57.85 -5.57 -56.32
N THR C 280 -57.71 -5.34 -57.62
CA THR C 280 -56.63 -5.91 -58.40
C THR C 280 -55.37 -5.13 -58.05
N ALA C 281 -54.21 -5.74 -58.22
CA ALA C 281 -52.96 -5.12 -57.82
C ALA C 281 -52.84 -3.69 -58.32
N ASP C 282 -53.13 -3.47 -59.60
CA ASP C 282 -52.97 -2.15 -60.19
C ASP C 282 -53.83 -1.10 -59.53
N ARG C 283 -55.14 -1.34 -59.44
CA ARG C 283 -56.00 -0.40 -58.77
C ARG C 283 -55.43 -0.12 -57.40
N ALA C 284 -55.12 -1.20 -56.69
CA ALA C 284 -54.57 -1.09 -55.35
C ALA C 284 -53.42 -0.10 -55.39
N TYR C 285 -52.41 -0.37 -56.21
CA TYR C 285 -51.28 0.52 -56.25
C TYR C 285 -51.71 1.95 -56.48
N GLU C 286 -52.68 2.14 -57.35
CA GLU C 286 -53.13 3.47 -57.73
C GLU C 286 -53.69 4.27 -56.58
N LEU C 287 -54.59 3.68 -55.79
CA LEU C 287 -55.00 4.36 -54.57
C LEU C 287 -53.80 4.45 -53.61
N TYR C 288 -52.79 3.61 -53.83
CA TYR C 288 -51.54 3.76 -53.09
C TYR C 288 -51.04 5.17 -53.33
N LEU C 289 -50.80 5.48 -54.60
CA LEU C 289 -50.36 6.80 -55.04
C LEU C 289 -51.37 7.90 -54.75
N SER C 290 -52.64 7.55 -54.95
CA SER C 290 -53.75 8.42 -54.55
C SER C 290 -53.56 8.92 -53.10
N GLU C 291 -53.31 7.98 -52.18
CA GLU C 291 -53.31 8.30 -50.75
C GLU C 291 -52.06 9.06 -50.23
N LYS C 292 -50.94 9.05 -50.97
CA LYS C 292 -49.78 9.89 -50.64
C LYS C 292 -50.14 11.38 -50.54
N GLY D 12 -76.15 17.85 4.07
CA GLY D 12 -74.89 18.61 4.35
C GLY D 12 -73.65 17.95 3.77
N LYS D 13 -73.82 17.21 2.68
CA LYS D 13 -72.72 16.51 2.03
C LYS D 13 -72.41 17.21 0.71
N ASP D 14 -71.13 17.29 0.34
CA ASP D 14 -70.74 17.90 -0.93
C ASP D 14 -69.99 16.97 -1.90
N PHE D 15 -70.62 16.63 -3.03
CA PHE D 15 -70.03 15.72 -4.00
C PHE D 15 -69.32 16.49 -5.08
N ARG D 16 -69.37 17.80 -4.98
CA ARG D 16 -68.65 18.62 -5.93
C ARG D 16 -68.98 18.15 -7.34
N THR D 17 -70.25 18.15 -7.68
CA THR D 17 -70.70 17.70 -8.99
C THR D 17 -70.22 18.59 -10.12
N ASP D 18 -69.93 19.84 -9.79
CA ASP D 18 -69.55 20.81 -10.80
C ASP D 18 -68.13 20.52 -11.24
N GLN D 19 -67.42 19.71 -10.47
CA GLN D 19 -66.03 19.39 -10.75
C GLN D 19 -65.86 17.90 -10.94
N PRO D 20 -65.55 17.48 -12.15
CA PRO D 20 -65.53 16.08 -12.52
C PRO D 20 -64.17 15.41 -12.29
N GLN D 21 -64.20 14.22 -11.69
CA GLN D 21 -62.99 13.44 -11.44
C GLN D 21 -62.15 13.25 -12.70
N LYS D 22 -60.85 13.48 -12.56
CA LYS D 22 -59.92 13.43 -13.68
C LYS D 22 -58.74 12.56 -13.31
N ASN D 23 -58.22 11.81 -14.28
CA ASN D 23 -57.12 10.87 -14.01
C ASN D 23 -55.73 11.50 -14.03
N ILE D 24 -54.95 11.26 -12.99
CA ILE D 24 -53.59 11.76 -13.01
C ILE D 24 -52.68 10.87 -13.85
N PRO D 25 -52.05 11.46 -14.87
CA PRO D 25 -51.20 10.68 -15.75
C PRO D 25 -49.98 10.17 -15.00
N PHE D 26 -49.46 9.03 -15.45
CA PHE D 26 -48.22 8.47 -14.93
C PHE D 26 -47.13 8.63 -15.99
N THR D 27 -46.15 9.49 -15.73
CA THR D 27 -45.30 9.90 -16.84
C THR D 27 -44.06 9.10 -17.02
N LEU D 28 -43.67 8.30 -16.02
CA LEU D 28 -42.47 7.48 -16.14
C LEU D 28 -42.43 6.74 -17.45
N LYS D 29 -41.28 6.78 -18.09
CA LYS D 29 -41.17 6.33 -19.46
C LYS D 29 -41.52 4.86 -19.66
N GLY D 30 -42.55 4.61 -20.46
CA GLY D 30 -42.88 3.24 -20.89
C GLY D 30 -43.53 2.46 -19.78
N CYS D 31 -43.91 3.16 -18.72
CA CYS D 31 -44.58 2.54 -17.61
C CYS D 31 -46.01 3.02 -17.39
N GLY D 32 -46.65 3.46 -18.48
CA GLY D 32 -47.99 4.05 -18.38
C GLY D 32 -49.09 3.00 -18.35
N ALA D 33 -48.78 1.74 -18.61
CA ALA D 33 -49.80 0.73 -18.73
C ALA D 33 -49.61 -0.36 -17.70
N LEU D 34 -49.27 0.01 -16.48
CA LEU D 34 -48.94 -1.00 -15.46
C LEU D 34 -49.89 -0.86 -14.32
N ASP D 35 -50.18 -1.98 -13.68
CA ASP D 35 -51.08 -1.99 -12.57
C ASP D 35 -50.57 -1.11 -11.47
N TRP D 36 -51.44 -0.77 -10.53
CA TRP D 36 -51.10 0.20 -9.51
C TRP D 36 -49.86 -0.19 -8.69
N GLY D 37 -49.83 -1.43 -8.22
CA GLY D 37 -48.73 -1.94 -7.41
C GLY D 37 -47.42 -1.84 -8.15
N MET D 38 -47.41 -2.20 -9.42
CA MET D 38 -46.16 -2.17 -10.16
C MET D 38 -45.71 -0.73 -10.34
N GLN D 39 -46.66 0.14 -10.64
CA GLN D 39 -46.32 1.53 -10.83
C GLN D 39 -45.81 2.10 -9.50
N SER D 40 -46.33 1.54 -8.42
CA SER D 40 -45.97 1.99 -7.11
C SER D 40 -44.50 1.64 -6.85
N ARG D 41 -44.12 0.40 -7.12
CA ARG D 41 -42.77 -0.02 -6.82
C ARG D 41 -41.81 0.80 -7.63
N LEU D 42 -42.15 1.03 -8.91
CA LEU D 42 -41.30 1.82 -9.78
C LEU D 42 -41.21 3.24 -9.26
N SER D 43 -42.28 3.72 -8.64
CA SER D 43 -42.29 5.09 -8.16
C SER D 43 -41.42 5.24 -6.98
N ARG D 44 -41.18 4.13 -6.28
CA ARG D 44 -40.25 4.12 -5.17
C ARG D 44 -38.85 4.33 -5.68
N ILE D 45 -38.55 3.70 -6.81
CA ILE D 45 -37.23 3.71 -7.37
C ILE D 45 -36.95 5.03 -8.06
N PHE D 46 -37.81 5.42 -9.00
CA PHE D 46 -37.64 6.63 -9.77
C PHE D 46 -38.48 7.73 -9.22
N ASN D 47 -37.82 8.82 -8.83
CA ASN D 47 -38.54 9.94 -8.25
C ASN D 47 -39.60 10.45 -9.22
N PRO D 48 -40.85 10.55 -8.74
CA PRO D 48 -41.95 10.97 -9.56
C PRO D 48 -41.78 12.42 -10.04
N LYS D 49 -41.22 13.26 -9.19
CA LYS D 49 -40.99 14.65 -9.57
C LYS D 49 -40.00 14.73 -10.71
N THR D 50 -38.84 14.10 -10.55
CA THR D 50 -37.77 14.23 -11.54
C THR D 50 -37.71 13.07 -12.52
N GLY D 51 -38.32 11.96 -12.15
CA GLY D 51 -38.37 10.79 -13.02
C GLY D 51 -37.05 10.09 -13.13
N LYS D 52 -36.25 10.22 -12.08
CA LYS D 52 -34.90 9.71 -12.06
C LYS D 52 -34.49 9.12 -10.71
N THR D 53 -33.37 8.40 -10.71
CA THR D 53 -32.95 7.70 -9.52
C THR D 53 -31.44 7.72 -9.39
N VAL D 54 -30.99 7.72 -8.15
CA VAL D 54 -29.59 7.53 -7.83
C VAL D 54 -29.45 6.19 -7.13
N MET D 55 -28.75 5.26 -7.77
CA MET D 55 -28.75 3.90 -7.28
C MET D 55 -27.39 3.56 -6.71
N LEU D 56 -27.37 3.01 -5.50
CA LEU D 56 -26.12 2.54 -4.93
C LEU D 56 -26.05 1.04 -4.98
N ALA D 57 -25.35 0.52 -5.97
CA ALA D 57 -25.31 -0.93 -6.18
C ALA D 57 -24.05 -1.59 -5.60
N PHE D 58 -24.22 -2.55 -4.70
CA PHE D 58 -23.09 -3.30 -4.18
C PHE D 58 -23.29 -4.83 -4.27
N ASP D 59 -23.62 -5.32 -5.47
CA ASP D 59 -23.97 -6.72 -5.58
C ASP D 59 -22.85 -7.60 -6.14
N HIS D 60 -21.72 -6.98 -6.46
CA HIS D 60 -20.63 -7.64 -7.19
C HIS D 60 -20.12 -8.87 -6.46
N GLY D 61 -20.26 -8.89 -5.15
CA GLY D 61 -19.83 -10.06 -4.42
C GLY D 61 -20.39 -11.32 -5.05
N TYR D 62 -21.46 -11.17 -5.81
CA TYR D 62 -22.22 -12.33 -6.22
C TYR D 62 -21.41 -13.30 -7.08
N PHE D 63 -20.50 -12.77 -7.89
CA PHE D 63 -19.62 -13.64 -8.64
C PHE D 63 -18.17 -13.32 -8.37
N GLN D 64 -17.94 -12.27 -7.60
CA GLN D 64 -16.61 -11.75 -7.42
C GLN D 64 -16.02 -11.93 -6.04
N GLY D 65 -16.83 -12.29 -5.05
CA GLY D 65 -16.31 -12.40 -3.71
C GLY D 65 -16.07 -11.00 -3.18
N PRO D 66 -15.19 -10.86 -2.17
CA PRO D 66 -14.97 -9.59 -1.53
C PRO D 66 -14.12 -8.70 -2.40
N THR D 67 -14.74 -8.17 -3.44
CA THR D 67 -14.12 -7.14 -4.23
C THR D 67 -13.71 -5.94 -3.39
N THR D 68 -12.74 -5.19 -3.91
CA THR D 68 -12.20 -4.05 -3.19
C THR D 68 -13.24 -3.02 -2.91
N GLY D 69 -13.34 -2.62 -1.65
CA GLY D 69 -14.30 -1.61 -1.25
C GLY D 69 -15.61 -2.23 -0.82
N LEU D 70 -15.79 -3.51 -1.14
CA LEU D 70 -16.98 -4.24 -0.70
C LEU D 70 -16.55 -5.26 0.31
N GLU D 71 -15.31 -5.13 0.80
CA GLU D 71 -14.82 -6.07 1.80
C GLU D 71 -15.77 -6.15 2.97
N ARG D 72 -16.15 -4.99 3.52
CA ARG D 72 -17.06 -4.98 4.63
C ARG D 72 -18.21 -4.04 4.32
N ILE D 73 -19.28 -4.57 3.73
CA ILE D 73 -20.45 -3.76 3.43
C ILE D 73 -20.95 -3.08 4.69
N ASP D 74 -20.87 -3.80 5.82
CA ASP D 74 -21.51 -3.38 7.06
C ASP D 74 -20.88 -2.13 7.59
N ILE D 75 -19.63 -1.92 7.23
CA ILE D 75 -18.93 -0.78 7.76
C ILE D 75 -18.78 0.30 6.72
N ASN D 76 -18.20 -0.10 5.60
CA ASN D 76 -17.96 0.77 4.47
C ASN D 76 -19.20 1.38 3.80
N ILE D 77 -20.16 0.53 3.47
CA ILE D 77 -21.34 0.94 2.71
C ILE D 77 -22.54 1.35 3.56
N ALA D 78 -22.66 0.78 4.77
CA ALA D 78 -23.76 1.12 5.66
C ALA D 78 -24.01 2.62 5.79
N PRO D 79 -22.95 3.42 5.96
CA PRO D 79 -23.10 4.87 6.03
C PRO D 79 -23.64 5.48 4.77
N LEU D 80 -23.50 4.77 3.66
CA LEU D 80 -23.84 5.32 2.37
C LEU D 80 -25.33 5.27 2.01
N PHE D 81 -26.05 4.39 2.68
CA PHE D 81 -27.42 4.10 2.31
C PHE D 81 -28.30 5.33 2.23
N GLU D 82 -28.25 6.18 3.26
CA GLU D 82 -29.22 7.25 3.36
C GLU D 82 -29.12 8.17 2.18
N HIS D 83 -28.02 8.19 1.46
CA HIS D 83 -27.88 9.17 0.40
C HIS D 83 -28.18 8.56 -0.94
N ALA D 84 -28.78 7.39 -0.92
CA ALA D 84 -29.15 6.74 -2.17
C ALA D 84 -30.67 6.70 -2.35
N ASP D 85 -31.14 6.74 -3.58
CA ASP D 85 -32.56 6.61 -3.85
C ASP D 85 -32.95 5.15 -3.69
N VAL D 86 -32.10 4.28 -4.20
CA VAL D 86 -32.40 2.87 -4.22
C VAL D 86 -31.13 2.07 -4.04
N LEU D 87 -31.23 0.96 -3.32
CA LEU D 87 -30.07 0.12 -3.07
C LEU D 87 -30.15 -1.07 -3.97
N MET D 88 -29.01 -1.62 -4.35
CA MET D 88 -29.01 -2.87 -5.08
C MET D 88 -27.98 -3.82 -4.55
N CYS D 89 -28.44 -4.96 -4.05
CA CYS D 89 -27.57 -5.98 -3.47
C CYS D 89 -28.19 -7.36 -3.58
N THR D 90 -27.48 -8.34 -3.07
CA THR D 90 -28.00 -9.70 -3.08
C THR D 90 -28.93 -9.87 -1.91
N ARG D 91 -29.68 -10.96 -1.95
CA ARG D 91 -30.59 -11.24 -0.87
C ARG D 91 -29.78 -11.67 0.35
N GLY D 92 -28.62 -12.31 0.08
CA GLY D 92 -27.78 -12.79 1.16
C GLY D 92 -27.30 -11.59 1.95
N ILE D 93 -26.76 -10.61 1.25
CA ILE D 93 -26.20 -9.44 1.89
C ILE D 93 -27.28 -8.62 2.55
N LEU D 94 -28.39 -8.48 1.86
CA LEU D 94 -29.47 -7.69 2.37
C LEU D 94 -29.92 -8.19 3.74
N ARG D 95 -30.09 -9.49 3.87
CA ARG D 95 -30.57 -10.02 5.15
C ARG D 95 -29.55 -9.87 6.25
N SER D 96 -28.29 -10.15 5.92
CA SER D 96 -27.24 -10.17 6.93
C SER D 96 -26.78 -8.80 7.41
N VAL D 97 -26.59 -7.85 6.50
CA VAL D 97 -25.89 -6.64 6.89
C VAL D 97 -26.52 -5.34 6.45
N VAL D 98 -27.66 -5.40 5.79
CA VAL D 98 -28.44 -4.22 5.54
C VAL D 98 -29.54 -4.15 6.58
N PRO D 99 -29.57 -3.08 7.35
CA PRO D 99 -30.58 -2.93 8.38
C PRO D 99 -31.93 -2.62 7.76
N PRO D 100 -32.96 -3.38 8.12
CA PRO D 100 -34.30 -3.15 7.58
C PRO D 100 -34.69 -1.70 7.75
N ALA D 101 -34.23 -1.08 8.82
CA ALA D 101 -34.65 0.28 9.16
C ALA D 101 -33.99 1.27 8.23
N THR D 102 -33.13 0.75 7.38
CA THR D 102 -32.45 1.58 6.45
C THR D 102 -33.48 2.35 5.66
N ASN D 103 -34.68 1.77 5.62
CA ASN D 103 -35.84 2.36 4.96
C ASN D 103 -35.60 2.90 3.55
N ARG D 104 -34.82 2.16 2.76
CA ARG D 104 -34.58 2.55 1.37
C ARG D 104 -35.06 1.43 0.42
N PRO D 105 -35.55 1.81 -0.77
CA PRO D 105 -36.06 0.81 -1.70
C PRO D 105 -34.92 -0.06 -2.19
N VAL D 106 -35.13 -1.36 -2.32
CA VAL D 106 -34.06 -2.20 -2.90
C VAL D 106 -34.44 -2.89 -4.21
N VAL D 107 -33.45 -3.04 -5.08
CA VAL D 107 -33.58 -3.84 -6.26
C VAL D 107 -32.73 -5.07 -5.97
N LEU D 108 -33.37 -6.21 -5.79
CA LEU D 108 -32.63 -7.42 -5.55
C LEU D 108 -31.97 -7.97 -6.79
N ARG D 109 -30.69 -8.28 -6.68
CA ARG D 109 -29.98 -8.94 -7.76
C ARG D 109 -30.40 -10.38 -7.74
N ALA D 110 -30.94 -10.88 -8.84
CA ALA D 110 -31.54 -12.21 -8.86
C ALA D 110 -30.90 -13.20 -9.85
N SER D 111 -29.68 -12.92 -10.28
CA SER D 111 -28.97 -13.85 -11.14
C SER D 111 -27.69 -14.18 -10.39
N GLY D 112 -27.03 -15.28 -10.75
CA GLY D 112 -25.86 -15.69 -10.04
C GLY D 112 -25.39 -17.02 -10.58
N ALA D 113 -24.57 -17.71 -9.78
CA ALA D 113 -24.08 -19.03 -10.11
C ALA D 113 -22.89 -18.98 -11.07
N ASN D 114 -22.37 -17.79 -11.30
CA ASN D 114 -21.11 -17.68 -12.00
C ASN D 114 -19.99 -17.30 -11.01
N SER D 115 -18.73 -17.45 -11.42
CA SER D 115 -17.58 -17.03 -10.62
C SER D 115 -16.70 -16.30 -11.58
N ILE D 116 -15.77 -15.52 -11.05
CA ILE D 116 -14.70 -14.95 -11.86
C ILE D 116 -13.70 -16.03 -12.26
N LEU D 117 -13.88 -17.23 -11.74
CA LEU D 117 -12.99 -18.33 -12.08
C LEU D 117 -13.43 -19.13 -13.30
N ALA D 118 -14.60 -18.81 -13.84
CA ALA D 118 -15.18 -19.59 -14.93
C ALA D 118 -15.82 -18.64 -15.92
N GLU D 119 -16.57 -19.17 -16.87
CA GLU D 119 -17.24 -18.32 -17.84
C GLU D 119 -18.20 -17.33 -17.17
N LEU D 120 -18.05 -16.06 -17.49
CA LEU D 120 -18.75 -15.01 -16.76
C LEU D 120 -20.25 -15.06 -17.03
N SER D 121 -20.61 -15.40 -18.26
CA SER D 121 -22.02 -15.34 -18.67
C SER D 121 -22.83 -16.53 -18.20
N ASN D 122 -22.23 -17.47 -17.50
CA ASN D 122 -22.95 -18.64 -17.05
C ASN D 122 -23.80 -18.40 -15.80
N GLU D 123 -24.92 -17.71 -15.96
CA GLU D 123 -25.74 -17.28 -14.84
C GLU D 123 -27.07 -18.03 -14.79
N ALA D 124 -27.64 -18.20 -13.61
CA ALA D 124 -28.96 -18.77 -13.49
C ALA D 124 -29.77 -17.86 -12.59
N VAL D 125 -31.08 -18.09 -12.51
CA VAL D 125 -31.87 -17.24 -11.64
C VAL D 125 -31.46 -17.59 -10.20
N ALA D 126 -31.21 -16.56 -9.40
CA ALA D 126 -30.58 -16.81 -8.11
C ALA D 126 -31.52 -16.67 -6.91
N LEU D 127 -32.79 -16.38 -7.16
CA LEU D 127 -33.80 -16.45 -6.08
C LEU D 127 -35.23 -16.47 -6.67
N SER D 128 -36.16 -17.05 -5.93
CA SER D 128 -37.54 -17.10 -6.37
C SER D 128 -38.23 -15.72 -6.18
N MET D 129 -39.21 -15.40 -7.04
CA MET D 129 -39.98 -14.18 -6.92
C MET D 129 -40.66 -14.22 -5.58
N ASP D 130 -40.99 -15.41 -5.17
CA ASP D 130 -41.52 -15.70 -3.88
C ASP D 130 -40.76 -15.00 -2.74
N ASP D 131 -39.43 -15.15 -2.75
CA ASP D 131 -38.59 -14.54 -1.74
C ASP D 131 -38.42 -13.06 -1.99
N ALA D 132 -38.39 -12.67 -3.25
CA ALA D 132 -38.25 -11.25 -3.59
C ALA D 132 -39.46 -10.51 -3.02
N VAL D 133 -40.61 -11.14 -3.13
CA VAL D 133 -41.80 -10.58 -2.62
C VAL D 133 -41.75 -10.60 -1.10
N ARG D 134 -41.17 -11.65 -0.55
CA ARG D 134 -41.04 -11.76 0.88
C ARG D 134 -40.16 -10.69 1.43
N LEU D 135 -39.22 -10.23 0.62
CA LEU D 135 -38.27 -9.24 1.08
C LEU D 135 -38.70 -7.81 0.73
N ASN D 136 -39.94 -7.66 0.29
CA ASN D 136 -40.42 -6.36 -0.08
C ASN D 136 -39.60 -5.64 -1.13
N SER D 137 -39.20 -6.31 -2.21
CA SER D 137 -38.34 -5.66 -3.21
C SER D 137 -39.15 -4.74 -4.07
N CYS D 138 -38.47 -3.75 -4.63
CA CYS D 138 -39.08 -2.89 -5.60
C CYS D 138 -38.85 -3.43 -6.99
N ALA D 139 -37.82 -4.25 -7.13
CA ALA D 139 -37.60 -4.91 -8.39
C ALA D 139 -36.62 -6.05 -8.21
N VAL D 140 -36.53 -6.90 -9.23
CA VAL D 140 -35.52 -7.92 -9.27
C VAL D 140 -34.68 -7.67 -10.50
N ALA D 141 -33.39 -8.03 -10.43
CA ALA D 141 -32.49 -7.77 -11.54
C ALA D 141 -31.74 -9.01 -11.91
N ALA D 142 -31.47 -9.16 -13.20
CA ALA D 142 -30.62 -10.24 -13.72
C ALA D 142 -29.84 -9.75 -14.94
N GLN D 143 -28.79 -10.45 -15.29
CA GLN D 143 -27.88 -9.97 -16.31
C GLN D 143 -28.23 -10.63 -17.59
N VAL D 144 -28.14 -9.91 -18.68
CA VAL D 144 -28.30 -10.52 -19.95
C VAL D 144 -26.95 -10.35 -20.62
N TYR D 145 -26.51 -11.39 -21.33
CA TYR D 145 -25.20 -11.39 -21.99
C TYR D 145 -25.24 -11.60 -23.48
N ILE D 146 -25.72 -10.62 -24.23
CA ILE D 146 -25.70 -10.78 -25.67
C ILE D 146 -24.25 -11.04 -26.10
N GLY D 147 -24.08 -11.97 -27.02
CA GLY D 147 -22.79 -12.18 -27.64
C GLY D 147 -21.91 -13.09 -26.84
N SER D 148 -22.26 -13.31 -25.57
CA SER D 148 -21.47 -14.27 -24.78
C SER D 148 -21.92 -15.70 -25.00
N GLU D 149 -21.19 -16.64 -24.41
CA GLU D 149 -21.45 -18.04 -24.66
C GLU D 149 -22.83 -18.51 -24.17
N TYR D 150 -23.29 -17.96 -23.05
CA TYR D 150 -24.56 -18.33 -22.44
C TYR D 150 -25.62 -17.25 -22.60
N GLU D 151 -25.64 -16.64 -23.77
CA GLU D 151 -26.54 -15.57 -24.01
C GLU D 151 -27.99 -16.03 -23.97
N HIS D 152 -28.24 -17.26 -24.40
CA HIS D 152 -29.59 -17.81 -24.44
C HIS D 152 -30.17 -17.96 -23.05
N GLN D 153 -29.46 -18.68 -22.18
CA GLN D 153 -29.84 -18.80 -20.77
C GLN D 153 -30.06 -17.42 -20.13
N SER D 154 -29.21 -16.44 -20.46
CA SER D 154 -29.34 -15.13 -19.82
C SER D 154 -30.71 -14.54 -20.15
N ILE D 155 -31.16 -14.68 -21.39
CA ILE D 155 -32.42 -14.07 -21.76
C ILE D 155 -33.56 -14.86 -21.14
N LYS D 156 -33.44 -16.18 -21.22
CA LYS D 156 -34.38 -17.03 -20.51
C LYS D 156 -34.53 -16.62 -19.06
N ASN D 157 -33.44 -16.20 -18.44
CA ASN D 157 -33.51 -15.75 -17.08
C ASN D 157 -34.43 -14.54 -16.96
N ILE D 158 -34.21 -13.56 -17.82
CA ILE D 158 -35.05 -12.37 -17.79
C ILE D 158 -36.50 -12.78 -17.99
N ILE D 159 -36.72 -13.61 -18.98
CA ILE D 159 -38.04 -14.03 -19.32
C ILE D 159 -38.74 -14.59 -18.09
N GLN D 160 -38.04 -15.49 -17.45
CA GLN D 160 -38.64 -16.15 -16.34
C GLN D 160 -38.98 -15.19 -15.22
N LEU D 161 -38.14 -14.18 -15.04
CA LEU D 161 -38.32 -13.23 -13.95
C LEU D 161 -39.50 -12.35 -14.26
N VAL D 162 -39.66 -12.00 -15.53
CA VAL D 162 -40.82 -11.21 -15.94
C VAL D 162 -42.10 -12.04 -15.83
N ASP D 163 -42.07 -13.30 -16.24
CA ASP D 163 -43.27 -14.12 -16.09
C ASP D 163 -43.74 -14.09 -14.64
N ALA D 164 -42.78 -14.20 -13.71
CA ALA D 164 -43.10 -14.30 -12.30
C ALA D 164 -43.50 -12.94 -11.75
N GLY D 165 -42.83 -11.90 -12.23
CA GLY D 165 -43.02 -10.57 -11.67
C GLY D 165 -44.40 -10.07 -12.04
N MET D 166 -44.84 -10.44 -13.23
CA MET D 166 -46.13 -10.01 -13.69
C MET D 166 -47.24 -10.61 -12.87
N LYS D 167 -47.05 -11.81 -12.35
CA LYS D 167 -48.06 -12.37 -11.48
C LYS D 167 -48.17 -11.50 -10.25
N VAL D 168 -47.12 -10.79 -9.91
CA VAL D 168 -47.03 -10.31 -8.55
C VAL D 168 -46.77 -8.81 -8.43
N GLY D 169 -46.55 -8.13 -9.53
CA GLY D 169 -46.41 -6.67 -9.52
C GLY D 169 -44.97 -6.23 -9.37
N MET D 170 -44.05 -7.14 -9.62
CA MET D 170 -42.65 -6.89 -9.43
C MET D 170 -41.99 -6.59 -10.74
N PRO D 171 -41.45 -5.38 -10.89
CA PRO D 171 -40.68 -5.00 -12.07
C PRO D 171 -39.34 -5.77 -12.15
N THR D 172 -38.89 -6.00 -13.39
CA THR D 172 -37.64 -6.64 -13.64
C THR D 172 -36.65 -5.73 -14.33
N MET D 173 -35.43 -5.73 -13.81
CA MET D 173 -34.32 -4.97 -14.38
C MET D 173 -33.35 -5.92 -15.08
N ALA D 174 -33.12 -5.66 -16.35
CA ALA D 174 -32.17 -6.41 -17.08
C ALA D 174 -30.88 -5.58 -17.17
N VAL D 175 -29.76 -6.17 -16.76
CA VAL D 175 -28.47 -5.51 -16.87
C VAL D 175 -27.63 -6.11 -17.99
N THR D 176 -27.09 -5.27 -18.86
CA THR D 176 -26.35 -5.79 -19.98
C THR D 176 -24.87 -6.01 -19.61
N GLY D 177 -24.42 -7.28 -19.50
CA GLY D 177 -23.02 -7.58 -19.21
C GLY D 177 -22.26 -7.94 -20.47
N VAL D 178 -20.96 -7.62 -20.50
CA VAL D 178 -20.21 -7.69 -21.76
C VAL D 178 -18.99 -8.60 -21.84
N ARG D 184 -18.19 -3.01 -27.81
CA ARG D 184 -18.58 -2.29 -26.62
C ARG D 184 -19.08 -0.89 -27.02
N ASP D 185 -19.73 -0.81 -28.19
CA ASP D 185 -20.12 0.44 -28.81
C ASP D 185 -21.63 0.58 -28.85
N GLN D 186 -22.14 1.72 -29.33
CA GLN D 186 -23.59 1.95 -29.33
C GLN D 186 -24.39 0.86 -30.01
N ARG D 187 -24.05 0.52 -31.25
CA ARG D 187 -24.86 -0.43 -31.99
C ARG D 187 -25.04 -1.65 -31.13
N TYR D 188 -24.00 -2.04 -30.44
CA TYR D 188 -24.10 -3.19 -29.58
C TYR D 188 -25.09 -3.01 -28.43
N PHE D 189 -24.92 -1.97 -27.62
CA PHE D 189 -25.77 -1.80 -26.48
C PHE D 189 -27.21 -1.59 -26.91
N SER D 190 -27.37 -1.10 -28.13
CA SER D 190 -28.72 -0.93 -28.66
C SER D 190 -29.36 -2.30 -28.78
N LEU D 191 -28.69 -3.20 -29.46
CA LEU D 191 -29.20 -4.55 -29.56
C LEU D 191 -29.51 -5.12 -28.18
N ALA D 192 -28.57 -5.03 -27.26
CA ALA D 192 -28.73 -5.70 -25.98
C ALA D 192 -29.84 -5.07 -25.17
N THR D 193 -29.83 -3.75 -25.07
CA THR D 193 -30.87 -3.10 -24.27
C THR D 193 -32.24 -3.40 -24.84
N ARG D 194 -32.36 -3.28 -26.15
CA ARG D 194 -33.63 -3.41 -26.82
C ARG D 194 -34.24 -4.81 -26.72
N ILE D 195 -33.46 -5.82 -27.00
CA ILE D 195 -33.90 -7.19 -26.79
C ILE D 195 -34.44 -7.39 -25.37
N ALA D 196 -33.67 -6.98 -24.37
CA ALA D 196 -34.11 -7.15 -22.99
C ALA D 196 -35.46 -6.46 -22.77
N ALA D 197 -35.57 -5.23 -23.25
CA ALA D 197 -36.73 -4.40 -22.99
C ALA D 197 -37.93 -5.07 -23.69
N GLU D 198 -37.64 -5.58 -24.87
CA GLU D 198 -38.61 -6.17 -25.69
C GLU D 198 -39.11 -7.46 -25.05
N MET D 199 -38.22 -8.21 -24.44
CA MET D 199 -38.60 -9.45 -23.73
C MET D 199 -39.54 -9.14 -22.59
N GLY D 200 -39.39 -7.98 -21.98
CA GLY D 200 -40.32 -7.58 -20.93
C GLY D 200 -39.75 -6.74 -19.79
N ALA D 201 -38.44 -6.55 -19.76
CA ALA D 201 -37.86 -5.87 -18.62
C ALA D 201 -38.39 -4.45 -18.55
N GLN D 202 -38.76 -4.03 -17.34
CA GLN D 202 -39.22 -2.68 -17.14
C GLN D 202 -38.12 -1.67 -16.94
N ILE D 203 -36.98 -2.11 -16.42
CA ILE D 203 -35.84 -1.22 -16.29
C ILE D 203 -34.65 -1.87 -16.95
N ILE D 204 -33.90 -1.06 -17.70
CA ILE D 204 -32.67 -1.51 -18.32
C ILE D 204 -31.50 -0.84 -17.64
N LYS D 205 -30.48 -1.61 -17.28
CA LYS D 205 -29.27 -0.97 -16.77
C LYS D 205 -28.12 -1.26 -17.67
N THR D 206 -27.37 -0.22 -18.01
CA THR D 206 -26.38 -0.41 -19.03
C THR D 206 -25.28 0.61 -18.90
N TYR D 207 -24.34 0.60 -19.85
CA TYR D 207 -23.13 1.41 -19.72
C TYR D 207 -23.23 2.65 -20.59
N TYR D 208 -22.54 3.71 -20.20
CA TYR D 208 -22.55 4.90 -21.00
C TYR D 208 -21.61 4.79 -22.19
N VAL D 209 -21.89 5.49 -23.25
CA VAL D 209 -21.11 5.36 -24.46
C VAL D 209 -20.82 6.77 -24.96
N GLU D 210 -19.56 7.04 -25.28
CA GLU D 210 -19.18 8.39 -25.68
C GLU D 210 -19.78 8.83 -26.99
N LYS D 211 -19.99 7.89 -27.90
CA LYS D 211 -20.65 8.22 -29.13
C LYS D 211 -21.96 7.45 -29.26
N GLY D 212 -23.08 8.16 -29.40
CA GLY D 212 -24.35 7.53 -29.78
C GLY D 212 -25.23 7.05 -28.65
N PHE D 213 -24.95 7.51 -27.44
CA PHE D 213 -25.76 7.10 -26.31
C PHE D 213 -27.22 7.47 -26.53
N GLU D 214 -27.44 8.59 -27.21
CA GLU D 214 -28.78 9.06 -27.47
C GLU D 214 -29.60 8.02 -28.20
N ARG D 215 -29.01 7.36 -29.17
CA ARG D 215 -29.69 6.31 -29.92
C ARG D 215 -30.08 5.17 -29.01
N ILE D 216 -29.23 4.89 -28.04
CA ILE D 216 -29.49 3.81 -27.11
C ILE D 216 -30.74 4.12 -26.28
N VAL D 217 -30.76 5.30 -25.69
CA VAL D 217 -31.92 5.74 -24.94
C VAL D 217 -33.17 5.81 -25.82
N ALA D 218 -33.03 6.43 -26.98
CA ALA D 218 -34.16 6.67 -27.86
C ALA D 218 -34.78 5.38 -28.27
N GLY D 219 -33.95 4.39 -28.54
CA GLY D 219 -34.44 3.06 -28.92
C GLY D 219 -34.98 2.20 -27.79
N CYS D 220 -34.71 2.56 -26.55
CA CYS D 220 -35.21 1.78 -25.43
C CYS D 220 -36.54 2.39 -24.98
N PRO D 221 -37.61 1.59 -24.89
CA PRO D 221 -38.90 2.13 -24.54
C PRO D 221 -39.14 2.27 -23.05
N VAL D 222 -38.15 1.88 -22.24
CA VAL D 222 -38.32 1.90 -20.80
C VAL D 222 -37.10 2.53 -20.17
N PRO D 223 -37.18 2.83 -18.87
CA PRO D 223 -36.14 3.64 -18.26
C PRO D 223 -34.79 2.97 -18.33
N ILE D 224 -33.76 3.80 -18.52
CA ILE D 224 -32.41 3.31 -18.55
C ILE D 224 -31.61 3.89 -17.40
N VAL D 225 -30.86 3.02 -16.77
CA VAL D 225 -29.96 3.42 -15.73
C VAL D 225 -28.57 3.01 -16.15
N ILE D 226 -27.58 3.84 -15.87
CA ILE D 226 -26.23 3.49 -16.31
C ILE D 226 -25.37 3.05 -15.16
N ALA D 227 -24.56 2.04 -15.42
CA ALA D 227 -23.56 1.58 -14.48
C ALA D 227 -22.30 2.40 -14.69
N GLY D 228 -21.57 2.62 -13.58
CA GLY D 228 -20.35 3.41 -13.61
C GLY D 228 -19.18 2.75 -14.31
N GLY D 229 -18.99 1.46 -14.07
CA GLY D 229 -17.81 0.79 -14.61
C GLY D 229 -16.62 1.08 -13.73
N LYS D 230 -15.41 0.89 -14.26
CA LYS D 230 -14.20 1.02 -13.44
C LYS D 230 -14.08 2.42 -12.83
N LYS D 231 -13.42 2.50 -11.68
CA LYS D 231 -13.27 3.75 -10.96
C LYS D 231 -12.57 4.75 -11.84
N LEU D 232 -13.03 5.98 -11.78
CA LEU D 232 -12.40 7.07 -12.49
C LEU D 232 -12.19 8.16 -11.48
N PRO D 233 -11.39 9.15 -11.82
CA PRO D 233 -11.31 10.34 -11.02
C PRO D 233 -12.69 11.00 -10.97
N GLU D 234 -13.11 11.47 -9.81
CA GLU D 234 -14.48 11.98 -9.65
C GLU D 234 -14.90 12.96 -10.72
N ARG D 235 -14.08 13.98 -10.96
CA ARG D 235 -14.40 14.95 -11.97
C ARG D 235 -14.87 14.23 -13.23
N GLU D 236 -14.17 13.18 -13.62
CA GLU D 236 -14.52 12.46 -14.85
C GLU D 236 -15.81 11.67 -14.72
N ALA D 237 -16.01 11.04 -13.58
CA ALA D 237 -17.23 10.29 -13.34
C ALA D 237 -18.45 11.21 -13.37
N LEU D 238 -18.35 12.33 -12.68
CA LEU D 238 -19.42 13.29 -12.70
C LEU D 238 -19.73 13.72 -14.14
N GLU D 239 -18.69 13.97 -14.91
CA GLU D 239 -18.91 14.40 -16.26
C GLU D 239 -19.72 13.33 -16.98
N MET D 240 -19.35 12.08 -16.74
CA MET D 240 -20.08 10.95 -17.32
C MET D 240 -21.54 10.96 -16.88
N CYS D 241 -21.77 11.10 -15.58
CA CYS D 241 -23.12 11.26 -15.08
C CYS D 241 -23.79 12.36 -15.80
N TRP D 242 -23.19 13.53 -15.79
CA TRP D 242 -23.85 14.66 -16.36
C TRP D 242 -24.27 14.37 -17.79
N GLN D 243 -23.37 13.74 -18.54
CA GLN D 243 -23.62 13.43 -19.93
C GLN D 243 -24.75 12.44 -20.10
N ALA D 244 -24.73 11.38 -19.30
CA ALA D 244 -25.75 10.33 -19.37
C ALA D 244 -27.12 10.94 -19.15
N ILE D 245 -27.26 11.68 -18.07
CA ILE D 245 -28.50 12.38 -17.78
C ILE D 245 -28.88 13.36 -18.88
N ASP D 246 -27.95 14.23 -19.24
CA ASP D 246 -28.23 15.15 -20.31
C ASP D 246 -28.75 14.40 -21.54
N GLN D 247 -28.26 13.19 -21.77
CA GLN D 247 -28.65 12.44 -22.94
C GLN D 247 -29.85 11.50 -22.74
N GLY D 248 -30.54 11.67 -21.61
CA GLY D 248 -31.81 10.99 -21.40
C GLY D 248 -31.83 9.77 -20.49
N ALA D 249 -30.72 9.48 -19.81
CA ALA D 249 -30.75 8.38 -18.86
C ALA D 249 -31.69 8.71 -17.71
N SER D 250 -32.29 7.71 -17.07
CA SER D 250 -33.24 7.98 -16.00
C SER D 250 -32.62 7.81 -14.62
N GLY D 251 -31.41 7.31 -14.57
CA GLY D 251 -30.69 7.22 -13.33
C GLY D 251 -29.26 6.82 -13.60
N VAL D 252 -28.44 6.89 -12.57
CA VAL D 252 -27.08 6.43 -12.71
C VAL D 252 -26.77 5.56 -11.52
N ASP D 253 -25.98 4.54 -11.77
CA ASP D 253 -25.44 3.82 -10.67
C ASP D 253 -23.95 3.93 -10.78
N MET D 254 -23.35 4.66 -9.86
CA MET D 254 -21.91 4.69 -9.73
C MET D 254 -21.57 3.69 -8.66
N GLY D 255 -21.03 2.56 -9.06
CA GLY D 255 -20.69 1.60 -8.03
C GLY D 255 -19.34 2.03 -7.51
N ARG D 256 -18.32 1.52 -8.21
CA ARG D 256 -16.94 1.66 -7.76
C ARG D 256 -16.66 3.13 -7.53
N ASN D 257 -17.18 3.92 -8.45
CA ASN D 257 -16.94 5.33 -8.42
C ASN D 257 -17.44 5.98 -7.18
N ILE D 258 -18.18 5.25 -6.37
CA ILE D 258 -18.63 5.78 -5.12
C ILE D 258 -17.99 5.10 -3.94
N PHE D 259 -18.24 3.81 -3.76
CA PHE D 259 -17.77 3.14 -2.56
C PHE D 259 -16.27 3.14 -2.48
N GLN D 260 -15.63 3.27 -3.64
CA GLN D 260 -14.18 3.34 -3.70
C GLN D 260 -13.57 4.74 -3.54
N SER D 261 -14.34 5.78 -3.82
CA SER D 261 -13.82 7.12 -3.62
C SER D 261 -13.39 7.32 -2.17
N ASP D 262 -12.39 8.15 -1.95
CA ASP D 262 -11.98 8.44 -0.59
C ASP D 262 -13.04 9.25 0.15
N HIS D 263 -13.89 9.95 -0.61
CA HIS D 263 -14.93 10.75 -0.01
C HIS D 263 -16.29 10.38 -0.58
N PRO D 264 -16.80 9.21 -0.20
CA PRO D 264 -18.02 8.66 -0.75
C PRO D 264 -19.22 9.58 -0.63
N VAL D 265 -19.57 9.97 0.59
CA VAL D 265 -20.77 10.73 0.81
C VAL D 265 -20.72 11.98 -0.04
N ALA D 266 -19.58 12.62 -0.07
CA ALA D 266 -19.45 13.82 -0.87
C ALA D 266 -19.79 13.48 -2.32
N MET D 267 -19.27 12.37 -2.82
CA MET D 267 -19.52 12.00 -4.19
C MET D 267 -21.03 11.88 -4.45
N MET D 268 -21.75 11.22 -3.54
CA MET D 268 -23.16 10.97 -3.73
C MET D 268 -23.94 12.27 -3.85
N LYS D 269 -23.63 13.23 -3.00
CA LYS D 269 -24.29 14.51 -3.09
C LYS D 269 -23.98 15.15 -4.42
N ALA D 270 -22.78 14.93 -4.91
CA ALA D 270 -22.41 15.42 -6.23
C ALA D 270 -23.37 14.80 -7.21
N VAL D 271 -23.49 13.48 -7.17
CA VAL D 271 -24.32 12.77 -8.11
C VAL D 271 -25.78 13.18 -7.97
N GLN D 272 -26.26 13.32 -6.74
CA GLN D 272 -27.63 13.76 -6.53
C GLN D 272 -27.85 15.04 -7.28
N ALA D 273 -26.89 15.94 -7.18
CA ALA D 273 -27.01 17.25 -7.80
C ALA D 273 -27.13 17.11 -9.29
N VAL D 274 -26.21 16.38 -9.91
CA VAL D 274 -26.27 16.24 -11.35
C VAL D 274 -27.61 15.63 -11.77
N VAL D 275 -27.97 14.54 -11.10
CA VAL D 275 -29.12 13.76 -11.50
C VAL D 275 -30.45 14.46 -11.27
N HIS D 276 -30.76 14.76 -10.02
CA HIS D 276 -32.05 15.30 -9.70
C HIS D 276 -32.12 16.80 -9.93
N HIS D 277 -31.07 17.52 -9.58
CA HIS D 277 -31.15 18.96 -9.53
C HIS D 277 -30.59 19.66 -10.74
N ASN D 278 -29.97 18.92 -11.64
CA ASN D 278 -29.49 19.57 -12.85
C ASN D 278 -28.16 20.31 -12.79
N GLU D 279 -27.48 20.27 -11.65
CA GLU D 279 -26.24 21.00 -11.57
C GLU D 279 -25.36 20.58 -12.74
N THR D 280 -24.53 21.52 -13.20
CA THR D 280 -23.61 21.25 -14.26
C THR D 280 -22.45 20.50 -13.63
N ALA D 281 -21.72 19.73 -14.44
CA ALA D 281 -20.64 18.91 -13.91
C ALA D 281 -19.75 19.69 -12.94
N ASP D 282 -19.29 20.87 -13.37
CA ASP D 282 -18.37 21.67 -12.59
C ASP D 282 -18.89 22.05 -11.22
N ARG D 283 -20.06 22.66 -11.16
CA ARG D 283 -20.62 22.98 -9.87
C ARG D 283 -20.68 21.72 -9.04
N ALA D 284 -21.20 20.66 -9.66
CA ALA D 284 -21.31 19.41 -9.00
C ALA D 284 -19.98 19.09 -8.34
N TYR D 285 -18.94 18.98 -9.15
CA TYR D 285 -17.64 18.63 -8.63
C TYR D 285 -17.30 19.51 -7.44
N GLU D 286 -17.59 20.80 -7.57
CA GLU D 286 -17.22 21.76 -6.56
C GLU D 286 -17.85 21.51 -5.21
N LEU D 287 -19.15 21.28 -5.18
CA LEU D 287 -19.73 20.84 -3.92
C LEU D 287 -19.15 19.46 -3.56
N TYR D 288 -18.61 18.74 -4.56
CA TYR D 288 -17.91 17.50 -4.26
C TYR D 288 -16.82 17.83 -3.24
N LEU D 289 -15.94 18.72 -3.65
CA LEU D 289 -14.85 19.21 -2.82
C LEU D 289 -15.34 19.94 -1.58
N SER D 290 -16.39 20.73 -1.78
CA SER D 290 -17.10 21.39 -0.70
C SER D 290 -17.38 20.39 0.43
N GLU D 291 -17.98 19.25 0.08
CA GLU D 291 -18.47 18.27 1.07
C GLU D 291 -17.39 17.39 1.77
N LYS D 292 -16.16 17.37 1.25
CA LYS D 292 -15.02 16.74 1.94
C LYS D 292 -14.74 17.39 3.32
N GLY E 12 -68.09 -51.30 36.27
CA GLY E 12 -67.73 -52.65 35.74
C GLY E 12 -66.72 -52.62 34.59
N LYS E 13 -65.89 -51.59 34.58
CA LYS E 13 -64.86 -51.42 33.55
C LYS E 13 -63.47 -51.68 34.13
N ASP E 14 -62.60 -52.33 33.38
CA ASP E 14 -61.23 -52.56 33.85
C ASP E 14 -60.12 -51.89 33.03
N PHE E 15 -59.45 -50.89 33.61
CA PHE E 15 -58.36 -50.19 32.92
C PHE E 15 -57.02 -50.79 33.24
N ARG E 16 -57.01 -51.83 34.05
CA ARG E 16 -55.78 -52.52 34.32
C ARG E 16 -54.71 -51.50 34.68
N THR E 17 -54.97 -50.68 35.68
CA THR E 17 -54.02 -49.65 36.08
C THR E 17 -52.75 -50.22 36.63
N ASP E 18 -52.82 -51.43 37.13
CA ASP E 18 -51.67 -52.05 37.76
C ASP E 18 -50.65 -52.41 36.69
N GLN E 19 -51.11 -52.44 35.45
CA GLN E 19 -50.29 -52.86 34.33
C GLN E 19 -50.16 -51.72 33.32
N PRO E 20 -48.96 -51.15 33.20
CA PRO E 20 -48.75 -49.96 32.42
C PRO E 20 -48.42 -50.26 30.96
N GLN E 21 -49.04 -49.54 30.05
CA GLN E 21 -48.81 -49.74 28.62
C GLN E 21 -47.34 -49.62 28.25
N LYS E 22 -46.87 -50.53 27.41
CA LYS E 22 -45.46 -50.59 27.04
C LYS E 22 -45.35 -50.70 25.52
N ASN E 23 -44.29 -50.12 24.97
CA ASN E 23 -44.12 -50.08 23.53
C ASN E 23 -43.43 -51.29 22.98
N ILE E 24 -44.06 -51.95 22.00
CA ILE E 24 -43.38 -53.05 21.32
C ILE E 24 -42.34 -52.57 20.33
N PRO E 25 -41.09 -52.97 20.56
CA PRO E 25 -40.00 -52.60 19.69
C PRO E 25 -40.18 -53.11 18.27
N PHE E 26 -39.62 -52.35 17.32
CA PHE E 26 -39.60 -52.75 15.94
C PHE E 26 -38.14 -53.07 15.61
N THR E 27 -37.86 -54.34 15.31
CA THR E 27 -36.46 -54.78 15.31
C THR E 27 -35.82 -54.79 13.94
N LEU E 28 -36.62 -54.70 12.89
CA LEU E 28 -36.08 -54.69 11.54
C LEU E 28 -34.92 -53.70 11.42
N LYS E 29 -33.87 -54.11 10.75
CA LYS E 29 -32.61 -53.40 10.84
C LYS E 29 -32.65 -52.01 10.25
N GLY E 30 -32.42 -50.99 11.06
CA GLY E 30 -32.33 -49.62 10.56
C GLY E 30 -33.69 -49.04 10.22
N CYS E 31 -34.74 -49.71 10.65
CA CYS E 31 -36.08 -49.25 10.35
C CYS E 31 -36.85 -48.92 11.63
N GLY E 32 -36.11 -48.59 12.68
CA GLY E 32 -36.74 -48.32 13.97
C GLY E 32 -37.34 -46.92 14.12
N ALA E 33 -37.10 -46.04 13.15
CA ALA E 33 -37.55 -44.68 13.30
C ALA E 33 -38.48 -44.32 12.14
N LEU E 34 -39.34 -45.25 11.72
CA LEU E 34 -40.21 -44.94 10.60
C LEU E 34 -41.63 -44.88 11.05
N ASP E 35 -42.42 -44.12 10.32
CA ASP E 35 -43.82 -43.97 10.61
C ASP E 35 -44.53 -45.31 10.44
N TRP E 36 -45.72 -45.43 11.02
CA TRP E 36 -46.43 -46.71 11.10
C TRP E 36 -46.60 -47.36 9.73
N GLY E 37 -47.08 -46.56 8.77
CA GLY E 37 -47.39 -47.05 7.43
C GLY E 37 -46.14 -47.59 6.76
N MET E 38 -45.05 -46.86 6.89
CA MET E 38 -43.82 -47.34 6.26
C MET E 38 -43.37 -48.65 6.94
N GLN E 39 -43.42 -48.67 8.27
CA GLN E 39 -43.04 -49.88 8.98
C GLN E 39 -43.96 -51.04 8.59
N SER E 40 -45.21 -50.69 8.30
CA SER E 40 -46.17 -51.69 7.90
C SER E 40 -45.82 -52.30 6.55
N ARG E 41 -45.45 -51.46 5.58
CA ARG E 41 -45.11 -51.95 4.26
C ARG E 41 -43.88 -52.85 4.34
N LEU E 42 -42.86 -52.40 5.07
CA LEU E 42 -41.66 -53.19 5.26
C LEU E 42 -41.97 -54.52 5.94
N SER E 43 -42.92 -54.51 6.87
CA SER E 43 -43.28 -55.72 7.58
C SER E 43 -43.95 -56.72 6.67
N ARG E 44 -44.59 -56.23 5.61
CA ARG E 44 -45.16 -57.13 4.61
C ARG E 44 -44.06 -57.84 3.87
N ILE E 45 -43.00 -57.11 3.56
CA ILE E 45 -41.90 -57.66 2.82
C ILE E 45 -41.04 -58.58 3.67
N PHE E 46 -40.55 -58.07 4.80
CA PHE E 46 -39.68 -58.84 5.66
C PHE E 46 -40.48 -59.44 6.78
N ASN E 47 -40.47 -60.76 6.89
CA ASN E 47 -41.16 -61.42 7.96
C ASN E 47 -40.74 -60.91 9.36
N PRO E 48 -41.70 -60.46 10.17
CA PRO E 48 -41.43 -59.92 11.49
C PRO E 48 -40.78 -60.94 12.42
N LYS E 49 -41.23 -62.18 12.34
CA LYS E 49 -40.65 -63.24 13.15
C LYS E 49 -39.17 -63.45 12.81
N THR E 50 -38.86 -63.69 11.54
CA THR E 50 -37.50 -64.02 11.17
C THR E 50 -36.69 -62.83 10.68
N GLY E 51 -37.38 -61.74 10.37
CA GLY E 51 -36.74 -60.54 9.82
C GLY E 51 -36.11 -60.73 8.45
N LYS E 52 -36.70 -61.61 7.64
CA LYS E 52 -36.15 -61.95 6.33
C LYS E 52 -37.22 -62.15 5.29
N THR E 53 -36.78 -62.19 4.04
CA THR E 53 -37.71 -62.33 2.95
C THR E 53 -37.15 -63.18 1.84
N VAL E 54 -38.04 -63.91 1.17
CA VAL E 54 -37.74 -64.62 -0.05
C VAL E 54 -38.44 -63.88 -1.18
N MET E 55 -37.66 -63.30 -2.07
CA MET E 55 -38.20 -62.46 -3.10
C MET E 55 -38.13 -63.12 -4.47
N LEU E 56 -39.24 -63.15 -5.18
CA LEU E 56 -39.22 -63.65 -6.56
C LEU E 56 -39.26 -62.48 -7.56
N ALA E 57 -38.13 -62.14 -8.13
CA ALA E 57 -38.09 -60.97 -8.98
C ALA E 57 -38.09 -61.36 -10.44
N PHE E 58 -39.02 -60.82 -11.21
CA PHE E 58 -39.06 -61.05 -12.66
C PHE E 58 -39.21 -59.77 -13.50
N ASP E 59 -38.37 -58.77 -13.21
CA ASP E 59 -38.54 -57.46 -13.81
C ASP E 59 -37.62 -57.21 -15.01
N HIS E 60 -36.78 -58.19 -15.30
CA HIS E 60 -35.70 -58.02 -16.28
C HIS E 60 -36.23 -57.61 -17.64
N GLY E 61 -37.48 -57.95 -17.93
CA GLY E 61 -38.04 -57.58 -19.21
C GLY E 61 -37.86 -56.10 -19.42
N TYR E 62 -37.63 -55.37 -18.34
CA TYR E 62 -37.65 -53.93 -18.41
C TYR E 62 -36.63 -53.30 -19.34
N PHE E 63 -35.45 -53.90 -19.46
CA PHE E 63 -34.47 -53.42 -20.41
C PHE E 63 -34.04 -54.57 -21.32
N GLN E 64 -34.57 -55.76 -21.06
CA GLN E 64 -34.08 -56.97 -21.70
C GLN E 64 -35.04 -57.64 -22.65
N GLY E 65 -36.31 -57.26 -22.61
CA GLY E 65 -37.29 -57.90 -23.45
C GLY E 65 -37.56 -59.24 -22.87
N PRO E 66 -38.06 -60.18 -23.69
CA PRO E 66 -38.42 -61.53 -23.24
C PRO E 66 -37.19 -62.40 -22.99
N THR E 67 -36.52 -62.12 -21.89
CA THR E 67 -35.42 -62.97 -21.48
C THR E 67 -35.89 -64.41 -21.28
N THR E 68 -34.94 -65.34 -21.33
CA THR E 68 -35.24 -66.76 -21.19
C THR E 68 -35.86 -67.08 -19.85
N GLY E 69 -36.98 -67.79 -19.88
CA GLY E 69 -37.69 -68.16 -18.66
C GLY E 69 -38.70 -67.11 -18.25
N LEU E 70 -38.59 -65.89 -18.82
CA LEU E 70 -39.58 -64.82 -18.63
C LEU E 70 -40.40 -64.65 -19.89
N GLU E 71 -40.31 -65.61 -20.79
CA GLU E 71 -41.01 -65.49 -22.07
C GLU E 71 -42.50 -65.31 -21.80
N ARG E 72 -43.04 -66.16 -20.94
CA ARG E 72 -44.44 -66.08 -20.59
C ARG E 72 -44.62 -66.03 -19.07
N ILE E 73 -44.57 -64.84 -18.48
CA ILE E 73 -44.78 -64.73 -17.05
C ILE E 73 -46.06 -65.41 -16.65
N ASP E 74 -47.09 -65.25 -17.48
CA ASP E 74 -48.42 -65.66 -17.10
C ASP E 74 -48.51 -67.14 -16.88
N ILE E 75 -47.65 -67.88 -17.56
CA ILE E 75 -47.70 -69.32 -17.49
C ILE E 75 -46.60 -69.88 -16.63
N ASN E 76 -45.39 -69.51 -16.97
CA ASN E 76 -44.21 -69.93 -16.26
C ASN E 76 -44.14 -69.50 -14.81
N ILE E 77 -44.34 -68.22 -14.58
CA ILE E 77 -44.10 -67.64 -13.27
C ILE E 77 -45.35 -67.59 -12.38
N ALA E 78 -46.52 -67.56 -13.00
CA ALA E 78 -47.78 -67.45 -12.26
C ALA E 78 -47.92 -68.46 -11.14
N PRO E 79 -47.56 -69.73 -11.41
CA PRO E 79 -47.52 -70.82 -10.42
C PRO E 79 -46.58 -70.54 -9.28
N LEU E 80 -45.59 -69.70 -9.52
CA LEU E 80 -44.54 -69.46 -8.55
C LEU E 80 -44.89 -68.49 -7.43
N PHE E 81 -45.90 -67.66 -7.66
CA PHE E 81 -46.16 -66.55 -6.75
C PHE E 81 -46.36 -67.00 -5.32
N GLU E 82 -47.21 -68.01 -5.13
CA GLU E 82 -47.63 -68.34 -3.79
C GLU E 82 -46.45 -68.70 -2.90
N HIS E 83 -45.32 -69.09 -3.48
CA HIS E 83 -44.21 -69.58 -2.64
C HIS E 83 -43.20 -68.50 -2.38
N ALA E 84 -43.56 -67.27 -2.71
CA ALA E 84 -42.69 -66.11 -2.51
C ALA E 84 -43.23 -65.21 -1.40
N ASP E 85 -42.32 -64.55 -0.69
CA ASP E 85 -42.71 -63.60 0.32
C ASP E 85 -43.13 -62.32 -0.36
N VAL E 86 -42.37 -61.94 -1.37
CA VAL E 86 -42.59 -60.70 -2.06
C VAL E 86 -42.30 -60.88 -3.54
N LEU E 87 -43.09 -60.22 -4.39
CA LEU E 87 -42.86 -60.25 -5.83
C LEU E 87 -42.19 -58.96 -6.25
N MET E 88 -41.41 -59.03 -7.32
CA MET E 88 -40.83 -57.83 -7.89
C MET E 88 -40.98 -57.83 -9.40
N CYS E 89 -41.72 -56.87 -9.92
CA CYS E 89 -41.90 -56.80 -11.35
C CYS E 89 -42.16 -55.35 -11.78
N THR E 90 -42.43 -55.16 -13.07
CA THR E 90 -42.74 -53.86 -13.55
C THR E 90 -44.21 -53.66 -13.37
N ARG E 91 -44.62 -52.39 -13.48
CA ARG E 91 -46.02 -52.03 -13.31
C ARG E 91 -46.77 -52.52 -14.55
N GLY E 92 -46.09 -52.54 -15.68
CA GLY E 92 -46.73 -53.03 -16.89
C GLY E 92 -47.12 -54.48 -16.71
N ILE E 93 -46.15 -55.30 -16.32
CA ILE E 93 -46.37 -56.72 -16.14
C ILE E 93 -47.36 -57.02 -15.03
N LEU E 94 -47.18 -56.35 -13.90
CA LEU E 94 -48.11 -56.49 -12.79
C LEU E 94 -49.58 -56.30 -13.20
N ARG E 95 -49.90 -55.20 -13.88
CA ARG E 95 -51.29 -55.01 -14.27
C ARG E 95 -51.77 -56.09 -15.24
N SER E 96 -50.94 -56.47 -16.20
CA SER E 96 -51.42 -57.32 -17.29
C SER E 96 -51.51 -58.77 -16.93
N VAL E 97 -50.54 -59.29 -16.19
CA VAL E 97 -50.48 -60.73 -16.01
C VAL E 97 -50.22 -61.22 -14.62
N VAL E 98 -50.18 -60.33 -13.64
CA VAL E 98 -50.21 -60.78 -12.25
C VAL E 98 -51.60 -60.58 -11.70
N PRO E 99 -52.23 -61.66 -11.27
CA PRO E 99 -53.58 -61.56 -10.72
C PRO E 99 -53.57 -60.82 -9.41
N PRO E 100 -54.39 -59.77 -9.28
CA PRO E 100 -54.49 -59.05 -8.02
C PRO E 100 -54.71 -60.02 -6.84
N ALA E 101 -55.44 -61.13 -7.10
CA ALA E 101 -55.81 -62.08 -6.05
C ALA E 101 -54.60 -62.86 -5.59
N THR E 102 -53.50 -62.68 -6.30
CA THR E 102 -52.26 -63.38 -5.97
C THR E 102 -51.92 -63.06 -4.52
N ASN E 103 -52.52 -61.99 -4.01
CA ASN E 103 -52.37 -61.61 -2.62
C ASN E 103 -50.95 -61.67 -2.03
N ARG E 104 -49.97 -61.26 -2.82
CA ARG E 104 -48.61 -61.19 -2.33
C ARG E 104 -48.06 -59.78 -2.45
N PRO E 105 -47.20 -59.36 -1.50
CA PRO E 105 -46.68 -57.99 -1.49
C PRO E 105 -45.80 -57.77 -2.71
N VAL E 106 -45.88 -56.61 -3.36
CA VAL E 106 -44.99 -56.38 -4.50
C VAL E 106 -44.05 -55.20 -4.30
N VAL E 107 -42.86 -55.34 -4.88
CA VAL E 107 -41.92 -54.26 -4.92
C VAL E 107 -41.84 -53.83 -6.38
N LEU E 108 -42.36 -52.64 -6.69
CA LEU E 108 -42.40 -52.22 -8.08
C LEU E 108 -41.07 -51.73 -8.55
N ARG E 109 -40.66 -52.25 -9.70
CA ARG E 109 -39.45 -51.78 -10.35
C ARG E 109 -39.82 -50.44 -10.95
N ALA E 110 -39.10 -49.38 -10.58
CA ALA E 110 -39.43 -47.99 -10.95
C ALA E 110 -38.32 -47.28 -11.73
N SER E 111 -37.40 -48.02 -12.33
CA SER E 111 -36.38 -47.37 -13.12
C SER E 111 -36.49 -48.06 -14.47
N GLY E 112 -35.94 -47.45 -15.52
CA GLY E 112 -36.01 -48.05 -16.82
C GLY E 112 -35.52 -47.07 -17.86
N ALA E 113 -35.91 -47.27 -19.12
CA ALA E 113 -35.54 -46.38 -20.20
C ALA E 113 -34.17 -46.74 -20.73
N ASN E 114 -33.64 -47.89 -20.33
CA ASN E 114 -32.43 -48.42 -20.97
C ASN E 114 -32.76 -49.66 -21.82
N SER E 115 -31.87 -50.05 -22.72
CA SER E 115 -32.05 -51.30 -23.49
C SER E 115 -30.74 -52.03 -23.39
N ILE E 116 -30.75 -53.31 -23.72
CA ILE E 116 -29.51 -54.05 -23.81
C ILE E 116 -28.79 -53.61 -25.07
N LEU E 117 -29.43 -52.72 -25.85
CA LEU E 117 -28.85 -52.28 -27.11
C LEU E 117 -28.04 -51.02 -26.94
N ALA E 118 -28.07 -50.47 -25.74
CA ALA E 118 -27.41 -49.20 -25.51
C ALA E 118 -26.73 -49.26 -24.15
N GLU E 119 -26.17 -48.13 -23.71
CA GLU E 119 -25.55 -48.09 -22.39
C GLU E 119 -26.52 -48.56 -21.28
N LEU E 120 -26.07 -49.55 -20.54
CA LEU E 120 -26.90 -50.18 -19.52
C LEU E 120 -27.31 -49.21 -18.40
N SER E 121 -26.41 -48.32 -17.99
CA SER E 121 -26.66 -47.46 -16.84
C SER E 121 -27.56 -46.26 -17.14
N ASN E 122 -28.00 -46.14 -18.38
CA ASN E 122 -28.82 -45.01 -18.73
C ASN E 122 -30.30 -45.16 -18.33
N GLU E 123 -30.60 -44.99 -17.05
CA GLU E 123 -31.94 -45.26 -16.55
C GLU E 123 -32.60 -43.98 -16.07
N ALA E 124 -33.92 -43.94 -16.11
CA ALA E 124 -34.65 -42.81 -15.56
C ALA E 124 -35.76 -43.37 -14.67
N VAL E 125 -36.40 -42.52 -13.88
CA VAL E 125 -37.50 -43.02 -13.07
C VAL E 125 -38.63 -43.44 -14.01
N ALA E 126 -39.15 -44.63 -13.79
CA ALA E 126 -40.06 -45.26 -14.76
C ALA E 126 -41.53 -45.28 -14.30
N LEU E 127 -41.81 -44.75 -13.12
CA LEU E 127 -43.21 -44.52 -12.77
C LEU E 127 -43.36 -43.53 -11.59
N SER E 128 -44.50 -42.88 -11.51
CA SER E 128 -44.69 -41.92 -10.46
C SER E 128 -45.05 -42.62 -9.15
N MET E 129 -44.67 -42.02 -8.02
CA MET E 129 -44.98 -42.60 -6.72
C MET E 129 -46.47 -42.71 -6.69
N ASP E 130 -47.09 -41.77 -7.38
CA ASP E 130 -48.54 -41.65 -7.50
C ASP E 130 -49.17 -42.96 -7.96
N ASP E 131 -48.63 -43.52 -9.03
CA ASP E 131 -49.07 -44.82 -9.48
C ASP E 131 -48.63 -45.98 -8.57
N ALA E 132 -47.46 -45.88 -7.98
CA ALA E 132 -46.99 -46.92 -7.10
C ALA E 132 -47.96 -47.09 -5.97
N VAL E 133 -48.41 -45.93 -5.46
CA VAL E 133 -49.37 -45.87 -4.38
C VAL E 133 -50.71 -46.39 -4.88
N ARG E 134 -51.04 -46.03 -6.12
CA ARG E 134 -52.25 -46.53 -6.72
C ARG E 134 -52.28 -48.05 -6.82
N LEU E 135 -51.10 -48.64 -6.92
CA LEU E 135 -50.97 -50.08 -7.13
C LEU E 135 -50.74 -50.79 -5.80
N ASN E 136 -50.87 -50.04 -4.71
CA ASN E 136 -50.67 -50.64 -3.42
C ASN E 136 -49.30 -51.27 -3.24
N SER E 137 -48.24 -50.64 -3.69
CA SER E 137 -46.92 -51.26 -3.58
C SER E 137 -46.45 -51.30 -2.13
N CYS E 138 -45.56 -52.24 -1.82
CA CYS E 138 -44.85 -52.21 -0.56
C CYS E 138 -43.56 -51.42 -0.67
N ALA E 139 -43.07 -51.26 -1.89
CA ALA E 139 -41.87 -50.47 -2.09
C ALA E 139 -41.66 -50.23 -3.54
N VAL E 140 -40.78 -49.29 -3.83
CA VAL E 140 -40.42 -49.02 -5.22
C VAL E 140 -38.93 -49.21 -5.31
N ALA E 141 -38.48 -49.75 -6.45
CA ALA E 141 -37.07 -50.05 -6.65
C ALA E 141 -36.45 -49.37 -7.87
N ALA E 142 -35.20 -48.94 -7.74
CA ALA E 142 -34.47 -48.40 -8.89
C ALA E 142 -33.01 -48.76 -8.75
N GLN E 143 -32.29 -48.70 -9.87
CA GLN E 143 -30.92 -49.21 -9.93
C GLN E 143 -30.01 -48.05 -9.71
N VAL E 144 -28.95 -48.27 -8.96
CA VAL E 144 -27.89 -47.29 -8.91
C VAL E 144 -26.67 -47.91 -9.59
N TYR E 145 -25.89 -47.11 -10.31
CA TYR E 145 -24.77 -47.64 -11.07
C TYR E 145 -23.48 -46.94 -10.75
N ILE E 146 -22.93 -47.15 -9.57
CA ILE E 146 -21.66 -46.53 -9.27
C ILE E 146 -20.64 -46.99 -10.29
N GLY E 147 -19.79 -46.06 -10.73
CA GLY E 147 -18.71 -46.39 -11.62
C GLY E 147 -19.14 -46.45 -13.07
N SER E 148 -20.43 -46.50 -13.33
CA SER E 148 -20.90 -46.50 -14.72
C SER E 148 -21.06 -45.08 -15.23
N GLU E 149 -21.32 -44.96 -16.52
CA GLU E 149 -21.33 -43.66 -17.18
C GLU E 149 -22.41 -42.75 -16.61
N TYR E 150 -23.54 -43.33 -16.24
CA TYR E 150 -24.69 -42.54 -15.80
C TYR E 150 -24.94 -42.68 -14.32
N GLU E 151 -23.85 -42.76 -13.58
CA GLU E 151 -23.94 -43.00 -12.17
C GLU E 151 -24.68 -41.88 -11.46
N HIS E 152 -24.48 -40.66 -11.94
CA HIS E 152 -25.09 -39.48 -11.34
C HIS E 152 -26.60 -39.55 -11.43
N GLN E 153 -27.12 -39.69 -12.64
CA GLN E 153 -28.53 -39.87 -12.85
C GLN E 153 -29.07 -40.99 -12.01
N SER E 154 -28.36 -42.11 -11.96
CA SER E 154 -28.87 -43.24 -11.17
C SER E 154 -29.13 -42.84 -9.69
N ILE E 155 -28.25 -42.06 -9.10
CA ILE E 155 -28.43 -41.74 -7.71
C ILE E 155 -29.56 -40.75 -7.57
N LYS E 156 -29.56 -39.78 -8.48
CA LYS E 156 -30.65 -38.82 -8.52
C LYS E 156 -31.98 -39.57 -8.55
N ASN E 157 -32.00 -40.65 -9.30
CA ASN E 157 -33.21 -41.45 -9.36
C ASN E 157 -33.61 -41.96 -8.00
N ILE E 158 -32.66 -42.52 -7.28
CA ILE E 158 -32.96 -42.98 -5.94
C ILE E 158 -33.45 -41.81 -5.08
N ILE E 159 -32.74 -40.70 -5.19
CA ILE E 159 -33.06 -39.54 -4.37
C ILE E 159 -34.50 -39.14 -4.59
N GLN E 160 -34.85 -39.04 -5.85
CA GLN E 160 -36.16 -38.60 -6.19
C GLN E 160 -37.24 -39.55 -5.64
N LEU E 161 -36.97 -40.83 -5.70
CA LEU E 161 -37.95 -41.78 -5.24
C LEU E 161 -38.13 -41.67 -3.74
N VAL E 162 -37.04 -41.36 -3.04
CA VAL E 162 -37.08 -41.32 -1.60
C VAL E 162 -37.81 -40.06 -1.21
N ASP E 163 -37.58 -38.97 -1.94
CA ASP E 163 -38.30 -37.74 -1.66
C ASP E 163 -39.80 -38.01 -1.74
N ALA E 164 -40.19 -38.76 -2.74
CA ALA E 164 -41.59 -38.97 -2.99
C ALA E 164 -42.11 -39.97 -2.01
N GLY E 165 -41.32 -40.99 -1.71
CA GLY E 165 -41.79 -42.09 -0.87
C GLY E 165 -42.04 -41.61 0.56
N MET E 166 -41.22 -40.66 0.99
CA MET E 166 -41.33 -40.17 2.32
C MET E 166 -42.62 -39.38 2.52
N LYS E 167 -43.11 -38.73 1.47
CA LYS E 167 -44.40 -38.04 1.55
C LYS E 167 -45.49 -39.06 1.83
N VAL E 168 -45.25 -40.28 1.41
CA VAL E 168 -46.37 -41.16 1.25
C VAL E 168 -46.26 -42.51 2.00
N GLY E 169 -45.12 -42.73 2.67
CA GLY E 169 -44.89 -43.96 3.43
C GLY E 169 -44.33 -45.12 2.63
N MET E 170 -43.76 -44.82 1.46
CA MET E 170 -43.31 -45.85 0.54
C MET E 170 -41.82 -46.03 0.67
N PRO E 171 -41.37 -47.20 1.11
CA PRO E 171 -39.94 -47.50 1.19
C PRO E 171 -39.31 -47.57 -0.19
N THR E 172 -38.02 -47.27 -0.27
CA THR E 172 -37.32 -47.36 -1.55
C THR E 172 -36.20 -48.35 -1.50
N MET E 173 -36.15 -49.21 -2.52
CA MET E 173 -35.09 -50.18 -2.67
C MET E 173 -34.15 -49.71 -3.75
N ALA E 174 -32.87 -49.63 -3.40
CA ALA E 174 -31.82 -49.34 -4.35
C ALA E 174 -31.12 -50.65 -4.69
N VAL E 175 -31.02 -50.95 -5.98
CA VAL E 175 -30.28 -52.11 -6.46
C VAL E 175 -29.00 -51.69 -7.13
N THR E 176 -27.90 -52.35 -6.79
CA THR E 176 -26.61 -51.95 -7.30
C THR E 176 -26.27 -52.66 -8.59
N GLY E 177 -26.30 -51.96 -9.72
CA GLY E 177 -26.00 -52.59 -11.00
C GLY E 177 -24.54 -52.36 -11.37
N VAL E 178 -23.93 -53.26 -12.13
CA VAL E 178 -22.47 -53.20 -12.32
C VAL E 178 -21.90 -53.18 -13.74
N ARG E 184 -15.74 -55.88 -9.13
CA ARG E 184 -16.92 -56.61 -8.68
C ARG E 184 -16.70 -57.27 -7.32
N ASP E 185 -15.96 -56.57 -6.45
CA ASP E 185 -15.46 -57.11 -5.17
C ASP E 185 -16.08 -56.38 -4.00
N GLN E 186 -15.71 -56.78 -2.79
CA GLN E 186 -16.35 -56.21 -1.61
C GLN E 186 -16.21 -54.71 -1.54
N ARG E 187 -14.98 -54.23 -1.63
CA ARG E 187 -14.75 -52.81 -1.42
C ARG E 187 -15.74 -52.06 -2.30
N TYR E 188 -15.93 -52.55 -3.52
CA TYR E 188 -16.84 -51.94 -4.45
C TYR E 188 -18.30 -51.95 -3.98
N PHE E 189 -18.84 -53.12 -3.67
CA PHE E 189 -20.22 -53.15 -3.24
C PHE E 189 -20.43 -52.39 -1.95
N SER E 190 -19.37 -52.27 -1.17
CA SER E 190 -19.49 -51.49 0.03
C SER E 190 -19.81 -50.05 -0.30
N LEU E 191 -19.01 -49.49 -1.22
CA LEU E 191 -19.20 -48.14 -1.68
C LEU E 191 -20.62 -47.98 -2.22
N ALA E 192 -20.99 -48.84 -3.15
CA ALA E 192 -22.27 -48.73 -3.79
C ALA E 192 -23.42 -48.85 -2.81
N THR E 193 -23.43 -49.90 -1.99
CA THR E 193 -24.54 -50.11 -1.06
C THR E 193 -24.67 -48.96 -0.10
N ARG E 194 -23.53 -48.55 0.43
CA ARG E 194 -23.50 -47.54 1.46
C ARG E 194 -23.99 -46.18 0.97
N ILE E 195 -23.57 -45.78 -0.24
CA ILE E 195 -24.01 -44.53 -0.81
C ILE E 195 -25.51 -44.52 -1.01
N ALA E 196 -26.03 -45.63 -1.54
CA ALA E 196 -27.45 -45.74 -1.77
C ALA E 196 -28.17 -45.61 -0.43
N ALA E 197 -27.69 -46.38 0.57
CA ALA E 197 -28.35 -46.41 1.87
C ALA E 197 -28.37 -45.01 2.48
N GLU E 198 -27.24 -44.36 2.32
CA GLU E 198 -26.96 -43.09 2.89
C GLU E 198 -27.88 -42.07 2.24
N MET E 199 -28.05 -42.17 0.92
CA MET E 199 -28.94 -41.25 0.21
C MET E 199 -30.32 -41.36 0.80
N GLY E 200 -30.70 -42.55 1.28
CA GLY E 200 -31.98 -42.71 1.93
C GLY E 200 -32.75 -44.00 1.65
N ALA E 201 -32.18 -44.88 0.83
CA ALA E 201 -32.89 -46.10 0.47
C ALA E 201 -33.05 -46.97 1.71
N GLN E 202 -34.25 -47.52 1.89
CA GLN E 202 -34.55 -48.33 3.06
C GLN E 202 -34.15 -49.75 2.84
N ILE E 203 -34.17 -50.21 1.60
CA ILE E 203 -33.72 -51.56 1.30
C ILE E 203 -32.63 -51.53 0.25
N ILE E 204 -31.60 -52.32 0.43
CA ILE E 204 -30.55 -52.38 -0.56
C ILE E 204 -30.53 -53.77 -1.13
N LYS E 205 -30.44 -53.87 -2.45
CA LYS E 205 -30.32 -55.17 -3.04
C LYS E 205 -29.03 -55.25 -3.80
N THR E 206 -28.32 -56.35 -3.60
CA THR E 206 -26.99 -56.42 -4.13
C THR E 206 -26.54 -57.85 -4.33
N TYR E 207 -25.30 -58.00 -4.75
CA TYR E 207 -24.78 -59.30 -5.09
C TYR E 207 -23.94 -59.90 -3.96
N TYR E 208 -23.91 -61.24 -3.90
CA TYR E 208 -23.10 -61.90 -2.91
C TYR E 208 -21.65 -61.93 -3.32
N VAL E 209 -20.77 -61.91 -2.34
CA VAL E 209 -19.35 -61.85 -2.59
C VAL E 209 -18.62 -62.91 -1.76
N GLU E 210 -17.75 -63.68 -2.41
CA GLU E 210 -17.14 -64.80 -1.73
C GLU E 210 -16.22 -64.37 -0.63
N LYS E 211 -15.59 -63.21 -0.79
CA LYS E 211 -14.75 -62.69 0.26
C LYS E 211 -15.28 -61.36 0.74
N GLY E 212 -15.63 -61.28 2.02
CA GLY E 212 -15.87 -59.99 2.64
C GLY E 212 -17.30 -59.51 2.66
N PHE E 213 -18.24 -60.41 2.36
CA PHE E 213 -19.62 -60.03 2.35
C PHE E 213 -20.03 -59.43 3.68
N GLU E 214 -19.43 -59.94 4.74
CA GLU E 214 -19.75 -59.49 6.09
C GLU E 214 -19.55 -57.99 6.24
N ARG E 215 -18.49 -57.47 5.63
CA ARG E 215 -18.19 -56.06 5.71
C ARG E 215 -19.29 -55.28 5.00
N ILE E 216 -19.81 -55.86 3.93
CA ILE E 216 -20.83 -55.19 3.16
C ILE E 216 -22.07 -55.04 4.01
N VAL E 217 -22.50 -56.13 4.61
CA VAL E 217 -23.66 -56.13 5.47
C VAL E 217 -23.43 -55.20 6.65
N ALA E 218 -22.29 -55.36 7.29
CA ALA E 218 -21.99 -54.61 8.51
C ALA E 218 -22.00 -53.13 8.23
N GLY E 219 -21.51 -52.78 7.04
CA GLY E 219 -21.42 -51.40 6.61
C GLY E 219 -22.73 -50.77 6.17
N CYS E 220 -23.72 -51.62 5.89
CA CYS E 220 -25.04 -51.15 5.48
C CYS E 220 -25.97 -51.03 6.69
N PRO E 221 -26.59 -49.85 6.89
CA PRO E 221 -27.42 -49.67 8.08
C PRO E 221 -28.86 -50.15 7.89
N VAL E 222 -29.15 -50.70 6.71
CA VAL E 222 -30.52 -51.10 6.39
C VAL E 222 -30.47 -52.46 5.76
N PRO E 223 -31.64 -53.10 5.67
CA PRO E 223 -31.67 -54.48 5.20
C PRO E 223 -31.05 -54.65 3.83
N ILE E 224 -30.38 -55.77 3.67
CA ILE E 224 -29.79 -56.12 2.40
C ILE E 224 -30.39 -57.42 1.87
N VAL E 225 -30.72 -57.38 0.59
CA VAL E 225 -31.19 -58.54 -0.11
C VAL E 225 -30.21 -58.81 -1.23
N ILE E 226 -29.97 -60.09 -1.54
CA ILE E 226 -29.01 -60.41 -2.57
C ILE E 226 -29.69 -60.94 -3.78
N ALA E 227 -29.19 -60.55 -4.94
CA ALA E 227 -29.68 -61.06 -6.21
C ALA E 227 -28.88 -62.30 -6.53
N GLY E 228 -29.50 -63.24 -7.22
CA GLY E 228 -28.85 -64.50 -7.57
C GLY E 228 -27.78 -64.39 -8.64
N GLY E 229 -28.03 -63.60 -9.67
CA GLY E 229 -27.07 -63.50 -10.77
C GLY E 229 -27.36 -64.61 -11.76
N LYS E 230 -26.37 -64.98 -12.56
CA LYS E 230 -26.54 -66.02 -13.58
C LYS E 230 -26.90 -67.35 -12.95
N LYS E 231 -27.62 -68.18 -13.71
CA LYS E 231 -28.07 -69.49 -13.24
C LYS E 231 -26.90 -70.38 -12.85
N LEU E 232 -27.05 -71.06 -11.73
CA LEU E 232 -26.06 -71.97 -11.27
C LEU E 232 -26.80 -73.26 -11.04
N PRO E 233 -26.06 -74.34 -10.88
CA PRO E 233 -26.64 -75.58 -10.41
C PRO E 233 -27.23 -75.32 -9.02
N GLU E 234 -28.39 -75.88 -8.74
CA GLU E 234 -29.09 -75.59 -7.51
C GLU E 234 -28.21 -75.74 -6.29
N ARG E 235 -27.52 -76.87 -6.20
CA ARG E 235 -26.71 -77.11 -5.04
C ARG E 235 -25.88 -75.85 -4.76
N GLU E 236 -25.31 -75.27 -5.82
CA GLU E 236 -24.43 -74.13 -5.65
C GLU E 236 -25.17 -72.84 -5.29
N ALA E 237 -26.35 -72.65 -5.87
CA ALA E 237 -27.18 -71.49 -5.53
C ALA E 237 -27.59 -71.55 -4.08
N LEU E 238 -28.04 -72.71 -3.64
CA LEU E 238 -28.42 -72.89 -2.26
C LEU E 238 -27.26 -72.55 -1.34
N GLU E 239 -26.07 -73.03 -1.66
CA GLU E 239 -24.93 -72.76 -0.81
C GLU E 239 -24.72 -71.25 -0.72
N MET E 240 -24.87 -70.58 -1.85
CA MET E 240 -24.80 -69.11 -1.88
C MET E 240 -25.84 -68.49 -0.97
N CYS E 241 -27.07 -68.96 -1.09
CA CYS E 241 -28.11 -68.50 -0.21
C CYS E 241 -27.67 -68.69 1.20
N TRP E 242 -27.32 -69.92 1.52
CA TRP E 242 -27.02 -70.25 2.89
C TRP E 242 -25.95 -69.31 3.41
N GLN E 243 -24.95 -69.06 2.59
CA GLN E 243 -23.83 -68.23 2.97
C GLN E 243 -24.26 -66.81 3.18
N ALA E 244 -25.06 -66.29 2.25
CA ALA E 244 -25.52 -64.92 2.35
C ALA E 244 -26.28 -64.71 3.66
N ILE E 245 -27.27 -65.56 3.92
CA ILE E 245 -28.02 -65.49 5.16
C ILE E 245 -27.11 -65.62 6.35
N ASP E 246 -26.26 -66.63 6.34
CA ASP E 246 -25.35 -66.88 7.45
C ASP E 246 -24.51 -65.62 7.71
N GLN E 247 -24.22 -64.89 6.66
CA GLN E 247 -23.41 -63.71 6.80
C GLN E 247 -24.22 -62.41 6.97
N GLY E 248 -25.51 -62.53 7.26
CA GLY E 248 -26.28 -61.38 7.70
C GLY E 248 -27.19 -60.71 6.69
N ALA E 249 -27.37 -61.32 5.54
CA ALA E 249 -28.34 -60.84 4.57
C ALA E 249 -29.76 -61.00 5.12
N SER E 250 -30.67 -60.13 4.69
CA SER E 250 -32.05 -60.15 5.22
C SER E 250 -33.02 -60.83 4.27
N GLY E 251 -32.54 -61.17 3.09
CA GLY E 251 -33.38 -61.86 2.15
C GLY E 251 -32.54 -62.22 0.96
N VAL E 252 -33.07 -63.12 0.14
CA VAL E 252 -32.40 -63.45 -1.09
C VAL E 252 -33.42 -63.33 -2.20
N ASP E 253 -32.93 -62.90 -3.36
CA ASP E 253 -33.72 -63.00 -4.56
C ASP E 253 -32.94 -63.88 -5.53
N MET E 254 -33.46 -65.06 -5.77
CA MET E 254 -32.94 -65.90 -6.83
C MET E 254 -33.84 -65.69 -8.01
N GLY E 255 -33.39 -64.95 -9.00
CA GLY E 255 -34.23 -64.78 -10.15
C GLY E 255 -34.02 -66.02 -10.99
N ARG E 256 -33.03 -65.92 -11.88
CA ARG E 256 -32.81 -66.94 -12.86
C ARG E 256 -32.77 -68.28 -12.17
N ASN E 257 -32.13 -68.28 -11.01
CA ASN E 257 -31.86 -69.51 -10.33
C ASN E 257 -33.13 -70.19 -9.91
N ILE E 258 -34.24 -69.51 -10.09
CA ILE E 258 -35.53 -70.10 -9.78
C ILE E 258 -36.36 -70.35 -11.01
N PHE E 259 -36.75 -69.27 -11.70
CA PHE E 259 -37.67 -69.41 -12.83
C PHE E 259 -37.04 -70.26 -13.93
N GLN E 260 -35.71 -70.34 -13.93
CA GLN E 260 -35.00 -71.15 -14.92
C GLN E 260 -34.77 -72.61 -14.51
N SER E 261 -34.76 -72.88 -13.22
CA SER E 261 -34.63 -74.27 -12.80
C SER E 261 -35.74 -75.14 -13.38
N ASP E 262 -35.43 -76.42 -13.60
CA ASP E 262 -36.42 -77.34 -14.17
C ASP E 262 -37.50 -77.60 -13.13
N HIS E 263 -37.13 -77.43 -11.86
CA HIS E 263 -38.05 -77.69 -10.76
C HIS E 263 -38.18 -76.46 -9.84
N PRO E 264 -38.82 -75.39 -10.35
CA PRO E 264 -38.91 -74.11 -9.68
C PRO E 264 -39.46 -74.20 -8.28
N VAL E 265 -40.67 -74.71 -8.13
CA VAL E 265 -41.32 -74.76 -6.83
C VAL E 265 -40.45 -75.45 -5.80
N ALA E 266 -39.84 -76.55 -6.22
CA ALA E 266 -38.98 -77.28 -5.33
C ALA E 266 -37.87 -76.37 -4.85
N MET E 267 -37.31 -75.60 -5.79
CA MET E 267 -36.21 -74.71 -5.48
C MET E 267 -36.64 -73.73 -4.39
N MET E 268 -37.80 -73.11 -4.57
CA MET E 268 -38.29 -72.09 -3.65
C MET E 268 -38.42 -72.63 -2.23
N LYS E 269 -38.94 -73.86 -2.10
CA LYS E 269 -39.08 -74.44 -0.77
C LYS E 269 -37.70 -74.63 -0.20
N ALA E 270 -36.74 -74.94 -1.06
CA ALA E 270 -35.37 -75.07 -0.64
C ALA E 270 -34.93 -73.76 -0.04
N VAL E 271 -35.15 -72.70 -0.80
CA VAL E 271 -34.74 -71.36 -0.41
C VAL E 271 -35.48 -70.94 0.85
N GLN E 272 -36.77 -71.23 0.90
CA GLN E 272 -37.55 -70.88 2.09
C GLN E 272 -36.83 -71.45 3.28
N ALA E 273 -36.43 -72.71 3.13
CA ALA E 273 -35.84 -73.44 4.24
C ALA E 273 -34.56 -72.77 4.69
N VAL E 274 -33.67 -72.50 3.77
CA VAL E 274 -32.42 -71.87 4.14
C VAL E 274 -32.70 -70.54 4.82
N VAL E 275 -33.55 -69.74 4.20
CA VAL E 275 -33.76 -68.38 4.66
C VAL E 275 -34.47 -68.29 6.00
N HIS E 276 -35.72 -68.76 6.02
CA HIS E 276 -36.54 -68.60 7.20
C HIS E 276 -36.26 -69.62 8.28
N HIS E 277 -36.02 -70.85 7.87
CA HIS E 277 -35.96 -71.95 8.82
C HIS E 277 -34.56 -72.41 9.18
N ASN E 278 -33.55 -71.90 8.51
CA ASN E 278 -32.21 -72.18 8.97
C ASN E 278 -31.60 -73.45 8.48
N GLU E 279 -32.34 -74.20 7.67
CA GLU E 279 -31.79 -75.45 7.19
C GLU E 279 -30.41 -75.20 6.61
N THR E 280 -29.55 -76.19 6.77
CA THR E 280 -28.22 -76.16 6.25
C THR E 280 -28.33 -76.40 4.76
N ALA E 281 -27.34 -75.99 3.99
CA ALA E 281 -27.42 -76.11 2.55
C ALA E 281 -27.82 -77.50 2.11
N ASP E 282 -27.14 -78.51 2.66
CA ASP E 282 -27.37 -79.90 2.25
C ASP E 282 -28.80 -80.36 2.47
N ARG E 283 -29.30 -80.24 3.70
CA ARG E 283 -30.68 -80.60 3.94
C ARG E 283 -31.53 -79.90 2.92
N ALA E 284 -31.30 -78.60 2.80
CA ALA E 284 -32.06 -77.77 1.90
C ALA E 284 -32.12 -78.44 0.54
N TYR E 285 -30.93 -78.69 -0.02
CA TYR E 285 -30.86 -79.32 -1.32
C TYR E 285 -31.68 -80.60 -1.37
N GLU E 286 -31.58 -81.37 -0.29
CA GLU E 286 -32.23 -82.66 -0.23
C GLU E 286 -33.73 -82.58 -0.34
N LEU E 287 -34.36 -81.69 0.42
CA LEU E 287 -35.79 -81.47 0.21
C LEU E 287 -35.99 -80.85 -1.19
N TYR E 288 -34.94 -80.25 -1.75
CA TYR E 288 -34.99 -79.79 -3.13
C TYR E 288 -35.38 -80.98 -4.00
N LEU E 289 -34.54 -82.02 -3.94
CA LEU E 289 -34.76 -83.29 -4.64
C LEU E 289 -36.00 -84.03 -4.18
N SER E 290 -36.22 -84.00 -2.88
CA SER E 290 -37.47 -84.47 -2.28
C SER E 290 -38.68 -83.93 -3.08
N GLU E 291 -38.72 -82.60 -3.27
CA GLU E 291 -39.89 -81.90 -3.82
C GLU E 291 -40.10 -82.00 -5.36
N LYS E 292 -39.08 -82.40 -6.10
CA LYS E 292 -39.27 -82.81 -7.51
C LYS E 292 -40.33 -83.94 -7.66
N GLY F 12 -22.62 57.78 36.47
CA GLY F 12 -22.00 59.00 35.89
C GLY F 12 -20.72 58.71 35.10
N LYS F 13 -20.62 57.51 34.56
CA LYS F 13 -19.47 57.09 33.78
C LYS F 13 -19.87 57.01 32.32
N ASP F 14 -18.97 57.40 31.41
CA ASP F 14 -19.26 57.29 29.97
C ASP F 14 -18.32 56.37 29.18
N PHE F 15 -18.85 55.26 28.68
CA PHE F 15 -18.04 54.33 27.92
C PHE F 15 -18.12 54.60 26.43
N ARG F 16 -18.89 55.61 26.07
CA ARG F 16 -18.99 55.97 24.67
C ARG F 16 -19.24 54.73 23.82
N THR F 17 -20.30 53.99 24.13
CA THR F 17 -20.62 52.77 23.42
C THR F 17 -20.97 53.02 21.98
N ASP F 18 -21.42 54.22 21.69
CA ASP F 18 -21.85 54.51 20.33
C ASP F 18 -20.63 54.63 19.43
N GLN F 19 -19.46 54.72 20.04
CA GLN F 19 -18.22 54.94 19.29
C GLN F 19 -17.22 53.84 19.57
N PRO F 20 -16.98 52.98 18.58
CA PRO F 20 -16.21 51.75 18.78
C PRO F 20 -14.71 51.97 18.59
N GLN F 21 -13.92 51.36 19.47
CA GLN F 21 -12.48 51.50 19.44
C GLN F 21 -11.94 51.00 18.11
N LYS F 22 -11.01 51.77 17.56
CA LYS F 22 -10.47 51.49 16.23
C LYS F 22 -8.95 51.57 16.27
N ASN F 23 -8.30 50.74 15.49
CA ASN F 23 -6.84 50.64 15.55
C ASN F 23 -6.14 51.66 14.68
N ILE F 24 -5.22 52.42 15.28
CA ILE F 24 -4.39 53.31 14.47
C ILE F 24 -3.32 52.56 13.67
N PRO F 25 -3.35 52.70 12.35
CA PRO F 25 -2.36 52.06 11.50
C PRO F 25 -0.96 52.59 11.75
N PHE F 26 0.02 51.72 11.56
CA PHE F 26 1.42 52.09 11.63
C PHE F 26 1.94 52.08 10.20
N THR F 27 2.29 53.23 9.68
CA THR F 27 2.53 53.29 8.22
C THR F 27 3.97 53.09 7.79
N LEU F 28 4.91 53.19 8.73
CA LEU F 28 6.32 53.04 8.41
C LEU F 28 6.53 51.81 7.54
N LYS F 29 7.31 51.98 6.49
CA LYS F 29 7.41 50.96 5.48
C LYS F 29 7.97 49.60 5.94
N GLY F 30 7.13 48.58 5.88
CA GLY F 30 7.56 47.24 6.17
C GLY F 30 7.71 47.01 7.66
N CYS F 31 7.20 47.93 8.46
CA CYS F 31 7.29 47.78 9.88
C CYS F 31 5.93 47.68 10.52
N GLY F 32 4.97 47.16 9.76
CA GLY F 32 3.58 47.08 10.24
C GLY F 32 3.32 45.90 11.14
N ALA F 33 4.27 44.97 11.24
CA ALA F 33 4.04 43.73 11.96
C ALA F 33 5.02 43.55 13.10
N LEU F 34 5.38 44.66 13.75
CA LEU F 34 6.34 44.55 14.83
C LEU F 34 5.66 44.85 16.13
N ASP F 35 6.26 44.35 17.20
CA ASP F 35 5.77 44.57 18.53
C ASP F 35 5.88 46.06 18.92
N TRP F 36 5.11 46.47 19.93
CA TRP F 36 5.02 47.86 20.29
C TRP F 36 6.39 48.51 20.51
N GLY F 37 7.22 47.87 21.35
CA GLY F 37 8.54 48.40 21.69
C GLY F 37 9.38 48.60 20.45
N MET F 38 9.36 47.64 19.53
CA MET F 38 10.18 47.80 18.35
C MET F 38 9.64 48.92 17.47
N GLN F 39 8.31 48.99 17.36
CA GLN F 39 7.69 50.08 16.59
C GLN F 39 8.00 51.42 17.24
N SER F 40 8.12 51.39 18.56
CA SER F 40 8.45 52.58 19.30
C SER F 40 9.85 53.04 18.98
N ARG F 41 10.80 52.11 18.96
CA ARG F 41 12.16 52.54 18.75
C ARG F 41 12.30 53.12 17.35
N LEU F 42 11.70 52.45 16.39
CA LEU F 42 11.72 52.92 15.02
C LEU F 42 11.07 54.28 14.88
N SER F 43 10.03 54.51 15.67
CA SER F 43 9.33 55.78 15.62
C SER F 43 10.17 56.89 16.17
N ARG F 44 11.09 56.56 17.08
CA ARG F 44 12.08 57.55 17.54
C ARG F 44 12.99 57.95 16.41
N ILE F 45 13.38 56.99 15.60
CA ILE F 45 14.30 57.27 14.50
C ILE F 45 13.60 57.96 13.32
N PHE F 46 12.50 57.38 12.86
CA PHE F 46 11.81 57.91 11.70
C PHE F 46 10.61 58.70 12.15
N ASN F 47 10.55 59.96 11.76
CA ASN F 47 9.45 60.79 12.17
C ASN F 47 8.14 60.20 11.68
N PRO F 48 7.20 60.00 12.60
CA PRO F 48 5.90 59.41 12.29
C PRO F 48 5.10 60.26 11.29
N LYS F 49 5.11 61.59 11.44
CA LYS F 49 4.44 62.48 10.52
C LYS F 49 4.98 62.31 9.10
N THR F 50 6.29 62.46 8.90
CA THR F 50 6.87 62.44 7.58
C THR F 50 7.45 61.09 7.18
N GLY F 51 7.60 60.19 8.16
CA GLY F 51 8.17 58.86 7.89
C GLY F 51 9.62 58.88 7.42
N LYS F 52 10.37 59.88 7.88
CA LYS F 52 11.74 60.06 7.46
C LYS F 52 12.68 60.49 8.57
N THR F 53 13.97 60.42 8.32
CA THR F 53 14.92 60.77 9.33
C THR F 53 16.14 61.49 8.74
N VAL F 54 16.71 62.38 9.54
CA VAL F 54 17.99 62.97 9.24
C VAL F 54 19.00 62.44 10.23
N MET F 55 19.98 61.70 9.74
CA MET F 55 20.86 61.00 10.64
C MET F 55 22.23 61.62 10.63
N LEU F 56 22.80 61.91 11.79
CA LEU F 56 24.19 62.37 11.84
C LEU F 56 25.13 61.25 12.29
N ALA F 57 25.83 60.62 11.36
CA ALA F 57 26.64 59.47 11.70
C ALA F 57 28.11 59.83 11.81
N PHE F 58 28.72 59.56 12.94
CA PHE F 58 30.15 59.77 13.10
C PHE F 58 30.88 58.55 13.66
N ASP F 59 30.66 57.38 13.07
CA ASP F 59 31.19 56.13 13.61
C ASP F 59 32.49 55.66 12.93
N HIS F 60 32.95 56.42 11.94
CA HIS F 60 34.05 55.98 11.11
C HIS F 60 35.34 55.73 11.90
N GLY F 61 35.46 56.31 13.09
CA GLY F 61 36.63 56.07 13.93
C GLY F 61 36.80 54.58 14.15
N TYR F 62 35.73 53.83 13.92
CA TYR F 62 35.73 52.43 14.29
C TYR F 62 36.76 51.58 13.59
N PHE F 63 37.01 51.85 12.31
CA PHE F 63 38.09 51.16 11.60
C PHE F 63 39.12 52.15 11.07
N GLN F 64 38.84 53.45 11.24
CA GLN F 64 39.62 54.48 10.58
C GLN F 64 40.47 55.36 11.52
N GLY F 65 40.25 55.28 12.82
CA GLY F 65 40.98 56.17 13.71
C GLY F 65 40.41 57.57 13.54
N PRO F 66 41.19 58.59 13.92
CA PRO F 66 40.75 59.97 13.89
C PRO F 66 40.71 60.50 12.46
N THR F 67 39.68 60.12 11.74
CA THR F 67 39.44 60.66 10.41
C THR F 67 39.26 62.17 10.48
N THR F 68 39.51 62.84 9.36
CA THR F 68 39.36 64.28 9.28
C THR F 68 37.96 64.77 9.61
N GLY F 69 37.89 65.70 10.55
CA GLY F 69 36.60 66.22 10.97
C GLY F 69 36.01 65.46 12.14
N LEU F 70 36.55 64.27 12.40
CA LEU F 70 36.12 63.51 13.57
C LEU F 70 37.23 63.51 14.59
N GLU F 71 38.24 64.36 14.37
CA GLU F 71 39.40 64.41 15.24
C GLU F 71 38.89 64.61 16.66
N ARG F 72 38.03 65.61 16.83
CA ARG F 72 37.50 65.88 18.15
C ARG F 72 35.98 65.90 18.13
N ILE F 73 35.35 64.75 18.32
CA ILE F 73 33.90 64.68 18.34
C ILE F 73 33.36 65.65 19.35
N ASP F 74 34.02 65.71 20.51
CA ASP F 74 33.49 66.46 21.65
C ASP F 74 33.34 67.93 21.35
N ILE F 75 34.15 68.45 20.44
CA ILE F 75 34.13 69.87 20.12
C ILE F 75 33.46 70.17 18.80
N ASN F 76 33.92 69.49 17.77
CA ASN F 76 33.40 69.61 16.43
C ASN F 76 31.95 69.19 16.28
N ILE F 77 31.64 68.00 16.79
CA ILE F 77 30.35 67.38 16.50
C ILE F 77 29.34 67.66 17.58
N ALA F 78 29.80 67.91 18.81
CA ALA F 78 28.89 68.10 19.93
C ALA F 78 27.79 69.14 19.65
N PRO F 79 28.18 70.28 19.03
CA PRO F 79 27.22 71.32 18.63
C PRO F 79 26.21 70.81 17.60
N LEU F 80 26.55 69.76 16.88
CA LEU F 80 25.72 69.28 15.78
C LEU F 80 24.50 68.45 16.19
N PHE F 81 24.55 67.87 17.38
CA PHE F 81 23.55 66.89 17.80
C PHE F 81 22.12 67.41 17.72
N GLU F 82 21.88 68.57 18.29
CA GLU F 82 20.51 69.03 18.39
C GLU F 82 19.81 69.13 17.04
N HIS F 83 20.57 69.19 15.94
CA HIS F 83 19.92 69.37 14.64
C HIS F 83 19.77 68.08 13.88
N ALA F 84 19.99 66.97 14.59
CA ALA F 84 19.84 65.65 14.00
C ALA F 84 18.62 64.92 14.56
N ASP F 85 17.99 64.09 13.72
CA ASP F 85 16.91 63.23 14.18
C ASP F 85 17.48 62.08 15.00
N VAL F 86 18.54 61.50 14.48
CA VAL F 86 19.17 60.36 15.10
C VAL F 86 20.68 60.42 14.98
N LEU F 87 21.38 59.99 16.03
CA LEU F 87 22.84 59.95 16.03
C LEU F 87 23.32 58.56 15.74
N MET F 88 24.46 58.45 15.08
CA MET F 88 25.07 57.14 14.92
C MET F 88 26.55 57.16 15.25
N CYS F 89 26.93 56.42 16.29
CA CYS F 89 28.32 56.35 16.69
C CYS F 89 28.62 55.02 17.36
N THR F 90 29.87 54.84 17.79
CA THR F 90 30.26 53.65 18.54
C THR F 90 29.91 53.80 19.99
N ARG F 91 29.88 52.68 20.68
CA ARG F 91 29.46 52.70 22.05
C ARG F 91 30.56 53.39 22.82
N GLY F 92 31.78 53.26 22.31
CA GLY F 92 32.96 53.83 22.99
C GLY F 92 32.85 55.33 22.99
N ILE F 93 32.57 55.89 21.82
CA ILE F 93 32.46 57.33 21.65
C ILE F 93 31.27 57.82 22.43
N LEU F 94 30.17 57.07 22.35
CA LEU F 94 28.93 57.51 22.96
C LEU F 94 29.12 57.71 24.45
N ARG F 95 29.76 56.74 25.11
CA ARG F 95 29.91 56.84 26.55
C ARG F 95 30.84 57.97 26.94
N SER F 96 31.94 58.12 26.19
CA SER F 96 32.96 59.10 26.54
C SER F 96 32.61 60.55 26.22
N VAL F 97 32.03 60.82 25.06
CA VAL F 97 31.93 62.21 24.64
C VAL F 97 30.60 62.66 24.11
N VAL F 98 29.61 61.78 24.16
CA VAL F 98 28.26 62.21 23.85
C VAL F 98 27.51 62.35 25.14
N PRO F 99 27.02 63.54 25.42
CA PRO F 99 26.30 63.77 26.66
C PRO F 99 24.95 63.04 26.65
N PRO F 100 24.66 62.30 27.69
CA PRO F 100 23.39 61.64 27.75
C PRO F 100 22.28 62.65 27.58
N ALA F 101 22.45 63.87 28.09
CA ALA F 101 21.40 64.86 28.08
C ALA F 101 21.14 65.34 26.67
N THR F 102 21.96 64.87 25.76
CA THR F 102 21.86 65.27 24.38
C THR F 102 20.47 64.95 23.92
N ASN F 103 19.86 63.98 24.61
CA ASN F 103 18.46 63.60 24.39
C ASN F 103 18.06 63.31 22.94
N ARG F 104 18.94 62.68 22.20
CA ARG F 104 18.62 62.32 20.85
C ARG F 104 18.77 60.81 20.68
N PRO F 105 17.90 60.20 19.85
CA PRO F 105 17.94 58.74 19.63
C PRO F 105 19.28 58.33 19.02
N VAL F 106 19.84 57.19 19.43
CA VAL F 106 21.07 56.73 18.81
C VAL F 106 20.94 55.36 18.15
N VAL F 107 21.66 55.20 17.05
CA VAL F 107 21.81 53.93 16.43
C VAL F 107 23.25 53.53 16.68
N LEU F 108 23.45 52.56 17.55
CA LEU F 108 24.80 52.11 17.83
C LEU F 108 25.42 51.30 16.68
N ARG F 109 26.63 51.70 16.29
CA ARG F 109 27.40 50.91 15.35
C ARG F 109 27.88 49.67 16.10
N ALA F 110 27.53 48.48 15.61
CA ALA F 110 27.82 47.22 16.31
C ALA F 110 28.70 46.21 15.58
N SER F 111 29.41 46.66 14.55
CA SER F 111 30.40 45.82 13.88
C SER F 111 31.75 46.49 14.00
N GLY F 112 32.81 45.74 13.80
CA GLY F 112 34.15 46.34 13.93
C GLY F 112 35.19 45.27 13.83
N ALA F 113 36.38 45.55 14.35
CA ALA F 113 37.48 44.60 14.32
C ALA F 113 38.21 44.61 12.98
N ASN F 114 37.93 45.61 12.15
CA ASN F 114 38.72 45.84 10.96
C ASN F 114 39.55 47.12 11.10
N SER F 115 40.59 47.29 10.29
CA SER F 115 41.38 48.53 10.25
C SER F 115 41.49 48.92 8.80
N ILE F 116 41.91 50.15 8.56
CA ILE F 116 42.20 50.53 7.21
C ILE F 116 43.53 49.94 6.82
N LEU F 117 44.17 49.23 7.75
CA LEU F 117 45.47 48.64 7.45
C LEU F 117 45.36 47.23 6.94
N ALA F 118 44.13 46.71 6.91
CA ALA F 118 43.92 45.33 6.58
C ALA F 118 42.67 45.21 5.76
N GLU F 119 42.25 43.98 5.46
CA GLU F 119 41.05 43.81 4.66
C GLU F 119 39.87 44.52 5.29
N LEU F 120 39.18 45.34 4.50
CA LEU F 120 38.10 46.17 5.01
C LEU F 120 36.91 45.33 5.49
N SER F 121 36.63 44.24 4.80
CA SER F 121 35.40 43.48 5.07
C SER F 121 35.50 42.57 6.27
N ASN F 122 36.64 42.52 6.90
CA ASN F 122 36.84 41.62 8.01
C ASN F 122 36.28 42.15 9.34
N GLU F 123 34.96 42.12 9.47
CA GLU F 123 34.29 42.69 10.64
C GLU F 123 33.69 41.59 11.51
N ALA F 124 33.54 41.90 12.78
CA ALA F 124 32.84 41.01 13.70
C ALA F 124 31.84 41.84 14.48
N VAL F 125 30.90 41.18 15.15
CA VAL F 125 30.00 41.94 15.99
C VAL F 125 30.80 42.59 17.10
N ALA F 126 30.52 43.87 17.33
CA ALA F 126 31.40 44.65 18.15
C ALA F 126 30.79 45.06 19.47
N LEU F 127 29.59 44.57 19.75
CA LEU F 127 29.04 44.72 21.10
C LEU F 127 27.82 43.82 21.29
N SER F 128 27.54 43.46 22.54
CA SER F 128 26.43 42.57 22.79
C SER F 128 25.12 43.38 22.79
N MET F 129 24.02 42.74 22.40
CA MET F 129 22.71 43.38 22.44
C MET F 129 22.48 43.80 23.86
N ASP F 130 23.02 43.01 24.75
CA ASP F 130 22.96 43.26 26.16
C ASP F 130 23.36 44.71 26.49
N ASP F 131 24.51 45.13 25.97
CA ASP F 131 24.97 46.49 26.18
C ASP F 131 24.20 47.49 25.35
N ALA F 132 23.80 47.08 24.16
CA ALA F 132 23.02 47.96 23.34
C ALA F 132 21.79 48.37 24.13
N VAL F 133 21.18 47.37 24.75
CA VAL F 133 19.97 47.57 25.51
C VAL F 133 20.30 48.45 26.71
N ARG F 134 21.48 48.21 27.29
CA ARG F 134 21.91 48.95 28.45
C ARG F 134 22.07 50.41 28.13
N LEU F 135 22.38 50.70 26.87
CA LEU F 135 22.63 52.07 26.44
C LEU F 135 21.37 52.71 25.86
N ASN F 136 20.24 52.02 26.00
CA ASN F 136 19.00 52.58 25.48
C ASN F 136 19.06 52.89 23.97
N SER F 137 19.62 52.01 23.16
CA SER F 137 19.70 52.28 21.74
C SER F 137 18.34 52.19 21.08
N CYS F 138 18.20 52.91 19.97
CA CYS F 138 17.05 52.72 19.08
C CYS F 138 17.30 51.62 18.04
N ALA F 139 18.57 51.33 17.77
CA ALA F 139 18.87 50.27 16.87
C ALA F 139 20.35 49.98 16.93
N VAL F 140 20.73 48.84 16.36
CA VAL F 140 22.12 48.49 16.26
C VAL F 140 22.40 48.28 14.80
N ALA F 141 23.60 48.67 14.39
CA ALA F 141 23.98 48.61 12.98
C ALA F 141 25.27 47.81 12.76
N ALA F 142 25.32 47.13 11.62
CA ALA F 142 26.48 46.37 11.23
C ALA F 142 26.57 46.41 9.72
N GLN F 143 27.78 46.20 9.19
CA GLN F 143 28.05 46.31 7.77
C GLN F 143 27.94 44.96 7.13
N VAL F 144 27.34 44.93 5.97
CA VAL F 144 27.35 43.72 5.19
C VAL F 144 28.19 44.02 3.95
N TYR F 145 28.98 43.04 3.50
CA TYR F 145 29.92 43.26 2.40
C TYR F 145 29.73 42.28 1.27
N ILE F 146 28.63 42.37 0.54
CA ILE F 146 28.47 41.45 -0.56
C ILE F 146 29.65 41.63 -1.48
N GLY F 147 30.14 40.54 -2.05
CA GLY F 147 31.22 40.61 -3.03
C GLY F 147 32.60 40.71 -2.43
N SER F 148 32.69 41.09 -1.16
CA SER F 148 34.01 41.17 -0.54
C SER F 148 34.46 39.83 0.01
N GLU F 149 35.69 39.80 0.51
CA GLU F 149 36.27 38.55 0.91
C GLU F 149 35.51 37.94 2.06
N TYR F 150 35.04 38.78 2.98
CA TYR F 150 34.41 38.30 4.22
C TYR F 150 32.91 38.51 4.20
N GLU F 151 32.33 38.32 3.03
CA GLU F 151 30.94 38.61 2.86
C GLU F 151 30.10 37.67 3.72
N HIS F 152 30.57 36.45 3.91
CA HIS F 152 29.83 35.44 4.69
C HIS F 152 29.72 35.88 6.16
N GLN F 153 30.85 36.19 6.76
CA GLN F 153 30.88 36.66 8.12
C GLN F 153 29.99 37.91 8.25
N SER F 154 30.02 38.78 7.27
CA SER F 154 29.28 40.02 7.40
C SER F 154 27.79 39.74 7.54
N ILE F 155 27.29 38.76 6.80
CA ILE F 155 25.86 38.47 6.85
C ILE F 155 25.52 37.77 8.17
N LYS F 156 26.37 36.82 8.55
CA LYS F 156 26.25 36.16 9.82
C LYS F 156 26.13 37.19 10.91
N ASN F 157 26.87 38.28 10.75
CA ASN F 157 26.85 39.34 11.74
C ASN F 157 25.46 39.94 11.83
N ILE F 158 24.88 40.24 10.68
CA ILE F 158 23.53 40.79 10.66
C ILE F 158 22.59 39.80 11.29
N ILE F 159 22.73 38.55 10.87
CA ILE F 159 21.86 37.50 11.36
C ILE F 159 21.85 37.47 12.87
N GLN F 160 23.05 37.45 13.43
CA GLN F 160 23.19 37.35 14.87
C GLN F 160 22.59 38.55 15.60
N LEU F 161 22.69 39.72 14.99
CA LEU F 161 22.13 40.90 15.63
C LEU F 161 20.64 40.89 15.58
N VAL F 162 20.09 40.33 14.51
CA VAL F 162 18.65 40.24 14.41
C VAL F 162 18.10 39.20 15.40
N ASP F 163 18.81 38.08 15.54
CA ASP F 163 18.37 37.05 16.45
C ASP F 163 18.27 37.66 17.83
N ALA F 164 19.27 38.47 18.17
CA ALA F 164 19.35 39.05 19.48
C ALA F 164 18.35 40.18 19.65
N GLY F 165 18.20 40.99 18.62
CA GLY F 165 17.32 42.16 18.69
C GLY F 165 15.86 41.75 18.80
N MET F 166 15.53 40.64 18.18
CA MET F 166 14.16 40.19 18.23
C MET F 166 13.77 39.76 19.63
N LYS F 167 14.71 39.29 20.42
CA LYS F 167 14.42 38.88 21.79
C LYS F 167 14.07 40.12 22.57
N VAL F 168 14.49 41.27 22.07
CA VAL F 168 14.56 42.39 22.96
C VAL F 168 13.93 43.69 22.43
N GLY F 169 13.46 43.65 21.19
CA GLY F 169 12.73 44.77 20.59
C GLY F 169 13.64 45.76 19.90
N MET F 170 14.85 45.32 19.57
CA MET F 170 15.86 46.20 19.00
C MET F 170 15.95 46.00 17.51
N PRO F 171 15.67 47.03 16.73
CA PRO F 171 15.78 46.96 15.27
C PRO F 171 17.23 46.86 14.85
N THR F 172 17.48 46.17 13.73
CA THR F 172 18.84 46.09 13.20
C THR F 172 18.97 46.83 11.89
N MET F 173 20.01 47.64 11.76
CA MET F 173 20.33 48.33 10.52
C MET F 173 21.52 47.65 9.85
N ALA F 174 21.32 47.18 8.63
CA ALA F 174 22.43 46.68 7.82
C ALA F 174 22.93 47.80 6.90
N VAL F 175 24.24 48.03 6.91
CA VAL F 175 24.85 48.99 6.00
C VAL F 175 25.67 48.28 4.93
N THR F 176 25.50 48.66 3.68
CA THR F 176 26.13 47.95 2.60
C THR F 176 27.48 48.57 2.31
N GLY F 177 28.57 47.87 2.62
CA GLY F 177 29.92 48.40 2.39
C GLY F 177 30.48 47.80 1.12
N VAL F 178 31.35 48.53 0.40
CA VAL F 178 31.72 48.12 -0.97
C VAL F 178 33.20 47.99 -1.31
N ARG F 184 29.52 49.04 -8.46
CA ARG F 184 28.94 50.10 -7.61
C ARG F 184 27.64 50.69 -8.20
N ASP F 185 26.88 49.84 -8.89
CA ASP F 185 25.72 50.28 -9.66
C ASP F 185 24.46 49.71 -9.04
N GLN F 186 23.31 50.07 -9.62
CA GLN F 186 22.04 49.64 -9.06
C GLN F 186 21.94 48.14 -8.84
N ARG F 187 22.19 47.37 -9.90
CA ARG F 187 21.93 45.94 -9.81
C ARG F 187 22.64 45.41 -8.58
N TYR F 188 23.82 45.95 -8.33
CA TYR F 188 24.62 45.55 -7.18
C TYR F 188 23.97 45.91 -5.84
N PHE F 189 23.64 47.19 -5.65
CA PHE F 189 23.05 47.58 -4.38
C PHE F 189 21.71 46.89 -4.17
N SER F 190 21.05 46.57 -5.26
CA SER F 190 19.81 45.82 -5.17
C SER F 190 20.07 44.52 -4.48
N LEU F 191 21.03 43.77 -5.00
CA LEU F 191 21.43 42.51 -4.39
C LEU F 191 21.79 42.68 -2.91
N ALA F 192 22.68 43.62 -2.61
CA ALA F 192 23.10 43.80 -1.23
C ALA F 192 21.94 44.23 -0.30
N THR F 193 21.19 45.23 -0.68
CA THR F 193 20.17 45.72 0.22
C THR F 193 19.16 44.62 0.47
N ARG F 194 18.79 43.93 -0.59
CA ARG F 194 17.70 42.96 -0.50
C ARG F 194 18.05 41.74 0.35
N ILE F 195 19.24 41.21 0.14
CA ILE F 195 19.72 40.13 0.98
C ILE F 195 19.71 40.55 2.45
N ALA F 196 20.23 41.73 2.77
CA ALA F 196 20.25 42.19 4.16
C ALA F 196 18.86 42.25 4.69
N ALA F 197 17.97 42.84 3.90
CA ALA F 197 16.60 43.08 4.34
C ALA F 197 15.92 41.74 4.58
N GLU F 198 16.21 40.83 3.67
CA GLU F 198 15.60 39.53 3.64
C GLU F 198 16.07 38.69 4.87
N MET F 199 17.35 38.82 5.22
CA MET F 199 17.89 38.17 6.40
C MET F 199 17.15 38.64 7.60
N GLY F 200 16.75 39.90 7.63
CA GLY F 200 15.91 40.37 8.72
C GLY F 200 16.13 41.79 9.20
N ALA F 201 17.05 42.49 8.56
CA ALA F 201 17.34 43.85 8.99
C ALA F 201 16.11 44.74 8.75
N GLN F 202 15.79 45.57 9.75
CA GLN F 202 14.65 46.48 9.64
C GLN F 202 14.98 47.79 8.91
N ILE F 203 16.24 48.21 9.01
CA ILE F 203 16.65 49.41 8.31
C ILE F 203 17.83 49.07 7.43
N ILE F 204 17.79 49.60 6.21
CA ILE F 204 18.91 49.41 5.31
C ILE F 204 19.55 50.74 5.06
N LYS F 205 20.87 50.80 5.18
CA LYS F 205 21.58 52.03 4.85
C LYS F 205 22.50 51.79 3.68
N THR F 206 22.43 52.66 2.70
CA THR F 206 23.13 52.38 1.45
C THR F 206 23.42 53.66 0.71
N TYR F 207 24.00 53.50 -0.48
CA TYR F 207 24.49 54.65 -1.23
C TYR F 207 23.53 55.04 -2.31
N TYR F 208 23.52 56.32 -2.66
CA TYR F 208 22.69 56.80 -3.75
C TYR F 208 23.29 56.47 -5.10
N VAL F 209 22.43 56.24 -6.08
CA VAL F 209 22.86 55.83 -7.39
C VAL F 209 22.18 56.69 -8.47
N GLU F 210 22.97 57.22 -9.39
CA GLU F 210 22.41 58.15 -10.35
C GLU F 210 21.43 57.52 -11.31
N LYS F 211 21.63 56.24 -11.59
CA LYS F 211 20.68 55.56 -12.44
C LYS F 211 20.10 54.38 -11.68
N GLY F 212 18.78 54.38 -11.50
CA GLY F 212 18.07 53.18 -11.03
C GLY F 212 17.85 53.06 -9.53
N PHE F 213 18.07 54.16 -8.82
CA PHE F 213 17.84 54.14 -7.38
C PHE F 213 16.43 53.71 -7.03
N GLU F 214 15.49 54.04 -7.91
CA GLU F 214 14.10 53.71 -7.69
C GLU F 214 13.92 52.22 -7.54
N ARG F 215 14.62 51.45 -8.35
CA ARG F 215 14.54 50.00 -8.30
C ARG F 215 15.08 49.50 -6.97
N ILE F 216 16.11 50.17 -6.47
CA ILE F 216 16.70 49.78 -5.21
C ILE F 216 15.67 49.98 -4.09
N VAL F 217 15.06 51.15 -4.04
CA VAL F 217 14.05 51.39 -3.04
C VAL F 217 12.91 50.43 -3.20
N ALA F 218 12.40 50.34 -4.42
CA ALA F 218 11.21 49.54 -4.69
C ALA F 218 11.41 48.11 -4.24
N GLY F 219 12.62 47.61 -4.47
CA GLY F 219 12.93 46.23 -4.14
C GLY F 219 13.17 45.96 -2.66
N CYS F 220 13.35 47.02 -1.88
CA CYS F 220 13.65 46.84 -0.49
C CYS F 220 12.36 47.00 0.25
N PRO F 221 12.02 46.03 1.11
CA PRO F 221 10.74 46.07 1.80
C PRO F 221 10.75 46.87 3.08
N VAL F 222 11.87 47.51 3.39
CA VAL F 222 11.97 48.21 4.66
C VAL F 222 12.66 49.50 4.38
N PRO F 223 12.64 50.41 5.35
CA PRO F 223 13.18 51.75 5.11
C PRO F 223 14.61 51.73 4.65
N ILE F 224 14.93 52.65 3.74
CA ILE F 224 16.28 52.86 3.30
C ILE F 224 16.78 54.24 3.66
N VAL F 225 18.01 54.29 4.13
CA VAL F 225 18.66 55.53 4.43
C VAL F 225 19.91 55.54 3.58
N ILE F 226 20.29 56.70 3.07
CA ILE F 226 21.46 56.75 2.21
C ILE F 226 22.60 57.43 2.94
N ALA F 227 23.80 56.89 2.72
CA ALA F 227 25.00 57.51 3.21
C ALA F 227 25.48 58.56 2.18
N GLY F 228 26.13 59.60 2.67
CA GLY F 228 26.59 60.68 1.81
C GLY F 228 27.79 60.30 0.97
N GLY F 229 28.76 59.61 1.55
CA GLY F 229 29.98 59.28 0.81
C GLY F 229 30.96 60.43 0.91
N LYS F 230 31.91 60.50 0.00
CA LYS F 230 32.93 61.54 0.03
C LYS F 230 32.30 62.92 -0.02
N LYS F 231 32.99 63.89 0.57
CA LYS F 231 32.52 65.28 0.64
C LYS F 231 32.31 65.83 -0.76
N LEU F 232 31.22 66.54 -0.93
CA LEU F 232 30.94 67.21 -2.17
C LEU F 232 30.68 68.64 -1.80
N PRO F 233 30.70 69.53 -2.78
CA PRO F 233 30.18 70.87 -2.60
C PRO F 233 28.72 70.79 -2.20
N GLU F 234 28.32 71.61 -1.25
CA GLU F 234 26.99 71.52 -0.66
C GLU F 234 25.89 71.47 -1.70
N ARG F 235 25.94 72.38 -2.64
CA ARG F 235 24.90 72.43 -3.64
C ARG F 235 24.71 71.02 -4.18
N GLU F 236 25.81 70.33 -4.44
CA GLU F 236 25.72 69.01 -5.05
C GLU F 236 25.17 67.97 -4.09
N ALA F 237 25.58 68.05 -2.83
CA ALA F 237 25.10 67.12 -1.81
C ALA F 237 23.61 67.27 -1.63
N LEU F 238 23.17 68.52 -1.55
CA LEU F 238 21.76 68.78 -1.39
C LEU F 238 20.98 68.17 -2.55
N GLU F 239 21.49 68.33 -3.76
CA GLU F 239 20.79 67.78 -4.91
C GLU F 239 20.66 66.27 -4.78
N MET F 240 21.74 65.62 -4.35
CA MET F 240 21.73 64.19 -4.06
C MET F 240 20.66 63.87 -3.05
N CYS F 241 20.65 64.60 -1.93
CA CYS F 241 19.60 64.46 -0.93
C CYS F 241 18.25 64.56 -1.58
N TRP F 242 18.03 65.66 -2.24
CA TRP F 242 16.76 65.91 -2.81
C TRP F 242 16.36 64.73 -3.67
N GLN F 243 17.30 64.24 -4.46
CA GLN F 243 17.03 63.15 -5.41
C GLN F 243 16.69 61.87 -4.70
N ALA F 244 17.49 61.55 -3.69
CA ALA F 244 17.28 60.35 -2.91
C ALA F 244 15.86 60.34 -2.33
N ILE F 245 15.49 61.43 -1.66
CA ILE F 245 14.17 61.56 -1.07
C ILE F 245 13.10 61.48 -2.13
N ASP F 246 13.29 62.26 -3.19
CA ASP F 246 12.32 62.26 -4.26
C ASP F 246 12.11 60.85 -4.79
N GLN F 247 13.16 60.04 -4.73
CA GLN F 247 13.07 58.69 -5.25
C GLN F 247 12.75 57.64 -4.18
N GLY F 248 12.29 58.09 -3.02
CA GLY F 248 11.72 57.17 -2.05
C GLY F 248 12.58 56.78 -0.87
N ALA F 249 13.74 57.37 -0.71
CA ALA F 249 14.55 57.06 0.46
C ALA F 249 13.85 57.57 1.71
N SER F 250 14.10 56.96 2.86
CA SER F 250 13.37 57.35 4.07
C SER F 250 14.19 58.23 4.99
N GLY F 251 15.45 58.39 4.64
CA GLY F 251 16.27 59.29 5.41
C GLY F 251 17.58 59.45 4.67
N VAL F 252 18.39 60.40 5.11
CA VAL F 252 19.70 60.52 4.54
C VAL F 252 20.65 60.68 5.67
N ASP F 253 21.84 60.12 5.50
CA ASP F 253 22.91 60.43 6.41
C ASP F 253 24.03 61.07 5.64
N MET F 254 24.23 62.36 5.86
CA MET F 254 25.38 63.03 5.26
C MET F 254 26.44 63.05 6.32
N GLY F 255 27.47 62.26 6.15
CA GLY F 255 28.45 62.24 7.19
C GLY F 255 29.38 63.38 6.87
N ARG F 256 30.35 63.05 6.03
CA ARG F 256 31.42 63.97 5.72
C ARG F 256 30.81 65.26 5.27
N ASN F 257 29.76 65.13 4.47
CA ASN F 257 29.15 66.27 3.85
C ASN F 257 28.60 67.24 4.84
N ILE F 258 28.59 66.86 6.10
CA ILE F 258 28.14 67.75 7.14
C ILE F 258 29.26 68.16 8.05
N PHE F 259 29.85 67.22 8.80
CA PHE F 259 30.86 67.57 9.81
C PHE F 259 32.07 68.23 9.15
N GLN F 260 32.26 67.95 7.88
CA GLN F 260 33.37 68.56 7.14
C GLN F 260 33.05 69.91 6.51
N SER F 261 31.78 70.20 6.27
CA SER F 261 31.41 71.51 5.75
C SER F 261 31.88 72.62 6.68
N ASP F 262 32.23 73.77 6.11
CA ASP F 262 32.68 74.90 6.92
C ASP F 262 31.51 75.45 7.71
N HIS F 263 30.30 75.20 7.22
CA HIS F 263 29.09 75.68 7.88
C HIS F 263 28.11 74.55 8.18
N PRO F 264 28.47 73.65 9.12
CA PRO F 264 27.73 72.43 9.45
C PRO F 264 26.26 72.66 9.77
N VAL F 265 25.99 73.45 10.80
CA VAL F 265 24.62 73.66 11.21
C VAL F 265 23.76 74.15 10.06
N ALA F 266 24.31 75.05 9.27
CA ALA F 266 23.56 75.56 8.15
C ALA F 266 23.19 74.40 7.25
N MET F 267 24.16 73.52 7.00
CA MET F 267 23.94 72.39 6.12
C MET F 267 22.78 71.54 6.62
N MET F 268 22.79 71.24 7.90
CA MET F 268 21.79 70.36 8.48
C MET F 268 20.40 70.92 8.28
N LYS F 269 20.24 72.21 8.50
CA LYS F 269 18.95 72.85 8.28
C LYS F 269 18.57 72.74 6.82
N ALA F 270 19.57 72.81 5.94
CA ALA F 270 19.36 72.57 4.52
C ALA F 270 18.77 71.18 4.34
N VAL F 271 19.47 70.19 4.91
CA VAL F 271 19.05 68.81 4.82
C VAL F 271 17.67 68.59 5.46
N GLN F 272 17.44 69.18 6.63
CA GLN F 272 16.14 69.04 7.26
C GLN F 272 15.07 69.48 6.28
N ALA F 273 15.32 70.60 5.63
CA ALA F 273 14.34 71.15 4.73
C ALA F 273 14.02 70.17 3.62
N VAL F 274 15.04 69.68 2.93
CA VAL F 274 14.80 68.78 1.82
C VAL F 274 14.03 67.56 2.28
N VAL F 275 14.49 66.98 3.39
CA VAL F 275 13.98 65.69 3.84
C VAL F 275 12.56 65.79 4.37
N HIS F 276 12.40 66.54 5.45
CA HIS F 276 11.12 66.59 6.12
C HIS F 276 10.16 67.52 5.43
N HIS F 277 10.65 68.66 4.98
CA HIS F 277 9.76 69.74 4.55
C HIS F 277 9.58 69.84 3.05
N ASN F 278 10.37 69.11 2.29
CA ASN F 278 10.10 69.06 0.86
C ASN F 278 10.71 70.17 0.04
N GLU F 279 11.47 71.07 0.68
CA GLU F 279 12.07 72.14 -0.09
C GLU F 279 12.79 71.53 -1.30
N THR F 280 12.78 72.28 -2.38
CA THR F 280 13.49 71.91 -3.59
C THR F 280 14.96 72.17 -3.31
N ALA F 281 15.83 71.53 -4.09
CA ALA F 281 17.25 71.65 -3.82
C ALA F 281 17.67 73.12 -3.71
N ASP F 282 17.26 73.93 -4.67
CA ASP F 282 17.69 75.31 -4.72
C ASP F 282 17.32 76.10 -3.48
N ARG F 283 16.05 76.08 -3.12
CA ARG F 283 15.62 76.78 -1.91
C ARG F 283 16.48 76.31 -0.77
N ALA F 284 16.58 74.99 -0.66
CA ALA F 284 17.34 74.38 0.39
C ALA F 284 18.70 75.06 0.44
N TYR F 285 19.41 75.04 -0.69
CA TYR F 285 20.75 75.61 -0.74
C TYR F 285 20.73 77.03 -0.22
N GLU F 286 19.71 77.75 -0.65
CA GLU F 286 19.63 79.15 -0.33
C GLU F 286 19.57 79.41 1.14
N LEU F 287 18.70 78.70 1.84
CA LEU F 287 18.70 78.86 3.28
C LEU F 287 20.02 78.29 3.81
N TYR F 288 20.67 77.44 3.03
CA TYR F 288 22.01 77.02 3.41
C TYR F 288 22.85 78.27 3.61
N LEU F 289 22.93 79.07 2.55
CA LEU F 289 23.67 80.32 2.55
C LEU F 289 23.09 81.31 3.53
N SER F 290 21.76 81.34 3.58
CA SER F 290 21.04 82.15 4.55
C SER F 290 21.60 81.93 5.95
N GLU F 291 21.75 80.66 6.33
CA GLU F 291 22.11 80.32 7.70
C GLU F 291 23.59 80.51 8.10
N LYS F 292 24.48 80.64 7.12
CA LYS F 292 25.87 81.00 7.41
C LYS F 292 25.97 82.35 8.20
N GLY G 12 30.28 28.24 83.63
CA GLY G 12 31.23 27.10 83.51
C GLY G 12 31.78 26.91 82.12
N LYS G 13 31.84 27.99 81.36
CA LYS G 13 32.37 27.95 80.00
C LYS G 13 33.73 28.65 79.97
N ASP G 14 34.67 28.15 79.18
CA ASP G 14 35.98 28.83 79.02
C ASP G 14 36.33 29.32 77.60
N PHE G 15 36.37 30.64 77.41
CA PHE G 15 36.69 31.19 76.10
C PHE G 15 38.16 31.45 75.96
N ARG G 16 38.93 31.11 76.97
CA ARG G 16 40.35 31.33 76.89
C ARG G 16 40.69 32.73 76.35
N THR G 17 40.18 33.77 76.99
CA THR G 17 40.39 35.14 76.52
C THR G 17 41.84 35.56 76.61
N ASP G 18 42.59 34.93 77.50
CA ASP G 18 43.98 35.29 77.69
C ASP G 18 44.81 34.85 76.49
N GLN G 19 44.23 33.94 75.70
CA GLN G 19 44.93 33.38 74.55
C GLN G 19 44.19 33.69 73.26
N PRO G 20 44.81 34.51 72.40
CA PRO G 20 44.13 35.04 71.24
C PRO G 20 44.29 34.17 69.99
N GLN G 21 43.19 33.98 69.28
CA GLN G 21 43.20 33.16 68.07
C GLN G 21 44.22 33.67 67.05
N LYS G 22 44.99 32.74 66.51
CA LYS G 22 46.07 33.08 65.60
C LYS G 22 45.95 32.21 64.36
N ASN G 23 46.27 32.77 63.20
CA ASN G 23 46.12 32.03 61.92
C ASN G 23 47.28 31.12 61.59
N ILE G 24 46.98 29.86 61.28
CA ILE G 24 48.04 28.99 60.81
C ILE G 24 48.44 29.27 59.36
N PRO G 25 49.71 29.61 59.14
CA PRO G 25 50.20 29.83 57.80
C PRO G 25 50.09 28.60 56.92
N PHE G 26 49.93 28.86 55.63
CA PHE G 26 49.90 27.83 54.62
C PHE G 26 51.18 27.96 53.80
N THR G 27 52.07 26.98 53.87
CA THR G 27 53.42 27.28 53.41
C THR G 27 53.69 26.84 52.00
N LEU G 28 52.80 26.03 51.46
CA LEU G 28 53.02 25.50 50.13
C LEU G 28 53.36 26.62 49.15
N LYS G 29 54.36 26.40 48.33
CA LYS G 29 54.90 27.48 47.55
C LYS G 29 53.93 28.14 46.57
N GLY G 30 53.64 29.42 46.79
CA GLY G 30 52.80 30.17 45.85
C GLY G 30 51.30 29.86 45.96
N CYS G 31 50.93 29.12 46.98
CA CYS G 31 49.53 28.79 47.18
C CYS G 31 48.98 29.40 48.45
N GLY G 32 49.61 30.50 48.89
CA GLY G 32 49.23 31.17 50.12
C GLY G 32 47.96 31.99 50.02
N ALA G 33 47.46 32.23 48.80
CA ALA G 33 46.31 33.11 48.62
C ALA G 33 45.13 32.39 48.01
N LEU G 34 44.92 31.15 48.38
CA LEU G 34 43.86 30.38 47.74
C LEU G 34 42.78 30.07 48.73
N ASP G 35 41.58 29.88 48.20
CA ASP G 35 40.45 29.58 49.04
C ASP G 35 40.66 28.24 49.73
N TRP G 36 39.91 28.01 50.81
CA TRP G 36 40.11 26.82 51.63
C TRP G 36 40.09 25.52 50.82
N GLY G 37 39.07 25.38 49.96
CA GLY G 37 38.87 24.17 49.17
C GLY G 37 40.03 23.92 48.24
N MET G 38 40.50 24.98 47.59
CA MET G 38 41.61 24.78 46.71
C MET G 38 42.87 24.40 47.49
N GLN G 39 43.08 25.05 48.63
CA GLN G 39 44.23 24.70 49.45
C GLN G 39 44.08 23.28 49.96
N SER G 40 42.85 22.86 50.13
CA SER G 40 42.63 21.54 50.63
C SER G 40 43.04 20.50 49.61
N ARG G 41 42.65 20.72 48.36
CA ARG G 41 42.93 19.77 47.32
C ARG G 41 44.43 19.65 47.14
N LEU G 42 45.10 20.78 47.07
CA LEU G 42 46.56 20.81 46.97
C LEU G 42 47.22 20.07 48.13
N SER G 43 46.60 20.17 49.29
CA SER G 43 47.13 19.59 50.50
C SER G 43 47.04 18.08 50.43
N ARG G 44 46.05 17.59 49.69
CA ARG G 44 45.95 16.16 49.42
C ARG G 44 47.12 15.69 48.58
N ILE G 45 47.53 16.51 47.63
CA ILE G 45 48.58 16.16 46.67
C ILE G 45 49.94 16.31 47.30
N PHE G 46 50.20 17.48 47.86
CA PHE G 46 51.51 17.78 48.47
C PHE G 46 51.47 17.65 49.97
N ASN G 47 52.25 16.73 50.50
CA ASN G 47 52.27 16.54 51.93
C ASN G 47 52.58 17.84 52.67
N PRO G 48 51.71 18.22 53.59
CA PRO G 48 51.85 19.45 54.35
C PRO G 48 53.13 19.47 55.20
N LYS G 49 53.46 18.33 55.81
CA LYS G 49 54.71 18.21 56.58
C LYS G 49 55.95 18.46 55.73
N THR G 50 56.09 17.76 54.60
CA THR G 50 57.30 17.88 53.78
C THR G 50 57.13 18.79 52.57
N GLY G 51 55.88 19.14 52.25
CA GLY G 51 55.58 20.01 51.11
C GLY G 51 55.95 19.37 49.78
N LYS G 52 55.91 18.05 49.73
CA LYS G 52 56.27 17.32 48.52
C LYS G 52 55.32 16.16 48.20
N THR G 53 55.47 15.61 47.00
CA THR G 53 54.59 14.56 46.56
C THR G 53 55.32 13.54 45.71
N VAL G 54 54.87 12.30 45.78
CA VAL G 54 55.34 11.24 44.92
C VAL G 54 54.16 10.89 44.06
N MET G 55 54.31 11.10 42.76
CA MET G 55 53.18 10.95 41.88
C MET G 55 53.34 9.74 40.99
N LEU G 56 52.34 8.88 40.93
CA LEU G 56 52.40 7.79 39.97
C LEU G 56 51.51 8.09 38.77
N ALA G 57 52.12 8.50 37.67
CA ALA G 57 51.34 8.89 36.49
C ALA G 57 51.27 7.80 35.44
N PHE G 58 50.06 7.39 35.05
CA PHE G 58 49.91 6.42 33.97
C PHE G 58 48.93 6.84 32.89
N ASP G 59 49.07 8.08 32.42
CA ASP G 59 48.07 8.64 31.50
C ASP G 59 48.44 8.55 30.02
N HIS G 60 49.59 7.97 29.74
CA HIS G 60 50.16 7.98 28.39
C HIS G 60 49.28 7.30 27.36
N GLY G 61 48.41 6.40 27.81
CA GLY G 61 47.49 5.77 26.90
C GLY G 61 46.76 6.83 26.10
N TYR G 62 46.74 8.05 26.62
CA TYR G 62 45.83 9.06 26.07
C TYR G 62 46.11 9.46 24.64
N PHE G 63 47.37 9.44 24.24
CA PHE G 63 47.71 9.65 22.84
C PHE G 63 48.51 8.48 22.31
N GLN G 64 48.83 7.54 23.18
CA GLN G 64 49.81 6.52 22.84
C GLN G 64 49.24 5.11 22.72
N GLY G 65 48.03 4.89 23.21
CA GLY G 65 47.50 3.55 23.24
C GLY G 65 48.22 2.74 24.30
N PRO G 66 48.22 1.40 24.17
CA PRO G 66 48.78 0.54 25.19
C PRO G 66 50.28 0.55 25.12
N THR G 67 50.86 1.61 25.67
CA THR G 67 52.28 1.70 25.79
C THR G 67 52.81 0.57 26.66
N THR G 68 54.09 0.25 26.49
CA THR G 68 54.74 -0.83 27.26
C THR G 68 54.69 -0.60 28.76
N GLY G 69 54.17 -1.58 29.47
CA GLY G 69 54.01 -1.49 30.92
C GLY G 69 52.69 -0.89 31.34
N LEU G 70 51.98 -0.31 30.39
CA LEU G 70 50.63 0.19 30.63
C LEU G 70 49.64 -0.69 29.87
N GLU G 71 50.12 -1.83 29.38
CA GLU G 71 49.24 -2.75 28.68
C GLU G 71 48.03 -3.07 29.53
N ARG G 72 48.27 -3.48 30.77
CA ARG G 72 47.18 -3.79 31.67
C ARG G 72 47.33 -3.00 32.96
N ILE G 73 46.78 -1.80 33.01
CA ILE G 73 46.77 -1.02 34.24
C ILE G 73 46.24 -1.86 35.40
N ASP G 74 45.18 -2.60 35.13
CA ASP G 74 44.40 -3.26 36.16
C ASP G 74 45.23 -4.28 36.89
N ILE G 75 46.25 -4.79 36.22
CA ILE G 75 47.06 -5.84 36.81
C ILE G 75 48.42 -5.32 37.26
N ASN G 76 49.12 -4.72 36.32
CA ASN G 76 50.42 -4.14 36.50
C ASN G 76 50.50 -3.00 37.49
N ILE G 77 49.62 -2.02 37.33
CA ILE G 77 49.68 -0.79 38.10
C ILE G 77 48.79 -0.81 39.34
N ALA G 78 47.75 -1.62 39.34
CA ALA G 78 46.86 -1.64 40.49
C ALA G 78 47.60 -1.82 41.82
N PRO G 79 48.57 -2.74 41.88
CA PRO G 79 49.39 -2.99 43.08
C PRO G 79 50.19 -1.77 43.52
N LEU G 80 50.45 -0.86 42.58
CA LEU G 80 51.33 0.28 42.81
C LEU G 80 50.68 1.46 43.53
N PHE G 81 49.36 1.51 43.53
CA PHE G 81 48.64 2.70 43.99
C PHE G 81 48.95 3.06 45.41
N GLU G 82 48.87 2.10 46.30
CA GLU G 82 49.07 2.40 47.70
C GLU G 82 50.38 3.09 48.00
N HIS G 83 51.39 2.95 47.15
CA HIS G 83 52.69 3.52 47.48
C HIS G 83 52.90 4.86 46.82
N ALA G 84 51.81 5.44 46.32
CA ALA G 84 51.90 6.73 45.68
C ALA G 84 51.14 7.79 46.48
N ASP G 85 51.62 9.03 46.42
CA ASP G 85 50.94 10.11 47.09
C ASP G 85 49.71 10.47 46.30
N VAL G 86 49.91 10.53 45.00
CA VAL G 86 48.89 10.98 44.07
C VAL G 86 48.99 10.19 42.76
N LEU G 87 47.83 9.87 42.18
CA LEU G 87 47.75 9.14 40.94
C LEU G 87 47.43 10.12 39.83
N MET G 88 47.91 9.82 38.64
CA MET G 88 47.52 10.62 37.52
C MET G 88 47.19 9.76 36.33
N CYS G 89 45.92 9.79 35.93
CA CYS G 89 45.44 9.00 34.81
C CYS G 89 44.32 9.74 34.07
N THR G 90 43.82 9.15 33.00
CA THR G 90 42.64 9.68 32.34
C THR G 90 41.40 9.34 33.11
N ARG G 91 40.33 10.06 32.80
CA ARG G 91 39.03 9.76 33.38
C ARG G 91 38.50 8.41 32.88
N GLY G 92 38.88 8.02 31.67
CA GLY G 92 38.44 6.77 31.11
C GLY G 92 39.01 5.66 31.94
N ILE G 93 40.32 5.68 32.09
CA ILE G 93 41.02 4.64 32.85
C ILE G 93 40.59 4.63 34.31
N LEU G 94 40.51 5.81 34.91
CA LEU G 94 40.08 5.92 36.27
C LEU G 94 38.75 5.20 36.56
N ARG G 95 37.75 5.46 35.72
CA ARG G 95 36.45 4.87 35.98
C ARG G 95 36.51 3.38 35.77
N SER G 96 37.19 2.94 34.73
CA SER G 96 37.14 1.52 34.40
C SER G 96 37.97 0.59 35.28
N VAL G 97 39.20 0.99 35.62
CA VAL G 97 40.12 0.07 36.25
C VAL G 97 40.81 0.58 37.52
N VAL G 98 40.55 1.80 37.93
CA VAL G 98 41.04 2.22 39.22
C VAL G 98 39.93 2.11 40.25
N PRO G 99 40.13 1.27 41.26
CA PRO G 99 39.11 1.10 42.26
C PRO G 99 38.93 2.38 43.08
N PRO G 100 37.71 2.83 43.23
CA PRO G 100 37.45 4.02 44.05
C PRO G 100 38.06 3.86 45.42
N ALA G 101 38.05 2.63 45.94
CA ALA G 101 38.48 2.39 47.31
C ALA G 101 39.98 2.52 47.39
N THR G 102 40.62 2.75 46.26
CA THR G 102 42.08 2.92 46.20
C THR G 102 42.47 4.04 47.15
N ASN G 103 41.48 4.86 47.46
CA ASN G 103 41.59 5.96 48.40
C ASN G 103 42.82 6.83 48.26
N ARG G 104 43.22 7.12 47.03
CA ARG G 104 44.34 7.99 46.78
C ARG G 104 43.89 9.19 45.94
N PRO G 105 44.50 10.37 46.18
CA PRO G 105 44.15 11.58 45.43
C PRO G 105 44.51 11.41 43.96
N VAL G 106 43.66 11.88 43.05
CA VAL G 106 44.03 11.81 41.62
C VAL G 106 44.13 13.17 40.96
N VAL G 107 45.03 13.27 40.00
CA VAL G 107 45.12 14.44 39.15
C VAL G 107 44.67 13.99 37.78
N LEU G 108 43.51 14.43 37.33
CA LEU G 108 42.98 13.93 36.08
C LEU G 108 43.67 14.58 34.91
N ARG G 109 44.09 13.77 33.96
CA ARG G 109 44.65 14.28 32.74
C ARG G 109 43.50 14.81 31.94
N ALA G 110 43.55 16.07 31.50
CA ALA G 110 42.39 16.71 30.88
C ALA G 110 42.66 17.29 29.49
N SER G 111 43.70 16.80 28.84
CA SER G 111 43.96 17.23 27.48
C SER G 111 44.05 15.94 26.70
N GLY G 112 43.90 16.01 25.40
CA GLY G 112 43.88 14.82 24.56
C GLY G 112 43.57 15.22 23.14
N ALA G 113 43.12 14.23 22.37
CA ALA G 113 42.73 14.42 20.97
C ALA G 113 43.94 14.44 20.01
N ASN G 114 45.12 14.05 20.54
CA ASN G 114 46.26 13.81 19.68
C ASN G 114 46.57 12.29 19.60
N SER G 115 47.36 11.89 18.62
CA SER G 115 47.80 10.51 18.48
C SER G 115 49.29 10.59 18.24
N ILE G 116 49.96 9.45 18.36
CA ILE G 116 51.36 9.38 18.00
C ILE G 116 51.43 9.28 16.51
N LEU G 117 50.28 9.22 15.87
CA LEU G 117 50.22 9.12 14.41
C LEU G 117 50.17 10.47 13.71
N ALA G 118 50.03 11.54 14.49
CA ALA G 118 49.86 12.84 13.93
C ALA G 118 50.67 13.84 14.77
N GLU G 119 50.45 15.13 14.55
CA GLU G 119 51.21 16.11 15.26
C GLU G 119 50.96 15.98 16.75
N LEU G 120 52.02 15.88 17.54
CA LEU G 120 51.87 15.60 18.95
C LEU G 120 51.21 16.74 19.69
N SER G 121 51.47 17.97 19.27
CA SER G 121 51.03 19.13 20.04
C SER G 121 49.56 19.48 19.85
N ASN G 122 48.87 18.74 19.00
CA ASN G 122 47.51 19.06 18.65
C ASN G 122 46.48 18.56 19.68
N GLU G 123 46.34 19.26 20.79
CA GLU G 123 45.56 18.76 21.92
C GLU G 123 44.38 19.66 22.17
N ALA G 124 43.29 19.09 22.67
CA ALA G 124 42.14 19.90 23.08
C ALA G 124 41.75 19.52 24.50
N VAL G 125 40.91 20.33 25.14
CA VAL G 125 40.54 20.00 26.48
C VAL G 125 39.74 18.71 26.40
N ALA G 126 40.01 17.75 27.28
CA ALA G 126 39.51 16.38 27.09
C ALA G 126 38.45 15.97 28.09
N LEU G 127 38.09 16.88 28.98
CA LEU G 127 36.94 16.65 29.85
C LEU G 127 36.51 17.96 30.52
N SER G 128 35.23 18.06 30.88
CA SER G 128 34.72 19.28 31.48
C SER G 128 35.06 19.33 32.97
N MET G 129 35.25 20.52 33.51
CA MET G 129 35.52 20.65 34.94
C MET G 129 34.40 20.00 35.67
N ASP G 130 33.25 20.02 35.02
CA ASP G 130 32.04 19.45 35.54
C ASP G 130 32.24 17.98 35.97
N ASP G 131 32.83 17.20 35.09
CA ASP G 131 33.11 15.83 35.36
C ASP G 131 34.33 15.69 36.31
N ALA G 132 35.31 16.56 36.16
CA ALA G 132 36.43 16.51 37.04
C ALA G 132 35.93 16.65 38.46
N VAL G 133 34.95 17.52 38.62
CA VAL G 133 34.39 17.76 39.94
C VAL G 133 33.60 16.55 40.35
N ARG G 134 32.92 15.98 39.39
CA ARG G 134 32.11 14.80 39.65
C ARG G 134 32.98 13.64 40.09
N LEU G 135 34.23 13.62 39.63
CA LEU G 135 35.12 12.53 39.94
C LEU G 135 35.98 12.85 41.16
N ASN G 136 35.66 13.94 41.86
CA ASN G 136 36.39 14.29 43.08
C ASN G 136 37.87 14.46 42.83
N SER G 137 38.25 15.14 41.76
CA SER G 137 39.68 15.29 41.45
C SER G 137 40.33 16.26 42.39
N CYS G 138 41.64 16.13 42.55
CA CYS G 138 42.41 17.10 43.31
C CYS G 138 42.92 18.18 42.39
N ALA G 139 43.10 17.81 41.13
CA ALA G 139 43.54 18.75 40.13
C ALA G 139 43.26 18.17 38.74
N VAL G 140 43.30 19.05 37.74
CA VAL G 140 43.22 18.65 36.35
C VAL G 140 44.49 19.11 35.66
N ALA G 141 44.94 18.30 34.71
CA ALA G 141 46.19 18.58 34.04
C ALA G 141 45.99 18.61 32.54
N ALA G 142 46.72 19.53 31.90
CA ALA G 142 46.83 19.60 30.44
C ALA G 142 48.27 19.98 30.05
N GLN G 143 48.59 19.72 28.80
CA GLN G 143 49.94 19.89 28.30
C GLN G 143 50.03 21.21 27.61
N VAL G 144 51.13 21.90 27.79
CA VAL G 144 51.38 23.10 27.06
C VAL G 144 52.58 22.79 26.18
N TYR G 145 52.58 23.28 24.96
CA TYR G 145 53.65 22.99 24.02
C TYR G 145 54.30 24.21 23.47
N ILE G 146 55.09 24.91 24.27
CA ILE G 146 55.82 26.03 23.71
C ILE G 146 56.70 25.57 22.56
N GLY G 147 56.72 26.34 21.47
CA GLY G 147 57.61 26.06 20.38
C GLY G 147 57.04 25.06 19.42
N SER G 148 56.01 24.33 19.81
CA SER G 148 55.37 23.39 18.87
C SER G 148 54.33 24.08 18.00
N GLU G 149 53.83 23.36 17.02
CA GLU G 149 52.92 23.93 16.04
C GLU G 149 51.63 24.45 16.66
N TYR G 150 51.14 23.76 17.68
CA TYR G 150 49.87 24.13 18.30
C TYR G 150 50.05 24.71 19.68
N GLU G 151 51.08 25.52 19.83
CA GLU G 151 51.40 26.05 21.12
C GLU G 151 50.30 27.00 21.61
N HIS G 152 49.68 27.72 20.69
CA HIS G 152 48.60 28.63 21.04
C HIS G 152 47.37 27.93 21.68
N GLN G 153 46.87 26.89 21.01
CA GLN G 153 45.77 26.12 21.53
C GLN G 153 46.15 25.58 22.86
N SER G 154 47.41 25.16 23.01
CA SER G 154 47.81 24.46 24.22
C SER G 154 47.65 25.41 25.38
N ILE G 155 48.09 26.64 25.21
CA ILE G 155 47.97 27.59 26.30
C ILE G 155 46.51 27.92 26.57
N LYS G 156 45.76 28.13 25.50
CA LYS G 156 44.33 28.34 25.61
C LYS G 156 43.72 27.25 26.44
N ASN G 157 44.17 26.03 26.21
CA ASN G 157 43.68 24.92 27.00
C ASN G 157 43.90 25.12 28.49
N ILE G 158 45.11 25.50 28.88
CA ILE G 158 45.42 25.79 30.28
C ILE G 158 44.50 26.88 30.79
N ILE G 159 44.44 27.95 30.03
CA ILE G 159 43.61 29.08 30.39
C ILE G 159 42.20 28.66 30.72
N GLN G 160 41.60 27.94 29.80
CA GLN G 160 40.24 27.52 29.98
C GLN G 160 40.03 26.66 31.20
N LEU G 161 40.98 25.78 31.47
CA LEU G 161 40.91 24.96 32.66
C LEU G 161 41.02 25.80 33.92
N VAL G 162 41.91 26.77 33.91
CA VAL G 162 42.04 27.64 35.06
C VAL G 162 40.75 28.45 35.28
N ASP G 163 40.16 28.98 34.21
CA ASP G 163 38.91 29.74 34.32
C ASP G 163 37.85 28.92 35.04
N ALA G 164 37.75 27.65 34.64
CA ALA G 164 36.76 26.75 35.19
C ALA G 164 37.13 26.31 36.59
N GLY G 165 38.43 26.08 36.80
CA GLY G 165 38.91 25.55 38.08
C GLY G 165 38.68 26.55 39.19
N MET G 166 38.82 27.82 38.85
CA MET G 166 38.66 28.91 39.80
C MET G 166 37.22 29.04 40.29
N LYS G 167 36.26 28.71 39.42
CA LYS G 167 34.84 28.72 39.79
C LYS G 167 34.60 27.68 40.86
N VAL G 168 35.46 26.66 40.91
CA VAL G 168 35.09 25.46 41.61
C VAL G 168 36.14 24.92 42.61
N GLY G 169 37.29 25.57 42.69
CA GLY G 169 38.30 25.24 43.68
C GLY G 169 39.27 24.19 43.18
N MET G 170 39.33 24.01 41.88
CA MET G 170 40.14 22.95 41.28
C MET G 170 41.43 23.51 40.77
N PRO G 171 42.57 23.05 41.32
CA PRO G 171 43.88 23.48 40.83
C PRO G 171 44.15 22.90 39.45
N THR G 172 44.98 23.60 38.68
CA THR G 172 45.32 23.13 37.35
C THR G 172 46.81 22.88 37.27
N MET G 173 47.17 21.74 36.70
CA MET G 173 48.56 21.40 36.43
C MET G 173 48.85 21.53 34.96
N ALA G 174 49.84 22.33 34.63
CA ALA G 174 50.32 22.46 33.26
C ALA G 174 51.57 21.60 33.08
N VAL G 175 51.57 20.71 32.08
CA VAL G 175 52.73 19.91 31.81
C VAL G 175 53.40 20.40 30.54
N THR G 176 54.71 20.57 30.58
CA THR G 176 55.43 21.10 29.45
C THR G 176 55.87 19.98 28.52
N GLY G 177 55.24 19.87 27.36
CA GLY G 177 55.60 18.85 26.37
C GLY G 177 56.51 19.40 25.27
N VAL G 178 57.41 18.57 24.71
CA VAL G 178 58.52 19.12 23.92
C VAL G 178 58.68 18.61 22.49
N ARG G 184 65.94 21.70 24.43
CA ARG G 184 65.56 20.94 25.61
C ARG G 184 66.41 21.29 26.82
N ASP G 185 66.77 22.57 26.94
CA ASP G 185 67.69 23.08 27.95
C ASP G 185 66.98 24.01 28.96
N GLN G 186 67.70 24.50 29.97
CA GLN G 186 67.07 25.33 30.98
C GLN G 186 66.33 26.55 30.45
N ARG G 187 66.99 27.33 29.61
CA ARG G 187 66.37 28.57 29.19
C ARG G 187 64.99 28.25 28.64
N TYR G 188 64.90 27.13 27.93
CA TYR G 188 63.66 26.72 27.35
C TYR G 188 62.59 26.39 28.39
N PHE G 189 62.90 25.49 29.30
CA PHE G 189 61.92 25.09 30.30
C PHE G 189 61.51 26.26 31.17
N SER G 190 62.41 27.21 31.34
CA SER G 190 62.09 28.42 32.07
C SER G 190 60.97 29.18 31.37
N LEU G 191 61.12 29.40 30.08
CA LEU G 191 60.09 30.05 29.33
C LEU G 191 58.79 29.29 29.52
N ALA G 192 58.82 27.99 29.24
CA ALA G 192 57.59 27.21 29.24
C ALA G 192 56.95 27.16 30.60
N THR G 193 57.74 26.86 31.62
CA THR G 193 57.14 26.70 32.94
C THR G 193 56.54 28.01 33.37
N ARG G 194 57.28 29.08 33.12
CA ARG G 194 56.91 30.41 33.59
C ARG G 194 55.66 30.99 32.93
N ILE G 195 55.57 30.83 31.62
CA ILE G 195 54.35 31.18 30.94
C ILE G 195 53.15 30.42 31.53
N ALA G 196 53.27 29.11 31.62
CA ALA G 196 52.16 28.33 32.13
C ALA G 196 51.74 28.86 33.52
N ALA G 197 52.72 29.08 34.39
CA ALA G 197 52.45 29.40 35.78
C ALA G 197 51.74 30.74 35.78
N GLU G 198 52.31 31.60 34.96
CA GLU G 198 51.86 32.97 34.84
C GLU G 198 50.40 32.99 34.35
N MET G 199 50.08 32.11 33.40
CA MET G 199 48.70 32.04 32.89
C MET G 199 47.76 31.71 34.03
N GLY G 200 48.24 30.90 34.97
CA GLY G 200 47.41 30.60 36.13
C GLY G 200 47.53 29.22 36.73
N ALA G 201 48.28 28.34 36.07
CA ALA G 201 48.44 26.98 36.60
C ALA G 201 49.07 26.97 38.00
N GLN G 202 48.46 26.23 38.92
CA GLN G 202 48.97 26.13 40.25
C GLN G 202 50.07 25.09 40.37
N ILE G 203 50.09 24.10 39.49
CA ILE G 203 51.18 23.15 39.54
C ILE G 203 51.82 23.09 38.20
N ILE G 204 53.14 23.09 38.15
CA ILE G 204 53.84 22.88 36.90
C ILE G 204 54.53 21.53 36.93
N LYS G 205 54.37 20.74 35.88
CA LYS G 205 55.12 19.52 35.78
C LYS G 205 56.05 19.61 34.59
N THR G 206 57.31 19.25 34.82
CA THR G 206 58.31 19.43 33.78
C THR G 206 59.46 18.45 33.92
N TYR G 207 60.46 18.61 33.06
CA TYR G 207 61.59 17.68 33.02
C TYR G 207 62.79 18.19 33.76
N TYR G 208 63.59 17.28 34.29
CA TYR G 208 64.80 17.67 34.99
C TYR G 208 65.88 18.06 34.00
N VAL G 209 66.73 19.01 34.39
CA VAL G 209 67.79 19.46 33.54
C VAL G 209 69.13 19.43 34.26
N GLU G 210 70.15 18.87 33.61
CA GLU G 210 71.42 18.68 34.28
C GLU G 210 72.11 20.00 34.61
N LYS G 211 71.90 21.01 33.79
CA LYS G 211 72.46 22.30 34.08
C LYS G 211 71.36 23.32 34.22
N GLY G 212 71.26 23.94 35.40
CA GLY G 212 70.42 25.11 35.56
C GLY G 212 69.01 24.85 36.03
N PHE G 213 68.77 23.66 36.54
CA PHE G 213 67.45 23.36 37.06
C PHE G 213 67.03 24.35 38.14
N GLU G 214 68.00 24.84 38.90
CA GLU G 214 67.74 25.75 40.00
C GLU G 214 67.03 27.00 39.53
N ARG G 215 67.43 27.51 38.37
CA ARG G 215 66.84 28.71 37.76
C ARG G 215 65.40 28.42 37.37
N ILE G 216 65.16 27.20 36.91
CA ILE G 216 63.82 26.83 36.52
C ILE G 216 62.90 26.88 37.73
N VAL G 217 63.31 26.20 38.80
CA VAL G 217 62.55 26.24 40.03
C VAL G 217 62.41 27.66 40.57
N ALA G 218 63.53 28.37 40.62
CA ALA G 218 63.57 29.67 41.25
C ALA G 218 62.66 30.62 40.51
N GLY G 219 62.62 30.49 39.19
CA GLY G 219 61.74 31.30 38.32
C GLY G 219 60.25 30.99 38.31
N CYS G 220 59.89 29.79 38.79
CA CYS G 220 58.52 29.34 38.88
C CYS G 220 57.95 29.70 40.25
N PRO G 221 56.79 30.36 40.27
CA PRO G 221 56.24 30.79 41.54
C PRO G 221 55.35 29.74 42.20
N VAL G 222 55.23 28.58 41.59
CA VAL G 222 54.34 27.56 42.11
C VAL G 222 55.07 26.25 42.06
N PRO G 223 54.51 25.25 42.75
CA PRO G 223 55.21 23.99 42.88
C PRO G 223 55.54 23.36 41.54
N ILE G 224 56.72 22.74 41.48
CA ILE G 224 57.15 22.02 40.31
C ILE G 224 57.31 20.54 40.62
N VAL G 225 56.82 19.71 39.71
CA VAL G 225 56.96 18.29 39.78
C VAL G 225 57.68 17.88 38.53
N ILE G 226 58.60 16.94 38.64
CA ILE G 226 59.35 16.53 37.46
C ILE G 226 58.91 15.18 36.93
N ALA G 227 58.83 15.06 35.61
CA ALA G 227 58.53 13.80 34.97
C ALA G 227 59.83 13.05 34.76
N GLY G 228 59.76 11.73 34.81
CA GLY G 228 60.94 10.88 34.71
C GLY G 228 61.52 10.81 33.32
N GLY G 229 60.67 10.78 32.30
CA GLY G 229 61.18 10.59 30.95
C GLY G 229 61.50 9.14 30.71
N LYS G 230 62.33 8.85 29.70
CA LYS G 230 62.60 7.47 29.32
C LYS G 230 63.20 6.67 30.46
N LYS G 231 62.94 5.36 30.44
CA LYS G 231 63.43 4.49 31.50
C LYS G 231 64.94 4.59 31.60
N LEU G 232 65.42 4.61 32.84
CA LEU G 232 66.84 4.58 33.11
C LEU G 232 67.07 3.45 34.10
N PRO G 233 68.33 3.03 34.26
CA PRO G 233 68.68 2.14 35.34
C PRO G 233 68.34 2.83 36.64
N GLU G 234 67.80 2.10 37.60
CA GLU G 234 67.28 2.70 38.82
C GLU G 234 68.28 3.61 39.49
N ARG G 235 69.50 3.13 39.63
CA ARG G 235 70.50 3.92 40.28
C ARG G 235 70.48 5.32 39.67
N GLU G 236 70.41 5.41 38.35
CA GLU G 236 70.45 6.71 37.69
C GLU G 236 69.19 7.56 37.88
N ALA G 237 68.03 6.91 37.87
CA ALA G 237 66.75 7.57 38.12
C ALA G 237 66.70 8.16 39.52
N LEU G 238 67.08 7.35 40.50
CA LEU G 238 67.16 7.84 41.86
C LEU G 238 68.08 9.05 41.98
N GLU G 239 69.23 9.00 41.31
CA GLU G 239 70.13 10.14 41.36
C GLU G 239 69.42 11.37 40.82
N MET G 240 68.73 11.19 39.70
CA MET G 240 67.92 12.25 39.14
C MET G 240 66.90 12.78 40.13
N CYS G 241 66.17 11.88 40.76
CA CYS G 241 65.24 12.26 41.80
C CYS G 241 65.95 13.08 42.83
N TRP G 242 67.03 12.52 43.35
CA TRP G 242 67.72 13.13 44.46
C TRP G 242 68.09 14.55 44.09
N GLN G 243 68.59 14.69 42.86
CA GLN G 243 69.03 15.97 42.33
C GLN G 243 67.89 16.96 42.20
N ALA G 244 66.77 16.50 41.66
CA ALA G 244 65.62 17.38 41.45
C ALA G 244 65.15 17.93 42.78
N ILE G 245 64.96 17.04 43.75
CA ILE G 245 64.53 17.45 45.07
C ILE G 245 65.54 18.38 45.71
N ASP G 246 66.80 17.96 45.69
CA ASP G 246 67.88 18.77 46.24
C ASP G 246 67.86 20.19 45.66
N GLN G 247 67.43 20.30 44.41
CA GLN G 247 67.41 21.59 43.73
C GLN G 247 66.04 22.26 43.76
N GLY G 248 65.18 21.80 44.66
CA GLY G 248 63.95 22.52 44.96
C GLY G 248 62.67 22.05 44.29
N ALA G 249 62.69 20.91 43.61
CA ALA G 249 61.44 20.39 43.04
C ALA G 249 60.52 20.00 44.19
N SER G 250 59.20 20.05 43.99
CA SER G 250 58.25 19.72 45.07
C SER G 250 57.72 18.31 44.98
N GLY G 251 58.04 17.62 43.89
CA GLY G 251 57.66 16.23 43.78
C GLY G 251 58.32 15.65 42.55
N VAL G 252 58.24 14.34 42.43
CA VAL G 252 58.70 13.69 41.23
C VAL G 252 57.64 12.72 40.72
N ASP G 253 57.55 12.62 39.41
CA ASP G 253 56.76 11.58 38.87
C ASP G 253 57.69 10.76 38.03
N MET G 254 57.99 9.55 38.50
CA MET G 254 58.71 8.59 37.69
C MET G 254 57.68 7.71 37.04
N GLY G 255 57.48 7.89 35.75
CA GLY G 255 56.47 7.07 35.15
C GLY G 255 57.15 5.76 34.79
N ARG G 256 57.67 5.74 33.57
CA ARG G 256 58.29 4.55 33.04
C ARG G 256 59.25 3.98 34.08
N ASN G 257 59.99 4.87 34.72
CA ASN G 257 61.02 4.45 35.62
C ASN G 257 60.47 3.68 36.77
N ILE G 258 59.16 3.60 36.88
CA ILE G 258 58.56 2.81 37.93
C ILE G 258 57.83 1.62 37.37
N PHE G 259 56.75 1.87 36.63
CA PHE G 259 55.91 0.77 36.18
C PHE G 259 56.70 -0.19 35.30
N GLN G 260 57.79 0.31 34.72
CA GLN G 260 58.62 -0.52 33.86
C GLN G 260 59.76 -1.24 34.60
N SER G 261 60.13 -0.78 35.79
CA SER G 261 61.15 -1.48 36.54
C SER G 261 60.70 -2.88 36.87
N ASP G 262 61.64 -3.81 36.97
CA ASP G 262 61.29 -5.19 37.32
C ASP G 262 60.82 -5.28 38.77
N HIS G 263 61.20 -4.29 39.55
CA HIS G 263 60.83 -4.29 40.96
C HIS G 263 60.19 -2.95 41.33
N PRO G 264 58.95 -2.74 40.88
CA PRO G 264 58.25 -1.47 41.00
C PRO G 264 58.12 -0.98 42.42
N VAL G 265 57.50 -1.79 43.26
CA VAL G 265 57.23 -1.35 44.62
C VAL G 265 58.52 -0.95 45.30
N ALA G 266 59.58 -1.72 45.07
CA ALA G 266 60.85 -1.40 45.67
C ALA G 266 61.27 -0.02 45.23
N MET G 267 61.13 0.25 43.93
CA MET G 267 61.51 1.54 43.40
C MET G 267 60.79 2.67 44.13
N MET G 268 59.47 2.53 44.30
CA MET G 268 58.67 3.59 44.89
C MET G 268 59.13 3.91 46.30
N LYS G 269 59.41 2.87 47.08
CA LYS G 269 59.94 3.10 48.42
C LYS G 269 61.27 3.83 48.35
N ALA G 270 62.03 3.53 47.31
CA ALA G 270 63.27 4.25 47.05
C ALA G 270 62.93 5.73 46.86
N VAL G 271 61.99 6.00 45.98
CA VAL G 271 61.62 7.36 45.66
C VAL G 271 61.02 8.04 46.87
N GLN G 272 60.17 7.32 47.61
CA GLN G 272 59.59 7.90 48.80
C GLN G 272 60.71 8.43 49.67
N ALA G 273 61.74 7.61 49.83
CA ALA G 273 62.83 7.92 50.73
C ALA G 273 63.50 9.20 50.30
N VAL G 274 63.91 9.26 49.04
CA VAL G 274 64.60 10.44 48.56
C VAL G 274 63.73 11.67 48.75
N VAL G 275 62.47 11.56 48.34
CA VAL G 275 61.57 12.71 48.29
C VAL G 275 61.18 13.22 49.67
N HIS G 276 60.48 12.40 50.43
CA HIS G 276 59.98 12.83 51.72
C HIS G 276 61.04 12.77 52.82
N HIS G 277 61.85 11.72 52.80
CA HIS G 277 62.70 11.45 53.95
C HIS G 277 64.14 11.92 53.79
N ASN G 278 64.50 12.36 52.60
CA ASN G 278 65.83 12.95 52.46
C ASN G 278 66.97 11.98 52.24
N GLU G 279 66.68 10.69 52.22
CA GLU G 279 67.76 9.75 52.03
C GLU G 279 68.59 10.20 50.85
N THR G 280 69.87 9.89 50.93
CA THR G 280 70.82 10.18 49.87
C THR G 280 70.63 9.12 48.80
N ALA G 281 71.00 9.45 47.57
CA ALA G 281 70.75 8.52 46.47
C ALA G 281 71.18 7.10 46.80
N ASP G 282 72.39 6.96 47.34
CA ASP G 282 72.95 5.63 47.57
C ASP G 282 72.13 4.84 48.56
N ARG G 283 71.86 5.41 49.72
CA ARG G 283 71.03 4.72 50.68
C ARG G 283 69.77 4.31 49.99
N ALA G 284 69.16 5.27 49.31
CA ALA G 284 67.90 5.04 48.62
C ALA G 284 68.02 3.78 47.77
N TYR G 285 69.01 3.77 46.88
CA TYR G 285 69.21 2.65 45.99
C TYR G 285 69.30 1.37 46.79
N GLU G 286 70.03 1.42 47.89
CA GLU G 286 70.25 0.25 48.69
C GLU G 286 68.99 -0.37 49.22
N LEU G 287 68.12 0.43 49.82
CA LEU G 287 66.83 -0.11 50.22
C LEU G 287 66.06 -0.49 48.96
N TYR G 288 66.42 0.10 47.83
CA TYR G 288 65.85 -0.35 46.57
C TYR G 288 66.09 -1.86 46.48
N LEU G 289 67.36 -2.22 46.53
CA LEU G 289 67.80 -3.62 46.49
C LEU G 289 67.30 -4.42 47.68
N SER G 290 67.38 -3.79 48.85
CA SER G 290 66.80 -4.34 50.05
C SER G 290 65.39 -4.88 49.79
N GLU G 291 64.54 -4.06 49.16
CA GLU G 291 63.13 -4.36 49.04
C GLU G 291 62.75 -5.35 47.94
N LYS G 292 63.69 -5.69 47.06
CA LYS G 292 63.46 -6.78 46.09
C LYS G 292 63.26 -8.12 46.81
N GLY H 12 5.27 -7.69 65.24
CA GLY H 12 5.15 -8.69 64.14
C GLY H 12 5.91 -8.32 62.87
N LYS H 13 7.02 -7.60 63.03
CA LYS H 13 7.84 -7.20 61.89
C LYS H 13 9.17 -7.97 61.90
N ASP H 14 9.68 -8.39 60.73
CA ASP H 14 10.99 -9.06 60.71
C ASP H 14 12.09 -8.35 59.93
N PHE H 15 13.12 -7.85 60.62
CA PHE H 15 14.20 -7.15 59.95
C PHE H 15 15.33 -8.06 59.60
N ARG H 16 15.20 -9.33 59.95
CA ARG H 16 16.21 -10.28 59.58
C ARG H 16 17.58 -9.76 60.00
N THR H 17 17.74 -9.43 61.27
CA THR H 17 19.02 -8.91 61.77
C THR H 17 20.13 -9.92 61.68
N ASP H 18 19.80 -11.19 61.68
CA ASP H 18 20.81 -12.24 61.64
C ASP H 18 21.45 -12.29 60.26
N GLN H 19 20.81 -11.65 59.29
CA GLN H 19 21.30 -11.73 57.93
C GLN H 19 21.58 -10.33 57.39
N PRO H 20 22.83 -10.02 57.14
CA PRO H 20 23.24 -8.66 56.89
C PRO H 20 23.22 -8.32 55.41
N GLN H 21 22.74 -7.12 55.09
CA GLN H 21 22.67 -6.68 53.72
C GLN H 21 24.02 -6.71 53.01
N LYS H 22 24.04 -7.29 51.82
CA LYS H 22 25.27 -7.44 51.05
C LYS H 22 25.07 -6.90 49.64
N ASN H 23 26.11 -6.28 49.09
CA ASN H 23 26.05 -5.63 47.78
C ASN H 23 26.24 -6.58 46.62
N ILE H 24 25.32 -6.55 45.68
CA ILE H 24 25.52 -7.35 44.49
C ILE H 24 26.54 -6.73 43.53
N PRO H 25 27.59 -7.47 43.20
CA PRO H 25 28.59 -6.95 42.30
C PRO H 25 28.03 -6.73 40.91
N PHE H 26 28.62 -5.76 40.22
CA PHE H 26 28.32 -5.48 38.83
C PHE H 26 29.53 -5.93 37.99
N THR H 27 29.35 -6.98 37.21
CA THR H 27 30.53 -7.60 36.63
C THR H 27 30.91 -7.13 35.26
N LEU H 28 30.03 -6.38 34.60
CA LEU H 28 30.29 -5.89 33.22
C LEU H 28 31.63 -5.18 33.15
N LYS H 29 32.41 -5.51 32.13
CA LYS H 29 33.78 -5.13 32.13
C LYS H 29 34.01 -3.65 32.17
N GLY H 30 34.70 -3.18 33.19
CA GLY H 30 35.13 -1.77 33.27
C GLY H 30 33.99 -0.85 33.58
N CYS H 31 32.86 -1.42 33.97
CA CYS H 31 31.69 -0.61 34.29
C CYS H 31 31.30 -0.72 35.76
N GLY H 32 32.29 -1.03 36.60
CA GLY H 32 32.03 -1.26 38.01
C GLY H 32 31.79 -0.02 38.82
N ALA H 33 32.13 1.14 38.25
CA ALA H 33 32.15 2.38 39.02
C ALA H 33 31.22 3.41 38.42
N LEU H 34 30.06 2.96 37.96
CA LEU H 34 29.13 3.87 37.32
C LEU H 34 27.88 3.98 38.14
N ASP H 35 27.22 5.12 38.01
CA ASP H 35 26.00 5.39 38.73
C ASP H 35 24.90 4.49 38.27
N TRP H 36 23.87 4.35 39.08
CA TRP H 36 22.85 3.33 38.84
C TRP H 36 22.27 3.42 37.40
N GLY H 37 21.90 4.63 36.98
CA GLY H 37 21.26 4.85 35.71
C GLY H 37 22.18 4.42 34.61
N MET H 38 23.43 4.81 34.69
CA MET H 38 24.31 4.42 33.62
C MET H 38 24.45 2.90 33.60
N GLN H 39 24.62 2.30 34.77
CA GLN H 39 24.75 0.88 34.78
C GLN H 39 23.50 0.23 34.18
N SER H 40 22.36 0.89 34.37
CA SER H 40 21.09 0.33 33.97
C SER H 40 20.98 0.33 32.48
N ARG H 41 21.39 1.43 31.87
CA ARG H 41 21.33 1.52 30.42
C ARG H 41 22.23 0.47 29.79
N LEU H 42 23.44 0.33 30.32
CA LEU H 42 24.41 -0.66 29.85
C LEU H 42 23.88 -2.07 30.02
N SER H 43 23.11 -2.28 31.08
CA SER H 43 22.52 -3.58 31.35
C SER H 43 21.43 -3.90 30.34
N ARG H 44 20.81 -2.87 29.78
CA ARG H 44 19.87 -3.10 28.71
C ARG H 44 20.61 -3.64 27.49
N ILE H 45 21.81 -3.13 27.29
CA ILE H 45 22.50 -3.45 26.06
C ILE H 45 23.16 -4.82 26.19
N PHE H 46 23.89 -5.01 27.27
CA PHE H 46 24.67 -6.23 27.49
C PHE H 46 23.94 -7.09 28.49
N ASN H 47 23.57 -8.29 28.06
CA ASN H 47 22.88 -9.19 28.94
C ASN H 47 23.67 -9.48 30.20
N PRO H 48 23.06 -9.24 31.35
CA PRO H 48 23.70 -9.39 32.65
C PRO H 48 24.15 -10.83 32.91
N LYS H 49 23.32 -11.79 32.50
CA LYS H 49 23.70 -13.21 32.59
C LYS H 49 24.95 -13.56 31.78
N THR H 50 24.98 -13.22 30.50
CA THR H 50 26.11 -13.60 29.64
C THR H 50 27.14 -12.46 29.44
N GLY H 51 26.75 -11.25 29.79
CA GLY H 51 27.64 -10.11 29.63
C GLY H 51 27.92 -9.75 28.19
N LYS H 52 27.01 -10.10 27.31
CA LYS H 52 27.20 -9.89 25.90
C LYS H 52 25.97 -9.39 25.19
N THR H 53 26.15 -8.94 23.96
CA THR H 53 25.06 -8.38 23.21
C THR H 53 25.12 -8.72 21.74
N VAL H 54 23.96 -8.91 21.15
CA VAL H 54 23.82 -9.02 19.71
C VAL H 54 23.19 -7.75 19.15
N MET H 55 23.93 -7.02 18.33
CA MET H 55 23.50 -5.70 17.94
C MET H 55 23.16 -5.64 16.48
N LEU H 56 21.99 -5.15 16.14
CA LEU H 56 21.64 -4.98 14.75
C LEU H 56 21.74 -3.52 14.38
N ALA H 57 22.80 -3.18 13.68
CA ALA H 57 23.08 -1.79 13.35
C ALA H 57 22.72 -1.49 11.92
N PHE H 58 21.89 -0.47 11.68
CA PHE H 58 21.54 -0.05 10.33
C PHE H 58 21.65 1.46 10.17
N ASP H 59 22.80 2.02 10.57
CA ASP H 59 22.94 3.46 10.59
C ASP H 59 23.65 4.02 9.37
N HIS H 60 24.05 3.16 8.44
CA HIS H 60 24.96 3.53 7.36
C HIS H 60 24.39 4.61 6.48
N GLY H 61 23.07 4.72 6.46
CA GLY H 61 22.45 5.74 5.65
C GLY H 61 23.09 7.06 5.95
N TYR H 62 23.69 7.16 7.13
CA TYR H 62 24.05 8.46 7.67
C TYR H 62 25.04 9.21 6.79
N PHE H 63 25.90 8.49 6.09
CA PHE H 63 26.83 9.15 5.18
C PHE H 63 26.77 8.48 3.84
N GLN H 64 25.96 7.44 3.78
CA GLN H 64 25.92 6.58 2.58
C GLN H 64 24.65 6.62 1.77
N GLY H 65 23.58 7.20 2.30
CA GLY H 65 22.33 7.17 1.60
C GLY H 65 21.78 5.76 1.64
N PRO H 66 20.90 5.41 0.68
CA PRO H 66 20.24 4.13 0.68
C PRO H 66 21.19 3.07 0.20
N THR H 67 22.09 2.68 1.06
CA THR H 67 22.91 1.49 0.84
C THR H 67 22.11 0.21 0.60
N THR H 68 22.72 -0.75 -0.08
CA THR H 68 22.06 -1.97 -0.41
C THR H 68 21.61 -2.71 0.82
N GLY H 69 20.34 -3.03 0.87
CA GLY H 69 19.80 -3.80 1.98
C GLY H 69 19.20 -2.87 3.00
N LEU H 70 19.53 -1.58 2.91
CA LEU H 70 18.92 -0.57 3.79
C LEU H 70 18.00 0.32 2.99
N GLU H 71 17.67 -0.11 1.77
CA GLU H 71 16.83 0.70 0.91
C GLU H 71 15.56 1.02 1.65
N ARG H 72 14.93 0.00 2.20
CA ARG H 72 13.69 0.19 2.93
C ARG H 72 13.80 -0.45 4.32
N ILE H 73 14.26 0.33 5.30
CA ILE H 73 14.35 -0.19 6.65
C ILE H 73 13.01 -0.70 7.09
N ASP H 74 11.97 0.05 6.75
CA ASP H 74 10.63 -0.23 7.27
C ASP H 74 10.13 -1.60 6.87
N ILE H 75 10.62 -2.13 5.75
CA ILE H 75 10.15 -3.41 5.28
C ILE H 75 11.16 -4.50 5.53
N ASN H 76 12.36 -4.27 5.02
CA ASN H 76 13.48 -5.18 5.15
C ASN H 76 13.94 -5.49 6.57
N ILE H 77 14.17 -4.44 7.37
CA ILE H 77 14.76 -4.55 8.68
C ILE H 77 13.70 -4.65 9.79
N ALA H 78 12.52 -4.11 9.57
CA ALA H 78 11.49 -4.13 10.61
C ALA H 78 11.25 -5.50 11.24
N PRO H 79 11.19 -6.54 10.42
CA PRO H 79 11.02 -7.91 10.89
C PRO H 79 12.20 -8.36 11.74
N LEU H 80 13.34 -7.71 11.58
CA LEU H 80 14.58 -8.14 12.23
C LEU H 80 14.71 -7.73 13.69
N PHE H 81 13.98 -6.70 14.09
CA PHE H 81 14.20 -6.09 15.38
C PHE H 81 14.07 -7.03 16.54
N GLU H 82 13.03 -7.84 16.56
CA GLU H 82 12.79 -8.71 17.71
C GLU H 82 13.94 -9.65 18.00
N HIS H 83 14.78 -9.96 17.03
CA HIS H 83 15.82 -10.94 17.30
C HIS H 83 17.14 -10.28 17.62
N ALA H 84 17.10 -9.01 17.96
CA ALA H 84 18.31 -8.31 18.28
C ALA H 84 18.27 -7.91 19.75
N ASP H 85 19.44 -7.79 20.37
CA ASP H 85 19.52 -7.36 21.76
C ASP H 85 19.37 -5.87 21.79
N VAL H 86 20.05 -5.23 20.85
CA VAL H 86 20.09 -3.78 20.77
C VAL H 86 20.09 -3.33 19.32
N LEU H 87 19.46 -2.20 19.05
CA LEU H 87 19.37 -1.67 17.71
C LEU H 87 20.32 -0.49 17.63
N MET H 88 20.85 -0.24 16.44
CA MET H 88 21.61 0.97 16.29
C MET H 88 21.24 1.67 15.01
N CYS H 89 20.71 2.87 15.13
CA CYS H 89 20.34 3.62 13.96
C CYS H 89 20.45 5.13 14.20
N THR H 90 20.16 5.92 13.19
CA THR H 90 20.06 7.36 13.37
C THR H 90 18.77 7.75 14.03
N ARG H 91 18.76 8.97 14.56
CA ARG H 91 17.55 9.47 15.21
C ARG H 91 16.49 9.72 14.13
N GLY H 92 16.94 10.06 12.92
CA GLY H 92 16.03 10.31 11.83
C GLY H 92 15.26 9.06 11.52
N ILE H 93 15.99 7.98 11.32
CA ILE H 93 15.37 6.71 11.00
C ILE H 93 14.51 6.19 12.14
N LEU H 94 15.04 6.29 13.35
CA LEU H 94 14.34 5.80 14.51
C LEU H 94 12.95 6.39 14.64
N ARG H 95 12.83 7.71 14.56
CA ARG H 95 11.52 8.33 14.69
C ARG H 95 10.61 7.96 13.53
N SER H 96 11.14 7.91 12.32
CA SER H 96 10.29 7.68 11.14
C SER H 96 9.84 6.26 10.93
N VAL H 97 10.74 5.30 11.08
CA VAL H 97 10.39 3.95 10.69
C VAL H 97 10.69 2.85 11.69
N VAL H 98 11.16 3.20 12.86
CA VAL H 98 11.23 2.20 13.91
C VAL H 98 10.09 2.37 14.89
N PRO H 99 9.24 1.36 15.03
CA PRO H 99 8.08 1.52 15.87
C PRO H 99 8.53 1.57 17.32
N PRO H 100 8.05 2.56 18.09
CA PRO H 100 8.37 2.65 19.49
C PRO H 100 8.06 1.33 20.20
N ALA H 101 6.99 0.64 19.78
CA ALA H 101 6.59 -0.58 20.46
C ALA H 101 7.59 -1.70 20.19
N THR H 102 8.59 -1.43 19.36
CA THR H 102 9.54 -2.44 19.02
C THR H 102 10.16 -2.92 20.31
N ASN H 103 10.05 -2.08 21.32
CA ASN H 103 10.53 -2.38 22.66
C ASN H 103 11.92 -2.99 22.74
N ARG H 104 12.86 -2.45 21.96
CA ARG H 104 14.20 -2.91 22.01
C ARG H 104 15.14 -1.73 22.32
N PRO H 105 16.22 -1.95 23.08
CA PRO H 105 17.14 -0.88 23.43
C PRO H 105 17.77 -0.32 22.19
N VAL H 106 18.03 0.99 22.12
CA VAL H 106 18.72 1.52 20.95
C VAL H 106 19.98 2.26 21.30
N VAL H 107 20.96 2.17 20.42
CA VAL H 107 22.13 2.98 20.57
C VAL H 107 22.07 3.96 19.45
N LEU H 108 21.79 5.22 19.73
CA LEU H 108 21.74 6.24 18.69
C LEU H 108 23.07 6.59 18.09
N ARG H 109 23.13 6.59 16.77
CA ARG H 109 24.31 7.05 16.11
C ARG H 109 24.30 8.57 16.17
N ALA H 110 25.35 9.16 16.77
CA ALA H 110 25.41 10.60 17.04
C ALA H 110 26.51 11.41 16.29
N SER H 111 27.08 10.83 15.24
CA SER H 111 28.07 11.57 14.47
C SER H 111 27.51 11.58 13.06
N GLY H 112 28.03 12.44 12.20
CA GLY H 112 27.52 12.57 10.86
C GLY H 112 28.10 13.80 10.21
N ALA H 113 27.44 14.30 9.17
CA ALA H 113 27.92 15.44 8.39
C ALA H 113 29.04 15.09 7.41
N ASN H 114 29.25 13.79 7.18
CA ASN H 114 30.12 13.35 6.11
C ASN H 114 29.29 12.71 4.98
N SER H 115 29.87 12.54 3.80
CA SER H 115 29.20 11.87 2.68
C SER H 115 30.24 10.93 2.13
N ILE H 116 29.79 9.98 1.35
CA ILE H 116 30.73 9.16 0.62
C ILE H 116 31.35 9.97 -0.51
N LEU H 117 30.86 11.19 -0.72
CA LEU H 117 31.34 12.03 -1.83
C LEU H 117 32.50 12.91 -1.41
N ALA H 118 32.88 12.82 -0.14
CA ALA H 118 33.89 13.73 0.41
C ALA H 118 34.74 12.95 1.40
N GLU H 119 35.63 13.66 2.10
CA GLU H 119 36.48 12.98 3.06
C GLU H 119 35.64 12.28 4.11
N LEU H 120 35.89 11.00 4.30
CA LEU H 120 35.06 10.16 5.16
C LEU H 120 35.13 10.57 6.64
N SER H 121 36.31 10.98 7.08
CA SER H 121 36.53 11.23 8.50
C SER H 121 35.99 12.57 8.95
N ASN H 122 35.38 13.32 8.05
CA ASN H 122 34.91 14.65 8.39
C ASN H 122 33.52 14.66 9.06
N GLU H 123 33.49 14.27 10.33
CA GLU H 123 32.25 14.07 11.04
C GLU H 123 32.11 15.11 12.13
N ALA H 124 30.86 15.44 12.44
CA ALA H 124 30.58 16.29 13.58
C ALA H 124 29.53 15.61 14.49
N VAL H 125 29.32 16.15 15.68
CA VAL H 125 28.31 15.56 16.52
C VAL H 125 26.96 15.83 15.84
N ALA H 126 26.13 14.78 15.77
CA ALA H 126 24.95 14.85 14.92
C ALA H 126 23.64 14.92 15.70
N LEU H 127 23.72 14.99 17.02
CA LEU H 127 22.51 15.27 17.81
C LEU H 127 22.86 15.61 19.26
N SER H 128 22.01 16.34 19.94
CA SER H 128 22.34 16.78 21.26
C SER H 128 21.99 15.68 22.24
N MET H 129 22.68 15.62 23.37
CA MET H 129 22.41 14.57 24.37
C MET H 129 20.98 14.78 24.78
N ASP H 130 20.56 16.01 24.66
CA ASP H 130 19.23 16.45 25.02
C ASP H 130 18.19 15.59 24.31
N ASP H 131 18.35 15.47 23.00
CA ASP H 131 17.46 14.64 22.22
C ASP H 131 17.70 13.16 22.44
N ALA H 132 18.95 12.76 22.65
CA ALA H 132 19.20 11.35 22.89
C ALA H 132 18.44 10.92 24.15
N VAL H 133 18.44 11.80 25.15
CA VAL H 133 17.76 11.53 26.38
C VAL H 133 16.27 11.55 26.11
N ARG H 134 15.88 12.46 25.23
CA ARG H 134 14.46 12.57 24.88
C ARG H 134 13.99 11.30 24.23
N LEU H 135 14.89 10.65 23.52
CA LEU H 135 14.54 9.45 22.80
C LEU H 135 14.71 8.17 23.63
N ASN H 136 15.03 8.30 24.91
CA ASN H 136 15.26 7.14 25.74
C ASN H 136 16.36 6.21 25.22
N SER H 137 17.48 6.75 24.78
CA SER H 137 18.57 5.91 24.27
C SER H 137 19.25 5.19 25.41
N CYS H 138 19.90 4.08 25.09
CA CYS H 138 20.77 3.38 26.01
C CYS H 138 22.19 3.86 25.86
N ALA H 139 22.49 4.40 24.69
CA ALA H 139 23.81 4.97 24.48
C ALA H 139 23.84 5.83 23.24
N VAL H 140 24.89 6.61 23.11
CA VAL H 140 25.08 7.38 21.90
C VAL H 140 26.44 6.95 21.38
N ALA H 141 26.57 6.93 20.05
CA ALA H 141 27.77 6.44 19.38
C ALA H 141 28.29 7.47 18.41
N ALA H 142 29.61 7.55 18.31
CA ALA H 142 30.25 8.38 17.28
C ALA H 142 31.53 7.71 16.84
N GLN H 143 32.05 8.15 15.70
CA GLN H 143 33.18 7.46 15.05
C GLN H 143 34.41 8.20 15.40
N VAL H 144 35.46 7.46 15.68
CA VAL H 144 36.75 8.06 15.87
C VAL H 144 37.62 7.57 14.70
N TYR H 145 38.45 8.47 14.17
CA TYR H 145 39.25 8.18 12.98
C TYR H 145 40.73 8.38 13.19
N ILE H 146 41.37 7.53 13.97
CA ILE H 146 42.79 7.66 14.12
C ILE H 146 43.39 7.53 12.76
N GLY H 147 44.41 8.35 12.49
CA GLY H 147 45.15 8.29 11.25
C GLY H 147 44.51 9.02 10.09
N SER H 148 43.25 9.36 10.22
CA SER H 148 42.60 10.03 9.12
C SER H 148 42.84 11.52 9.23
N GLU H 149 42.39 12.25 8.22
CA GLU H 149 42.65 13.67 8.18
C GLU H 149 42.01 14.42 9.36
N TYR H 150 40.82 13.99 9.76
CA TYR H 150 40.04 14.71 10.77
C TYR H 150 40.00 13.94 12.07
N GLU H 151 41.12 13.30 12.37
CA GLU H 151 41.20 12.52 13.55
C GLU H 151 40.98 13.35 14.83
N HIS H 152 41.48 14.57 14.83
CA HIS H 152 41.34 15.44 15.99
C HIS H 152 39.89 15.76 16.31
N GLN H 153 39.13 16.20 15.30
CA GLN H 153 37.71 16.47 15.47
C GLN H 153 37.02 15.21 15.96
N SER H 154 37.41 14.07 15.39
CA SER H 154 36.71 12.82 15.74
C SER H 154 36.83 12.54 17.21
N ILE H 155 37.99 12.81 17.79
CA ILE H 155 38.15 12.54 19.21
C ILE H 155 37.40 13.56 20.02
N LYS H 156 37.49 14.80 19.59
CA LYS H 156 36.73 15.86 20.24
C LYS H 156 35.28 15.50 20.29
N ASN H 157 34.81 14.85 19.24
CA ASN H 157 33.42 14.40 19.20
C ASN H 157 33.11 13.45 20.34
N ILE H 158 33.96 12.45 20.50
CA ILE H 158 33.78 11.52 21.59
C ILE H 158 33.79 12.24 22.93
N ILE H 159 34.78 13.11 23.09
CA ILE H 159 34.96 13.82 24.33
C ILE H 159 33.68 14.56 24.64
N GLN H 160 33.21 15.29 23.67
CA GLN H 160 32.03 16.08 23.93
C GLN H 160 30.82 15.25 24.32
N LEU H 161 30.67 14.08 23.71
CA LEU H 161 29.52 13.26 24.01
C LEU H 161 29.66 12.69 25.39
N VAL H 162 30.92 12.43 25.78
CA VAL H 162 31.16 11.85 27.13
C VAL H 162 30.88 12.91 28.22
N ASP H 163 31.26 14.16 27.94
CA ASP H 163 31.00 15.23 28.88
C ASP H 163 29.52 15.35 29.10
N ALA H 164 28.75 15.26 28.02
CA ALA H 164 27.31 15.39 28.09
C ALA H 164 26.71 14.16 28.71
N GLY H 165 27.19 13.01 28.30
CA GLY H 165 26.59 11.77 28.78
C GLY H 165 26.70 11.64 30.29
N MET H 166 27.82 12.12 30.83
CA MET H 166 28.11 11.95 32.23
C MET H 166 27.16 12.77 33.06
N LYS H 167 26.73 13.92 32.53
CA LYS H 167 25.72 14.73 33.23
C LYS H 167 24.43 13.94 33.36
N VAL H 168 24.21 13.02 32.46
CA VAL H 168 22.88 12.52 32.31
C VAL H 168 22.71 10.97 32.36
N GLY H 169 23.82 10.26 32.54
CA GLY H 169 23.77 8.82 32.71
C GLY H 169 23.85 8.04 31.42
N MET H 170 24.30 8.69 30.37
CA MET H 170 24.30 8.11 29.04
C MET H 170 25.67 7.60 28.64
N PRO H 171 25.77 6.29 28.42
CA PRO H 171 27.03 5.76 27.97
C PRO H 171 27.36 6.23 26.55
N THR H 172 28.65 6.27 26.21
CA THR H 172 29.06 6.63 24.86
C THR H 172 29.80 5.49 24.22
N MET H 173 29.45 5.20 22.98
CA MET H 173 30.17 4.20 22.19
C MET H 173 31.04 4.88 21.16
N ALA H 174 32.31 4.57 21.18
CA ALA H 174 33.21 5.05 20.15
C ALA H 174 33.42 3.92 19.15
N VAL H 175 33.23 4.23 17.88
CA VAL H 175 33.49 3.28 16.81
C VAL H 175 34.75 3.67 16.04
N THR H 176 35.59 2.70 15.76
CA THR H 176 36.84 3.05 15.12
C THR H 176 36.70 2.92 13.61
N GLY H 177 36.71 4.05 12.89
CA GLY H 177 36.59 4.04 11.43
C GLY H 177 37.96 4.12 10.77
N VAL H 178 38.16 3.49 9.59
CA VAL H 178 39.51 3.35 9.05
C VAL H 178 39.86 3.92 7.66
N ARG H 184 45.53 -1.63 8.92
CA ARG H 184 44.31 -2.29 9.40
C ARG H 184 44.58 -3.53 10.26
N ASP H 185 45.66 -3.48 11.06
CA ASP H 185 46.16 -4.59 11.85
C ASP H 185 45.99 -4.36 13.35
N GLN H 186 46.33 -5.36 14.16
CA GLN H 186 46.14 -5.22 15.60
C GLN H 186 46.75 -3.98 16.19
N ARG H 187 48.02 -3.72 15.91
CA ARG H 187 48.69 -2.65 16.63
C ARG H 187 47.85 -1.40 16.43
N TYR H 188 47.34 -1.25 15.22
CA TYR H 188 46.53 -0.10 14.91
C TYR H 188 45.25 -0.04 15.75
N PHE H 189 44.45 -1.10 15.73
CA PHE H 189 43.19 -1.07 16.46
C PHE H 189 43.40 -0.93 17.96
N SER H 190 44.54 -1.41 18.43
CA SER H 190 44.92 -1.20 19.81
C SER H 190 45.05 0.27 20.10
N LEU H 191 45.79 0.97 19.27
CA LEU H 191 45.89 2.39 19.45
C LEU H 191 44.51 3.03 19.47
N ALA H 192 43.75 2.82 18.41
CA ALA H 192 42.45 3.46 18.25
C ALA H 192 41.48 3.11 19.36
N THR H 193 41.37 1.83 19.69
CA THR H 193 40.40 1.48 20.73
C THR H 193 40.77 2.07 22.08
N ARG H 194 42.05 1.97 22.41
CA ARG H 194 42.54 2.41 23.70
C ARG H 194 42.41 3.91 23.90
N ILE H 195 42.77 4.66 22.88
CA ILE H 195 42.59 6.10 22.97
C ILE H 195 41.13 6.46 23.21
N ALA H 196 40.24 5.87 22.44
CA ALA H 196 38.84 6.13 22.63
C ALA H 196 38.43 5.82 24.07
N ALA H 197 38.78 4.62 24.50
CA ALA H 197 38.36 4.16 25.82
C ALA H 197 38.90 5.08 26.91
N GLU H 198 40.16 5.43 26.73
CA GLU H 198 40.86 6.27 27.62
C GLU H 198 40.21 7.65 27.69
N MET H 199 39.82 8.20 26.55
CA MET H 199 39.11 9.46 26.53
C MET H 199 37.88 9.36 27.38
N GLY H 200 37.22 8.20 27.40
CA GLY H 200 36.05 8.08 28.25
C GLY H 200 34.92 7.22 27.73
N ALA H 201 35.05 6.70 26.53
CA ALA H 201 33.98 5.94 25.95
C ALA H 201 33.80 4.66 26.75
N GLN H 202 32.55 4.35 27.10
CA GLN H 202 32.22 3.14 27.83
C GLN H 202 32.13 1.93 26.93
N ILE H 203 31.74 2.10 25.68
CA ILE H 203 31.72 0.96 24.77
C ILE H 203 32.59 1.26 23.57
N ILE H 204 33.40 0.29 23.18
CA ILE H 204 34.18 0.43 21.97
C ILE H 204 33.66 -0.51 20.92
N LYS H 205 33.49 -0.02 19.71
CA LYS H 205 33.08 -0.89 18.64
C LYS H 205 34.19 -0.91 17.62
N THR H 206 34.58 -2.10 17.18
CA THR H 206 35.69 -2.17 16.30
C THR H 206 35.61 -3.41 15.43
N TYR H 207 36.66 -3.63 14.64
CA TYR H 207 36.70 -4.73 13.71
C TYR H 207 37.50 -5.92 14.23
N TYR H 208 37.18 -7.11 13.75
CA TYR H 208 37.91 -8.28 14.16
C TYR H 208 39.19 -8.41 13.37
N VAL H 209 40.20 -9.02 13.97
CA VAL H 209 41.50 -9.11 13.36
C VAL H 209 41.98 -10.55 13.47
N GLU H 210 42.48 -11.10 12.37
CA GLU H 210 42.85 -12.50 12.39
C GLU H 210 44.04 -12.82 13.25
N LYS H 211 44.94 -11.86 13.40
CA LYS H 211 46.05 -12.05 14.30
C LYS H 211 46.04 -10.99 15.38
N GLY H 212 45.93 -11.40 16.64
CA GLY H 212 46.21 -10.51 17.75
C GLY H 212 45.00 -9.83 18.35
N PHE H 213 43.82 -10.31 18.01
CA PHE H 213 42.62 -9.71 18.53
C PHE H 213 42.64 -9.70 20.05
N GLU H 214 43.25 -10.72 20.63
CA GLU H 214 43.29 -10.85 22.07
C GLU H 214 43.94 -9.65 22.72
N ARG H 215 44.99 -9.14 22.09
CA ARG H 215 45.71 -7.99 22.61
C ARG H 215 44.81 -6.79 22.59
N ILE H 216 44.01 -6.67 21.53
CA ILE H 216 43.08 -5.57 21.42
C ILE H 216 42.09 -5.61 22.58
N VAL H 217 41.48 -6.77 22.80
CA VAL H 217 40.52 -6.89 23.87
C VAL H 217 41.21 -6.64 25.17
N ALA H 218 42.36 -7.29 25.36
CA ALA H 218 43.05 -7.27 26.64
C ALA H 218 43.43 -5.84 26.99
N GLY H 219 43.81 -5.06 25.98
CA GLY H 219 44.23 -3.68 26.16
C GLY H 219 43.10 -2.70 26.34
N CYS H 220 41.87 -3.14 26.07
CA CYS H 220 40.72 -2.25 26.20
C CYS H 220 40.07 -2.50 27.55
N PRO H 221 39.87 -1.45 28.36
CA PRO H 221 39.32 -1.64 29.69
C PRO H 221 37.83 -1.69 29.74
N VAL H 222 37.18 -1.56 28.59
CA VAL H 222 35.72 -1.55 28.57
C VAL H 222 35.23 -2.49 27.47
N PRO H 223 33.91 -2.72 27.46
CA PRO H 223 33.40 -3.71 26.53
C PRO H 223 33.73 -3.40 25.08
N ILE H 224 34.02 -4.44 24.31
CA ILE H 224 34.22 -4.32 22.87
C ILE H 224 33.15 -5.08 22.09
N VAL H 225 32.63 -4.41 21.08
CA VAL H 225 31.71 -5.00 20.17
C VAL H 225 32.38 -4.93 18.81
N ILE H 226 32.21 -5.96 17.99
CA ILE H 226 32.86 -5.96 16.69
C ILE H 226 31.87 -5.73 15.59
N ALA H 227 32.28 -4.97 14.58
CA ALA H 227 31.47 -4.76 13.43
C ALA H 227 31.80 -5.85 12.45
N GLY H 228 30.81 -6.21 11.65
CA GLY H 228 30.95 -7.29 10.66
C GLY H 228 31.81 -6.94 9.45
N GLY H 229 31.68 -5.71 8.94
CA GLY H 229 32.37 -5.37 7.71
C GLY H 229 31.63 -5.93 6.51
N LYS H 230 32.34 -6.09 5.40
CA LYS H 230 31.70 -6.46 4.14
C LYS H 230 31.04 -7.83 4.25
N LYS H 231 30.02 -8.06 3.45
CA LYS H 231 29.26 -9.30 3.50
C LYS H 231 30.17 -10.48 3.21
N LEU H 232 29.98 -11.55 3.96
CA LEU H 232 30.71 -12.79 3.74
C LEU H 232 29.68 -13.87 3.66
N PRO H 233 30.07 -15.02 3.15
CA PRO H 233 29.25 -16.20 3.23
C PRO H 233 29.02 -16.48 4.70
N GLU H 234 27.81 -16.88 5.07
CA GLU H 234 27.44 -17.02 6.46
C GLU H 234 28.38 -17.88 7.25
N ARG H 235 28.71 -19.05 6.72
CA ARG H 235 29.62 -19.92 7.42
C ARG H 235 30.85 -19.13 7.90
N GLU H 236 31.39 -18.29 7.02
CA GLU H 236 32.57 -17.52 7.35
C GLU H 236 32.31 -16.42 8.39
N ALA H 237 31.15 -15.77 8.30
CA ALA H 237 30.78 -14.74 9.26
C ALA H 237 30.60 -15.35 10.64
N LEU H 238 29.88 -16.45 10.71
CA LEU H 238 29.74 -17.13 11.97
C LEU H 238 31.09 -17.49 12.57
N GLU H 239 32.01 -17.96 11.74
CA GLU H 239 33.31 -18.33 12.27
C GLU H 239 33.94 -17.11 12.88
N MET H 240 33.86 -16.00 12.17
CA MET H 240 34.35 -14.73 12.69
C MET H 240 33.68 -14.34 14.01
N CYS H 241 32.36 -14.45 14.08
CA CYS H 241 31.68 -14.28 15.35
C CYS H 241 32.24 -15.18 16.38
N TRP H 242 32.33 -16.46 16.05
CA TRP H 242 32.74 -17.41 17.04
C TRP H 242 34.11 -17.02 17.58
N GLN H 243 34.99 -16.66 16.67
CA GLN H 243 36.33 -16.29 17.04
C GLN H 243 36.37 -15.06 17.91
N ALA H 244 35.62 -14.04 17.53
CA ALA H 244 35.62 -12.78 18.27
C ALA H 244 35.19 -13.02 19.72
N ILE H 245 34.09 -13.73 19.89
CA ILE H 245 33.59 -14.06 21.21
C ILE H 245 34.61 -14.89 21.94
N ASP H 246 35.08 -15.94 21.29
CA ASP H 246 36.04 -16.82 21.92
C ASP H 246 37.23 -16.03 22.43
N GLN H 247 37.54 -14.97 21.72
CA GLN H 247 38.71 -14.15 22.06
C GLN H 247 38.36 -12.92 22.91
N GLY H 248 37.15 -12.90 23.47
CA GLY H 248 36.82 -11.97 24.53
C GLY H 248 35.99 -10.77 24.17
N ALA H 249 35.46 -10.72 22.95
CA ALA H 249 34.58 -9.63 22.57
C ALA H 249 33.27 -9.74 23.35
N SER H 250 32.60 -8.61 23.59
CA SER H 250 31.42 -8.64 24.44
C SER H 250 30.16 -8.64 23.63
N GLY H 251 30.31 -8.42 22.33
CA GLY H 251 29.16 -8.47 21.45
C GLY H 251 29.63 -8.46 20.03
N VAL H 252 28.71 -8.73 19.11
CA VAL H 252 29.03 -8.60 17.71
C VAL H 252 27.92 -7.81 17.06
N ASP H 253 28.29 -7.01 16.10
CA ASP H 253 27.30 -6.42 15.24
C ASP H 253 27.57 -6.86 13.84
N MET H 254 26.72 -7.73 13.33
CA MET H 254 26.82 -8.11 11.93
C MET H 254 25.88 -7.22 11.17
N GLY H 255 26.40 -6.28 10.42
CA GLY H 255 25.46 -5.41 9.75
C GLY H 255 25.09 -6.14 8.48
N ARG H 256 25.91 -5.88 7.47
CA ARG H 256 25.63 -6.36 6.12
C ARG H 256 25.41 -7.85 6.22
N ASN H 257 26.23 -8.49 7.03
CA ASN H 257 26.19 -9.92 7.10
C ASN H 257 24.86 -10.46 7.57
N ILE H 258 23.98 -9.55 7.96
CA ILE H 258 22.66 -9.96 8.37
C ILE H 258 21.61 -9.46 7.42
N PHE H 259 21.46 -8.14 7.32
CA PHE H 259 20.35 -7.59 6.55
C PHE H 259 20.48 -7.97 5.11
N GLN H 260 21.70 -8.24 4.68
CA GLN H 260 21.97 -8.66 3.29
C GLN H 260 21.84 -10.14 3.03
N SER H 261 21.92 -10.97 4.06
CA SER H 261 21.76 -12.40 3.88
C SER H 261 20.37 -12.68 3.35
N ASP H 262 20.23 -13.71 2.52
CA ASP H 262 18.93 -14.10 1.98
C ASP H 262 18.02 -14.61 3.09
N HIS H 263 18.62 -15.08 4.16
CA HIS H 263 17.85 -15.62 5.28
C HIS H 263 18.24 -14.94 6.58
N PRO H 264 17.83 -13.68 6.75
CA PRO H 264 18.27 -12.85 7.88
C PRO H 264 17.95 -13.43 9.24
N VAL H 265 16.69 -13.73 9.49
CA VAL H 265 16.29 -14.17 10.82
C VAL H 265 17.03 -15.43 11.22
N ALA H 266 17.18 -16.35 10.27
CA ALA H 266 17.98 -17.53 10.52
C ALA H 266 19.40 -17.15 10.94
N MET H 267 20.01 -16.18 10.25
CA MET H 267 21.36 -15.76 10.58
C MET H 267 21.41 -15.32 12.04
N MET H 268 20.44 -14.50 12.43
CA MET H 268 20.44 -13.89 13.76
C MET H 268 20.40 -14.94 14.83
N LYS H 269 19.58 -15.95 14.64
CA LYS H 269 19.51 -17.01 15.61
C LYS H 269 20.83 -17.75 15.64
N ALA H 270 21.52 -17.81 14.50
CA ALA H 270 22.84 -18.39 14.45
C ALA H 270 23.74 -17.59 15.36
N VAL H 271 23.73 -16.28 15.16
CA VAL H 271 24.56 -15.38 15.91
C VAL H 271 24.18 -15.44 17.37
N GLN H 272 22.90 -15.46 17.68
CA GLN H 272 22.50 -15.50 19.06
C GLN H 272 23.17 -16.68 19.71
N ALA H 273 23.20 -17.79 18.99
CA ALA H 273 23.72 -19.06 19.51
C ALA H 273 25.18 -18.93 19.81
N VAL H 274 25.96 -18.46 18.84
CA VAL H 274 27.37 -18.29 19.08
C VAL H 274 27.62 -17.36 20.25
N VAL H 275 26.95 -16.21 20.25
CA VAL H 275 27.24 -15.19 21.24
C VAL H 275 26.81 -15.58 22.63
N HIS H 276 25.52 -15.74 22.83
CA HIS H 276 24.97 -16.00 24.16
C HIS H 276 25.10 -17.43 24.63
N HIS H 277 24.89 -18.37 23.73
CA HIS H 277 24.80 -19.77 24.13
C HIS H 277 26.05 -20.61 23.92
N ASN H 278 27.05 -20.07 23.26
CA ASN H 278 28.30 -20.79 23.15
C ASN H 278 28.38 -21.84 22.06
N GLU H 279 27.35 -21.96 21.24
CA GLU H 279 27.42 -22.95 20.20
C GLU H 279 28.69 -22.73 19.41
N THR H 280 29.23 -23.83 18.92
CA THR H 280 30.40 -23.82 18.09
C THR H 280 29.99 -23.34 16.72
N ALA H 281 30.92 -22.81 15.95
CA ALA H 281 30.56 -22.25 14.65
C ALA H 281 29.70 -23.22 13.86
N ASP H 282 30.10 -24.48 13.80
CA ASP H 282 29.42 -25.46 12.94
C ASP H 282 27.97 -25.67 13.34
N ARG H 283 27.75 -25.98 14.60
CA ARG H 283 26.38 -26.15 15.05
C ARG H 283 25.61 -24.93 14.67
N ALA H 284 26.19 -23.78 15.00
CA ALA H 284 25.57 -22.52 14.73
C ALA H 284 25.12 -22.51 13.29
N TYR H 285 26.05 -22.70 12.37
CA TYR H 285 25.72 -22.68 10.96
C TYR H 285 24.59 -23.63 10.63
N GLU H 286 24.61 -24.80 11.25
CA GLU H 286 23.60 -25.81 10.99
C GLU H 286 22.18 -25.38 11.35
N LEU H 287 21.99 -24.84 12.55
CA LEU H 287 20.68 -24.26 12.83
C LEU H 287 20.44 -23.07 11.89
N TYR H 288 21.51 -22.48 11.37
CA TYR H 288 21.35 -21.45 10.34
C TYR H 288 20.50 -22.05 9.25
N LEU H 289 21.01 -23.15 8.68
CA LEU H 289 20.33 -23.88 7.62
C LEU H 289 19.02 -24.46 8.07
N SER H 290 19.02 -24.98 9.30
CA SER H 290 17.81 -25.43 9.97
C SER H 290 16.69 -24.37 9.84
N GLU H 291 17.00 -23.12 10.22
CA GLU H 291 15.97 -22.08 10.31
C GLU H 291 15.51 -21.49 8.96
N LYS H 292 16.21 -21.77 7.87
CA LYS H 292 15.75 -21.34 6.54
C LYS H 292 14.36 -21.95 6.24
N GLY I 12 -27.48 10.67 35.94
CA GLY I 12 -27.84 11.10 34.57
C GLY I 12 -26.64 11.38 33.67
N LYS I 13 -25.52 10.71 33.94
CA LYS I 13 -24.28 10.87 33.17
C LYS I 13 -24.04 9.60 32.34
N ASP I 14 -23.54 9.76 31.11
CA ASP I 14 -23.20 8.59 30.28
C ASP I 14 -21.73 8.47 29.88
N PHE I 15 -21.05 7.45 30.40
CA PHE I 15 -19.65 7.25 30.07
C PHE I 15 -19.50 6.31 28.89
N ARG I 16 -20.60 5.80 28.37
CA ARG I 16 -20.53 4.94 27.23
C ARG I 16 -19.50 3.84 27.47
N THR I 17 -19.66 3.11 28.55
CA THR I 17 -18.74 2.04 28.88
C THR I 17 -18.71 0.94 27.84
N ASP I 18 -19.78 0.81 27.08
CA ASP I 18 -19.91 -0.30 26.14
C ASP I 18 -19.01 0.00 24.95
N GLN I 19 -18.60 1.25 24.83
CA GLN I 19 -17.77 1.68 23.71
C GLN I 19 -16.43 2.22 24.16
N PRO I 20 -15.36 1.48 23.86
CA PRO I 20 -14.05 1.75 24.41
C PRO I 20 -13.25 2.73 23.58
N GLN I 21 -12.63 3.69 24.24
CA GLN I 21 -11.81 4.67 23.57
C GLN I 21 -10.75 4.03 22.69
N LYS I 22 -10.62 4.53 21.47
CA LYS I 22 -9.70 3.99 20.49
C LYS I 22 -8.86 5.10 19.91
N ASN I 23 -7.59 4.82 19.63
CA ASN I 23 -6.68 5.85 19.15
C ASN I 23 -6.77 6.11 17.65
N ILE I 24 -6.96 7.35 17.25
CA ILE I 24 -6.89 7.64 15.83
C ILE I 24 -5.46 7.67 15.30
N PRO I 25 -5.19 6.82 14.30
CA PRO I 25 -3.89 6.81 13.66
C PRO I 25 -3.49 8.13 13.00
N PHE I 26 -2.20 8.38 12.98
CA PHE I 26 -1.67 9.50 12.27
C PHE I 26 -0.92 8.92 11.06
N THR I 27 -1.41 9.19 9.85
CA THR I 27 -0.92 8.44 8.69
C THR I 27 0.17 9.08 7.90
N LEU I 28 0.43 10.39 8.13
CA LEU I 28 1.50 11.13 7.43
C LEU I 28 2.78 10.38 7.48
N LYS I 29 3.43 10.28 6.34
CA LYS I 29 4.54 9.33 6.20
C LYS I 29 5.73 9.58 7.12
N GLY I 30 6.07 8.60 7.95
CA GLY I 30 7.23 8.73 8.84
C GLY I 30 7.08 9.71 9.99
N CYS I 31 5.85 10.18 10.22
CA CYS I 31 5.60 11.13 11.27
C CYS I 31 4.69 10.54 12.29
N GLY I 32 4.74 9.23 12.44
CA GLY I 32 3.81 8.57 13.36
C GLY I 32 4.27 8.57 14.79
N ALA I 33 5.52 8.96 15.02
CA ALA I 33 6.07 8.94 16.36
C ALA I 33 6.44 10.34 16.85
N LEU I 34 5.57 11.31 16.62
CA LEU I 34 5.92 12.66 17.02
C LEU I 34 4.93 13.12 18.06
N ASP I 35 5.38 14.08 18.85
CA ASP I 35 4.57 14.65 19.88
C ASP I 35 3.43 15.42 19.23
N TRP I 36 2.36 15.64 19.97
CA TRP I 36 1.19 16.26 19.43
C TRP I 36 1.48 17.59 18.67
N GLY I 37 2.26 18.47 19.29
CA GLY I 37 2.50 19.80 18.73
C GLY I 37 3.20 19.67 17.40
N MET I 38 4.18 18.78 17.34
CA MET I 38 4.92 18.61 16.09
C MET I 38 3.98 18.02 15.03
N GLN I 39 3.22 16.99 15.41
CA GLN I 39 2.24 16.46 14.48
C GLN I 39 1.23 17.53 14.04
N SER I 40 0.93 18.48 14.92
CA SER I 40 0.00 19.52 14.59
C SER I 40 0.54 20.44 13.53
N ARG I 41 1.80 20.81 13.66
CA ARG I 41 2.38 21.76 12.77
C ARG I 41 2.40 21.14 11.41
N LEU I 42 2.84 19.89 11.36
CA LEU I 42 2.89 19.13 10.13
C LEU I 42 1.51 19.04 9.48
N SER I 43 0.49 18.89 10.30
CA SER I 43 -0.86 18.74 9.79
C SER I 43 -1.31 20.04 9.19
N ARG I 44 -0.73 21.14 9.64
CA ARG I 44 -1.02 22.42 9.03
C ARG I 44 -0.51 22.44 7.59
N ILE I 45 0.67 21.88 7.40
CA ILE I 45 1.36 21.91 6.12
C ILE I 45 0.78 20.89 5.15
N PHE I 46 0.65 19.66 5.60
CA PHE I 46 0.19 18.59 4.73
C PHE I 46 -1.21 18.28 5.07
N ASN I 47 -2.09 18.39 4.10
CA ASN I 47 -3.50 18.13 4.36
C ASN I 47 -3.73 16.72 4.86
N PRO I 48 -4.39 16.59 6.01
CA PRO I 48 -4.63 15.30 6.64
C PRO I 48 -5.44 14.38 5.76
N LYS I 49 -6.45 14.93 5.08
CA LYS I 49 -7.27 14.14 4.15
C LYS I 49 -6.44 13.55 3.00
N THR I 50 -5.68 14.38 2.29
CA THR I 50 -4.95 13.89 1.12
C THR I 50 -3.50 13.60 1.43
N GLY I 51 -3.02 14.04 2.57
CA GLY I 51 -1.60 13.85 2.94
C GLY I 51 -0.61 14.62 2.07
N LYS I 52 -1.03 15.75 1.51
CA LYS I 52 -0.22 16.49 0.54
C LYS I 52 -0.32 18.00 0.71
N THR I 53 0.56 18.72 0.05
CA THR I 53 0.61 20.15 0.22
C THR I 53 0.99 20.84 -1.08
N VAL I 54 0.44 22.04 -1.27
CA VAL I 54 0.83 22.89 -2.36
C VAL I 54 1.56 24.06 -1.75
N MET I 55 2.86 24.18 -2.05
CA MET I 55 3.65 25.15 -1.35
C MET I 55 4.03 26.30 -2.27
N LEU I 56 3.83 27.53 -1.83
CA LEU I 56 4.28 28.67 -2.62
C LEU I 56 5.51 29.27 -1.97
N ALA I 57 6.67 28.97 -2.56
CA ALA I 57 7.93 29.40 -1.98
C ALA I 57 8.46 30.63 -2.68
N PHE I 58 8.79 31.67 -1.94
CA PHE I 58 9.43 32.83 -2.52
C PHE I 58 10.60 33.29 -1.69
N ASP I 59 11.49 32.39 -1.35
CA ASP I 59 12.59 32.77 -0.46
C ASP I 59 13.89 33.14 -1.16
N HIS I 60 13.90 33.04 -2.48
CA HIS I 60 15.13 33.13 -3.26
C HIS I 60 15.89 34.42 -3.03
N GLY I 61 15.19 35.47 -2.61
CA GLY I 61 15.83 36.75 -2.33
C GLY I 61 16.97 36.54 -1.38
N TYR I 62 16.93 35.44 -0.66
CA TYR I 62 17.86 35.24 0.42
C TYR I 62 19.32 35.24 0.00
N PHE I 63 19.63 34.70 -1.17
CA PHE I 63 21.00 34.75 -1.69
C PHE I 63 21.05 35.41 -3.05
N GLN I 64 19.87 35.73 -3.58
CA GLN I 64 19.74 36.16 -4.96
C GLN I 64 19.30 37.58 -5.17
N GLY I 65 18.89 38.24 -4.12
CA GLY I 65 18.36 39.59 -4.29
C GLY I 65 17.03 39.57 -5.00
N PRO I 66 16.65 40.69 -5.64
CA PRO I 66 15.37 40.79 -6.32
C PRO I 66 15.32 40.00 -7.63
N THR I 67 15.30 38.69 -7.50
CA THR I 67 15.11 37.84 -8.63
C THR I 67 13.85 38.23 -9.38
N THR I 68 13.81 37.86 -10.66
CA THR I 68 12.67 38.16 -11.52
C THR I 68 11.37 37.55 -11.01
N GLY I 69 10.37 38.38 -10.85
CA GLY I 69 9.07 37.90 -10.39
C GLY I 69 8.95 38.04 -8.89
N LEU I 70 10.08 38.21 -8.22
CA LEU I 70 10.10 38.48 -6.77
C LEU I 70 10.47 39.93 -6.53
N GLU I 71 10.48 40.73 -7.57
CA GLU I 71 10.87 42.11 -7.42
C GLU I 71 10.01 42.72 -6.31
N ARG I 72 8.70 42.55 -6.42
CA ARG I 72 7.80 43.11 -5.43
C ARG I 72 6.88 42.04 -4.88
N ILE I 73 7.32 41.34 -3.84
CA ILE I 73 6.47 40.34 -3.22
C ILE I 73 5.13 40.96 -2.89
N ASP I 74 5.17 42.16 -2.33
CA ASP I 74 3.98 42.77 -1.76
C ASP I 74 2.88 42.95 -2.79
N ILE I 75 3.26 43.05 -4.06
CA ILE I 75 2.28 43.29 -5.10
C ILE I 75 2.04 42.04 -5.93
N ASN I 76 3.13 41.49 -6.41
CA ASN I 76 3.10 40.31 -7.25
C ASN I 76 2.60 39.06 -6.56
N ILE I 77 3.13 38.79 -5.37
CA ILE I 77 2.92 37.51 -4.69
C ILE I 77 1.78 37.56 -3.68
N ALA I 78 1.51 38.76 -3.16
CA ALA I 78 0.47 38.92 -2.14
C ALA I 78 -0.87 38.30 -2.53
N PRO I 79 -1.29 38.51 -3.78
CA PRO I 79 -2.54 37.94 -4.30
C PRO I 79 -2.50 36.43 -4.31
N LEU I 80 -1.28 35.88 -4.32
CA LEU I 80 -1.10 34.46 -4.50
C LEU I 80 -1.35 33.63 -3.23
N PHE I 81 -1.21 34.25 -2.08
CA PHE I 81 -1.20 33.53 -0.83
C PHE I 81 -2.39 32.62 -0.63
N GLU I 82 -3.59 33.16 -0.82
CA GLU I 82 -4.79 32.39 -0.48
C GLU I 82 -4.90 31.07 -1.21
N HIS I 83 -4.17 30.88 -2.30
CA HIS I 83 -4.38 29.68 -3.06
C HIS I 83 -3.29 28.67 -2.77
N ALA I 84 -2.54 28.92 -1.70
CA ALA I 84 -1.43 28.03 -1.34
C ALA I 84 -1.76 27.35 -0.02
N ASP I 85 -1.27 26.12 0.15
CA ASP I 85 -1.44 25.44 1.41
C ASP I 85 -0.47 26.01 2.41
N VAL I 86 0.74 26.28 1.95
CA VAL I 86 1.79 26.73 2.86
C VAL I 86 2.72 27.69 2.13
N LEU I 87 3.17 28.71 2.85
CA LEU I 87 4.06 29.69 2.28
C LEU I 87 5.47 29.41 2.71
N MET I 88 6.42 29.76 1.87
CA MET I 88 7.80 29.68 2.32
C MET I 88 8.59 30.92 1.95
N CYS I 89 9.04 31.64 2.95
CA CYS I 89 9.82 32.83 2.69
C CYS I 89 10.82 33.05 3.82
N THR I 90 11.56 34.14 3.76
CA THR I 90 12.47 34.50 4.83
C THR I 90 11.71 35.22 5.94
N ARG I 91 12.35 35.34 7.09
CA ARG I 91 11.72 35.98 8.21
C ARG I 91 11.66 37.49 7.96
N GLY I 92 12.62 37.96 7.17
CA GLY I 92 12.69 39.38 6.84
C GLY I 92 11.47 39.76 6.00
N ILE I 93 11.25 38.99 4.95
CA ILE I 93 10.13 39.23 4.03
C ILE I 93 8.79 39.06 4.72
N LEU I 94 8.68 37.96 5.47
CA LEU I 94 7.50 37.66 6.22
C LEU I 94 7.06 38.84 7.09
N ARG I 95 7.96 39.39 7.88
CA ARG I 95 7.56 40.47 8.78
C ARG I 95 7.17 41.69 8.00
N SER I 96 7.96 42.04 6.98
CA SER I 96 7.73 43.29 6.25
C SER I 96 6.55 43.31 5.30
N VAL I 97 6.35 42.24 4.54
CA VAL I 97 5.37 42.31 3.47
C VAL I 97 4.39 41.17 3.37
N VAL I 98 4.44 40.24 4.31
CA VAL I 98 3.40 39.25 4.37
C VAL I 98 2.47 39.63 5.48
N PRO I 99 1.19 39.81 5.16
CA PRO I 99 0.23 40.19 6.18
C PRO I 99 -0.04 39.03 7.12
N PRO I 100 0.03 39.26 8.43
CA PRO I 100 -0.27 38.22 9.39
C PRO I 100 -1.65 37.63 9.12
N ALA I 101 -2.58 38.48 8.68
CA ALA I 101 -3.94 38.03 8.48
C ALA I 101 -4.04 37.09 7.28
N THR I 102 -2.93 36.88 6.59
CA THR I 102 -2.91 36.05 5.41
C THR I 102 -3.38 34.66 5.83
N ASN I 103 -3.24 34.40 7.13
CA ASN I 103 -3.72 33.18 7.75
C ASN I 103 -3.34 31.92 7.02
N ARG I 104 -2.11 31.87 6.54
CA ARG I 104 -1.59 30.67 5.94
C ARG I 104 -0.35 30.14 6.68
N PRO I 105 -0.20 28.82 6.77
CA PRO I 105 0.96 28.26 7.45
C PRO I 105 2.26 28.64 6.75
N VAL I 106 3.31 28.96 7.49
CA VAL I 106 4.59 29.24 6.82
C VAL I 106 5.69 28.30 7.25
N VAL I 107 6.59 28.06 6.28
CA VAL I 107 7.83 27.36 6.52
C VAL I 107 8.94 28.37 6.36
N LEU I 108 9.57 28.77 7.47
CA LEU I 108 10.63 29.78 7.42
C LEU I 108 11.91 29.25 6.84
N ARG I 109 12.45 29.98 5.88
CA ARG I 109 13.76 29.66 5.38
C ARG I 109 14.79 30.11 6.39
N ALA I 110 15.59 29.18 6.91
CA ALA I 110 16.47 29.45 8.05
C ALA I 110 17.98 29.25 7.75
N SER I 111 18.36 29.29 6.48
CA SER I 111 19.77 29.22 6.11
C SER I 111 19.97 30.43 5.25
N GLY I 112 21.23 30.82 5.06
CA GLY I 112 21.57 32.02 4.32
C GLY I 112 23.05 32.32 4.47
N ALA I 113 23.42 33.56 4.20
CA ALA I 113 24.80 34.02 4.33
C ALA I 113 25.62 33.69 3.09
N ASN I 114 24.94 33.25 2.03
CA ASN I 114 25.58 33.09 0.75
C ASN I 114 25.05 34.14 -0.24
N SER I 115 25.77 34.38 -1.34
CA SER I 115 25.33 35.32 -2.37
C SER I 115 25.51 34.57 -3.67
N ILE I 116 24.93 35.10 -4.73
CA ILE I 116 25.21 34.54 -6.04
C ILE I 116 26.57 35.01 -6.49
N LEU I 117 27.22 35.85 -5.68
CA LEU I 117 28.53 36.38 -6.05
C LEU I 117 29.67 35.53 -5.52
N ALA I 118 29.35 34.50 -4.75
CA ALA I 118 30.37 33.71 -4.10
C ALA I 118 29.96 32.26 -4.15
N GLU I 119 30.67 31.40 -3.42
CA GLU I 119 30.29 29.99 -3.41
C GLU I 119 28.88 29.79 -2.88
N LEU I 120 28.05 29.12 -3.66
CA LEU I 120 26.65 28.95 -3.35
C LEU I 120 26.41 28.14 -2.07
N SER I 121 27.25 27.14 -1.82
CA SER I 121 26.99 26.22 -0.71
C SER I 121 27.41 26.80 0.62
N ASN I 122 28.02 27.98 0.62
CA ASN I 122 28.46 28.58 1.86
C ASN I 122 27.32 29.19 2.71
N GLU I 123 26.54 28.34 3.35
CA GLU I 123 25.38 28.80 4.13
C GLU I 123 25.56 28.59 5.64
N ALA I 124 24.85 29.41 6.42
CA ALA I 124 24.88 29.28 7.86
C ALA I 124 23.45 29.33 8.33
N VAL I 125 23.20 28.89 9.56
CA VAL I 125 21.85 29.04 10.08
C VAL I 125 21.50 30.53 10.12
N ALA I 126 20.37 30.89 9.56
CA ALA I 126 20.08 32.31 9.38
C ALA I 126 19.03 32.88 10.37
N LEU I 127 18.52 32.06 11.28
CA LEU I 127 17.69 32.60 12.37
C LEU I 127 17.59 31.61 13.55
N SER I 128 17.32 32.11 14.75
CA SER I 128 17.23 31.22 15.87
C SER I 128 15.85 30.54 15.93
N MET I 129 15.79 29.33 16.49
CA MET I 129 14.52 28.60 16.64
C MET I 129 13.62 29.49 17.48
N ASP I 130 14.27 30.23 18.35
CA ASP I 130 13.64 31.17 19.24
C ASP I 130 12.72 32.12 18.47
N ASP I 131 13.27 32.76 17.44
CA ASP I 131 12.47 33.61 16.55
C ASP I 131 11.47 32.84 15.68
N ALA I 132 11.86 31.65 15.26
CA ALA I 132 10.97 30.84 14.45
C ALA I 132 9.72 30.58 15.24
N VAL I 133 9.93 30.34 16.53
CA VAL I 133 8.83 30.04 17.44
C VAL I 133 8.05 31.32 17.65
N ARG I 134 8.78 32.41 17.67
CA ARG I 134 8.14 33.70 17.89
C ARG I 134 7.25 34.03 16.73
N LEU I 135 7.56 33.46 15.58
CA LEU I 135 6.84 33.79 14.38
C LEU I 135 5.77 32.75 14.09
N ASN I 136 5.53 31.87 15.04
CA ASN I 136 4.53 30.86 14.80
C ASN I 136 4.76 30.01 13.54
N SER I 137 5.98 29.54 13.30
CA SER I 137 6.26 28.83 12.07
C SER I 137 5.70 27.45 12.18
N CYS I 138 5.45 26.81 11.04
CA CYS I 138 5.14 25.40 11.06
C CYS I 138 6.41 24.57 10.84
N ALA I 139 7.43 25.19 10.30
CA ALA I 139 8.64 24.46 10.14
C ALA I 139 9.69 25.44 9.75
N VAL I 140 10.95 25.02 9.90
CA VAL I 140 12.07 25.81 9.47
C VAL I 140 12.82 24.99 8.44
N ALA I 141 13.41 25.69 7.48
CA ALA I 141 14.08 25.02 6.36
C ALA I 141 15.52 25.49 6.17
N ALA I 142 16.38 24.59 5.72
CA ALA I 142 17.73 24.97 5.38
C ALA I 142 18.21 24.05 4.28
N GLN I 143 19.26 24.46 3.61
CA GLN I 143 19.72 23.76 2.42
C GLN I 143 20.83 22.83 2.78
N VAL I 144 20.83 21.65 2.20
CA VAL I 144 21.96 20.78 2.36
C VAL I 144 22.64 20.67 0.98
N TYR I 145 23.97 20.61 0.96
CA TYR I 145 24.70 20.64 -0.30
C TYR I 145 25.63 19.47 -0.50
N ILE I 146 25.11 18.27 -0.66
CA ILE I 146 26.01 17.14 -0.80
C ILE I 146 26.84 17.43 -2.03
N GLY I 147 28.13 17.13 -1.93
CA GLY I 147 29.05 17.25 -3.04
C GLY I 147 29.61 18.63 -3.25
N SER I 148 29.02 19.62 -2.59
CA SER I 148 29.55 20.96 -2.79
C SER I 148 30.68 21.18 -1.81
N GLU I 149 31.29 22.35 -1.87
CA GLU I 149 32.45 22.60 -1.06
C GLU I 149 32.12 22.62 0.42
N TYR I 150 30.94 23.16 0.75
CA TYR I 150 30.60 23.37 2.14
C TYR I 150 29.57 22.38 2.60
N GLU I 151 29.69 21.17 2.10
CA GLU I 151 28.68 20.19 2.37
C GLU I 151 28.58 19.89 3.87
N HIS I 152 29.71 19.94 4.55
CA HIS I 152 29.80 19.62 5.97
C HIS I 152 29.00 20.61 6.81
N GLN I 153 29.24 21.89 6.58
CA GLN I 153 28.54 22.94 7.28
C GLN I 153 27.06 22.82 6.98
N SER I 154 26.70 22.52 5.73
CA SER I 154 25.29 22.41 5.38
C SER I 154 24.56 21.38 6.21
N ILE I 155 25.21 20.23 6.46
CA ILE I 155 24.56 19.19 7.24
C ILE I 155 24.48 19.59 8.68
N LYS I 156 25.57 20.20 9.15
CA LYS I 156 25.62 20.72 10.49
C LYS I 156 24.48 21.67 10.73
N ASN I 157 24.18 22.46 9.72
CA ASN I 157 23.04 23.36 9.81
C ASN I 157 21.73 22.61 10.04
N ILE I 158 21.49 21.56 9.26
CA ILE I 158 20.30 20.79 9.48
C ILE I 158 20.28 20.21 10.90
N ILE I 159 21.41 19.63 11.29
CA ILE I 159 21.53 19.02 12.59
C ILE I 159 21.09 20.03 13.63
N GLN I 160 21.69 21.21 13.56
CA GLN I 160 21.48 22.16 14.60
C GLN I 160 20.03 22.61 14.68
N LEU I 161 19.39 22.68 13.53
CA LEU I 161 18.00 23.06 13.52
C LEU I 161 17.15 21.99 14.14
N VAL I 162 17.47 20.73 13.87
CA VAL I 162 16.71 19.62 14.42
C VAL I 162 16.87 19.57 15.96
N ASP I 163 18.10 19.75 16.43
CA ASP I 163 18.34 19.75 17.86
C ASP I 163 17.44 20.76 18.52
N ALA I 164 17.36 21.95 17.90
CA ALA I 164 16.57 23.02 18.47
C ALA I 164 15.10 22.76 18.29
N GLY I 165 14.72 22.23 17.13
CA GLY I 165 13.31 22.06 16.78
C GLY I 165 12.68 21.05 17.70
N MET I 166 13.49 20.08 18.11
CA MET I 166 12.99 18.98 18.90
C MET I 166 12.65 19.45 20.28
N LYS I 167 13.36 20.48 20.75
CA LYS I 167 13.08 21.03 22.05
C LYS I 167 11.72 21.65 21.99
N VAL I 168 11.30 22.03 20.80
CA VAL I 168 10.22 22.96 20.79
C VAL I 168 9.02 22.55 19.92
N GLY I 169 9.12 21.42 19.21
CA GLY I 169 8.03 20.90 18.40
C GLY I 169 8.04 21.41 16.97
N MET I 170 9.19 21.92 16.55
CA MET I 170 9.32 22.51 15.24
C MET I 170 9.97 21.56 14.27
N PRO I 171 9.22 21.16 13.23
CA PRO I 171 9.76 20.26 12.19
C PRO I 171 10.83 20.99 11.39
N THR I 172 11.74 20.22 10.83
CA THR I 172 12.76 20.82 10.00
C THR I 172 12.66 20.28 8.58
N MET I 173 12.76 21.18 7.62
CA MET I 173 12.79 20.79 6.22
C MET I 173 14.20 20.96 5.68
N ALA I 174 14.76 19.87 5.14
CA ALA I 174 16.05 19.96 4.47
C ALA I 174 15.82 20.06 2.97
N VAL I 175 16.36 21.10 2.35
CA VAL I 175 16.31 21.21 0.90
C VAL I 175 17.65 20.86 0.28
N THR I 176 17.63 20.07 -0.79
CA THR I 176 18.85 19.60 -1.43
C THR I 176 19.26 20.55 -2.56
N GLY I 177 20.34 21.32 -2.37
CA GLY I 177 20.84 22.26 -3.37
C GLY I 177 21.99 21.63 -4.11
N VAL I 178 22.20 22.01 -5.38
CA VAL I 178 23.11 21.24 -6.24
C VAL I 178 24.22 22.00 -6.99
N ARG I 184 23.22 15.11 -11.31
CA ARG I 184 21.87 15.58 -11.06
C ARG I 184 20.83 14.49 -11.32
N ASP I 185 21.20 13.25 -11.00
CA ASP I 185 20.40 12.07 -11.29
C ASP I 185 19.88 11.42 -10.03
N GLN I 186 19.12 10.35 -10.19
CA GLN I 186 18.49 9.72 -9.05
C GLN I 186 19.48 9.31 -7.97
N ARG I 187 20.49 8.55 -8.37
CA ARG I 187 21.41 8.03 -7.37
C ARG I 187 21.86 9.18 -6.47
N TYR I 188 22.07 10.33 -7.08
CA TYR I 188 22.50 11.46 -6.33
C TYR I 188 21.46 11.99 -5.33
N PHE I 189 20.24 12.26 -5.80
CA PHE I 189 19.25 12.79 -4.90
C PHE I 189 18.91 11.79 -3.86
N SER I 190 19.07 10.51 -4.17
CA SER I 190 18.89 9.51 -3.13
C SER I 190 19.86 9.71 -1.98
N LEU I 191 21.13 9.84 -2.30
CA LEU I 191 22.09 10.06 -1.27
C LEU I 191 21.69 11.29 -0.47
N ALA I 192 21.46 12.40 -1.16
CA ALA I 192 21.21 13.67 -0.49
C ALA I 192 19.97 13.64 0.34
N THR I 193 18.88 13.15 -0.22
CA THR I 193 17.64 13.15 0.53
C THR I 193 17.77 12.25 1.74
N ARG I 194 18.41 11.12 1.56
CA ARG I 194 18.42 10.12 2.59
C ARG I 194 19.27 10.56 3.76
N ILE I 195 20.47 11.09 3.47
CA ILE I 195 21.32 11.62 4.53
C ILE I 195 20.58 12.69 5.34
N ALA I 196 19.97 13.65 4.67
CA ALA I 196 19.23 14.68 5.36
C ALA I 196 18.15 14.08 6.26
N ALA I 197 17.42 13.10 5.75
CA ALA I 197 16.25 12.57 6.46
C ALA I 197 16.74 11.82 7.67
N GLU I 198 17.84 11.12 7.43
CA GLU I 198 18.51 10.30 8.40
C GLU I 198 19.03 11.17 9.55
N MET I 199 19.56 12.34 9.21
CA MET I 199 20.08 13.26 10.21
C MET I 199 18.97 13.67 11.12
N GLY I 200 17.75 13.75 10.57
CA GLY I 200 16.58 14.06 11.38
C GLY I 200 15.52 14.96 10.78
N ALA I 201 15.76 15.47 9.58
CA ALA I 201 14.78 16.34 8.95
C ALA I 201 13.43 15.64 8.72
N GLN I 202 12.34 16.28 9.10
CA GLN I 202 11.05 15.68 8.93
C GLN I 202 10.47 15.88 7.54
N ILE I 203 10.91 16.92 6.84
CA ILE I 203 10.46 17.12 5.48
C ILE I 203 11.66 17.29 4.60
N ILE I 204 11.68 16.55 3.49
CA ILE I 204 12.71 16.73 2.50
C ILE I 204 12.15 17.43 1.29
N LYS I 205 12.85 18.46 0.81
CA LYS I 205 12.45 19.11 -0.43
C LYS I 205 13.54 18.92 -1.46
N THR I 206 13.14 18.48 -2.64
CA THR I 206 14.10 18.10 -3.64
C THR I 206 13.52 18.25 -5.02
N TYR I 207 14.32 17.85 -6.01
CA TYR I 207 13.96 18.02 -7.42
C TYR I 207 13.40 16.76 -8.05
N TYR I 208 12.56 16.92 -9.06
CA TYR I 208 12.02 15.77 -9.76
C TYR I 208 13.04 15.21 -10.75
N VAL I 209 12.96 13.93 -10.97
CA VAL I 209 13.91 13.29 -11.83
C VAL I 209 13.17 12.37 -12.78
N GLU I 210 13.51 12.49 -14.07
CA GLU I 210 12.76 11.77 -15.11
C GLU I 210 12.91 10.27 -15.04
N LYS I 211 14.07 9.82 -14.59
CA LYS I 211 14.24 8.40 -14.38
C LYS I 211 14.56 8.10 -12.90
N GLY I 212 13.72 7.29 -12.27
CA GLY I 212 14.02 6.76 -10.95
C GLY I 212 13.53 7.54 -9.73
N PHE I 213 12.67 8.52 -9.96
CA PHE I 213 12.14 9.28 -8.84
C PHE I 213 11.52 8.38 -7.78
N GLU I 214 10.96 7.26 -8.21
CA GLU I 214 10.30 6.35 -7.31
C GLU I 214 11.25 5.88 -6.25
N ARG I 215 12.50 5.61 -6.64
CA ARG I 215 13.52 5.11 -5.73
C ARG I 215 13.83 6.19 -4.72
N ILE I 216 13.76 7.43 -5.18
CA ILE I 216 14.03 8.54 -4.29
C ILE I 216 12.97 8.56 -3.21
N VAL I 217 11.72 8.56 -3.63
CA VAL I 217 10.65 8.58 -2.68
C VAL I 217 10.73 7.38 -1.77
N ALA I 218 10.89 6.21 -2.37
CA ALA I 218 10.84 4.96 -1.61
C ALA I 218 11.91 4.91 -0.56
N GLY I 219 13.06 5.49 -0.89
CA GLY I 219 14.22 5.48 0.01
C GLY I 219 14.14 6.55 1.09
N CYS I 220 13.26 7.52 0.91
CA CYS I 220 13.07 8.56 1.90
C CYS I 220 11.98 8.14 2.88
N PRO I 221 12.27 8.19 4.20
CA PRO I 221 11.28 7.77 5.17
C PRO I 221 10.33 8.85 5.62
N VAL I 222 10.42 10.03 5.03
CA VAL I 222 9.55 11.11 5.46
C VAL I 222 9.08 11.83 4.22
N PRO I 223 8.13 12.73 4.37
CA PRO I 223 7.50 13.37 3.24
C PRO I 223 8.47 14.09 2.35
N ILE I 224 8.25 13.94 1.04
CA ILE I 224 9.03 14.66 0.04
C ILE I 224 8.19 15.70 -0.71
N VAL I 225 8.77 16.88 -0.90
CA VAL I 225 8.14 17.91 -1.63
C VAL I 225 9.12 18.23 -2.71
N ILE I 226 8.64 18.53 -3.92
CA ILE I 226 9.56 18.83 -5.02
C ILE I 226 9.54 20.29 -5.38
N ALA I 227 10.71 20.83 -5.66
CA ALA I 227 10.82 22.18 -6.17
C ALA I 227 10.68 22.14 -7.69
N GLY I 228 10.15 23.23 -8.25
CA GLY I 228 9.89 23.33 -9.67
C GLY I 228 11.13 23.48 -10.51
N GLY I 229 12.08 24.29 -10.08
CA GLY I 229 13.26 24.56 -10.89
C GLY I 229 12.95 25.68 -11.86
N LYS I 230 13.70 25.75 -12.96
CA LYS I 230 13.53 26.86 -13.92
C LYS I 230 12.15 26.84 -14.55
N LYS I 231 11.68 28.00 -14.97
CA LYS I 231 10.34 28.15 -15.53
C LYS I 231 10.19 27.28 -16.75
N LEU I 232 9.05 26.62 -16.86
CA LEU I 232 8.76 25.84 -18.03
C LEU I 232 7.41 26.33 -18.51
N PRO I 233 7.06 25.96 -19.73
CA PRO I 233 5.69 26.12 -20.18
C PRO I 233 4.76 25.35 -19.25
N GLU I 234 3.63 25.94 -18.89
CA GLU I 234 2.74 25.37 -17.89
C GLU I 234 2.37 23.92 -18.16
N ARG I 235 1.98 23.64 -19.39
CA ARG I 235 1.64 22.28 -19.75
C ARG I 235 2.73 21.34 -19.22
N GLU I 236 3.99 21.72 -19.41
CA GLU I 236 5.12 20.87 -19.02
C GLU I 236 5.30 20.78 -17.52
N ALA I 237 5.09 21.90 -16.84
CA ALA I 237 5.20 21.96 -15.39
C ALA I 237 4.14 21.11 -14.78
N LEU I 238 2.92 21.23 -15.27
CA LEU I 238 1.84 20.41 -14.74
C LEU I 238 2.16 18.94 -14.90
N GLU I 239 2.72 18.56 -16.04
CA GLU I 239 3.03 17.15 -16.28
C GLU I 239 4.03 16.69 -15.24
N MET I 240 5.03 17.51 -14.97
CA MET I 240 6.00 17.25 -13.92
C MET I 240 5.32 17.08 -12.57
N CYS I 241 4.43 18.02 -12.24
CA CYS I 241 3.64 17.88 -11.05
C CYS I 241 2.98 16.55 -11.07
N TRP I 242 2.19 16.33 -12.10
CA TRP I 242 1.40 15.11 -12.13
C TRP I 242 2.27 13.89 -11.88
N GLN I 243 3.42 13.87 -12.54
CA GLN I 243 4.35 12.75 -12.44
C GLN I 243 4.88 12.60 -11.02
N ALA I 244 5.32 13.69 -10.42
CA ALA I 244 5.86 13.63 -9.06
C ALA I 244 4.84 13.04 -8.10
N ILE I 245 3.64 13.59 -8.12
CA ILE I 245 2.58 13.10 -7.27
C ILE I 245 2.30 11.65 -7.56
N ASP I 246 2.14 11.35 -8.84
CA ASP I 246 1.87 9.98 -9.25
C ASP I 246 2.95 9.03 -8.69
N GLN I 247 4.17 9.54 -8.56
CA GLN I 247 5.25 8.69 -8.13
C GLN I 247 5.54 8.83 -6.64
N GLY I 248 4.60 9.41 -5.90
CA GLY I 248 4.68 9.37 -4.46
C GLY I 248 5.12 10.61 -3.71
N ALA I 249 5.37 11.72 -4.40
CA ALA I 249 5.72 12.96 -3.70
C ALA I 249 4.56 13.45 -2.83
N SER I 250 4.84 14.19 -1.76
CA SER I 250 3.78 14.57 -0.85
C SER I 250 3.35 15.99 -1.06
N GLY I 251 4.08 16.68 -1.90
CA GLY I 251 3.72 18.05 -2.20
C GLY I 251 4.60 18.54 -3.31
N VAL I 252 4.23 19.67 -3.88
CA VAL I 252 5.03 20.29 -4.91
C VAL I 252 5.16 21.75 -4.57
N ASP I 253 6.33 22.28 -4.84
CA ASP I 253 6.49 23.69 -4.79
C ASP I 253 6.94 24.14 -6.16
N MET I 254 6.04 24.81 -6.86
CA MET I 254 6.38 25.43 -8.12
C MET I 254 6.70 26.86 -7.80
N GLY I 255 7.97 27.22 -7.86
CA GLY I 255 8.28 28.58 -7.50
C GLY I 255 8.09 29.37 -8.76
N ARG I 256 9.16 29.42 -9.54
CA ARG I 256 9.20 30.25 -10.72
C ARG I 256 8.00 29.92 -11.57
N ASN I 257 7.71 28.63 -11.64
CA ASN I 257 6.64 28.15 -12.48
C ASN I 257 5.28 28.70 -12.10
N ILE I 258 5.23 29.45 -11.02
CA ILE I 258 4.00 30.07 -10.64
C ILE I 258 4.09 31.57 -10.69
N PHE I 259 4.96 32.13 -9.85
CA PHE I 259 5.00 33.60 -9.72
C PHE I 259 5.42 34.25 -11.03
N GLN I 260 6.08 33.48 -11.89
CA GLN I 260 6.51 33.97 -13.20
C GLN I 260 5.51 33.73 -14.32
N SER I 261 4.58 32.79 -14.15
CA SER I 261 3.56 32.60 -15.17
C SER I 261 2.74 33.86 -15.37
N ASP I 262 2.27 34.09 -16.59
CA ASP I 262 1.45 35.28 -16.85
C ASP I 262 0.12 35.17 -16.13
N HIS I 263 -0.29 33.93 -15.85
CA HIS I 263 -1.56 33.66 -15.18
C HIS I 263 -1.40 32.83 -13.92
N PRO I 264 -0.81 33.41 -12.88
CA PRO I 264 -0.44 32.72 -11.67
C PRO I 264 -1.58 31.99 -11.00
N VAL I 265 -2.64 32.72 -10.66
CA VAL I 265 -3.73 32.11 -9.91
C VAL I 265 -4.30 30.93 -10.65
N ALA I 266 -4.41 31.05 -11.95
CA ALA I 266 -4.90 29.94 -12.75
C ALA I 266 -3.98 28.75 -12.57
N MET I 267 -2.67 28.99 -12.61
CA MET I 267 -1.68 27.92 -12.48
C MET I 267 -1.91 27.18 -11.16
N MET I 268 -2.03 27.94 -10.08
CA MET I 268 -2.17 27.33 -8.77
C MET I 268 -3.36 26.40 -8.70
N LYS I 269 -4.49 26.83 -9.25
CA LYS I 269 -5.66 25.99 -9.25
C LYS I 269 -5.41 24.75 -10.07
N ALA I 270 -4.57 24.91 -11.10
CA ALA I 270 -4.13 23.77 -11.88
C ALA I 270 -3.39 22.81 -10.96
N VAL I 271 -2.43 23.35 -10.23
CA VAL I 271 -1.62 22.57 -9.34
C VAL I 271 -2.45 21.96 -8.22
N GLN I 272 -3.36 22.74 -7.66
CA GLN I 272 -4.22 22.19 -6.63
C GLN I 272 -4.89 20.95 -7.14
N ALA I 273 -5.35 21.01 -8.37
CA ALA I 273 -6.12 19.92 -8.95
C ALA I 273 -5.28 18.68 -9.07
N VAL I 274 -4.10 18.81 -9.66
CA VAL I 274 -3.24 17.65 -9.79
C VAL I 274 -2.93 17.07 -8.43
N VAL I 275 -2.52 17.93 -7.51
CA VAL I 275 -2.03 17.47 -6.22
C VAL I 275 -3.11 16.86 -5.35
N HIS I 276 -4.10 17.66 -5.00
CA HIS I 276 -5.12 17.21 -4.05
C HIS I 276 -6.20 16.38 -4.68
N HIS I 277 -6.60 16.76 -5.88
CA HIS I 277 -7.80 16.20 -6.45
C HIS I 277 -7.55 15.15 -7.51
N ASN I 278 -6.30 14.94 -7.86
CA ASN I 278 -6.00 13.84 -8.76
C ASN I 278 -6.22 14.10 -10.24
N GLU I 279 -6.62 15.31 -10.60
CA GLU I 279 -6.85 15.56 -11.99
C GLU I 279 -5.62 15.09 -12.75
N THR I 280 -5.86 14.59 -13.96
CA THR I 280 -4.83 14.23 -14.90
C THR I 280 -4.22 15.51 -15.45
N ALA I 281 -2.98 15.44 -15.93
CA ALA I 281 -2.29 16.64 -16.41
C ALA I 281 -3.15 17.47 -17.35
N ASP I 282 -3.73 16.80 -18.35
CA ASP I 282 -4.52 17.47 -19.37
C ASP I 282 -5.68 18.24 -18.82
N ARG I 283 -6.54 17.58 -18.05
CA ARG I 283 -7.65 18.27 -17.47
C ARG I 283 -7.10 19.45 -16.70
N ALA I 284 -6.08 19.18 -15.91
CA ALA I 284 -5.47 20.21 -15.11
C ALA I 284 -5.16 21.41 -15.98
N TYR I 285 -4.37 21.18 -17.03
CA TYR I 285 -4.02 22.26 -17.94
C TYR I 285 -5.26 23.02 -18.42
N GLU I 286 -6.28 22.26 -18.77
CA GLU I 286 -7.48 22.85 -19.32
C GLU I 286 -8.14 23.84 -18.39
N LEU I 287 -8.33 23.46 -17.13
CA LEU I 287 -8.87 24.44 -16.22
C LEU I 287 -7.81 25.52 -16.05
N TYR I 288 -6.56 25.20 -16.37
CA TYR I 288 -5.54 26.24 -16.35
C TYR I 288 -6.01 27.35 -17.28
N LEU I 289 -6.26 26.97 -18.52
CA LEU I 289 -6.74 27.87 -19.55
C LEU I 289 -8.11 28.41 -19.19
N SER I 290 -8.94 27.52 -18.66
CA SER I 290 -10.25 27.88 -18.17
C SER I 290 -10.16 29.11 -17.27
N GLU I 291 -9.24 29.08 -16.31
CA GLU I 291 -9.16 30.11 -15.28
C GLU I 291 -8.48 31.45 -15.70
N LYS I 292 -7.86 31.50 -16.88
CA LYS I 292 -7.36 32.76 -17.42
C LYS I 292 -8.49 33.77 -17.70
N GLY J 12 13.12 68.67 65.96
CA GLY J 12 14.58 68.96 66.13
C GLY J 12 15.44 68.38 65.02
N LYS J 13 14.88 68.27 63.81
CA LYS J 13 15.61 67.74 62.65
C LYS J 13 15.92 68.88 61.65
N ASP J 14 17.09 68.86 61.02
CA ASP J 14 17.40 69.89 60.03
C ASP J 14 17.65 69.37 58.61
N PHE J 15 16.74 69.70 57.69
CA PHE J 15 16.88 69.23 56.32
C PHE J 15 17.60 70.22 55.47
N ARG J 16 18.00 71.34 56.06
CA ARG J 16 18.77 72.32 55.32
C ARG J 16 18.08 72.62 54.00
N THR J 17 16.81 73.00 54.05
CA THR J 17 16.03 73.29 52.85
C THR J 17 16.55 74.49 52.08
N ASP J 18 17.24 75.38 52.78
CA ASP J 18 17.74 76.59 52.15
C ASP J 18 18.93 76.24 51.23
N GLN J 19 19.46 75.04 51.41
CA GLN J 19 20.63 74.60 50.66
C GLN J 19 20.31 73.34 49.86
N PRO J 20 20.26 73.49 48.53
CA PRO J 20 19.79 72.42 47.67
C PRO J 20 20.92 71.47 47.25
N GLN J 21 20.62 70.17 47.27
CA GLN J 21 21.57 69.14 46.90
C GLN J 21 22.09 69.38 45.50
N LYS J 22 23.42 69.29 45.35
CA LYS J 22 24.08 69.54 44.07
C LYS J 22 25.01 68.38 43.73
N ASN J 23 25.08 68.01 42.44
CA ASN J 23 25.87 66.86 42.00
C ASN J 23 27.36 67.13 41.83
N ILE J 24 28.20 66.34 42.50
CA ILE J 24 29.63 66.51 42.26
C ILE J 24 30.07 65.94 40.90
N PRO J 25 30.67 66.80 40.07
CA PRO J 25 31.14 66.33 38.79
C PRO J 25 32.24 65.26 38.93
N PHE J 26 32.33 64.41 37.92
CA PHE J 26 33.39 63.43 37.80
C PHE J 26 34.23 63.87 36.61
N THR J 27 35.45 64.30 36.87
CA THR J 27 36.21 64.98 35.83
C THR J 27 37.10 64.10 35.03
N LEU J 28 37.34 62.86 35.47
CA LEU J 28 38.22 61.94 34.75
C LEU J 28 37.84 61.89 33.27
N LYS J 29 38.84 61.96 32.41
CA LYS J 29 38.59 62.18 30.99
C LYS J 29 37.79 61.09 30.31
N GLY J 30 36.62 61.45 29.78
CA GLY J 30 35.81 60.49 29.02
C GLY J 30 35.11 59.45 29.86
N CYS J 31 35.15 59.62 31.18
CA CYS J 31 34.53 58.68 32.10
C CYS J 31 33.38 59.34 32.88
N GLY J 32 32.78 60.35 32.27
CA GLY J 32 31.71 61.06 32.95
C GLY J 32 30.36 60.38 32.89
N ALA J 33 30.24 59.32 32.10
CA ALA J 33 28.94 58.69 31.90
C ALA J 33 28.97 57.24 32.34
N LEU J 34 29.68 56.95 33.42
CA LEU J 34 29.78 55.56 33.86
C LEU J 34 29.07 55.39 35.18
N ASP J 35 28.59 54.17 35.39
CA ASP J 35 27.94 53.81 36.60
C ASP J 35 28.89 53.99 37.80
N TRP J 36 28.31 54.10 38.98
CA TRP J 36 29.09 54.38 40.17
C TRP J 36 30.27 53.41 40.32
N GLY J 37 30.00 52.12 40.18
CA GLY J 37 30.99 51.08 40.41
C GLY J 37 32.16 51.25 39.46
N MET J 38 31.85 51.47 38.20
CA MET J 38 32.92 51.59 37.26
C MET J 38 33.73 52.84 37.55
N GLN J 39 33.03 53.93 37.86
CA GLN J 39 33.75 55.16 38.19
C GLN J 39 34.60 54.95 39.42
N SER J 40 34.13 54.10 40.31
CA SER J 40 34.86 53.83 41.52
C SER J 40 36.16 53.12 41.21
N ARG J 41 36.09 52.10 40.37
CA ARG J 41 37.29 51.34 40.07
C ARG J 41 38.33 52.26 39.43
N LEU J 42 37.87 53.05 38.47
CA LEU J 42 38.75 53.96 37.78
C LEU J 42 39.37 54.97 38.72
N SER J 43 38.61 55.36 39.74
CA SER J 43 39.08 56.29 40.74
C SER J 43 40.15 55.65 41.60
N ARG J 44 40.12 54.33 41.73
CA ARG J 44 41.19 53.65 42.42
C ARG J 44 42.48 53.76 41.64
N ILE J 45 42.39 53.64 40.34
CA ILE J 45 43.55 53.68 39.51
C ILE J 45 44.10 55.08 39.33
N PHE J 46 43.24 56.00 38.90
CA PHE J 46 43.63 57.38 38.66
C PHE J 46 43.27 58.27 39.83
N ASN J 47 44.27 58.90 40.41
CA ASN J 47 44.02 59.77 41.54
C ASN J 47 43.00 60.85 41.17
N PRO J 48 41.94 60.97 41.98
CA PRO J 48 40.89 61.94 41.75
C PRO J 48 41.42 63.38 41.84
N LYS J 49 42.31 63.63 42.79
CA LYS J 49 42.90 64.95 42.89
C LYS J 49 43.68 65.34 41.63
N THR J 50 44.63 64.50 41.20
CA THR J 50 45.49 64.83 40.07
C THR J 50 45.05 64.25 38.75
N GLY J 51 44.12 63.30 38.79
CA GLY J 51 43.63 62.65 37.58
C GLY J 51 44.68 61.80 36.88
N LYS J 52 45.64 61.30 37.65
CA LYS J 52 46.78 60.57 37.08
C LYS J 52 47.20 59.37 37.91
N THR J 53 48.01 58.51 37.29
CA THR J 53 48.40 57.30 37.94
C THR J 53 49.84 56.92 37.62
N VAL J 54 50.50 56.31 38.59
CA VAL J 54 51.80 55.74 38.39
C VAL J 54 51.59 54.25 38.47
N MET J 55 51.87 53.57 37.36
CA MET J 55 51.56 52.17 37.29
C MET J 55 52.84 51.35 37.29
N LEU J 56 52.90 50.32 38.13
CA LEU J 56 54.02 49.40 38.09
C LEU J 56 53.60 48.09 37.43
N ALA J 57 53.98 47.90 36.17
CA ALA J 57 53.53 46.72 35.42
C ALA J 57 54.61 45.68 35.32
N PHE J 58 54.31 44.46 35.76
CA PHE J 58 55.26 43.36 35.61
C PHE J 58 54.61 42.11 35.00
N ASP J 59 53.91 42.28 33.89
CA ASP J 59 53.14 41.16 33.34
C ASP J 59 53.86 40.46 32.22
N HIS J 60 55.08 40.90 31.90
CA HIS J 60 55.79 40.41 30.71
C HIS J 60 56.05 38.91 30.71
N GLY J 61 56.07 38.31 31.89
CA GLY J 61 56.27 36.86 31.95
C GLY J 61 55.25 36.15 31.07
N TYR J 62 54.16 36.84 30.75
CA TYR J 62 53.01 36.22 30.16
C TYR J 62 53.30 35.62 28.79
N PHE J 63 54.18 36.23 28.02
CA PHE J 63 54.61 35.62 26.76
C PHE J 63 56.11 35.46 26.72
N GLN J 64 56.78 35.96 27.74
CA GLN J 64 58.24 36.08 27.70
C GLN J 64 58.98 35.20 28.69
N GLY J 65 58.28 34.55 29.61
CA GLY J 65 58.97 33.81 30.65
C GLY J 65 59.68 34.75 31.61
N PRO J 66 60.72 34.25 32.30
CA PRO J 66 61.41 35.04 33.31
C PRO J 66 62.31 36.06 32.67
N THR J 67 61.71 37.13 32.17
CA THR J 67 62.47 38.24 31.65
C THR J 67 63.38 38.83 32.72
N THR J 68 64.44 39.50 32.29
CA THR J 68 65.42 40.09 33.20
C THR J 68 64.79 41.10 34.14
N GLY J 69 65.06 40.93 35.42
CA GLY J 69 64.45 41.79 36.44
C GLY J 69 63.10 41.27 36.91
N LEU J 70 62.53 40.32 36.20
CA LEU J 70 61.28 39.72 36.62
C LEU J 70 61.58 38.31 37.01
N GLU J 71 62.85 37.97 37.13
CA GLU J 71 63.20 36.63 37.52
C GLU J 71 62.47 36.25 38.78
N ARG J 72 62.55 37.09 39.80
CA ARG J 72 61.88 36.78 41.07
C ARG J 72 61.01 37.97 41.49
N ILE J 73 59.75 37.94 41.08
CA ILE J 73 58.85 39.01 41.42
C ILE J 73 58.83 39.12 42.91
N ASP J 74 58.79 37.97 43.57
CA ASP J 74 58.55 37.92 45.01
C ASP J 74 59.62 38.65 45.82
N ILE J 75 60.82 38.75 45.26
CA ILE J 75 61.91 39.39 45.97
C ILE J 75 62.23 40.77 45.41
N ASN J 76 62.45 40.80 44.12
CA ASN J 76 62.74 42.04 43.41
C ASN J 76 61.65 43.10 43.43
N ILE J 77 60.43 42.68 43.12
CA ILE J 77 59.34 43.60 42.87
C ILE J 77 58.49 43.81 44.12
N ALA J 78 58.46 42.82 44.99
CA ALA J 78 57.61 42.93 46.16
C ALA J 78 57.84 44.26 46.89
N PRO J 79 59.11 44.64 47.10
CA PRO J 79 59.40 45.88 47.82
C PRO J 79 58.81 47.07 47.10
N LEU J 80 58.58 46.93 45.80
CA LEU J 80 58.22 48.05 44.96
C LEU J 80 56.76 48.47 45.05
N PHE J 81 55.91 47.56 45.50
CA PHE J 81 54.47 47.75 45.43
C PHE J 81 53.99 49.03 46.08
N GLU J 82 54.43 49.27 47.32
CA GLU J 82 53.91 50.40 48.07
C GLU J 82 54.05 51.72 47.33
N HIS J 83 55.00 51.81 46.42
CA HIS J 83 55.25 53.11 45.82
C HIS J 83 54.57 53.26 44.49
N ALA J 84 53.65 52.35 44.21
CA ALA J 84 52.92 52.43 42.97
C ALA J 84 51.47 52.79 43.24
N ASP J 85 50.82 53.44 42.28
CA ASP J 85 49.40 53.74 42.42
C ASP J 85 48.62 52.49 42.08
N VAL J 86 49.07 51.78 41.05
CA VAL J 86 48.36 50.62 40.58
C VAL J 86 49.35 49.59 40.08
N LEU J 87 49.04 48.32 40.34
CA LEU J 87 49.88 47.22 39.90
C LEU J 87 49.28 46.59 38.65
N MET J 88 50.15 46.10 37.78
CA MET J 88 49.68 45.34 36.66
C MET J 88 50.43 44.01 36.47
N CYS J 89 49.73 42.90 36.63
CA CYS J 89 50.37 41.61 36.50
C CYS J 89 49.37 40.56 36.01
N THR J 90 49.83 39.32 35.84
CA THR J 90 48.95 38.24 35.50
C THR J 90 48.23 37.74 36.73
N ARG J 91 47.17 36.98 36.50
CA ARG J 91 46.40 36.45 37.59
C ARG J 91 47.22 35.36 38.25
N GLY J 92 48.04 34.69 37.45
CA GLY J 92 48.88 33.64 37.97
C GLY J 92 49.85 34.24 38.99
N ILE J 93 50.56 35.28 38.58
CA ILE J 93 51.55 35.90 39.44
C ILE J 93 50.90 36.50 40.67
N LEU J 94 49.82 37.24 40.44
CA LEU J 94 49.09 37.88 41.52
C LEU J 94 48.74 36.89 42.63
N ARG J 95 48.19 35.75 42.27
CA ARG J 95 47.77 34.84 43.33
C ARG J 95 48.96 34.26 44.06
N SER J 96 50.00 33.92 43.33
CA SER J 96 51.14 33.21 43.91
C SER J 96 52.09 34.08 44.74
N VAL J 97 52.41 35.29 44.28
CA VAL J 97 53.50 36.04 44.90
C VAL J 97 53.21 37.52 45.21
N VAL J 98 52.00 37.97 44.91
CA VAL J 98 51.57 39.28 45.35
C VAL J 98 50.71 39.12 46.59
N PRO J 99 51.16 39.67 47.71
CA PRO J 99 50.41 39.57 48.94
C PRO J 99 49.12 40.38 48.85
N PRO J 100 47.99 39.76 49.16
CA PRO J 100 46.72 40.47 49.17
C PRO J 100 46.83 41.72 50.01
N ALA J 101 47.60 41.67 51.09
CA ALA J 101 47.69 42.78 52.03
C ALA J 101 48.45 43.95 51.39
N THR J 102 48.97 43.71 50.21
CA THR J 102 49.72 44.73 49.48
C THR J 102 48.83 45.95 49.35
N ASN J 103 47.53 45.71 49.46
CA ASN J 103 46.52 46.76 49.44
C ASN J 103 46.64 47.79 48.33
N ARG J 104 47.01 47.36 47.14
CA ARG J 104 47.11 48.27 46.02
C ARG J 104 46.19 47.80 44.91
N PRO J 105 45.61 48.76 44.15
CA PRO J 105 44.71 48.40 43.04
C PRO J 105 45.44 47.63 41.94
N VAL J 106 44.83 46.59 41.39
CA VAL J 106 45.51 45.94 40.27
C VAL J 106 44.70 45.96 38.99
N VAL J 107 45.43 46.00 37.88
CA VAL J 107 44.87 45.88 36.57
C VAL J 107 45.40 44.55 36.09
N LEU J 108 44.50 43.57 36.01
CA LEU J 108 44.87 42.25 35.54
C LEU J 108 45.12 42.21 34.04
N ARG J 109 46.25 41.64 33.66
CA ARG J 109 46.51 41.39 32.26
C ARG J 109 45.69 40.20 31.85
N ALA J 110 44.82 40.38 30.86
CA ALA J 110 43.85 39.35 30.47
C ALA J 110 43.99 38.82 29.03
N SER J 111 45.14 39.04 28.41
CA SER J 111 45.39 38.44 27.12
C SER J 111 46.61 37.55 27.29
N GLY J 112 46.85 36.68 26.32
CA GLY J 112 47.98 35.76 26.43
C GLY J 112 47.92 34.72 25.35
N ALA J 113 48.58 33.58 25.56
CA ALA J 113 48.57 32.48 24.62
C ALA J 113 49.53 32.72 23.47
N ASN J 114 50.40 33.73 23.60
CA ASN J 114 51.52 33.89 22.69
C ASN J 114 52.87 33.55 23.38
N SER J 115 53.92 33.38 22.59
CA SER J 115 55.25 33.14 23.13
C SER J 115 56.15 34.04 22.33
N ILE J 116 57.34 34.31 22.83
CA ILE J 116 58.34 34.98 22.05
C ILE J 116 58.87 34.00 21.01
N LEU J 117 58.39 32.76 21.01
CA LEU J 117 58.88 31.78 20.09
C LEU J 117 58.02 31.71 18.87
N ALA J 118 56.92 32.44 18.87
CA ALA J 118 55.99 32.36 17.77
C ALA J 118 55.51 33.77 17.44
N GLU J 119 54.48 33.87 16.60
CA GLU J 119 53.97 35.18 16.24
C GLU J 119 53.52 35.93 17.49
N LEU J 120 54.06 37.13 17.68
CA LEU J 120 53.77 37.88 18.88
C LEU J 120 52.28 38.24 18.99
N SER J 121 51.63 38.57 17.87
CA SER J 121 50.26 39.10 17.92
C SER J 121 49.21 38.02 18.14
N ASN J 122 49.63 36.77 18.26
CA ASN J 122 48.67 35.69 18.41
C ASN J 122 48.16 35.52 19.84
N GLU J 123 47.24 36.38 20.26
CA GLU J 123 46.78 36.40 21.65
C GLU J 123 45.30 36.06 21.76
N ALA J 124 44.93 35.49 22.89
CA ALA J 124 43.53 35.20 23.16
C ALA J 124 43.22 35.74 24.54
N VAL J 125 41.93 35.80 24.87
CA VAL J 125 41.58 36.27 26.19
C VAL J 125 42.05 35.24 27.18
N ALA J 126 42.73 35.71 28.21
CA ALA J 126 43.48 34.80 29.07
C ALA J 126 42.86 34.61 30.46
N LEU J 127 41.70 35.23 30.70
CA LEU J 127 40.94 34.92 31.91
C LEU J 127 39.50 35.47 31.79
N SER J 128 38.56 34.81 32.50
CA SER J 128 37.17 35.21 32.45
C SER J 128 36.93 36.42 33.34
N MET J 129 36.00 37.29 32.97
CA MET J 129 35.69 38.45 33.79
C MET J 129 35.25 37.93 35.13
N ASP J 130 34.72 36.73 35.11
CA ASP J 130 34.28 36.04 36.28
C ASP J 130 35.40 36.02 37.33
N ASP J 131 36.57 35.56 36.90
CA ASP J 131 37.73 35.50 37.79
C ASP J 131 38.29 36.90 38.08
N ALA J 132 38.25 37.78 37.09
CA ALA J 132 38.74 39.14 37.32
C ALA J 132 37.97 39.74 38.47
N VAL J 133 36.66 39.51 38.46
CA VAL J 133 35.78 40.04 39.47
C VAL J 133 36.08 39.33 40.77
N ARG J 134 36.36 38.03 40.68
CA ARG J 134 36.70 37.25 41.84
C ARG J 134 37.97 37.77 42.52
N LEU J 135 38.86 38.35 41.72
CA LEU J 135 40.13 38.86 42.23
C LEU J 135 40.07 40.34 42.62
N ASN J 136 38.88 40.92 42.57
CA ASN J 136 38.72 42.33 42.90
C ASN J 136 39.54 43.26 42.01
N SER J 137 39.57 43.03 40.71
CA SER J 137 40.40 43.87 39.87
C SER J 137 39.77 45.21 39.70
N CYS J 138 40.59 46.19 39.35
CA CYS J 138 40.13 47.52 39.02
C CYS J 138 39.94 47.59 37.53
N ALA J 139 40.57 46.69 36.82
CA ALA J 139 40.41 46.69 35.39
C ALA J 139 41.10 45.47 34.82
N VAL J 140 40.75 45.16 33.59
CA VAL J 140 41.38 44.08 32.86
C VAL J 140 41.99 44.68 31.63
N ALA J 141 43.12 44.10 31.22
CA ALA J 141 43.83 44.63 30.08
C ALA J 141 44.13 43.55 29.07
N ALA J 142 44.14 43.94 27.80
CA ALA J 142 44.56 43.07 26.73
C ALA J 142 45.22 43.91 25.66
N GLN J 143 45.95 43.23 24.78
CA GLN J 143 46.74 43.90 23.76
C GLN J 143 45.96 43.97 22.48
N VAL J 144 46.07 45.08 21.78
CA VAL J 144 45.53 45.15 20.44
C VAL J 144 46.76 45.29 19.54
N TYR J 145 46.72 44.67 18.37
CA TYR J 145 47.87 44.71 17.48
C TYR J 145 47.54 45.20 16.10
N ILE J 146 47.23 46.49 15.94
CA ILE J 146 46.95 46.97 14.59
C ILE J 146 48.15 46.66 13.71
N GLY J 147 47.88 46.25 12.48
CA GLY J 147 48.95 46.03 11.50
C GLY J 147 49.64 44.68 11.61
N SER J 148 49.47 44.01 12.74
CA SER J 148 50.03 42.67 12.87
C SER J 148 49.11 41.62 12.28
N GLU J 149 49.63 40.40 12.23
CA GLU J 149 48.94 39.32 11.56
C GLU J 149 47.59 38.97 12.21
N TYR J 150 47.53 39.07 13.54
CA TYR J 150 46.32 38.69 14.26
C TYR J 150 45.60 39.90 14.82
N GLU J 151 45.59 40.96 14.03
CA GLU J 151 45.03 42.20 14.48
C GLU J 151 43.51 42.06 14.70
N HIS J 152 42.85 41.25 13.88
CA HIS J 152 41.40 41.03 14.05
C HIS J 152 41.06 40.36 15.38
N GLN J 153 41.69 39.23 15.65
CA GLN J 153 41.53 38.58 16.93
C GLN J 153 41.79 39.57 18.07
N SER J 154 42.86 40.36 17.95
CA SER J 154 43.22 41.23 19.06
C SER J 154 42.06 42.18 19.40
N ILE J 155 41.40 42.72 18.38
CA ILE J 155 40.32 43.67 18.64
C ILE J 155 39.15 42.92 19.24
N LYS J 156 38.85 41.77 18.64
CA LYS J 156 37.80 40.93 19.16
C LYS J 156 37.96 40.67 20.65
N ASN J 157 39.22 40.50 21.07
CA ASN J 157 39.56 40.29 22.47
C ASN J 157 39.13 41.50 23.28
N ILE J 158 39.44 42.70 22.78
CA ILE J 158 39.04 43.89 23.51
C ILE J 158 37.52 43.96 23.60
N ILE J 159 36.88 43.73 22.47
CA ILE J 159 35.45 43.78 22.39
C ILE J 159 34.84 42.88 23.42
N GLN J 160 35.30 41.63 23.43
CA GLN J 160 34.71 40.65 24.32
C GLN J 160 34.91 41.00 25.79
N LEU J 161 36.07 41.59 26.13
CA LEU J 161 36.32 42.06 27.48
C LEU J 161 35.40 43.21 27.88
N VAL J 162 35.21 44.15 26.97
CA VAL J 162 34.27 45.22 27.23
C VAL J 162 32.83 44.69 27.38
N ASP J 163 32.41 43.77 26.53
CA ASP J 163 31.06 43.25 26.69
C ASP J 163 30.87 42.71 28.10
N ALA J 164 31.88 41.99 28.58
CA ALA J 164 31.82 41.36 29.88
C ALA J 164 31.92 42.37 30.98
N GLY J 165 32.82 43.34 30.79
CA GLY J 165 33.13 44.32 31.84
C GLY J 165 31.93 45.23 32.13
N MET J 166 31.18 45.52 31.07
CA MET J 166 30.01 46.36 31.17
C MET J 166 28.92 45.70 31.98
N LYS J 167 28.81 44.36 31.94
CA LYS J 167 27.82 43.67 32.77
C LYS J 167 28.17 43.88 34.26
N VAL J 168 29.42 44.19 34.52
CA VAL J 168 29.90 43.96 35.85
C VAL J 168 30.66 45.16 36.44
N GLY J 169 30.84 46.22 35.65
CA GLY J 169 31.43 47.44 36.20
C GLY J 169 32.94 47.43 36.08
N MET J 170 33.46 46.58 35.23
CA MET J 170 34.88 46.43 35.08
C MET J 170 35.41 47.19 33.89
N PRO J 171 36.30 48.16 34.13
CA PRO J 171 36.92 48.89 33.02
C PRO J 171 37.90 48.02 32.27
N THR J 172 38.04 48.27 30.97
CA THR J 172 39.00 47.57 30.13
C THR J 172 40.11 48.51 29.59
N MET J 173 41.35 48.02 29.68
CA MET J 173 42.48 48.74 29.18
C MET J 173 42.97 48.03 27.95
N ALA J 174 43.00 48.75 26.83
CA ALA J 174 43.61 48.23 25.62
C ALA J 174 45.05 48.72 25.52
N VAL J 175 45.99 47.80 25.35
CA VAL J 175 47.38 48.19 25.15
C VAL J 175 47.78 47.96 23.69
N THR J 176 48.40 48.97 23.07
CA THR J 176 48.78 48.86 21.67
C THR J 176 50.17 48.21 21.48
N GLY J 177 50.20 46.98 20.96
CA GLY J 177 51.47 46.28 20.76
C GLY J 177 51.90 46.39 19.31
N VAL J 178 53.22 46.37 19.04
CA VAL J 178 53.70 46.78 17.70
C VAL J 178 54.59 45.79 16.93
N ARG J 184 56.01 53.12 13.59
CA ARG J 184 56.02 53.35 15.04
C ARG J 184 55.91 54.84 15.35
N ASP J 185 55.15 55.56 14.53
CA ASP J 185 55.04 57.01 14.59
C ASP J 185 53.64 57.44 15.04
N GLN J 186 53.44 58.74 15.22
CA GLN J 186 52.17 59.24 15.71
C GLN J 186 50.96 58.73 14.92
N ARG J 187 50.99 58.91 13.61
CA ARG J 187 49.81 58.62 12.81
C ARG J 187 49.39 57.21 13.15
N TYR J 188 50.37 56.34 13.33
CA TYR J 188 50.08 54.97 13.64
C TYR J 188 49.41 54.80 15.00
N PHE J 189 50.03 55.31 16.05
CA PHE J 189 49.45 55.17 17.39
C PHE J 189 48.13 55.86 17.48
N SER J 190 47.93 56.89 16.68
CA SER J 190 46.62 57.50 16.62
C SER J 190 45.55 56.50 16.18
N LEU J 191 45.84 55.79 15.09
CA LEU J 191 44.93 54.79 14.59
C LEU J 191 44.65 53.76 15.68
N ALA J 192 45.72 53.22 16.26
CA ALA J 192 45.58 52.10 17.16
C ALA J 192 44.85 52.55 18.41
N THR J 193 45.22 53.69 18.96
CA THR J 193 44.61 54.09 20.23
C THR J 193 43.15 54.39 20.03
N ARG J 194 42.86 55.08 18.94
CA ARG J 194 41.52 55.51 18.64
C ARG J 194 40.56 54.36 18.35
N ILE J 195 40.99 53.42 17.51
CA ILE J 195 40.18 52.21 17.32
C ILE J 195 39.87 51.51 18.65
N ALA J 196 40.91 51.24 19.43
CA ALA J 196 40.69 50.60 20.71
C ALA J 196 39.62 51.38 21.50
N ALA J 197 39.81 52.69 21.58
CA ALA J 197 39.01 53.50 22.50
C ALA J 197 37.59 53.46 22.01
N GLU J 198 37.50 53.51 20.69
CA GLU J 198 36.24 53.57 20.00
C GLU J 198 35.52 52.22 20.18
N MET J 199 36.25 51.12 20.16
CA MET J 199 35.61 49.84 20.41
C MET J 199 34.96 49.83 21.77
N GLY J 200 35.53 50.57 22.73
CA GLY J 200 34.94 50.62 24.05
C GLY J 200 35.89 50.62 25.22
N ALA J 201 37.20 50.47 24.98
CA ALA J 201 38.18 50.49 26.08
C ALA J 201 38.16 51.82 26.85
N GLN J 202 38.11 51.74 28.18
CA GLN J 202 38.10 52.95 29.00
C GLN J 202 39.48 53.49 29.25
N ILE J 203 40.50 52.63 29.21
CA ILE J 203 41.88 53.09 29.34
C ILE J 203 42.71 52.60 28.16
N ILE J 204 43.52 53.49 27.61
CA ILE J 204 44.42 53.12 26.56
C ILE J 204 45.83 53.21 27.10
N LYS J 205 46.63 52.17 26.86
CA LYS J 205 48.03 52.22 27.23
C LYS J 205 48.88 52.14 25.99
N THR J 206 49.82 53.06 25.83
CA THR J 206 50.53 53.14 24.59
C THR J 206 51.92 53.72 24.81
N TYR J 207 52.63 53.95 23.71
CA TYR J 207 54.03 54.40 23.75
C TYR J 207 54.16 55.88 23.51
N TYR J 208 55.18 56.49 24.11
CA TYR J 208 55.45 57.89 23.88
C TYR J 208 56.10 58.10 22.52
N VAL J 209 55.85 59.25 21.94
CA VAL J 209 56.35 59.57 20.63
C VAL J 209 56.96 60.96 20.64
N GLU J 210 58.18 61.06 20.13
CA GLU J 210 58.87 62.34 20.17
C GLU J 210 58.17 63.43 19.40
N LYS J 211 57.51 63.08 18.30
CA LYS J 211 56.80 64.07 17.53
C LYS J 211 55.33 63.75 17.46
N GLY J 212 54.49 64.65 17.94
CA GLY J 212 53.06 64.50 17.71
C GLY J 212 52.28 63.73 18.76
N PHE J 213 52.89 63.52 19.92
CA PHE J 213 52.18 62.85 21.00
C PHE J 213 50.88 63.56 21.35
N GLU J 214 50.88 64.88 21.22
CA GLU J 214 49.72 65.67 21.57
C GLU J 214 48.51 65.26 20.76
N ARG J 215 48.72 64.96 19.47
CA ARG J 215 47.63 64.54 18.59
C ARG J 215 47.07 63.21 19.03
N ILE J 216 47.94 62.36 19.55
CA ILE J 216 47.53 61.06 20.02
C ILE J 216 46.59 61.23 21.22
N VAL J 217 47.02 62.01 22.20
CA VAL J 217 46.22 62.26 23.37
C VAL J 217 44.93 62.95 22.97
N ALA J 218 45.05 64.01 22.17
CA ALA J 218 43.90 64.82 21.82
C ALA J 218 42.83 63.97 21.12
N GLY J 219 43.27 63.09 20.23
CA GLY J 219 42.38 62.20 19.51
C GLY J 219 41.79 61.05 20.31
N CYS J 220 42.37 60.75 21.48
CA CYS J 220 41.85 59.70 22.34
C CYS J 220 40.87 60.28 23.35
N PRO J 221 39.65 59.73 23.40
CA PRO J 221 38.64 60.31 24.30
C PRO J 221 38.70 59.80 25.74
N VAL J 222 39.65 58.94 26.02
CA VAL J 222 39.72 58.35 27.33
C VAL J 222 41.15 58.39 27.76
N PRO J 223 41.39 58.14 29.06
CA PRO J 223 42.72 58.29 29.62
C PRO J 223 43.76 57.47 28.88
N ILE J 224 44.95 58.03 28.76
CA ILE J 224 46.07 57.31 28.18
C ILE J 224 47.19 57.17 29.19
N VAL J 225 47.77 55.99 29.20
CA VAL J 225 48.90 55.73 30.04
C VAL J 225 49.99 55.33 29.08
N ILE J 226 51.23 55.72 29.37
CA ILE J 226 52.32 55.32 28.49
C ILE J 226 53.19 54.23 29.09
N ALA J 227 53.59 53.29 28.23
CA ALA J 227 54.55 52.28 28.61
C ALA J 227 55.95 52.86 28.40
N GLY J 228 56.88 52.44 29.25
CA GLY J 228 58.26 52.91 29.20
C GLY J 228 59.06 52.39 28.01
N GLY J 229 58.89 51.12 27.68
CA GLY J 229 59.70 50.54 26.61
C GLY J 229 61.06 50.15 27.17
N LYS J 230 62.04 50.00 26.28
CA LYS J 230 63.37 49.50 26.69
C LYS J 230 64.00 50.41 27.73
N LYS J 231 64.84 49.82 28.58
CA LYS J 231 65.50 50.54 29.65
C LYS J 231 66.31 51.69 29.09
N LEU J 232 66.21 52.84 29.72
CA LEU J 232 67.03 53.98 29.38
C LEU J 232 67.73 54.41 30.65
N PRO J 233 68.74 55.25 30.51
CA PRO J 233 69.30 55.94 31.65
C PRO J 233 68.20 56.78 32.29
N GLU J 234 68.15 56.79 33.62
CA GLU J 234 67.04 57.40 34.35
C GLU J 234 66.75 58.81 33.91
N ARG J 235 67.81 59.61 33.80
CA ARG J 235 67.63 60.98 33.40
C ARG J 235 66.75 61.01 32.16
N GLU J 236 67.04 60.13 31.21
CA GLU J 236 66.29 60.14 29.97
C GLU J 236 64.86 59.66 30.11
N ALA J 237 64.65 58.64 30.94
CA ALA J 237 63.32 58.13 31.22
C ALA J 237 62.46 59.18 31.88
N LEU J 238 63.01 59.83 32.90
CA LEU J 238 62.29 60.91 33.55
C LEU J 238 61.87 61.99 32.56
N GLU J 239 62.76 62.35 31.65
CA GLU J 239 62.44 63.37 30.69
C GLU J 239 61.27 62.92 29.85
N MET J 240 61.31 61.66 29.42
CA MET J 240 60.18 61.07 28.74
C MET J 240 58.89 61.16 29.55
N CYS J 241 58.96 60.77 30.82
CA CYS J 241 57.83 60.92 31.70
C CYS J 241 57.37 62.34 31.67
N TRP J 242 58.29 63.24 31.94
CA TRP J 242 57.93 64.62 32.10
C TRP J 242 57.19 65.08 30.85
N GLN J 243 57.73 64.70 29.71
CA GLN J 243 57.16 65.07 28.42
C GLN J 243 55.75 64.50 28.20
N ALA J 244 55.61 63.20 28.46
CA ALA J 244 54.32 62.54 28.30
C ALA J 244 53.26 63.24 29.12
N ILE J 245 53.53 63.43 30.41
CA ILE J 245 52.62 64.16 31.27
C ILE J 245 52.37 65.58 30.74
N ASP J 246 53.45 66.31 30.48
CA ASP J 246 53.31 67.65 29.99
C ASP J 246 52.41 67.68 28.77
N GLN J 247 52.45 66.60 28.00
CA GLN J 247 51.65 66.56 26.78
C GLN J 247 50.30 65.88 26.93
N GLY J 248 49.88 65.67 28.18
CA GLY J 248 48.52 65.25 28.45
C GLY J 248 48.27 63.78 28.76
N ALA J 249 49.32 62.99 28.95
CA ALA J 249 49.13 61.60 29.35
C ALA J 249 48.56 61.57 30.76
N SER J 250 47.79 60.53 31.10
CA SER J 250 47.15 60.45 32.42
C SER J 250 47.93 59.58 33.41
N GLY J 251 48.92 58.88 32.90
CA GLY J 251 49.72 58.08 33.78
C GLY J 251 50.89 57.57 33.00
N VAL J 252 51.85 56.99 33.70
CA VAL J 252 52.97 56.42 33.02
C VAL J 252 53.19 55.10 33.65
N ASP J 253 53.58 54.14 32.83
CA ASP J 253 54.07 52.91 33.35
C ASP J 253 55.49 52.77 32.88
N MET J 254 56.42 52.85 33.80
CA MET J 254 57.81 52.53 33.51
C MET J 254 58.02 51.12 33.96
N GLY J 255 58.11 50.19 33.04
CA GLY J 255 58.33 48.86 33.50
C GLY J 255 59.81 48.70 33.75
N ARG J 256 60.49 48.33 32.67
CA ARG J 256 61.90 47.99 32.75
C ARG J 256 62.62 49.13 33.43
N ASN J 257 62.20 50.35 33.08
CA ASN J 257 62.87 51.53 33.54
C ASN J 257 62.83 51.66 35.04
N ILE J 258 62.07 50.78 35.67
CA ILE J 258 62.01 50.80 37.12
C ILE J 258 62.60 49.55 37.72
N PHE J 259 61.98 48.39 37.47
CA PHE J 259 62.44 47.16 38.13
C PHE J 259 63.87 46.85 37.75
N GLN J 260 64.32 47.36 36.62
CA GLN J 260 65.68 47.15 36.17
C GLN J 260 66.70 48.17 36.70
N SER J 261 66.23 49.35 37.09
CA SER J 261 67.15 50.33 37.63
C SER J 261 67.82 49.78 38.87
N ASP J 262 69.06 50.21 39.13
CA ASP J 262 69.81 49.77 40.31
C ASP J 262 69.21 50.35 41.57
N HIS J 263 68.47 51.44 41.41
CA HIS J 263 67.82 52.10 42.53
C HIS J 263 66.34 52.32 42.27
N PRO J 264 65.56 51.23 42.27
CA PRO J 264 64.16 51.23 41.90
C PRO J 264 63.32 52.23 42.68
N VAL J 265 63.35 52.12 44.00
CA VAL J 265 62.46 52.92 44.82
C VAL J 265 62.72 54.39 44.55
N ALA J 266 63.97 54.73 44.42
CA ALA J 266 64.35 56.11 44.16
C ALA J 266 63.66 56.53 42.89
N MET J 267 63.77 55.69 41.88
CA MET J 267 63.19 56.01 40.59
C MET J 267 61.70 56.33 40.73
N MET J 268 61.00 55.46 41.44
CA MET J 268 59.56 55.62 41.56
C MET J 268 59.21 56.97 42.17
N LYS J 269 59.93 57.35 43.21
CA LYS J 269 59.66 58.63 43.84
C LYS J 269 59.92 59.72 42.82
N ALA J 270 60.92 59.50 41.97
CA ALA J 270 61.19 60.43 40.89
C ALA J 270 59.93 60.54 40.05
N VAL J 271 59.43 59.39 39.62
CA VAL J 271 58.27 59.35 38.76
C VAL J 271 57.04 59.93 39.45
N GLN J 272 56.84 59.59 40.71
CA GLN J 272 55.72 60.15 41.44
C GLN J 272 55.76 61.65 41.31
N ALA J 273 56.95 62.21 41.51
CA ALA J 273 57.10 63.65 41.52
C ALA J 273 56.67 64.21 40.18
N VAL J 274 57.19 63.65 39.10
CA VAL J 274 56.89 64.21 37.80
C VAL J 274 55.41 64.14 37.57
N VAL J 275 54.85 62.97 37.85
CA VAL J 275 53.48 62.70 37.48
C VAL J 275 52.49 63.49 38.32
N HIS J 276 52.49 63.23 39.62
CA HIS J 276 51.51 63.83 40.51
C HIS J 276 51.84 65.28 40.91
N HIS J 277 53.12 65.53 41.17
CA HIS J 277 53.51 66.78 41.81
C HIS J 277 54.08 67.79 40.84
N ASN J 278 54.29 67.41 39.59
CA ASN J 278 54.68 68.41 38.62
C ASN J 278 56.14 68.78 38.61
N GLU J 279 56.95 68.14 39.42
CA GLU J 279 58.37 68.47 39.40
C GLU J 279 58.88 68.44 37.98
N THR J 280 59.85 69.29 37.70
CA THR J 280 60.45 69.34 36.41
C THR J 280 61.41 68.17 36.35
N ALA J 281 61.76 67.74 35.14
CA ALA J 281 62.61 66.57 34.99
C ALA J 281 63.83 66.65 35.88
N ASP J 282 64.51 67.79 35.88
CA ASP J 282 65.77 67.93 36.58
C ASP J 282 65.63 67.74 38.08
N ARG J 283 64.72 68.47 38.69
CA ARG J 283 64.48 68.29 40.10
C ARG J 283 64.21 66.82 40.37
N ALA J 284 63.31 66.28 39.56
CA ALA J 284 62.92 64.89 39.71
C ALA J 284 64.19 64.05 39.79
N TYR J 285 65.01 64.14 38.75
CA TYR J 285 66.22 63.35 38.71
C TYR J 285 67.01 63.53 39.98
N GLU J 286 67.11 64.77 40.42
CA GLU J 286 67.91 65.08 41.60
C GLU J 286 67.46 64.35 42.85
N LEU J 287 66.16 64.38 43.15
CA LEU J 287 65.69 63.59 44.26
C LEU J 287 65.87 62.12 43.90
N TYR J 288 65.99 61.83 42.61
CA TYR J 288 66.32 60.47 42.20
C TYR J 288 67.62 60.09 42.91
N LEU J 289 68.64 60.90 42.67
CA LEU J 289 69.95 60.72 43.26
C LEU J 289 69.90 60.89 44.76
N SER J 290 69.13 61.88 45.19
CA SER J 290 68.89 62.10 46.61
C SER J 290 68.52 60.78 47.30
N GLU J 291 67.55 60.08 46.73
CA GLU J 291 66.98 58.91 47.38
C GLU J 291 67.85 57.63 47.36
N LYS J 292 68.91 57.62 46.54
CA LYS J 292 69.85 56.50 46.53
C LYS J 292 70.50 56.31 47.90
N GLY K 12 14.08 -41.80 -108.66
CA GLY K 12 12.92 -42.74 -108.65
C GLY K 12 11.99 -42.60 -107.44
N LYS K 13 11.90 -41.39 -106.90
CA LYS K 13 11.03 -41.13 -105.77
C LYS K 13 9.88 -40.26 -106.23
N ASP K 14 8.69 -40.50 -105.70
CA ASP K 14 7.53 -39.65 -106.03
C ASP K 14 6.92 -38.91 -104.84
N PHE K 15 7.01 -37.57 -104.86
CA PHE K 15 6.45 -36.75 -103.79
C PHE K 15 5.05 -36.27 -104.12
N ARG K 16 4.55 -36.66 -105.29
CA ARG K 16 3.22 -36.30 -105.66
C ARG K 16 3.00 -34.80 -105.41
N THR K 17 3.82 -33.96 -106.03
CA THR K 17 3.74 -32.53 -105.86
C THR K 17 2.46 -31.96 -106.42
N ASP K 18 1.87 -32.65 -107.37
CA ASP K 18 0.67 -32.14 -108.02
C ASP K 18 -0.48 -32.25 -107.07
N GLN K 19 -0.32 -33.04 -106.02
CA GLN K 19 -1.39 -33.32 -105.06
C GLN K 19 -1.02 -32.91 -103.65
N PRO K 20 -1.67 -31.87 -103.14
CA PRO K 20 -1.26 -31.22 -101.92
C PRO K 20 -1.89 -31.86 -100.69
N GLN K 21 -1.09 -32.04 -99.65
CA GLN K 21 -1.58 -32.62 -98.41
C GLN K 21 -2.73 -31.82 -97.83
N LYS K 22 -3.77 -32.54 -97.38
CA LYS K 22 -5.00 -31.91 -96.90
C LYS K 22 -5.39 -32.54 -95.60
N ASN K 23 -5.96 -31.75 -94.70
CA ASN K 23 -6.24 -32.24 -93.35
C ASN K 23 -7.58 -32.91 -93.24
N ILE K 24 -7.59 -34.12 -92.70
CA ILE K 24 -8.86 -34.78 -92.45
C ILE K 24 -9.58 -34.21 -91.23
N PRO K 25 -10.81 -33.69 -91.44
CA PRO K 25 -11.59 -33.16 -90.34
C PRO K 25 -11.97 -34.21 -89.31
N PHE K 26 -12.09 -33.78 -88.06
CA PHE K 26 -12.54 -34.62 -86.98
C PHE K 26 -13.95 -34.14 -86.63
N THR K 27 -14.96 -34.97 -86.85
CA THR K 27 -16.33 -34.45 -86.81
C THR K 27 -17.03 -34.64 -85.49
N LEU K 28 -16.49 -35.49 -84.62
CA LEU K 28 -17.09 -35.71 -83.31
C LEU K 28 -17.48 -34.41 -82.66
N LYS K 29 -18.70 -34.34 -82.16
CA LYS K 29 -19.25 -33.07 -81.72
C LYS K 29 -18.49 -32.40 -80.58
N GLY K 30 -17.99 -31.19 -80.84
CA GLY K 30 -17.30 -30.41 -79.81
C GLY K 30 -15.90 -30.91 -79.47
N CYS K 31 -15.40 -31.83 -80.26
CA CYS K 31 -14.09 -32.40 -80.01
C CYS K 31 -13.15 -32.10 -81.16
N GLY K 32 -13.38 -30.97 -81.83
CA GLY K 32 -12.53 -30.64 -82.99
C GLY K 32 -11.23 -29.95 -82.61
N ALA K 33 -11.08 -29.57 -81.34
CA ALA K 33 -9.91 -28.82 -80.92
C ALA K 33 -9.10 -29.55 -79.88
N LEU K 34 -8.97 -30.86 -80.00
CA LEU K 34 -8.25 -31.60 -78.98
C LEU K 34 -7.03 -32.21 -79.56
N ASP K 35 -6.06 -32.46 -78.71
CA ASP K 35 -4.84 -33.07 -79.14
C ASP K 35 -5.06 -34.49 -79.68
N TRP K 36 -4.10 -34.99 -80.45
CA TRP K 36 -4.25 -36.27 -81.11
C TRP K 36 -4.63 -37.38 -80.15
N GLY K 37 -3.93 -37.47 -79.02
CA GLY K 37 -4.17 -38.52 -78.05
C GLY K 37 -5.58 -38.50 -77.51
N MET K 38 -6.05 -37.30 -77.18
CA MET K 38 -7.37 -37.19 -76.63
C MET K 38 -8.42 -37.54 -77.69
N GLN K 39 -8.20 -37.07 -78.91
CA GLN K 39 -9.11 -37.41 -80.01
C GLN K 39 -9.12 -38.92 -80.25
N SER K 40 -7.97 -39.52 -80.01
CA SER K 40 -7.81 -40.94 -80.20
C SER K 40 -8.61 -41.71 -79.18
N ARG K 41 -8.57 -41.27 -77.93
CA ARG K 41 -9.30 -41.97 -76.90
C ARG K 41 -10.79 -41.89 -77.17
N LEU K 42 -11.25 -40.69 -77.52
CA LEU K 42 -12.66 -40.47 -77.84
C LEU K 42 -13.08 -41.28 -79.05
N SER K 43 -12.17 -41.44 -80.00
CA SER K 43 -12.46 -42.22 -81.19
C SER K 43 -12.63 -43.71 -80.86
N ARG K 44 -11.97 -44.15 -79.79
CA ARG K 44 -12.16 -45.50 -79.31
C ARG K 44 -13.57 -45.70 -78.81
N ILE K 45 -14.09 -44.69 -78.11
CA ILE K 45 -15.41 -44.75 -77.50
C ILE K 45 -16.53 -44.55 -78.52
N PHE K 46 -16.45 -43.48 -79.28
CA PHE K 46 -17.48 -43.15 -80.28
C PHE K 46 -17.01 -43.54 -81.65
N ASN K 47 -17.77 -44.39 -82.29
CA ASN K 47 -17.40 -44.85 -83.60
C ASN K 47 -17.27 -43.70 -84.57
N PRO K 48 -16.13 -43.61 -85.23
CA PRO K 48 -15.85 -42.51 -86.14
C PRO K 48 -16.82 -42.48 -87.31
N LYS K 49 -17.18 -43.65 -87.82
CA LYS K 49 -18.13 -43.73 -88.94
C LYS K 49 -19.50 -43.16 -88.53
N THR K 50 -20.06 -43.64 -87.43
CA THR K 50 -21.40 -43.25 -87.02
C THR K 50 -21.43 -42.18 -85.94
N GLY K 51 -20.29 -41.93 -85.33
CA GLY K 51 -20.18 -40.93 -84.28
C GLY K 51 -20.99 -41.26 -83.04
N LYS K 52 -21.18 -42.55 -82.78
CA LYS K 52 -21.98 -42.99 -81.64
C LYS K 52 -21.39 -44.17 -80.93
N THR K 53 -21.94 -44.46 -79.77
CA THR K 53 -21.43 -45.53 -78.96
C THR K 53 -22.54 -46.28 -78.24
N VAL K 54 -22.29 -47.57 -78.02
CA VAL K 54 -23.13 -48.40 -77.17
C VAL K 54 -22.30 -48.77 -75.95
N MET K 55 -22.75 -48.29 -74.80
CA MET K 55 -21.97 -48.42 -73.60
C MET K 55 -22.58 -49.43 -72.65
N LEU K 56 -21.79 -50.36 -72.15
CA LEU K 56 -22.30 -51.26 -71.13
C LEU K 56 -21.74 -50.88 -69.77
N ALA K 57 -22.54 -50.20 -68.97
CA ALA K 57 -22.05 -49.70 -67.70
C ALA K 57 -22.47 -50.57 -66.53
N PHE K 58 -21.52 -51.08 -65.76
CA PHE K 58 -21.84 -51.84 -64.57
C PHE K 58 -21.11 -51.35 -63.31
N ASP K 59 -21.17 -50.05 -63.05
CA ASP K 59 -20.36 -49.46 -61.99
C ASP K 59 -21.14 -49.25 -60.69
N HIS K 60 -22.42 -49.58 -60.70
CA HIS K 60 -23.31 -49.29 -59.60
C HIS K 60 -22.87 -49.86 -58.26
N GLY K 61 -22.07 -50.93 -58.31
CA GLY K 61 -21.52 -51.49 -57.10
C GLY K 61 -20.84 -50.43 -56.26
N TYR K 62 -20.47 -49.33 -56.91
CA TYR K 62 -19.64 -48.33 -56.26
C TYR K 62 -20.23 -47.67 -55.01
N PHE K 63 -21.54 -47.47 -55.01
CA PHE K 63 -22.21 -46.95 -53.82
C PHE K 63 -23.34 -47.89 -53.40
N GLN K 64 -23.56 -48.94 -54.18
CA GLN K 64 -24.74 -49.77 -54.01
C GLN K 64 -24.46 -51.21 -53.58
N GLY K 65 -23.21 -51.63 -53.58
CA GLY K 65 -22.93 -53.02 -53.27
C GLY K 65 -23.46 -53.89 -54.38
N PRO K 66 -23.73 -55.16 -54.08
CA PRO K 66 -24.14 -56.14 -55.09
C PRO K 66 -25.60 -55.93 -55.50
N THR K 67 -25.82 -54.92 -56.33
CA THR K 67 -27.12 -54.68 -56.93
C THR K 67 -27.55 -55.88 -57.77
N THR K 68 -28.86 -56.01 -57.96
CA THR K 68 -29.41 -57.15 -58.69
C THR K 68 -28.90 -57.18 -60.10
N GLY K 69 -28.39 -58.33 -60.51
CA GLY K 69 -27.87 -58.50 -61.84
C GLY K 69 -26.37 -58.20 -61.91
N LEU K 70 -25.84 -57.56 -60.88
CA LEU K 70 -24.41 -57.28 -60.85
C LEU K 70 -23.82 -58.14 -59.75
N GLU K 71 -24.61 -59.09 -59.27
CA GLU K 71 -24.16 -59.94 -58.16
C GLU K 71 -22.81 -60.52 -58.53
N ARG K 72 -22.76 -61.10 -59.73
CA ARG K 72 -21.55 -61.72 -60.20
C ARG K 72 -21.19 -61.19 -61.57
N ILE K 73 -20.39 -60.13 -61.59
CA ILE K 73 -19.96 -59.57 -62.87
C ILE K 73 -19.29 -60.64 -63.70
N ASP K 74 -18.43 -61.41 -63.06
CA ASP K 74 -17.57 -62.36 -63.74
C ASP K 74 -18.33 -63.41 -64.54
N ILE K 75 -19.55 -63.70 -64.13
CA ILE K 75 -20.37 -64.70 -64.78
C ILE K 75 -21.48 -64.10 -65.64
N ASN K 76 -22.27 -63.24 -65.03
CA ASN K 76 -23.36 -62.57 -65.68
C ASN K 76 -22.95 -61.64 -66.80
N ILE K 77 -22.00 -60.76 -66.52
CA ILE K 77 -21.67 -59.66 -67.42
C ILE K 77 -20.51 -60.00 -68.33
N ALA K 78 -19.66 -60.92 -67.92
CA ALA K 78 -18.49 -61.25 -68.73
C ALA K 78 -18.81 -61.60 -70.18
N PRO K 79 -19.86 -62.41 -70.40
CA PRO K 79 -20.35 -62.74 -71.75
C PRO K 79 -20.80 -61.51 -72.55
N LEU K 80 -21.19 -60.45 -71.85
CA LEU K 80 -21.74 -59.27 -72.48
C LEU K 80 -20.73 -58.34 -73.15
N PHE K 81 -19.48 -58.41 -72.74
CA PHE K 81 -18.48 -57.44 -73.15
C PHE K 81 -18.34 -57.29 -74.65
N GLU K 82 -18.23 -58.40 -75.36
CA GLU K 82 -17.91 -58.32 -76.75
C GLU K 82 -18.92 -57.54 -77.55
N HIS K 83 -20.14 -57.36 -77.03
CA HIS K 83 -21.17 -56.73 -77.85
C HIS K 83 -21.31 -55.30 -77.47
N ALA K 84 -20.35 -54.80 -76.70
CA ALA K 84 -20.37 -53.40 -76.27
C ALA K 84 -19.30 -52.60 -76.97
N ASP K 85 -19.56 -51.32 -77.20
CA ASP K 85 -18.57 -50.45 -77.78
C ASP K 85 -17.57 -50.06 -76.71
N VAL K 86 -18.09 -49.77 -75.53
CA VAL K 86 -17.28 -49.33 -74.43
C VAL K 86 -17.83 -49.86 -73.13
N LEU K 87 -16.96 -50.13 -72.18
CA LEU K 87 -17.35 -50.67 -70.91
C LEU K 87 -17.20 -49.60 -69.88
N MET K 88 -18.04 -49.64 -68.86
CA MET K 88 -17.87 -48.71 -67.79
C MET K 88 -18.02 -49.38 -66.43
N CYS K 89 -16.95 -49.34 -65.65
CA CYS K 89 -16.94 -49.97 -64.34
C CYS K 89 -15.87 -49.32 -63.45
N THR K 90 -15.78 -49.77 -62.22
CA THR K 90 -14.81 -49.27 -61.28
C THR K 90 -13.47 -49.90 -61.54
N ARG K 91 -12.42 -49.31 -61.01
CA ARG K 91 -11.11 -49.83 -61.23
C ARG K 91 -10.96 -51.11 -60.45
N GLY K 92 -11.68 -51.19 -59.33
CA GLY K 92 -11.64 -52.39 -58.48
C GLY K 92 -12.14 -53.58 -59.27
N ILE K 93 -13.32 -53.43 -59.86
CA ILE K 93 -13.94 -54.47 -60.61
C ILE K 93 -13.16 -54.81 -61.85
N LEU K 94 -12.70 -53.76 -62.54
CA LEU K 94 -11.91 -53.92 -63.76
C LEU K 94 -10.70 -54.82 -63.55
N ARG K 95 -9.94 -54.55 -62.49
CA ARG K 95 -8.75 -55.36 -62.27
C ARG K 95 -9.10 -56.80 -61.91
N SER K 96 -10.07 -56.98 -61.03
CA SER K 96 -10.39 -58.32 -60.52
C SER K 96 -11.10 -59.25 -61.48
N VAL K 97 -12.07 -58.75 -62.24
CA VAL K 97 -12.95 -59.66 -62.97
C VAL K 97 -13.19 -59.30 -64.43
N VAL K 98 -12.55 -58.25 -64.90
CA VAL K 98 -12.62 -57.96 -66.32
C VAL K 98 -11.30 -58.39 -66.94
N PRO K 99 -11.37 -59.33 -67.88
CA PRO K 99 -10.16 -59.82 -68.50
C PRO K 99 -9.58 -58.74 -69.40
N PRO K 100 -8.31 -58.42 -69.23
CA PRO K 100 -7.62 -57.48 -70.09
C PRO K 100 -7.86 -57.83 -71.54
N ALA K 101 -7.86 -59.13 -71.83
CA ALA K 101 -7.99 -59.58 -73.20
C ALA K 101 -9.36 -59.21 -73.77
N THR K 102 -10.20 -58.64 -72.92
CA THR K 102 -11.56 -58.36 -73.32
C THR K 102 -11.48 -57.44 -74.49
N ASN K 103 -10.33 -56.79 -74.59
CA ASN K 103 -10.02 -55.84 -75.66
C ASN K 103 -11.09 -54.80 -75.99
N ARG K 104 -11.73 -54.25 -74.99
CA ARG K 104 -12.72 -53.24 -75.25
C ARG K 104 -12.38 -51.99 -74.48
N PRO K 105 -12.66 -50.81 -75.06
CA PRO K 105 -12.31 -49.53 -74.41
C PRO K 105 -13.04 -49.38 -73.11
N VAL K 106 -12.43 -48.84 -72.07
CA VAL K 106 -13.19 -48.63 -70.82
C VAL K 106 -13.26 -47.19 -70.38
N VAL K 107 -14.40 -46.84 -69.80
CA VAL K 107 -14.54 -45.57 -69.12
C VAL K 107 -14.55 -45.84 -67.63
N LEU K 108 -13.45 -45.54 -66.95
CA LEU K 108 -13.38 -45.78 -65.54
C LEU K 108 -14.29 -44.86 -64.72
N ARG K 109 -15.07 -45.46 -63.83
CA ARG K 109 -15.82 -44.65 -62.89
C ARG K 109 -14.86 -44.14 -61.83
N ALA K 110 -14.78 -42.81 -61.66
CA ALA K 110 -13.76 -42.20 -60.80
C ALA K 110 -14.33 -41.34 -59.62
N SER K 111 -15.61 -41.52 -59.33
CA SER K 111 -16.15 -40.83 -58.17
C SER K 111 -16.66 -41.94 -57.26
N GLY K 112 -16.92 -41.62 -55.99
CA GLY K 112 -17.31 -42.64 -55.03
C GLY K 112 -17.29 -42.09 -53.64
N ALA K 113 -17.28 -42.97 -52.64
CA ALA K 113 -17.24 -42.56 -51.24
C ALA K 113 -18.62 -42.23 -50.74
N ASN K 114 -19.65 -42.58 -51.50
CA ASN K 114 -21.01 -42.53 -51.00
C ASN K 114 -21.57 -43.93 -50.78
N SER K 115 -22.65 -44.07 -50.03
CA SER K 115 -23.34 -45.36 -49.86
C SER K 115 -24.80 -45.06 -50.11
N ILE K 116 -25.58 -46.11 -50.32
CA ILE K 116 -27.02 -45.93 -50.33
C ILE K 116 -27.53 -45.75 -48.92
N LEU K 117 -26.66 -45.86 -47.92
CA LEU K 117 -27.04 -45.69 -46.52
C LEU K 117 -26.93 -44.25 -46.04
N ALA K 118 -26.46 -43.37 -46.90
CA ALA K 118 -26.19 -41.99 -46.51
C ALA K 118 -26.56 -41.06 -47.66
N GLU K 119 -26.23 -39.79 -47.53
CA GLU K 119 -26.55 -38.87 -48.60
C GLU K 119 -25.92 -39.31 -49.92
N LEU K 120 -26.72 -39.37 -50.96
CA LEU K 120 -26.27 -39.90 -52.23
C LEU K 120 -25.22 -39.02 -52.88
N SER K 121 -25.38 -37.73 -52.75
CA SER K 121 -24.53 -36.79 -53.49
C SER K 121 -23.14 -36.61 -52.87
N ASN K 122 -22.86 -37.29 -51.77
CA ASN K 122 -21.61 -37.10 -51.09
C ASN K 122 -20.47 -37.92 -51.71
N GLU K 123 -19.96 -37.47 -52.85
CA GLU K 123 -18.95 -38.21 -53.60
C GLU K 123 -17.59 -37.52 -53.56
N ALA K 124 -16.52 -38.31 -53.70
CA ALA K 124 -15.22 -37.74 -53.85
C ALA K 124 -14.54 -38.39 -55.05
N VAL K 125 -13.44 -37.80 -55.49
CA VAL K 125 -12.74 -38.44 -56.57
C VAL K 125 -12.21 -39.76 -56.05
N ALA K 126 -12.42 -40.81 -56.84
CA ALA K 126 -12.21 -42.16 -56.33
C ALA K 126 -10.98 -42.85 -56.90
N LEU K 127 -10.23 -42.15 -57.74
CA LEU K 127 -8.95 -42.66 -58.17
C LEU K 127 -8.11 -41.53 -58.84
N SER K 128 -6.79 -41.70 -58.85
CA SER K 128 -5.94 -40.70 -59.46
C SER K 128 -5.85 -40.92 -60.97
N MET K 129 -5.64 -39.83 -61.70
CA MET K 129 -5.51 -39.90 -63.16
C MET K 129 -4.35 -40.80 -63.45
N ASP K 130 -3.41 -40.74 -62.53
CA ASP K 130 -2.23 -41.55 -62.54
C ASP K 130 -2.55 -43.02 -62.77
N ASP K 131 -3.45 -43.56 -61.95
CA ASP K 131 -3.92 -44.92 -62.12
C ASP K 131 -4.82 -45.10 -63.34
N ALA K 132 -5.61 -44.08 -63.65
CA ALA K 132 -6.48 -44.18 -64.80
C ALA K 132 -5.60 -44.38 -66.03
N VAL K 133 -4.49 -43.68 -66.03
CA VAL K 133 -3.57 -43.73 -67.14
C VAL K 133 -2.91 -45.10 -67.11
N ARG K 134 -2.65 -45.56 -65.90
CA ARG K 134 -1.99 -46.84 -65.73
C ARG K 134 -2.86 -47.96 -66.28
N LEU K 135 -4.18 -47.76 -66.23
CA LEU K 135 -5.12 -48.78 -66.64
C LEU K 135 -5.51 -48.63 -68.10
N ASN K 136 -4.85 -47.72 -68.81
CA ASN K 136 -5.20 -47.49 -70.19
C ASN K 136 -6.65 -47.09 -70.43
N SER K 137 -7.21 -46.19 -69.64
CA SER K 137 -8.58 -45.82 -69.80
C SER K 137 -8.78 -44.97 -71.02
N CYS K 138 -9.99 -45.01 -71.58
CA CYS K 138 -10.38 -44.07 -72.60
C CYS K 138 -10.97 -42.81 -72.00
N ALA K 139 -11.51 -42.91 -70.80
CA ALA K 139 -11.97 -41.71 -70.13
C ALA K 139 -12.22 -42.05 -68.69
N VAL K 140 -12.41 -40.99 -67.90
CA VAL K 140 -12.75 -41.14 -66.49
C VAL K 140 -14.05 -40.42 -66.26
N ALA K 141 -14.87 -40.96 -65.38
CA ALA K 141 -16.20 -40.41 -65.16
C ALA K 141 -16.45 -40.14 -63.69
N ALA K 142 -17.21 -39.09 -63.44
CA ALA K 142 -17.65 -38.73 -62.11
C ALA K 142 -19.04 -38.14 -62.19
N GLN K 143 -19.74 -38.11 -61.06
CA GLN K 143 -21.11 -37.69 -61.00
C GLN K 143 -21.17 -36.27 -60.57
N VAL K 144 -22.03 -35.50 -61.20
CA VAL K 144 -22.29 -34.15 -60.74
C VAL K 144 -23.73 -34.14 -60.24
N TYR K 145 -23.99 -33.45 -59.13
CA TYR K 145 -25.32 -33.47 -58.51
C TYR K 145 -25.92 -32.10 -58.34
N ILE K 146 -26.32 -31.45 -59.43
CA ILE K 146 -26.92 -30.13 -59.27
C ILE K 146 -28.13 -30.26 -58.39
N GLY K 147 -28.31 -29.32 -57.48
CA GLY K 147 -29.51 -29.31 -56.66
C GLY K 147 -29.43 -30.19 -55.44
N SER K 148 -28.45 -31.09 -55.40
CA SER K 148 -28.27 -31.91 -54.21
C SER K 148 -27.42 -31.21 -53.16
N GLU K 149 -27.31 -31.79 -51.99
CA GLU K 149 -26.63 -31.16 -50.91
C GLU K 149 -25.15 -30.92 -51.22
N TYR K 150 -24.52 -31.85 -51.92
CA TYR K 150 -23.09 -31.78 -52.15
C TYR K 150 -22.79 -31.43 -53.58
N GLU K 151 -23.57 -30.52 -54.10
CA GLU K 151 -23.46 -30.20 -55.49
C GLU K 151 -22.12 -29.55 -55.75
N HIS K 152 -21.62 -28.79 -54.78
CA HIS K 152 -20.38 -28.05 -54.95
C HIS K 152 -19.20 -29.01 -55.10
N GLN K 153 -19.10 -29.93 -54.16
CA GLN K 153 -18.04 -30.89 -54.20
C GLN K 153 -18.14 -31.65 -55.52
N SER K 154 -19.36 -31.98 -55.95
CA SER K 154 -19.49 -32.78 -57.16
C SER K 154 -18.83 -32.07 -58.34
N ILE K 155 -19.01 -30.76 -58.45
CA ILE K 155 -18.47 -30.04 -59.60
C ILE K 155 -16.95 -29.96 -59.48
N LYS K 156 -16.51 -29.66 -58.27
CA LYS K 156 -15.11 -29.60 -57.99
C LYS K 156 -14.49 -30.88 -58.43
N ASN K 157 -15.21 -31.99 -58.23
CA ASN K 157 -14.70 -33.29 -58.66
C ASN K 157 -14.47 -33.32 -60.16
N ILE K 158 -15.44 -32.77 -60.90
CA ILE K 158 -15.30 -32.78 -62.35
C ILE K 158 -14.12 -31.92 -62.73
N ILE K 159 -14.04 -30.78 -62.06
CA ILE K 159 -13.01 -29.82 -62.37
C ILE K 159 -11.70 -30.49 -62.21
N GLN K 160 -11.55 -31.16 -61.07
CA GLN K 160 -10.26 -31.76 -60.74
C GLN K 160 -9.84 -32.85 -61.74
N LEU K 161 -10.81 -33.61 -62.20
CA LEU K 161 -10.54 -34.63 -63.16
C LEU K 161 -10.17 -34.04 -64.49
N VAL K 162 -10.78 -32.92 -64.84
CA VAL K 162 -10.45 -32.30 -66.11
C VAL K 162 -9.05 -31.73 -66.05
N ASP K 163 -8.70 -31.14 -64.90
CA ASP K 163 -7.41 -30.49 -64.77
C ASP K 163 -6.34 -31.54 -64.99
N ALA K 164 -6.57 -32.72 -64.44
CA ALA K 164 -5.64 -33.83 -64.53
C ALA K 164 -5.64 -34.45 -65.89
N GLY K 165 -6.82 -34.58 -66.47
CA GLY K 165 -6.95 -35.27 -67.73
C GLY K 165 -6.28 -34.49 -68.83
N MET K 166 -6.34 -33.18 -68.70
CA MET K 166 -5.78 -32.33 -69.70
C MET K 166 -4.27 -32.45 -69.76
N LYS K 167 -3.64 -32.74 -68.64
CA LYS K 167 -2.19 -32.94 -68.61
C LYS K 167 -1.87 -34.19 -69.40
N VAL K 168 -2.84 -35.07 -69.52
CA VAL K 168 -2.49 -36.41 -69.90
C VAL K 168 -3.28 -36.99 -71.08
N GLY K 169 -4.23 -36.21 -71.60
CA GLY K 169 -4.98 -36.61 -72.79
C GLY K 169 -6.19 -37.48 -72.48
N MET K 170 -6.64 -37.42 -71.24
CA MET K 170 -7.75 -38.23 -70.77
C MET K 170 -9.03 -37.42 -70.77
N PRO K 171 -10.03 -37.83 -71.55
CA PRO K 171 -11.30 -37.14 -71.57
C PRO K 171 -12.03 -37.38 -70.27
N THR K 172 -12.89 -36.42 -69.87
CA THR K 172 -13.71 -36.62 -68.69
C THR K 172 -15.19 -36.68 -69.00
N MET K 173 -15.87 -37.65 -68.40
CA MET K 173 -17.31 -37.78 -68.55
C MET K 173 -17.98 -37.39 -67.24
N ALA K 174 -18.88 -36.40 -67.33
CA ALA K 174 -19.71 -35.99 -66.20
C ALA K 174 -21.08 -36.64 -66.32
N VAL K 175 -21.50 -37.32 -65.27
CA VAL K 175 -22.83 -37.91 -65.25
C VAL K 175 -23.72 -37.15 -64.29
N THR K 176 -24.92 -36.81 -64.75
CA THR K 176 -25.78 -36.01 -63.92
C THR K 176 -26.63 -36.89 -63.01
N GLY K 177 -26.37 -36.83 -61.71
CA GLY K 177 -27.16 -37.62 -60.75
C GLY K 177 -28.24 -36.77 -60.12
N VAL K 178 -29.39 -37.37 -59.75
CA VAL K 178 -30.58 -36.58 -59.36
C VAL K 178 -31.21 -36.85 -57.99
N ARG K 184 -37.03 -33.21 -62.41
CA ARG K 184 -36.46 -34.23 -63.28
C ARG K 184 -36.86 -33.99 -64.76
N ASP K 185 -36.96 -32.71 -65.11
CA ASP K 185 -37.45 -32.28 -66.42
C ASP K 185 -36.38 -31.62 -67.26
N GLN K 186 -36.72 -31.23 -68.48
CA GLN K 186 -35.70 -30.73 -69.40
C GLN K 186 -34.91 -29.54 -68.83
N ARG K 187 -35.63 -28.53 -68.37
CA ARG K 187 -34.96 -27.33 -67.95
C ARG K 187 -33.87 -27.73 -66.98
N TYR K 188 -34.18 -28.67 -66.11
CA TYR K 188 -33.22 -29.14 -65.14
C TYR K 188 -31.98 -29.79 -65.75
N PHE K 189 -32.17 -30.80 -66.58
CA PHE K 189 -31.03 -31.47 -67.17
C PHE K 189 -30.26 -30.53 -68.04
N SER K 190 -30.92 -29.52 -68.59
CA SER K 190 -30.22 -28.53 -69.37
C SER K 190 -29.20 -27.82 -68.51
N LEU K 191 -29.66 -27.34 -67.36
CA LEU K 191 -28.75 -26.72 -66.42
C LEU K 191 -27.58 -27.69 -66.10
N ALA K 192 -27.92 -28.89 -65.63
CA ALA K 192 -26.89 -29.79 -65.17
C ALA K 192 -25.92 -30.15 -66.29
N THR K 193 -26.44 -30.51 -67.45
CA THR K 193 -25.53 -30.96 -68.50
C THR K 193 -24.62 -29.83 -68.91
N ARG K 194 -25.19 -28.64 -69.02
CA ARG K 194 -24.48 -27.50 -69.57
C ARG K 194 -23.38 -26.99 -68.64
N ILE K 195 -23.68 -26.94 -67.36
CA ILE K 195 -22.65 -26.60 -66.38
C ILE K 195 -21.50 -27.61 -66.44
N ALA K 196 -21.80 -28.91 -66.44
CA ALA K 196 -20.74 -29.87 -66.49
C ALA K 196 -19.91 -29.63 -67.73
N ALA K 197 -20.59 -29.44 -68.86
CA ALA K 197 -19.89 -29.37 -70.15
C ALA K 197 -18.99 -28.16 -70.13
N GLU K 198 -19.54 -27.11 -69.55
CA GLU K 198 -18.94 -25.81 -69.51
C GLU K 198 -17.68 -25.85 -68.61
N MET K 199 -17.78 -26.58 -67.50
CA MET K 199 -16.62 -26.77 -66.63
C MET K 199 -15.50 -27.42 -67.39
N GLY K 200 -15.82 -28.29 -68.34
CA GLY K 200 -14.76 -28.89 -69.14
C GLY K 200 -14.94 -30.34 -69.55
N ALA K 201 -16.00 -31.00 -69.08
CA ALA K 201 -16.18 -32.40 -69.39
C ALA K 201 -16.38 -32.54 -70.88
N GLN K 202 -15.71 -33.52 -71.46
CA GLN K 202 -15.86 -33.83 -72.88
C GLN K 202 -17.09 -34.71 -73.21
N ILE K 203 -17.50 -35.55 -72.27
CA ILE K 203 -18.67 -36.36 -72.49
C ILE K 203 -19.63 -36.14 -71.36
N ILE K 204 -20.89 -35.96 -71.72
CA ILE K 204 -21.93 -35.81 -70.72
C ILE K 204 -22.85 -37.01 -70.78
N LYS K 205 -23.16 -37.58 -69.62
CA LYS K 205 -24.08 -38.73 -69.58
C LYS K 205 -25.25 -38.37 -68.74
N THR K 206 -26.43 -38.61 -69.28
CA THR K 206 -27.62 -38.07 -68.65
C THR K 206 -28.82 -38.91 -69.01
N TYR K 207 -29.98 -38.49 -68.54
CA TYR K 207 -31.19 -39.25 -68.70
C TYR K 207 -32.06 -38.73 -69.83
N TYR K 208 -32.82 -39.61 -70.45
CA TYR K 208 -33.73 -39.18 -71.49
C TYR K 208 -34.98 -38.53 -70.93
N VAL K 209 -35.55 -37.61 -71.70
CA VAL K 209 -36.69 -36.86 -71.24
C VAL K 209 -37.75 -36.83 -72.34
N GLU K 210 -38.98 -37.12 -71.95
CA GLU K 210 -40.04 -37.29 -72.93
C GLU K 210 -40.39 -35.97 -73.63
N LYS K 211 -40.23 -34.87 -72.91
CA LYS K 211 -40.46 -33.60 -73.54
C LYS K 211 -39.20 -32.74 -73.50
N GLY K 212 -38.69 -32.34 -74.66
CA GLY K 212 -37.64 -31.32 -74.76
C GLY K 212 -36.20 -31.82 -74.75
N PHE K 213 -36.01 -33.10 -74.99
CA PHE K 213 -34.67 -33.65 -75.01
C PHE K 213 -33.82 -32.95 -76.04
N GLU K 214 -34.46 -32.53 -77.10
CA GLU K 214 -33.75 -31.88 -78.16
C GLU K 214 -33.03 -30.65 -77.64
N ARG K 215 -33.67 -29.90 -76.76
CA ARG K 215 -33.08 -28.69 -76.20
C ARG K 215 -31.87 -29.08 -75.37
N ILE K 216 -31.95 -30.22 -74.71
CA ILE K 216 -30.84 -30.65 -73.89
C ILE K 216 -29.63 -30.93 -74.77
N VAL K 217 -29.85 -31.70 -75.83
CA VAL K 217 -28.79 -32.01 -76.76
C VAL K 217 -28.24 -30.74 -77.40
N ALA K 218 -29.16 -29.92 -77.89
CA ALA K 218 -28.78 -28.72 -78.66
C ALA K 218 -27.97 -27.78 -77.80
N GLY K 219 -28.31 -27.69 -76.52
CA GLY K 219 -27.60 -26.86 -75.57
C GLY K 219 -26.27 -27.41 -75.07
N CYS K 220 -26.02 -28.70 -75.31
CA CYS K 220 -24.77 -29.29 -74.88
C CYS K 220 -23.83 -29.25 -76.05
N PRO K 221 -22.61 -28.74 -75.84
CA PRO K 221 -21.68 -28.60 -76.94
C PRO K 221 -20.84 -29.83 -77.20
N VAL K 222 -21.04 -30.88 -76.41
CA VAL K 222 -20.22 -32.07 -76.48
C VAL K 222 -21.14 -33.27 -76.47
N PRO K 223 -20.58 -34.46 -76.77
CA PRO K 223 -21.40 -35.63 -76.91
C PRO K 223 -22.22 -35.92 -75.68
N ILE K 224 -23.44 -36.37 -75.91
CA ILE K 224 -24.29 -36.84 -74.84
C ILE K 224 -24.59 -38.32 -74.98
N VAL K 225 -24.51 -39.00 -73.86
CA VAL K 225 -24.87 -40.38 -73.76
C VAL K 225 -25.99 -40.46 -72.73
N ILE K 226 -26.97 -41.34 -72.95
CA ILE K 226 -28.07 -41.43 -72.00
C ILE K 226 -27.99 -42.70 -71.22
N ALA K 227 -28.27 -42.58 -69.94
CA ALA K 227 -28.42 -43.73 -69.08
C ALA K 227 -29.85 -44.27 -69.19
N GLY K 228 -29.99 -45.58 -69.02
CA GLY K 228 -31.27 -46.28 -69.15
C GLY K 228 -32.22 -46.04 -67.99
N GLY K 229 -31.71 -45.99 -66.77
CA GLY K 229 -32.57 -45.86 -65.58
C GLY K 229 -33.17 -47.22 -65.24
N LYS K 230 -34.27 -47.21 -64.50
CA LYS K 230 -34.89 -48.46 -64.07
C LYS K 230 -35.26 -49.36 -65.25
N LYS K 231 -35.21 -50.67 -65.01
CA LYS K 231 -35.56 -51.65 -66.03
C LYS K 231 -36.95 -51.40 -66.57
N LEU K 232 -37.09 -51.51 -67.88
CA LEU K 232 -38.36 -51.42 -68.54
C LEU K 232 -38.50 -52.65 -69.39
N PRO K 233 -39.72 -52.93 -69.85
CA PRO K 233 -39.89 -53.95 -70.87
C PRO K 233 -39.11 -53.52 -72.09
N GLU K 234 -38.45 -54.48 -72.73
CA GLU K 234 -37.53 -54.19 -73.84
C GLU K 234 -38.14 -53.30 -74.89
N ARG K 235 -39.34 -53.65 -75.33
CA ARG K 235 -39.97 -52.87 -76.36
C ARG K 235 -39.87 -51.40 -75.98
N GLU K 236 -40.16 -51.10 -74.73
CA GLU K 236 -40.17 -49.71 -74.27
C GLU K 236 -38.78 -49.08 -74.20
N ALA K 237 -37.80 -49.87 -73.79
CA ALA K 237 -36.43 -49.41 -73.70
C ALA K 237 -35.90 -49.08 -75.08
N LEU K 238 -36.15 -49.99 -76.00
CA LEU K 238 -35.72 -49.76 -77.35
C LEU K 238 -36.35 -48.49 -77.88
N GLU K 239 -37.63 -48.27 -77.58
CA GLU K 239 -38.26 -47.05 -78.08
C GLU K 239 -37.56 -45.83 -77.53
N MET K 240 -37.24 -45.87 -76.24
CA MET K 240 -36.45 -44.82 -75.60
C MET K 240 -35.10 -44.60 -76.32
N CYS K 241 -34.36 -45.69 -76.55
CA CYS K 241 -33.15 -45.60 -77.33
C CYS K 241 -33.41 -44.93 -78.64
N TRP K 242 -34.36 -45.47 -79.38
CA TRP K 242 -34.60 -44.96 -80.70
C TRP K 242 -34.85 -43.47 -80.65
N GLN K 243 -35.63 -43.04 -79.66
CA GLN K 243 -35.99 -41.64 -79.51
C GLN K 243 -34.78 -40.81 -79.16
N ALA K 244 -33.99 -41.27 -78.20
CA ALA K 244 -32.79 -40.54 -77.80
C ALA K 244 -31.90 -40.28 -79.01
N ILE K 245 -31.59 -41.34 -79.76
CA ILE K 245 -30.75 -41.25 -80.94
C ILE K 245 -31.37 -40.30 -81.94
N ASP K 246 -32.64 -40.54 -82.24
CA ASP K 246 -33.36 -39.75 -83.21
C ASP K 246 -33.26 -38.29 -82.83
N GLN K 247 -33.19 -38.02 -81.53
CA GLN K 247 -33.13 -36.65 -81.04
C GLN K 247 -31.71 -36.13 -80.78
N GLY K 248 -30.72 -36.86 -81.27
CA GLY K 248 -29.35 -36.36 -81.30
C GLY K 248 -28.39 -36.85 -80.23
N ALA K 249 -28.80 -37.83 -79.43
CA ALA K 249 -27.88 -38.40 -78.47
C ALA K 249 -26.76 -39.09 -79.23
N SER K 250 -25.57 -39.18 -78.64
CA SER K 250 -24.43 -39.78 -79.32
C SER K 250 -24.20 -41.21 -78.91
N GLY K 251 -24.91 -41.64 -77.89
CA GLY K 251 -24.80 -43.02 -77.44
C GLY K 251 -25.86 -43.29 -76.42
N VAL K 252 -26.02 -44.56 -76.08
CA VAL K 252 -26.92 -44.90 -75.02
C VAL K 252 -26.21 -45.87 -74.13
N ASP K 253 -26.48 -45.76 -72.85
CA ASP K 253 -26.06 -46.79 -71.94
C ASP K 253 -27.30 -47.37 -71.29
N MET K 254 -27.64 -48.60 -71.66
CA MET K 254 -28.74 -49.31 -71.01
C MET K 254 -28.10 -50.17 -69.98
N GLY K 255 -28.25 -49.82 -68.71
CA GLY K 255 -27.59 -50.61 -67.71
C GLY K 255 -28.54 -51.73 -67.41
N ARG K 256 -29.44 -51.44 -66.49
CA ARG K 256 -30.32 -52.44 -65.96
C ARG K 256 -31.03 -53.08 -67.10
N ASN K 257 -31.38 -52.24 -68.07
CA ASN K 257 -32.20 -52.69 -69.16
C ASN K 257 -31.53 -53.74 -69.99
N ILE K 258 -30.26 -53.96 -69.69
CA ILE K 258 -29.52 -54.99 -70.39
C ILE K 258 -29.15 -56.16 -69.51
N PHE K 259 -28.30 -55.92 -68.51
CA PHE K 259 -27.82 -57.02 -67.68
C PHE K 259 -28.97 -57.72 -66.96
N GLN K 260 -30.07 -57.00 -66.78
CA GLN K 260 -31.25 -57.55 -66.11
C GLN K 260 -32.22 -58.27 -67.05
N SER K 261 -32.20 -57.95 -68.34
CA SER K 261 -33.06 -58.65 -69.29
C SER K 261 -32.75 -60.14 -69.27
N ASP K 262 -33.76 -60.97 -69.52
CA ASP K 262 -33.58 -62.41 -69.53
C ASP K 262 -32.76 -62.80 -70.73
N HIS K 263 -32.74 -61.92 -71.73
CA HIS K 263 -32.02 -62.19 -72.97
C HIS K 263 -31.10 -61.03 -73.31
N PRO K 264 -30.00 -60.88 -72.55
CA PRO K 264 -29.09 -59.75 -72.63
C PRO K 264 -28.47 -59.54 -74.01
N VAL K 265 -27.78 -60.55 -74.51
CA VAL K 265 -27.10 -60.40 -75.78
C VAL K 265 -28.05 -59.96 -76.88
N ALA K 266 -29.23 -60.55 -76.88
CA ALA K 266 -30.22 -60.19 -77.87
C ALA K 266 -30.51 -58.70 -77.73
N MET K 267 -30.69 -58.23 -76.51
CA MET K 267 -31.00 -56.83 -76.29
C MET K 267 -29.92 -55.96 -76.92
N MET K 268 -28.68 -56.31 -76.67
CA MET K 268 -27.57 -55.48 -77.12
C MET K 268 -27.57 -55.36 -78.63
N LYS K 269 -27.82 -56.45 -79.33
CA LYS K 269 -27.85 -56.39 -80.77
C LYS K 269 -29.01 -55.52 -81.20
N ALA K 270 -30.06 -55.52 -80.38
CA ALA K 270 -31.20 -54.65 -80.62
C ALA K 270 -30.72 -53.22 -80.56
N VAL K 271 -30.03 -52.91 -79.46
CA VAL K 271 -29.52 -51.58 -79.24
C VAL K 271 -28.50 -51.19 -80.31
N GLN K 272 -27.58 -52.09 -80.66
CA GLN K 272 -26.61 -51.79 -81.71
C GLN K 272 -27.34 -51.36 -82.95
N ALA K 273 -28.42 -52.05 -83.26
CA ALA K 273 -29.17 -51.78 -84.46
C ALA K 273 -29.72 -50.37 -84.42
N VAL K 274 -30.44 -50.05 -83.34
CA VAL K 274 -31.02 -48.73 -83.25
C VAL K 274 -29.96 -47.66 -83.34
N VAL K 275 -28.87 -47.84 -82.60
CA VAL K 275 -27.86 -46.80 -82.45
C VAL K 275 -27.03 -46.58 -83.70
N HIS K 276 -26.31 -47.62 -84.09
CA HIS K 276 -25.39 -47.50 -85.21
C HIS K 276 -26.09 -47.61 -86.55
N HIS K 277 -27.02 -48.54 -86.66
CA HIS K 277 -27.56 -48.89 -87.95
C HIS K 277 -28.89 -48.23 -88.29
N ASN K 278 -29.50 -47.57 -87.33
CA ASN K 278 -30.69 -46.81 -87.67
C ASN K 278 -31.99 -47.60 -87.69
N GLU K 279 -31.95 -48.88 -87.38
CA GLU K 279 -33.20 -49.63 -87.40
C GLU K 279 -34.25 -48.89 -86.60
N THR K 280 -35.49 -49.04 -87.03
CA THR K 280 -36.59 -48.43 -86.36
C THR K 280 -36.85 -49.28 -85.14
N ALA K 281 -37.53 -48.73 -84.14
CA ALA K 281 -37.74 -49.44 -82.89
C ALA K 281 -38.30 -50.84 -83.12
N ASP K 282 -39.31 -50.94 -83.97
CA ASP K 282 -40.01 -52.21 -84.18
C ASP K 282 -39.09 -53.26 -84.76
N ARG K 283 -38.43 -52.96 -85.86
CA ARG K 283 -37.49 -53.92 -86.41
C ARG K 283 -36.54 -54.34 -85.33
N ALA K 284 -35.97 -53.35 -84.65
CA ALA K 284 -35.01 -53.60 -83.62
C ALA K 284 -35.57 -54.66 -82.69
N TYR K 285 -36.75 -54.39 -82.13
CA TYR K 285 -37.36 -55.31 -81.18
C TYR K 285 -37.45 -56.69 -81.77
N GLU K 286 -37.83 -56.74 -83.03
CA GLU K 286 -38.03 -58.02 -83.71
C GLU K 286 -36.80 -58.88 -83.79
N LEU K 287 -35.67 -58.32 -84.20
CA LEU K 287 -34.43 -59.08 -84.11
C LEU K 287 -34.11 -59.32 -82.64
N TYR K 288 -34.69 -58.50 -81.76
CA TYR K 288 -34.57 -58.77 -80.33
C TYR K 288 -35.09 -60.18 -80.08
N LEU K 289 -36.35 -60.39 -80.42
CA LEU K 289 -37.02 -61.70 -80.35
C LEU K 289 -36.36 -62.76 -81.22
N SER K 290 -35.97 -62.33 -82.42
CA SER K 290 -35.17 -63.14 -83.33
C SER K 290 -34.00 -63.80 -82.56
N GLU K 291 -33.23 -62.96 -81.88
CA GLU K 291 -31.96 -63.40 -81.26
C GLU K 291 -32.10 -64.28 -79.98
N LYS K 292 -33.29 -64.29 -79.36
CA LYS K 292 -33.53 -65.19 -78.23
C LYS K 292 -33.34 -66.68 -78.62
N GLY L 12 52.56 -57.22 -44.05
CA GLY L 12 52.64 -56.61 -42.70
C GLY L 12 51.31 -56.06 -42.24
N LYS L 13 50.23 -56.66 -42.72
CA LYS L 13 48.89 -56.23 -42.37
C LYS L 13 48.24 -57.27 -41.47
N ASP L 14 47.46 -56.84 -40.46
CA ASP L 14 46.73 -57.80 -39.62
C ASP L 14 45.19 -57.71 -39.64
N PHE L 15 44.53 -58.71 -40.21
CA PHE L 15 43.08 -58.70 -40.31
C PHE L 15 42.46 -59.39 -39.13
N ARG L 16 43.29 -59.81 -38.20
CA ARG L 16 42.74 -60.45 -37.02
C ARG L 16 41.66 -61.46 -37.42
N THR L 17 42.01 -62.45 -38.23
CA THR L 17 41.04 -63.44 -38.68
C THR L 17 40.56 -64.31 -37.55
N ASP L 18 41.37 -64.45 -36.52
CA ASP L 18 41.04 -65.35 -35.44
C ASP L 18 39.91 -64.74 -34.61
N GLN L 19 39.68 -63.45 -34.82
CA GLN L 19 38.67 -62.73 -34.04
C GLN L 19 37.61 -62.15 -34.96
N PRO L 20 36.37 -62.67 -34.87
CA PRO L 20 35.33 -62.36 -35.81
C PRO L 20 34.49 -61.15 -35.38
N GLN L 21 34.21 -60.26 -36.33
CA GLN L 21 33.45 -59.04 -36.07
C GLN L 21 32.09 -59.39 -35.47
N LYS L 22 31.72 -58.65 -34.43
CA LYS L 22 30.48 -58.93 -33.72
C LYS L 22 29.71 -57.64 -33.56
N ASN L 23 28.39 -57.71 -33.64
CA ASN L 23 27.56 -56.51 -33.59
C ASN L 23 27.26 -56.00 -32.19
N ILE L 24 27.54 -54.73 -31.93
CA ILE L 24 27.16 -54.19 -30.64
C ILE L 24 25.65 -53.94 -30.57
N PRO L 25 24.99 -54.55 -29.58
CA PRO L 25 23.58 -54.31 -29.36
C PRO L 25 23.25 -52.85 -29.03
N PHE L 26 22.07 -52.42 -29.44
CA PHE L 26 21.54 -51.13 -29.06
C PHE L 26 20.43 -51.39 -28.03
N THR L 27 20.61 -50.92 -26.80
CA THR L 27 19.71 -51.41 -25.76
C THR L 27 18.53 -50.53 -25.44
N LEU L 28 18.59 -49.28 -25.90
CA LEU L 28 17.50 -48.33 -25.68
C LEU L 28 16.15 -48.96 -25.98
N LYS L 29 15.22 -48.78 -25.06
CA LYS L 29 13.97 -49.51 -25.13
C LYS L 29 13.16 -49.25 -26.40
N GLY L 30 12.97 -50.29 -27.20
CA GLY L 30 12.06 -50.22 -28.33
C GLY L 30 12.68 -49.53 -29.51
N CYS L 31 13.96 -49.21 -29.39
CA CYS L 31 14.67 -48.53 -30.47
C CYS L 31 15.75 -49.40 -31.11
N GLY L 32 15.55 -50.70 -31.05
CA GLY L 32 16.52 -51.62 -31.58
C GLY L 32 16.46 -51.83 -33.09
N ALA L 33 15.44 -51.30 -33.74
CA ALA L 33 15.26 -51.54 -35.18
C ALA L 33 15.27 -50.23 -35.96
N LEU L 34 16.12 -49.29 -35.55
CA LEU L 34 16.12 -48.01 -36.21
C LEU L 34 17.41 -47.82 -36.98
N ASP L 35 17.34 -47.06 -38.04
CA ASP L 35 18.52 -46.79 -38.80
C ASP L 35 19.56 -46.06 -37.97
N TRP L 36 20.80 -46.07 -38.42
CA TRP L 36 21.89 -45.50 -37.64
C TRP L 36 21.65 -44.06 -37.18
N GLY L 37 21.22 -43.19 -38.11
CA GLY L 37 21.02 -41.77 -37.83
C GLY L 37 19.96 -41.57 -36.75
N MET L 38 18.90 -42.35 -36.83
CA MET L 38 17.83 -42.17 -35.87
C MET L 38 18.34 -42.65 -34.55
N GLN L 39 19.02 -43.78 -34.55
CA GLN L 39 19.56 -44.27 -33.30
C GLN L 39 20.54 -43.24 -32.73
N SER L 40 21.25 -42.56 -33.62
CA SER L 40 22.23 -41.61 -33.17
C SER L 40 21.56 -40.46 -32.45
N ARG L 41 20.47 -39.94 -33.03
CA ARG L 41 19.81 -38.79 -32.45
C ARG L 41 19.26 -39.15 -31.07
N LEU L 42 18.68 -40.34 -30.96
CA LEU L 42 18.15 -40.80 -29.68
C LEU L 42 19.25 -40.95 -28.66
N SER L 43 20.43 -41.35 -29.13
CA SER L 43 21.58 -41.57 -28.28
C SER L 43 22.06 -40.26 -27.74
N ARG L 44 21.84 -39.17 -28.47
CA ARG L 44 22.17 -37.85 -27.95
C ARG L 44 21.30 -37.52 -26.76
N ILE L 45 20.02 -37.89 -26.87
CA ILE L 45 19.02 -37.53 -25.89
C ILE L 45 19.16 -38.41 -24.67
N PHE L 46 19.13 -39.73 -24.88
CA PHE L 46 19.21 -40.68 -23.78
C PHE L 46 20.62 -41.21 -23.64
N ASN L 47 21.20 -41.03 -22.47
CA ASN L 47 22.55 -41.49 -22.25
C ASN L 47 22.64 -42.99 -22.49
N PRO L 48 23.61 -43.40 -23.31
CA PRO L 48 23.79 -44.80 -23.66
C PRO L 48 24.17 -45.63 -22.44
N LYS L 49 25.04 -45.08 -21.58
CA LYS L 49 25.43 -45.78 -20.36
C LYS L 49 24.23 -46.06 -19.45
N THR L 50 23.46 -45.04 -19.10
CA THR L 50 22.34 -45.19 -18.16
C THR L 50 20.97 -45.34 -18.84
N GLY L 51 20.91 -45.05 -20.13
CA GLY L 51 19.67 -45.17 -20.89
C GLY L 51 18.60 -44.18 -20.41
N LYS L 52 19.05 -43.04 -19.91
CA LYS L 52 18.15 -42.04 -19.35
C LYS L 52 18.54 -40.62 -19.68
N THR L 53 17.61 -39.70 -19.43
CA THR L 53 17.84 -38.32 -19.78
C THR L 53 17.26 -37.35 -18.74
N VAL L 54 17.94 -36.23 -18.57
CA VAL L 54 17.41 -35.14 -17.81
C VAL L 54 17.08 -34.01 -18.77
N MET L 55 15.79 -33.70 -18.88
CA MET L 55 15.35 -32.77 -19.92
C MET L 55 14.93 -31.45 -19.31
N LEU L 56 15.45 -30.35 -19.83
CA LEU L 56 14.99 -29.05 -19.40
C LEU L 56 14.08 -28.43 -20.46
N ALA L 57 12.77 -28.50 -20.21
CA ALA L 57 11.80 -28.02 -21.19
C ALA L 57 11.28 -26.63 -20.85
N PHE L 58 11.40 -25.70 -21.78
CA PHE L 58 10.81 -24.38 -21.59
C PHE L 58 9.94 -23.93 -22.76
N ASP L 59 9.04 -24.78 -23.23
CA ASP L 59 8.31 -24.48 -24.46
C ASP L 59 6.92 -23.89 -24.23
N HIS L 60 6.57 -23.69 -22.97
CA HIS L 60 5.21 -23.30 -22.62
C HIS L 60 4.79 -22.00 -23.24
N GLY L 61 5.74 -21.10 -23.48
CA GLY L 61 5.39 -19.87 -24.18
C GLY L 61 4.48 -20.13 -25.38
N TYR L 62 4.49 -21.37 -25.85
CA TYR L 62 3.95 -21.63 -27.17
C TYR L 62 2.46 -21.39 -27.23
N PHE L 63 1.77 -21.63 -26.10
CA PHE L 63 0.34 -21.33 -26.04
C PHE L 63 0.05 -20.48 -24.83
N GLN L 64 1.08 -20.21 -24.05
CA GLN L 64 0.90 -19.52 -22.79
C GLN L 64 1.47 -18.11 -22.70
N GLY L 65 2.30 -17.72 -23.66
CA GLY L 65 2.95 -16.44 -23.56
C GLY L 65 3.99 -16.51 -22.47
N PRO L 66 4.37 -15.35 -21.90
CA PRO L 66 5.41 -15.29 -20.90
C PRO L 66 4.94 -15.80 -19.56
N THR L 67 4.84 -17.11 -19.47
CA THR L 67 4.54 -17.73 -18.23
C THR L 67 5.59 -17.36 -17.20
N THR L 68 5.23 -17.47 -15.91
CA THR L 68 6.14 -17.16 -14.79
C THR L 68 7.40 -18.00 -14.80
N GLY L 69 8.54 -17.31 -14.74
CA GLY L 69 9.84 -17.98 -14.78
C GLY L 69 10.36 -18.16 -16.18
N LEU L 70 9.48 -18.01 -17.17
CA LEU L 70 9.92 -18.03 -18.56
C LEU L 70 9.87 -16.62 -19.13
N GLU L 71 9.70 -15.64 -18.24
CA GLU L 71 9.61 -14.26 -18.69
C GLU L 71 10.81 -13.96 -19.55
N ARG L 72 12.00 -14.26 -19.05
CA ARG L 72 13.20 -13.98 -19.80
C ARG L 72 14.05 -15.24 -19.89
N ILE L 73 13.81 -16.04 -20.93
CA ILE L 73 14.61 -17.24 -21.14
C ILE L 73 16.10 -16.89 -21.15
N ASP L 74 16.42 -15.77 -21.79
CA ASP L 74 17.79 -15.42 -22.10
C ASP L 74 18.58 -15.23 -20.83
N ILE L 75 17.90 -14.85 -19.76
CA ILE L 75 18.57 -14.54 -18.52
C ILE L 75 18.39 -15.61 -17.48
N ASN L 76 17.15 -15.95 -17.24
CA ASN L 76 16.76 -16.97 -16.31
C ASN L 76 17.23 -18.38 -16.65
N ILE L 77 16.94 -18.81 -17.88
CA ILE L 77 17.16 -20.18 -18.29
C ILE L 77 18.52 -20.42 -18.90
N ALA L 78 19.10 -19.39 -19.49
CA ALA L 78 20.38 -19.54 -20.16
C ALA L 78 21.46 -20.23 -19.31
N PRO L 79 21.58 -19.85 -18.04
CA PRO L 79 22.51 -20.47 -17.11
C PRO L 79 22.22 -21.95 -16.92
N LEU L 80 20.98 -22.35 -17.15
CA LEU L 80 20.54 -23.70 -16.83
C LEU L 80 20.94 -24.76 -17.82
N PHE L 81 21.26 -24.33 -19.05
CA PHE L 81 21.47 -25.26 -20.16
C PHE L 81 22.51 -26.30 -19.90
N GLU L 82 23.70 -25.88 -19.45
CA GLU L 82 24.78 -26.84 -19.28
C GLU L 82 24.47 -28.02 -18.38
N HIS L 83 23.47 -27.91 -17.52
CA HIS L 83 23.22 -28.99 -16.58
C HIS L 83 22.07 -29.88 -17.04
N ALA L 84 21.68 -29.71 -18.29
CA ALA L 84 20.61 -30.54 -18.85
C ALA L 84 21.16 -31.47 -19.92
N ASP L 85 20.51 -32.63 -20.06
CA ASP L 85 20.92 -33.59 -21.08
C ASP L 85 20.40 -33.10 -22.43
N VAL L 86 19.16 -32.66 -22.40
CA VAL L 86 18.50 -32.25 -23.60
C VAL L 86 17.60 -31.05 -23.29
N LEU L 87 17.51 -30.13 -24.24
CA LEU L 87 16.68 -28.96 -24.11
C LEU L 87 15.42 -29.15 -24.91
N MET L 88 14.35 -28.48 -24.51
CA MET L 88 13.14 -28.53 -25.29
C MET L 88 12.49 -27.19 -25.32
N CYS L 89 12.42 -26.62 -26.50
CA CYS L 89 11.83 -25.29 -26.66
C CYS L 89 11.24 -25.17 -28.06
N THR L 90 10.65 -24.03 -28.37
CA THR L 90 10.16 -23.77 -29.70
C THR L 90 11.29 -23.35 -30.62
N ARG L 91 11.03 -23.41 -31.92
CA ARG L 91 12.03 -23.01 -32.88
C ARG L 91 12.25 -21.52 -32.79
N GLY L 92 11.21 -20.80 -32.37
CA GLY L 92 11.28 -19.35 -32.25
C GLY L 92 12.30 -19.00 -31.18
N ILE L 93 12.10 -19.56 -30.01
CA ILE L 93 12.93 -19.23 -28.89
C ILE L 93 14.34 -19.69 -29.12
N LEU L 94 14.47 -20.91 -29.66
CA LEU L 94 15.78 -21.46 -29.95
C LEU L 94 16.62 -20.51 -30.79
N ARG L 95 16.09 -20.05 -31.93
CA ARG L 95 16.87 -19.20 -32.78
C ARG L 95 17.24 -17.88 -32.09
N SER L 96 16.27 -17.27 -31.43
CA SER L 96 16.47 -15.93 -30.84
C SER L 96 17.34 -15.86 -29.59
N VAL L 97 17.19 -16.83 -28.68
CA VAL L 97 17.84 -16.66 -27.40
C VAL L 97 18.56 -17.88 -26.89
N VAL L 98 18.59 -18.96 -27.64
CA VAL L 98 19.43 -20.08 -27.24
C VAL L 98 20.68 -20.02 -28.08
N PRO L 99 21.84 -19.90 -27.41
CA PRO L 99 23.10 -19.82 -28.15
C PRO L 99 23.46 -21.17 -28.80
N PRO L 100 23.82 -21.15 -30.07
CA PRO L 100 24.14 -22.40 -30.74
C PRO L 100 25.25 -23.11 -29.99
N ALA L 101 26.13 -22.32 -29.37
CA ALA L 101 27.32 -22.87 -28.73
C ALA L 101 26.92 -23.57 -27.45
N THR L 102 25.64 -23.48 -27.11
CA THR L 102 25.16 -24.11 -25.91
C THR L 102 25.50 -25.58 -25.99
N ASN L 103 25.70 -26.05 -27.21
CA ASN L 103 26.13 -27.42 -27.48
C ASN L 103 25.36 -28.53 -26.78
N ARG L 104 24.04 -28.37 -26.67
CA ARG L 104 23.20 -29.37 -26.06
C ARG L 104 22.13 -29.83 -27.06
N PRO L 105 21.76 -31.11 -27.02
CA PRO L 105 20.76 -31.63 -27.93
C PRO L 105 19.42 -30.99 -27.66
N VAL L 106 18.66 -30.69 -28.69
CA VAL L 106 17.32 -30.13 -28.48
C VAL L 106 16.24 -31.00 -29.07
N VAL L 107 15.10 -31.01 -28.41
CA VAL L 107 13.88 -31.57 -28.92
C VAL L 107 12.97 -30.40 -29.25
N LEU L 108 12.76 -30.13 -30.52
CA LEU L 108 11.92 -29.00 -30.88
C LEU L 108 10.44 -29.28 -30.65
N ARG L 109 9.77 -28.33 -30.00
CA ARG L 109 8.33 -28.40 -29.87
C ARG L 109 7.67 -28.05 -31.22
N ALA L 110 6.85 -28.93 -31.78
CA ALA L 110 6.40 -28.78 -33.17
C ALA L 110 4.89 -28.73 -33.29
N SER L 111 4.22 -28.47 -32.19
CA SER L 111 2.78 -28.29 -32.26
C SER L 111 2.54 -26.91 -31.69
N GLY L 112 1.36 -26.36 -31.95
CA GLY L 112 1.06 -24.99 -31.53
C GLY L 112 -0.24 -24.56 -32.15
N ALA L 113 -0.46 -23.23 -32.19
CA ALA L 113 -1.67 -22.64 -32.76
C ALA L 113 -2.86 -22.67 -31.79
N ASN L 114 -2.57 -22.94 -30.52
CA ASN L 114 -3.59 -22.81 -29.49
C ASN L 114 -3.22 -21.65 -28.57
N SER L 115 -4.18 -21.16 -27.79
CA SER L 115 -3.91 -20.13 -26.80
C SER L 115 -4.53 -20.62 -25.54
N ILE L 116 -4.20 -19.96 -24.44
CA ILE L 116 -4.86 -20.25 -23.17
C ILE L 116 -6.20 -19.55 -23.19
N LEU L 117 -6.46 -18.79 -24.25
CA LEU L 117 -7.71 -18.06 -24.40
C LEU L 117 -8.76 -18.87 -25.11
N ALA L 118 -8.39 -20.02 -25.62
CA ALA L 118 -9.35 -20.80 -26.39
C ALA L 118 -9.15 -22.27 -26.05
N GLU L 119 -9.79 -23.16 -26.80
CA GLU L 119 -9.71 -24.57 -26.48
C GLU L 119 -8.26 -24.99 -26.51
N LEU L 120 -7.82 -25.62 -25.44
CA LEU L 120 -6.43 -26.01 -25.30
C LEU L 120 -6.00 -27.05 -26.34
N SER L 121 -6.88 -27.97 -26.68
CA SER L 121 -6.48 -29.10 -27.53
C SER L 121 -6.40 -28.74 -29.01
N ASN L 122 -6.71 -27.51 -29.35
CA ASN L 122 -6.75 -27.13 -30.74
C ASN L 122 -5.37 -26.81 -31.34
N GLU L 123 -4.58 -27.84 -31.63
CA GLU L 123 -3.19 -27.67 -32.02
C GLU L 123 -2.98 -28.10 -33.47
N ALA L 124 -1.99 -27.51 -34.13
CA ALA L 124 -1.63 -27.93 -35.48
C ALA L 124 -0.14 -28.12 -35.50
N VAL L 125 0.39 -28.77 -36.53
CA VAL L 125 1.83 -28.92 -36.60
C VAL L 125 2.45 -27.53 -36.78
N ALA L 126 3.42 -27.21 -35.96
CA ALA L 126 3.89 -25.83 -35.91
C ALA L 126 5.23 -25.56 -36.60
N LEU L 127 5.84 -26.60 -37.17
CA LEU L 127 6.97 -26.39 -38.06
C LEU L 127 7.24 -27.60 -38.99
N SER L 128 7.88 -27.34 -40.13
CA SER L 128 8.15 -28.40 -41.10
C SER L 128 9.34 -29.22 -40.65
N MET L 129 9.34 -30.52 -40.98
CA MET L 129 10.48 -31.38 -40.61
C MET L 129 11.67 -30.75 -41.26
N ASP L 130 11.40 -30.16 -42.41
CA ASP L 130 12.39 -29.45 -43.18
C ASP L 130 13.26 -28.53 -42.28
N ASP L 131 12.59 -27.69 -41.50
CA ASP L 131 13.25 -26.74 -40.64
C ASP L 131 13.80 -27.44 -39.40
N ALA L 132 13.11 -28.47 -38.95
CA ALA L 132 13.59 -29.23 -37.81
C ALA L 132 14.95 -29.78 -38.14
N VAL L 133 15.06 -30.35 -39.35
CA VAL L 133 16.30 -30.87 -39.82
C VAL L 133 17.30 -29.71 -40.00
N ARG L 134 16.81 -28.57 -40.49
CA ARG L 134 17.66 -27.40 -40.66
C ARG L 134 18.29 -26.92 -39.35
N LEU L 135 17.55 -27.15 -38.26
CA LEU L 135 17.99 -26.76 -36.93
C LEU L 135 18.74 -27.88 -36.20
N ASN L 136 19.07 -28.96 -36.91
CA ASN L 136 19.79 -30.03 -36.26
C ASN L 136 19.09 -30.60 -35.05
N SER L 137 17.79 -30.85 -35.11
CA SER L 137 17.10 -31.34 -33.94
C SER L 137 17.41 -32.78 -33.70
N CYS L 138 17.26 -33.20 -32.45
CA CYS L 138 17.36 -34.62 -32.12
C CYS L 138 16.00 -35.27 -32.17
N ALA L 139 14.98 -34.45 -32.02
CA ALA L 139 13.63 -34.94 -32.14
C ALA L 139 12.65 -33.78 -32.27
N VAL L 140 11.45 -34.11 -32.72
CA VAL L 140 10.37 -33.14 -32.77
C VAL L 140 9.25 -33.66 -31.89
N ALA L 141 8.55 -32.74 -31.24
CA ALA L 141 7.51 -33.11 -30.29
C ALA L 141 6.21 -32.40 -30.60
N ALA L 142 5.10 -33.13 -30.40
CA ALA L 142 3.76 -32.56 -30.48
C ALA L 142 2.88 -33.19 -29.42
N GLN L 143 1.76 -32.55 -29.16
CA GLN L 143 0.89 -32.96 -28.08
C GLN L 143 -0.24 -33.78 -28.61
N VAL L 144 -0.60 -34.83 -27.89
CA VAL L 144 -1.75 -35.58 -28.26
C VAL L 144 -2.74 -35.35 -27.13
N TYR L 145 -4.02 -35.23 -27.48
CA TYR L 145 -5.03 -34.94 -26.48
C TYR L 145 -6.15 -35.96 -26.48
N ILE L 146 -5.90 -37.15 -25.97
CA ILE L 146 -7.01 -38.09 -25.88
C ILE L 146 -8.11 -37.51 -25.01
N GLY L 147 -9.35 -37.70 -25.42
CA GLY L 147 -10.47 -37.26 -24.62
C GLY L 147 -10.84 -35.80 -24.78
N SER L 148 -9.95 -35.01 -25.35
CA SER L 148 -10.27 -33.62 -25.59
C SER L 148 -11.01 -33.45 -26.91
N GLU L 149 -11.49 -32.23 -27.15
CA GLU L 149 -12.31 -31.98 -28.31
C GLU L 149 -11.58 -32.23 -29.63
N TYR L 150 -10.30 -31.92 -29.68
CA TYR L 150 -9.55 -32.01 -30.93
C TYR L 150 -8.59 -33.17 -30.93
N GLU L 151 -9.03 -34.27 -30.34
CA GLU L 151 -8.16 -35.40 -30.13
C GLU L 151 -7.75 -36.01 -31.48
N HIS L 152 -8.63 -35.92 -32.47
CA HIS L 152 -8.36 -36.47 -33.80
C HIS L 152 -7.21 -35.74 -34.50
N GLN L 153 -7.31 -34.43 -34.56
CA GLN L 153 -6.25 -33.61 -35.12
C GLN L 153 -4.94 -33.86 -34.39
N SER L 154 -5.02 -34.04 -33.07
CA SER L 154 -3.81 -34.17 -32.31
C SER L 154 -3.04 -35.40 -32.76
N ILE L 155 -3.76 -36.50 -32.98
CA ILE L 155 -3.09 -37.72 -33.38
C ILE L 155 -2.58 -37.58 -34.80
N LYS L 156 -3.43 -37.02 -35.66
CA LYS L 156 -3.01 -36.72 -37.04
C LYS L 156 -1.72 -35.94 -37.05
N ASN L 157 -1.60 -35.02 -36.11
CA ASN L 157 -0.36 -34.31 -35.95
C ASN L 157 0.84 -35.23 -35.73
N ILE L 158 0.71 -36.14 -34.78
CA ILE L 158 1.77 -37.08 -34.50
C ILE L 158 2.08 -37.90 -35.74
N ILE L 159 1.02 -38.40 -36.35
CA ILE L 159 1.17 -39.20 -37.54
C ILE L 159 2.05 -38.48 -38.56
N GLN L 160 1.67 -37.24 -38.82
CA GLN L 160 2.29 -36.53 -39.87
C GLN L 160 3.75 -36.30 -39.55
N LEU L 161 4.05 -36.11 -38.30
CA LEU L 161 5.42 -35.86 -37.93
C LEU L 161 6.23 -37.11 -38.09
N VAL L 162 5.66 -38.23 -37.72
CA VAL L 162 6.34 -39.50 -37.87
C VAL L 162 6.55 -39.79 -39.36
N ASP L 163 5.56 -39.50 -40.20
CA ASP L 163 5.71 -39.75 -41.62
C ASP L 163 6.92 -39.00 -42.13
N ALA L 164 7.08 -37.78 -41.66
CA ALA L 164 8.14 -36.92 -42.15
C ALA L 164 9.46 -37.30 -41.54
N GLY L 165 9.43 -37.65 -40.26
CA GLY L 165 10.63 -37.95 -39.51
C GLY L 165 11.27 -39.22 -40.01
N MET L 166 10.44 -40.16 -40.46
CA MET L 166 10.95 -41.42 -40.97
C MET L 166 11.74 -41.22 -42.27
N LYS L 167 11.37 -40.20 -43.05
CA LYS L 167 12.09 -39.93 -44.30
C LYS L 167 13.49 -39.50 -43.94
N VAL L 168 13.64 -38.97 -42.73
CA VAL L 168 14.80 -38.15 -42.49
C VAL L 168 15.60 -38.54 -41.22
N GLY L 169 15.14 -39.54 -40.48
CA GLY L 169 15.89 -40.02 -39.32
C GLY L 169 15.58 -39.26 -38.05
N MET L 170 14.43 -38.59 -38.02
CA MET L 170 14.08 -37.73 -36.92
C MET L 170 13.05 -38.43 -36.06
N PRO L 171 13.38 -38.67 -34.79
CA PRO L 171 12.43 -39.29 -33.86
C PRO L 171 11.34 -38.32 -33.52
N THR L 172 10.19 -38.86 -33.16
CA THR L 172 9.08 -38.03 -32.74
C THR L 172 8.69 -38.31 -31.30
N MET L 173 8.49 -37.23 -30.54
CA MET L 173 8.00 -37.32 -29.17
C MET L 173 6.54 -36.89 -29.13
N ALA L 174 5.70 -37.74 -28.57
CA ALA L 174 4.30 -37.40 -28.34
C ALA L 174 4.13 -37.08 -26.87
N VAL L 175 3.57 -35.92 -26.58
CA VAL L 175 3.27 -35.57 -25.20
C VAL L 175 1.78 -35.62 -24.96
N THR L 176 1.39 -36.24 -23.85
CA THR L 176 -0.02 -36.44 -23.58
C THR L 176 -0.56 -35.28 -22.77
N GLY L 177 -1.38 -34.43 -23.39
CA GLY L 177 -1.96 -33.28 -22.68
C GLY L 177 -3.37 -33.59 -22.24
N VAL L 178 -3.83 -32.99 -21.13
CA VAL L 178 -5.07 -33.46 -20.47
C VAL L 178 -6.20 -32.47 -20.22
N ARG L 184 -7.58 -38.53 -14.91
CA ARG L 184 -6.15 -38.25 -14.84
C ARG L 184 -5.43 -39.39 -14.11
N ASP L 185 -5.91 -40.61 -14.34
CA ASP L 185 -5.41 -41.80 -13.65
C ASP L 185 -4.67 -42.74 -14.59
N GLN L 186 -4.14 -43.84 -14.05
CA GLN L 186 -3.35 -44.74 -14.88
C GLN L 186 -4.05 -45.24 -16.12
N ARG L 187 -5.25 -45.76 -15.95
CA ARG L 187 -5.91 -46.37 -17.09
C ARG L 187 -5.90 -45.37 -18.23
N TYR L 188 -6.12 -44.10 -17.89
CA TYR L 188 -6.15 -43.08 -18.89
C TYR L 188 -4.81 -42.87 -19.59
N PHE L 189 -3.76 -42.62 -18.82
CA PHE L 189 -2.46 -42.39 -19.44
C PHE L 189 -1.99 -43.59 -20.23
N SER L 190 -2.41 -44.78 -19.81
CA SER L 190 -2.11 -45.99 -20.58
C SER L 190 -2.70 -45.88 -21.98
N LEU L 191 -3.98 -45.56 -22.05
CA LEU L 191 -4.61 -45.37 -23.33
C LEU L 191 -3.80 -44.37 -24.15
N ALA L 192 -3.56 -43.21 -23.58
CA ALA L 192 -2.96 -42.11 -24.33
C ALA L 192 -1.55 -42.44 -24.73
N THR L 193 -0.77 -42.97 -23.80
CA THR L 193 0.62 -43.19 -24.16
C THR L 193 0.70 -44.25 -25.23
N ARG L 194 -0.15 -45.26 -25.09
CA ARG L 194 -0.07 -46.44 -25.94
C ARG L 194 -0.47 -46.15 -27.36
N ILE L 195 -1.56 -45.42 -27.50
CA ILE L 195 -2.01 -45.00 -28.82
C ILE L 195 -0.89 -44.19 -29.52
N ALA L 196 -0.33 -43.21 -28.82
CA ALA L 196 0.74 -42.40 -29.40
C ALA L 196 1.87 -43.30 -29.86
N ALA L 197 2.30 -44.19 -28.99
CA ALA L 197 3.46 -45.01 -29.26
C ALA L 197 3.16 -45.86 -30.49
N GLU L 198 1.95 -46.38 -30.46
CA GLU L 198 1.48 -47.30 -31.46
C GLU L 198 1.46 -46.59 -32.80
N MET L 199 1.01 -45.33 -32.82
CA MET L 199 0.95 -44.56 -34.06
C MET L 199 2.34 -44.45 -34.63
N GLY L 200 3.34 -44.33 -33.77
CA GLY L 200 4.68 -44.34 -34.27
C GLY L 200 5.68 -43.47 -33.51
N ALA L 201 5.22 -42.78 -32.48
CA ALA L 201 6.13 -41.95 -31.70
C ALA L 201 7.22 -42.81 -31.05
N GLN L 202 8.46 -42.36 -31.17
CA GLN L 202 9.57 -43.04 -30.53
C GLN L 202 9.75 -42.67 -29.07
N ILE L 203 9.35 -41.45 -28.70
CA ILE L 203 9.43 -41.07 -27.30
C ILE L 203 8.09 -40.62 -26.81
N ILE L 204 7.69 -41.12 -25.64
CA ILE L 204 6.46 -40.63 -25.02
C ILE L 204 6.79 -39.77 -23.82
N LYS L 205 6.16 -38.62 -23.73
CA LYS L 205 6.31 -37.81 -22.54
C LYS L 205 4.97 -37.69 -21.85
N THR L 206 4.97 -37.96 -20.55
CA THR L 206 3.71 -38.04 -19.85
C THR L 206 3.87 -37.72 -18.37
N TYR L 207 2.78 -37.82 -17.63
CA TYR L 207 2.78 -37.43 -16.23
C TYR L 207 2.94 -38.61 -15.30
N TYR L 208 3.49 -38.36 -14.13
CA TYR L 208 3.63 -39.40 -13.15
C TYR L 208 2.29 -39.64 -12.44
N VAL L 209 2.08 -40.89 -12.03
CA VAL L 209 0.85 -41.27 -11.39
C VAL L 209 1.16 -42.06 -10.11
N GLU L 210 0.52 -41.67 -9.01
CA GLU L 210 0.84 -42.28 -7.73
C GLU L 210 0.46 -43.75 -7.66
N LYS L 211 -0.59 -44.13 -8.38
CA LYS L 211 -0.96 -45.53 -8.43
C LYS L 211 -0.89 -46.05 -9.85
N GLY L 212 -0.05 -47.06 -10.09
CA GLY L 212 -0.09 -47.80 -11.35
C GLY L 212 0.79 -47.29 -12.45
N PHE L 213 1.76 -46.45 -12.11
CA PHE L 213 2.68 -45.96 -13.10
C PHE L 213 3.39 -47.10 -13.82
N GLU L 214 3.67 -48.16 -13.09
CA GLU L 214 4.35 -49.33 -13.62
C GLU L 214 3.66 -49.87 -14.87
N ARG L 215 2.34 -49.95 -14.83
CA ARG L 215 1.53 -50.45 -15.92
C ARG L 215 1.70 -49.54 -17.11
N ILE L 216 1.81 -48.24 -16.82
CA ILE L 216 1.98 -47.29 -17.88
C ILE L 216 3.29 -47.55 -18.59
N VAL L 217 4.36 -47.63 -17.83
CA VAL L 217 5.65 -47.89 -18.44
C VAL L 217 5.67 -49.23 -19.12
N ALA L 218 5.14 -50.25 -18.45
CA ALA L 218 5.21 -51.61 -18.94
C ALA L 218 4.46 -51.73 -20.26
N GLY L 219 3.36 -51.00 -20.37
CA GLY L 219 2.53 -51.02 -21.60
C GLY L 219 3.05 -50.19 -22.77
N CYS L 220 4.00 -49.30 -22.49
CA CYS L 220 4.61 -48.49 -23.51
C CYS L 220 5.85 -49.20 -24.05
N PRO L 221 5.94 -49.37 -25.38
CA PRO L 221 7.08 -50.10 -25.92
C PRO L 221 8.29 -49.21 -26.18
N VAL L 222 8.19 -47.92 -25.85
CA VAL L 222 9.26 -46.99 -26.15
C VAL L 222 9.49 -46.11 -24.94
N PRO L 223 10.63 -45.41 -24.94
CA PRO L 223 11.00 -44.70 -23.74
C PRO L 223 9.94 -43.72 -23.30
N ILE L 224 9.79 -43.61 -21.98
CA ILE L 224 8.91 -42.63 -21.39
C ILE L 224 9.68 -41.58 -20.60
N VAL L 225 9.25 -40.34 -20.77
CA VAL L 225 9.77 -39.25 -20.00
C VAL L 225 8.60 -38.63 -19.30
N ILE L 226 8.81 -38.18 -18.06
CA ILE L 226 7.71 -37.59 -17.31
C ILE L 226 7.89 -36.09 -17.19
N ALA L 227 6.77 -35.39 -17.30
CA ALA L 227 6.73 -33.96 -17.09
C ALA L 227 6.45 -33.72 -15.62
N GLY L 228 6.99 -32.63 -15.10
CA GLY L 228 6.87 -32.29 -13.68
C GLY L 228 5.49 -31.82 -13.27
N GLY L 229 4.85 -31.03 -14.11
CA GLY L 229 3.55 -30.48 -13.74
C GLY L 229 3.77 -29.27 -12.85
N LYS L 230 2.77 -28.91 -12.05
CA LYS L 230 2.85 -27.71 -11.20
C LYS L 230 4.00 -27.79 -10.22
N LYS L 231 4.55 -26.62 -9.86
CA LYS L 231 5.68 -26.54 -8.95
C LYS L 231 5.33 -27.19 -7.63
N LEU L 232 6.27 -27.93 -7.08
CA LEU L 232 6.12 -28.54 -5.78
C LEU L 232 7.33 -28.12 -5.01
N PRO L 233 7.27 -28.27 -3.67
CA PRO L 233 8.47 -28.17 -2.86
C PRO L 233 9.47 -29.20 -3.34
N GLU L 234 10.74 -28.81 -3.43
CA GLU L 234 11.74 -29.67 -4.03
C GLU L 234 11.73 -31.08 -3.47
N ARG L 235 11.74 -31.19 -2.15
CA ARG L 235 11.75 -32.50 -1.54
C ARG L 235 10.71 -33.38 -2.23
N GLU L 236 9.52 -32.85 -2.45
CA GLU L 236 8.45 -33.63 -3.04
C GLU L 236 8.68 -33.96 -4.51
N ALA L 237 9.22 -33.00 -5.26
CA ALA L 237 9.51 -33.19 -6.66
C ALA L 237 10.56 -34.28 -6.82
N LEU L 238 11.62 -34.18 -6.03
CA LEU L 238 12.64 -35.21 -6.07
C LEU L 238 12.05 -36.58 -5.79
N GLU L 239 11.17 -36.67 -4.80
CA GLU L 239 10.56 -37.94 -4.49
C GLU L 239 9.83 -38.46 -5.71
N MET L 240 9.09 -37.58 -6.38
CA MET L 240 8.42 -37.93 -7.61
C MET L 240 9.40 -38.41 -8.67
N CYS L 241 10.48 -37.66 -8.86
CA CYS L 241 11.52 -38.11 -9.75
C CYS L 241 11.93 -39.50 -9.36
N TRP L 242 12.33 -39.64 -8.10
CA TRP L 242 12.91 -40.89 -7.67
C TRP L 242 11.94 -42.01 -8.02
N GLN L 243 10.67 -41.77 -7.75
CA GLN L 243 9.65 -42.78 -7.92
C GLN L 243 9.50 -43.15 -9.38
N ALA L 244 9.46 -42.14 -10.24
CA ALA L 244 9.28 -42.35 -11.67
C ALA L 244 10.40 -43.22 -12.22
N ILE L 245 11.63 -42.85 -11.90
CA ILE L 245 12.78 -43.61 -12.33
C ILE L 245 12.73 -45.00 -11.77
N ASP L 246 12.51 -45.10 -10.46
CA ASP L 246 12.45 -46.41 -9.82
C ASP L 246 11.43 -47.29 -10.52
N GLN L 247 10.39 -46.68 -11.07
CA GLN L 247 9.32 -47.44 -11.70
C GLN L 247 9.47 -47.55 -13.20
N GLY L 248 10.66 -47.22 -13.71
CA GLY L 248 11.00 -47.50 -15.09
C GLY L 248 10.93 -46.39 -16.11
N ALA L 249 10.71 -45.16 -15.67
CA ALA L 249 10.75 -44.03 -16.61
C ALA L 249 12.17 -43.87 -17.15
N SER L 250 12.32 -43.33 -18.37
CA SER L 250 13.66 -43.21 -18.94
C SER L 250 14.24 -41.82 -18.81
N GLY L 251 13.42 -40.91 -18.33
CA GLY L 251 13.90 -39.56 -18.10
C GLY L 251 12.84 -38.77 -17.39
N VAL L 252 13.21 -37.59 -16.91
CA VAL L 252 12.26 -36.72 -16.28
C VAL L 252 12.45 -35.35 -16.84
N ASP L 253 11.36 -34.66 -17.03
CA ASP L 253 11.45 -33.27 -17.31
C ASP L 253 10.74 -32.55 -16.19
N MET L 254 11.53 -31.84 -15.39
CA MET L 254 10.97 -30.95 -14.37
C MET L 254 11.00 -29.59 -14.97
N GLY L 255 9.85 -29.07 -15.35
CA GLY L 255 9.86 -27.75 -15.94
C GLY L 255 9.83 -26.78 -14.79
N ARG L 256 8.61 -26.47 -14.39
CA ARG L 256 8.39 -25.46 -13.40
C ARG L 256 9.26 -25.79 -12.22
N ASN L 257 9.31 -27.07 -11.90
CA ASN L 257 9.97 -27.49 -10.71
C ASN L 257 11.43 -27.15 -10.73
N ILE L 258 11.90 -26.66 -11.86
CA ILE L 258 13.28 -26.26 -11.95
C ILE L 258 13.44 -24.77 -12.12
N PHE L 259 13.00 -24.25 -13.27
CA PHE L 259 13.20 -22.82 -13.56
C PHE L 259 12.54 -21.93 -12.53
N GLN L 260 11.54 -22.46 -11.84
CA GLN L 260 10.86 -21.70 -10.81
C GLN L 260 11.50 -21.84 -9.43
N SER L 261 12.28 -22.89 -9.20
CA SER L 261 12.92 -23.01 -7.91
C SER L 261 13.84 -21.85 -7.68
N ASP L 262 14.00 -21.44 -6.43
CA ASP L 262 14.89 -20.34 -6.10
C ASP L 262 16.33 -20.74 -6.33
N HIS L 263 16.59 -22.04 -6.32
CA HIS L 263 17.95 -22.55 -6.52
C HIS L 263 17.97 -23.57 -7.64
N PRO L 264 17.80 -23.12 -8.89
CA PRO L 264 17.65 -23.97 -10.05
C PRO L 264 18.78 -24.95 -10.27
N VAL L 265 20.00 -24.43 -10.38
CA VAL L 265 21.13 -25.29 -10.67
C VAL L 265 21.23 -26.40 -9.64
N ALA L 266 21.03 -26.03 -8.38
CA ALA L 266 21.09 -27.02 -7.31
C ALA L 266 20.09 -28.12 -7.58
N MET L 267 18.89 -27.74 -7.93
CA MET L 267 17.84 -28.69 -8.24
C MET L 267 18.30 -29.68 -9.32
N MET L 268 18.83 -29.16 -10.42
CA MET L 268 19.19 -30.00 -11.53
C MET L 268 20.19 -31.05 -11.11
N LYS L 269 21.19 -30.66 -10.33
CA LYS L 269 22.18 -31.62 -9.88
C LYS L 269 21.50 -32.66 -9.04
N ALA L 270 20.47 -32.22 -8.30
CA ALA L 270 19.64 -33.15 -7.53
C ALA L 270 19.04 -34.17 -8.49
N VAL L 271 18.40 -33.66 -9.53
CA VAL L 271 17.74 -34.51 -10.47
C VAL L 271 18.72 -35.40 -11.21
N GLN L 272 19.88 -34.84 -11.57
CA GLN L 272 20.90 -35.62 -12.24
C GLN L 272 21.18 -36.83 -11.39
N ALA L 273 21.37 -36.58 -10.10
CA ALA L 273 21.72 -37.64 -9.17
C ALA L 273 20.68 -38.73 -9.13
N VAL L 274 19.42 -38.37 -8.93
CA VAL L 274 18.39 -39.37 -8.89
C VAL L 274 18.36 -40.15 -10.17
N VAL L 275 18.39 -39.44 -11.28
CA VAL L 275 18.17 -40.06 -12.58
C VAL L 275 19.33 -40.97 -13.00
N HIS L 276 20.49 -40.36 -13.22
CA HIS L 276 21.62 -41.10 -13.74
C HIS L 276 22.34 -41.92 -12.69
N HIS L 277 22.49 -41.36 -11.50
CA HIS L 277 23.37 -41.95 -10.52
C HIS L 277 22.66 -42.78 -9.45
N ASN L 278 21.34 -42.72 -9.41
CA ASN L 278 20.64 -43.60 -8.52
C ASN L 278 20.49 -43.12 -7.12
N GLU L 279 20.99 -41.93 -6.81
CA GLU L 279 20.88 -41.48 -5.45
C GLU L 279 19.43 -41.61 -5.00
N THR L 280 19.27 -41.87 -3.71
CA THR L 280 17.96 -41.96 -3.08
C THR L 280 17.42 -40.56 -2.89
N ALA L 281 16.11 -40.41 -2.82
CA ALA L 281 15.52 -39.10 -2.76
C ALA L 281 16.23 -38.24 -1.72
N ASP L 282 16.43 -38.79 -0.52
CA ASP L 282 16.98 -38.02 0.58
C ASP L 282 18.37 -37.48 0.30
N ARG L 283 19.29 -38.35 -0.05
CA ARG L 283 20.63 -37.88 -0.39
C ARG L 283 20.51 -36.80 -1.43
N ALA L 284 19.71 -37.10 -2.45
CA ALA L 284 19.52 -36.15 -3.54
C ALA L 284 19.18 -34.80 -2.97
N TYR L 285 18.12 -34.74 -2.17
CA TYR L 285 17.68 -33.49 -1.58
C TYR L 285 18.82 -32.81 -0.86
N GLU L 286 19.58 -33.61 -0.13
CA GLU L 286 20.65 -33.06 0.67
C GLU L 286 21.70 -32.35 -0.14
N LEU L 287 22.17 -32.97 -1.20
CA LEU L 287 23.07 -32.24 -2.08
C LEU L 287 22.30 -31.09 -2.73
N TYR L 288 20.97 -31.19 -2.79
CA TYR L 288 20.17 -30.05 -3.23
C TYR L 288 20.53 -28.85 -2.36
N LEU L 289 20.38 -29.03 -1.04
CA LEU L 289 20.72 -28.02 -0.03
C LEU L 289 22.20 -27.73 -0.02
N SER L 290 23.00 -28.79 -0.13
CA SER L 290 24.44 -28.66 -0.32
C SER L 290 24.79 -27.60 -1.38
N GLU L 291 24.19 -27.71 -2.57
CA GLU L 291 24.55 -26.88 -3.70
C GLU L 291 24.02 -25.43 -3.69
N LYS L 292 23.07 -25.13 -2.83
CA LYS L 292 22.66 -23.74 -2.60
C LYS L 292 23.86 -22.87 -2.16
N GLY M 12 55.88 -10.65 -52.28
CA GLY M 12 55.35 -9.28 -52.06
C GLY M 12 53.90 -9.29 -51.64
N LYS M 13 53.48 -10.35 -50.96
CA LYS M 13 52.10 -10.49 -50.51
C LYS M 13 52.04 -10.36 -48.99
N ASP M 14 51.02 -9.71 -48.45
CA ASP M 14 50.89 -9.59 -46.98
C ASP M 14 49.64 -10.24 -46.39
N PHE M 15 49.82 -11.32 -45.62
CA PHE M 15 48.67 -11.99 -45.01
C PHE M 15 48.38 -11.48 -43.63
N ARG M 16 49.15 -10.50 -43.19
CA ARG M 16 48.90 -9.91 -41.90
C ARG M 16 48.69 -11.02 -40.88
N THR M 17 49.67 -11.91 -40.76
CA THR M 17 49.60 -13.02 -39.79
C THR M 17 49.59 -12.58 -38.34
N ASP M 18 50.13 -11.40 -38.08
CA ASP M 18 50.21 -10.88 -36.72
C ASP M 18 48.83 -10.45 -36.24
N GLN M 19 47.90 -10.28 -37.18
CA GLN M 19 46.57 -9.82 -36.88
C GLN M 19 45.53 -10.87 -37.31
N PRO M 20 44.88 -11.50 -36.33
CA PRO M 20 44.02 -12.63 -36.58
C PRO M 20 42.57 -12.23 -36.88
N GLN M 21 41.99 -12.86 -37.89
CA GLN M 21 40.62 -12.57 -38.27
C GLN M 21 39.64 -12.77 -37.11
N LYS M 22 38.73 -11.80 -36.95
CA LYS M 22 37.81 -11.77 -35.84
C LYS M 22 36.41 -11.52 -36.36
N ASN M 23 35.42 -12.14 -35.74
CA ASN M 23 34.04 -12.07 -36.20
C ASN M 23 33.31 -10.84 -35.71
N ILE M 24 32.73 -10.08 -36.63
CA ILE M 24 31.89 -8.98 -36.21
C ILE M 24 30.51 -9.44 -35.70
N PRO M 25 30.20 -9.08 -34.46
CA PRO M 25 28.91 -9.46 -33.89
C PRO M 25 27.72 -8.81 -34.59
N PHE M 26 26.61 -9.53 -34.60
CA PHE M 26 25.35 -9.00 -35.14
C PHE M 26 24.43 -8.70 -33.95
N THR M 27 24.17 -7.43 -33.67
CA THR M 27 23.58 -7.11 -32.38
C THR M 27 22.07 -7.03 -32.36
N LEU M 28 21.45 -7.05 -33.54
CA LEU M 28 19.98 -6.94 -33.67
C LEU M 28 19.30 -7.98 -32.79
N LYS M 29 18.31 -7.54 -32.04
CA LYS M 29 17.82 -8.33 -30.95
C LYS M 29 17.22 -9.65 -31.38
N GLY M 30 17.80 -10.76 -30.91
CA GLY M 30 17.25 -12.09 -31.14
C GLY M 30 17.47 -12.59 -32.54
N CYS M 31 18.30 -11.90 -33.29
CA CYS M 31 18.59 -12.30 -34.67
C CYS M 31 20.05 -12.64 -34.83
N GLY M 32 20.66 -13.11 -33.73
CA GLY M 32 22.09 -13.45 -33.73
C GLY M 32 22.41 -14.81 -34.33
N ALA M 33 21.39 -15.62 -34.58
CA ALA M 33 21.62 -16.95 -35.07
C ALA M 33 20.99 -17.16 -36.42
N LEU M 34 21.07 -16.18 -37.30
CA LEU M 34 20.40 -16.33 -38.59
C LEU M 34 21.40 -16.37 -39.70
N ASP M 35 21.06 -17.08 -40.75
CA ASP M 35 21.92 -17.11 -41.90
C ASP M 35 22.21 -15.73 -42.48
N TRP M 36 23.23 -15.64 -43.33
CA TRP M 36 23.65 -14.33 -43.80
C TRP M 36 22.53 -13.55 -44.52
N GLY M 37 21.83 -14.23 -45.42
CA GLY M 37 20.78 -13.61 -46.22
C GLY M 37 19.70 -13.06 -45.33
N MET M 38 19.31 -13.87 -44.34
CA MET M 38 18.26 -13.41 -43.45
C MET M 38 18.73 -12.21 -42.67
N GLN M 39 19.95 -12.26 -42.16
CA GLN M 39 20.43 -11.13 -41.40
C GLN M 39 20.52 -9.94 -42.33
N SER M 40 20.80 -10.20 -43.60
CA SER M 40 20.90 -9.11 -44.53
C SER M 40 19.59 -8.37 -44.71
N ARG M 41 18.51 -9.14 -44.85
CA ARG M 41 17.20 -8.57 -45.08
C ARG M 41 16.81 -7.76 -43.90
N LEU M 42 17.00 -8.33 -42.72
CA LEU M 42 16.68 -7.62 -41.50
C LEU M 42 17.47 -6.32 -41.38
N SER M 43 18.70 -6.35 -41.86
CA SER M 43 19.59 -5.22 -41.76
C SER M 43 19.12 -4.14 -42.67
N ARG M 44 18.40 -4.50 -43.73
CA ARG M 44 17.78 -3.50 -44.61
C ARG M 44 16.68 -2.76 -43.85
N ILE M 45 15.94 -3.50 -43.05
CA ILE M 45 14.80 -2.95 -42.35
C ILE M 45 15.22 -2.16 -41.13
N PHE M 46 16.02 -2.78 -40.27
CA PHE M 46 16.50 -2.11 -39.04
C PHE M 46 17.89 -1.57 -39.20
N ASN M 47 18.03 -0.26 -39.08
CA ASN M 47 19.34 0.33 -39.24
C ASN M 47 20.33 -0.31 -38.28
N PRO M 48 21.46 -0.76 -38.81
CA PRO M 48 22.50 -1.44 -38.05
C PRO M 48 23.12 -0.51 -37.00
N LYS M 49 23.34 0.75 -37.36
CA LYS M 49 23.86 1.73 -36.40
C LYS M 49 22.92 1.90 -35.20
N THR M 50 21.64 2.18 -35.46
CA THR M 50 20.73 2.47 -34.37
C THR M 50 19.87 1.30 -33.95
N GLY M 51 19.85 0.26 -34.76
CA GLY M 51 19.05 -0.93 -34.46
C GLY M 51 17.56 -0.67 -34.51
N LYS M 52 17.15 0.31 -35.31
CA LYS M 52 15.75 0.72 -35.37
C LYS M 52 15.26 1.08 -36.77
N THR M 53 13.94 1.24 -36.90
CA THR M 53 13.36 1.48 -38.20
C THR M 53 12.15 2.36 -38.12
N VAL M 54 11.99 3.17 -39.14
CA VAL M 54 10.79 3.96 -39.31
C VAL M 54 9.97 3.41 -40.48
N MET M 55 8.81 2.88 -40.18
CA MET M 55 8.10 2.12 -41.18
C MET M 55 6.87 2.86 -41.67
N LEU M 56 6.71 2.99 -42.97
CA LEU M 56 5.52 3.62 -43.52
C LEU M 56 4.59 2.56 -44.08
N ALA M 57 3.56 2.20 -43.33
CA ALA M 57 2.69 1.10 -43.73
C ALA M 57 1.39 1.61 -44.30
N PHE M 58 1.03 1.16 -45.50
CA PHE M 58 -0.22 1.55 -46.11
C PHE M 58 -0.98 0.35 -46.69
N ASP M 59 -1.11 -0.71 -45.91
CA ASP M 59 -1.65 -1.97 -46.44
C ASP M 59 -3.11 -2.17 -46.14
N HIS M 60 -3.71 -1.19 -45.47
CA HIS M 60 -5.05 -1.35 -44.93
C HIS M 60 -6.08 -1.62 -46.01
N GLY M 61 -5.81 -1.18 -47.23
CA GLY M 61 -6.73 -1.46 -48.32
C GLY M 61 -7.10 -2.92 -48.33
N TYR M 62 -6.27 -3.72 -47.69
CA TYR M 62 -6.35 -5.15 -47.90
C TYR M 62 -7.67 -5.73 -47.43
N PHE M 63 -8.23 -5.18 -46.37
CA PHE M 63 -9.56 -5.62 -45.93
C PHE M 63 -10.50 -4.46 -45.84
N GLN M 64 -9.99 -3.28 -46.11
CA GLN M 64 -10.75 -2.08 -45.84
C GLN M 64 -11.17 -1.29 -47.07
N GLY M 65 -10.62 -1.60 -48.23
CA GLY M 65 -10.89 -0.80 -49.42
C GLY M 65 -10.18 0.53 -49.27
N PRO M 66 -10.63 1.54 -50.04
CA PRO M 66 -9.99 2.85 -50.05
C PRO M 66 -10.24 3.63 -48.76
N THR M 67 -9.53 3.24 -47.72
CA THR M 67 -9.58 3.98 -46.47
C THR M 67 -9.15 5.42 -46.68
N THR M 68 -9.56 6.28 -45.76
CA THR M 68 -9.22 7.70 -45.85
C THR M 68 -7.72 7.95 -45.82
N GLY M 69 -7.25 8.69 -46.82
CA GLY M 69 -5.85 9.00 -46.92
C GLY M 69 -5.11 7.99 -47.76
N LEU M 70 -5.72 6.84 -48.00
CA LEU M 70 -5.14 5.81 -48.88
C LEU M 70 -5.95 5.76 -50.14
N GLU M 71 -6.76 6.77 -50.36
CA GLU M 71 -7.60 6.78 -51.55
C GLU M 71 -6.69 6.65 -52.75
N ARG M 72 -5.68 7.49 -52.82
CA ARG M 72 -4.77 7.48 -53.94
C ARG M 72 -3.33 7.33 -53.47
N ILE M 73 -2.87 6.09 -53.29
CA ILE M 73 -1.53 5.87 -52.87
C ILE M 73 -0.59 6.60 -53.80
N ASP M 74 -0.89 6.53 -55.09
CA ASP M 74 0.05 6.96 -56.11
C ASP M 74 0.39 8.43 -55.99
N ILE M 75 -0.53 9.19 -55.42
CA ILE M 75 -0.39 10.63 -55.32
C ILE M 75 -0.07 11.06 -53.91
N ASN M 76 -0.93 10.69 -52.99
CA ASN M 76 -0.77 10.97 -51.58
C ASN M 76 0.48 10.40 -50.91
N ILE M 77 0.73 9.12 -51.12
CA ILE M 77 1.77 8.40 -50.41
C ILE M 77 3.08 8.38 -51.19
N ALA M 78 3.00 8.43 -52.52
CA ALA M 78 4.22 8.33 -53.33
C ALA M 78 5.34 9.27 -52.86
N PRO M 79 5.01 10.53 -52.55
CA PRO M 79 5.98 11.51 -52.06
C PRO M 79 6.60 11.09 -50.72
N LEU M 80 5.90 10.22 -50.01
CA LEU M 80 6.30 9.86 -48.65
C LEU M 80 7.43 8.84 -48.56
N PHE M 81 7.65 8.09 -49.62
CA PHE M 81 8.50 6.92 -49.56
C PHE M 81 9.89 7.24 -49.13
N GLU M 82 10.51 8.21 -49.78
CA GLU M 82 11.89 8.52 -49.49
C GLU M 82 12.17 8.73 -48.00
N HIS M 83 11.19 9.13 -47.22
CA HIS M 83 11.52 9.46 -45.86
C HIS M 83 11.25 8.32 -44.92
N ALA M 84 11.08 7.15 -45.50
CA ALA M 84 10.80 5.97 -44.69
C ALA M 84 11.98 5.02 -44.77
N ASP M 85 12.19 4.25 -43.71
CA ASP M 85 13.22 3.22 -43.70
C ASP M 85 12.72 2.02 -44.46
N VAL M 86 11.46 1.68 -44.23
CA VAL M 86 10.85 0.50 -44.84
C VAL M 86 9.39 0.77 -45.16
N LEU M 87 8.93 0.25 -46.30
CA LEU M 87 7.55 0.39 -46.73
C LEU M 87 6.80 -0.88 -46.41
N MET M 88 5.52 -0.75 -46.13
CA MET M 88 4.71 -1.94 -45.99
C MET M 88 3.38 -1.83 -46.70
N CYS M 89 3.18 -2.67 -47.70
CA CYS M 89 1.97 -2.65 -48.48
C CYS M 89 1.61 -4.04 -49.02
N THR M 90 0.52 -4.13 -49.75
CA THR M 90 0.20 -5.36 -50.44
C THR M 90 1.02 -5.51 -51.71
N ARG M 91 1.04 -6.74 -52.22
CA ARG M 91 1.77 -7.05 -53.43
C ARG M 91 1.04 -6.40 -54.59
N GLY M 92 -0.29 -6.27 -54.45
CA GLY M 92 -1.13 -5.70 -55.49
C GLY M 92 -0.74 -4.26 -55.66
N ILE M 93 -0.73 -3.53 -54.55
CA ILE M 93 -0.40 -2.11 -54.57
C ILE M 93 1.04 -1.85 -55.00
N LEU M 94 1.95 -2.64 -54.43
CA LEU M 94 3.34 -2.54 -54.76
C LEU M 94 3.54 -2.56 -56.29
N ARG M 95 3.09 -3.61 -56.94
CA ARG M 95 3.32 -3.71 -58.36
C ARG M 95 2.69 -2.55 -59.13
N SER M 96 1.50 -2.14 -58.74
CA SER M 96 0.78 -1.17 -59.55
C SER M 96 1.25 0.27 -59.36
N VAL M 97 1.48 0.68 -58.12
CA VAL M 97 1.68 2.10 -57.86
C VAL M 97 2.89 2.49 -57.04
N VAL M 98 3.69 1.50 -56.64
CA VAL M 98 4.96 1.81 -56.01
C VAL M 98 6.06 1.63 -57.02
N PRO M 99 6.77 2.70 -57.32
CA PRO M 99 7.80 2.61 -58.33
C PRO M 99 8.96 1.76 -57.82
N PRO M 100 9.39 0.80 -58.62
CA PRO M 100 10.55 0.01 -58.25
C PRO M 100 11.75 0.90 -57.88
N ALA M 101 11.92 1.99 -58.59
CA ALA M 101 13.07 2.84 -58.37
C ALA M 101 12.97 3.52 -57.01
N THR M 102 11.86 3.30 -56.32
CA THR M 102 11.65 3.95 -55.04
C THR M 102 12.82 3.55 -54.15
N ASN M 103 13.42 2.43 -54.48
CA ASN M 103 14.62 1.93 -53.81
C ASN M 103 14.54 1.91 -52.29
N ARG M 104 13.39 1.50 -51.78
CA ARG M 104 13.25 1.35 -50.35
C ARG M 104 12.83 -0.10 -50.03
N PRO M 105 13.30 -0.64 -48.88
CA PRO M 105 13.00 -2.03 -48.51
C PRO M 105 11.51 -2.18 -48.24
N VAL M 106 10.92 -3.31 -48.64
CA VAL M 106 9.49 -3.48 -48.37
C VAL M 106 9.23 -4.69 -47.51
N VAL M 107 8.20 -4.58 -46.68
CA VAL M 107 7.66 -5.69 -45.95
C VAL M 107 6.29 -6.00 -46.56
N LEU M 108 6.18 -7.07 -47.31
CA LEU M 108 4.90 -7.39 -47.94
C LEU M 108 3.89 -7.88 -46.95
N ARG M 109 2.71 -7.29 -47.02
CA ARG M 109 1.59 -7.85 -46.28
C ARG M 109 1.12 -9.15 -46.93
N ALA M 110 1.13 -10.25 -46.21
CA ALA M 110 0.84 -11.56 -46.79
C ALA M 110 -0.35 -12.31 -46.15
N SER M 111 -1.23 -11.59 -45.47
CA SER M 111 -2.48 -12.20 -45.02
C SER M 111 -3.60 -11.36 -45.65
N GLY M 112 -4.81 -11.87 -45.63
CA GLY M 112 -5.90 -11.23 -46.34
C GLY M 112 -7.09 -12.16 -46.36
N ALA M 113 -8.02 -11.88 -47.28
CA ALA M 113 -9.27 -12.65 -47.41
C ALA M 113 -10.31 -12.34 -46.31
N ASN M 114 -10.13 -11.22 -45.60
CA ASN M 114 -11.18 -10.72 -44.74
C ASN M 114 -11.72 -9.40 -45.31
N SER M 115 -12.89 -8.96 -44.86
CA SER M 115 -13.44 -7.66 -45.22
C SER M 115 -13.87 -7.00 -43.93
N ILE M 116 -14.07 -5.69 -43.98
CA ILE M 116 -14.69 -5.02 -42.84
C ILE M 116 -16.17 -5.38 -42.76
N LEU M 117 -16.68 -6.14 -43.74
CA LEU M 117 -18.09 -6.51 -43.81
C LEU M 117 -18.34 -7.83 -43.11
N ALA M 118 -17.28 -8.48 -42.66
CA ALA M 118 -17.39 -9.83 -42.08
C ALA M 118 -16.49 -9.91 -40.88
N GLU M 119 -16.34 -11.12 -40.33
CA GLU M 119 -15.44 -11.29 -39.19
C GLU M 119 -14.01 -10.87 -39.53
N LEU M 120 -13.45 -10.01 -38.69
CA LEU M 120 -12.16 -9.39 -39.00
C LEU M 120 -11.02 -10.42 -38.98
N SER M 121 -11.10 -11.38 -38.08
CA SER M 121 -9.97 -12.29 -37.86
C SER M 121 -9.90 -13.40 -38.91
N ASN M 122 -10.83 -13.43 -39.84
CA ASN M 122 -10.89 -14.50 -40.82
C ASN M 122 -9.90 -14.31 -41.96
N GLU M 123 -8.62 -14.56 -41.71
CA GLU M 123 -7.57 -14.26 -42.68
C GLU M 123 -6.93 -15.51 -43.21
N ALA M 124 -6.41 -15.44 -44.42
CA ALA M 124 -5.65 -16.56 -44.99
C ALA M 124 -4.33 -16.03 -45.52
N VAL M 125 -3.40 -16.93 -45.81
CA VAL M 125 -2.15 -16.45 -46.37
C VAL M 125 -2.48 -15.87 -47.74
N ALA M 126 -1.97 -14.67 -48.01
CA ALA M 126 -2.43 -13.94 -49.18
C ALA M 126 -1.44 -13.89 -50.34
N LEU M 127 -0.27 -14.49 -50.18
CA LEU M 127 0.64 -14.68 -51.31
C LEU M 127 1.68 -15.76 -51.01
N SER M 128 2.22 -16.38 -52.04
CA SER M 128 3.19 -17.42 -51.82
C SER M 128 4.59 -16.82 -51.55
N MET M 129 5.42 -17.49 -50.76
CA MET M 129 6.78 -16.99 -50.49
C MET M 129 7.47 -16.83 -51.81
N ASP M 130 7.03 -17.65 -52.75
CA ASP M 130 7.56 -17.71 -54.09
C ASP M 130 7.52 -16.33 -54.71
N ASP M 131 6.34 -15.69 -54.64
CA ASP M 131 6.19 -14.36 -55.17
C ASP M 131 6.82 -13.34 -54.27
N ALA M 132 6.80 -13.55 -52.96
CA ALA M 132 7.47 -12.59 -52.09
C ALA M 132 8.95 -12.53 -52.44
N VAL M 133 9.53 -13.69 -52.75
CA VAL M 133 10.92 -13.73 -53.12
C VAL M 133 11.07 -13.09 -54.50
N ARG M 134 10.08 -13.32 -55.34
CA ARG M 134 10.09 -12.73 -56.66
C ARG M 134 10.06 -11.23 -56.60
N LEU M 135 9.47 -10.69 -55.56
CA LEU M 135 9.37 -9.25 -55.43
C LEU M 135 10.49 -8.66 -54.61
N ASN M 136 11.51 -9.47 -54.28
CA ASN M 136 12.61 -8.98 -53.49
C ASN M 136 12.16 -8.40 -52.14
N SER M 137 11.35 -9.10 -51.40
CA SER M 137 10.87 -8.51 -50.15
C SER M 137 11.96 -8.64 -49.08
N CYS M 138 11.88 -7.82 -48.05
CA CYS M 138 12.75 -7.98 -46.92
C CYS M 138 12.03 -8.80 -45.89
N ALA M 139 10.73 -8.78 -45.93
CA ALA M 139 9.98 -9.64 -45.00
C ALA M 139 8.56 -9.83 -45.49
N VAL M 140 7.88 -10.80 -44.89
CA VAL M 140 6.47 -10.98 -45.16
C VAL M 140 5.76 -10.87 -43.84
N ALA M 141 4.57 -10.29 -43.87
CA ALA M 141 3.82 -10.04 -42.66
C ALA M 141 2.42 -10.65 -42.72
N ALA M 142 1.97 -11.13 -41.57
CA ALA M 142 0.60 -11.61 -41.41
C ALA M 142 0.10 -11.27 -40.01
N GLN M 143 -1.21 -11.32 -39.83
CA GLN M 143 -1.83 -10.87 -38.61
C GLN M 143 -2.13 -12.08 -37.78
N VAL M 144 -1.97 -11.95 -36.48
CA VAL M 144 -2.34 -13.02 -35.60
C VAL M 144 -3.42 -12.40 -34.72
N TYR M 145 -4.44 -13.19 -34.40
CA TYR M 145 -5.61 -12.69 -33.68
C TYR M 145 -5.90 -13.49 -32.44
N ILE M 146 -5.04 -13.43 -31.44
CA ILE M 146 -5.35 -14.12 -30.21
C ILE M 146 -6.70 -13.61 -29.74
N GLY M 147 -7.53 -14.55 -29.24
CA GLY M 147 -8.77 -14.19 -28.61
C GLY M 147 -9.90 -14.03 -29.61
N SER M 148 -9.56 -13.89 -30.88
CA SER M 148 -10.63 -13.74 -31.87
C SER M 148 -11.11 -15.10 -32.34
N GLU M 149 -12.14 -15.10 -33.16
CA GLU M 149 -12.76 -16.33 -33.53
C GLU M 149 -11.84 -17.23 -34.33
N TYR M 150 -11.00 -16.64 -35.15
CA TYR M 150 -10.16 -17.40 -36.08
C TYR M 150 -8.72 -17.34 -35.65
N GLU M 151 -8.52 -17.33 -34.33
CA GLU M 151 -7.19 -17.23 -33.79
C GLU M 151 -6.29 -18.39 -34.24
N HIS M 152 -6.88 -19.57 -34.37
CA HIS M 152 -6.12 -20.76 -34.74
C HIS M 152 -5.55 -20.63 -36.16
N GLN M 153 -6.41 -20.32 -37.12
CA GLN M 153 -5.99 -20.13 -38.48
C GLN M 153 -4.93 -19.03 -38.53
N SER M 154 -5.09 -17.98 -37.73
CA SER M 154 -4.14 -16.87 -37.78
C SER M 154 -2.73 -17.36 -37.44
N ILE M 155 -2.61 -18.22 -36.44
CA ILE M 155 -1.31 -18.64 -36.02
C ILE M 155 -0.77 -19.56 -37.08
N LYS M 156 -1.62 -20.45 -37.56
CA LYS M 156 -1.23 -21.34 -38.63
C LYS M 156 -0.66 -20.55 -39.78
N ASN M 157 -1.24 -19.37 -40.02
CA ASN M 157 -0.74 -18.53 -41.09
C ASN M 157 0.69 -18.13 -40.85
N ILE M 158 0.98 -17.70 -39.61
CA ILE M 158 2.34 -17.33 -39.29
C ILE M 158 3.25 -18.53 -39.48
N ILE M 159 2.80 -19.65 -38.95
CA ILE M 159 3.60 -20.84 -38.98
C ILE M 159 4.00 -21.12 -40.42
N GLN M 160 2.99 -21.10 -41.28
CA GLN M 160 3.24 -21.49 -42.64
C GLN M 160 4.20 -20.53 -43.30
N LEU M 161 4.11 -19.27 -42.94
CA LEU M 161 5.00 -18.29 -43.52
C LEU M 161 6.43 -18.50 -43.06
N VAL M 162 6.58 -18.89 -41.80
CA VAL M 162 7.90 -19.12 -41.24
C VAL M 162 8.54 -20.37 -41.86
N ASP M 163 7.74 -21.42 -42.06
CA ASP M 163 8.24 -22.63 -42.69
C ASP M 163 8.80 -22.29 -44.05
N ALA M 164 8.13 -21.39 -44.75
CA ALA M 164 8.51 -21.09 -46.11
C ALA M 164 9.67 -20.13 -46.12
N GLY M 165 9.63 -19.22 -45.15
CA GLY M 165 10.61 -18.14 -45.09
C GLY M 165 11.97 -18.75 -44.81
N MET M 166 11.94 -19.81 -44.01
CA MET M 166 13.18 -20.40 -43.55
C MET M 166 13.91 -21.08 -44.70
N LYS M 167 13.14 -21.59 -45.67
CA LYS M 167 13.77 -22.27 -46.79
C LYS M 167 14.50 -21.21 -47.59
N VAL M 168 14.14 -19.95 -47.39
CA VAL M 168 14.51 -19.00 -48.42
C VAL M 168 15.17 -17.71 -47.87
N GLY M 169 15.22 -17.58 -46.54
CA GLY M 169 15.93 -16.48 -45.90
C GLY M 169 15.04 -15.27 -45.67
N MET M 170 13.72 -15.51 -45.70
CA MET M 170 12.75 -14.44 -45.57
C MET M 170 12.22 -14.34 -44.14
N PRO M 171 12.47 -13.22 -43.48
CA PRO M 171 11.92 -13.02 -42.16
C PRO M 171 10.40 -12.87 -42.19
N THR M 172 9.75 -13.23 -41.10
CA THR M 172 8.32 -13.07 -41.03
C THR M 172 7.98 -12.15 -39.90
N MET M 173 7.04 -11.24 -40.17
CA MET M 173 6.56 -10.31 -39.18
C MET M 173 5.14 -10.71 -38.81
N ALA M 174 4.92 -10.91 -37.53
CA ALA M 174 3.58 -11.17 -37.03
C ALA M 174 3.00 -9.88 -36.44
N VAL M 175 1.81 -9.48 -36.92
CA VAL M 175 1.11 -8.33 -36.38
C VAL M 175 -0.07 -8.77 -35.51
N THR M 176 -0.15 -8.21 -34.31
CA THR M 176 -1.20 -8.61 -33.40
C THR M 176 -2.47 -7.77 -33.62
N GLY M 177 -3.50 -8.39 -34.17
CA GLY M 177 -4.78 -7.68 -34.37
C GLY M 177 -5.76 -7.96 -33.24
N VAL M 178 -6.64 -6.99 -32.92
CA VAL M 178 -7.45 -7.10 -31.72
C VAL M 178 -8.99 -7.03 -31.82
N ARG M 184 -7.33 -5.14 -24.12
CA ARG M 184 -6.35 -4.34 -24.88
C ARG M 184 -5.18 -3.83 -24.02
N ASP M 185 -4.79 -4.63 -23.03
CA ASP M 185 -3.84 -4.23 -22.02
C ASP M 185 -2.55 -5.04 -22.14
N GLN M 186 -1.55 -4.70 -21.32
CA GLN M 186 -0.26 -5.37 -21.42
C GLN M 186 -0.36 -6.87 -21.35
N ARG M 187 -1.00 -7.39 -20.32
CA ARG M 187 -0.97 -8.82 -20.14
C ARG M 187 -1.37 -9.45 -21.46
N TYR M 188 -2.34 -8.83 -22.13
CA TYR M 188 -2.84 -9.36 -23.37
C TYR M 188 -1.81 -9.34 -24.51
N PHE M 189 -1.24 -8.17 -24.79
CA PHE M 189 -0.26 -8.10 -25.85
C PHE M 189 0.95 -8.97 -25.55
N SER M 190 1.25 -9.18 -24.27
CA SER M 190 2.34 -10.05 -23.92
C SER M 190 2.03 -11.40 -24.46
N LEU M 191 0.85 -11.93 -24.14
CA LEU M 191 0.48 -13.23 -24.64
C LEU M 191 0.61 -13.29 -26.16
N ALA M 192 -0.02 -12.32 -26.84
CA ALA M 192 -0.07 -12.35 -28.28
C ALA M 192 1.30 -12.22 -28.89
N THR M 193 2.11 -11.26 -28.43
CA THR M 193 3.44 -11.06 -29.04
C THR M 193 4.30 -12.29 -28.82
N ARG M 194 4.27 -12.81 -27.60
CA ARG M 194 5.12 -13.91 -27.21
C ARG M 194 4.84 -15.18 -27.97
N ILE M 195 3.56 -15.52 -28.08
CA ILE M 195 3.18 -16.67 -28.87
C ILE M 195 3.65 -16.52 -30.30
N ALA M 196 3.45 -15.36 -30.90
CA ALA M 196 3.87 -15.19 -32.27
C ALA M 196 5.38 -15.38 -32.38
N ALA M 197 6.11 -14.75 -31.47
CA ALA M 197 7.56 -14.78 -31.53
C ALA M 197 8.04 -16.19 -31.37
N GLU M 198 7.37 -16.87 -30.45
CA GLU M 198 7.70 -18.21 -30.08
C GLU M 198 7.44 -19.16 -31.26
N MET M 199 6.36 -18.93 -31.99
CA MET M 199 6.06 -19.73 -33.18
C MET M 199 7.19 -19.60 -34.21
N GLY M 200 7.82 -18.43 -34.25
CA GLY M 200 8.96 -18.29 -35.14
C GLY M 200 9.09 -16.95 -35.84
N ALA M 201 8.19 -16.03 -35.56
CA ALA M 201 8.23 -14.76 -36.25
C ALA M 201 9.47 -13.99 -35.82
N GLN M 202 10.20 -13.43 -36.78
CA GLN M 202 11.38 -12.66 -36.42
C GLN M 202 11.06 -11.23 -36.04
N ILE M 203 9.98 -10.68 -36.58
CA ILE M 203 9.56 -9.33 -36.20
C ILE M 203 8.15 -9.37 -35.64
N ILE M 204 7.92 -8.64 -34.54
CA ILE M 204 6.58 -8.52 -34.01
C ILE M 204 6.15 -7.08 -34.17
N LYS M 205 4.96 -6.87 -34.71
CA LYS M 205 4.40 -5.52 -34.75
C LYS M 205 3.20 -5.45 -33.84
N THR M 206 3.14 -4.43 -32.99
CA THR M 206 2.07 -4.42 -32.02
C THR M 206 1.75 -3.01 -31.61
N TYR M 207 0.86 -2.88 -30.65
CA TYR M 207 0.41 -1.57 -30.23
C TYR M 207 1.12 -1.08 -28.99
N TYR M 208 1.21 0.23 -28.82
CA TYR M 208 1.75 0.78 -27.59
C TYR M 208 0.74 0.75 -26.43
N VAL M 209 1.26 0.63 -25.22
CA VAL M 209 0.40 0.52 -24.05
C VAL M 209 0.89 1.45 -22.95
N GLU M 210 -0.03 2.24 -22.40
CA GLU M 210 0.38 3.26 -21.46
C GLU M 210 0.95 2.69 -20.17
N LYS M 211 0.50 1.51 -19.80
CA LYS M 211 1.05 0.85 -18.64
C LYS M 211 1.65 -0.50 -19.02
N GLY M 212 2.93 -0.67 -18.75
CA GLY M 212 3.55 -1.99 -18.83
C GLY M 212 4.14 -2.40 -20.16
N PHE M 213 4.31 -1.44 -21.06
CA PHE M 213 4.90 -1.73 -22.34
C PHE M 213 6.27 -2.41 -22.19
N GLU M 214 6.97 -2.04 -21.14
CA GLU M 214 8.29 -2.55 -20.92
C GLU M 214 8.27 -4.06 -20.83
N ARG M 215 7.23 -4.59 -20.16
CA ARG M 215 7.12 -6.02 -19.94
C ARG M 215 6.91 -6.68 -21.29
N ILE M 216 6.18 -5.99 -22.15
CA ILE M 216 5.91 -6.52 -23.47
C ILE M 216 7.21 -6.67 -24.22
N VAL M 217 7.97 -5.58 -24.31
CA VAL M 217 9.25 -5.63 -24.96
C VAL M 217 10.14 -6.66 -24.31
N ALA M 218 10.25 -6.62 -23.00
CA ALA M 218 11.19 -7.47 -22.29
C ALA M 218 10.87 -8.93 -22.54
N GLY M 219 9.58 -9.23 -22.64
CA GLY M 219 9.12 -10.60 -22.84
C GLY M 219 9.23 -11.12 -24.27
N CYS M 220 9.47 -10.21 -25.20
CA CYS M 220 9.59 -10.57 -26.61
C CYS M 220 11.06 -10.71 -26.94
N PRO M 221 11.45 -11.85 -27.53
CA PRO M 221 12.86 -12.09 -27.79
C PRO M 221 13.32 -11.53 -29.12
N VAL M 222 12.43 -10.90 -29.87
CA VAL M 222 12.79 -10.39 -31.18
C VAL M 222 12.27 -8.97 -31.31
N PRO M 223 12.72 -8.26 -32.33
CA PRO M 223 12.40 -6.85 -32.40
C PRO M 223 10.91 -6.58 -32.43
N ILE M 224 10.51 -5.50 -31.77
CA ILE M 224 9.13 -5.04 -31.79
C ILE M 224 8.96 -3.68 -32.46
N VAL M 225 7.93 -3.61 -33.27
CA VAL M 225 7.60 -2.39 -33.95
C VAL M 225 6.19 -2.07 -33.55
N ILE M 226 5.88 -0.79 -33.35
CA ILE M 226 4.56 -0.45 -32.89
C ILE M 226 3.75 0.23 -33.96
N ALA M 227 2.49 -0.12 -34.04
CA ALA M 227 1.58 0.50 -34.97
C ALA M 227 1.01 1.72 -34.29
N GLY M 228 0.67 2.74 -35.08
CA GLY M 228 0.16 4.00 -34.54
C GLY M 228 -1.27 3.95 -34.03
N GLY M 229 -2.13 3.21 -34.71
CA GLY M 229 -3.53 3.20 -34.35
C GLY M 229 -4.22 4.45 -34.89
N LYS M 230 -5.35 4.80 -34.30
CA LYS M 230 -6.14 5.91 -34.81
C LYS M 230 -5.36 7.22 -34.76
N LYS M 231 -5.70 8.13 -35.68
CA LYS M 231 -5.03 9.42 -35.80
C LYS M 231 -5.11 10.20 -34.50
N LEU M 232 -3.99 10.78 -34.11
CA LEU M 232 -3.94 11.62 -32.94
C LEU M 232 -3.34 12.91 -33.39
N PRO M 233 -3.49 13.96 -32.59
CA PRO M 233 -2.75 15.19 -32.81
C PRO M 233 -1.26 14.86 -32.77
N GLU M 234 -0.49 15.46 -33.66
CA GLU M 234 0.91 15.08 -33.80
C GLU M 234 1.64 15.09 -32.48
N ARG M 235 1.48 16.16 -31.72
CA ARG M 235 2.18 16.28 -30.46
C ARG M 235 1.99 14.99 -29.69
N GLU M 236 0.77 14.48 -29.65
CA GLU M 236 0.49 13.28 -28.90
C GLU M 236 1.10 12.02 -29.51
N ALA M 237 1.08 11.92 -30.84
CA ALA M 237 1.66 10.79 -31.55
C ALA M 237 3.16 10.73 -31.32
N LEU M 238 3.82 11.87 -31.44
CA LEU M 238 5.23 11.92 -31.18
C LEU M 238 5.53 11.47 -29.78
N GLU M 239 4.73 11.91 -28.81
CA GLU M 239 4.98 11.51 -27.44
C GLU M 239 4.89 10.00 -27.33
N MET M 240 3.91 9.43 -28.01
CA MET M 240 3.77 7.98 -28.08
C MET M 240 5.01 7.33 -28.69
N CYS M 241 5.47 7.85 -29.83
CA CYS M 241 6.71 7.38 -30.40
C CYS M 241 7.78 7.44 -29.38
N TRP M 242 7.98 8.62 -28.82
CA TRP M 242 9.07 8.83 -27.93
C TRP M 242 9.03 7.79 -26.83
N GLN M 243 7.84 7.57 -26.29
CA GLN M 243 7.68 6.64 -25.19
C GLN M 243 8.00 5.22 -25.59
N ALA M 244 7.49 4.81 -26.74
CA ALA M 244 7.71 3.46 -27.24
C ALA M 244 9.21 3.17 -27.39
N ILE M 245 9.91 4.09 -28.04
CA ILE M 245 11.33 3.93 -28.23
C ILE M 245 12.03 3.94 -26.91
N ASP M 246 11.69 4.91 -26.07
CA ASP M 246 12.30 5.02 -24.76
C ASP M 246 12.14 3.72 -23.99
N GLN M 247 11.03 3.04 -24.23
CA GLN M 247 10.74 1.78 -23.55
C GLN M 247 11.16 0.54 -24.35
N GLY M 248 12.03 0.72 -25.35
CA GLY M 248 12.70 -0.39 -25.98
C GLY M 248 12.16 -0.94 -27.28
N ALA M 249 11.16 -0.28 -27.87
CA ALA M 249 10.67 -0.69 -29.19
C ALA M 249 11.76 -0.50 -30.23
N SER M 250 11.74 -1.28 -31.31
CA SER M 250 12.81 -1.20 -32.30
C SER M 250 12.45 -0.37 -33.50
N GLY M 251 11.18 -0.01 -33.57
CA GLY M 251 10.71 0.80 -34.68
C GLY M 251 9.30 1.26 -34.41
N VAL M 252 8.84 2.23 -35.18
CA VAL M 252 7.49 2.64 -35.05
C VAL M 252 6.92 2.69 -36.43
N ASP M 253 5.66 2.33 -36.54
CA ASP M 253 4.94 2.55 -37.75
C ASP M 253 3.77 3.44 -37.43
N MET M 254 3.85 4.69 -37.83
CA MET M 254 2.70 5.58 -37.74
C MET M 254 1.99 5.50 -39.06
N GLY M 255 0.85 4.86 -39.11
CA GLY M 255 0.17 4.84 -40.38
C GLY M 255 -0.60 6.14 -40.46
N ARG M 256 -1.82 6.08 -39.94
CA ARG M 256 -2.78 7.14 -40.13
C ARG M 256 -2.12 8.41 -39.68
N ASN M 257 -1.37 8.29 -38.61
CA ASN M 257 -0.77 9.44 -37.98
C ASN M 257 0.19 10.12 -38.90
N ILE M 258 0.44 9.52 -40.05
CA ILE M 258 1.33 10.15 -41.01
C ILE M 258 0.58 10.53 -42.26
N PHE M 259 0.08 9.54 -42.99
CA PHE M 259 -0.51 9.83 -44.27
C PHE M 259 -1.71 10.72 -44.12
N GLN M 260 -2.32 10.69 -42.93
CA GLN M 260 -3.47 11.55 -42.65
C GLN M 260 -3.13 12.96 -42.15
N SER M 261 -1.96 13.15 -41.55
CA SER M 261 -1.57 14.49 -41.14
C SER M 261 -1.58 15.44 -42.33
N ASP M 262 -1.89 16.71 -42.06
CA ASP M 262 -1.87 17.73 -43.11
C ASP M 262 -0.44 18.01 -43.55
N HIS M 263 0.52 17.67 -42.70
CA HIS M 263 1.91 17.88 -43.05
C HIS M 263 2.75 16.61 -42.87
N PRO M 264 2.53 15.63 -43.75
CA PRO M 264 3.11 14.31 -43.66
C PRO M 264 4.61 14.29 -43.58
N VAL M 265 5.28 14.88 -44.57
CA VAL M 265 6.74 14.83 -44.59
C VAL M 265 7.33 15.40 -43.32
N ALA M 266 6.76 16.51 -42.88
CA ALA M 266 7.21 17.10 -41.64
C ALA M 266 7.10 16.09 -40.50
N MET M 267 5.97 15.41 -40.42
CA MET M 267 5.75 14.41 -39.39
C MET M 267 6.86 13.36 -39.40
N MET M 268 7.15 12.83 -40.58
CA MET M 268 8.16 11.78 -40.71
C MET M 268 9.51 12.22 -40.17
N LYS M 269 9.95 13.41 -40.55
CA LYS M 269 11.21 13.88 -40.05
C LYS M 269 11.15 13.98 -38.54
N ALA M 270 9.98 14.29 -38.01
CA ALA M 270 9.77 14.31 -36.57
C ALA M 270 10.03 12.93 -36.04
N VAL M 271 9.40 11.95 -36.67
CA VAL M 271 9.49 10.58 -36.22
C VAL M 271 10.92 10.07 -36.38
N GLN M 272 11.57 10.44 -37.49
CA GLN M 272 12.96 10.05 -37.70
C GLN M 272 13.76 10.52 -36.52
N ALA M 273 13.52 11.75 -36.11
CA ALA M 273 14.28 12.35 -35.03
C ALA M 273 14.10 11.57 -33.75
N VAL M 274 12.87 11.30 -33.37
CA VAL M 274 12.65 10.58 -32.12
C VAL M 274 13.28 9.21 -32.19
N VAL M 275 13.07 8.52 -33.30
CA VAL M 275 13.49 7.14 -33.41
C VAL M 275 14.99 6.96 -33.51
N HIS M 276 15.59 7.49 -34.57
CA HIS M 276 17.00 7.30 -34.82
C HIS M 276 17.90 8.23 -34.00
N HIS M 277 17.48 9.47 -33.85
CA HIS M 277 18.37 10.47 -33.32
C HIS M 277 18.14 10.83 -31.87
N ASN M 278 17.07 10.32 -31.27
CA ASN M 278 16.91 10.51 -29.83
C ASN M 278 16.27 11.80 -29.41
N GLU M 279 15.90 12.64 -30.36
CA GLU M 279 15.32 13.89 -29.96
C GLU M 279 14.22 13.62 -28.97
N THR M 280 14.02 14.56 -28.06
CA THR M 280 12.97 14.47 -27.09
C THR M 280 11.69 14.84 -27.80
N ALA M 281 10.55 14.43 -27.26
CA ALA M 281 9.29 14.67 -27.93
C ALA M 281 9.12 16.13 -28.36
N ASP M 282 9.40 17.05 -27.43
CA ASP M 282 9.20 18.48 -27.70
C ASP M 282 10.02 18.99 -28.87
N ARG M 283 11.34 18.81 -28.81
CA ARG M 283 12.16 19.22 -29.93
C ARG M 283 11.60 18.64 -31.22
N ALA M 284 11.33 17.34 -31.17
CA ALA M 284 10.78 16.64 -32.32
C ALA M 284 9.62 17.44 -32.85
N TYR M 285 8.61 17.68 -32.00
CA TYR M 285 7.42 18.39 -32.42
C TYR M 285 7.78 19.72 -33.06
N GLU M 286 8.73 20.40 -32.45
CA GLU M 286 9.15 21.71 -32.93
C GLU M 286 9.68 21.70 -34.35
N LEU M 287 10.60 20.78 -34.66
CA LEU M 287 11.02 20.66 -36.05
C LEU M 287 9.82 20.18 -36.87
N TYR M 288 8.86 19.53 -36.22
CA TYR M 288 7.62 19.19 -36.90
C TYR M 288 7.07 20.48 -37.51
N LEU M 289 6.84 21.46 -36.64
CA LEU M 289 6.35 22.79 -37.01
C LEU M 289 7.33 23.53 -37.90
N SER M 290 8.61 23.37 -37.57
CA SER M 290 9.69 23.90 -38.39
C SER M 290 9.49 23.49 -39.85
N GLU M 291 9.32 22.19 -40.09
CA GLU M 291 9.28 21.66 -41.45
C GLU M 291 7.99 21.94 -42.27
N LYS M 292 6.91 22.42 -41.64
CA LYS M 292 5.71 22.86 -42.37
C LYS M 292 6.03 23.98 -43.37
N GLY N 12 32.29 -1.23 -91.96
CA GLY N 12 31.00 -0.82 -92.60
C GLY N 12 29.75 -1.08 -91.75
N LYS N 13 29.91 -1.03 -90.44
CA LYS N 13 28.82 -1.28 -89.50
C LYS N 13 28.47 0.05 -88.79
N ASP N 14 27.19 0.29 -88.53
CA ASP N 14 26.79 1.51 -87.82
C ASP N 14 26.08 1.28 -86.48
N PHE N 15 26.72 1.64 -85.37
CA PHE N 15 26.13 1.42 -84.08
C PHE N 15 25.35 2.62 -83.62
N ARG N 16 25.37 3.67 -84.44
CA ARG N 16 24.65 4.87 -84.12
C ARG N 16 24.99 5.35 -82.71
N THR N 17 26.26 5.58 -82.43
CA THR N 17 26.68 5.94 -81.08
C THR N 17 26.15 7.28 -80.67
N ASP N 18 25.83 8.10 -81.66
CA ASP N 18 25.41 9.45 -81.38
C ASP N 18 24.00 9.42 -80.81
N GLN N 19 23.34 8.30 -81.01
CA GLN N 19 21.94 8.16 -80.59
C GLN N 19 21.76 7.04 -79.57
N PRO N 20 21.43 7.41 -78.33
CA PRO N 20 21.48 6.46 -77.25
C PRO N 20 20.15 5.74 -77.03
N GLN N 21 20.23 4.43 -76.85
CA GLN N 21 19.04 3.62 -76.64
C GLN N 21 18.21 4.17 -75.50
N LYS N 22 16.91 4.25 -75.73
CA LYS N 22 15.97 4.80 -74.74
C LYS N 22 14.80 3.85 -74.52
N ASN N 23 14.31 3.80 -73.29
CA ASN N 23 13.26 2.84 -72.98
C ASN N 23 11.86 3.34 -73.32
N ILE N 24 11.10 2.56 -74.07
CA ILE N 24 9.68 2.89 -74.29
C ILE N 24 8.80 2.61 -73.07
N PRO N 25 8.15 3.65 -72.55
CA PRO N 25 7.27 3.47 -71.43
C PRO N 25 6.08 2.54 -71.75
N PHE N 26 5.58 1.90 -70.71
CA PHE N 26 4.39 1.10 -70.81
C PHE N 26 3.29 1.82 -70.03
N THR N 27 2.28 2.34 -70.72
CA THR N 27 1.39 3.30 -70.07
C THR N 27 0.16 2.69 -69.43
N LEU N 28 -0.14 1.44 -69.74
CA LEU N 28 -1.33 0.79 -69.22
C LEU N 28 -1.39 0.92 -67.72
N LYS N 29 -2.53 1.34 -67.20
CA LYS N 29 -2.65 1.75 -65.82
C LYS N 29 -2.29 0.69 -64.83
N GLY N 30 -1.29 0.96 -64.00
CA GLY N 30 -0.91 0.04 -62.92
C GLY N 30 -0.17 -1.20 -63.38
N CYS N 31 0.21 -1.23 -64.66
CA CYS N 31 0.90 -2.37 -65.22
C CYS N 31 2.31 -2.02 -65.67
N GLY N 32 2.87 -0.98 -65.05
CA GLY N 32 4.20 -0.53 -65.42
C GLY N 32 5.36 -1.34 -64.86
N ALA N 33 5.09 -2.24 -63.92
CA ALA N 33 6.13 -3.00 -63.27
C ALA N 33 5.97 -4.50 -63.50
N LEU N 34 5.59 -4.88 -64.72
CA LEU N 34 5.36 -6.31 -64.98
C LEU N 34 6.35 -6.83 -65.99
N ASP N 35 6.60 -8.12 -65.91
CA ASP N 35 7.52 -8.74 -66.80
C ASP N 35 7.00 -8.65 -68.22
N TRP N 36 7.88 -8.78 -69.21
CA TRP N 36 7.53 -8.65 -70.60
C TRP N 36 6.31 -9.50 -70.98
N GLY N 37 6.31 -10.77 -70.57
CA GLY N 37 5.25 -11.69 -70.98
C GLY N 37 3.92 -11.22 -70.47
N MET N 38 3.90 -10.85 -69.21
CA MET N 38 2.62 -10.45 -68.64
C MET N 38 2.17 -9.16 -69.31
N GLN N 39 3.10 -8.22 -69.50
CA GLN N 39 2.76 -6.99 -70.21
C GLN N 39 2.28 -7.32 -71.62
N SER N 40 2.82 -8.39 -72.20
CA SER N 40 2.43 -8.78 -73.52
C SER N 40 1.00 -9.29 -73.58
N ARG N 41 0.63 -10.10 -72.60
CA ARG N 41 -0.71 -10.64 -72.56
C ARG N 41 -1.72 -9.53 -72.42
N LEU N 42 -1.44 -8.62 -71.49
CA LEU N 42 -2.30 -7.51 -71.24
C LEU N 42 -2.47 -6.65 -72.49
N SER N 43 -1.40 -6.50 -73.25
CA SER N 43 -1.40 -5.67 -74.43
C SER N 43 -2.25 -6.31 -75.50
N ARG N 44 -2.42 -7.62 -75.42
CA ARG N 44 -3.35 -8.30 -76.30
C ARG N 44 -4.80 -7.91 -75.97
N ILE N 45 -5.09 -7.79 -74.69
CA ILE N 45 -6.41 -7.45 -74.24
C ILE N 45 -6.76 -5.97 -74.42
N PHE N 46 -5.90 -5.08 -73.91
CA PHE N 46 -6.13 -3.65 -73.96
C PHE N 46 -5.31 -3.06 -75.06
N ASN N 47 -5.94 -2.35 -75.95
CA ASN N 47 -5.24 -1.83 -77.08
C ASN N 47 -4.23 -0.81 -76.61
N PRO N 48 -2.96 -0.95 -77.04
CA PRO N 48 -1.86 -0.10 -76.61
C PRO N 48 -2.08 1.34 -77.03
N LYS N 49 -2.56 1.56 -78.24
CA LYS N 49 -2.87 2.90 -78.69
C LYS N 49 -3.96 3.61 -77.83
N THR N 50 -5.08 2.95 -77.58
CA THR N 50 -6.16 3.58 -76.84
C THR N 50 -6.25 3.16 -75.38
N GLY N 51 -5.55 2.10 -75.05
CA GLY N 51 -5.49 1.67 -73.66
C GLY N 51 -6.81 1.09 -73.19
N LYS N 52 -7.59 0.56 -74.12
CA LYS N 52 -8.93 0.10 -73.82
C LYS N 52 -9.29 -1.18 -74.56
N THR N 53 -10.39 -1.79 -74.15
CA THR N 53 -10.80 -3.04 -74.72
C THR N 53 -12.31 -3.17 -74.80
N VAL N 54 -12.75 -3.86 -75.86
CA VAL N 54 -14.15 -4.25 -75.99
C VAL N 54 -14.24 -5.73 -75.80
N MET N 55 -14.94 -6.15 -74.74
CA MET N 55 -14.89 -7.53 -74.36
C MET N 55 -16.21 -8.20 -74.63
N LEU N 56 -16.22 -9.33 -75.33
CA LEU N 56 -17.43 -10.10 -75.52
C LEU N 56 -17.46 -11.33 -74.63
N ALA N 57 -18.15 -11.24 -73.50
CA ALA N 57 -18.15 -12.31 -72.52
C ALA N 57 -19.39 -13.17 -72.62
N PHE N 58 -19.20 -14.47 -72.79
CA PHE N 58 -20.31 -15.40 -72.76
C PHE N 58 -20.07 -16.59 -71.85
N ASP N 59 -19.72 -16.34 -70.60
CA ASP N 59 -19.33 -17.40 -69.69
C ASP N 59 -20.43 -17.83 -68.74
N HIS N 60 -21.58 -17.17 -68.82
CA HIS N 60 -22.67 -17.32 -67.86
C HIS N 60 -23.13 -18.76 -67.73
N GLY N 61 -22.97 -19.54 -68.81
CA GLY N 61 -23.32 -20.94 -68.74
C GLY N 61 -22.73 -21.59 -67.50
N TYR N 62 -21.71 -20.95 -66.96
CA TYR N 62 -20.90 -21.63 -65.96
C TYR N 62 -21.69 -21.98 -64.71
N PHE N 63 -22.66 -21.14 -64.34
CA PHE N 63 -23.50 -21.45 -63.20
C PHE N 63 -24.96 -21.39 -63.59
N GLN N 64 -25.19 -20.99 -64.83
CA GLN N 64 -26.55 -20.70 -65.26
C GLN N 64 -27.13 -21.65 -66.28
N GLY N 65 -26.32 -22.49 -66.89
CA GLY N 65 -26.82 -23.35 -67.94
C GLY N 65 -27.06 -22.54 -69.18
N PRO N 66 -27.95 -23.01 -70.07
CA PRO N 66 -28.19 -22.33 -71.33
C PRO N 66 -29.06 -21.12 -71.13
N THR N 67 -28.45 -20.05 -70.64
CA THR N 67 -29.10 -18.76 -70.54
C THR N 67 -29.56 -18.25 -71.88
N THR N 68 -30.56 -17.38 -71.87
CA THR N 68 -31.10 -16.86 -73.10
C THR N 68 -30.06 -16.15 -73.93
N GLY N 69 -29.95 -16.54 -75.19
CA GLY N 69 -29.02 -15.89 -76.08
C GLY N 69 -27.71 -16.64 -76.12
N LEU N 70 -27.51 -17.53 -75.15
CA LEU N 70 -26.30 -18.35 -75.09
C LEU N 70 -26.71 -19.76 -75.35
N GLU N 71 -27.92 -19.94 -75.85
CA GLU N 71 -28.40 -21.28 -76.08
C GLU N 71 -27.40 -21.97 -76.95
N ARG N 72 -27.06 -21.35 -78.07
CA ARG N 72 -26.14 -21.94 -79.01
C ARG N 72 -25.01 -20.98 -79.30
N ILE N 73 -23.94 -21.07 -78.51
CA ILE N 73 -22.81 -20.20 -78.77
C ILE N 73 -22.37 -20.38 -80.20
N ASP N 74 -22.32 -21.62 -80.64
CA ASP N 74 -21.71 -21.95 -81.94
C ASP N 74 -22.37 -21.28 -83.09
N ILE N 75 -23.64 -20.93 -82.95
CA ILE N 75 -24.36 -20.28 -84.01
C ILE N 75 -24.56 -18.78 -83.77
N ASN N 76 -25.13 -18.47 -82.62
CA ASN N 76 -25.43 -17.14 -82.20
C ASN N 76 -24.21 -16.25 -82.01
N ILE N 77 -23.22 -16.75 -81.27
CA ILE N 77 -22.11 -15.92 -80.85
C ILE N 77 -20.91 -16.04 -81.80
N ALA N 78 -20.79 -17.17 -82.48
CA ALA N 78 -19.65 -17.39 -83.36
C ALA N 78 -19.42 -16.21 -84.31
N PRO N 79 -20.49 -15.70 -84.93
CA PRO N 79 -20.39 -14.55 -85.83
C PRO N 79 -19.87 -13.31 -85.13
N LEU N 80 -20.00 -13.28 -83.83
CA LEU N 80 -19.68 -12.07 -83.07
C LEU N 80 -18.19 -11.87 -82.79
N PHE N 81 -17.41 -12.94 -82.85
CA PHE N 81 -16.05 -12.92 -82.36
C PHE N 81 -15.19 -11.86 -83.01
N GLU N 82 -15.26 -11.75 -84.33
CA GLU N 82 -14.33 -10.89 -85.02
C GLU N 82 -14.46 -9.45 -84.59
N HIS N 83 -15.57 -9.08 -83.98
CA HIS N 83 -15.76 -7.67 -83.68
C HIS N 83 -15.50 -7.39 -82.24
N ALA N 84 -14.85 -8.33 -81.57
CA ALA N 84 -14.49 -8.14 -80.17
C ALA N 84 -12.97 -8.05 -80.02
N ASP N 85 -12.52 -7.29 -79.02
CA ASP N 85 -11.08 -7.18 -78.73
C ASP N 85 -10.63 -8.42 -78.01
N VAL N 86 -11.45 -8.88 -77.08
CA VAL N 86 -11.13 -10.04 -76.29
C VAL N 86 -12.41 -10.86 -76.01
N LEU N 87 -12.26 -12.19 -75.96
CA LEU N 87 -13.37 -13.08 -75.65
C LEU N 87 -13.27 -13.53 -74.22
N MET N 88 -14.40 -13.77 -73.60
CA MET N 88 -14.36 -14.36 -72.31
C MET N 88 -15.36 -15.52 -72.17
N CYS N 89 -14.84 -16.72 -71.95
CA CYS N 89 -15.70 -17.86 -71.86
C CYS N 89 -15.09 -18.92 -70.96
N THR N 90 -15.77 -20.04 -70.78
CA THR N 90 -15.20 -21.14 -70.05
C THR N 90 -14.31 -21.95 -70.94
N ARG N 91 -13.49 -22.79 -70.31
CA ARG N 91 -12.52 -23.56 -71.04
C ARG N 91 -13.29 -24.65 -71.75
N GLY N 92 -14.44 -25.03 -71.19
CA GLY N 92 -15.27 -26.08 -71.80
C GLY N 92 -15.84 -25.62 -73.13
N ILE N 93 -16.45 -24.43 -73.12
CA ILE N 93 -16.99 -23.79 -74.30
C ILE N 93 -15.91 -23.47 -75.32
N LEU N 94 -14.82 -22.90 -74.84
CA LEU N 94 -13.72 -22.57 -75.70
C LEU N 94 -13.31 -23.77 -76.54
N ARG N 95 -13.08 -24.91 -75.90
CA ARG N 95 -12.52 -26.02 -76.64
C ARG N 95 -13.53 -26.50 -77.62
N SER N 96 -14.78 -26.63 -77.19
CA SER N 96 -15.82 -27.25 -77.99
C SER N 96 -16.34 -26.45 -79.16
N VAL N 97 -16.59 -25.17 -78.95
CA VAL N 97 -17.29 -24.39 -79.98
C VAL N 97 -16.68 -23.04 -80.35
N VAL N 98 -15.55 -22.68 -79.77
CA VAL N 98 -14.83 -21.54 -80.26
C VAL N 98 -13.70 -22.02 -81.15
N PRO N 99 -13.71 -21.62 -82.41
CA PRO N 99 -12.66 -22.06 -83.29
C PRO N 99 -11.32 -21.42 -82.92
N PRO N 100 -10.26 -22.22 -82.79
CA PRO N 100 -8.94 -21.66 -82.52
C PRO N 100 -8.57 -20.58 -83.54
N ALA N 101 -9.03 -20.74 -84.79
CA ALA N 101 -8.68 -19.81 -85.85
C ALA N 101 -9.39 -18.46 -85.65
N THR N 102 -10.21 -18.40 -84.63
CA THR N 102 -10.94 -17.20 -84.34
C THR N 102 -9.94 -16.11 -84.12
N ASN N 103 -8.74 -16.51 -83.73
CA ASN N 103 -7.60 -15.61 -83.55
C ASN N 103 -7.84 -14.38 -82.70
N ARG N 104 -8.61 -14.52 -81.64
CA ARG N 104 -8.87 -13.42 -80.74
C ARG N 104 -8.40 -13.77 -79.32
N PRO N 105 -7.89 -12.79 -78.58
CA PRO N 105 -7.38 -13.06 -77.24
C PRO N 105 -8.50 -13.55 -76.35
N VAL N 106 -8.25 -14.52 -75.47
CA VAL N 106 -9.28 -14.91 -74.53
C VAL N 106 -8.92 -14.69 -73.07
N VAL N 107 -9.92 -14.32 -72.28
CA VAL N 107 -9.81 -14.36 -70.83
C VAL N 107 -10.64 -15.54 -70.32
N LEU N 108 -9.98 -16.60 -69.84
CA LEU N 108 -10.68 -17.78 -69.34
C LEU N 108 -11.36 -17.50 -68.02
N ARG N 109 -12.61 -17.92 -67.92
CA ARG N 109 -13.30 -17.85 -66.68
C ARG N 109 -12.86 -19.03 -65.86
N ALA N 110 -12.32 -18.78 -64.68
CA ALA N 110 -11.67 -19.83 -63.90
C ALA N 110 -12.29 -20.07 -62.52
N SER N 111 -13.52 -19.63 -62.31
CA SER N 111 -14.20 -19.94 -61.07
C SER N 111 -15.47 -20.66 -61.48
N GLY N 112 -16.12 -21.32 -60.55
CA GLY N 112 -17.28 -22.09 -60.89
C GLY N 112 -17.68 -22.93 -59.70
N ALA N 113 -18.44 -24.00 -59.96
CA ALA N 113 -18.92 -24.92 -58.93
C ALA N 113 -20.13 -24.37 -58.17
N ASN N 114 -20.72 -23.28 -58.65
CA ASN N 114 -21.99 -22.80 -58.13
C ASN N 114 -23.13 -23.07 -59.14
N SER N 115 -24.37 -23.02 -58.69
CA SER N 115 -25.52 -23.17 -59.58
C SER N 115 -26.47 -22.07 -59.20
N ILE N 116 -27.40 -21.75 -60.09
CA ILE N 116 -28.46 -20.82 -59.75
C ILE N 116 -29.44 -21.51 -58.82
N LEU N 117 -29.21 -22.79 -58.54
CA LEU N 117 -30.08 -23.53 -57.65
C LEU N 117 -29.61 -23.48 -56.22
N ALA N 118 -28.44 -22.92 -55.99
CA ALA N 118 -27.86 -22.88 -54.65
C ALA N 118 -27.23 -21.52 -54.40
N GLU N 119 -26.52 -21.39 -53.28
CA GLU N 119 -25.90 -20.11 -52.98
C GLU N 119 -24.97 -19.67 -54.09
N LEU N 120 -25.19 -18.46 -54.59
CA LEU N 120 -24.48 -17.96 -55.75
C LEU N 120 -22.97 -17.82 -55.49
N SER N 121 -22.59 -17.44 -54.26
CA SER N 121 -21.21 -17.06 -53.99
C SER N 121 -20.34 -18.27 -53.74
N ASN N 122 -20.93 -19.45 -53.75
CA ASN N 122 -20.17 -20.64 -53.47
C ASN N 122 -19.31 -21.13 -54.66
N GLU N 123 -18.19 -20.46 -54.89
CA GLU N 123 -17.40 -20.73 -56.08
C GLU N 123 -16.05 -21.31 -55.69
N ALA N 124 -15.46 -22.12 -56.57
CA ALA N 124 -14.12 -22.59 -56.36
C ALA N 124 -13.31 -22.31 -57.63
N VAL N 125 -12.01 -22.54 -57.55
CA VAL N 125 -11.22 -22.38 -58.77
C VAL N 125 -11.60 -23.48 -59.74
N ALA N 126 -11.85 -23.11 -60.98
CA ALA N 126 -12.46 -24.07 -61.88
C ALA N 126 -11.54 -24.58 -62.98
N LEU N 127 -10.29 -24.12 -62.99
CA LEU N 127 -9.26 -24.76 -63.82
C LEU N 127 -7.84 -24.40 -63.40
N SER N 128 -6.88 -25.28 -63.67
CA SER N 128 -5.51 -25.06 -63.23
C SER N 128 -4.84 -24.05 -64.14
N MET N 129 -3.86 -23.30 -63.61
CA MET N 129 -3.13 -22.31 -64.42
C MET N 129 -2.45 -23.07 -65.54
N ASP N 130 -2.09 -24.29 -65.21
CA ASP N 130 -1.51 -25.25 -66.09
C ASP N 130 -2.30 -25.34 -67.39
N ASP N 131 -3.61 -25.59 -67.28
CA ASP N 131 -4.46 -25.62 -68.45
C ASP N 131 -4.65 -24.26 -69.09
N ALA N 132 -4.75 -23.22 -68.28
CA ALA N 132 -4.92 -21.88 -68.82
C ALA N 132 -3.77 -21.60 -69.72
N VAL N 133 -2.58 -21.97 -69.26
CA VAL N 133 -1.37 -21.74 -70.04
C VAL N 133 -1.39 -22.62 -71.27
N ARG N 134 -1.89 -23.83 -71.08
CA ARG N 134 -2.07 -24.76 -72.19
C ARG N 134 -2.99 -24.22 -73.27
N LEU N 135 -3.89 -23.32 -72.88
CA LEU N 135 -4.88 -22.81 -73.81
C LEU N 135 -4.45 -21.45 -74.30
N ASN N 136 -3.24 -21.05 -73.98
CA ASN N 136 -2.78 -19.76 -74.45
C ASN N 136 -3.67 -18.60 -74.01
N SER N 137 -4.10 -18.57 -72.76
CA SER N 137 -4.96 -17.49 -72.32
C SER N 137 -4.19 -16.21 -72.18
N CYS N 138 -4.91 -15.09 -72.29
CA CYS N 138 -4.35 -13.80 -71.95
C CYS N 138 -4.60 -13.45 -70.50
N ALA N 139 -5.54 -14.12 -69.88
CA ALA N 139 -5.76 -13.92 -68.49
C ALA N 139 -6.77 -14.93 -67.97
N VAL N 140 -6.87 -15.04 -66.66
CA VAL N 140 -7.82 -15.93 -66.05
C VAL N 140 -8.64 -15.08 -65.13
N ALA N 141 -9.91 -15.45 -65.00
CA ALA N 141 -10.87 -14.63 -64.26
C ALA N 141 -11.61 -15.45 -63.21
N ALA N 142 -11.85 -14.84 -62.06
CA ALA N 142 -12.70 -15.44 -61.04
C ALA N 142 -13.52 -14.34 -60.36
N GLN N 143 -14.56 -14.73 -59.66
CA GLN N 143 -15.49 -13.79 -59.05
C GLN N 143 -15.14 -13.60 -57.61
N VAL N 144 -15.23 -12.39 -57.15
CA VAL N 144 -15.07 -12.16 -55.73
C VAL N 144 -16.42 -11.68 -55.23
N TYR N 145 -16.82 -12.14 -54.04
CA TYR N 145 -18.15 -11.81 -53.53
C TYR N 145 -18.12 -11.11 -52.19
N ILE N 146 -17.70 -9.86 -52.14
CA ILE N 146 -17.70 -9.21 -50.85
C ILE N 146 -19.11 -9.21 -50.34
N GLY N 147 -19.28 -9.46 -49.06
CA GLY N 147 -20.60 -9.34 -48.43
C GLY N 147 -21.43 -10.59 -48.55
N SER N 148 -21.05 -11.47 -49.45
CA SER N 148 -21.83 -12.70 -49.59
C SER N 148 -21.36 -13.71 -48.58
N GLU N 149 -22.06 -14.83 -48.52
CA GLU N 149 -21.75 -15.85 -47.54
C GLU N 149 -20.35 -16.45 -47.70
N TYR N 150 -19.91 -16.63 -48.94
CA TYR N 150 -18.63 -17.28 -49.22
C TYR N 150 -17.60 -16.29 -49.68
N GLU N 151 -17.60 -15.13 -49.07
CA GLU N 151 -16.74 -14.06 -49.51
C GLU N 151 -15.26 -14.39 -49.28
N HIS N 152 -15.00 -15.14 -48.21
CA HIS N 152 -13.65 -15.57 -47.87
C HIS N 152 -13.04 -16.48 -48.94
N GLN N 153 -13.75 -17.56 -49.28
CA GLN N 153 -13.32 -18.46 -50.33
C GLN N 153 -13.11 -17.68 -51.63
N SER N 154 -14.02 -16.77 -51.95
CA SER N 154 -13.91 -16.03 -53.21
C SER N 154 -12.57 -15.30 -53.30
N ILE N 155 -12.13 -14.68 -52.20
CA ILE N 155 -10.88 -13.95 -52.25
C ILE N 155 -9.71 -14.93 -52.34
N LYS N 156 -9.79 -15.98 -51.54
CA LYS N 156 -8.82 -17.03 -51.61
C LYS N 156 -8.65 -17.50 -53.03
N ASN N 157 -9.74 -17.57 -53.78
CA ASN N 157 -9.67 -18.00 -55.18
C ASN N 157 -8.84 -17.01 -55.97
N ILE N 158 -9.03 -15.71 -55.72
CA ILE N 158 -8.27 -14.73 -56.47
C ILE N 158 -6.80 -14.88 -56.14
N ILE N 159 -6.55 -14.96 -54.84
CA ILE N 159 -5.20 -15.10 -54.31
C ILE N 159 -4.48 -16.26 -55.00
N GLN N 160 -5.12 -17.42 -54.95
CA GLN N 160 -4.51 -18.58 -55.54
C GLN N 160 -4.21 -18.44 -57.04
N LEU N 161 -5.07 -17.74 -57.76
CA LEU N 161 -4.87 -17.57 -59.19
C LEU N 161 -3.75 -16.64 -59.45
N VAL N 162 -3.60 -15.64 -58.60
CA VAL N 162 -2.48 -14.70 -58.71
C VAL N 162 -1.15 -15.39 -58.39
N ASP N 163 -1.13 -16.17 -57.32
CA ASP N 163 0.07 -16.91 -56.98
C ASP N 163 0.55 -17.74 -58.17
N ALA N 164 -0.39 -18.41 -58.85
CA ALA N 164 -0.05 -19.27 -59.96
C ALA N 164 0.30 -18.42 -61.17
N GLY N 165 -0.44 -17.34 -61.38
CA GLY N 165 -0.27 -16.55 -62.59
C GLY N 165 1.08 -15.87 -62.59
N MET N 166 1.54 -15.48 -61.40
CA MET N 166 2.81 -14.80 -61.29
C MET N 166 3.95 -15.70 -61.66
N LYS N 167 3.81 -17.02 -61.41
CA LYS N 167 4.86 -17.97 -61.80
C LYS N 167 4.97 -17.95 -63.32
N VAL N 168 3.90 -17.58 -63.98
CA VAL N 168 3.80 -17.98 -65.34
C VAL N 168 3.48 -16.86 -66.29
N GLY N 169 3.23 -15.67 -65.77
CA GLY N 169 3.03 -14.49 -66.60
C GLY N 169 1.58 -14.25 -66.96
N MET N 170 0.68 -14.83 -66.18
CA MET N 170 -0.73 -14.80 -66.49
C MET N 170 -1.41 -13.82 -65.61
N PRO N 171 -1.99 -12.76 -66.19
CA PRO N 171 -2.72 -11.74 -65.41
C PRO N 171 -4.00 -12.33 -64.87
N THR N 172 -4.47 -11.81 -63.74
CA THR N 172 -5.72 -12.29 -63.19
C THR N 172 -6.75 -11.19 -63.16
N MET N 173 -7.97 -11.55 -63.56
CA MET N 173 -9.11 -10.63 -63.54
C MET N 173 -10.05 -11.04 -62.42
N ALA N 174 -10.34 -10.11 -61.51
CA ALA N 174 -11.29 -10.32 -60.46
C ALA N 174 -12.57 -9.62 -60.86
N VAL N 175 -13.68 -10.35 -60.87
CA VAL N 175 -14.97 -9.78 -61.16
C VAL N 175 -15.78 -9.70 -59.88
N THR N 176 -16.36 -8.54 -59.61
CA THR N 176 -17.13 -8.35 -58.38
C THR N 176 -18.60 -8.77 -58.53
N GLY N 177 -18.99 -9.85 -57.88
CA GLY N 177 -20.38 -10.33 -57.96
C GLY N 177 -21.18 -9.89 -56.74
N VAL N 178 -22.49 -9.74 -56.87
CA VAL N 178 -23.24 -9.05 -55.81
C VAL N 178 -24.47 -9.77 -55.23
N ARG N 184 -25.52 -1.91 -53.50
CA ARG N 184 -25.11 -1.89 -54.90
C ARG N 184 -24.68 -0.48 -55.35
N ASP N 185 -24.06 0.26 -54.42
CA ASP N 185 -23.64 1.64 -54.64
C ASP N 185 -22.12 1.81 -54.71
N GLN N 186 -21.66 3.04 -54.94
CA GLN N 186 -20.24 3.27 -55.12
C GLN N 186 -19.44 2.76 -53.95
N ARG N 187 -19.80 3.17 -52.75
CA ARG N 187 -18.96 2.86 -51.61
C ARG N 187 -18.69 1.38 -51.63
N TYR N 188 -19.71 0.62 -52.01
CA TYR N 188 -19.57 -0.81 -52.03
C TYR N 188 -18.60 -1.32 -53.11
N PHE N 189 -18.80 -0.92 -54.35
CA PHE N 189 -17.92 -1.40 -55.37
C PHE N 189 -16.53 -0.90 -55.12
N SER N 190 -16.37 0.24 -54.45
CA SER N 190 -15.04 0.69 -54.07
C SER N 190 -14.33 -0.33 -53.18
N LEU N 191 -15.01 -0.76 -52.12
CA LEU N 191 -14.48 -1.78 -51.26
C LEU N 191 -14.13 -3.03 -52.08
N ALA N 192 -15.09 -3.52 -52.83
CA ALA N 192 -14.87 -4.78 -53.53
C ALA N 192 -13.75 -4.70 -54.54
N THR N 193 -13.73 -3.65 -55.34
CA THR N 193 -12.74 -3.55 -56.40
C THR N 193 -11.37 -3.42 -55.80
N ARG N 194 -11.29 -2.61 -54.75
CA ARG N 194 -10.02 -2.25 -54.14
C ARG N 194 -9.36 -3.43 -53.41
N ILE N 195 -10.15 -4.17 -52.66
CA ILE N 195 -9.63 -5.37 -52.05
C ILE N 195 -9.10 -6.33 -53.11
N ALA N 196 -9.87 -6.58 -54.16
CA ALA N 196 -9.44 -7.51 -55.21
C ALA N 196 -8.12 -7.01 -55.80
N ALA N 197 -8.04 -5.73 -56.09
CA ALA N 197 -6.88 -5.19 -56.80
C ALA N 197 -5.65 -5.31 -55.91
N GLU N 198 -5.90 -4.96 -54.66
CA GLU N 198 -4.93 -4.97 -53.62
C GLU N 198 -4.40 -6.40 -53.40
N MET N 199 -5.29 -7.40 -53.42
CA MET N 199 -4.87 -8.79 -53.30
C MET N 199 -3.89 -9.14 -54.40
N GLY N 200 -4.07 -8.52 -55.58
CA GLY N 200 -3.11 -8.73 -56.66
C GLY N 200 -3.66 -8.86 -58.07
N ALA N 201 -4.99 -8.82 -58.22
CA ALA N 201 -5.60 -8.90 -59.54
C ALA N 201 -5.14 -7.73 -60.41
N GLN N 202 -4.74 -8.05 -61.63
CA GLN N 202 -4.32 -7.00 -62.55
C GLN N 202 -5.49 -6.31 -63.26
N ILE N 203 -6.59 -7.03 -63.47
CA ILE N 203 -7.74 -6.42 -64.08
C ILE N 203 -8.93 -6.57 -63.15
N ILE N 204 -9.68 -5.49 -62.97
CA ILE N 204 -10.91 -5.59 -62.22
C ILE N 204 -12.09 -5.48 -63.19
N LYS N 205 -13.06 -6.35 -63.03
CA LYS N 205 -14.32 -6.21 -63.79
C LYS N 205 -15.49 -5.93 -62.84
N THR N 206 -16.24 -4.88 -63.13
CA THR N 206 -17.28 -4.48 -62.21
C THR N 206 -18.43 -3.80 -62.94
N TYR N 207 -19.38 -3.31 -62.14
CA TYR N 207 -20.56 -2.68 -62.68
C TYR N 207 -20.47 -1.17 -62.68
N TYR N 208 -21.18 -0.54 -63.61
CA TYR N 208 -21.23 0.91 -63.65
C TYR N 208 -22.18 1.44 -62.58
N VAL N 209 -21.88 2.62 -62.07
CA VAL N 209 -22.69 3.22 -61.05
C VAL N 209 -23.02 4.67 -61.42
N GLU N 210 -24.30 5.03 -61.30
CA GLU N 210 -24.75 6.35 -61.78
C GLU N 210 -24.20 7.48 -60.96
N LYS N 211 -23.95 7.21 -59.69
CA LYS N 211 -23.31 8.19 -58.86
C LYS N 211 -21.98 7.66 -58.31
N GLY N 212 -20.88 8.33 -58.65
CA GLY N 212 -19.62 8.08 -57.98
C GLY N 212 -18.68 7.08 -58.63
N PHE N 213 -19.01 6.69 -59.85
CA PHE N 213 -18.14 5.79 -60.57
C PHE N 213 -16.69 6.30 -60.59
N GLU N 214 -16.52 7.60 -60.68
CA GLU N 214 -15.21 8.17 -60.77
C GLU N 214 -14.35 7.75 -59.59
N ARG N 215 -14.95 7.73 -58.40
CA ARG N 215 -14.25 7.34 -57.17
C ARG N 215 -13.83 5.89 -57.27
N ILE N 216 -14.67 5.10 -57.90
CA ILE N 216 -14.35 3.70 -58.04
C ILE N 216 -13.11 3.55 -58.91
N VAL N 217 -13.12 4.16 -60.09
CA VAL N 217 -11.96 4.14 -60.96
C VAL N 217 -10.75 4.72 -60.28
N ALA N 218 -10.93 5.87 -59.64
CA ALA N 218 -9.81 6.62 -59.09
C ALA N 218 -9.16 5.82 -58.02
N GLY N 219 -9.97 5.10 -57.26
CA GLY N 219 -9.46 4.25 -56.20
C GLY N 219 -8.87 2.90 -56.60
N CYS N 220 -9.12 2.48 -57.84
CA CYS N 220 -8.56 1.24 -58.35
C CYS N 220 -7.21 1.52 -59.03
N PRO N 221 -6.15 0.81 -58.64
CA PRO N 221 -4.86 1.08 -59.24
C PRO N 221 -4.60 0.35 -60.54
N VAL N 222 -5.56 -0.43 -61.01
CA VAL N 222 -5.34 -1.22 -62.20
C VAL N 222 -6.59 -1.06 -63.06
N PRO N 223 -6.51 -1.51 -64.31
CA PRO N 223 -7.59 -1.30 -65.26
C PRO N 223 -8.92 -1.85 -64.80
N ILE N 224 -9.98 -1.10 -65.10
CA ILE N 224 -11.34 -1.55 -64.80
C ILE N 224 -12.14 -1.76 -66.06
N VAL N 225 -12.89 -2.85 -66.08
CA VAL N 225 -13.74 -3.12 -67.18
C VAL N 225 -15.11 -3.26 -66.59
N ILE N 226 -16.15 -2.80 -67.29
CA ILE N 226 -17.46 -2.84 -66.68
C ILE N 226 -18.30 -3.87 -67.36
N ALA N 227 -19.11 -4.56 -66.56
CA ALA N 227 -20.06 -5.51 -67.09
C ALA N 227 -21.36 -4.79 -67.40
N GLY N 228 -22.08 -5.27 -68.42
CA GLY N 228 -23.31 -4.61 -68.86
C GLY N 228 -24.48 -4.81 -67.92
N GLY N 229 -24.64 -6.02 -67.39
CA GLY N 229 -25.79 -6.26 -66.54
C GLY N 229 -26.99 -6.59 -67.41
N LYS N 230 -28.18 -6.48 -66.85
CA LYS N 230 -29.41 -6.84 -67.59
C LYS N 230 -29.55 -6.04 -68.88
N LYS N 231 -30.22 -6.65 -69.87
CA LYS N 231 -30.41 -6.04 -71.18
C LYS N 231 -31.15 -4.73 -71.04
N LEU N 232 -30.70 -3.74 -71.79
CA LEU N 232 -31.37 -2.47 -71.81
C LEU N 232 -31.58 -2.18 -73.27
N PRO N 233 -32.43 -1.18 -73.56
CA PRO N 233 -32.53 -0.64 -74.91
C PRO N 233 -31.16 -0.08 -75.31
N GLU N 234 -30.76 -0.33 -76.56
CA GLU N 234 -29.43 0.03 -77.01
C GLU N 234 -29.03 1.45 -76.69
N ARG N 235 -29.89 2.38 -77.06
CA ARG N 235 -29.61 3.77 -76.77
C ARG N 235 -29.11 3.90 -75.33
N GLU N 236 -29.78 3.26 -74.39
CA GLU N 236 -29.42 3.39 -72.98
C GLU N 236 -28.10 2.72 -72.64
N ALA N 237 -27.84 1.56 -73.26
CA ALA N 237 -26.61 0.82 -73.02
C ALA N 237 -25.41 1.63 -73.53
N LEU N 238 -25.57 2.17 -74.73
CA LEU N 238 -24.51 3.02 -75.27
C LEU N 238 -24.20 4.19 -74.33
N GLU N 239 -25.22 4.86 -73.85
CA GLU N 239 -25.02 5.96 -72.94
C GLU N 239 -24.21 5.49 -71.73
N MET N 240 -24.57 4.32 -71.20
CA MET N 240 -23.83 3.72 -70.11
C MET N 240 -22.39 3.51 -70.52
N CYS N 241 -22.17 2.91 -71.69
CA CYS N 241 -20.82 2.78 -72.20
C CYS N 241 -20.17 4.11 -72.21
N TRP N 242 -20.80 5.04 -72.87
CA TRP N 242 -20.18 6.32 -73.06
C TRP N 242 -19.76 6.90 -71.73
N GLN N 243 -20.67 6.80 -70.76
CA GLN N 243 -20.43 7.33 -69.43
C GLN N 243 -19.28 6.63 -68.73
N ALA N 244 -19.27 5.30 -68.79
CA ALA N 244 -18.21 4.50 -68.17
C ALA N 244 -16.84 4.92 -68.69
N ILE N 245 -16.70 4.92 -70.02
CA ILE N 245 -15.47 5.38 -70.63
C ILE N 245 -15.14 6.80 -70.23
N ASP N 246 -16.11 7.69 -70.40
CA ASP N 246 -15.88 9.07 -70.09
C ASP N 246 -15.40 9.19 -68.67
N GLN N 247 -15.82 8.28 -67.82
CA GLN N 247 -15.42 8.34 -66.41
C GLN N 247 -14.20 7.47 -66.03
N GLY N 248 -13.48 6.97 -67.03
CA GLY N 248 -12.19 6.38 -66.79
C GLY N 248 -12.12 4.87 -66.83
N ALA N 249 -13.19 4.21 -67.25
CA ALA N 249 -13.13 2.74 -67.42
C ALA N 249 -12.20 2.39 -68.57
N SER N 250 -11.57 1.23 -68.52
CA SER N 250 -10.60 0.88 -69.54
C SER N 250 -11.18 -0.05 -70.56
N GLY N 251 -12.36 -0.56 -70.28
CA GLY N 251 -13.03 -1.42 -71.24
C GLY N 251 -14.46 -1.61 -70.81
N VAL N 252 -15.27 -2.17 -71.69
CA VAL N 252 -16.64 -2.49 -71.33
C VAL N 252 -16.90 -3.86 -71.84
N ASP N 253 -17.67 -4.58 -71.05
CA ASP N 253 -18.19 -5.82 -71.53
C ASP N 253 -19.69 -5.68 -71.51
N MET N 254 -20.30 -5.60 -72.68
CA MET N 254 -21.75 -5.68 -72.78
C MET N 254 -22.08 -7.11 -73.07
N GLY N 255 -22.62 -7.83 -72.10
CA GLY N 255 -22.89 -9.23 -72.37
C GLY N 255 -24.24 -9.21 -73.04
N ARG N 256 -25.25 -9.28 -72.19
CA ARG N 256 -26.61 -9.48 -72.65
C ARG N 256 -26.91 -8.42 -73.65
N ASN N 257 -26.38 -7.24 -73.37
CA ASN N 257 -26.70 -6.08 -74.19
C ASN N 257 -26.22 -6.22 -75.61
N ILE N 258 -25.46 -7.27 -75.85
CA ILE N 258 -24.99 -7.54 -77.19
C ILE N 258 -25.64 -8.78 -77.77
N PHE N 259 -25.32 -9.94 -77.22
CA PHE N 259 -25.75 -11.21 -77.80
C PHE N 259 -27.26 -11.29 -77.85
N GLN N 260 -27.91 -10.53 -76.96
CA GLN N 260 -29.38 -10.49 -76.93
C GLN N 260 -30.00 -9.46 -77.87
N SER N 261 -29.26 -8.44 -78.27
CA SER N 261 -29.79 -7.46 -79.20
C SER N 261 -30.17 -8.10 -80.50
N ASP N 262 -31.21 -7.59 -81.15
CA ASP N 262 -31.65 -8.14 -82.42
C ASP N 262 -30.64 -7.84 -83.50
N HIS N 263 -29.78 -6.88 -83.25
CA HIS N 263 -28.76 -6.51 -84.23
C HIS N 263 -27.39 -6.43 -83.58
N PRO N 264 -26.84 -7.59 -83.20
CA PRO N 264 -25.62 -7.69 -82.43
C PRO N 264 -24.45 -6.98 -83.05
N VAL N 265 -24.10 -7.34 -84.28
CA VAL N 265 -22.91 -6.78 -84.89
C VAL N 265 -22.96 -5.27 -84.93
N ALA N 266 -24.13 -4.74 -85.25
CA ALA N 266 -24.29 -3.31 -85.29
C ALA N 266 -23.96 -2.74 -83.94
N MET N 267 -24.45 -3.39 -82.89
CA MET N 267 -24.22 -2.91 -81.53
C MET N 267 -22.73 -2.83 -81.25
N MET N 268 -22.01 -3.89 -81.58
CA MET N 268 -20.59 -3.93 -81.30
C MET N 268 -19.87 -2.75 -81.94
N LYS N 269 -20.13 -2.50 -83.21
CA LYS N 269 -19.50 -1.37 -83.86
C LYS N 269 -19.89 -0.07 -83.15
N ALA N 270 -21.08 -0.05 -82.60
CA ALA N 270 -21.50 1.09 -81.79
C ALA N 270 -20.54 1.19 -80.61
N VAL N 271 -20.37 0.08 -79.91
CA VAL N 271 -19.53 0.04 -78.73
C VAL N 271 -18.08 0.32 -79.09
N GLN N 272 -17.60 -0.22 -80.21
CA GLN N 272 -16.24 0.05 -80.65
C GLN N 272 -16.05 1.53 -80.74
N ALA N 273 -17.01 2.19 -81.37
CA ALA N 273 -16.92 3.63 -81.57
C ALA N 273 -16.81 4.36 -80.26
N VAL N 274 -17.73 4.12 -79.33
CA VAL N 274 -17.69 4.82 -78.08
C VAL N 274 -16.36 4.60 -77.42
N VAL N 275 -15.96 3.34 -77.35
CA VAL N 275 -14.80 2.97 -76.56
C VAL N 275 -13.50 3.47 -77.15
N HIS N 276 -13.15 2.96 -78.32
CA HIS N 276 -11.88 3.30 -78.92
C HIS N 276 -11.83 4.65 -79.61
N HIS N 277 -12.91 5.02 -80.28
CA HIS N 277 -12.86 6.17 -81.14
C HIS N 277 -13.46 7.39 -80.52
N ASN N 278 -14.11 7.26 -79.38
CA ASN N 278 -14.61 8.46 -78.73
C ASN N 278 -15.95 8.99 -79.21
N GLU N 279 -16.61 8.31 -80.13
CA GLU N 279 -17.86 8.84 -80.60
C GLU N 279 -18.73 9.13 -79.40
N THR N 280 -19.58 10.15 -79.55
CA THR N 280 -20.54 10.50 -78.53
C THR N 280 -21.69 9.51 -78.60
N ALA N 281 -22.43 9.36 -77.51
CA ALA N 281 -23.46 8.33 -77.47
C ALA N 281 -24.34 8.38 -78.70
N ASP N 282 -24.80 9.58 -79.04
CA ASP N 282 -25.74 9.76 -80.13
C ASP N 282 -25.21 9.29 -81.46
N ARG N 283 -24.06 9.81 -81.86
CA ARG N 283 -23.48 9.33 -83.10
C ARG N 283 -23.39 7.84 -83.07
N ALA N 284 -22.84 7.34 -81.97
CA ALA N 284 -22.70 5.92 -81.80
C ALA N 284 -24.01 5.23 -82.13
N TYR N 285 -25.08 5.59 -81.41
CA TYR N 285 -26.37 4.96 -81.65
C TYR N 285 -26.73 5.02 -83.12
N GLU N 286 -26.47 6.15 -83.74
CA GLU N 286 -26.84 6.33 -85.11
C GLU N 286 -26.18 5.36 -86.06
N LEU N 287 -24.88 5.18 -85.96
CA LEU N 287 -24.29 4.14 -86.78
C LEU N 287 -24.82 2.78 -86.29
N TYR N 288 -25.32 2.73 -85.06
CA TYR N 288 -25.99 1.51 -84.60
C TYR N 288 -27.07 1.18 -85.59
N LEU N 289 -27.96 2.15 -85.79
CA LEU N 289 -29.08 2.07 -86.73
C LEU N 289 -28.61 1.96 -88.17
N SER N 290 -27.59 2.76 -88.47
CA SER N 290 -26.90 2.69 -89.73
C SER N 290 -26.57 1.25 -90.08
N GLU N 291 -25.93 0.54 -89.16
CA GLU N 291 -25.42 -0.81 -89.45
C GLU N 291 -26.46 -1.94 -89.50
N LYS N 292 -27.71 -1.68 -89.09
CA LYS N 292 -28.75 -2.69 -89.19
C LYS N 292 -29.01 -3.03 -90.66
N GLY O 12 26.80 -76.56 -78.76
CA GLY O 12 26.43 -77.41 -77.58
C GLY O 12 25.42 -76.78 -76.64
N LYS O 13 24.55 -75.94 -77.21
CA LYS O 13 23.48 -75.25 -76.47
C LYS O 13 22.09 -75.84 -76.78
N ASP O 14 21.23 -75.98 -75.79
CA ASP O 14 19.87 -76.50 -76.03
C ASP O 14 18.74 -75.51 -75.72
N PHE O 15 18.03 -75.05 -76.75
CA PHE O 15 16.95 -74.12 -76.56
C PHE O 15 15.64 -74.83 -76.44
N ARG O 16 15.68 -76.15 -76.50
CA ARG O 16 14.47 -76.90 -76.35
C ARG O 16 13.35 -76.32 -77.24
N THR O 17 13.60 -76.20 -78.53
CA THR O 17 12.63 -75.65 -79.47
C THR O 17 11.36 -76.46 -79.60
N ASP O 18 11.46 -77.74 -79.28
CA ASP O 18 10.33 -78.66 -79.42
C ASP O 18 9.32 -78.41 -78.31
N GLN O 19 9.75 -77.68 -77.29
CA GLN O 19 8.94 -77.39 -76.12
C GLN O 19 8.77 -75.88 -75.92
N PRO O 20 7.54 -75.40 -76.11
CA PRO O 20 7.29 -73.97 -76.16
C PRO O 20 6.97 -73.39 -74.79
N GLN O 21 7.57 -72.25 -74.46
CA GLN O 21 7.33 -71.59 -73.20
C GLN O 21 5.86 -71.33 -72.98
N LYS O 22 5.40 -71.61 -71.77
CA LYS O 22 3.99 -71.50 -71.43
C LYS O 22 3.84 -70.73 -70.12
N ASN O 23 2.78 -69.94 -70.00
CA ASN O 23 2.60 -69.08 -68.85
C ASN O 23 1.96 -69.77 -67.67
N ILE O 24 2.59 -69.70 -66.50
CA ILE O 24 1.93 -70.23 -65.30
C ILE O 24 0.83 -69.32 -64.77
N PRO O 25 -0.39 -69.84 -64.71
CA PRO O 25 -1.50 -69.05 -64.19
C PRO O 25 -1.31 -68.64 -62.74
N PHE O 26 -1.92 -67.50 -62.40
CA PHE O 26 -1.94 -67.02 -61.03
C PHE O 26 -3.37 -67.13 -60.55
N THR O 27 -3.62 -68.02 -59.60
CA THR O 27 -5.00 -68.41 -59.35
C THR O 27 -5.64 -67.66 -58.23
N LEU O 28 -4.85 -66.92 -57.45
CA LEU O 28 -5.43 -66.18 -56.33
C LEU O 28 -6.63 -65.36 -56.81
N LYS O 29 -7.70 -65.42 -56.04
CA LYS O 29 -8.96 -64.84 -56.46
C LYS O 29 -8.91 -63.35 -56.74
N GLY O 30 -9.17 -62.99 -58.00
CA GLY O 30 -9.33 -61.59 -58.42
C GLY O 30 -8.02 -60.87 -58.51
N CYS O 31 -6.93 -61.62 -58.45
CA CYS O 31 -5.59 -61.04 -58.48
C CYS O 31 -4.83 -61.49 -59.73
N GLY O 32 -5.57 -61.80 -60.77
CA GLY O 32 -4.94 -62.33 -61.98
C GLY O 32 -4.40 -61.27 -62.91
N ALA O 33 -4.68 -59.99 -62.62
CA ALA O 33 -4.26 -58.92 -63.51
C ALA O 33 -3.37 -57.93 -62.78
N LEU O 34 -2.48 -58.41 -61.93
CA LEU O 34 -1.61 -57.49 -61.19
C LEU O 34 -0.18 -57.70 -61.61
N ASP O 35 0.59 -56.63 -61.48
CA ASP O 35 1.98 -56.66 -61.79
C ASP O 35 2.72 -57.63 -60.88
N TRP O 36 3.88 -58.10 -61.35
CA TRP O 36 4.63 -59.14 -60.66
C TRP O 36 4.80 -58.84 -59.16
N GLY O 37 5.25 -57.61 -58.84
CA GLY O 37 5.56 -57.21 -57.47
C GLY O 37 4.33 -57.32 -56.60
N MET O 38 3.22 -56.86 -57.12
CA MET O 38 2.03 -56.90 -56.29
C MET O 38 1.61 -58.35 -56.09
N GLN O 39 1.69 -59.14 -57.16
CA GLN O 39 1.32 -60.53 -57.05
C GLN O 39 2.25 -61.19 -56.09
N SER O 40 3.50 -60.75 -56.09
CA SER O 40 4.50 -61.29 -55.19
C SER O 40 4.16 -61.04 -53.72
N ARG O 41 3.82 -59.80 -53.41
CA ARG O 41 3.46 -59.47 -52.05
C ARG O 41 2.26 -60.30 -51.57
N LEU O 42 1.23 -60.37 -52.42
CA LEU O 42 0.05 -61.16 -52.10
C LEU O 42 0.40 -62.64 -51.90
N SER O 43 1.34 -63.13 -52.69
CA SER O 43 1.75 -64.51 -52.56
C SER O 43 2.44 -64.78 -51.25
N ARG O 44 3.06 -63.74 -50.68
CA ARG O 44 3.64 -63.83 -49.34
C ARG O 44 2.58 -64.01 -48.27
N ILE O 45 1.46 -63.35 -48.45
CA ILE O 45 0.35 -63.40 -47.51
C ILE O 45 -0.51 -64.66 -47.67
N PHE O 46 -0.95 -64.91 -48.88
CA PHE O 46 -1.76 -66.10 -49.16
C PHE O 46 -0.91 -67.21 -49.74
N ASN O 47 -0.91 -68.35 -49.07
CA ASN O 47 -0.16 -69.46 -49.58
C ASN O 47 -0.59 -69.84 -51.00
N PRO O 48 0.35 -69.88 -51.93
CA PRO O 48 0.09 -70.22 -53.32
C PRO O 48 -0.52 -71.61 -53.46
N LYS O 49 0.02 -72.58 -52.71
CA LYS O 49 -0.53 -73.92 -52.72
C LYS O 49 -2.01 -73.97 -52.31
N THR O 50 -2.33 -73.42 -51.14
CA THR O 50 -3.69 -73.52 -50.61
C THR O 50 -4.55 -72.28 -50.89
N GLY O 51 -3.91 -71.19 -51.28
CA GLY O 51 -4.63 -69.96 -51.55
C GLY O 51 -5.24 -69.33 -50.31
N LYS O 52 -4.62 -69.58 -49.14
CA LYS O 52 -5.15 -69.12 -47.87
C LYS O 52 -4.09 -68.66 -46.90
N THR O 53 -4.53 -67.98 -45.85
CA THR O 53 -3.60 -67.42 -44.89
C THR O 53 -4.14 -67.50 -43.49
N VAL O 54 -3.21 -67.65 -42.54
CA VAL O 54 -3.51 -67.55 -41.14
C VAL O 54 -2.87 -66.27 -40.63
N MET O 55 -3.70 -65.32 -40.22
CA MET O 55 -3.19 -64.02 -39.89
C MET O 55 -3.24 -63.79 -38.40
N LEU O 56 -2.14 -63.37 -37.80
CA LEU O 56 -2.15 -62.96 -36.39
C LEU O 56 -2.13 -61.44 -36.27
N ALA O 57 -3.30 -60.85 -36.00
CA ALA O 57 -3.42 -59.39 -35.97
C ALA O 57 -3.42 -58.86 -34.56
N PHE O 58 -2.53 -57.93 -34.25
CA PHE O 58 -2.52 -57.34 -32.91
C PHE O 58 -2.43 -55.82 -32.97
N ASP O 59 -3.30 -55.21 -33.77
CA ASP O 59 -3.19 -53.77 -34.01
C ASP O 59 -4.12 -52.91 -33.15
N HIS O 60 -4.90 -53.57 -32.29
CA HIS O 60 -5.99 -52.90 -31.59
C HIS O 60 -5.52 -51.76 -30.70
N GLY O 61 -4.25 -51.83 -30.30
CA GLY O 61 -3.69 -50.75 -29.49
C GLY O 61 -3.96 -49.42 -30.17
N TYR O 62 -4.19 -49.47 -31.49
CA TYR O 62 -4.20 -48.26 -32.30
C TYR O 62 -5.27 -47.26 -31.87
N PHE O 63 -6.44 -47.74 -31.44
CA PHE O 63 -7.44 -46.82 -30.91
C PHE O 63 -7.85 -47.22 -29.51
N GLN O 64 -7.26 -48.32 -29.04
CA GLN O 64 -7.70 -48.94 -27.80
C GLN O 64 -6.70 -48.92 -26.64
N GLY O 65 -5.47 -48.55 -26.91
CA GLY O 65 -4.46 -48.61 -25.86
C GLY O 65 -4.18 -50.06 -25.53
N PRO O 66 -3.67 -50.33 -24.32
CA PRO O 66 -3.23 -51.67 -23.96
C PRO O 66 -4.42 -52.55 -23.67
N THR O 67 -5.10 -52.97 -24.72
CA THR O 67 -6.17 -53.94 -24.57
C THR O 67 -5.67 -55.22 -23.91
N THR O 68 -6.59 -55.95 -23.29
CA THR O 68 -6.25 -57.18 -22.59
C THR O 68 -5.59 -58.19 -23.50
N GLY O 69 -4.43 -58.68 -23.07
CA GLY O 69 -3.71 -59.67 -23.84
C GLY O 69 -2.74 -59.01 -24.82
N LEU O 70 -2.89 -57.71 -25.02
CA LEU O 70 -1.93 -56.95 -25.83
C LEU O 70 -1.15 -56.05 -24.91
N GLU O 71 -1.25 -56.32 -23.61
CA GLU O 71 -0.54 -55.49 -22.66
C GLU O 71 0.93 -55.46 -23.04
N ARG O 72 1.52 -56.63 -23.25
CA ARG O 72 2.93 -56.69 -23.58
C ARG O 72 3.10 -57.54 -24.82
N ILE O 73 3.06 -56.91 -25.98
CA ILE O 73 3.28 -57.64 -27.23
C ILE O 73 4.60 -58.37 -27.17
N ASP O 74 5.60 -57.72 -26.61
CA ASP O 74 6.96 -58.23 -26.67
C ASP O 74 7.12 -59.58 -25.98
N ILE O 75 6.28 -59.82 -25.00
CA ILE O 75 6.36 -61.05 -24.22
C ILE O 75 5.27 -62.05 -24.58
N ASN O 76 4.04 -61.59 -24.53
CA ASN O 76 2.87 -62.37 -24.88
C ASN O 76 2.80 -62.87 -26.33
N ILE O 77 2.97 -61.95 -27.27
CA ILE O 77 2.72 -62.21 -28.67
C ILE O 77 3.99 -62.65 -29.41
N ALA O 78 5.14 -62.21 -28.93
CA ALA O 78 6.41 -62.52 -29.60
C ALA O 78 6.57 -64.02 -29.94
N PRO O 79 6.25 -64.87 -28.96
CA PRO O 79 6.31 -66.32 -29.16
C PRO O 79 5.38 -66.77 -30.28
N LEU O 80 4.36 -65.97 -30.55
CA LEU O 80 3.28 -66.38 -31.45
C LEU O 80 3.61 -66.22 -32.93
N PHE O 81 4.59 -65.40 -33.24
CA PHE O 81 4.84 -65.03 -34.61
C PHE O 81 5.10 -66.22 -35.52
N GLU O 82 5.98 -67.11 -35.10
CA GLU O 82 6.40 -68.16 -36.00
C GLU O 82 5.25 -69.03 -36.48
N HIS O 83 4.11 -69.02 -35.79
CA HIS O 83 3.05 -69.91 -36.21
C HIS O 83 1.99 -69.20 -37.03
N ALA O 84 2.31 -67.99 -37.47
CA ALA O 84 1.39 -67.23 -38.26
C ALA O 84 1.91 -67.11 -39.70
N ASP O 85 0.98 -67.03 -40.65
CA ASP O 85 1.35 -66.82 -42.03
C ASP O 85 1.73 -65.38 -42.19
N VAL O 86 0.93 -64.49 -41.61
CA VAL O 86 1.14 -63.07 -41.78
C VAL O 86 0.78 -62.34 -40.48
N LEU O 87 1.52 -61.27 -40.19
CA LEU O 87 1.30 -60.50 -38.97
C LEU O 87 0.58 -59.23 -39.34
N MET O 88 -0.22 -58.72 -38.42
CA MET O 88 -0.80 -57.42 -38.65
C MET O 88 -0.70 -56.53 -37.42
N CYS O 89 0.03 -55.43 -37.54
CA CYS O 89 0.23 -54.54 -36.41
C CYS O 89 0.50 -53.13 -36.91
N THR O 90 0.67 -52.20 -35.96
CA THR O 90 0.97 -50.84 -36.31
C THR O 90 2.44 -50.73 -36.60
N ARG O 91 2.80 -49.65 -37.27
CA ARG O 91 4.19 -49.41 -37.60
C ARG O 91 4.91 -49.07 -36.32
N GLY O 92 4.20 -48.48 -35.37
CA GLY O 92 4.78 -48.11 -34.08
C GLY O 92 5.27 -49.38 -33.38
N ILE O 93 4.35 -50.33 -33.27
CA ILE O 93 4.64 -51.57 -32.58
C ILE O 93 5.70 -52.39 -33.32
N LEU O 94 5.51 -52.51 -34.63
CA LEU O 94 6.42 -53.28 -35.44
C LEU O 94 7.86 -52.83 -35.20
N ARG O 95 8.12 -51.53 -35.30
CA ARG O 95 9.51 -51.12 -35.16
C ARG O 95 10.02 -51.43 -33.75
N SER O 96 9.18 -51.20 -32.74
CA SER O 96 9.67 -51.22 -31.37
C SER O 96 9.84 -52.63 -30.85
N VAL O 97 8.89 -53.53 -31.13
CA VAL O 97 8.87 -54.83 -30.42
C VAL O 97 8.65 -56.06 -31.29
N VAL O 98 8.59 -55.86 -32.60
CA VAL O 98 8.63 -57.00 -33.49
C VAL O 98 10.02 -57.09 -34.07
N PRO O 99 10.68 -58.20 -33.81
CA PRO O 99 12.03 -58.39 -34.32
C PRO O 99 12.00 -58.53 -35.84
N PRO O 100 12.83 -57.77 -36.54
CA PRO O 100 12.92 -57.92 -37.98
C PRO O 100 13.18 -59.37 -38.37
N ALA O 101 13.96 -60.08 -37.54
CA ALA O 101 14.37 -61.43 -37.88
C ALA O 101 13.18 -62.36 -37.76
N THR O 102 12.06 -61.83 -37.30
CA THR O 102 10.85 -62.63 -37.15
C THR O 102 10.50 -63.24 -38.50
N ASN O 103 11.03 -62.62 -39.56
CA ASN O 103 10.93 -63.13 -40.92
C ASN O 103 9.55 -63.58 -41.33
N ARG O 104 8.54 -62.81 -40.96
CA ARG O 104 7.16 -63.10 -41.35
C ARG O 104 6.58 -61.89 -42.06
N PRO O 105 5.76 -62.12 -43.08
CA PRO O 105 5.17 -61.02 -43.84
C PRO O 105 4.26 -60.17 -42.96
N VAL O 106 4.23 -58.86 -43.17
CA VAL O 106 3.33 -58.07 -42.34
C VAL O 106 2.37 -57.25 -43.16
N VAL O 107 1.18 -57.07 -42.60
CA VAL O 107 0.22 -56.17 -43.18
C VAL O 107 0.13 -55.01 -42.24
N LEU O 108 0.66 -53.85 -42.64
CA LEU O 108 0.62 -52.71 -41.75
C LEU O 108 -0.76 -52.09 -41.60
N ARG O 109 -1.18 -51.89 -40.38
CA ARG O 109 -2.39 -51.14 -40.13
C ARG O 109 -2.10 -49.67 -40.41
N ALA O 110 -2.85 -49.07 -41.35
CA ALA O 110 -2.57 -47.69 -41.82
C ALA O 110 -3.68 -46.66 -41.57
N SER O 111 -4.62 -46.99 -40.70
CA SER O 111 -5.63 -45.99 -40.33
C SER O 111 -5.49 -45.77 -38.84
N GLY O 112 -6.09 -44.71 -38.35
CA GLY O 112 -6.00 -44.44 -36.94
C GLY O 112 -6.57 -43.07 -36.65
N ALA O 113 -6.12 -42.48 -35.54
CA ALA O 113 -6.53 -41.16 -35.15
C ALA O 113 -7.90 -41.19 -34.49
N ASN O 114 -8.38 -42.40 -34.15
CA ASN O 114 -9.59 -42.51 -33.34
C ASN O 114 -9.24 -43.04 -31.94
N SER O 115 -10.14 -42.88 -30.98
CA SER O 115 -9.95 -43.41 -29.64
C SER O 115 -11.23 -44.14 -29.29
N ILE O 116 -11.20 -44.97 -28.27
CA ILE O 116 -12.41 -45.54 -27.73
C ILE O 116 -13.16 -44.48 -26.91
N LEU O 117 -12.55 -43.30 -26.76
CA LEU O 117 -13.17 -42.21 -26.00
C LEU O 117 -14.01 -41.30 -26.88
N ALA O 118 -14.02 -41.54 -28.18
CA ALA O 118 -14.72 -40.65 -29.06
C ALA O 118 -15.35 -41.50 -30.14
N GLU O 119 -15.88 -40.87 -31.18
CA GLU O 119 -16.52 -41.60 -32.27
C GLU O 119 -15.54 -42.58 -32.88
N LEU O 120 -15.96 -43.83 -32.98
CA LEU O 120 -15.08 -44.89 -33.42
C LEU O 120 -14.69 -44.73 -34.89
N SER O 121 -15.63 -44.26 -35.70
CA SER O 121 -15.41 -44.22 -37.15
C SER O 121 -14.53 -43.06 -37.61
N ASN O 122 -14.10 -42.21 -36.70
CA ASN O 122 -13.31 -41.06 -37.08
C ASN O 122 -11.83 -41.38 -37.30
N GLU O 123 -11.51 -41.94 -38.45
CA GLU O 123 -10.17 -42.43 -38.73
C GLU O 123 -9.53 -41.65 -39.87
N ALA O 124 -8.20 -41.56 -39.85
CA ALA O 124 -7.48 -40.94 -40.94
C ALA O 124 -6.37 -41.90 -41.36
N VAL O 125 -5.75 -41.63 -42.51
CA VAL O 125 -4.64 -42.44 -42.91
C VAL O 125 -3.51 -42.20 -41.92
N ALA O 126 -2.99 -43.30 -41.40
CA ALA O 126 -2.06 -43.23 -40.27
C ALA O 126 -0.56 -43.41 -40.65
N LEU O 127 -0.27 -43.57 -41.93
CA LEU O 127 1.12 -43.62 -42.35
C LEU O 127 1.22 -43.52 -43.90
N SER O 128 2.33 -42.98 -44.38
CA SER O 128 2.50 -42.77 -45.80
C SER O 128 2.90 -44.08 -46.45
N MET O 129 2.52 -44.29 -47.70
CA MET O 129 2.91 -45.52 -48.41
C MET O 129 4.42 -45.56 -48.44
N ASP O 130 4.98 -44.36 -48.43
CA ASP O 130 6.40 -44.15 -48.39
C ASP O 130 7.06 -44.97 -47.28
N ASP O 131 6.54 -44.84 -46.08
CA ASP O 131 7.05 -45.60 -44.95
C ASP O 131 6.63 -47.06 -45.00
N ALA O 132 5.43 -47.32 -45.54
CA ALA O 132 4.99 -48.71 -45.67
C ALA O 132 6.00 -49.45 -46.52
N VAL O 133 6.42 -48.81 -47.61
CA VAL O 133 7.39 -49.39 -48.52
C VAL O 133 8.72 -49.49 -47.79
N ARG O 134 8.99 -48.52 -46.93
CA ARG O 134 10.25 -48.48 -46.19
C ARG O 134 10.33 -49.66 -45.25
N LEU O 135 9.16 -50.13 -44.84
CA LEU O 135 9.08 -51.21 -43.84
C LEU O 135 8.89 -52.56 -44.50
N ASN O 136 9.04 -52.59 -45.83
CA ASN O 136 8.87 -53.84 -46.54
C ASN O 136 7.54 -54.54 -46.29
N SER O 137 6.43 -53.80 -46.29
CA SER O 137 5.13 -54.39 -45.99
C SER O 137 4.66 -55.21 -47.16
N CYS O 138 3.80 -56.17 -46.87
CA CYS O 138 3.14 -56.91 -47.92
C CYS O 138 1.80 -56.25 -48.28
N ALA O 139 1.29 -55.47 -47.35
CA ALA O 139 0.09 -54.73 -47.62
C ALA O 139 -0.15 -53.69 -46.55
N VAL O 140 -1.04 -52.76 -46.86
CA VAL O 140 -1.48 -51.75 -45.90
C VAL O 140 -2.97 -51.88 -45.74
N ALA O 141 -3.43 -51.64 -44.52
CA ALA O 141 -4.83 -51.86 -44.19
C ALA O 141 -5.41 -50.63 -43.52
N ALA O 142 -6.68 -50.40 -43.83
CA ALA O 142 -7.45 -49.37 -43.18
C ALA O 142 -8.90 -49.83 -43.04
N GLN O 143 -9.64 -49.15 -42.18
CA GLN O 143 -10.98 -49.53 -41.85
C GLN O 143 -11.95 -48.73 -42.69
N VAL O 144 -13.00 -49.38 -43.15
CA VAL O 144 -14.09 -48.67 -43.78
C VAL O 144 -15.31 -48.82 -42.88
N TYR O 145 -16.09 -47.76 -42.72
CA TYR O 145 -17.19 -47.77 -41.78
C TYR O 145 -18.49 -47.43 -42.45
N ILE O 146 -19.00 -48.31 -43.28
CA ILE O 146 -20.32 -48.05 -43.84
C ILE O 146 -21.34 -47.85 -42.72
N GLY O 147 -22.21 -46.87 -42.90
CA GLY O 147 -23.29 -46.61 -41.96
C GLY O 147 -22.87 -45.78 -40.78
N SER O 148 -21.58 -45.63 -40.56
CA SER O 148 -21.15 -44.83 -39.42
C SER O 148 -21.07 -43.37 -39.81
N GLU O 149 -20.76 -42.55 -38.83
CA GLU O 149 -20.80 -41.12 -39.03
C GLU O 149 -19.74 -40.66 -40.03
N TYR O 150 -18.59 -41.32 -40.01
CA TYR O 150 -17.48 -40.89 -40.83
C TYR O 150 -17.24 -41.84 -41.96
N GLU O 151 -18.32 -42.32 -42.54
CA GLU O 151 -18.21 -43.36 -43.52
C GLU O 151 -17.54 -42.84 -44.78
N HIS O 152 -17.74 -41.56 -45.08
CA HIS O 152 -17.14 -40.93 -46.27
C HIS O 152 -15.61 -40.86 -46.20
N GLN O 153 -15.11 -40.24 -45.13
CA GLN O 153 -13.69 -40.23 -44.86
C GLN O 153 -13.11 -41.66 -44.93
N SER O 154 -13.81 -42.63 -44.36
CA SER O 154 -13.24 -43.96 -44.26
C SER O 154 -12.96 -44.50 -45.66
N ILE O 155 -13.88 -44.24 -46.60
CA ILE O 155 -13.70 -44.74 -47.97
C ILE O 155 -12.59 -43.97 -48.63
N LYS O 156 -12.63 -42.66 -48.46
CA LYS O 156 -11.58 -41.83 -48.99
C LYS O 156 -10.21 -42.36 -48.58
N ASN O 157 -10.12 -42.87 -47.36
CA ASN O 157 -8.90 -43.43 -46.84
C ASN O 157 -8.47 -44.62 -47.66
N ILE O 158 -9.40 -45.54 -47.91
CA ILE O 158 -9.07 -46.68 -48.73
C ILE O 158 -8.62 -46.21 -50.10
N ILE O 159 -9.37 -45.27 -50.67
CA ILE O 159 -9.09 -44.75 -51.99
C ILE O 159 -7.67 -44.25 -52.05
N GLN O 160 -7.34 -43.41 -51.10
CA GLN O 160 -6.06 -42.80 -51.12
C GLN O 160 -4.94 -43.82 -50.99
N LEU O 161 -5.17 -44.87 -50.19
CA LEU O 161 -4.17 -45.93 -50.03
C LEU O 161 -3.99 -46.71 -51.31
N VAL O 162 -5.07 -46.96 -52.02
CA VAL O 162 -4.99 -47.69 -53.26
C VAL O 162 -4.25 -46.84 -54.31
N ASP O 163 -4.57 -45.55 -54.38
CA ASP O 163 -3.90 -44.69 -55.33
C ASP O 163 -2.39 -44.76 -55.14
N ALA O 164 -1.96 -44.74 -53.87
CA ALA O 164 -0.54 -44.81 -53.53
C ALA O 164 0.03 -46.19 -53.77
N GLY O 165 -0.75 -47.22 -53.44
CA GLY O 165 -0.23 -48.56 -53.46
C GLY O 165 -0.01 -48.96 -54.90
N MET O 166 -0.84 -48.42 -55.77
CA MET O 166 -0.74 -48.79 -57.16
C MET O 166 0.54 -48.25 -57.78
N LYS O 167 0.99 -47.10 -57.30
CA LYS O 167 2.24 -46.55 -57.80
C LYS O 167 3.36 -47.51 -57.46
N VAL O 168 3.17 -48.32 -56.45
CA VAL O 168 4.33 -48.92 -55.79
C VAL O 168 4.25 -50.44 -55.59
N GLY O 169 3.13 -51.05 -55.95
CA GLY O 169 2.98 -52.49 -55.92
C GLY O 169 2.48 -52.96 -54.58
N MET O 170 1.86 -52.08 -53.81
CA MET O 170 1.39 -52.42 -52.48
C MET O 170 -0.12 -52.69 -52.44
N PRO O 171 -0.52 -53.93 -52.16
CA PRO O 171 -1.95 -54.24 -52.04
C PRO O 171 -2.54 -53.51 -50.84
N THR O 172 -3.83 -53.24 -50.93
CA THR O 172 -4.56 -52.61 -49.83
C THR O 172 -5.64 -53.54 -49.27
N MET O 173 -5.70 -53.62 -47.95
CA MET O 173 -6.73 -54.37 -47.27
C MET O 173 -7.70 -53.41 -46.64
N ALA O 174 -8.98 -53.55 -47.00
CA ALA O 174 -10.04 -52.78 -46.36
C ALA O 174 -10.69 -53.66 -45.30
N VAL O 175 -10.81 -53.14 -44.08
CA VAL O 175 -11.49 -53.89 -43.04
C VAL O 175 -12.80 -53.22 -42.72
N THR O 176 -13.86 -54.00 -42.65
CA THR O 176 -15.18 -53.42 -42.40
C THR O 176 -15.48 -53.30 -40.89
N GLY O 177 -15.50 -52.07 -40.37
CA GLY O 177 -15.79 -51.81 -38.94
C GLY O 177 -17.24 -51.40 -38.76
N VAL O 178 -17.85 -51.73 -37.62
CA VAL O 178 -19.32 -51.65 -37.49
C VAL O 178 -19.87 -50.80 -36.33
N ARG O 184 -25.90 -55.87 -38.57
CA ARG O 184 -24.69 -56.71 -38.52
C ARG O 184 -24.91 -58.04 -39.24
N ASP O 185 -25.71 -58.00 -40.31
CA ASP O 185 -26.16 -59.19 -41.03
C ASP O 185 -25.56 -59.23 -42.44
N GLN O 186 -25.82 -60.31 -43.17
CA GLN O 186 -25.20 -60.47 -44.47
C GLN O 186 -25.41 -59.29 -45.39
N ARG O 187 -26.65 -58.87 -45.55
CA ARG O 187 -26.92 -57.87 -46.56
C ARG O 187 -25.98 -56.71 -46.29
N TYR O 188 -25.77 -56.42 -45.02
CA TYR O 188 -24.92 -55.33 -44.66
C TYR O 188 -23.46 -55.55 -45.05
N PHE O 189 -22.87 -56.67 -44.64
CA PHE O 189 -21.47 -56.92 -44.96
C PHE O 189 -21.25 -57.02 -46.45
N SER O 190 -22.26 -57.48 -47.17
CA SER O 190 -22.19 -57.49 -48.61
C SER O 190 -21.97 -56.08 -49.13
N LEU O 191 -22.79 -55.14 -48.70
CA LEU O 191 -22.63 -53.75 -49.12
C LEU O 191 -21.22 -53.27 -48.81
N ALA O 192 -20.82 -53.41 -47.54
CA ALA O 192 -19.54 -52.87 -47.10
C ALA O 192 -18.37 -53.54 -47.83
N THR O 193 -18.38 -54.86 -47.95
CA THR O 193 -17.21 -55.53 -48.54
C THR O 193 -17.12 -55.15 -49.99
N ARG O 194 -18.27 -55.14 -50.65
CA ARG O 194 -18.32 -54.92 -52.08
C ARG O 194 -17.90 -53.50 -52.47
N ILE O 195 -18.39 -52.52 -51.73
CA ILE O 195 -17.96 -51.16 -51.98
C ILE O 195 -16.44 -51.07 -51.81
N ALA O 196 -15.93 -51.55 -50.70
CA ALA O 196 -14.50 -51.55 -50.48
C ALA O 196 -13.77 -52.14 -51.70
N ALA O 197 -14.17 -53.37 -52.05
CA ALA O 197 -13.48 -54.11 -53.10
C ALA O 197 -13.53 -53.33 -54.40
N GLU O 198 -14.70 -52.76 -54.63
CA GLU O 198 -15.00 -52.04 -55.83
C GLU O 198 -14.13 -50.77 -55.91
N MET O 199 -13.96 -50.10 -54.77
CA MET O 199 -13.09 -48.94 -54.74
C MET O 199 -11.68 -49.32 -55.19
N GLY O 200 -11.23 -50.53 -54.86
CA GLY O 200 -9.94 -50.95 -55.31
C GLY O 200 -9.16 -51.81 -54.36
N ALA O 201 -9.68 -52.04 -53.16
CA ALA O 201 -8.98 -52.92 -52.19
C ALA O 201 -8.74 -54.32 -52.74
N GLN O 202 -7.53 -54.83 -52.61
CA GLN O 202 -7.25 -56.19 -53.05
C GLN O 202 -7.59 -57.20 -52.01
N ILE O 203 -7.56 -56.85 -50.73
CA ILE O 203 -7.99 -57.80 -49.68
C ILE O 203 -9.10 -57.22 -48.82
N ILE O 204 -10.13 -58.00 -48.59
CA ILE O 204 -11.19 -57.53 -47.73
C ILE O 204 -11.13 -58.32 -46.44
N LYS O 205 -11.22 -57.64 -45.30
CA LYS O 205 -11.27 -58.35 -44.02
C LYS O 205 -12.55 -58.02 -43.36
N THR O 206 -13.25 -59.04 -42.89
CA THR O 206 -14.61 -58.85 -42.41
C THR O 206 -15.02 -59.92 -41.40
N TYR O 207 -16.27 -59.85 -40.95
CA TYR O 207 -16.74 -60.73 -39.91
C TYR O 207 -17.54 -61.87 -40.47
N TYR O 208 -17.52 -63.01 -39.77
CA TYR O 208 -18.31 -64.15 -40.17
C TYR O 208 -19.79 -63.95 -39.84
N VAL O 209 -20.65 -64.55 -40.64
CA VAL O 209 -22.06 -64.41 -40.45
C VAL O 209 -22.75 -65.77 -40.51
N GLU O 210 -23.57 -66.04 -39.52
CA GLU O 210 -24.15 -67.36 -39.43
C GLU O 210 -25.08 -67.68 -40.60
N LYS O 211 -25.72 -66.66 -41.14
CA LYS O 211 -26.59 -66.89 -42.27
C LYS O 211 -26.13 -66.04 -43.44
N GLY O 212 -25.80 -66.70 -44.55
CA GLY O 212 -25.57 -65.99 -45.80
C GLY O 212 -24.15 -65.56 -46.09
N PHE O 213 -23.20 -66.10 -45.33
CA PHE O 213 -21.80 -65.77 -45.57
C PHE O 213 -21.38 -66.05 -47.01
N GLU O 214 -21.93 -67.09 -47.58
CA GLU O 214 -21.63 -67.48 -48.94
C GLU O 214 -21.86 -66.35 -49.91
N ARG O 215 -22.96 -65.62 -49.72
CA ARG O 215 -23.31 -64.50 -50.57
C ARG O 215 -22.27 -63.42 -50.43
N ILE O 216 -21.78 -63.25 -49.21
CA ILE O 216 -20.77 -62.26 -48.99
C ILE O 216 -19.52 -62.61 -49.81
N VAL O 217 -19.02 -63.81 -49.63
CA VAL O 217 -17.87 -64.25 -50.39
C VAL O 217 -18.14 -64.18 -51.89
N ALA O 218 -19.25 -64.73 -52.32
CA ALA O 218 -19.53 -64.85 -53.74
C ALA O 218 -19.59 -63.48 -54.38
N GLY O 219 -20.06 -62.49 -53.62
CA GLY O 219 -20.18 -61.12 -54.13
C GLY O 219 -18.89 -60.30 -54.07
N CYS O 220 -17.88 -60.80 -53.36
CA CYS O 220 -16.61 -60.12 -53.27
C CYS O 220 -15.70 -60.68 -54.33
N PRO O 221 -15.09 -59.82 -55.15
CA PRO O 221 -14.28 -60.33 -56.24
C PRO O 221 -12.84 -60.58 -55.82
N VAL O 222 -12.54 -60.33 -54.55
CA VAL O 222 -11.17 -60.46 -54.09
C VAL O 222 -11.16 -61.20 -52.78
N PRO O 223 -9.97 -61.61 -52.34
CA PRO O 223 -9.91 -62.48 -51.18
C PRO O 223 -10.55 -61.86 -49.96
N ILE O 224 -11.22 -62.69 -49.19
CA ILE O 224 -11.77 -62.29 -47.92
C ILE O 224 -11.12 -63.03 -46.77
N VAL O 225 -10.83 -62.27 -45.73
CA VAL O 225 -10.28 -62.84 -44.54
C VAL O 225 -11.27 -62.44 -43.50
N ILE O 226 -11.48 -63.30 -42.50
CA ILE O 226 -12.43 -62.97 -41.46
C ILE O 226 -11.72 -62.67 -40.14
N ALA O 227 -12.23 -61.68 -39.43
CA ALA O 227 -11.77 -61.37 -38.09
C ALA O 227 -12.55 -62.22 -37.10
N GLY O 228 -11.90 -62.57 -36.00
CA GLY O 228 -12.52 -63.42 -34.97
C GLY O 228 -13.61 -62.74 -34.17
N GLY O 229 -13.39 -61.49 -33.77
CA GLY O 229 -14.36 -60.83 -32.91
C GLY O 229 -14.07 -61.16 -31.45
N LYS O 230 -15.06 -60.97 -30.59
CA LYS O 230 -14.89 -61.26 -29.15
C LYS O 230 -14.46 -62.72 -28.87
N LYS O 231 -13.70 -62.91 -27.80
CA LYS O 231 -13.20 -64.23 -27.44
C LYS O 231 -14.36 -65.21 -27.26
N LEU O 232 -14.19 -66.42 -27.77
CA LEU O 232 -15.14 -67.48 -27.60
C LEU O 232 -14.35 -68.64 -27.05
N PRO O 233 -15.05 -69.64 -26.52
CA PRO O 233 -14.44 -70.91 -26.24
C PRO O 233 -13.87 -71.50 -27.54
N GLU O 234 -12.67 -72.05 -27.47
CA GLU O 234 -11.95 -72.52 -28.64
C GLU O 234 -12.79 -73.39 -29.54
N ARG O 235 -13.43 -74.38 -28.96
CA ARG O 235 -14.24 -75.26 -29.76
C ARG O 235 -15.11 -74.41 -30.68
N GLU O 236 -15.71 -73.36 -30.13
CA GLU O 236 -16.63 -72.56 -30.91
C GLU O 236 -15.94 -71.71 -31.97
N ALA O 237 -14.77 -71.19 -31.65
CA ALA O 237 -13.99 -70.39 -32.59
C ALA O 237 -13.55 -71.26 -33.75
N LEU O 238 -13.05 -72.44 -33.43
CA LEU O 238 -12.64 -73.35 -34.47
C LEU O 238 -13.79 -73.66 -35.40
N GLU O 239 -14.97 -73.88 -34.83
CA GLU O 239 -16.12 -74.17 -35.66
C GLU O 239 -16.37 -73.00 -36.60
N MET O 240 -16.26 -71.79 -36.07
CA MET O 240 -16.39 -70.60 -36.88
C MET O 240 -15.35 -70.59 -37.99
N CYS O 241 -14.11 -70.84 -37.63
CA CYS O 241 -13.07 -70.96 -38.63
C CYS O 241 -13.47 -71.95 -39.69
N TRP O 242 -13.77 -73.16 -39.25
CA TRP O 242 -14.07 -74.22 -40.17
C TRP O 242 -15.17 -73.79 -41.13
N GLN O 243 -16.21 -73.17 -40.60
CA GLN O 243 -17.35 -72.71 -41.38
C GLN O 243 -16.95 -71.65 -42.40
N ALA O 244 -16.19 -70.66 -41.95
CA ALA O 244 -15.75 -69.57 -42.82
C ALA O 244 -14.97 -70.12 -44.02
N ILE O 245 -13.96 -70.94 -43.74
CA ILE O 245 -13.20 -71.60 -44.80
C ILE O 245 -14.10 -72.45 -45.69
N ASP O 246 -14.93 -73.27 -45.06
CA ASP O 246 -15.83 -74.12 -45.81
C ASP O 246 -16.69 -73.28 -46.75
N GLN O 247 -16.98 -72.07 -46.34
CA GLN O 247 -17.83 -71.22 -47.15
C GLN O 247 -17.07 -70.23 -48.00
N GLY O 248 -15.77 -70.44 -48.17
CA GLY O 248 -15.01 -69.73 -49.20
C GLY O 248 -14.11 -68.59 -48.74
N ALA O 249 -13.96 -68.40 -47.45
CA ALA O 249 -13.06 -67.37 -46.98
C ALA O 249 -11.63 -67.77 -47.31
N SER O 250 -10.75 -66.79 -47.53
CA SER O 250 -9.37 -67.10 -47.92
C SER O 250 -8.39 -67.12 -46.77
N GLY O 251 -8.84 -66.70 -45.61
CA GLY O 251 -7.97 -66.70 -44.47
C GLY O 251 -8.80 -66.34 -43.28
N VAL O 252 -8.25 -66.56 -42.11
CA VAL O 252 -8.94 -66.17 -40.90
C VAL O 252 -7.96 -65.40 -40.05
N ASP O 253 -8.48 -64.40 -39.37
CA ASP O 253 -7.69 -63.78 -38.35
C ASP O 253 -8.42 -63.93 -37.06
N MET O 254 -7.88 -64.78 -36.19
CA MET O 254 -8.37 -64.88 -34.82
C MET O 254 -7.51 -63.98 -33.97
N GLY O 255 -8.02 -62.84 -33.58
CA GLY O 255 -7.21 -61.98 -32.75
C GLY O 255 -7.34 -62.50 -31.35
N ARG O 256 -8.33 -61.95 -30.65
CA ARG O 256 -8.55 -62.24 -29.25
C ARG O 256 -8.55 -63.74 -29.05
N ASN O 257 -9.22 -64.42 -29.97
CA ASN O 257 -9.39 -65.86 -29.86
C ASN O 257 -8.08 -66.60 -29.83
N ILE O 258 -6.99 -65.89 -30.10
CA ILE O 258 -5.70 -66.51 -29.99
C ILE O 258 -4.87 -65.96 -28.84
N PHE O 259 -4.52 -64.68 -28.90
CA PHE O 259 -3.60 -64.12 -27.90
C PHE O 259 -4.20 -64.19 -26.51
N GLN O 260 -5.52 -64.29 -26.46
CA GLN O 260 -6.23 -64.41 -25.16
C GLN O 260 -6.41 -65.86 -24.64
N SER O 261 -6.39 -66.84 -25.54
CA SER O 261 -6.49 -68.22 -25.11
C SER O 261 -5.37 -68.56 -24.14
N ASP O 262 -5.63 -69.47 -23.21
CA ASP O 262 -4.63 -69.86 -22.24
C ASP O 262 -3.55 -70.68 -22.93
N HIS O 263 -3.91 -71.26 -24.06
CA HIS O 263 -2.96 -72.06 -24.82
C HIS O 263 -2.87 -71.60 -26.28
N PRO O 264 -2.27 -70.41 -26.50
CA PRO O 264 -2.20 -69.75 -27.80
C PRO O 264 -1.63 -70.62 -28.92
N VAL O 265 -0.42 -71.10 -28.73
CA VAL O 265 0.26 -71.83 -29.79
C VAL O 265 -0.57 -73.03 -30.23
N ALA O 266 -1.13 -73.72 -29.24
CA ALA O 266 -1.99 -74.85 -29.53
C ALA O 266 -3.13 -74.41 -30.43
N MET O 267 -3.75 -73.28 -30.09
CA MET O 267 -4.84 -72.74 -30.88
C MET O 267 -4.43 -72.53 -32.34
N MET O 268 -3.29 -71.88 -32.53
CA MET O 268 -2.83 -71.56 -33.87
C MET O 268 -2.70 -72.82 -34.69
N LYS O 269 -2.09 -73.86 -34.12
CA LYS O 269 -1.93 -75.12 -34.84
C LYS O 269 -3.31 -75.67 -35.16
N ALA O 270 -4.26 -75.42 -34.29
CA ALA O 270 -5.62 -75.80 -34.55
C ALA O 270 -6.07 -75.07 -35.82
N VAL O 271 -5.86 -73.77 -35.81
CA VAL O 271 -6.33 -72.94 -36.89
C VAL O 271 -5.61 -73.28 -38.19
N GLN O 272 -4.30 -73.51 -38.11
CA GLN O 272 -3.55 -73.91 -39.29
C GLN O 272 -4.23 -75.11 -39.91
N ALA O 273 -4.56 -76.07 -39.06
CA ALA O 273 -5.13 -77.31 -39.53
C ALA O 273 -6.41 -77.03 -40.30
N VAL O 274 -7.32 -76.30 -39.68
CA VAL O 274 -8.60 -76.08 -40.31
C VAL O 274 -8.39 -75.38 -41.63
N VAL O 275 -7.56 -74.34 -41.60
CA VAL O 275 -7.41 -73.48 -42.76
C VAL O 275 -6.68 -74.15 -43.92
N HIS O 276 -5.43 -74.52 -43.69
CA HIS O 276 -4.58 -75.03 -44.77
C HIS O 276 -4.80 -76.50 -45.05
N HIS O 277 -5.04 -77.27 -44.00
CA HIS O 277 -5.04 -78.71 -44.12
C HIS O 277 -6.41 -79.33 -44.14
N ASN O 278 -7.45 -78.55 -43.93
CA ASN O 278 -8.78 -79.10 -44.11
C ASN O 278 -9.32 -79.91 -42.95
N GLU O 279 -8.59 -80.00 -41.85
CA GLU O 279 -9.11 -80.76 -40.73
C GLU O 279 -10.50 -80.28 -40.39
N THR O 280 -11.31 -81.22 -39.94
CA THR O 280 -12.66 -80.94 -39.54
C THR O 280 -12.55 -80.29 -38.17
N ALA O 281 -13.56 -79.53 -37.77
CA ALA O 281 -13.49 -78.77 -36.54
C ALA O 281 -13.05 -79.64 -35.38
N ASP O 282 -13.68 -80.80 -35.24
CA ASP O 282 -13.41 -81.70 -34.11
C ASP O 282 -11.97 -82.15 -34.03
N ARG O 283 -11.46 -82.72 -35.12
CA ARG O 283 -10.09 -83.13 -35.12
C ARG O 283 -9.26 -81.95 -34.69
N ALA O 284 -9.54 -80.82 -35.32
CA ALA O 284 -8.78 -79.60 -35.08
C ALA O 284 -8.74 -79.38 -33.59
N TYR O 285 -9.91 -79.28 -32.99
CA TYR O 285 -9.99 -79.04 -31.56
C TYR O 285 -9.13 -80.06 -30.80
N GLU O 286 -9.22 -81.31 -31.22
CA GLU O 286 -8.51 -82.36 -30.53
C GLU O 286 -7.01 -82.16 -30.50
N LEU O 287 -6.41 -81.87 -31.64
CA LEU O 287 -5.00 -81.52 -31.61
C LEU O 287 -4.82 -80.20 -30.85
N TYR O 288 -5.90 -79.43 -30.73
CA TYR O 288 -5.87 -78.26 -29.86
C TYR O 288 -5.46 -78.73 -28.48
N LEU O 289 -6.25 -79.66 -27.94
CA LEU O 289 -6.01 -80.23 -26.63
C LEU O 289 -4.73 -81.01 -26.61
N SER O 290 -4.48 -81.72 -27.71
CA SER O 290 -3.24 -82.47 -27.89
C SER O 290 -2.04 -81.56 -27.58
N GLU O 291 -2.02 -80.38 -28.20
CA GLU O 291 -0.87 -79.48 -28.13
C GLU O 291 -0.68 -78.70 -26.80
N LYS O 292 -1.69 -78.69 -25.92
CA LYS O 292 -1.53 -78.15 -24.58
C LYS O 292 -0.47 -78.94 -23.79
N GLY P 12 73.26 36.89 31.84
CA GLY P 12 73.14 38.10 32.71
C GLY P 12 71.82 38.20 33.47
N LYS P 13 71.19 37.06 33.77
CA LYS P 13 69.93 37.01 34.49
C LYS P 13 70.17 36.45 35.88
N ASP P 14 69.49 36.98 36.89
CA ASP P 14 69.66 36.45 38.25
C ASP P 14 68.39 35.84 38.87
N PHE P 15 68.37 34.53 39.08
CA PHE P 15 67.20 33.87 39.68
C PHE P 15 67.32 33.75 41.18
N ARG P 16 68.44 34.21 41.73
CA ARG P 16 68.60 34.23 43.17
C ARG P 16 68.25 32.86 43.72
N THR P 17 68.90 31.84 43.18
CA THR P 17 68.64 30.47 43.60
C THR P 17 68.97 30.24 45.03
N ASP P 18 69.89 31.03 45.57
CA ASP P 18 70.35 30.84 46.94
C ASP P 18 69.26 31.29 47.91
N GLN P 19 68.27 31.99 47.40
CA GLN P 19 67.21 32.53 48.23
C GLN P 19 65.86 32.01 47.75
N PRO P 20 65.21 31.19 48.56
CA PRO P 20 64.03 30.48 48.13
C PRO P 20 62.77 31.26 48.41
N GLN P 21 61.82 31.22 47.48
CA GLN P 21 60.56 31.93 47.63
C GLN P 21 59.77 31.44 48.83
N LYS P 22 59.22 32.39 49.58
CA LYS P 22 58.57 32.11 50.86
C LYS P 22 57.22 32.83 50.88
N ASN P 23 56.22 32.21 51.47
CA ASN P 23 54.88 32.75 51.47
C ASN P 23 54.65 33.77 52.57
N ILE P 24 54.18 34.96 52.20
CA ILE P 24 53.78 35.90 53.24
C ILE P 24 52.45 35.49 53.85
N PRO P 25 52.42 35.32 55.17
CA PRO P 25 51.22 35.00 55.90
C PRO P 25 50.20 36.13 55.84
N PHE P 26 48.95 35.74 55.91
CA PHE P 26 47.86 36.68 55.99
C PHE P 26 47.31 36.54 57.42
N THR P 27 47.42 37.61 58.20
CA THR P 27 47.15 37.49 59.64
C THR P 27 45.74 37.87 60.08
N LEU P 28 44.99 38.55 59.23
CA LEU P 28 43.66 38.94 59.61
C LEU P 28 42.91 37.75 60.21
N LYS P 29 42.19 38.00 61.28
CA LYS P 29 41.63 36.91 62.07
C LYS P 29 40.63 36.06 61.31
N GLY P 30 40.94 34.78 61.16
CA GLY P 30 39.98 33.81 60.57
C GLY P 30 39.79 33.99 59.08
N CYS P 31 40.68 34.75 58.46
CA CYS P 31 40.63 34.97 57.04
C CYS P 31 41.86 34.45 56.36
N GLY P 32 42.49 33.43 56.94
CA GLY P 32 43.71 32.84 56.40
C GLY P 32 43.48 31.87 55.25
N ALA P 33 42.23 31.49 54.99
CA ALA P 33 41.99 30.47 54.00
C ALA P 33 41.10 30.99 52.90
N LEU P 34 41.30 32.23 52.50
CA LEU P 34 40.43 32.82 51.49
C LEU P 34 41.23 33.10 50.24
N ASP P 35 40.51 33.06 49.13
CA ASP P 35 41.06 33.35 47.84
C ASP P 35 41.62 34.77 47.81
N TRP P 36 42.55 35.02 46.89
CA TRP P 36 43.22 36.29 46.80
C TRP P 36 42.25 37.49 46.80
N GLY P 37 41.27 37.44 45.92
CA GLY P 37 40.37 38.56 45.77
C GLY P 37 39.60 38.84 47.04
N MET P 38 39.16 37.79 47.72
CA MET P 38 38.41 38.01 48.95
C MET P 38 39.33 38.61 49.98
N GLN P 39 40.54 38.06 50.09
CA GLN P 39 41.51 38.61 51.02
C GLN P 39 41.79 40.07 50.67
N SER P 40 41.79 40.35 49.38
CA SER P 40 42.04 41.70 48.95
C SER P 40 40.95 42.66 49.39
N ARG P 41 39.70 42.25 49.26
CA ARG P 41 38.62 43.13 49.65
C ARG P 41 38.67 43.40 51.15
N LEU P 42 38.91 42.35 51.92
CA LEU P 42 39.03 42.47 53.35
C LEU P 42 40.18 43.38 53.74
N SER P 43 41.28 43.31 52.99
CA SER P 43 42.44 44.11 53.27
C SER P 43 42.16 45.57 53.03
N ARG P 44 41.21 45.87 52.17
CA ARG P 44 40.78 47.24 51.93
C ARG P 44 40.11 47.77 53.17
N ILE P 45 39.31 46.92 53.79
CA ILE P 45 38.50 47.32 54.94
C ILE P 45 39.36 47.39 56.18
N PHE P 46 40.08 46.30 56.46
CA PHE P 46 40.89 46.23 57.68
C PHE P 46 42.33 46.49 57.35
N ASN P 47 42.88 47.51 57.95
CA ASN P 47 44.27 47.84 57.71
C ASN P 47 45.20 46.66 58.00
N PRO P 48 46.03 46.28 57.03
CA PRO P 48 46.94 45.15 57.13
C PRO P 48 47.97 45.34 58.23
N LYS P 49 48.45 46.57 58.38
CA LYS P 49 49.40 46.86 59.46
C LYS P 49 48.78 46.67 60.85
N THR P 50 47.66 47.33 61.14
CA THR P 50 47.04 47.26 62.46
C THR P 50 45.94 46.23 62.58
N GLY P 51 45.47 45.69 61.45
CA GLY P 51 44.40 44.70 61.45
C GLY P 51 43.07 45.24 61.95
N LYS P 52 42.85 46.53 61.78
CA LYS P 52 41.65 47.19 62.27
C LYS P 52 41.05 48.20 61.29
N THR P 53 39.82 48.62 61.59
CA THR P 53 39.14 49.54 60.70
C THR P 53 38.29 50.53 61.47
N VAL P 54 38.18 51.72 60.92
CA VAL P 54 37.28 52.72 61.40
C VAL P 54 36.20 52.90 60.38
N MET P 55 34.99 52.53 60.76
CA MET P 55 33.92 52.49 59.80
C MET P 55 32.94 53.62 60.02
N LEU P 56 32.61 54.35 58.97
CA LEU P 56 31.55 55.35 59.05
C LEU P 56 30.24 54.87 58.40
N ALA P 57 29.31 54.41 59.21
CA ALA P 57 28.10 53.83 58.67
C ALA P 57 26.95 54.81 58.71
N PHE P 58 26.30 55.02 57.58
CA PHE P 58 25.12 55.88 57.55
C PHE P 58 23.96 55.25 56.78
N ASP P 59 23.65 53.99 57.11
CA ASP P 59 22.69 53.25 56.32
C ASP P 59 21.30 53.25 56.91
N HIS P 60 21.15 53.89 58.06
CA HIS P 60 19.92 53.81 58.84
C HIS P 60 18.67 54.24 58.08
N GLY P 61 18.85 55.11 57.10
CA GLY P 61 17.73 55.53 56.30
C GLY P 61 16.95 54.33 55.80
N TYR P 62 17.62 53.18 55.77
CA TYR P 62 17.06 52.01 55.10
C TYR P 62 15.72 51.53 55.66
N PHE P 63 15.54 51.64 56.97
CA PHE P 63 14.25 51.34 57.55
C PHE P 63 13.71 52.53 58.33
N GLN P 64 14.51 53.58 58.41
CA GLN P 64 14.21 54.67 59.31
C GLN P 64 13.85 56.00 58.65
N GLY P 65 14.08 56.12 57.35
CA GLY P 65 13.84 57.40 56.71
C GLY P 65 14.93 58.35 57.15
N PRO P 66 14.67 59.66 57.04
CA PRO P 66 15.65 60.69 57.35
C PRO P 66 15.84 60.83 58.84
N THR P 67 16.54 59.88 59.43
CA THR P 67 16.94 59.99 60.81
C THR P 67 17.78 61.24 61.05
N THR P 68 17.79 61.69 62.30
CA THR P 68 18.50 62.90 62.66
C THR P 68 19.99 62.80 62.36
N GLY P 69 20.50 63.82 61.65
CA GLY P 69 21.89 63.85 61.28
C GLY P 69 22.17 63.17 59.96
N LEU P 70 21.20 62.39 59.48
CA LEU P 70 21.29 61.78 58.16
C LEU P 70 20.30 62.47 57.26
N GLU P 71 19.79 63.61 57.70
CA GLU P 71 18.83 64.34 56.88
C GLU P 71 19.43 64.61 55.51
N ARG P 72 20.64 65.16 55.50
CA ARG P 72 21.30 65.44 54.23
C ARG P 72 22.70 64.81 54.20
N ILE P 73 22.79 63.57 53.72
CA ILE P 73 24.07 62.90 53.65
C ILE P 73 25.01 63.71 52.83
N ASP P 74 24.50 64.30 51.76
CA ASP P 74 25.33 65.01 50.79
C ASP P 74 26.09 66.17 51.40
N ILE P 75 25.52 66.78 52.43
CA ILE P 75 26.12 67.95 53.05
C ILE P 75 26.80 67.64 54.37
N ASN P 76 26.04 67.02 55.25
CA ASN P 76 26.49 66.61 56.56
C ASN P 76 27.63 65.61 56.57
N ILE P 77 27.42 64.51 55.85
CA ILE P 77 28.31 63.35 55.89
C ILE P 77 29.39 63.37 54.81
N ALA P 78 29.15 64.07 53.70
CA ALA P 78 30.13 64.12 52.63
C ALA P 78 31.54 64.50 53.10
N PRO P 79 31.63 65.54 53.95
CA PRO P 79 32.90 65.98 54.52
C PRO P 79 33.57 64.89 55.34
N LEU P 80 32.79 63.95 55.82
CA LEU P 80 33.30 62.97 56.74
C LEU P 80 34.07 61.82 56.10
N PHE P 81 33.86 61.61 54.81
CA PHE P 81 34.32 60.39 54.17
C PHE P 81 35.80 60.18 54.29
N GLU P 82 36.58 61.22 54.00
CA GLU P 82 38.01 61.06 53.93
C GLU P 82 38.63 60.54 55.23
N HIS P 83 37.96 60.72 56.36
CA HIS P 83 38.56 60.33 57.64
C HIS P 83 38.08 58.96 58.09
N ALA P 84 37.48 58.21 57.17
CA ALA P 84 36.98 56.86 57.46
C ALA P 84 37.78 55.82 56.70
N ASP P 85 37.96 54.65 57.30
CA ASP P 85 38.64 53.59 56.60
C ASP P 85 37.69 52.98 55.58
N VAL P 86 36.44 52.84 56.00
CA VAL P 86 35.42 52.20 55.18
C VAL P 86 34.06 52.88 55.40
N LEU P 87 33.30 52.99 54.32
CA LEU P 87 31.97 53.57 54.38
C LEU P 87 30.93 52.48 54.37
N MET P 88 29.79 52.75 55.00
CA MET P 88 28.71 51.80 54.93
C MET P 88 27.41 52.51 54.70
N CYS P 89 26.78 52.22 53.57
CA CYS P 89 25.51 52.85 53.22
C CYS P 89 24.69 51.93 52.34
N THR P 90 23.54 52.41 51.90
CA THR P 90 22.74 51.67 50.96
C THR P 90 23.19 51.95 49.57
N ARG P 91 22.80 51.09 48.65
CA ARG P 91 23.21 51.27 47.28
C ARG P 91 22.54 52.49 46.69
N GLY P 92 21.35 52.79 47.20
CA GLY P 92 20.57 53.93 46.74
C GLY P 92 21.32 55.22 47.04
N ILE P 93 21.72 55.36 48.29
CA ILE P 93 22.44 56.54 48.73
C ILE P 93 23.78 56.64 48.03
N LEU P 94 24.50 55.53 48.02
CA LEU P 94 25.80 55.48 47.40
C LEU P 94 25.75 56.08 46.01
N ARG P 95 24.83 55.59 45.18
CA ARG P 95 24.79 56.06 43.81
C ARG P 95 24.45 57.53 43.73
N SER P 96 23.49 57.96 44.55
CA SER P 96 22.96 59.32 44.43
C SER P 96 23.85 60.40 45.02
N VAL P 97 24.41 60.15 46.20
CA VAL P 97 25.10 61.24 46.89
C VAL P 97 26.46 60.90 47.43
N VAL P 98 26.97 59.71 47.14
CA VAL P 98 28.36 59.48 47.46
C VAL P 98 29.18 59.60 46.18
N PRO P 99 30.14 60.53 46.16
CA PRO P 99 30.97 60.70 44.99
C PRO P 99 31.87 59.48 44.79
N PRO P 100 31.84 58.89 43.59
CA PRO P 100 32.74 57.79 43.29
C PRO P 100 34.19 58.15 43.62
N ALA P 101 34.56 59.42 43.40
CA ALA P 101 35.93 59.85 43.60
C ALA P 101 36.30 59.86 45.08
N THR P 102 35.30 59.60 45.93
CA THR P 102 35.50 59.62 47.37
C THR P 102 36.61 58.63 47.69
N ASN P 103 36.81 57.71 46.75
CA ASN P 103 37.88 56.72 46.80
C ASN P 103 38.04 56.01 48.13
N ARG P 104 36.93 55.65 48.76
CA ARG P 104 36.99 54.91 50.01
C ARG P 104 36.23 53.59 49.86
N PRO P 105 36.70 52.52 50.50
CA PRO P 105 36.06 51.20 50.37
C PRO P 105 34.67 51.27 50.96
N VAL P 106 33.69 50.61 50.33
CA VAL P 106 32.36 50.59 50.93
C VAL P 106 31.89 49.18 51.28
N VAL P 107 31.13 49.09 52.36
CA VAL P 107 30.39 47.91 52.67
C VAL P 107 28.90 48.21 52.39
N LEU P 108 28.35 47.63 51.34
CA LEU P 108 26.95 47.86 51.03
C LEU P 108 26.00 47.19 52.00
N ARG P 109 25.02 47.94 52.45
CA ARG P 109 24.01 47.36 53.29
C ARG P 109 23.08 46.66 52.32
N ALA P 110 22.84 45.36 52.55
CA ALA P 110 22.09 44.54 51.60
C ALA P 110 20.82 43.87 52.17
N SER P 111 20.34 44.36 53.30
CA SER P 111 19.08 43.85 53.81
C SER P 111 18.16 45.07 53.89
N GLY P 112 16.85 44.82 54.02
CA GLY P 112 15.90 45.92 54.04
C GLY P 112 14.50 45.40 54.01
N ALA P 113 13.56 46.25 53.60
CA ALA P 113 12.16 45.86 53.46
C ALA P 113 11.44 45.87 54.82
N ASN P 114 12.07 46.44 55.84
CA ASN P 114 11.36 46.73 57.08
C ASN P 114 11.15 48.23 57.24
N SER P 115 10.24 48.63 58.12
CA SER P 115 10.05 50.05 58.46
C SER P 115 10.04 50.13 59.96
N ILE P 116 10.21 51.34 60.49
CA ILE P 116 10.04 51.54 61.92
C ILE P 116 8.57 51.48 62.25
N LEU P 117 7.73 51.36 61.22
CA LEU P 117 6.29 51.34 61.43
C LEU P 117 5.77 49.94 61.60
N ALA P 118 6.65 48.96 61.45
CA ALA P 118 6.22 47.58 61.48
C ALA P 118 7.25 46.75 62.24
N GLU P 119 7.10 45.43 62.24
CA GLU P 119 8.10 44.60 62.91
C GLU P 119 9.51 44.88 62.37
N LEU P 120 10.44 45.15 63.28
CA LEU P 120 11.80 45.54 62.92
C LEU P 120 12.56 44.43 62.22
N SER P 121 12.34 43.18 62.64
CA SER P 121 13.14 42.04 62.15
C SER P 121 12.71 41.52 60.80
N ASN P 122 11.65 42.08 60.25
CA ASN P 122 11.16 41.64 58.96
C ASN P 122 11.97 42.09 57.74
N GLU P 123 13.13 41.49 57.52
CA GLU P 123 14.04 41.98 56.49
C GLU P 123 14.22 40.96 55.39
N ALA P 124 14.54 41.44 54.20
CA ALA P 124 14.81 40.56 53.08
C ALA P 124 16.10 41.05 52.46
N VAL P 125 16.71 40.22 51.61
CA VAL P 125 17.89 40.66 50.90
C VAL P 125 17.52 41.83 50.00
N ALA P 126 18.27 42.91 50.10
CA ALA P 126 17.87 44.16 49.47
C ALA P 126 18.65 44.52 48.21
N LEU P 127 19.55 43.67 47.76
CA LEU P 127 20.17 43.85 46.44
C LEU P 127 20.89 42.57 46.01
N SER P 128 21.10 42.42 44.72
CA SER P 128 21.74 41.22 44.24
C SER P 128 23.27 41.34 44.32
N MET P 129 23.96 40.22 44.51
CA MET P 129 25.40 40.24 44.60
C MET P 129 25.87 40.85 43.29
N ASP P 130 25.05 40.63 42.30
CA ASP P 130 25.29 41.10 40.95
C ASP P 130 25.56 42.60 40.95
N ASP P 131 24.67 43.33 41.60
CA ASP P 131 24.83 44.76 41.71
C ASP P 131 25.93 45.14 42.69
N ALA P 132 26.11 44.35 43.74
CA ALA P 132 27.14 44.66 44.70
C ALA P 132 28.46 44.64 44.00
N VAL P 133 28.58 43.67 43.10
CA VAL P 133 29.82 43.50 42.36
C VAL P 133 29.92 44.66 41.39
N ARG P 134 28.79 45.03 40.82
CA ARG P 134 28.77 46.11 39.87
C ARG P 134 29.24 47.40 40.51
N LEU P 135 29.04 47.51 41.82
CA LEU P 135 29.35 48.73 42.54
C LEU P 135 30.71 48.65 43.19
N ASN P 136 31.48 47.61 42.85
CA ASN P 136 32.80 47.46 43.42
C ASN P 136 32.84 47.41 44.93
N SER P 137 31.97 46.65 45.56
CA SER P 137 31.89 46.66 47.02
C SER P 137 33.01 45.84 47.58
N CYS P 138 33.36 46.16 48.83
CA CYS P 138 34.31 45.36 49.57
C CYS P 138 33.59 44.34 50.39
N ALA P 139 32.32 44.55 50.62
CA ALA P 139 31.53 43.57 51.35
C ALA P 139 30.07 43.94 51.31
N VAL P 140 29.22 42.99 51.65
CA VAL P 140 27.80 43.24 51.71
C VAL P 140 27.38 42.87 53.10
N ALA P 141 26.45 43.63 53.65
CA ALA P 141 26.01 43.42 55.02
C ALA P 141 24.53 43.19 55.11
N ALA P 142 24.12 42.37 56.06
CA ALA P 142 22.70 42.18 56.35
C ALA P 142 22.54 41.91 57.86
N GLN P 143 21.32 42.07 58.35
CA GLN P 143 21.09 42.00 59.78
C GLN P 143 20.63 40.62 60.10
N VAL P 144 21.07 40.10 61.22
CA VAL P 144 20.50 38.88 61.71
C VAL P 144 19.81 39.25 63.02
N TYR P 145 18.67 38.62 63.28
CA TYR P 145 17.86 38.95 64.44
C TYR P 145 17.55 37.74 65.31
N ILE P 146 18.54 37.21 66.00
CA ILE P 146 18.25 36.11 66.91
C ILE P 146 17.22 36.59 67.91
N GLY P 147 16.27 35.72 68.21
CA GLY P 147 15.28 36.00 69.24
C GLY P 147 14.11 36.83 68.77
N SER P 148 14.24 37.48 67.62
CA SER P 148 13.11 38.22 67.07
C SER P 148 12.19 37.31 66.24
N GLU P 149 11.08 37.88 65.81
CA GLU P 149 10.03 37.09 65.20
C GLU P 149 10.50 36.50 63.89
N TYR P 150 11.33 37.23 63.16
CA TYR P 150 11.74 36.80 61.83
C TYR P 150 13.18 36.35 61.80
N GLU P 151 13.59 35.72 62.89
CA GLU P 151 14.96 35.33 63.06
C GLU P 151 15.39 34.35 61.99
N HIS P 152 14.47 33.49 61.56
CA HIS P 152 14.75 32.47 60.54
C HIS P 152 15.13 33.12 59.21
N GLN P 153 14.26 34.00 58.73
CA GLN P 153 14.49 34.72 57.51
C GLN P 153 15.81 35.47 57.59
N SER P 154 16.08 36.10 58.72
CA SER P 154 17.31 36.88 58.84
C SER P 154 18.55 36.02 58.58
N ILE P 155 18.56 34.79 59.08
CA ILE P 155 19.74 33.96 58.91
C ILE P 155 19.81 33.52 57.46
N LYS P 156 18.65 33.16 56.93
CA LYS P 156 18.55 32.76 55.56
C LYS P 156 19.18 33.84 54.71
N ASN P 157 18.93 35.08 55.12
CA ASN P 157 19.45 36.20 54.35
C ASN P 157 20.95 36.15 54.31
N ILE P 158 21.56 35.97 55.48
CA ILE P 158 22.99 35.87 55.56
C ILE P 158 23.47 34.71 54.70
N ILE P 159 22.79 33.57 54.85
CA ILE P 159 23.18 32.39 54.10
C ILE P 159 23.25 32.67 52.60
N GLN P 160 22.17 33.24 52.12
CA GLN P 160 22.08 33.52 50.72
C GLN P 160 23.19 34.47 50.25
N LEU P 161 23.49 35.47 51.04
CA LEU P 161 24.55 36.38 50.66
C LEU P 161 25.90 35.70 50.63
N VAL P 162 26.10 34.76 51.54
CA VAL P 162 27.36 34.06 51.57
C VAL P 162 27.47 33.13 50.38
N ASP P 163 26.37 32.48 50.02
CA ASP P 163 26.39 31.59 48.88
C ASP P 163 26.82 32.38 47.66
N ALA P 164 26.30 33.61 47.56
CA ALA P 164 26.52 34.39 46.36
C ALA P 164 27.90 34.99 46.42
N GLY P 165 28.32 35.37 47.60
CA GLY P 165 29.58 36.09 47.74
C GLY P 165 30.74 35.17 47.46
N MET P 166 30.57 33.92 47.80
CA MET P 166 31.61 32.96 47.60
C MET P 166 31.88 32.72 46.14
N LYS P 167 30.83 32.82 45.31
CA LYS P 167 30.99 32.66 43.87
C LYS P 167 31.88 33.76 43.35
N VAL P 168 31.92 34.86 44.09
CA VAL P 168 32.40 36.07 43.47
C VAL P 168 33.54 36.80 44.25
N GLY P 169 33.88 36.31 45.45
CA GLY P 169 34.97 36.87 46.24
C GLY P 169 34.51 38.01 47.16
N MET P 170 33.20 38.07 47.41
CA MET P 170 32.62 39.12 48.22
C MET P 170 32.40 38.65 49.63
N PRO P 171 33.07 39.30 50.59
CA PRO P 171 32.85 39.00 52.02
C PRO P 171 31.47 39.45 52.48
N THR P 172 30.93 38.77 53.47
CA THR P 172 29.63 39.13 54.02
C THR P 172 29.75 39.52 55.47
N MET P 173 29.11 40.65 55.82
CA MET P 173 29.05 41.13 57.18
C MET P 173 27.65 40.92 57.71
N ALA P 174 27.58 40.17 58.83
CA ALA P 174 26.33 39.96 59.55
C ALA P 174 26.28 40.91 60.73
N VAL P 175 25.20 41.69 60.82
CA VAL P 175 25.01 42.59 61.95
C VAL P 175 23.91 42.07 62.85
N THR P 176 24.19 42.05 64.15
CA THR P 176 23.23 41.48 65.09
C THR P 176 22.25 42.52 65.59
N GLY P 177 21.01 42.48 65.12
CA GLY P 177 20.00 43.46 65.54
C GLY P 177 19.19 42.92 66.71
N VAL P 178 18.69 43.78 67.61
CA VAL P 178 18.12 43.28 68.87
C VAL P 178 16.70 43.72 69.23
N ARG P 184 20.10 41.58 76.30
CA ARG P 184 21.11 42.42 75.63
C ARG P 184 22.50 42.27 76.27
N ASP P 185 22.81 41.05 76.72
CA ASP P 185 24.01 40.80 77.52
C ASP P 185 24.94 39.88 76.75
N GLN P 186 26.09 39.57 77.33
CA GLN P 186 27.09 38.81 76.62
C GLN P 186 26.58 37.49 76.09
N ARG P 187 25.97 36.70 76.96
CA ARG P 187 25.60 35.34 76.55
C ARG P 187 24.81 35.45 75.28
N TYR P 188 23.95 36.46 75.23
CA TYR P 188 23.15 36.69 74.03
C TYR P 188 23.97 37.02 72.76
N PHE P 189 24.83 38.04 72.84
CA PHE P 189 25.60 38.39 71.67
C PHE P 189 26.54 37.28 71.27
N SER P 190 26.96 36.49 72.23
CA SER P 190 27.75 35.34 71.88
C SER P 190 26.97 34.42 70.95
N LEU P 191 25.76 34.07 71.34
CA LEU P 191 24.92 33.23 70.50
C LEU P 191 24.75 33.85 69.12
N ALA P 192 24.34 35.11 69.07
CA ALA P 192 24.06 35.75 67.81
C ALA P 192 25.31 35.85 66.95
N THR P 193 26.41 36.35 67.51
CA THR P 193 27.60 36.52 66.69
C THR P 193 28.06 35.18 66.14
N ARG P 194 28.05 34.17 67.00
CA ARG P 194 28.66 32.90 66.69
C ARG P 194 27.88 32.14 65.62
N ILE P 195 26.56 32.14 65.74
CA ILE P 195 25.71 31.59 64.71
C ILE P 195 25.99 32.26 63.37
N ALA P 196 26.03 33.59 63.34
CA ALA P 196 26.23 34.28 62.08
C ALA P 196 27.56 33.87 61.47
N ALA P 197 28.58 33.84 62.33
CA ALA P 197 29.94 33.59 61.85
C ALA P 197 30.00 32.16 61.29
N GLU P 198 29.31 31.30 62.02
CA GLU P 198 29.29 29.88 61.75
C GLU P 198 28.58 29.61 60.43
N MET P 199 27.48 30.34 60.20
CA MET P 199 26.79 30.27 58.93
C MET P 199 27.74 30.60 57.80
N GLY P 200 28.70 31.51 58.03
CA GLY P 200 29.71 31.81 57.03
C GLY P 200 30.12 33.26 56.89
N ALA P 201 29.50 34.15 57.67
CA ALA P 201 29.82 35.56 57.58
C ALA P 201 31.30 35.78 57.95
N GLN P 202 32.00 36.54 57.12
CA GLN P 202 33.41 36.85 57.38
C GLN P 202 33.62 37.99 58.35
N ILE P 203 32.66 38.92 58.40
CA ILE P 203 32.71 40.00 59.37
C ILE P 203 31.46 40.01 60.21
N ILE P 204 31.64 40.15 61.52
CA ILE P 204 30.51 40.30 62.41
C ILE P 204 30.50 41.72 62.94
N LYS P 205 29.33 42.34 62.91
CA LYS P 205 29.20 43.64 63.54
C LYS P 205 28.21 43.58 64.69
N THR P 206 28.61 44.10 65.84
CA THR P 206 27.79 43.91 67.01
C THR P 206 28.04 45.01 68.01
N TYR P 207 27.39 44.87 69.17
CA TYR P 207 27.40 45.92 70.15
C TYR P 207 28.39 45.61 71.24
N TYR P 208 28.88 46.65 71.91
CA TYR P 208 29.80 46.47 73.01
C TYR P 208 29.03 46.12 74.26
N VAL P 209 29.67 45.37 75.13
CA VAL P 209 29.04 44.92 76.36
C VAL P 209 29.97 45.14 77.56
N GLU P 210 29.44 45.77 78.62
CA GLU P 210 30.28 46.16 79.74
C GLU P 210 30.87 44.99 80.48
N LYS P 211 30.15 43.88 80.51
CA LYS P 211 30.68 42.69 81.12
C LYS P 211 30.76 41.56 80.12
N GLY P 212 31.96 41.05 79.89
CA GLY P 212 32.12 39.81 79.13
C GLY P 212 32.31 39.95 77.63
N PHE P 213 32.64 41.15 77.18
CA PHE P 213 32.89 41.36 75.77
C PHE P 213 34.01 40.46 75.27
N GLU P 214 34.97 40.18 76.15
CA GLU P 214 36.08 39.33 75.79
C GLU P 214 35.63 37.96 75.28
N ARG P 215 34.62 37.40 75.95
CA ARG P 215 34.08 36.09 75.58
C ARG P 215 33.48 36.16 74.20
N ILE P 216 32.84 37.30 73.91
CA ILE P 216 32.20 37.49 72.63
C ILE P 216 33.24 37.46 71.53
N VAL P 217 34.29 38.25 71.69
CA VAL P 217 35.39 38.25 70.74
C VAL P 217 36.03 36.87 70.65
N ALA P 218 36.39 36.32 71.79
CA ALA P 218 37.13 35.09 71.83
C ALA P 218 36.35 33.99 71.16
N GLY P 219 35.03 34.02 71.33
CA GLY P 219 34.16 33.02 70.73
C GLY P 219 33.86 33.20 69.25
N CYS P 220 34.16 34.38 68.71
CA CYS P 220 33.97 34.65 67.29
C CYS P 220 35.25 34.38 66.52
N PRO P 221 35.17 33.58 65.45
CA PRO P 221 36.39 33.20 64.75
C PRO P 221 36.77 34.19 63.67
N VAL P 222 36.01 35.28 63.55
CA VAL P 222 36.27 36.21 62.47
C VAL P 222 36.15 37.58 63.04
N PRO P 223 36.63 38.58 62.29
CA PRO P 223 36.70 39.93 62.82
C PRO P 223 35.36 40.44 63.33
N ILE P 224 35.43 41.18 64.43
CA ILE P 224 34.29 41.85 64.99
C ILE P 224 34.44 43.35 64.97
N VAL P 225 33.36 44.01 64.61
CA VAL P 225 33.32 45.43 64.60
C VAL P 225 32.14 45.77 65.47
N ILE P 226 32.24 46.86 66.23
CA ILE P 226 31.15 47.23 67.12
C ILE P 226 30.44 48.46 66.63
N ALA P 227 29.12 48.44 66.78
CA ALA P 227 28.31 49.61 66.46
C ALA P 227 28.25 50.49 67.71
N GLY P 228 28.13 51.80 67.50
CA GLY P 228 28.15 52.76 68.60
C GLY P 228 26.88 52.76 69.42
N GLY P 229 25.73 52.62 68.77
CA GLY P 229 24.47 52.73 69.48
C GLY P 229 24.09 54.18 69.67
N LYS P 230 23.21 54.46 70.63
CA LYS P 230 22.71 55.82 70.83
C LYS P 230 23.85 56.76 71.14
N LYS P 231 23.65 58.03 70.79
CA LYS P 231 24.67 59.05 70.99
C LYS P 231 25.01 59.16 72.46
N LEU P 232 26.31 59.30 72.73
CA LEU P 232 26.78 59.51 74.07
C LEU P 232 27.63 60.74 74.00
N PRO P 233 27.95 61.32 75.16
CA PRO P 233 28.99 62.32 75.24
C PRO P 233 30.31 61.71 74.76
N GLU P 234 31.06 62.47 73.97
CA GLU P 234 32.25 61.93 73.33
C GLU P 234 33.16 61.21 74.29
N ARG P 235 33.46 61.84 75.41
CA ARG P 235 34.37 61.23 76.36
C ARG P 235 33.93 59.79 76.58
N GLU P 236 32.63 59.56 76.70
CA GLU P 236 32.14 58.23 77.02
C GLU P 236 32.21 57.27 75.83
N ALA P 237 31.95 57.78 74.63
CA ALA P 237 32.04 56.99 73.41
C ALA P 237 33.47 56.54 73.19
N LEU P 238 34.39 57.49 73.30
CA LEU P 238 35.79 57.14 73.19
C LEU P 238 36.15 56.04 74.16
N GLU P 239 35.71 56.16 75.41
CA GLU P 239 36.05 55.15 76.41
C GLU P 239 35.56 53.79 75.94
N MET P 240 34.34 53.78 75.41
CA MET P 240 33.77 52.58 74.82
C MET P 240 34.64 52.05 73.71
N CYS P 241 35.01 52.94 72.79
CA CYS P 241 35.93 52.55 71.75
C CYS P 241 37.14 51.93 72.37
N TRP P 242 37.76 52.66 73.28
CA TRP P 242 39.03 52.23 73.78
C TRP P 242 38.88 50.84 74.35
N GLN P 243 37.79 50.64 75.07
CA GLN P 243 37.53 49.36 75.72
C GLN P 243 37.34 48.25 74.73
N ALA P 244 36.52 48.51 73.70
CA ALA P 244 36.24 47.51 72.67
C ALA P 244 37.54 47.03 72.03
N ILE P 245 38.35 47.97 71.59
CA ILE P 245 39.63 47.63 71.00
C ILE P 245 40.51 46.90 72.00
N ASP P 246 40.62 47.47 73.19
CA ASP P 246 41.47 46.87 74.18
C ASP P 246 41.06 45.43 74.37
N GLN P 247 39.76 45.15 74.18
CA GLN P 247 39.23 43.82 74.42
C GLN P 247 39.12 42.98 73.15
N GLY P 248 39.79 43.42 72.09
CA GLY P 248 39.97 42.57 70.92
C GLY P 248 39.07 42.80 69.72
N ALA P 249 38.27 43.86 69.73
CA ALA P 249 37.49 44.20 68.56
C ALA P 249 38.41 44.61 67.42
N SER P 250 37.98 44.43 66.17
CA SER P 250 38.85 44.72 65.02
C SER P 250 38.50 46.04 64.34
N GLY P 251 37.43 46.66 64.82
CA GLY P 251 37.06 47.95 64.27
C GLY P 251 35.92 48.47 65.10
N VAL P 252 35.61 49.73 64.92
CA VAL P 252 34.47 50.30 65.58
C VAL P 252 33.73 51.08 64.54
N ASP P 253 32.41 51.03 64.64
CA ASP P 253 31.60 51.94 63.89
C ASP P 253 30.85 52.79 64.87
N MET P 254 31.19 54.07 64.92
CA MET P 254 30.42 55.04 65.67
C MET P 254 29.54 55.72 64.66
N GLY P 255 28.27 55.41 64.66
CA GLY P 255 27.40 56.09 63.72
C GLY P 255 27.01 57.42 64.35
N ARG P 256 25.93 57.38 65.11
CA ARG P 256 25.35 58.57 65.68
C ARG P 256 26.46 59.33 66.39
N ASN P 257 27.31 58.59 67.08
CA ASN P 257 28.29 59.20 67.92
C ASN P 257 29.24 60.05 67.13
N ILE P 258 29.12 59.98 65.81
CA ILE P 258 29.98 60.78 64.99
C ILE P 258 29.17 61.81 64.23
N PHE P 259 28.30 61.36 63.31
CA PHE P 259 27.59 62.31 62.46
C PHE P 259 26.73 63.26 63.28
N GLN P 260 26.39 62.86 64.50
CA GLN P 260 25.60 63.71 65.39
C GLN P 260 26.43 64.66 66.28
N SER P 261 27.68 64.32 66.53
CA SER P 261 28.52 65.20 67.31
C SER P 261 28.59 66.56 66.66
N ASP P 262 28.73 67.60 67.47
CA ASP P 262 28.89 68.96 66.94
C ASP P 262 30.22 69.14 66.21
N HIS P 263 31.19 68.28 66.55
CA HIS P 263 32.52 68.35 65.96
C HIS P 263 32.94 66.98 65.38
N PRO P 264 32.28 66.58 64.29
CA PRO P 264 32.43 65.25 63.73
C PRO P 264 33.87 64.90 63.42
N VAL P 265 34.52 65.72 62.59
CA VAL P 265 35.85 65.40 62.12
C VAL P 265 36.78 65.20 63.29
N ALA P 266 36.63 66.06 64.29
CA ALA P 266 37.45 65.95 65.47
C ALA P 266 37.25 64.57 66.07
N MET P 267 35.99 64.15 66.16
CA MET P 267 35.68 62.87 66.77
C MET P 267 36.40 61.74 66.06
N MET P 268 36.32 61.75 64.73
CA MET P 268 36.93 60.69 63.93
C MET P 268 38.41 60.54 64.16
N LYS P 269 39.11 61.66 64.22
CA LYS P 269 40.53 61.62 64.50
C LYS P 269 40.76 61.03 65.89
N ALA P 270 39.83 61.32 66.79
CA ALA P 270 39.87 60.76 68.13
C ALA P 270 39.81 59.26 67.97
N VAL P 271 38.79 58.81 67.24
CA VAL P 271 38.57 57.38 67.04
C VAL P 271 39.73 56.73 66.31
N GLN P 272 40.25 57.40 65.29
CA GLN P 272 41.41 56.87 64.58
C GLN P 272 42.52 56.60 65.58
N ALA P 273 42.75 57.56 66.46
CA ALA P 273 43.84 57.44 67.41
C ALA P 273 43.66 56.22 68.28
N VAL P 274 42.50 56.08 68.91
CA VAL P 274 42.26 54.94 69.77
C VAL P 274 42.47 53.64 69.00
N VAL P 275 41.83 53.55 67.83
CA VAL P 275 41.77 52.29 67.10
C VAL P 275 43.11 51.86 66.53
N HIS P 276 43.66 52.70 65.65
CA HIS P 276 44.89 52.36 64.96
C HIS P 276 46.14 52.65 65.77
N HIS P 277 46.13 53.77 66.48
CA HIS P 277 47.36 54.24 67.08
C HIS P 277 47.48 53.93 68.56
N ASN P 278 46.42 53.44 69.16
CA ASN P 278 46.56 52.99 70.53
C ASN P 278 46.42 54.06 71.58
N GLU P 279 46.14 55.29 71.18
CA GLU P 279 46.03 56.33 72.19
C GLU P 279 45.07 55.88 73.27
N THR P 280 45.35 56.31 74.49
CA THR P 280 44.50 56.03 75.63
C THR P 280 43.29 56.93 75.50
N ALA P 281 42.18 56.55 76.12
CA ALA P 281 40.95 57.31 75.95
C ALA P 281 41.20 58.79 76.17
N ASP P 282 41.86 59.12 77.27
CA ASP P 282 42.05 60.52 77.67
C ASP P 282 42.79 61.33 76.61
N ARG P 283 43.96 60.86 76.21
CA ARG P 283 44.69 61.56 75.17
C ARG P 283 43.77 61.73 74.00
N ALA P 284 43.14 60.64 73.62
CA ALA P 284 42.25 60.66 72.49
C ALA P 284 41.31 61.83 72.65
N TYR P 285 40.59 61.86 73.76
CA TYR P 285 39.62 62.92 73.99
C TYR P 285 40.25 64.28 73.83
N GLU P 286 41.45 64.42 74.36
CA GLU P 286 42.14 65.69 74.34
C GLU P 286 42.41 66.22 72.95
N LEU P 287 42.95 65.38 72.07
CA LEU P 287 43.07 65.81 70.69
C LEU P 287 41.64 65.96 70.10
N TYR P 288 40.66 65.31 70.72
CA TYR P 288 39.27 65.58 70.34
C TYR P 288 39.02 67.08 70.43
N LEU P 289 39.21 67.61 71.65
CA LEU P 289 39.09 69.04 71.96
C LEU P 289 40.09 69.90 71.22
N SER P 290 41.32 69.38 71.09
CA SER P 290 42.37 69.98 70.27
C SER P 290 41.82 70.32 68.86
N GLU P 291 41.18 69.33 68.22
CA GLU P 291 40.75 69.43 66.81
C GLU P 291 39.48 70.29 66.52
N LYS P 292 38.67 70.58 67.56
CA LYS P 292 37.60 71.58 67.44
C LYS P 292 38.16 72.96 67.02
N GLY Q 12 15.01 43.20 -18.05
CA GLY Q 12 13.64 42.61 -18.14
C GLY Q 12 12.98 42.39 -16.79
N LYS Q 13 13.36 43.22 -15.81
CA LYS Q 13 12.80 43.13 -14.45
C LYS Q 13 11.88 44.31 -14.19
N ASP Q 14 10.77 44.08 -13.48
CA ASP Q 14 9.86 45.18 -13.12
C ASP Q 14 9.67 45.44 -11.62
N PHE Q 15 10.21 46.55 -11.13
CA PHE Q 15 10.08 46.91 -9.72
C PHE Q 15 8.85 47.74 -9.46
N ARG Q 16 8.09 48.02 -10.51
CA ARG Q 16 6.88 48.76 -10.33
C ARG Q 16 7.16 50.01 -9.48
N THR Q 17 8.08 50.86 -9.93
CA THR Q 17 8.45 52.05 -9.18
C THR Q 17 7.32 53.04 -9.09
N ASP Q 18 6.40 52.99 -10.04
CA ASP Q 18 5.31 53.94 -10.08
C ASP Q 18 4.32 53.64 -8.95
N GLN Q 19 4.44 52.45 -8.38
CA GLN Q 19 3.50 52.00 -7.35
C GLN Q 19 4.23 51.69 -6.05
N PRO Q 20 3.99 52.50 -5.01
CA PRO Q 20 4.79 52.44 -3.81
C PRO Q 20 4.24 51.47 -2.79
N GLN Q 21 5.12 50.69 -2.16
CA GLN Q 21 4.68 49.69 -1.16
C GLN Q 21 3.94 50.31 0.01
N LYS Q 22 2.82 49.71 0.38
CA LYS Q 22 1.92 50.29 1.39
C LYS Q 22 1.57 49.23 2.41
N ASN Q 23 1.46 49.61 3.68
CA ASN Q 23 1.28 48.63 4.76
C ASN Q 23 -0.15 48.24 4.96
N ILE Q 24 -0.42 46.94 5.01
CA ILE Q 24 -1.79 46.51 5.30
C ILE Q 24 -2.11 46.61 6.78
N PRO Q 25 -3.13 47.38 7.13
CA PRO Q 25 -3.52 47.52 8.51
C PRO Q 25 -3.95 46.20 9.12
N PHE Q 26 -3.76 46.09 10.43
CA PHE Q 26 -4.23 44.96 11.18
C PHE Q 26 -5.37 45.47 12.07
N THR Q 27 -6.60 45.02 11.81
CA THR Q 27 -7.75 45.72 12.41
C THR Q 27 -8.22 45.11 13.70
N LEU Q 28 -7.82 43.88 13.99
CA LEU Q 28 -8.27 43.21 15.20
C LEU Q 28 -8.11 44.09 16.43
N LYS Q 29 -9.17 44.18 17.23
CA LYS Q 29 -9.25 45.20 18.27
C LYS Q 29 -8.10 45.15 19.30
N GLY Q 30 -7.33 46.23 19.40
CA GLY Q 30 -6.30 46.36 20.42
C GLY Q 30 -5.09 45.46 20.16
N CYS Q 31 -5.00 44.91 18.95
CA CYS Q 31 -3.88 44.04 18.61
C CYS Q 31 -3.07 44.64 17.48
N GLY Q 32 -3.10 45.95 17.34
CA GLY Q 32 -2.42 46.61 16.22
C GLY Q 32 -0.94 46.80 16.43
N ALA Q 33 -0.42 46.55 17.64
CA ALA Q 33 0.98 46.81 17.94
C ALA Q 33 1.71 45.54 18.38
N LEU Q 34 1.41 44.43 17.72
CA LEU Q 34 2.00 43.18 18.11
C LEU Q 34 2.90 42.67 17.03
N ASP Q 35 3.88 41.88 17.43
CA ASP Q 35 4.79 41.29 16.50
C ASP Q 35 4.08 40.35 15.52
N TRP Q 36 4.71 40.08 14.40
CA TRP Q 36 4.06 39.29 13.37
C TRP Q 36 3.49 37.97 13.88
N GLY Q 37 4.33 37.22 14.61
CA GLY Q 37 3.96 35.89 15.12
C GLY Q 37 2.73 35.98 15.98
N MET Q 38 2.71 36.98 16.87
CA MET Q 38 1.60 37.06 17.80
C MET Q 38 0.35 37.43 17.02
N GLN Q 39 0.51 38.33 16.06
CA GLN Q 39 -0.64 38.70 15.28
C GLN Q 39 -1.12 37.48 14.52
N SER Q 40 -0.17 36.65 14.10
CA SER Q 40 -0.50 35.46 13.35
C SER Q 40 -1.37 34.48 14.15
N ARG Q 41 -0.96 34.21 15.39
CA ARG Q 41 -1.69 33.30 16.24
C ARG Q 41 -3.10 33.83 16.46
N LEU Q 42 -3.21 35.12 16.80
CA LEU Q 42 -4.53 35.73 16.98
C LEU Q 42 -5.40 35.61 15.74
N SER Q 43 -4.77 35.76 14.59
CA SER Q 43 -5.47 35.67 13.29
C SER Q 43 -5.99 34.25 13.02
N ARG Q 44 -5.30 33.26 13.58
CA ARG Q 44 -5.82 31.91 13.54
C ARG Q 44 -7.11 31.81 14.31
N ILE Q 45 -7.16 32.47 15.46
CA ILE Q 45 -8.32 32.39 16.36
C ILE Q 45 -9.50 33.23 15.85
N PHE Q 46 -9.25 34.51 15.59
CA PHE Q 46 -10.28 35.45 15.15
C PHE Q 46 -10.19 35.64 13.65
N ASN Q 47 -11.26 35.32 12.95
CA ASN Q 47 -11.27 35.44 11.52
C ASN Q 47 -10.98 36.87 11.10
N PRO Q 48 -10.02 37.04 10.18
CA PRO Q 48 -9.55 38.34 9.76
C PRO Q 48 -10.63 39.07 9.01
N LYS Q 49 -11.39 38.34 8.19
CA LYS Q 49 -12.55 38.93 7.48
C LYS Q 49 -13.63 39.49 8.43
N THR Q 50 -14.11 38.67 9.36
CA THR Q 50 -15.15 39.10 10.29
C THR Q 50 -14.65 39.60 11.64
N GLY Q 51 -13.40 39.31 11.96
CA GLY Q 51 -12.83 39.71 13.25
C GLY Q 51 -13.46 38.99 14.44
N LYS Q 52 -13.95 37.78 14.23
CA LYS Q 52 -14.70 37.06 15.25
C LYS Q 52 -14.38 35.59 15.25
N THR Q 53 -14.78 34.91 16.31
CA THR Q 53 -14.46 33.51 16.45
C THR Q 53 -15.60 32.74 17.10
N VAL Q 54 -15.78 31.49 16.67
CA VAL Q 54 -16.64 30.57 17.36
C VAL Q 54 -15.76 29.55 18.10
N MET Q 55 -15.83 29.55 19.42
CA MET Q 55 -14.93 28.73 20.20
C MET Q 55 -15.64 27.52 20.83
N LEU Q 56 -15.11 26.32 20.66
CA LEU Q 56 -15.66 25.19 21.34
C LEU Q 56 -14.77 24.81 22.53
N ALA Q 57 -15.17 25.21 23.73
CA ALA Q 57 -14.36 24.97 24.93
C ALA Q 57 -14.82 23.77 25.74
N PHE Q 58 -13.94 22.80 25.94
CA PHE Q 58 -14.27 21.66 26.80
C PHE Q 58 -13.20 21.42 27.87
N ASP Q 59 -12.83 22.46 28.61
CA ASP Q 59 -11.73 22.33 29.54
C ASP Q 59 -12.17 22.05 30.97
N HIS Q 60 -13.48 21.95 31.17
CA HIS Q 60 -14.05 21.95 32.54
C HIS Q 60 -13.54 20.80 33.39
N GLY Q 61 -13.11 19.73 32.72
CA GLY Q 61 -12.59 18.57 33.42
C GLY Q 61 -11.52 19.03 34.38
N TYR Q 62 -10.95 20.18 34.09
CA TYR Q 62 -9.77 20.58 34.80
C TYR Q 62 -9.94 20.71 36.32
N PHE Q 63 -11.11 21.16 36.77
CA PHE Q 63 -11.37 21.21 38.20
C PHE Q 63 -12.63 20.44 38.53
N GLN Q 64 -13.29 19.94 37.49
CA GLN Q 64 -14.59 19.35 37.65
C GLN Q 64 -14.70 17.85 37.40
N GLY Q 65 -13.67 17.24 36.85
CA GLY Q 65 -13.77 15.83 36.53
C GLY Q 65 -14.69 15.65 35.36
N PRO Q 66 -15.25 14.44 35.17
CA PRO Q 66 -16.09 14.13 34.03
C PRO Q 66 -17.46 14.78 34.15
N THR Q 67 -17.51 16.07 33.92
CA THR Q 67 -18.77 16.79 33.88
C THR Q 67 -19.68 16.23 32.81
N THR Q 68 -20.98 16.49 32.96
CA THR Q 68 -21.96 15.96 32.02
C THR Q 68 -21.76 16.43 30.62
N GLY Q 69 -21.66 15.49 29.69
CA GLY Q 69 -21.45 15.82 28.30
C GLY Q 69 -19.97 15.86 27.93
N LEU Q 70 -19.10 15.83 28.95
CA LEU Q 70 -17.67 15.77 28.73
C LEU Q 70 -17.16 14.42 29.21
N GLU Q 71 -18.11 13.50 29.43
CA GLU Q 71 -17.74 12.16 29.92
C GLU Q 71 -16.74 11.59 28.95
N ARG Q 72 -17.09 11.58 27.67
CA ARG Q 72 -16.18 11.03 26.69
C ARG Q 72 -15.89 12.05 25.60
N ILE Q 73 -14.89 12.89 25.79
CA ILE Q 73 -14.55 13.85 24.77
C ILE Q 73 -14.37 13.11 23.45
N ASP Q 74 -13.68 11.98 23.50
CA ASP Q 74 -13.24 11.30 22.29
C ASP Q 74 -14.39 10.91 21.39
N ILE Q 75 -15.55 10.74 21.98
CA ILE Q 75 -16.71 10.30 21.23
C ILE Q 75 -17.72 11.42 21.01
N ASN Q 76 -18.12 12.04 22.09
CA ASN Q 76 -19.05 13.12 22.07
C ASN Q 76 -18.60 14.34 21.34
N ILE Q 77 -17.40 14.81 21.66
CA ILE Q 77 -16.92 16.10 21.22
C ILE Q 77 -16.09 16.00 19.96
N ALA Q 78 -15.50 14.84 19.72
CA ALA Q 78 -14.62 14.67 18.55
C ALA Q 78 -15.27 15.09 17.22
N PRO Q 79 -16.52 14.67 16.99
CA PRO Q 79 -17.31 15.08 15.82
C PRO Q 79 -17.50 16.59 15.72
N LEU Q 80 -17.42 17.28 16.84
CA LEU Q 80 -17.71 18.69 16.90
C LEU Q 80 -16.60 19.62 16.41
N PHE Q 81 -15.36 19.14 16.42
CA PHE Q 81 -14.20 20.01 16.16
C PHE Q 81 -14.33 20.75 14.85
N GLU Q 82 -14.66 20.04 13.78
CA GLU Q 82 -14.58 20.69 12.47
C GLU Q 82 -15.44 21.95 12.39
N HIS Q 83 -16.43 22.09 13.25
CA HIS Q 83 -17.36 23.19 13.10
C HIS Q 83 -17.02 24.31 14.05
N ALA Q 84 -15.82 24.24 14.60
CA ALA Q 84 -15.36 25.29 15.49
C ALA Q 84 -14.21 26.06 14.86
N ASP Q 85 -14.11 27.33 15.21
CA ASP Q 85 -12.98 28.15 14.76
C ASP Q 85 -11.76 27.80 15.58
N VAL Q 86 -11.98 27.67 16.88
CA VAL Q 86 -10.93 27.42 17.83
C VAL Q 86 -11.40 26.49 18.96
N LEU Q 87 -10.53 25.57 19.36
CA LEU Q 87 -10.82 24.64 20.43
C LEU Q 87 -10.17 25.16 21.70
N MET Q 88 -10.78 24.82 22.82
CA MET Q 88 -10.18 25.10 24.10
C MET Q 88 -10.27 23.90 25.05
N CYS Q 89 -9.12 23.39 25.44
CA CYS Q 89 -9.07 22.25 26.31
C CYS Q 89 -7.76 22.26 27.10
N THR Q 90 -7.61 21.27 27.95
CA THR Q 90 -6.36 21.09 28.68
C THR Q 90 -5.34 20.37 27.81
N ARG Q 91 -4.07 20.50 28.21
CA ARG Q 91 -2.99 19.89 27.47
C ARG Q 91 -3.11 18.37 27.61
N GLY Q 92 -3.65 17.93 28.75
CA GLY Q 92 -3.82 16.51 29.00
C GLY Q 92 -4.79 15.96 27.98
N ILE Q 93 -5.95 16.59 27.88
CA ILE Q 93 -6.98 16.12 26.99
C ILE Q 93 -6.53 16.24 25.54
N LEU Q 94 -5.89 17.35 25.23
CA LEU Q 94 -5.43 17.58 23.90
C LEU Q 94 -4.50 16.45 23.39
N ARG Q 95 -3.52 16.08 24.20
CA ARG Q 95 -2.59 15.05 23.74
C ARG Q 95 -3.30 13.74 23.61
N SER Q 96 -4.18 13.43 24.56
CA SER Q 96 -4.74 12.08 24.64
C SER Q 96 -5.79 11.79 23.62
N VAL Q 97 -6.71 12.74 23.42
CA VAL Q 97 -7.93 12.43 22.65
C VAL Q 97 -8.30 13.44 21.60
N VAL Q 98 -7.48 14.48 21.41
CA VAL Q 98 -7.71 15.37 20.29
C VAL Q 98 -6.72 15.03 19.22
N PRO Q 99 -7.23 14.64 18.06
CA PRO Q 99 -6.31 14.20 17.02
C PRO Q 99 -5.59 15.42 16.48
N PRO Q 100 -4.28 15.34 16.33
CA PRO Q 100 -3.50 16.44 15.76
C PRO Q 100 -4.06 16.85 14.41
N ALA Q 101 -4.52 15.87 13.64
CA ALA Q 101 -5.03 16.14 12.30
C ALA Q 101 -6.34 16.92 12.31
N THR Q 102 -6.85 17.17 13.51
CA THR Q 102 -8.07 17.92 13.67
C THR Q 102 -7.88 19.26 13.01
N ASN Q 103 -6.62 19.64 12.91
CA ASN Q 103 -6.21 20.85 12.21
C ASN Q 103 -6.97 22.12 12.61
N ARG Q 104 -7.31 22.24 13.88
CA ARG Q 104 -7.98 23.43 14.35
C ARG Q 104 -7.10 24.14 15.38
N PRO Q 105 -7.17 25.49 15.43
CA PRO Q 105 -6.36 26.26 16.39
C PRO Q 105 -6.80 25.90 17.79
N VAL Q 106 -5.86 25.83 18.74
CA VAL Q 106 -6.26 25.60 20.12
C VAL Q 106 -5.81 26.70 21.07
N VAL Q 107 -6.62 26.94 22.08
CA VAL Q 107 -6.24 27.81 23.16
C VAL Q 107 -6.13 26.89 24.39
N LEU Q 108 -4.92 26.69 24.84
CA LEU Q 108 -4.68 25.81 25.95
C LEU Q 108 -5.10 26.46 27.26
N ARG Q 109 -5.87 25.72 28.04
CA ARG Q 109 -6.18 26.14 29.39
C ARG Q 109 -4.96 25.91 30.25
N ALA Q 110 -4.47 26.93 30.93
CA ALA Q 110 -3.19 26.88 31.60
C ALA Q 110 -3.28 27.21 33.06
N SER Q 111 -4.47 27.11 33.64
CA SER Q 111 -4.60 27.30 35.10
C SER Q 111 -5.22 26.03 35.59
N GLY Q 112 -5.13 25.76 36.88
CA GLY Q 112 -5.72 24.54 37.41
C GLY Q 112 -5.33 24.45 38.86
N ALA Q 113 -5.32 23.21 39.38
CA ALA Q 113 -4.97 22.93 40.78
C ALA Q 113 -6.09 23.28 41.76
N ASN Q 114 -7.29 23.52 41.26
CA ASN Q 114 -8.44 23.60 42.11
C ASN Q 114 -9.35 22.38 41.89
N SER Q 115 -10.28 22.16 42.79
CA SER Q 115 -11.26 21.07 42.64
C SER Q 115 -12.59 21.71 42.95
N ILE Q 116 -13.67 21.04 42.56
CA ILE Q 116 -14.97 21.45 43.02
C ILE Q 116 -15.13 21.09 44.49
N LEU Q 117 -14.15 20.42 45.07
CA LEU Q 117 -14.27 20.00 46.47
C LEU Q 117 -13.69 21.04 47.44
N ALA Q 118 -13.11 22.09 46.90
CA ALA Q 118 -12.38 23.04 47.71
C ALA Q 118 -12.61 24.41 47.13
N GLU Q 119 -11.89 25.40 47.62
CA GLU Q 119 -12.12 26.76 47.14
C GLU Q 119 -11.89 26.85 45.63
N LEU Q 120 -12.87 27.39 44.92
CA LEU Q 120 -12.81 27.40 43.48
C LEU Q 120 -11.67 28.28 42.95
N SER Q 121 -11.41 29.39 43.61
CA SER Q 121 -10.47 30.38 43.08
C SER Q 121 -9.03 30.00 43.31
N ASN Q 122 -8.79 28.85 43.94
CA ASN Q 122 -7.43 28.44 44.27
C ASN Q 122 -6.68 27.79 43.08
N GLU Q 123 -6.26 28.62 42.13
CA GLU Q 123 -5.66 28.13 40.89
C GLU Q 123 -4.17 28.49 40.80
N ALA Q 124 -3.40 27.64 40.15
CA ALA Q 124 -2.00 27.95 39.86
C ALA Q 124 -1.76 27.76 38.39
N VAL Q 125 -0.62 28.24 37.90
CA VAL Q 125 -0.35 28.07 36.49
C VAL Q 125 -0.18 26.58 36.27
N ALA Q 126 -0.85 26.04 35.26
CA ALA Q 126 -0.94 24.59 35.11
C ALA Q 126 -0.05 24.00 33.99
N LEU Q 127 0.64 24.84 33.23
CA LEU Q 127 1.65 24.34 32.31
C LEU Q 127 2.64 25.46 31.93
N SER Q 128 3.87 25.08 31.55
CA SER Q 128 4.87 26.06 31.18
C SER Q 128 4.63 26.57 29.74
N MET Q 129 4.99 27.82 29.46
CA MET Q 129 4.84 28.33 28.12
C MET Q 129 5.63 27.41 27.23
N ASP Q 130 6.67 26.87 27.82
CA ASP Q 130 7.55 25.97 27.12
C ASP Q 130 6.77 24.89 26.39
N ASP Q 131 5.87 24.23 27.13
CA ASP Q 131 5.01 23.16 26.58
C ASP Q 131 3.91 23.71 25.70
N ALA Q 132 3.41 24.90 26.03
CA ALA Q 132 2.39 25.50 25.19
C ALA Q 132 2.95 25.69 23.78
N VAL Q 133 4.19 26.15 23.76
CA VAL Q 133 4.87 26.40 22.53
C VAL Q 133 5.10 25.08 21.87
N ARG Q 134 5.42 24.08 22.68
CA ARG Q 134 5.66 22.75 22.15
C ARG Q 134 4.44 22.16 21.46
N LEU Q 135 3.27 22.58 21.94
CA LEU Q 135 2.02 22.05 21.48
C LEU Q 135 1.43 22.91 20.40
N ASN Q 136 2.19 23.92 19.95
CA ASN Q 136 1.73 24.79 18.88
C ASN Q 136 0.42 25.53 19.21
N SER Q 137 0.30 26.05 20.43
CA SER Q 137 -0.93 26.73 20.79
C SER Q 137 -1.07 28.08 20.12
N CYS Q 138 -2.29 28.54 19.98
CA CYS Q 138 -2.53 29.90 19.53
C CYS Q 138 -2.60 30.85 20.71
N ALA Q 139 -2.86 30.31 21.89
CA ALA Q 139 -2.94 31.14 23.05
C ALA Q 139 -3.03 30.24 24.27
N VAL Q 140 -2.77 30.84 25.42
CA VAL Q 140 -2.87 30.15 26.70
C VAL Q 140 -3.86 30.93 27.52
N ALA Q 141 -4.64 30.21 28.33
CA ALA Q 141 -5.72 30.84 29.08
C ALA Q 141 -5.60 30.52 30.56
N ALA Q 142 -5.96 31.50 31.40
CA ALA Q 142 -6.05 31.25 32.83
C ALA Q 142 -7.20 32.07 33.39
N GLN Q 143 -7.64 31.72 34.58
CA GLN Q 143 -8.79 32.34 35.17
C GLN Q 143 -8.33 33.40 36.13
N VAL Q 144 -9.05 34.51 36.13
CA VAL Q 144 -8.83 35.52 37.12
C VAL Q 144 -10.11 35.56 37.98
N TYR Q 145 -9.94 35.74 39.28
CA TYR Q 145 -11.05 35.69 40.20
C TYR Q 145 -11.21 36.92 41.06
N ILE Q 146 -11.59 38.05 40.46
CA ILE Q 146 -11.75 39.23 41.27
C ILE Q 146 -12.78 38.93 42.34
N GLY Q 147 -12.54 39.44 43.54
CA GLY Q 147 -13.49 39.33 44.64
C GLY Q 147 -13.44 38.00 45.37
N SER Q 148 -12.82 36.99 44.76
CA SER Q 148 -12.69 35.70 45.43
C SER Q 148 -11.50 35.68 46.35
N GLU Q 149 -11.37 34.62 47.13
CA GLU Q 149 -10.36 34.55 48.16
C GLU Q 149 -8.95 34.62 47.59
N TYR Q 150 -8.74 34.00 46.44
CA TYR Q 150 -7.42 33.89 45.85
C TYR Q 150 -7.23 34.80 44.63
N GLU Q 151 -7.82 35.97 44.72
CA GLU Q 151 -7.86 36.85 43.58
C GLU Q 151 -6.46 37.31 43.25
N HIS Q 152 -5.61 37.48 44.26
CA HIS Q 152 -4.25 37.93 44.05
C HIS Q 152 -3.43 36.93 43.21
N GLN Q 153 -3.43 35.67 43.63
CA GLN Q 153 -2.75 34.63 42.89
C GLN Q 153 -3.29 34.60 41.44
N SER Q 154 -4.60 34.67 41.29
CA SER Q 154 -5.18 34.53 39.96
C SER Q 154 -4.61 35.58 39.02
N ILE Q 155 -4.42 36.80 39.50
CA ILE Q 155 -3.85 37.85 38.64
C ILE Q 155 -2.37 37.57 38.37
N LYS Q 156 -1.65 37.24 39.44
CA LYS Q 156 -0.28 36.84 39.32
C LYS Q 156 -0.12 35.78 38.25
N ASN Q 157 -1.06 34.84 38.20
CA ASN Q 157 -1.05 33.83 37.14
C ASN Q 157 -1.13 34.45 35.75
N ILE Q 158 -2.04 35.43 35.59
CA ILE Q 158 -2.15 36.06 34.29
C ILE Q 158 -0.84 36.77 33.96
N ILE Q 159 -0.36 37.53 34.94
CA ILE Q 159 0.91 38.23 34.79
C ILE Q 159 2.03 37.32 34.30
N GLN Q 160 2.19 36.22 35.00
CA GLN Q 160 3.27 35.32 34.68
C GLN Q 160 3.13 34.71 33.28
N LEU Q 161 1.89 34.45 32.86
CA LEU Q 161 1.70 33.90 31.52
C LEU Q 161 2.01 34.94 30.48
N VAL Q 162 1.65 36.18 30.74
CA VAL Q 162 1.96 37.26 29.83
C VAL Q 162 3.47 37.49 29.73
N ASP Q 163 4.16 37.45 30.88
CA ASP Q 163 5.62 37.63 30.85
C ASP Q 163 6.28 36.61 29.92
N ALA Q 164 5.84 35.36 30.08
CA ALA Q 164 6.34 34.25 29.26
C ALA Q 164 5.87 34.34 27.79
N GLY Q 165 4.59 34.66 27.59
CA GLY Q 165 4.03 34.67 26.24
C GLY Q 165 4.70 35.74 25.39
N MET Q 166 5.07 36.85 26.02
CA MET Q 166 5.72 37.94 25.32
C MET Q 166 7.10 37.55 24.84
N LYS Q 167 7.77 36.63 25.52
CA LYS Q 167 9.09 36.20 25.06
C LYS Q 167 8.91 35.45 23.76
N VAL Q 168 7.70 34.93 23.54
CA VAL Q 168 7.59 33.82 22.62
C VAL Q 168 6.50 33.99 21.58
N GLY Q 169 5.70 35.06 21.72
CA GLY Q 169 4.68 35.41 20.72
C GLY Q 169 3.34 34.76 21.01
N MET Q 170 3.12 34.37 22.25
CA MET Q 170 1.92 33.65 22.61
C MET Q 170 0.99 34.59 23.31
N PRO Q 171 -0.20 34.77 22.77
CA PRO Q 171 -1.21 35.62 23.40
C PRO Q 171 -1.74 34.95 24.64
N THR Q 172 -2.21 35.74 25.59
CA THR Q 172 -2.83 35.19 26.79
C THR Q 172 -4.29 35.57 26.91
N MET Q 173 -5.11 34.57 27.26
CA MET Q 173 -6.52 34.79 27.49
C MET Q 173 -6.81 34.75 28.99
N ALA Q 174 -7.45 35.79 29.50
CA ALA Q 174 -7.86 35.78 30.88
C ALA Q 174 -9.37 35.53 30.93
N VAL Q 175 -9.77 34.56 31.74
CA VAL Q 175 -11.17 34.30 31.88
C VAL Q 175 -11.61 34.73 33.27
N THR Q 176 -12.73 35.41 33.34
CA THR Q 176 -13.18 35.95 34.59
C THR Q 176 -14.07 34.95 35.27
N GLY Q 177 -13.60 34.36 36.37
CA GLY Q 177 -14.43 33.41 37.13
C GLY Q 177 -15.09 34.05 38.33
N VAL Q 178 -16.30 33.60 38.71
CA VAL Q 178 -17.11 34.35 39.71
C VAL Q 178 -17.55 33.63 41.01
N ARG Q 184 -22.70 39.91 40.17
CA ARG Q 184 -22.61 39.30 38.83
C ARG Q 184 -23.15 40.23 37.72
N ASP Q 185 -22.94 41.53 37.92
CA ASP Q 185 -23.54 42.58 37.09
C ASP Q 185 -22.46 43.31 36.31
N GLN Q 186 -22.86 44.26 35.47
CA GLN Q 186 -21.90 44.92 34.59
C GLN Q 186 -20.74 45.52 35.35
N ARG Q 187 -21.04 46.32 36.36
CA ARG Q 187 -19.98 47.09 36.99
C ARG Q 187 -18.90 46.12 37.38
N TYR Q 188 -19.33 44.97 37.87
CA TYR Q 188 -18.39 43.94 38.26
C TYR Q 188 -17.54 43.42 37.11
N PHE Q 189 -18.18 42.96 36.02
CA PHE Q 189 -17.41 42.42 34.91
C PHE Q 189 -16.51 43.47 34.30
N SER Q 190 -16.95 44.71 34.33
CA SER Q 190 -16.07 45.78 33.89
C SER Q 190 -14.76 45.79 34.68
N LEU Q 191 -14.85 45.81 36.00
CA LEU Q 191 -13.65 45.77 36.83
C LEU Q 191 -12.78 44.57 36.44
N ALA Q 192 -13.38 43.39 36.45
CA ALA Q 192 -12.61 42.19 36.21
C ALA Q 192 -11.99 42.19 34.84
N THR Q 193 -12.77 42.50 33.81
CA THR Q 193 -12.24 42.38 32.46
C THR Q 193 -11.10 43.36 32.27
N ARG Q 194 -11.32 44.56 32.79
CA ARG Q 194 -10.41 45.67 32.56
C ARG Q 194 -9.07 45.49 33.25
N ILE Q 195 -9.12 45.00 34.50
CA ILE Q 195 -7.90 44.67 35.21
C ILE Q 195 -7.10 43.61 34.47
N ALA Q 196 -7.77 42.55 34.04
CA ALA Q 196 -7.09 41.51 33.29
C ALA Q 196 -6.42 42.10 32.04
N ALA Q 197 -7.19 42.91 31.30
CA ALA Q 197 -6.75 43.41 30.02
C ALA Q 197 -5.56 44.30 30.24
N GLU Q 198 -5.68 45.09 31.29
CA GLU Q 198 -4.70 46.08 31.66
C GLU Q 198 -3.41 45.39 32.08
N MET Q 199 -3.51 44.29 32.83
CA MET Q 199 -2.33 43.51 33.21
C MET Q 199 -1.58 43.02 32.00
N GLY Q 200 -2.29 42.73 30.91
CA GLY Q 200 -1.61 42.35 29.69
C GLY Q 200 -2.31 41.33 28.82
N ALA Q 201 -3.45 40.80 29.28
CA ALA Q 201 -4.11 39.76 28.51
C ALA Q 201 -4.57 40.29 27.17
N GLN Q 202 -4.27 39.55 26.11
CA GLN Q 202 -4.73 39.97 24.80
C GLN Q 202 -6.19 39.57 24.52
N ILE Q 203 -6.66 38.49 25.12
CA ILE Q 203 -8.06 38.11 24.94
C ILE Q 203 -8.74 38.01 26.28
N ILE Q 204 -9.94 38.55 26.37
CA ILE Q 204 -10.73 38.43 27.59
C ILE Q 204 -11.94 37.55 27.33
N LYS Q 205 -12.16 36.57 28.18
CA LYS Q 205 -13.34 35.78 28.03
C LYS Q 205 -14.23 35.97 29.23
N THR Q 206 -15.49 36.26 28.99
CA THR Q 206 -16.33 36.63 30.11
C THR Q 206 -17.78 36.26 29.84
N TYR Q 207 -18.66 36.68 30.73
CA TYR Q 207 -20.06 36.34 30.64
C TYR Q 207 -20.90 37.47 30.12
N TYR Q 208 -21.99 37.13 29.45
CA TYR Q 208 -22.90 38.13 28.94
C TYR Q 208 -23.77 38.70 30.06
N VAL Q 209 -24.17 39.95 29.90
CA VAL Q 209 -24.94 40.60 30.91
C VAL Q 209 -26.13 41.28 30.26
N GLU Q 210 -27.32 41.07 30.80
CA GLU Q 210 -28.52 41.62 30.18
C GLU Q 210 -28.59 43.13 30.17
N LYS Q 211 -28.00 43.77 31.17
CA LYS Q 211 -27.94 45.20 31.19
C LYS Q 211 -26.49 45.66 31.22
N GLY Q 212 -26.11 46.42 30.19
CA GLY Q 212 -24.84 47.13 30.22
C GLY Q 212 -23.63 46.42 29.63
N PHE Q 213 -23.89 45.37 28.87
CA PHE Q 213 -22.79 44.67 28.25
C PHE Q 213 -21.94 45.58 27.41
N GLU Q 214 -22.60 46.57 26.80
CA GLU Q 214 -21.93 47.50 25.93
C GLU Q 214 -20.77 48.17 26.65
N ARG Q 215 -20.97 48.54 27.92
CA ARG Q 215 -19.97 49.25 28.72
C ARG Q 215 -18.79 48.33 28.99
N ILE Q 216 -19.12 47.05 29.16
CA ILE Q 216 -18.07 46.07 29.32
C ILE Q 216 -17.17 46.00 28.08
N VAL Q 217 -17.78 45.81 26.91
CA VAL Q 217 -17.01 45.77 25.69
C VAL Q 217 -16.25 47.07 25.49
N ALA Q 218 -16.96 48.17 25.64
CA ALA Q 218 -16.40 49.49 25.33
C ALA Q 218 -15.20 49.75 26.22
N GLY Q 219 -15.30 49.34 27.49
CA GLY Q 219 -14.23 49.51 28.47
C GLY Q 219 -13.03 48.57 28.30
N CYS Q 220 -13.21 47.49 27.54
CA CYS Q 220 -12.14 46.55 27.29
C CYS Q 220 -11.42 46.88 26.00
N PRO Q 221 -10.09 47.00 26.05
CA PRO Q 221 -9.37 47.45 24.87
C PRO Q 221 -8.97 46.30 23.96
N VAL Q 222 -9.37 45.10 24.30
CA VAL Q 222 -8.95 43.94 23.53
C VAL Q 222 -10.17 43.05 23.33
N PRO Q 223 -10.05 42.09 22.43
CA PRO Q 223 -11.19 41.28 22.07
C PRO Q 223 -11.82 40.61 23.26
N ILE Q 224 -13.14 40.54 23.23
CA ILE Q 224 -13.89 39.81 24.26
C ILE Q 224 -14.63 38.62 23.65
N VAL Q 225 -14.58 37.51 24.35
CA VAL Q 225 -15.32 36.35 23.98
C VAL Q 225 -16.21 36.02 25.17
N ILE Q 226 -17.43 35.59 24.91
CA ILE Q 226 -18.32 35.32 26.02
C ILE Q 226 -18.52 33.83 26.19
N ALA Q 227 -18.56 33.41 27.46
CA ALA Q 227 -18.83 32.03 27.78
C ALA Q 227 -20.34 31.88 27.88
N GLY Q 228 -20.83 30.69 27.54
CA GLY Q 228 -22.27 30.41 27.56
C GLY Q 228 -22.88 30.29 28.94
N GLY Q 229 -22.19 29.66 29.87
CA GLY Q 229 -22.76 29.45 31.19
C GLY Q 229 -23.68 28.25 31.14
N LYS Q 230 -24.62 28.17 32.07
CA LYS Q 230 -25.48 26.98 32.18
C LYS Q 230 -26.29 26.76 30.90
N LYS Q 231 -26.65 25.51 30.65
CA LYS Q 231 -27.40 25.13 29.46
C LYS Q 231 -28.74 25.84 29.43
N LEU Q 232 -29.08 26.39 28.27
CA LEU Q 232 -30.36 27.01 28.08
C LEU Q 232 -30.99 26.33 26.90
N PRO Q 233 -32.29 26.52 26.72
CA PRO Q 233 -32.95 26.13 25.49
C PRO Q 233 -32.30 26.89 24.35
N GLU Q 234 -32.07 26.21 23.23
CA GLU Q 234 -31.29 26.76 22.15
C GLU Q 234 -31.77 28.13 21.74
N ARG Q 235 -33.08 28.25 21.55
CA ARG Q 235 -33.63 29.53 21.14
C ARG Q 235 -33.04 30.64 22.02
N GLU Q 236 -33.01 30.39 23.32
CA GLU Q 236 -32.54 31.40 24.24
C GLU Q 236 -31.04 31.65 24.16
N ALA Q 237 -30.28 30.57 23.95
CA ALA Q 237 -28.83 30.68 23.82
C ALA Q 237 -28.48 31.48 22.58
N LEU Q 238 -29.12 31.17 21.47
CA LEU Q 238 -28.90 31.91 20.25
C LEU Q 238 -29.19 33.39 20.45
N GLU Q 239 -30.29 33.69 21.15
CA GLU Q 239 -30.63 35.07 21.38
C GLU Q 239 -29.50 35.75 22.15
N MET Q 240 -29.00 35.06 23.17
CA MET Q 240 -27.83 35.53 23.89
C MET Q 240 -26.62 35.76 22.99
N CYS Q 241 -26.33 34.78 22.14
CA CYS Q 241 -25.28 34.96 21.16
C CYS Q 241 -25.55 36.21 20.37
N TRP Q 242 -26.75 36.25 19.80
CA TRP Q 242 -27.06 37.31 18.90
C TRP Q 242 -26.79 38.65 19.58
N GLN Q 243 -27.28 38.75 20.81
CA GLN Q 243 -27.14 39.96 21.59
C GLN Q 243 -25.70 40.33 21.85
N ALA Q 244 -24.90 39.34 22.25
CA ALA Q 244 -23.51 39.58 22.57
C ALA Q 244 -22.76 40.11 21.36
N ILE Q 245 -22.94 39.45 20.23
CA ILE Q 245 -22.30 39.93 19.02
C ILE Q 245 -22.80 41.32 18.66
N ASP Q 246 -24.13 41.47 18.62
CA ASP Q 246 -24.73 42.76 18.33
C ASP Q 246 -24.15 43.86 19.21
N GLN Q 247 -23.75 43.50 20.42
CA GLN Q 247 -23.23 44.46 21.36
C GLN Q 247 -21.72 44.51 21.41
N GLY Q 248 -21.07 43.91 20.41
CA GLY Q 248 -19.63 44.13 20.20
C GLY Q 248 -18.70 43.04 20.66
N ALA Q 249 -19.23 41.90 21.07
CA ALA Q 249 -18.36 40.78 21.44
C ALA Q 249 -17.64 40.26 20.21
N SER Q 250 -16.42 39.76 20.37
CA SER Q 250 -15.65 39.29 19.24
C SER Q 250 -15.76 37.79 18.98
N GLY Q 251 -16.43 37.09 19.87
CA GLY Q 251 -16.65 35.67 19.69
C GLY Q 251 -17.50 35.14 20.80
N VAL Q 252 -18.00 33.94 20.63
CA VAL Q 252 -18.78 33.33 21.69
C VAL Q 252 -18.25 31.95 21.90
N ASP Q 253 -18.21 31.55 23.17
CA ASP Q 253 -17.99 30.17 23.47
C ASP Q 253 -19.25 29.64 24.14
N MET Q 254 -19.97 28.79 23.43
CA MET Q 254 -21.08 28.09 24.05
C MET Q 254 -20.53 26.75 24.45
N GLY Q 255 -20.31 26.54 25.73
CA GLY Q 255 -19.81 25.25 26.13
C GLY Q 255 -21.00 24.34 26.23
N ARG Q 256 -21.55 24.28 27.43
CA ARG Q 256 -22.61 23.37 27.72
C ARG Q 256 -23.65 23.48 26.64
N ASN Q 257 -23.92 24.72 26.24
CA ASN Q 257 -25.00 25.01 25.31
C ASN Q 257 -24.82 24.34 24.00
N ILE Q 258 -23.65 23.76 23.79
CA ILE Q 258 -23.41 23.01 22.58
C ILE Q 258 -23.28 21.53 22.83
N PHE Q 259 -22.23 21.14 23.56
CA PHE Q 259 -21.94 19.71 23.77
C PHE Q 259 -23.11 19.02 24.47
N GLN Q 260 -23.91 19.79 25.19
CA GLN Q 260 -25.07 19.21 25.86
C GLN Q 260 -26.35 19.21 25.02
N SER Q 261 -26.44 20.05 24.00
CA SER Q 261 -27.60 20.01 23.14
C SER Q 261 -27.80 18.64 22.51
N ASP Q 262 -29.04 18.24 22.26
CA ASP Q 262 -29.28 16.95 21.62
C ASP Q 262 -28.85 16.99 20.18
N HIS Q 263 -28.75 18.19 19.62
CA HIS Q 263 -28.32 18.33 18.24
C HIS Q 263 -27.17 19.30 18.11
N PRO Q 264 -25.98 18.87 18.54
CA PRO Q 264 -24.82 19.74 18.66
C PRO Q 264 -24.43 20.43 17.36
N VAL Q 265 -24.20 19.65 16.32
CA VAL Q 265 -23.69 20.21 15.09
C VAL Q 265 -24.65 21.27 14.57
N ALA Q 266 -25.93 20.96 14.66
CA ALA Q 266 -26.93 21.91 14.23
C ALA Q 266 -26.75 23.21 15.00
N MET Q 267 -26.61 23.11 16.31
CA MET Q 267 -26.39 24.29 17.13
C MET Q 267 -25.21 25.14 16.59
N MET Q 268 -24.08 24.47 16.35
CA MET Q 268 -22.86 25.18 15.96
C MET Q 268 -23.09 25.98 14.70
N LYS Q 269 -23.76 25.38 13.73
CA LYS Q 269 -24.06 26.08 12.49
C LYS Q 269 -24.95 27.26 12.79
N ALA Q 270 -25.84 27.10 13.77
CA ALA Q 270 -26.66 28.20 14.24
C ALA Q 270 -25.75 29.30 14.72
N VAL Q 271 -24.80 28.94 15.57
CA VAL Q 271 -23.91 29.92 16.17
C VAL Q 271 -23.02 30.56 15.12
N GLN Q 272 -22.55 29.74 14.18
CA GLN Q 272 -21.70 30.25 13.11
C GLN Q 272 -22.46 31.36 12.43
N ALA Q 273 -23.72 31.08 12.16
CA ALA Q 273 -24.54 32.02 11.42
C ALA Q 273 -24.65 33.35 12.14
N VAL Q 274 -25.02 33.30 13.41
CA VAL Q 274 -25.15 34.53 14.17
C VAL Q 274 -23.83 35.28 14.20
N VAL Q 275 -22.76 34.56 14.53
CA VAL Q 275 -21.47 35.19 14.73
C VAL Q 275 -20.87 35.77 13.47
N HIS Q 276 -20.56 34.91 12.51
CA HIS Q 276 -19.86 35.34 11.30
C HIS Q 276 -20.75 35.97 10.27
N HIS Q 277 -21.93 35.39 10.09
CA HIS Q 277 -22.79 35.79 8.97
C HIS Q 277 -23.91 36.76 9.32
N ASN Q 278 -24.09 37.06 10.59
CA ASN Q 278 -25.04 38.09 10.95
C ASN Q 278 -26.49 37.68 11.01
N GLU Q 279 -26.79 36.40 10.76
CA GLU Q 279 -28.19 36.01 10.78
C GLU Q 279 -28.80 36.51 12.07
N THR Q 280 -30.08 36.79 12.00
CA THR Q 280 -30.85 37.24 13.13
C THR Q 280 -31.18 36.01 13.94
N ALA Q 281 -31.43 36.18 15.22
CA ALA Q 281 -31.63 35.03 16.09
C ALA Q 281 -32.60 34.02 15.47
N ASP Q 282 -33.72 34.51 14.96
CA ASP Q 282 -34.79 33.63 14.49
C ASP Q 282 -34.36 32.78 13.33
N ARG Q 283 -33.82 33.41 12.30
CA ARG Q 283 -33.34 32.65 11.18
C ARG Q 283 -32.40 31.61 11.71
N ALA Q 284 -31.49 32.06 12.55
CA ALA Q 284 -30.45 31.18 13.09
C ALA Q 284 -31.12 29.95 13.68
N TYR Q 285 -32.07 30.19 14.59
CA TYR Q 285 -32.75 29.08 15.23
C TYR Q 285 -33.34 28.15 14.19
N GLU Q 286 -33.93 28.74 13.16
CA GLU Q 286 -34.59 27.98 12.12
C GLU Q 286 -33.69 27.02 11.39
N LEU Q 287 -32.53 27.48 10.94
CA LEU Q 287 -31.57 26.54 10.39
C LEU Q 287 -31.10 25.60 11.51
N TYR Q 288 -31.24 26.02 12.77
CA TYR Q 288 -30.97 25.11 13.86
C TYR Q 288 -31.83 23.87 13.67
N LEU Q 289 -33.13 24.10 13.58
CA LEU Q 289 -34.12 23.05 13.34
C LEU Q 289 -33.94 22.40 11.98
N SER Q 290 -33.72 23.24 10.98
CA SER Q 290 -33.36 22.74 9.67
C SER Q 290 -32.30 21.63 9.76
N GLU Q 291 -31.22 21.87 10.52
CA GLU Q 291 -30.07 20.98 10.48
C GLU Q 291 -30.21 19.71 11.32
N LYS Q 292 -31.27 19.63 12.15
CA LYS Q 292 -31.58 18.38 12.86
C LYS Q 292 -31.90 17.22 11.91
N GLY R 12 21.71 -2.85 -9.00
CA GLY R 12 21.32 -4.01 -8.15
C GLY R 12 20.69 -3.66 -6.80
N LYS R 13 20.00 -2.53 -6.74
CA LYS R 13 19.37 -2.06 -5.50
C LYS R 13 17.85 -2.17 -5.63
N ASP R 14 17.16 -2.53 -4.56
CA ASP R 14 15.69 -2.61 -4.60
C ASP R 14 14.96 -1.67 -3.64
N PHE R 15 14.27 -0.66 -4.16
CA PHE R 15 13.57 0.27 -3.31
C PHE R 15 12.16 -0.15 -3.09
N ARG R 16 11.77 -1.24 -3.71
CA ARG R 16 10.43 -1.73 -3.57
C ARG R 16 9.40 -0.61 -3.80
N THR R 17 9.45 0.02 -4.96
CA THR R 17 8.55 1.13 -5.27
C THR R 17 7.12 0.72 -5.33
N ASP R 18 6.88 -0.55 -5.64
CA ASP R 18 5.51 -1.07 -5.77
C ASP R 18 4.84 -1.18 -4.42
N GLN R 19 5.63 -1.08 -3.35
CA GLN R 19 5.12 -1.22 -1.98
C GLN R 19 5.43 0.02 -1.16
N PRO R 20 4.39 0.79 -0.81
CA PRO R 20 4.59 2.10 -0.21
C PRO R 20 4.72 2.06 1.31
N GLN R 21 5.64 2.83 1.85
CA GLN R 21 5.81 2.88 3.30
C GLN R 21 4.54 3.29 4.02
N LYS R 22 4.23 2.56 5.08
CA LYS R 22 2.99 2.76 5.84
C LYS R 22 3.28 2.84 7.34
N ASN R 23 2.58 3.74 8.03
CA ASN R 23 2.87 4.01 9.43
C ASN R 23 2.25 2.99 10.37
N ILE R 24 3.06 2.39 11.24
CA ILE R 24 2.48 1.52 12.26
C ILE R 24 1.81 2.28 13.40
N PRO R 25 0.51 2.03 13.60
CA PRO R 25 -0.24 2.72 14.65
C PRO R 25 0.31 2.36 16.02
N PHE R 26 0.19 3.33 16.94
CA PHE R 26 0.50 3.12 18.34
C PHE R 26 -0.83 3.07 19.11
N THR R 27 -1.18 1.91 19.61
CA THR R 27 -2.53 1.75 20.15
C THR R 27 -2.70 2.04 21.62
N LEU R 28 -1.62 2.15 22.36
CA LEU R 28 -1.73 2.45 23.77
C LEU R 28 -2.68 3.60 24.04
N LYS R 29 -3.56 3.41 25.00
CA LYS R 29 -4.66 4.34 25.19
C LYS R 29 -4.23 5.75 25.49
N GLY R 30 -4.55 6.66 24.57
CA GLY R 30 -4.39 8.09 24.82
C GLY R 30 -2.95 8.50 24.71
N CYS R 31 -2.13 7.61 24.18
CA CYS R 31 -0.71 7.90 24.00
C CYS R 31 -0.32 7.92 22.53
N GLY R 32 -1.29 8.27 21.68
CA GLY R 32 -1.07 8.25 20.24
C GLY R 32 -0.35 9.48 19.72
N ALA R 33 -0.21 10.51 20.56
CA ALA R 33 0.33 11.74 20.07
C ALA R 33 1.60 12.13 20.82
N LEU R 34 2.43 11.12 21.10
CA LEU R 34 3.63 11.40 21.88
C LEU R 34 4.85 11.16 21.05
N ASP R 35 5.92 11.85 21.40
CA ASP R 35 7.14 11.75 20.66
C ASP R 35 7.69 10.34 20.85
N TRP R 36 8.64 9.96 20.00
CA TRP R 36 9.11 8.58 19.95
C TRP R 36 9.61 8.12 21.31
N GLY R 37 10.45 8.94 21.94
CA GLY R 37 11.03 8.60 23.19
C GLY R 37 10.00 8.38 24.26
N MET R 38 9.03 9.26 24.32
CA MET R 38 8.01 9.08 25.33
C MET R 38 7.21 7.82 25.08
N GLN R 39 6.87 7.56 23.82
CA GLN R 39 6.16 6.35 23.50
C GLN R 39 7.01 5.13 23.82
N SER R 40 8.33 5.29 23.70
CA SER R 40 9.23 4.20 23.95
C SER R 40 9.24 3.84 25.42
N ARG R 41 9.28 4.86 26.28
CA ARG R 41 9.32 4.59 27.69
C ARG R 41 8.05 3.90 28.10
N LEU R 42 6.92 4.44 27.65
CA LEU R 42 5.62 3.84 27.91
C LEU R 42 5.54 2.40 27.41
N SER R 43 6.19 2.12 26.28
CA SER R 43 6.17 0.78 25.74
C SER R 43 6.95 -0.17 26.61
N ARG R 44 7.89 0.35 27.35
CA ARG R 44 8.64 -0.50 28.26
C ARG R 44 7.70 -0.94 29.35
N ILE R 45 6.87 -0.02 29.81
CA ILE R 45 5.99 -0.27 30.94
C ILE R 45 4.82 -1.16 30.53
N PHE R 46 4.09 -0.75 29.51
CA PHE R 46 2.90 -1.47 29.07
C PHE R 46 3.22 -2.31 27.89
N ASN R 47 2.99 -3.61 28.02
CA ASN R 47 3.30 -4.53 26.94
C ASN R 47 2.56 -4.18 25.68
N PRO R 48 3.29 -3.96 24.58
CA PRO R 48 2.69 -3.54 23.31
C PRO R 48 1.67 -4.57 22.79
N LYS R 49 1.99 -5.85 22.94
CA LYS R 49 1.08 -6.90 22.51
C LYS R 49 -0.22 -6.82 23.28
N THR R 50 -0.18 -6.79 24.61
CA THR R 50 -1.41 -6.86 25.39
C THR R 50 -1.83 -5.51 25.88
N GLY R 51 -0.95 -4.53 25.81
CA GLY R 51 -1.27 -3.17 26.26
C GLY R 51 -1.49 -3.05 27.75
N LYS R 52 -0.82 -3.91 28.51
CA LYS R 52 -0.98 -3.97 29.95
C LYS R 52 0.34 -4.18 30.68
N THR R 53 0.31 -4.05 31.99
CA THR R 53 1.51 -4.14 32.76
C THR R 53 1.22 -4.70 34.12
N VAL R 54 2.17 -5.47 34.63
CA VAL R 54 2.15 -5.96 36.00
C VAL R 54 3.24 -5.20 36.78
N MET R 55 2.82 -4.41 37.73
CA MET R 55 3.75 -3.52 38.38
C MET R 55 4.05 -4.01 39.81
N LEU R 56 5.30 -4.10 40.18
CA LEU R 56 5.61 -4.43 41.57
C LEU R 56 6.07 -3.18 42.29
N ALA R 57 5.20 -2.59 43.08
CA ALA R 57 5.55 -1.32 43.72
C ALA R 57 5.95 -1.49 45.20
N PHE R 58 7.13 -1.01 45.58
CA PHE R 58 7.57 -1.04 46.97
C PHE R 58 8.07 0.30 47.50
N ASP R 59 7.30 1.37 47.26
CA ASP R 59 7.77 2.70 47.56
C ASP R 59 7.28 3.27 48.89
N HIS R 60 6.51 2.47 49.62
CA HIS R 60 5.81 2.93 50.80
C HIS R 60 6.73 3.43 51.90
N GLY R 61 7.97 2.94 51.91
CA GLY R 61 8.95 3.43 52.86
C GLY R 61 8.98 4.95 52.84
N TYR R 62 8.55 5.54 51.75
CA TYR R 62 8.76 6.96 51.53
C TYR R 62 8.11 7.82 52.57
N PHE R 63 6.96 7.41 53.07
CA PHE R 63 6.39 8.17 54.16
C PHE R 63 6.10 7.26 55.34
N GLN R 64 6.40 5.98 55.17
CA GLN R 64 6.02 5.01 56.15
C GLN R 64 7.15 4.34 56.91
N GLY R 65 8.39 4.50 56.48
CA GLY R 65 9.47 3.77 57.11
C GLY R 65 9.36 2.31 56.74
N PRO R 66 9.97 1.41 57.54
CA PRO R 66 10.04 0.00 57.19
C PRO R 66 8.73 -0.66 57.50
N THR R 67 7.76 -0.43 56.62
CA THR R 67 6.50 -1.13 56.66
C THR R 67 6.71 -2.63 56.58
N THR R 68 5.72 -3.37 57.07
CA THR R 68 5.78 -4.84 57.04
C THR R 68 5.97 -5.40 55.64
N GLY R 69 6.93 -6.27 55.50
CA GLY R 69 7.16 -6.92 54.25
C GLY R 69 8.16 -6.14 53.43
N LEU R 70 8.37 -4.87 53.80
CA LEU R 70 9.38 -4.04 53.13
C LEU R 70 10.57 -3.81 54.05
N GLU R 71 10.63 -4.58 55.13
CA GLU R 71 11.69 -4.42 56.08
C GLU R 71 13.01 -4.53 55.35
N ARG R 72 13.17 -5.59 54.57
CA ARG R 72 14.42 -5.76 53.85
C ARG R 72 14.13 -5.97 52.38
N ILE R 73 14.11 -4.88 51.61
CA ILE R 73 13.86 -4.99 50.18
C ILE R 73 14.87 -5.93 49.57
N ASP R 74 16.09 -5.86 50.05
CA ASP R 74 17.23 -6.49 49.41
C ASP R 74 17.11 -7.98 49.48
N ILE R 75 16.36 -8.47 50.45
CA ILE R 75 16.22 -9.89 50.62
C ILE R 75 14.86 -10.39 50.17
N ASN R 76 13.82 -9.80 50.76
CA ASN R 76 12.44 -10.09 50.48
C ASN R 76 11.98 -9.82 49.05
N ILE R 77 12.25 -8.61 48.57
CA ILE R 77 11.74 -8.17 47.28
C ILE R 77 12.69 -8.51 46.12
N ALA R 78 13.99 -8.56 46.38
CA ALA R 78 14.94 -8.81 45.29
C ALA R 78 14.57 -9.99 44.40
N PRO R 79 14.13 -11.10 45.00
CA PRO R 79 13.75 -12.27 44.24
C PRO R 79 12.53 -11.99 43.35
N LEU R 80 11.78 -10.95 43.68
CA LEU R 80 10.52 -10.70 43.03
C LEU R 80 10.62 -9.95 41.71
N PHE R 81 11.74 -9.29 41.49
CA PHE R 81 11.87 -8.37 40.38
C PHE R 81 11.61 -9.03 39.06
N GLU R 82 12.26 -10.17 38.80
CA GLU R 82 12.17 -10.78 37.49
C GLU R 82 10.74 -11.05 37.06
N HIS R 83 9.79 -11.15 37.98
CA HIS R 83 8.45 -11.56 37.56
C HIS R 83 7.55 -10.37 37.40
N ALA R 84 8.14 -9.18 37.39
CA ALA R 84 7.35 -7.98 37.26
C ALA R 84 7.64 -7.32 35.92
N ASP R 85 6.65 -6.63 35.37
CA ASP R 85 6.86 -5.90 34.13
C ASP R 85 7.64 -4.63 34.43
N VAL R 86 7.25 -3.98 35.52
CA VAL R 86 7.80 -2.70 35.89
C VAL R 86 7.91 -2.61 37.41
N LEU R 87 9.00 -1.99 37.89
CA LEU R 87 9.23 -1.79 39.31
C LEU R 87 8.89 -0.36 39.69
N MET R 88 8.43 -0.19 40.92
CA MET R 88 8.22 1.16 41.38
C MET R 88 8.74 1.34 42.80
N CYS R 89 9.72 2.22 42.91
CA CYS R 89 10.37 2.46 44.19
C CYS R 89 10.93 3.88 44.22
N THR R 90 11.48 4.26 45.37
CA THR R 90 12.18 5.52 45.50
C THR R 90 13.53 5.46 44.87
N ARG R 91 14.11 6.64 44.68
CA ARG R 91 15.43 6.72 44.07
C ARG R 91 16.45 6.27 45.10
N GLY R 92 16.15 6.52 46.37
CA GLY R 92 16.99 6.05 47.45
C GLY R 92 17.15 4.53 47.42
N ILE R 93 16.04 3.84 47.49
CA ILE R 93 16.04 2.40 47.49
C ILE R 93 16.63 1.80 46.21
N LEU R 94 16.27 2.41 45.09
CA LEU R 94 16.73 1.93 43.82
C LEU R 94 18.25 1.90 43.81
N ARG R 95 18.87 3.03 44.16
CA ARG R 95 20.33 3.09 44.07
C ARG R 95 20.99 2.14 45.04
N SER R 96 20.45 2.03 46.24
CA SER R 96 21.06 1.21 47.27
C SER R 96 20.90 -0.30 47.16
N VAL R 97 19.70 -0.76 46.81
CA VAL R 97 19.43 -2.18 46.94
C VAL R 97 18.74 -2.82 45.77
N VAL R 98 18.49 -2.05 44.71
CA VAL R 98 18.03 -2.65 43.48
C VAL R 98 19.19 -2.76 42.53
N PRO R 99 19.55 -3.97 42.16
CA PRO R 99 20.65 -4.17 41.23
C PRO R 99 20.36 -3.61 39.83
N PRO R 100 21.23 -2.76 39.30
CA PRO R 100 21.03 -2.27 37.94
C PRO R 100 20.77 -3.41 36.96
N ALA R 101 21.46 -4.55 37.16
CA ALA R 101 21.33 -5.69 36.25
C ALA R 101 19.93 -6.33 36.35
N THR R 102 19.12 -5.82 37.24
CA THR R 102 17.78 -6.36 37.40
C THR R 102 17.08 -6.22 36.07
N ASN R 103 17.59 -5.30 35.27
CA ASN R 103 17.11 -5.08 33.92
C ASN R 103 15.61 -5.03 33.77
N ARG R 104 14.94 -4.35 34.69
CA ARG R 104 13.50 -4.15 34.59
C ARG R 104 13.20 -2.64 34.58
N PRO R 105 12.17 -2.21 33.84
CA PRO R 105 11.84 -0.79 33.78
C PRO R 105 11.40 -0.29 35.13
N VAL R 106 11.76 0.93 35.50
CA VAL R 106 11.26 1.45 36.79
C VAL R 106 10.43 2.71 36.65
N VAL R 107 9.46 2.85 37.54
CA VAL R 107 8.75 4.09 37.66
C VAL R 107 9.21 4.71 38.99
N LEU R 108 9.97 5.78 38.95
CA LEU R 108 10.43 6.37 40.18
C LEU R 108 9.31 7.09 40.92
N ARG R 109 9.22 6.86 42.21
CA ARG R 109 8.30 7.64 43.01
C ARG R 109 8.94 8.97 43.30
N ALA R 110 8.31 10.07 42.89
CA ALA R 110 8.94 11.40 42.95
C ALA R 110 8.22 12.40 43.88
N SER R 111 7.42 11.91 44.80
CA SER R 111 6.77 12.79 45.74
C SER R 111 7.18 12.27 47.11
N GLY R 112 7.16 13.12 48.12
CA GLY R 112 7.54 12.70 49.44
C GLY R 112 7.44 13.86 50.37
N ALA R 113 8.16 13.79 51.48
CA ALA R 113 8.21 14.86 52.48
C ALA R 113 7.02 14.80 53.43
N ASN R 114 6.24 13.73 53.35
CA ASN R 114 5.23 13.50 54.37
C ASN R 114 5.65 12.33 55.27
N SER R 115 5.02 12.18 56.43
CA SER R 115 5.29 11.06 57.35
C SER R 115 3.95 10.55 57.74
N ILE R 116 3.89 9.36 58.31
CA ILE R 116 2.64 8.87 58.88
C ILE R 116 2.40 9.57 60.21
N LEU R 117 3.35 10.40 60.65
CA LEU R 117 3.21 11.12 61.91
C LEU R 117 2.53 12.47 61.74
N ALA R 118 2.29 12.86 60.49
CA ALA R 118 1.74 14.19 60.21
C ALA R 118 0.67 14.07 59.16
N GLU R 119 0.21 15.21 58.64
CA GLU R 119 -0.79 15.17 57.59
C GLU R 119 -0.27 14.43 56.37
N LEU R 120 -1.06 13.45 55.90
CA LEU R 120 -0.61 12.53 54.86
C LEU R 120 -0.47 13.24 53.53
N SER R 121 -1.33 14.20 53.25
CA SER R 121 -1.33 14.82 51.93
C SER R 121 -0.26 15.87 51.73
N ASN R 122 0.56 16.10 52.76
CA ASN R 122 1.57 17.15 52.68
C ASN R 122 2.86 16.74 51.94
N GLU R 123 2.79 16.69 50.61
CA GLU R 123 3.87 16.09 49.80
C GLU R 123 4.50 17.15 48.94
N ALA R 124 5.78 16.98 48.64
CA ALA R 124 6.44 17.89 47.72
C ALA R 124 7.10 17.02 46.67
N VAL R 125 7.56 17.63 45.59
CA VAL R 125 8.31 16.84 44.61
C VAL R 125 9.61 16.35 45.26
N ALA R 126 9.93 15.09 45.07
CA ALA R 126 10.97 14.49 45.85
C ALA R 126 12.24 14.16 45.07
N LEU R 127 12.27 14.49 43.79
CA LEU R 127 13.53 14.43 43.06
C LEU R 127 13.40 15.20 41.73
N SER R 128 14.52 15.64 41.17
CA SER R 128 14.49 16.45 39.96
C SER R 128 14.34 15.53 38.75
N MET R 129 13.75 16.02 37.66
CA MET R 129 13.62 15.22 36.46
C MET R 129 15.02 14.87 36.00
N ASP R 130 15.90 15.81 36.29
CA ASP R 130 17.31 15.67 36.04
C ASP R 130 17.82 14.30 36.52
N ASP R 131 17.49 13.93 37.76
CA ASP R 131 18.00 12.71 38.33
C ASP R 131 17.19 11.54 37.83
N ALA R 132 15.92 11.76 37.57
CA ALA R 132 15.07 10.69 37.04
C ALA R 132 15.64 10.28 35.69
N VAL R 133 16.07 11.29 34.92
CA VAL R 133 16.65 11.02 33.63
C VAL R 133 17.98 10.32 33.85
N ARG R 134 18.70 10.76 34.88
CA ARG R 134 20.01 10.19 35.18
C ARG R 134 19.85 8.74 35.51
N LEU R 135 18.70 8.41 36.09
CA LEU R 135 18.45 7.05 36.53
C LEU R 135 17.77 6.18 35.48
N ASN R 136 17.65 6.69 34.25
CA ASN R 136 16.99 5.94 33.19
C ASN R 136 15.54 5.49 33.49
N SER R 137 14.73 6.39 34.03
CA SER R 137 13.41 5.98 34.47
C SER R 137 12.50 5.89 33.28
N CYS R 138 11.47 5.08 33.41
CA CYS R 138 10.47 5.04 32.38
C CYS R 138 9.38 6.01 32.70
N ALA R 139 9.27 6.38 33.97
CA ALA R 139 8.28 7.38 34.31
C ALA R 139 8.54 7.88 35.70
N VAL R 140 7.90 8.99 36.07
CA VAL R 140 8.00 9.48 37.43
C VAL R 140 6.60 9.55 37.97
N ALA R 141 6.46 9.26 39.26
CA ALA R 141 5.15 9.23 39.89
C ALA R 141 5.05 10.18 41.10
N ALA R 142 3.88 10.77 41.26
CA ALA R 142 3.57 11.57 42.45
C ALA R 142 2.09 11.42 42.80
N GLN R 143 1.76 11.76 44.04
CA GLN R 143 0.43 11.52 44.54
C GLN R 143 -0.36 12.76 44.41
N VAL R 144 -1.62 12.59 44.04
CA VAL R 144 -2.53 13.69 44.05
C VAL R 144 -3.57 13.39 45.16
N TYR R 145 -3.97 14.42 45.90
CA TYR R 145 -4.88 14.22 47.04
C TYR R 145 -6.12 15.06 46.97
N ILE R 146 -7.00 14.76 46.04
CA ILE R 146 -8.22 15.54 46.00
C ILE R 146 -8.92 15.43 47.35
N GLY R 147 -9.48 16.53 47.82
CA GLY R 147 -10.28 16.50 49.00
C GLY R 147 -9.44 16.58 50.25
N SER R 148 -8.15 16.32 50.15
CA SER R 148 -7.30 16.47 51.33
C SER R 148 -6.87 17.92 51.56
N GLU R 149 -6.19 18.16 52.67
CA GLU R 149 -5.82 19.50 53.04
C GLU R 149 -4.85 20.14 52.05
N TYR R 150 -3.94 19.36 51.49
CA TYR R 150 -2.91 19.88 50.62
C TYR R 150 -3.16 19.49 49.18
N GLU R 151 -4.41 19.48 48.81
CA GLU R 151 -4.74 19.00 47.50
C GLU R 151 -4.17 19.91 46.43
N HIS R 152 -4.06 21.19 46.72
CA HIS R 152 -3.53 22.15 45.77
C HIS R 152 -2.08 21.86 45.45
N GLN R 153 -1.23 21.79 46.47
CA GLN R 153 0.16 21.44 46.29
C GLN R 153 0.26 20.15 45.51
N SER R 154 -0.58 19.17 45.86
CA SER R 154 -0.46 17.86 45.23
C SER R 154 -0.62 17.99 43.72
N ILE R 155 -1.54 18.84 43.28
CA ILE R 155 -1.72 18.96 41.84
C ILE R 155 -0.58 19.71 41.23
N LYS R 156 -0.17 20.77 41.92
CA LYS R 156 0.99 21.51 41.50
C LYS R 156 2.18 20.61 41.30
N ASN R 157 2.31 19.62 42.17
CA ASN R 157 3.38 18.65 42.00
C ASN R 157 3.32 17.91 40.69
N ILE R 158 2.12 17.39 40.39
CA ILE R 158 1.91 16.73 39.11
C ILE R 158 2.27 17.68 37.95
N ILE R 159 1.75 18.89 38.02
CA ILE R 159 1.95 19.84 36.97
C ILE R 159 3.43 20.02 36.74
N GLN R 160 4.13 20.18 37.84
CA GLN R 160 5.52 20.49 37.71
C GLN R 160 6.30 19.34 37.05
N LEU R 161 5.91 18.12 37.39
CA LEU R 161 6.56 16.95 36.86
C LEU R 161 6.28 16.81 35.39
N VAL R 162 5.07 17.14 34.99
CA VAL R 162 4.71 17.06 33.58
C VAL R 162 5.44 18.14 32.79
N ASP R 163 5.52 19.36 33.34
CA ASP R 163 6.31 20.37 32.65
C ASP R 163 7.71 19.86 32.38
N ALA R 164 8.29 19.19 33.38
CA ALA R 164 9.69 18.75 33.28
C ALA R 164 9.79 17.58 32.36
N GLY R 165 8.81 16.68 32.52
CA GLY R 165 8.83 15.42 31.78
C GLY R 165 8.74 15.70 30.30
N MET R 166 7.93 16.69 29.94
CA MET R 166 7.72 17.02 28.54
C MET R 166 9.00 17.51 27.88
N LYS R 167 9.84 18.21 28.64
CA LYS R 167 11.09 18.67 28.06
C LYS R 167 11.93 17.44 27.68
N VAL R 168 11.66 16.32 28.34
CA VAL R 168 12.67 15.32 28.31
C VAL R 168 12.18 13.94 27.88
N GLY R 169 10.87 13.79 27.71
CA GLY R 169 10.29 12.55 27.17
C GLY R 169 9.91 11.59 28.28
N MET R 170 9.71 12.13 29.47
CA MET R 170 9.43 11.31 30.63
C MET R 170 7.97 11.39 30.95
N PRO R 171 7.28 10.25 30.91
CA PRO R 171 5.88 10.22 31.28
C PRO R 171 5.72 10.40 32.79
N THR R 172 4.56 10.92 33.17
CA THR R 172 4.26 11.15 34.56
C THR R 172 3.05 10.36 34.97
N MET R 173 3.15 9.69 36.14
CA MET R 173 2.07 8.90 36.70
C MET R 173 1.54 9.63 37.92
N ALA R 174 0.24 9.89 37.92
CA ALA R 174 -0.41 10.50 39.06
C ALA R 174 -1.10 9.40 39.84
N VAL R 175 -0.84 9.33 41.14
CA VAL R 175 -1.53 8.35 41.96
C VAL R 175 -2.51 9.05 42.85
N THR R 176 -3.71 8.51 42.95
CA THR R 176 -4.76 9.15 43.72
C THR R 176 -4.77 8.65 45.16
N GLY R 177 -4.37 9.49 46.10
CA GLY R 177 -4.37 9.09 47.50
C GLY R 177 -5.56 9.65 48.25
N VAL R 178 -6.02 8.92 49.27
CA VAL R 178 -7.33 9.24 49.86
C VAL R 178 -7.42 9.65 51.36
N ARG R 184 -14.92 7.37 49.04
CA ARG R 184 -14.02 6.40 48.48
C ARG R 184 -14.75 5.63 47.37
N ASP R 185 -15.65 6.33 46.67
CA ASP R 185 -16.56 5.71 45.71
C ASP R 185 -16.25 6.18 44.31
N GLN R 186 -16.95 5.63 43.32
CA GLN R 186 -16.65 5.97 41.93
C GLN R 186 -16.64 7.44 41.65
N ARG R 187 -17.72 8.14 42.00
CA ARG R 187 -17.82 9.51 41.58
C ARG R 187 -16.55 10.22 42.03
N TYR R 188 -16.06 9.82 43.19
CA TYR R 188 -14.86 10.44 43.72
C TYR R 188 -13.62 10.13 42.88
N PHE R 189 -13.29 8.85 42.71
CA PHE R 189 -12.14 8.53 41.90
C PHE R 189 -12.24 9.09 40.49
N SER R 190 -13.46 9.26 39.98
CA SER R 190 -13.66 9.87 38.65
C SER R 190 -13.13 11.29 38.63
N LEU R 191 -13.56 12.08 39.59
CA LEU R 191 -13.00 13.41 39.73
C LEU R 191 -11.46 13.37 39.82
N ALA R 192 -10.92 12.56 40.75
CA ALA R 192 -9.49 12.58 41.01
C ALA R 192 -8.70 12.11 39.81
N THR R 193 -9.14 11.02 39.19
CA THR R 193 -8.35 10.49 38.09
C THR R 193 -8.40 11.48 36.93
N ARG R 194 -9.59 12.03 36.70
CA ARG R 194 -9.79 12.87 35.54
C ARG R 194 -9.05 14.19 35.61
N ILE R 195 -9.12 14.83 36.76
CA ILE R 195 -8.31 16.02 36.98
C ILE R 195 -6.81 15.74 36.72
N ALA R 196 -6.30 14.65 37.27
CA ALA R 196 -4.90 14.38 37.13
C ALA R 196 -4.59 14.22 35.67
N ALA R 197 -5.41 13.42 35.00
CA ALA R 197 -5.18 13.09 33.58
C ALA R 197 -5.19 14.38 32.78
N GLU R 198 -6.17 15.18 33.13
CA GLU R 198 -6.44 16.39 32.46
C GLU R 198 -5.28 17.38 32.61
N MET R 199 -4.66 17.39 33.79
CA MET R 199 -3.50 18.25 34.04
C MET R 199 -2.38 17.82 33.16
N GLY R 200 -2.29 16.54 32.88
CA GLY R 200 -1.26 16.10 31.96
C GLY R 200 -0.63 14.73 32.20
N ALA R 201 -1.05 14.07 33.27
CA ALA R 201 -0.42 12.81 33.61
C ALA R 201 -0.71 11.78 32.53
N GLN R 202 0.30 11.06 32.09
CA GLN R 202 0.09 10.02 31.11
C GLN R 202 -0.38 8.70 31.70
N ILE R 203 -0.05 8.43 32.94
CA ILE R 203 -0.55 7.23 33.56
C ILE R 203 -1.23 7.62 34.84
N ILE R 204 -2.39 7.01 35.08
CA ILE R 204 -3.11 7.20 36.32
C ILE R 204 -3.09 5.92 37.11
N LYS R 205 -2.74 6.02 38.38
CA LYS R 205 -2.82 4.84 39.26
C LYS R 205 -3.85 5.07 40.33
N THR R 206 -4.74 4.10 40.52
CA THR R 206 -5.86 4.35 41.38
C THR R 206 -6.37 3.07 41.97
N TYR R 207 -7.47 3.15 42.71
CA TYR R 207 -8.01 1.99 43.41
C TYR R 207 -9.19 1.38 42.67
N TYR R 208 -9.43 0.09 42.88
CA TYR R 208 -10.58 -0.54 42.27
C TYR R 208 -11.83 -0.28 43.06
N VAL R 209 -12.95 -0.28 42.37
CA VAL R 209 -14.19 0.06 43.02
C VAL R 209 -15.25 -0.97 42.63
N GLU R 210 -15.99 -1.45 43.62
CA GLU R 210 -16.93 -2.54 43.35
C GLU R 210 -18.10 -2.13 42.50
N LYS R 211 -18.50 -0.87 42.60
CA LYS R 211 -19.54 -0.38 41.74
C LYS R 211 -19.02 0.77 40.90
N GLY R 212 -19.10 0.66 39.58
CA GLY R 212 -18.87 1.80 38.70
C GLY R 212 -17.45 2.03 38.21
N PHE R 213 -16.60 1.03 38.36
CA PHE R 213 -15.23 1.16 37.95
C PHE R 213 -15.18 1.49 36.47
N GLU R 214 -16.11 0.93 35.72
CA GLU R 214 -16.17 1.15 34.28
C GLU R 214 -16.21 2.64 33.93
N ARG R 215 -16.94 3.42 34.72
CA ARG R 215 -17.08 4.85 34.47
C ARG R 215 -15.76 5.52 34.73
N ILE R 216 -15.06 5.00 35.71
CA ILE R 216 -13.76 5.55 36.02
C ILE R 216 -12.83 5.37 34.85
N VAL R 217 -12.70 4.13 34.37
CA VAL R 217 -11.89 3.85 33.20
C VAL R 217 -12.33 4.64 31.99
N ALA R 218 -13.62 4.66 31.76
CA ALA R 218 -14.15 5.25 30.55
C ALA R 218 -13.90 6.73 30.53
N GLY R 219 -14.04 7.36 31.69
CA GLY R 219 -13.79 8.79 31.78
C GLY R 219 -12.32 9.20 31.78
N CYS R 220 -11.40 8.24 31.92
CA CYS R 220 -9.98 8.54 31.93
C CYS R 220 -9.44 8.33 30.54
N PRO R 221 -8.75 9.32 30.00
CA PRO R 221 -8.29 9.20 28.64
C PRO R 221 -6.94 8.53 28.49
N VAL R 222 -6.39 8.10 29.59
CA VAL R 222 -5.06 7.55 29.54
C VAL R 222 -5.06 6.28 30.39
N PRO R 223 -3.98 5.50 30.30
CA PRO R 223 -3.99 4.19 30.94
C PRO R 223 -4.15 4.27 32.45
N ILE R 224 -4.89 3.31 32.99
CA ILE R 224 -5.11 3.23 34.43
C ILE R 224 -4.54 1.95 34.98
N VAL R 225 -3.87 2.09 36.10
CA VAL R 225 -3.31 0.97 36.80
C VAL R 225 -3.96 1.01 38.16
N ILE R 226 -4.27 -0.16 38.71
CA ILE R 226 -4.86 -0.15 40.03
C ILE R 226 -3.89 -0.59 41.11
N ALA R 227 -3.97 0.07 42.26
CA ALA R 227 -3.26 -0.35 43.45
C ALA R 227 -4.08 -1.42 44.20
N GLY R 228 -3.39 -2.38 44.81
CA GLY R 228 -4.04 -3.44 45.55
C GLY R 228 -4.71 -3.02 46.86
N GLY R 229 -4.09 -2.14 47.62
CA GLY R 229 -4.67 -1.75 48.88
C GLY R 229 -4.25 -2.79 49.90
N LYS R 230 -4.99 -2.86 51.01
CA LYS R 230 -4.64 -3.75 52.11
C LYS R 230 -4.63 -5.20 51.65
N LYS R 231 -3.81 -6.01 52.31
CA LYS R 231 -3.66 -7.41 51.95
C LYS R 231 -4.99 -8.10 52.07
N LEU R 232 -5.28 -8.96 51.09
CA LEU R 232 -6.48 -9.79 51.10
C LEU R 232 -6.01 -11.20 50.91
N PRO R 233 -6.87 -12.16 51.18
CA PRO R 233 -6.61 -13.53 50.80
C PRO R 233 -6.44 -13.56 49.28
N GLU R 234 -5.50 -14.35 48.79
CA GLU R 234 -5.14 -14.34 47.38
C GLU R 234 -6.32 -14.53 46.46
N ARG R 235 -7.14 -15.52 46.75
CA ARG R 235 -8.30 -15.72 45.94
C ARG R 235 -9.02 -14.39 45.72
N GLU R 236 -9.23 -13.63 46.78
CA GLU R 236 -9.95 -12.39 46.66
C GLU R 236 -9.21 -11.32 45.87
N ALA R 237 -7.90 -11.26 46.06
CA ALA R 237 -7.07 -10.32 45.32
C ALA R 237 -7.09 -10.60 43.84
N LEU R 238 -6.90 -11.86 43.49
CA LEU R 238 -7.00 -12.24 42.10
C LEU R 238 -8.34 -11.85 41.49
N GLU R 239 -9.43 -12.05 42.23
CA GLU R 239 -10.74 -11.72 41.72
C GLU R 239 -10.80 -10.23 41.44
N MET R 240 -10.23 -9.46 42.34
CA MET R 240 -10.10 -8.02 42.14
C MET R 240 -9.29 -7.69 40.88
N CYS R 241 -8.15 -8.34 40.75
CA CYS R 241 -7.41 -8.18 39.55
C CYS R 241 -8.27 -8.51 38.40
N TRP R 242 -8.84 -9.71 38.41
CA TRP R 242 -9.62 -10.15 37.27
C TRP R 242 -10.69 -9.11 36.89
N GLN R 243 -11.37 -8.59 37.89
CA GLN R 243 -12.40 -7.61 37.68
C GLN R 243 -11.90 -6.30 37.07
N ALA R 244 -10.84 -5.78 37.65
CA ALA R 244 -10.24 -4.54 37.17
C ALA R 244 -9.88 -4.66 35.70
N ILE R 245 -9.14 -5.72 35.33
CA ILE R 245 -8.77 -5.95 33.95
C ILE R 245 -10.00 -6.10 33.10
N ASP R 246 -10.90 -6.95 33.53
CA ASP R 246 -12.12 -7.18 32.78
C ASP R 246 -12.84 -5.88 32.55
N GLN R 247 -12.68 -4.94 33.47
CA GLN R 247 -13.38 -3.67 33.34
C GLN R 247 -12.54 -2.57 32.72
N GLY R 248 -11.40 -2.92 32.15
CA GLY R 248 -10.63 -1.99 31.33
C GLY R 248 -9.43 -1.33 31.93
N ALA R 249 -8.98 -1.77 33.10
CA ALA R 249 -7.69 -1.30 33.66
C ALA R 249 -6.52 -1.77 32.79
N SER R 250 -5.43 -1.01 32.78
CA SER R 250 -4.34 -1.34 31.88
C SER R 250 -3.25 -2.10 32.60
N GLY R 251 -3.39 -2.19 33.91
CA GLY R 251 -2.44 -2.95 34.70
C GLY R 251 -2.88 -2.97 36.15
N VAL R 252 -2.21 -3.78 36.92
CA VAL R 252 -2.49 -3.80 38.31
C VAL R 252 -1.17 -3.72 39.03
N ASP R 253 -1.21 -3.06 40.17
CA ASP R 253 -0.12 -3.15 41.09
C ASP R 253 -0.65 -3.73 42.38
N MET R 254 -0.24 -4.95 42.68
CA MET R 254 -0.57 -5.54 43.94
C MET R 254 0.64 -5.33 44.78
N GLY R 255 0.57 -4.42 45.73
CA GLY R 255 1.74 -4.25 46.54
C GLY R 255 1.67 -5.33 47.61
N ARG R 256 1.01 -4.96 48.70
CA ARG R 256 0.99 -5.77 49.89
C ARG R 256 0.59 -7.16 49.48
N ASN R 257 -0.35 -7.20 48.55
CA ASN R 257 -0.94 -8.45 48.15
C ASN R 257 0.04 -9.39 47.54
N ILE R 258 1.25 -8.89 47.33
CA ILE R 258 2.29 -9.73 46.79
C ILE R 258 3.42 -9.93 47.75
N PHE R 259 4.14 -8.85 48.10
CA PHE R 259 5.30 -8.99 48.97
C PHE R 259 4.92 -9.58 50.33
N GLN R 260 3.67 -9.39 50.73
CA GLN R 260 3.20 -9.93 51.99
C GLN R 260 2.68 -11.38 51.93
N SER R 261 2.28 -11.85 50.75
CA SER R 261 1.85 -13.22 50.61
C SER R 261 2.95 -14.19 51.00
N ASP R 262 2.59 -15.33 51.58
CA ASP R 262 3.59 -16.31 51.98
C ASP R 262 4.24 -16.91 50.74
N HIS R 263 3.55 -16.82 49.60
CA HIS R 263 4.08 -17.41 48.37
C HIS R 263 4.09 -16.39 47.23
N PRO R 264 4.98 -15.40 47.30
CA PRO R 264 4.99 -14.24 46.43
C PRO R 264 5.11 -14.59 44.97
N VAL R 265 6.14 -15.33 44.62
CA VAL R 265 6.35 -15.62 43.23
C VAL R 265 5.16 -16.31 42.64
N ALA R 266 4.57 -17.20 43.39
CA ALA R 266 3.40 -17.88 42.87
C ALA R 266 2.33 -16.85 42.58
N MET R 267 2.13 -15.91 43.49
CA MET R 267 1.11 -14.90 43.31
C MET R 267 1.33 -14.12 42.01
N MET R 268 2.56 -13.74 41.75
CA MET R 268 2.85 -12.92 40.60
C MET R 268 2.48 -13.63 39.33
N LYS R 269 2.82 -14.91 39.24
CA LYS R 269 2.45 -15.68 38.07
C LYS R 269 0.93 -15.77 37.95
N ALA R 270 0.23 -15.86 39.07
CA ALA R 270 -1.21 -15.77 39.09
C ALA R 270 -1.60 -14.46 38.42
N VAL R 271 -1.03 -13.37 38.89
CA VAL R 271 -1.40 -12.05 38.39
C VAL R 271 -1.03 -11.91 36.93
N GLN R 272 0.16 -12.38 36.56
CA GLN R 272 0.55 -12.34 35.15
C GLN R 272 -0.53 -12.98 34.30
N ALA R 273 -1.01 -14.13 34.74
CA ALA R 273 -2.02 -14.88 34.02
C ALA R 273 -3.27 -14.07 33.82
N VAL R 274 -3.80 -13.51 34.89
CA VAL R 274 -5.01 -12.75 34.80
C VAL R 274 -4.81 -11.59 33.85
N VAL R 275 -3.73 -10.86 34.07
CA VAL R 275 -3.49 -9.61 33.35
C VAL R 275 -3.19 -9.79 31.88
N HIS R 276 -2.13 -10.51 31.57
CA HIS R 276 -1.68 -10.64 30.20
C HIS R 276 -2.41 -11.74 29.45
N HIS R 277 -2.66 -12.84 30.12
CA HIS R 277 -3.09 -14.03 29.41
C HIS R 277 -4.57 -14.28 29.52
N ASN R 278 -5.26 -13.51 30.32
CA ASN R 278 -6.69 -13.66 30.35
C ASN R 278 -7.25 -14.78 31.20
N GLU R 279 -6.41 -15.48 31.94
CA GLU R 279 -6.94 -16.56 32.77
C GLU R 279 -8.04 -16.02 33.64
N THR R 280 -9.03 -16.87 33.87
CA THR R 280 -10.15 -16.54 34.71
C THR R 280 -9.62 -16.60 36.14
N ALA R 281 -10.27 -15.89 37.06
CA ALA R 281 -9.79 -15.87 38.43
C ALA R 281 -9.47 -17.26 38.95
N ASP R 282 -10.38 -18.21 38.79
CA ASP R 282 -10.21 -19.53 39.34
C ASP R 282 -8.99 -20.24 38.82
N ARG R 283 -8.85 -20.34 37.52
CA ARG R 283 -7.66 -20.95 36.99
C ARG R 283 -6.46 -20.27 37.59
N ALA R 284 -6.49 -18.95 37.53
CA ALA R 284 -5.39 -18.17 38.05
C ALA R 284 -5.03 -18.65 39.44
N TYR R 285 -6.00 -18.65 40.34
CA TYR R 285 -5.74 -19.06 41.70
C TYR R 285 -5.13 -20.44 41.73
N GLU R 286 -5.64 -21.32 40.89
CA GLU R 286 -5.18 -22.69 40.86
C GLU R 286 -3.73 -22.82 40.55
N LEU R 287 -3.26 -22.15 39.50
CA LEU R 287 -1.83 -22.13 39.28
C LEU R 287 -1.14 -21.37 40.42
N TYR R 288 -1.88 -20.52 41.12
CA TYR R 288 -1.34 -19.92 42.32
C TYR R 288 -0.89 -21.07 43.19
N LEU R 289 -1.82 -21.96 43.51
CA LEU R 289 -1.57 -23.10 44.36
C LEU R 289 -0.58 -24.03 43.71
N SER R 290 -0.71 -24.17 42.40
CA SER R 290 0.18 -25.00 41.64
C SER R 290 1.63 -24.62 41.86
N GLU R 291 1.93 -23.33 41.77
CA GLU R 291 3.31 -22.82 41.92
C GLU R 291 3.92 -22.80 43.34
N LYS R 292 3.12 -22.88 44.40
CA LYS R 292 3.66 -23.06 45.74
C LYS R 292 4.64 -24.30 45.80
N GLY S 12 57.56 -6.71 21.79
CA GLY S 12 58.03 -6.81 23.20
C GLY S 12 57.03 -6.24 24.19
N LYS S 13 55.76 -6.27 23.82
CA LYS S 13 54.67 -5.79 24.70
C LYS S 13 53.89 -6.98 25.28
N ASP S 14 53.46 -6.90 26.54
CA ASP S 14 52.66 -7.98 27.13
C ASP S 14 51.24 -7.60 27.57
N PHE S 15 50.23 -8.07 26.84
CA PHE S 15 48.85 -7.76 27.18
C PHE S 15 48.25 -8.76 28.13
N ARG S 16 49.03 -9.74 28.53
CA ARG S 16 48.55 -10.72 29.47
C ARG S 16 47.15 -11.22 29.05
N THR S 17 47.05 -11.76 27.84
CA THR S 17 45.78 -12.25 27.32
C THR S 17 45.26 -13.43 28.08
N ASP S 18 46.14 -14.17 28.73
CA ASP S 18 45.73 -15.36 29.44
C ASP S 18 44.99 -14.99 30.70
N GLN S 19 45.10 -13.73 31.10
CA GLN S 19 44.52 -13.24 32.35
C GLN S 19 43.54 -12.12 32.10
N PRO S 20 42.26 -12.37 32.32
CA PRO S 20 41.23 -11.47 31.86
C PRO S 20 40.90 -10.43 32.90
N GLN S 21 40.71 -9.19 32.47
CA GLN S 21 40.38 -8.09 33.38
C GLN S 21 39.13 -8.41 34.19
N LYS S 22 39.17 -8.13 35.49
CA LYS S 22 38.06 -8.44 36.38
C LYS S 22 37.73 -7.21 37.22
N ASN S 23 36.47 -6.99 37.51
CA ASN S 23 36.06 -5.82 38.27
C ASN S 23 36.16 -5.99 39.77
N ILE S 24 36.84 -5.05 40.42
CA ILE S 24 36.82 -5.03 41.87
C ILE S 24 35.49 -4.56 42.45
N PRO S 25 34.90 -5.38 43.29
CA PRO S 25 33.66 -4.99 43.92
C PRO S 25 33.85 -3.84 44.89
N PHE S 26 32.79 -3.05 45.05
CA PHE S 26 32.74 -2.01 46.05
C PHE S 26 31.76 -2.46 47.14
N THR S 27 32.27 -2.69 48.34
CA THR S 27 31.44 -3.37 49.33
C THR S 27 30.70 -2.48 50.29
N LEU S 28 31.05 -1.21 50.31
CA LEU S 28 30.37 -0.28 51.19
C LEU S 28 28.87 -0.43 51.06
N LYS S 29 28.17 -0.49 52.19
CA LYS S 29 26.78 -0.86 52.20
C LYS S 29 25.84 0.06 51.43
N GLY S 30 25.16 -0.46 50.42
CA GLY S 30 24.17 0.33 49.68
C GLY S 30 24.80 1.36 48.74
N CYS S 31 26.12 1.29 48.58
CA CYS S 31 26.83 2.23 47.76
C CYS S 31 27.46 1.52 46.57
N GLY S 32 26.88 0.41 46.16
CA GLY S 32 27.42 -0.33 45.02
C GLY S 32 27.07 0.19 43.64
N ALA S 33 26.16 1.15 43.56
CA ALA S 33 25.69 1.58 42.27
C ALA S 33 25.97 3.06 42.08
N LEU S 34 27.13 3.52 42.52
CA LEU S 34 27.40 4.95 42.44
C LEU S 34 28.55 5.22 41.52
N ASP S 35 28.51 6.39 40.93
CA ASP S 35 29.57 6.77 40.03
C ASP S 35 30.92 6.85 40.75
N TRP S 36 32.00 6.81 39.98
CA TRP S 36 33.31 6.68 40.55
C TRP S 36 33.54 7.75 41.59
N GLY S 37 33.27 8.99 41.23
CA GLY S 37 33.56 10.14 42.11
C GLY S 37 32.80 10.05 43.43
N MET S 38 31.56 9.63 43.37
CA MET S 38 30.79 9.56 44.58
C MET S 38 31.37 8.44 45.44
N GLN S 39 31.74 7.36 44.80
CA GLN S 39 32.23 6.23 45.55
C GLN S 39 33.53 6.63 46.17
N SER S 40 34.24 7.51 45.47
CA SER S 40 35.53 8.03 45.94
C SER S 40 35.37 8.86 47.20
N ARG S 41 34.42 9.77 47.18
CA ARG S 41 34.22 10.64 48.31
C ARG S 41 33.86 9.81 49.52
N LEU S 42 32.97 8.85 49.33
CA LEU S 42 32.52 7.98 50.40
C LEU S 42 33.67 7.13 50.95
N SER S 43 34.59 6.75 50.06
CA SER S 43 35.75 5.96 50.43
C SER S 43 36.71 6.78 51.28
N ARG S 44 36.69 8.10 51.10
CA ARG S 44 37.46 8.98 51.95
C ARG S 44 36.93 8.91 53.36
N ILE S 45 35.62 8.87 53.48
CA ILE S 45 34.96 8.90 54.78
C ILE S 45 35.05 7.56 55.48
N PHE S 46 34.60 6.51 54.80
CA PHE S 46 34.54 5.17 55.38
C PHE S 46 35.71 4.37 54.89
N ASN S 47 36.50 3.87 55.83
CA ASN S 47 37.69 3.15 55.44
C ASN S 47 37.33 1.92 54.64
N PRO S 48 37.95 1.75 53.48
CA PRO S 48 37.63 0.66 52.57
C PRO S 48 37.92 -0.68 53.19
N LYS S 49 39.03 -0.75 53.93
CA LYS S 49 39.41 -1.99 54.61
C LYS S 49 38.36 -2.42 55.64
N THR S 50 38.02 -1.54 56.58
CA THR S 50 37.08 -1.89 57.66
C THR S 50 35.65 -1.46 57.39
N GLY S 51 35.46 -0.58 56.43
CA GLY S 51 34.12 -0.13 56.06
C GLY S 51 33.50 0.75 57.11
N LYS S 52 34.35 1.43 57.87
CA LYS S 52 33.89 2.25 59.00
C LYS S 52 34.62 3.59 59.13
N THR S 53 34.08 4.46 59.97
CA THR S 53 34.65 5.76 60.13
C THR S 53 34.54 6.23 61.58
N VAL S 54 35.53 7.03 61.97
CA VAL S 54 35.51 7.74 63.23
C VAL S 54 35.35 9.22 62.91
N MET S 55 34.21 9.76 63.26
CA MET S 55 33.88 11.12 62.87
C MET S 55 33.99 12.09 64.06
N LEU S 56 34.72 13.19 63.88
CA LEU S 56 34.76 14.23 64.90
C LEU S 56 33.90 15.41 64.50
N ALA S 57 32.70 15.47 65.05
CA ALA S 57 31.76 16.51 64.65
C ALA S 57 31.71 17.67 65.62
N PHE S 58 31.96 18.89 65.14
CA PHE S 58 31.86 20.07 65.99
C PHE S 58 31.01 21.17 65.37
N ASP S 59 29.82 20.83 64.89
CA ASP S 59 29.04 21.79 64.11
C ASP S 59 27.96 22.49 64.92
N HIS S 60 27.88 22.16 66.21
CA HIS S 60 26.77 22.58 67.06
C HIS S 60 26.62 24.08 67.13
N GLY S 61 27.71 24.78 66.85
CA GLY S 61 27.69 26.23 66.90
C GLY S 61 26.57 26.73 66.03
N TYR S 62 26.17 25.89 65.09
CA TYR S 62 25.31 26.35 64.02
C TYR S 62 23.97 26.89 64.51
N PHE S 63 23.43 26.31 65.59
CA PHE S 63 22.19 26.82 66.16
C PHE S 63 22.37 27.11 67.64
N GLN S 64 23.57 26.79 68.12
CA GLN S 64 23.80 26.81 69.56
C GLN S 64 24.76 27.90 70.04
N GLY S 65 25.50 28.52 69.15
CA GLY S 65 26.51 29.48 69.58
C GLY S 65 27.65 28.70 70.20
N PRO S 66 28.44 29.38 71.04
CA PRO S 66 29.65 28.78 71.64
C PRO S 66 29.28 27.80 72.75
N THR S 67 28.78 26.64 72.36
CA THR S 67 28.54 25.56 73.29
C THR S 67 29.81 25.19 74.03
N THR S 68 29.63 24.56 75.20
CA THR S 68 30.76 24.19 76.04
C THR S 68 31.71 23.22 75.38
N GLY S 69 32.98 23.57 75.39
CA GLY S 69 33.98 22.75 74.73
C GLY S 69 34.16 23.13 73.27
N LEU S 70 33.24 23.91 72.71
CA LEU S 70 33.40 24.42 71.35
C LEU S 70 33.69 25.92 71.42
N GLU S 71 34.07 26.39 72.60
CA GLU S 71 34.26 27.81 72.78
C GLU S 71 35.31 28.25 71.79
N ARG S 72 36.41 27.52 71.74
CA ARG S 72 37.52 27.86 70.86
C ARG S 72 37.93 26.63 70.06
N ILE S 73 37.34 26.46 68.90
CA ILE S 73 37.67 25.35 68.04
C ILE S 73 39.15 25.36 67.77
N ASP S 74 39.65 26.56 67.53
CA ASP S 74 41.04 26.75 67.06
C ASP S 74 42.08 26.25 68.04
N ILE S 75 41.72 26.23 69.30
CA ILE S 75 42.64 25.77 70.30
C ILE S 75 42.28 24.38 70.84
N ASN S 76 41.05 24.26 71.29
CA ASN S 76 40.54 23.02 71.82
C ASN S 76 40.51 21.86 70.85
N ILE S 77 39.92 22.09 69.67
CA ILE S 77 39.63 21.03 68.73
C ILE S 77 40.74 20.83 67.70
N ALA S 78 41.47 21.89 67.39
CA ALA S 78 42.53 21.79 66.40
C ALA S 78 43.46 20.58 66.59
N PRO S 79 43.92 20.35 67.83
CA PRO S 79 44.78 19.21 68.14
C PRO S 79 44.10 17.86 67.86
N LEU S 80 42.77 17.87 67.84
CA LEU S 80 41.99 16.65 67.67
C LEU S 80 41.92 16.07 66.25
N PHE S 81 42.12 16.92 65.25
CA PHE S 81 41.84 16.57 63.87
C PHE S 81 42.58 15.34 63.42
N GLU S 82 43.87 15.26 63.68
CA GLU S 82 44.65 14.18 63.11
C GLU S 82 44.15 12.81 63.49
N HIS S 83 43.40 12.69 64.59
CA HIS S 83 43.02 11.37 65.06
C HIS S 83 41.61 11.03 64.65
N ALA S 84 41.08 11.78 63.70
CA ALA S 84 39.75 11.52 63.22
C ALA S 84 39.82 11.04 61.78
N ASP S 85 38.84 10.25 61.37
CA ASP S 85 38.75 9.80 60.00
C ASP S 85 38.17 10.93 59.17
N VAL S 86 37.17 11.57 59.74
CA VAL S 86 36.44 12.60 59.03
C VAL S 86 36.04 13.71 60.00
N LEU S 87 36.06 14.94 59.52
CA LEU S 87 35.62 16.07 60.31
C LEU S 87 34.21 16.50 59.91
N MET S 88 33.46 17.04 60.85
CA MET S 88 32.20 17.61 60.49
C MET S 88 32.00 18.96 61.15
N CYS S 89 31.91 20.01 60.34
CA CYS S 89 31.71 21.34 60.86
C CYS S 89 30.95 22.20 59.86
N THR S 90 30.69 23.45 60.22
CA THR S 90 30.13 24.41 59.29
C THR S 90 31.18 24.94 58.33
N ARG S 91 30.69 25.50 57.22
CA ARG S 91 31.57 26.08 56.24
C ARG S 91 32.23 27.34 56.85
N GLY S 92 31.50 27.98 57.76
CA GLY S 92 32.02 29.18 58.38
C GLY S 92 33.25 28.82 59.21
N ILE S 93 33.08 27.86 60.11
CA ILE S 93 34.17 27.44 60.96
C ILE S 93 35.33 26.87 60.18
N LEU S 94 35.01 26.07 59.17
CA LEU S 94 35.99 25.41 58.36
C LEU S 94 36.91 26.43 57.73
N ARG S 95 36.36 27.48 57.15
CA ARG S 95 37.23 28.43 56.47
C ARG S 95 38.08 29.19 57.48
N SER S 96 37.46 29.62 58.56
CA SER S 96 38.14 30.45 59.55
C SER S 96 39.19 29.76 60.43
N VAL S 97 38.92 28.56 60.91
CA VAL S 97 39.80 28.02 61.91
C VAL S 97 40.21 26.57 61.71
N VAL S 98 39.84 25.98 60.59
CA VAL S 98 40.35 24.67 60.28
C VAL S 98 41.40 24.85 59.22
N PRO S 99 42.59 24.37 59.50
CA PRO S 99 43.65 24.57 58.53
C PRO S 99 43.47 23.62 57.38
N PRO S 100 43.54 24.13 56.16
CA PRO S 100 43.44 23.28 54.97
C PRO S 100 44.42 22.10 55.04
N ALA S 101 45.59 22.36 55.61
CA ALA S 101 46.66 21.37 55.65
C ALA S 101 46.33 20.28 56.64
N THR S 102 45.21 20.47 57.32
CA THR S 102 44.73 19.47 58.26
C THR S 102 44.59 18.14 57.53
N ASN S 103 44.43 18.24 56.21
CA ASN S 103 44.38 17.08 55.31
C ASN S 103 43.44 15.97 55.75
N ARG S 104 42.28 16.33 56.28
CA ARG S 104 41.30 15.33 56.65
C ARG S 104 39.99 15.57 55.85
N PRO S 105 39.27 14.49 55.50
CA PRO S 105 37.99 14.65 54.79
C PRO S 105 37.00 15.36 55.65
N VAL S 106 36.20 16.23 55.06
CA VAL S 106 35.14 16.86 55.83
C VAL S 106 33.73 16.59 55.27
N VAL S 107 32.78 16.56 56.20
CA VAL S 107 31.37 16.50 55.86
C VAL S 107 30.81 17.85 56.28
N LEU S 108 30.49 18.68 55.30
CA LEU S 108 29.95 19.99 55.63
C LEU S 108 28.52 19.93 56.17
N ARG S 109 28.29 20.58 57.29
CA ARG S 109 26.94 20.74 57.79
C ARG S 109 26.24 21.77 56.93
N ALA S 110 25.13 21.40 56.31
CA ALA S 110 24.49 22.28 55.34
C ALA S 110 23.07 22.68 55.67
N SER S 111 22.65 22.51 56.91
CA SER S 111 21.34 23.01 57.32
C SER S 111 21.62 24.03 58.41
N GLY S 112 20.62 24.84 58.75
CA GLY S 112 20.84 25.92 59.70
C GLY S 112 19.63 26.82 59.73
N ALA S 113 19.80 28.04 60.24
CA ALA S 113 18.72 29.04 60.33
C ALA S 113 17.76 28.80 61.51
N ASN S 114 18.13 27.87 62.40
CA ASN S 114 17.44 27.78 63.68
C ASN S 114 18.31 28.31 64.83
N SER S 115 17.69 28.57 65.97
CA SER S 115 18.43 28.99 67.16
C SER S 115 17.93 28.13 68.27
N ILE S 116 18.65 28.09 69.38
CA ILE S 116 18.11 27.43 70.56
C ILE S 116 17.05 28.30 71.17
N LEU S 117 16.84 29.47 70.60
CA LEU S 117 15.89 30.43 71.15
C LEU S 117 14.52 30.28 70.53
N ALA S 118 14.40 29.39 69.57
CA ALA S 118 13.16 29.28 68.82
C ALA S 118 12.97 27.84 68.46
N GLU S 119 11.98 27.54 67.65
CA GLU S 119 11.72 26.14 67.32
C GLU S 119 12.95 25.48 66.73
N LEU S 120 13.32 24.33 67.27
CA LEU S 120 14.55 23.67 66.87
C LEU S 120 14.47 23.18 65.44
N SER S 121 13.31 22.65 65.04
CA SER S 121 13.22 22.00 63.73
C SER S 121 13.16 22.97 62.56
N ASN S 122 13.21 24.26 62.83
CA ASN S 122 13.03 25.22 61.77
C ASN S 122 14.30 25.49 60.96
N GLU S 123 14.68 24.57 60.10
CA GLU S 123 15.97 24.64 59.43
C GLU S 123 15.80 24.85 57.94
N ALA S 124 16.79 25.45 57.31
CA ALA S 124 16.79 25.59 55.86
C ALA S 124 18.15 25.14 55.36
N VAL S 125 18.27 24.96 54.06
CA VAL S 125 19.57 24.60 53.53
C VAL S 125 20.49 25.80 53.75
N ALA S 126 21.68 25.55 54.29
CA ALA S 126 22.54 26.62 54.78
C ALA S 126 23.76 26.91 53.89
N LEU S 127 23.90 26.18 52.80
CA LEU S 127 24.91 26.53 51.81
C LEU S 127 24.61 25.85 50.46
N SER S 128 25.12 26.43 49.37
CA SER S 128 24.90 25.84 48.04
C SER S 128 25.87 24.68 47.76
N MET S 129 25.44 23.70 46.97
CA MET S 129 26.29 22.57 46.63
C MET S 129 27.51 23.14 45.94
N ASP S 130 27.26 24.24 45.26
CA ASP S 130 28.26 25.00 44.59
C ASP S 130 29.48 25.23 45.51
N ASP S 131 29.20 25.79 46.69
CA ASP S 131 30.23 26.07 47.66
C ASP S 131 30.76 24.78 48.27
N ALA S 132 29.88 23.81 48.49
CA ALA S 132 30.34 22.60 49.10
C ALA S 132 31.40 22.03 48.19
N VAL S 133 31.16 22.14 46.89
CA VAL S 133 32.06 21.58 45.89
C VAL S 133 33.30 22.45 45.91
N ARG S 134 33.09 23.73 46.10
CA ARG S 134 34.21 24.64 46.12
C ARG S 134 35.15 24.28 47.26
N LEU S 135 34.58 23.74 48.33
CA LEU S 135 35.31 23.49 49.53
C LEU S 135 35.82 22.07 49.56
N ASN S 136 35.69 21.34 48.46
CA ASN S 136 36.20 19.98 48.38
C ASN S 136 35.57 19.04 49.40
N SER S 137 34.25 19.09 49.57
CA SER S 137 33.63 18.32 50.63
C SER S 137 33.56 16.89 50.22
N CYS S 138 33.48 15.99 51.20
CA CYS S 138 33.24 14.60 50.92
C CYS S 138 31.73 14.32 51.01
N ALA S 139 31.03 15.21 51.71
CA ALA S 139 29.60 15.06 51.80
C ALA S 139 29.01 16.30 52.41
N VAL S 140 27.70 16.44 52.28
CA VAL S 140 26.98 17.52 52.89
C VAL S 140 25.90 16.93 53.74
N ALA S 141 25.64 17.58 54.87
CA ALA S 141 24.72 17.00 55.85
C ALA S 141 23.64 17.98 56.22
N ALA S 142 22.44 17.45 56.44
CA ALA S 142 21.35 18.27 56.96
C ALA S 142 20.51 17.42 57.89
N GLN S 143 19.73 18.11 58.71
CA GLN S 143 18.93 17.44 59.73
C GLN S 143 17.56 17.18 59.21
N VAL S 144 17.01 16.02 59.52
CA VAL S 144 15.62 15.74 59.26
C VAL S 144 14.91 15.61 60.61
N TYR S 145 13.71 16.16 60.73
CA TYR S 145 13.01 16.17 62.01
C TYR S 145 11.66 15.53 61.94
N ILE S 146 11.61 14.20 61.83
CA ILE S 146 10.30 13.55 61.83
C ILE S 146 9.60 13.86 63.13
N GLY S 147 8.31 14.14 63.06
CA GLY S 147 7.52 14.38 64.25
C GLY S 147 7.58 15.80 64.78
N SER S 148 8.56 16.57 64.30
CA SER S 148 8.64 17.96 64.72
C SER S 148 7.78 18.86 63.82
N GLU S 149 7.66 20.11 64.23
CA GLU S 149 6.76 21.02 63.58
C GLU S 149 7.12 21.25 62.13
N TYR S 150 8.43 21.31 61.85
CA TYR S 150 8.92 21.61 60.50
C TYR S 150 9.47 20.36 59.80
N GLU S 151 8.84 19.24 60.05
CA GLU S 151 9.35 18.02 59.51
C GLU S 151 9.32 18.04 57.98
N HIS S 152 8.36 18.74 57.41
CA HIS S 152 8.21 18.76 55.96
C HIS S 152 9.39 19.47 55.28
N GLN S 153 9.66 20.69 55.76
CA GLN S 153 10.78 21.46 55.29
C GLN S 153 12.07 20.67 55.49
N SER S 154 12.17 19.95 56.60
CA SER S 154 13.39 19.22 56.85
C SER S 154 13.66 18.17 55.78
N ILE S 155 12.62 17.49 55.32
CA ILE S 155 12.82 16.47 54.32
C ILE S 155 13.12 17.15 52.98
N LYS S 156 12.40 18.21 52.71
CA LYS S 156 12.63 18.93 51.52
C LYS S 156 14.07 19.30 51.45
N ASN S 157 14.62 19.65 52.58
CA ASN S 157 16.01 20.03 52.62
C ASN S 157 16.91 18.91 52.14
N ILE S 158 16.65 17.70 52.63
CA ILE S 158 17.45 16.56 52.24
C ILE S 158 17.30 16.36 50.75
N ILE S 159 16.04 16.44 50.30
CA ILE S 159 15.70 16.20 48.92
C ILE S 159 16.54 17.12 48.07
N GLN S 160 16.52 18.37 48.44
CA GLN S 160 17.15 19.35 47.63
C GLN S 160 18.67 19.16 47.58
N LEU S 161 19.22 18.67 48.67
CA LEU S 161 20.64 18.46 48.70
C LEU S 161 20.98 17.29 47.81
N VAL S 162 20.13 16.28 47.81
CA VAL S 162 20.41 15.10 47.02
C VAL S 162 20.29 15.45 45.53
N ASP S 163 19.33 16.31 45.20
CA ASP S 163 19.15 16.65 43.80
C ASP S 163 20.42 17.28 43.31
N ALA S 164 20.97 18.18 44.12
CA ALA S 164 22.17 18.91 43.79
C ALA S 164 23.41 18.02 43.85
N GLY S 165 23.48 17.13 44.84
CA GLY S 165 24.66 16.31 45.03
C GLY S 165 24.82 15.35 43.88
N MET S 166 23.69 14.88 43.37
CA MET S 166 23.67 13.90 42.29
C MET S 166 24.26 14.47 40.99
N LYS S 167 24.08 15.77 40.78
CA LYS S 167 24.62 16.42 39.62
C LYS S 167 26.12 16.42 39.76
N VAL S 168 26.60 16.30 40.98
CA VAL S 168 27.97 16.69 41.16
C VAL S 168 28.85 15.63 41.90
N GLY S 169 28.25 14.53 42.33
CA GLY S 169 29.01 13.44 42.93
C GLY S 169 29.16 13.55 44.44
N MET S 170 28.36 14.43 45.03
CA MET S 170 28.41 14.69 46.44
C MET S 170 27.38 13.90 47.19
N PRO S 171 27.83 13.04 48.10
CA PRO S 171 26.91 12.27 48.95
C PRO S 171 26.23 13.17 49.97
N THR S 172 25.05 12.78 50.40
CA THR S 172 24.31 13.53 51.40
C THR S 172 24.05 12.73 52.65
N MET S 173 24.32 13.36 53.77
CA MET S 173 24.09 12.75 55.06
C MET S 173 22.87 13.37 55.72
N ALA S 174 21.91 12.54 56.06
CA ALA S 174 20.75 13.00 56.78
C ALA S 174 20.91 12.66 58.25
N VAL S 175 20.79 13.67 59.11
CA VAL S 175 20.86 13.42 60.54
C VAL S 175 19.49 13.52 61.16
N THR S 176 19.13 12.58 62.01
CA THR S 176 17.80 12.55 62.58
C THR S 176 17.76 13.31 63.88
N GLY S 177 17.11 14.47 63.89
CA GLY S 177 16.98 15.28 65.11
C GLY S 177 15.63 15.05 65.80
N VAL S 178 15.57 15.20 67.13
CA VAL S 178 14.39 14.72 67.85
C VAL S 178 13.68 15.70 68.77
N ARG S 184 11.53 8.36 71.50
CA ARG S 184 12.97 8.27 71.27
C ARG S 184 13.43 6.83 71.26
N ASP S 185 12.58 5.95 70.73
CA ASP S 185 12.78 4.50 70.73
C ASP S 185 13.03 3.97 69.33
N GLN S 186 13.29 2.66 69.21
CA GLN S 186 13.64 2.09 67.93
C GLN S 186 12.61 2.35 66.83
N ARG S 187 11.37 2.04 67.12
CA ARG S 187 10.38 2.15 66.08
C ARG S 187 10.49 3.53 65.46
N TYR S 188 10.71 4.52 66.29
CA TYR S 188 10.85 5.88 65.82
C TYR S 188 12.07 6.13 64.93
N PHE S 189 13.25 5.72 65.37
CA PHE S 189 14.43 5.98 64.57
C PHE S 189 14.39 5.17 63.29
N SER S 190 13.67 4.06 63.34
CA SER S 190 13.45 3.30 62.14
C SER S 190 12.73 4.15 61.10
N LEU S 191 11.61 4.71 61.49
CA LEU S 191 10.85 5.57 60.61
C LEU S 191 11.75 6.68 60.06
N ALA S 192 12.38 7.43 60.94
CA ALA S 192 13.17 8.57 60.51
C ALA S 192 14.35 8.18 59.63
N THR S 193 15.13 7.18 60.05
CA THR S 193 16.29 6.84 59.25
C THR S 193 15.85 6.40 57.87
N ARG S 194 14.81 5.58 57.83
CA ARG S 194 14.41 4.92 56.60
C ARG S 194 13.83 5.90 55.61
N ILE S 195 13.00 6.81 56.09
CA ILE S 195 12.50 7.85 55.22
C ILE S 195 13.63 8.65 54.62
N ALA S 196 14.54 9.12 55.46
CA ALA S 196 15.66 9.87 54.94
C ALA S 196 16.42 9.05 53.88
N ALA S 197 16.66 7.76 54.17
CA ALA S 197 17.49 6.95 53.30
C ALA S 197 16.78 6.78 51.96
N GLU S 198 15.48 6.60 52.12
CA GLU S 198 14.60 6.36 51.02
C GLU S 198 14.54 7.59 50.13
N MET S 199 14.47 8.77 50.72
CA MET S 199 14.49 10.01 49.96
C MET S 199 15.73 10.08 49.11
N GLY S 200 16.84 9.54 49.62
CA GLY S 200 18.05 9.50 48.82
C GLY S 200 19.36 9.75 49.54
N ALA S 201 19.31 9.96 50.85
CA ALA S 201 20.55 10.21 51.56
C ALA S 201 21.42 8.95 51.51
N GLN S 202 22.71 9.15 51.25
CA GLN S 202 23.66 8.05 51.24
C GLN S 202 24.18 7.71 52.61
N ILE S 203 24.22 8.68 53.50
CA ILE S 203 24.65 8.40 54.88
C ILE S 203 23.60 8.82 55.86
N ILE S 204 23.28 7.93 56.79
CA ILE S 204 22.37 8.29 57.84
C ILE S 204 23.11 8.42 59.17
N LYS S 205 22.86 9.53 59.88
CA LYS S 205 23.46 9.65 61.19
C LYS S 205 22.37 9.72 62.20
N THR S 206 22.52 8.92 63.23
CA THR S 206 21.44 8.80 64.17
C THR S 206 21.97 8.42 65.54
N TYR S 207 21.06 8.21 66.47
CA TYR S 207 21.37 7.89 67.89
C TYR S 207 21.31 6.41 68.21
N TYR S 208 22.10 5.99 69.18
CA TYR S 208 22.08 4.59 69.56
C TYR S 208 20.90 4.28 70.44
N VAL S 209 20.40 3.06 70.35
CA VAL S 209 19.25 2.69 71.11
C VAL S 209 19.51 1.40 71.85
N GLU S 210 19.19 1.37 73.14
CA GLU S 210 19.52 0.20 73.96
C GLU S 210 18.75 -1.05 73.58
N LYS S 211 17.54 -0.87 73.09
CA LYS S 211 16.77 -2.00 72.60
C LYS S 211 16.45 -1.83 71.13
N GLY S 212 16.90 -2.77 70.31
CA GLY S 212 16.43 -2.84 68.93
C GLY S 212 17.22 -2.04 67.89
N PHE S 213 18.43 -1.63 68.25
CA PHE S 213 19.27 -0.93 67.30
C PHE S 213 19.47 -1.75 66.03
N GLU S 214 19.54 -3.06 66.18
CA GLU S 214 19.75 -3.95 65.07
C GLU S 214 18.71 -3.76 63.96
N ARG S 215 17.48 -3.57 64.37
CA ARG S 215 16.38 -3.38 63.43
C ARG S 215 16.61 -2.10 62.69
N ILE S 216 17.09 -1.09 63.40
CA ILE S 216 17.35 0.18 62.79
C ILE S 216 18.39 0.02 61.67
N VAL S 217 19.53 -0.58 62.02
CA VAL S 217 20.56 -0.81 61.02
C VAL S 217 20.02 -1.66 59.89
N ALA S 218 19.35 -2.75 60.25
CA ALA S 218 18.93 -3.74 59.25
C ALA S 218 17.96 -3.12 58.25
N GLY S 219 17.08 -2.28 58.78
CA GLY S 219 16.12 -1.55 57.96
C GLY S 219 16.71 -0.41 57.12
N CYS S 220 17.90 0.08 57.48
CA CYS S 220 18.54 1.11 56.69
C CYS S 220 19.42 0.51 55.57
N PRO S 221 19.20 0.94 54.34
CA PRO S 221 19.97 0.34 53.25
C PRO S 221 21.34 0.98 53.00
N VAL S 222 21.70 1.97 53.81
CA VAL S 222 22.92 2.72 53.57
C VAL S 222 23.61 2.89 54.91
N PRO S 223 24.87 3.32 54.89
CA PRO S 223 25.63 3.35 56.13
C PRO S 223 25.01 4.20 57.19
N ILE S 224 25.13 3.73 58.42
CA ILE S 224 24.69 4.47 59.58
C ILE S 224 25.86 4.85 60.48
N VAL S 225 25.80 6.08 60.94
CA VAL S 225 26.78 6.57 61.86
C VAL S 225 25.98 7.06 63.06
N ILE S 226 26.52 6.87 64.25
CA ILE S 226 25.78 7.25 65.44
C ILE S 226 26.37 8.47 66.08
N ALA S 227 25.50 9.34 66.57
CA ALA S 227 25.93 10.48 67.33
C ALA S 227 26.00 10.04 68.79
N GLY S 228 26.91 10.67 69.54
CA GLY S 228 27.13 10.31 70.94
C GLY S 228 26.06 10.82 71.88
N GLY S 229 25.56 12.03 71.65
CA GLY S 229 24.57 12.62 72.56
C GLY S 229 25.27 13.23 73.76
N LYS S 230 24.55 13.42 74.86
CA LYS S 230 25.13 14.08 76.03
C LYS S 230 26.37 13.35 76.56
N LYS S 231 27.27 14.10 77.19
CA LYS S 231 28.52 13.54 77.69
C LYS S 231 28.23 12.43 78.68
N LEU S 232 28.99 11.35 78.60
CA LEU S 232 28.90 10.28 79.57
C LEU S 232 30.29 10.05 80.07
N PRO S 233 30.40 9.34 81.18
CA PRO S 233 31.70 8.83 81.59
C PRO S 233 32.25 7.97 80.45
N GLU S 234 33.54 8.11 80.15
CA GLU S 234 34.15 7.42 79.02
C GLU S 234 33.84 5.94 78.99
N ARG S 235 34.03 5.25 80.10
CA ARG S 235 33.75 3.83 80.12
C ARG S 235 32.40 3.58 79.46
N GLU S 236 31.40 4.38 79.81
CA GLU S 236 30.05 4.17 79.31
C GLU S 236 29.90 4.51 77.85
N ALA S 237 30.58 5.57 77.40
CA ALA S 237 30.58 5.98 76.00
C ALA S 237 31.21 4.90 75.13
N LEU S 238 32.36 4.42 75.57
CA LEU S 238 33.00 3.33 74.84
C LEU S 238 32.07 2.15 74.72
N GLU S 239 31.41 1.77 75.82
CA GLU S 239 30.51 0.62 75.75
C GLU S 239 29.46 0.86 74.68
N MET S 240 28.92 2.07 74.66
CA MET S 240 27.97 2.47 73.64
C MET S 240 28.57 2.31 72.27
N CYS S 241 29.78 2.81 72.09
CA CYS S 241 30.48 2.62 70.82
C CYS S 241 30.53 1.16 70.50
N TRP S 242 31.05 0.40 71.43
CA TRP S 242 31.29 -0.99 71.17
C TRP S 242 30.00 -1.67 70.73
N GLN S 243 28.94 -1.34 71.44
CA GLN S 243 27.63 -1.89 71.13
C GLN S 243 27.13 -1.50 69.77
N ALA S 244 27.22 -0.22 69.42
CA ALA S 244 26.76 0.26 68.13
C ALA S 244 27.49 -0.48 67.01
N ILE S 245 28.81 -0.51 67.08
CA ILE S 245 29.58 -1.22 66.09
C ILE S 245 29.20 -2.68 66.04
N ASP S 246 29.25 -3.33 67.20
CA ASP S 246 28.87 -4.72 67.28
C ASP S 246 27.50 -4.97 66.62
N GLN S 247 26.61 -3.98 66.67
CA GLN S 247 25.28 -4.16 66.13
C GLN S 247 25.15 -3.60 64.73
N GLY S 248 26.28 -3.33 64.07
CA GLY S 248 26.27 -3.02 62.64
C GLY S 248 26.38 -1.57 62.20
N ALA S 249 26.62 -0.65 63.11
CA ALA S 249 26.82 0.74 62.72
C ALA S 249 28.11 0.84 61.90
N SER S 250 28.20 1.82 61.00
CA SER S 250 29.37 1.92 60.13
C SER S 250 30.37 2.95 60.64
N GLY S 251 29.97 3.69 61.67
CA GLY S 251 30.88 4.65 62.28
C GLY S 251 30.22 5.25 63.49
N VAL S 252 31.01 5.99 64.25
CA VAL S 252 30.47 6.65 65.41
C VAL S 252 30.96 8.06 65.38
N ASP S 253 30.11 8.97 65.79
CA ASP S 253 30.56 10.28 66.08
C ASP S 253 30.30 10.54 67.56
N MET S 254 31.37 10.66 68.32
CA MET S 254 31.27 11.07 69.69
C MET S 254 31.58 12.54 69.72
N GLY S 255 30.59 13.36 69.91
CA GLY S 255 30.90 14.77 69.88
C GLY S 255 31.37 15.11 71.27
N ARG S 256 30.38 15.47 72.08
CA ARG S 256 30.66 15.95 73.41
C ARG S 256 31.57 14.97 74.09
N ASN S 257 31.28 13.70 73.89
CA ASN S 257 32.01 12.65 74.56
C ASN S 257 33.47 12.67 74.25
N ILE S 258 33.85 13.50 73.30
CA ILE S 258 35.26 13.64 73.00
C ILE S 258 35.82 15.00 73.38
N PHE S 259 35.34 16.05 72.71
CA PHE S 259 35.92 17.37 72.93
C PHE S 259 35.75 17.82 74.37
N GLN S 260 34.78 17.23 75.05
CA GLN S 260 34.54 17.57 76.45
C GLN S 260 35.32 16.71 77.44
N SER S 261 35.77 15.54 77.04
CA SER S 261 36.59 14.72 77.94
C SER S 261 37.85 15.46 78.34
N ASP S 262 38.34 15.20 79.55
CA ASP S 262 39.55 15.84 80.02
C ASP S 262 40.75 15.31 79.24
N HIS S 263 40.60 14.14 78.65
CA HIS S 263 41.69 13.54 77.89
C HIS S 263 41.21 13.13 76.52
N PRO S 264 40.97 14.11 75.64
CA PRO S 264 40.38 13.91 74.32
C PRO S 264 41.13 12.93 73.46
N VAL S 265 42.40 13.19 73.20
CA VAL S 265 43.14 12.35 72.28
C VAL S 265 43.12 10.91 72.74
N ALA S 266 43.23 10.70 74.03
CA ALA S 266 43.18 9.34 74.57
C ALA S 266 41.85 8.71 74.18
N MET S 267 40.78 9.46 74.35
CA MET S 267 39.44 8.95 74.04
C MET S 267 39.38 8.48 72.59
N MET S 268 39.84 9.33 71.68
CA MET S 268 39.80 9.01 70.26
C MET S 268 40.49 7.70 69.94
N LYS S 269 41.69 7.52 70.46
CA LYS S 269 42.39 6.28 70.23
C LYS S 269 41.56 5.12 70.77
N ALA S 270 40.85 5.38 71.86
CA ALA S 270 39.95 4.39 72.42
C ALA S 270 38.94 4.06 71.35
N VAL S 271 38.32 5.10 70.82
CA VAL S 271 37.26 4.93 69.85
C VAL S 271 37.81 4.30 68.59
N GLN S 272 39.00 4.70 68.18
CA GLN S 272 39.59 4.10 67.00
C GLN S 272 39.66 2.61 67.20
N ALA S 273 40.08 2.21 68.40
CA ALA S 273 40.28 0.80 68.68
C ALA S 273 38.98 0.03 68.55
N VAL S 274 37.95 0.48 69.25
CA VAL S 274 36.67 -0.20 69.18
C VAL S 274 36.21 -0.27 67.73
N VAL S 275 36.27 0.86 67.03
CA VAL S 275 35.67 0.96 65.70
C VAL S 275 36.40 0.17 64.63
N HIS S 276 37.64 0.52 64.38
CA HIS S 276 38.40 -0.12 63.33
C HIS S 276 39.05 -1.43 63.72
N HIS S 277 39.52 -1.52 64.95
CA HIS S 277 40.33 -2.66 65.35
C HIS S 277 39.60 -3.73 66.15
N ASN S 278 38.37 -3.45 66.59
CA ASN S 278 37.61 -4.49 67.24
C ASN S 278 37.87 -4.69 68.70
N GLU S 279 38.73 -3.88 69.30
CA GLU S 279 39.00 -4.05 70.71
C GLU S 279 37.67 -4.08 71.45
N THR S 280 37.64 -4.87 72.51
CA THR S 280 36.48 -4.97 73.36
C THR S 280 36.43 -3.71 74.21
N ALA S 281 35.26 -3.35 74.69
CA ALA S 281 35.13 -2.11 75.44
C ALA S 281 36.22 -1.98 76.50
N ASP S 282 36.43 -3.02 77.28
CA ASP S 282 37.36 -2.95 78.41
C ASP S 282 38.78 -2.64 77.98
N ARG S 283 39.32 -3.41 77.05
CA ARG S 283 40.65 -3.12 76.56
C ARG S 283 40.69 -1.68 76.10
N ALA S 284 39.69 -1.32 75.30
CA ALA S 284 39.61 0.02 74.76
C ALA S 284 39.79 1.00 75.89
N TYR S 285 38.92 0.92 76.89
CA TYR S 285 38.99 1.85 78.02
C TYR S 285 40.39 1.89 78.60
N GLU S 286 41.00 0.72 78.72
CA GLU S 286 42.30 0.59 79.34
C GLU S 286 43.37 1.36 78.61
N LEU S 287 43.46 1.21 77.30
CA LEU S 287 44.36 2.08 76.57
C LEU S 287 43.87 3.53 76.65
N TYR S 288 42.58 3.72 76.94
CA TYR S 288 42.09 5.07 77.24
C TYR S 288 42.94 5.64 78.36
N LEU S 289 42.95 4.95 79.49
CA LEU S 289 43.76 5.29 80.67
C LEU S 289 45.26 5.24 80.41
N SER S 290 45.66 4.24 79.63
CA SER S 290 47.02 4.13 79.15
C SER S 290 47.47 5.47 78.55
N GLU S 291 46.67 6.00 77.62
CA GLU S 291 47.08 7.18 76.85
C GLU S 291 47.00 8.54 77.58
N LYS S 292 46.39 8.61 78.75
CA LYS S 292 46.43 9.82 79.56
C LYS S 292 47.89 10.16 79.97
N GLY T 12 46.85 67.77 7.08
CA GLY T 12 45.63 68.63 7.01
C GLY T 12 44.55 68.25 8.03
N LYS T 13 44.98 67.66 9.14
CA LYS T 13 44.07 67.25 10.21
C LYS T 13 44.24 68.16 11.44
N ASP T 14 43.13 68.53 12.08
CA ASP T 14 43.24 69.34 13.30
C ASP T 14 42.74 68.67 14.59
N PHE T 15 43.65 68.38 15.51
CA PHE T 15 43.27 67.75 16.77
C PHE T 15 43.00 68.77 17.83
N ARG T 16 43.13 70.04 17.48
CA ARG T 16 42.83 71.08 18.43
C ARG T 16 43.51 70.76 19.78
N THR T 17 44.83 70.57 19.75
CA THR T 17 45.61 70.25 20.96
C THR T 17 45.60 71.36 21.98
N ASP T 18 45.33 72.58 21.53
CA ASP T 18 45.38 73.71 22.41
C ASP T 18 44.16 73.70 23.29
N GLN T 19 43.15 72.96 22.87
CA GLN T 19 41.89 72.92 23.57
C GLN T 19 41.60 71.50 24.08
N PRO T 20 41.65 71.31 25.39
CA PRO T 20 41.58 69.97 25.99
C PRO T 20 40.15 69.51 26.26
N GLN T 21 39.89 68.25 25.95
CA GLN T 21 38.56 67.68 26.13
C GLN T 21 38.11 67.82 27.58
N LYS T 22 36.86 68.22 27.77
CA LYS T 22 36.31 68.45 29.11
C LYS T 22 34.96 67.74 29.25
N ASN T 23 34.69 67.19 30.43
CA ASN T 23 33.44 66.46 30.66
C ASN T 23 32.22 67.32 30.93
N ILE T 24 31.14 67.11 30.18
CA ILE T 24 29.90 67.81 30.51
C ILE T 24 29.20 67.19 31.71
N PRO T 25 29.02 68.00 32.75
CA PRO T 25 28.32 67.52 33.94
C PRO T 25 26.90 67.07 33.63
N PHE T 26 26.41 66.12 34.41
CA PHE T 26 25.02 65.71 34.38
C PHE T 26 24.34 66.22 35.67
N THR T 27 23.43 67.17 35.54
CA THR T 27 22.99 67.86 36.74
C THR T 27 21.77 67.27 37.44
N LEU T 28 21.06 66.38 36.76
CA LEU T 28 19.84 65.79 37.31
C LEU T 28 20.10 65.29 38.71
N LYS T 29 19.18 65.60 39.60
CA LYS T 29 19.45 65.41 41.01
C LYS T 29 19.66 63.98 41.39
N GLY T 30 20.86 63.66 41.90
CA GLY T 30 21.16 62.31 42.43
C GLY T 30 21.39 61.30 41.33
N CYS T 31 21.50 61.78 40.11
CA CYS T 31 21.71 60.87 38.97
C CYS T 31 23.07 61.10 38.29
N GLY T 32 24.01 61.59 39.08
CA GLY T 32 25.30 61.92 38.52
C GLY T 32 26.24 60.76 38.38
N ALA T 33 25.87 59.59 38.90
CA ALA T 33 26.76 58.42 38.92
C ALA T 33 26.15 57.22 38.18
N LEU T 34 25.47 57.50 37.09
CA LEU T 34 24.76 56.44 36.38
C LEU T 34 25.37 56.29 35.02
N ASP T 35 25.30 55.06 34.53
CA ASP T 35 25.83 54.72 33.25
C ASP T 35 25.08 55.50 32.19
N TRP T 36 25.67 55.60 31.02
CA TRP T 36 25.15 56.42 29.95
C TRP T 36 23.68 56.12 29.62
N GLY T 37 23.39 54.83 29.46
CA GLY T 37 22.05 54.36 29.10
C GLY T 37 21.03 54.82 30.11
N MET T 38 21.38 54.67 31.37
CA MET T 38 20.41 55.01 32.36
C MET T 38 20.22 56.52 32.37
N GLN T 39 21.31 57.24 32.26
CA GLN T 39 21.22 58.69 32.26
C GLN T 39 20.44 59.14 31.05
N SER T 40 20.55 58.35 29.99
CA SER T 40 19.82 58.64 28.77
C SER T 40 18.31 58.53 28.94
N ARG T 41 17.89 57.43 29.57
CA ARG T 41 16.48 57.19 29.79
C ARG T 41 15.90 58.28 30.69
N LEU T 42 16.62 58.61 31.74
CA LEU T 42 16.18 59.65 32.65
C LEU T 42 16.07 61.01 31.96
N SER T 43 16.98 61.25 31.01
CA SER T 43 16.99 62.50 30.25
C SER T 43 15.78 62.58 29.33
N ARG T 44 15.25 61.42 28.94
CA ARG T 44 14.03 61.39 28.14
C ARG T 44 12.87 61.88 28.97
N ILE T 45 12.88 61.48 30.24
CA ILE T 45 11.80 61.81 31.14
C ILE T 45 11.88 63.24 31.63
N PHE T 46 13.02 63.59 32.20
CA PHE T 46 13.23 64.91 32.75
C PHE T 46 13.98 65.77 31.77
N ASN T 47 13.37 66.88 31.39
CA ASN T 47 14.02 67.81 30.47
C ASN T 47 15.36 68.27 31.02
N PRO T 48 16.43 68.07 30.24
CA PRO T 48 17.78 68.43 30.62
C PRO T 48 17.92 69.93 30.85
N LYS T 49 17.29 70.75 30.01
CA LYS T 49 17.30 72.20 30.21
C LYS T 49 16.70 72.60 31.57
N THR T 50 15.48 72.17 31.84
CA THR T 50 14.78 72.59 33.05
C THR T 50 14.90 71.60 34.21
N GLY T 51 15.30 70.37 33.91
CA GLY T 51 15.40 69.32 34.92
C GLY T 51 14.05 68.92 35.51
N LYS T 52 12.99 69.04 34.69
CA LYS T 52 11.64 68.70 35.14
C LYS T 52 10.81 68.01 34.11
N THR T 53 9.67 67.49 34.54
CA THR T 53 8.81 66.71 33.66
C THR T 53 7.35 66.91 33.95
N VAL T 54 6.57 66.84 32.89
CA VAL T 54 5.13 66.85 33.04
C VAL T 54 4.65 65.49 32.64
N MET T 55 4.09 64.76 33.59
CA MET T 55 3.77 63.36 33.35
C MET T 55 2.28 63.16 33.25
N LEU T 56 1.82 62.53 32.19
CA LEU T 56 0.41 62.14 32.10
C LEU T 56 0.19 60.65 32.46
N ALA T 57 -0.23 60.40 33.68
CA ALA T 57 -0.38 59.03 34.13
C ALA T 57 -1.82 58.55 34.04
N PHE T 58 -2.05 57.44 33.35
CA PHE T 58 -3.40 56.83 33.29
C PHE T 58 -3.37 55.31 33.59
N ASP T 59 -2.68 54.91 34.66
CA ASP T 59 -2.49 53.49 34.95
C ASP T 59 -3.51 52.92 35.93
N HIS T 60 -4.41 53.77 36.42
CA HIS T 60 -5.30 53.40 37.50
C HIS T 60 -6.18 52.18 37.21
N GLY T 61 -6.42 51.93 35.92
CA GLY T 61 -7.19 50.75 35.56
C GLY T 61 -6.59 49.51 36.22
N TYR T 62 -5.33 49.60 36.61
CA TYR T 62 -4.60 48.42 37.01
C TYR T 62 -5.20 47.71 38.21
N PHE T 63 -5.74 48.47 39.17
CA PHE T 63 -6.46 47.86 40.27
C PHE T 63 -7.88 48.38 40.35
N GLN T 64 -8.23 49.30 39.45
CA GLN T 64 -9.48 50.02 39.59
C GLN T 64 -10.50 49.76 38.49
N GLY T 65 -10.10 49.10 37.41
CA GLY T 65 -11.02 48.90 36.29
C GLY T 65 -11.23 50.24 35.62
N PRO T 66 -12.35 50.39 34.90
CA PRO T 66 -12.60 51.59 34.11
C PRO T 66 -13.02 52.75 35.00
N THR T 67 -12.06 53.34 35.67
CA THR T 67 -12.29 54.54 36.45
C THR T 67 -12.81 55.66 35.57
N THR T 68 -13.50 56.61 36.19
CA THR T 68 -14.08 57.72 35.46
C THR T 68 -13.03 58.51 34.73
N GLY T 69 -13.25 58.71 33.44
CA GLY T 69 -12.34 59.48 32.62
C GLY T 69 -11.30 58.60 31.95
N LEU T 70 -11.16 57.36 32.44
CA LEU T 70 -10.28 56.39 31.82
C LEU T 70 -11.13 55.31 31.15
N GLU T 71 -12.42 55.60 31.01
CA GLU T 71 -13.30 54.62 30.41
C GLU T 71 -12.75 54.24 29.06
N ARG T 72 -12.44 55.23 28.25
CA ARG T 72 -11.89 54.95 26.92
C ARG T 72 -10.61 55.73 26.72
N ILE T 73 -9.48 55.11 27.07
CA ILE T 73 -8.19 55.75 26.87
C ILE T 73 -8.06 56.15 25.42
N ASP T 74 -8.51 55.28 24.53
CA ASP T 74 -8.21 55.44 23.11
C ASP T 74 -8.80 56.71 22.57
N ILE T 75 -9.88 57.16 23.19
CA ILE T 75 -10.59 58.34 22.69
C ILE T 75 -10.32 59.57 23.52
N ASN T 76 -10.54 59.42 24.81
CA ASN T 76 -10.35 60.46 25.80
C ASN T 76 -8.91 60.92 25.96
N ILE T 77 -8.02 59.95 26.15
CA ILE T 77 -6.64 60.25 26.48
C ILE T 77 -5.72 60.35 25.26
N ALA T 78 -6.07 59.68 24.17
CA ALA T 78 -5.21 59.67 22.99
C ALA T 78 -4.79 61.07 22.55
N PRO T 79 -5.76 62.01 22.48
CA PRO T 79 -5.48 63.41 22.12
C PRO T 79 -4.50 64.07 23.08
N LEU T 80 -4.39 63.55 24.30
CA LEU T 80 -3.61 64.18 25.34
C LEU T 80 -2.10 63.95 25.27
N PHE T 81 -1.69 62.90 24.55
CA PHE T 81 -0.31 62.44 24.62
C PHE T 81 0.71 63.49 24.22
N GLU T 82 0.46 64.16 23.11
CA GLU T 82 1.44 65.08 22.58
C GLU T 82 1.82 66.17 23.56
N HIS T 83 0.97 66.49 24.52
CA HIS T 83 1.25 67.62 25.40
C HIS T 83 1.87 67.16 26.70
N ALA T 84 2.30 65.91 26.74
CA ALA T 84 2.93 65.35 27.92
C ALA T 84 4.42 65.07 27.67
N ASP T 85 5.23 65.21 28.71
CA ASP T 85 6.64 64.91 28.58
C ASP T 85 6.80 63.41 28.59
N VAL T 86 6.07 62.78 29.48
CA VAL T 86 6.18 61.35 29.69
C VAL T 86 4.81 60.73 29.99
N LEU T 87 4.59 59.53 29.49
CA LEU T 87 3.32 58.85 29.70
C LEU T 87 3.51 57.81 30.77
N MET T 88 2.46 57.55 31.54
CA MET T 88 2.52 56.42 32.44
C MET T 88 1.29 55.54 32.35
N CYS T 89 1.49 54.30 31.93
CA CYS T 89 0.38 53.38 31.83
C CYS T 89 0.83 51.94 32.03
N THR T 90 -0.12 51.02 31.99
CA THR T 90 0.21 49.60 32.06
C THR T 90 0.70 49.10 30.72
N ARG T 91 1.34 47.96 30.74
CA ARG T 91 1.83 47.41 29.52
C ARG T 91 0.65 46.95 28.67
N GLY T 92 -0.43 46.54 29.34
CA GLY T 92 -1.59 46.05 28.64
C GLY T 92 -2.15 47.19 27.84
N ILE T 93 -2.32 48.33 28.49
CA ILE T 93 -2.95 49.48 27.85
C ILE T 93 -2.07 50.01 26.72
N LEU T 94 -0.78 50.09 27.02
CA LEU T 94 0.19 50.60 26.08
C LEU T 94 0.11 49.83 24.78
N ARG T 95 0.17 48.50 24.86
CA ARG T 95 0.18 47.75 23.61
C ARG T 95 -1.11 47.91 22.85
N SER T 96 -2.24 47.86 23.54
CA SER T 96 -3.54 47.87 22.87
C SER T 96 -3.97 49.23 22.31
N VAL T 97 -3.76 50.32 23.04
CA VAL T 97 -4.41 51.59 22.63
C VAL T 97 -3.52 52.81 22.63
N VAL T 98 -2.25 52.63 22.93
CA VAL T 98 -1.31 53.72 22.76
C VAL T 98 -0.54 53.48 21.47
N PRO T 99 -0.66 54.40 20.55
CA PRO T 99 0.02 54.23 19.29
C PRO T 99 1.54 54.36 19.48
N PRO T 100 2.31 53.41 18.98
CA PRO T 100 3.75 53.53 19.09
C PRO T 100 4.23 54.89 18.56
N ALA T 101 3.57 55.37 17.49
CA ALA T 101 3.97 56.60 16.82
C ALA T 101 3.75 57.82 17.73
N THR T 102 3.13 57.59 18.87
CA THR T 102 2.87 58.65 19.78
C THR T 102 4.19 59.30 20.13
N ASN T 103 5.25 58.56 19.88
CA ASN T 103 6.60 59.07 20.10
C ASN T 103 6.85 59.81 21.42
N ARG T 104 6.28 59.31 22.51
CA ARG T 104 6.53 59.90 23.82
C ARG T 104 7.13 58.86 24.79
N PRO T 105 8.02 59.30 25.70
CA PRO T 105 8.65 58.38 26.63
C PRO T 105 7.61 57.76 27.55
N VAL T 106 7.73 56.50 27.90
CA VAL T 106 6.78 55.94 28.84
C VAL T 106 7.44 55.38 30.09
N VAL T 107 6.74 55.55 31.21
CA VAL T 107 7.10 54.88 32.43
C VAL T 107 6.05 53.78 32.64
N LEU T 108 6.46 52.54 32.49
CA LEU T 108 5.56 51.43 32.65
C LEU T 108 5.23 51.17 34.08
N ARG T 109 3.93 50.99 34.36
CA ARG T 109 3.49 50.61 35.70
C ARG T 109 3.70 49.13 35.85
N ALA T 110 4.52 48.73 36.84
CA ALA T 110 4.99 47.35 36.93
C ALA T 110 4.59 46.65 38.22
N SER T 111 3.62 47.19 38.95
CA SER T 111 3.07 46.47 40.08
C SER T 111 1.60 46.24 39.75
N GLY T 112 0.96 45.35 40.49
CA GLY T 112 -0.44 45.08 40.30
C GLY T 112 -0.87 43.89 41.14
N ALA T 113 -1.93 43.22 40.70
CA ALA T 113 -2.47 42.05 41.39
C ALA T 113 -3.32 42.44 42.61
N ASN T 114 -3.64 43.73 42.75
CA ASN T 114 -4.59 44.15 43.76
C ASN T 114 -5.89 44.59 43.09
N SER T 115 -6.98 44.65 43.84
CA SER T 115 -8.26 45.15 43.33
C SER T 115 -8.76 46.14 44.36
N ILE T 116 -9.72 46.98 43.97
CA ILE T 116 -10.37 47.84 44.93
C ILE T 116 -11.31 47.01 45.77
N LEU T 117 -11.45 45.73 45.45
CA LEU T 117 -12.35 44.86 46.22
C LEU T 117 -11.63 44.17 47.37
N ALA T 118 -10.32 44.35 47.48
CA ALA T 118 -9.54 43.64 48.49
C ALA T 118 -8.52 44.60 49.03
N GLU T 119 -7.59 44.09 49.84
CA GLU T 119 -6.59 44.96 50.42
C GLU T 119 -5.81 45.70 49.35
N LEU T 120 -5.74 47.01 49.48
CA LEU T 120 -5.10 47.82 48.45
C LEU T 120 -3.60 47.55 48.33
N SER T 121 -2.92 47.32 49.45
CA SER T 121 -1.47 47.25 49.42
C SER T 121 -0.95 45.90 48.94
N ASN T 122 -1.85 45.00 48.55
CA ASN T 122 -1.44 43.64 48.15
C ASN T 122 -0.99 43.54 46.69
N GLU T 123 0.21 44.01 46.42
CA GLU T 123 0.67 44.14 45.04
C GLU T 123 1.86 43.21 44.81
N ALA T 124 2.05 42.82 43.56
CA ALA T 124 3.21 42.00 43.19
C ALA T 124 3.80 42.63 41.95
N VAL T 125 4.97 42.16 41.56
CA VAL T 125 5.56 42.76 40.37
C VAL T 125 4.72 42.28 39.20
N ALA T 126 4.34 43.21 38.32
CA ALA T 126 3.34 42.94 37.30
C ALA T 126 3.87 42.78 35.86
N LEU T 127 5.18 42.87 35.69
CA LEU T 127 5.81 42.50 34.41
C LEU T 127 7.36 42.37 34.58
N SER T 128 7.96 41.50 33.77
CA SER T 128 9.39 41.28 33.84
C SER T 128 10.16 42.43 33.18
N MET T 129 11.36 42.71 33.68
CA MET T 129 12.20 43.79 33.13
C MET T 129 12.44 43.46 31.70
N ASP T 130 12.43 42.18 31.44
CA ASP T 130 12.58 41.66 30.11
C ASP T 130 11.59 42.33 29.15
N ASP T 131 10.31 42.33 29.54
CA ASP T 131 9.30 42.94 28.71
C ASP T 131 9.38 44.47 28.74
N ALA T 132 9.74 45.03 29.88
CA ALA T 132 9.88 46.46 29.97
C ALA T 132 10.89 46.92 28.95
N VAL T 133 11.95 46.14 28.83
CA VAL T 133 13.02 46.48 27.92
C VAL T 133 12.51 46.27 26.52
N ARG T 134 11.73 45.20 26.34
CA ARG T 134 11.15 44.93 25.03
C ARG T 134 10.27 46.10 24.52
N LEU T 135 9.68 46.83 25.47
CA LEU T 135 8.74 47.86 25.15
C LEU T 135 9.42 49.21 25.10
N ASN T 136 10.74 49.21 25.19
CA ASN T 136 11.51 50.45 25.15
C ASN T 136 11.13 51.43 26.25
N SER T 137 10.96 50.96 27.48
CA SER T 137 10.53 51.86 28.55
C SER T 137 11.65 52.80 28.98
N CYS T 138 11.25 53.95 29.52
CA CYS T 138 12.22 54.85 30.13
C CYS T 138 12.37 54.54 31.60
N ALA T 139 11.37 53.86 32.16
CA ALA T 139 11.45 53.45 33.55
C ALA T 139 10.30 52.53 33.88
N VAL T 140 10.42 51.85 35.00
CA VAL T 140 9.37 50.99 35.50
C VAL T 140 9.01 51.51 36.87
N ALA T 141 7.71 51.37 37.21
CA ALA T 141 7.21 51.93 38.44
C ALA T 141 6.44 50.91 39.23
N ALA T 142 6.59 50.99 40.54
CA ALA T 142 5.81 50.17 41.43
C ALA T 142 5.48 50.97 42.68
N GLN T 143 4.48 50.50 43.42
CA GLN T 143 4.00 51.21 44.58
C GLN T 143 4.65 50.64 45.82
N VAL T 144 4.99 51.52 46.74
CA VAL T 144 5.43 51.05 48.01
C VAL T 144 4.36 51.52 49.01
N TYR T 145 4.07 50.71 50.03
CA TYR T 145 3.00 51.04 50.97
C TYR T 145 3.43 51.04 52.41
N ILE T 146 4.24 52.03 52.80
CA ILE T 146 4.63 52.03 54.18
C ILE T 146 3.40 52.09 55.06
N GLY T 147 3.40 51.35 56.17
CA GLY T 147 2.32 51.40 57.12
C GLY T 147 1.12 50.54 56.76
N SER T 148 1.03 50.11 55.51
CA SER T 148 -0.04 49.19 55.15
C SER T 148 0.33 47.74 55.45
N GLU T 149 -0.65 46.87 55.28
CA GLU T 149 -0.49 45.49 55.68
C GLU T 149 0.62 44.78 54.91
N TYR T 150 0.78 45.12 53.63
CA TYR T 150 1.73 44.41 52.77
C TYR T 150 2.93 45.28 52.46
N GLU T 151 3.34 46.07 53.43
CA GLU T 151 4.40 46.99 53.22
C GLU T 151 5.70 46.28 52.86
N HIS T 152 5.93 45.12 53.45
CA HIS T 152 7.15 44.37 53.20
C HIS T 152 7.28 43.94 51.75
N GLN T 153 6.23 43.31 51.23
CA GLN T 153 6.18 42.87 49.85
C GLN T 153 6.37 44.06 48.93
N SER T 154 5.78 45.19 49.31
CA SER T 154 5.85 46.35 48.43
C SER T 154 7.29 46.78 48.25
N ILE T 155 8.08 46.75 49.32
CA ILE T 155 9.45 47.18 49.21
C ILE T 155 10.25 46.14 48.42
N LYS T 156 10.00 44.88 48.74
CA LYS T 156 10.63 43.82 48.02
C LYS T 156 10.42 44.01 46.54
N ASN T 157 9.21 44.40 46.16
CA ASN T 157 8.92 44.69 44.76
C ASN T 157 9.89 45.72 44.19
N ILE T 158 10.04 46.86 44.89
CA ILE T 158 10.92 47.89 44.41
C ILE T 158 12.30 47.29 44.30
N ILE T 159 12.70 46.55 45.34
CA ILE T 159 14.05 46.01 45.38
C ILE T 159 14.30 45.18 44.15
N GLN T 160 13.34 44.32 43.86
CA GLN T 160 13.50 43.40 42.76
C GLN T 160 13.61 44.12 41.41
N LEU T 161 12.83 45.19 41.27
CA LEU T 161 12.85 45.92 40.03
C LEU T 161 14.17 46.64 39.84
N VAL T 162 14.74 47.11 40.94
CA VAL T 162 16.00 47.79 40.88
C VAL T 162 17.10 46.78 40.52
N ASP T 163 17.05 45.61 41.14
CA ASP T 163 18.03 44.60 40.86
C ASP T 163 18.06 44.30 39.37
N ALA T 164 16.87 44.16 38.78
CA ALA T 164 16.74 43.89 37.36
C ALA T 164 17.09 45.12 36.52
N GLY T 165 16.69 46.29 36.99
CA GLY T 165 16.88 47.49 36.18
C GLY T 165 18.37 47.80 36.05
N MET T 166 19.11 47.45 37.09
CA MET T 166 20.53 47.79 37.12
C MET T 166 21.30 46.93 36.14
N LYS T 167 20.81 45.71 35.86
CA LYS T 167 21.46 44.88 34.85
C LYS T 167 21.26 45.52 33.47
N VAL T 168 20.28 46.39 33.33
CA VAL T 168 19.85 46.65 32.00
C VAL T 168 19.70 48.15 31.69
N GLY T 169 19.94 49.02 32.67
CA GLY T 169 19.94 50.48 32.43
C GLY T 169 18.58 51.12 32.66
N MET T 170 17.69 50.42 33.38
CA MET T 170 16.31 50.84 33.52
C MET T 170 16.12 51.45 34.86
N PRO T 171 15.77 52.74 34.89
CA PRO T 171 15.47 53.40 36.17
C PRO T 171 14.17 52.89 36.80
N THR T 172 14.09 52.94 38.13
CA THR T 172 12.88 52.53 38.80
C THR T 172 12.25 53.67 39.53
N MET T 173 10.93 53.75 39.37
CA MET T 173 10.11 54.75 40.08
C MET T 173 9.30 54.07 41.18
N ALA T 174 9.49 54.54 42.40
CA ALA T 174 8.68 54.05 43.50
C ALA T 174 7.59 55.08 43.79
N VAL T 175 6.34 54.63 43.81
CA VAL T 175 5.25 55.51 44.19
C VAL T 175 4.70 55.18 45.57
N THR T 176 4.52 56.19 46.39
CA THR T 176 4.14 55.98 47.78
C THR T 176 2.62 55.96 47.90
N GLY T 177 2.04 54.78 48.13
CA GLY T 177 0.59 54.67 48.24
C GLY T 177 0.21 54.65 49.70
N VAL T 178 -0.99 55.15 50.05
CA VAL T 178 -1.32 55.41 51.47
C VAL T 178 -2.58 54.74 52.06
N ARG T 184 -1.01 61.09 56.92
CA ARG T 184 -0.85 61.61 55.57
C ARG T 184 -0.08 62.95 55.55
N ASP T 185 0.90 63.07 56.44
CA ASP T 185 1.62 64.32 56.69
C ASP T 185 3.09 64.21 56.29
N GLN T 186 3.82 65.30 56.40
CA GLN T 186 5.21 65.29 55.97
C GLN T 186 6.03 64.18 56.57
N ARG T 187 6.02 64.09 57.90
CA ARG T 187 6.91 63.15 58.55
C ARG T 187 6.71 61.80 57.88
N TYR T 188 5.46 61.50 57.56
CA TYR T 188 5.14 60.24 56.97
C TYR T 188 5.76 60.08 55.58
N PHE T 189 5.48 61.02 54.68
CA PHE T 189 5.98 60.90 53.33
C PHE T 189 7.50 60.96 53.32
N SER T 190 8.07 61.60 54.32
CA SER T 190 9.51 61.59 54.43
C SER T 190 10.03 60.19 54.61
N LEU T 191 9.46 59.47 55.57
CA LEU T 191 9.84 58.09 55.79
C LEU T 191 9.66 57.27 54.50
N ALA T 192 8.47 57.33 53.92
CA ALA T 192 8.19 56.53 52.74
C ALA T 192 9.11 56.84 51.56
N THR T 193 9.26 58.11 51.23
CA THR T 193 10.06 58.47 50.07
C THR T 193 11.49 58.05 50.29
N ARG T 194 11.98 58.33 51.48
CA ARG T 194 13.39 58.12 51.77
C ARG T 194 13.75 56.65 51.77
N ILE T 195 12.89 55.83 52.35
CA ILE T 195 13.15 54.41 52.32
C ILE T 195 13.23 53.93 50.87
N ALA T 196 12.25 54.36 50.08
CA ALA T 196 12.21 53.88 48.70
C ALA T 196 13.50 54.32 48.01
N ALA T 197 13.84 55.59 48.18
CA ALA T 197 14.99 56.13 47.47
C ALA T 197 16.24 55.37 47.88
N GLU T 198 16.29 55.10 49.18
CA GLU T 198 17.42 54.49 49.80
C GLU T 198 17.54 53.06 49.29
N MET T 199 16.42 52.37 49.11
CA MET T 199 16.44 51.00 48.60
C MET T 199 17.07 50.96 47.24
N GLY T 200 16.91 52.05 46.50
CA GLY T 200 17.52 52.18 45.17
C GLY T 200 16.68 52.81 44.06
N ALA T 201 15.44 53.20 44.36
CA ALA T 201 14.63 53.85 43.34
C ALA T 201 15.25 55.18 42.86
N GLN T 202 15.29 55.36 41.53
CA GLN T 202 15.83 56.58 40.95
C GLN T 202 14.83 57.70 40.89
N ILE T 203 13.55 57.37 40.79
CA ILE T 203 12.52 58.40 40.81
C ILE T 203 11.53 58.10 41.91
N ILE T 204 11.16 59.12 42.68
CA ILE T 204 10.13 58.94 43.66
C ILE T 204 8.89 59.71 43.25
N LYS T 205 7.75 59.06 43.31
CA LYS T 205 6.52 59.77 43.02
C LYS T 205 5.67 59.80 44.25
N THR T 206 5.19 60.99 44.61
CA THR T 206 4.52 61.15 45.89
C THR T 206 3.51 62.29 45.87
N TYR T 207 2.88 62.53 47.01
CA TYR T 207 1.83 63.54 47.11
C TYR T 207 2.32 64.85 47.68
N TYR T 208 1.69 65.93 47.27
CA TYR T 208 2.05 67.23 47.83
C TYR T 208 1.49 67.42 49.24
N VAL T 209 2.21 68.18 50.04
CA VAL T 209 1.83 68.40 51.41
C VAL T 209 1.87 69.91 51.74
N GLU T 210 0.80 70.40 52.37
CA GLU T 210 0.68 71.84 52.59
C GLU T 210 1.68 72.35 53.57
N LYS T 211 2.08 71.49 54.51
CA LYS T 211 3.11 71.88 55.44
C LYS T 211 4.28 70.92 55.35
N GLY T 212 5.47 71.45 55.03
CA GLY T 212 6.69 70.68 55.18
C GLY T 212 7.16 69.93 53.96
N PHE T 213 6.56 70.21 52.81
CA PHE T 213 6.98 69.57 51.57
C PHE T 213 8.47 69.71 51.30
N GLU T 214 9.01 70.86 51.69
CA GLU T 214 10.42 71.16 51.49
C GLU T 214 11.28 70.08 52.12
N ARG T 215 10.93 69.69 53.33
CA ARG T 215 11.68 68.69 54.04
C ARG T 215 11.65 67.39 53.27
N ILE T 216 10.51 67.08 52.66
CA ILE T 216 10.37 65.86 51.89
C ILE T 216 11.32 65.87 50.71
N VAL T 217 11.27 66.94 49.92
CA VAL T 217 12.22 67.09 48.83
C VAL T 217 13.67 67.05 49.31
N ALA T 218 13.97 67.88 50.31
CA ALA T 218 15.33 68.03 50.79
C ALA T 218 15.87 66.71 51.28
N GLY T 219 15.03 65.89 51.88
CA GLY T 219 15.43 64.56 52.38
C GLY T 219 15.54 63.45 51.32
N CYS T 220 14.96 63.69 50.15
CA CYS T 220 15.04 62.73 49.07
C CYS T 220 16.25 63.06 48.19
N PRO T 221 17.11 62.07 47.96
CA PRO T 221 18.31 62.34 47.17
C PRO T 221 18.10 62.24 45.66
N VAL T 222 16.88 61.90 45.26
CA VAL T 222 16.62 61.70 43.85
C VAL T 222 15.35 62.46 43.49
N PRO T 223 15.10 62.59 42.17
CA PRO T 223 14.00 63.42 41.73
C PRO T 223 12.69 62.96 42.32
N ILE T 224 11.86 63.94 42.68
CA ILE T 224 10.49 63.70 43.13
C ILE T 224 9.47 64.25 42.14
N VAL T 225 8.44 63.46 41.90
CA VAL T 225 7.33 63.88 41.07
C VAL T 225 6.11 63.75 41.94
N ILE T 226 5.17 64.66 41.80
CA ILE T 226 3.99 64.60 42.65
C ILE T 226 2.77 64.18 41.87
N ALA T 227 1.95 63.36 42.52
CA ALA T 227 0.69 62.93 41.97
C ALA T 227 -0.35 63.96 42.35
N GLY T 228 -1.34 64.14 41.49
CA GLY T 228 -2.38 65.14 41.70
C GLY T 228 -3.36 64.77 42.80
N GLY T 229 -3.77 63.52 42.86
CA GLY T 229 -4.78 63.11 43.84
C GLY T 229 -6.16 63.43 43.30
N LYS T 230 -7.16 63.53 44.17
CA LYS T 230 -8.53 63.74 43.72
C LYS T 230 -8.67 65.04 42.92
N LYS T 231 -9.64 65.06 42.00
CA LYS T 231 -9.87 66.21 41.13
C LYS T 231 -10.14 67.44 41.96
N LEU T 232 -9.54 68.54 41.57
CA LEU T 232 -9.79 69.81 42.20
C LEU T 232 -10.21 70.75 41.09
N PRO T 233 -10.79 71.89 41.46
CA PRO T 233 -10.95 72.98 40.50
C PRO T 233 -9.57 73.38 40.00
N GLU T 234 -9.46 73.65 38.70
CA GLU T 234 -8.16 73.89 38.08
C GLU T 234 -7.33 74.93 38.82
N ARG T 235 -7.95 76.07 39.11
CA ARG T 235 -7.24 77.12 39.79
C ARG T 235 -6.45 76.51 40.96
N GLU T 236 -7.10 75.62 41.71
CA GLU T 236 -6.48 75.04 42.90
C GLU T 236 -5.40 74.03 42.58
N ALA T 237 -5.62 73.25 41.53
CA ALA T 237 -4.63 72.27 41.09
C ALA T 237 -3.37 73.00 40.66
N LEU T 238 -3.55 74.03 39.85
CA LEU T 238 -2.41 74.80 39.39
C LEU T 238 -1.63 75.38 40.58
N GLU T 239 -2.33 75.86 41.57
CA GLU T 239 -1.66 76.45 42.70
C GLU T 239 -0.83 75.36 43.36
N MET T 240 -1.40 74.18 43.47
CA MET T 240 -0.67 73.04 44.00
C MET T 240 0.59 72.75 43.16
N CYS T 241 0.40 72.66 41.85
CA CYS T 241 1.52 72.51 40.96
C CYS T 241 2.56 73.55 41.28
N TRP T 242 2.13 74.81 41.22
CA TRP T 242 3.04 75.91 41.36
C TRP T 242 3.83 75.73 42.66
N GLN T 243 3.12 75.35 43.72
CA GLN T 243 3.71 75.22 45.04
C GLN T 243 4.71 74.11 45.08
N ALA T 244 4.35 72.98 44.47
CA ALA T 244 5.21 71.81 44.44
C ALA T 244 6.53 72.12 43.75
N ILE T 245 6.43 72.69 42.54
CA ILE T 245 7.61 73.12 41.82
C ILE T 245 8.42 74.13 42.60
N ASP T 246 7.74 75.18 43.08
CA ASP T 246 8.42 76.21 43.84
C ASP T 246 9.19 75.59 45.00
N GLN T 247 8.70 74.48 45.51
CA GLN T 247 9.33 73.86 46.68
C GLN T 247 10.25 72.71 46.32
N GLY T 248 10.60 72.60 45.04
CA GLY T 248 11.67 71.72 44.62
C GLY T 248 11.29 70.40 43.99
N ALA T 249 10.02 70.21 43.66
CA ALA T 249 9.61 68.97 43.00
C ALA T 249 10.18 68.99 41.60
N SER T 250 10.47 67.83 41.03
CA SER T 250 11.06 67.78 39.67
C SER T 250 10.06 67.55 38.55
N GLY T 251 8.83 67.23 38.93
CA GLY T 251 7.78 67.07 37.96
C GLY T 251 6.47 66.96 38.68
N VAL T 252 5.39 67.06 37.94
CA VAL T 252 4.09 66.82 38.52
C VAL T 252 3.38 65.87 37.63
N ASP T 253 2.58 65.02 38.24
CA ASP T 253 1.64 64.25 37.48
C ASP T 253 0.26 64.61 37.97
N MET T 254 -0.50 65.30 37.14
CA MET T 254 -1.92 65.55 37.42
C MET T 254 -2.71 64.51 36.70
N GLY T 255 -3.22 63.52 37.39
CA GLY T 255 -3.94 62.51 36.67
C GLY T 255 -5.32 63.07 36.48
N ARG T 256 -6.17 62.77 37.45
CA ARG T 256 -7.57 63.12 37.39
C ARG T 256 -7.68 64.59 37.01
N ASN T 257 -6.80 65.38 37.59
CA ASN T 257 -6.90 66.79 37.43
C ASN T 257 -6.75 67.20 36.01
N ILE T 258 -6.41 66.24 35.17
CA ILE T 258 -6.27 66.53 33.76
C ILE T 258 -7.33 65.81 32.93
N PHE T 259 -7.28 64.48 32.89
CA PHE T 259 -8.16 63.75 32.00
C PHE T 259 -9.61 64.00 32.37
N GLN T 260 -9.85 64.41 33.62
CA GLN T 260 -11.21 64.68 34.08
C GLN T 260 -11.66 66.10 33.83
N SER T 261 -10.73 67.03 33.68
CA SER T 261 -11.11 68.41 33.41
C SER T 261 -11.92 68.47 32.11
N ASP T 262 -12.85 69.42 32.02
CA ASP T 262 -13.64 69.59 30.80
C ASP T 262 -12.77 70.13 29.67
N HIS T 263 -11.67 70.76 30.04
CA HIS T 263 -10.73 71.30 29.05
C HIS T 263 -9.29 70.81 29.24
N PRO T 264 -9.05 69.52 28.95
CA PRO T 264 -7.80 68.84 29.27
C PRO T 264 -6.58 69.50 28.68
N VAL T 265 -6.58 69.70 27.37
CA VAL T 265 -5.41 70.23 26.69
C VAL T 265 -5.02 71.58 27.27
N ALA T 266 -6.03 72.41 27.51
CA ALA T 266 -5.80 73.71 28.10
C ALA T 266 -5.06 73.54 29.42
N MET T 267 -5.56 72.62 30.25
CA MET T 267 -4.96 72.37 31.53
C MET T 267 -3.46 72.06 31.37
N MET T 268 -3.15 71.15 30.46
CA MET T 268 -1.78 70.70 30.31
C MET T 268 -0.87 71.85 29.97
N LYS T 269 -1.34 72.70 29.07
CA LYS T 269 -0.55 73.87 28.73
C LYS T 269 -0.38 74.74 29.96
N ALA T 270 -1.41 74.77 30.80
CA ALA T 270 -1.30 75.45 32.07
C ALA T 270 -0.15 74.86 32.88
N VAL T 271 -0.18 73.54 33.02
CA VAL T 271 0.81 72.83 33.81
C VAL T 271 2.20 72.97 33.19
N GLN T 272 2.28 72.90 31.88
CA GLN T 272 3.57 73.06 31.21
C GLN T 272 4.19 74.37 31.65
N ALA T 273 3.36 75.41 31.61
CA ALA T 273 3.81 76.74 31.93
C ALA T 273 4.37 76.80 33.34
N VAL T 274 3.60 76.34 34.30
CA VAL T 274 4.05 76.38 35.68
C VAL T 274 5.35 75.61 35.82
N VAL T 275 5.38 74.41 35.24
CA VAL T 275 6.49 73.50 35.47
C VAL T 275 7.77 73.94 34.78
N HIS T 276 7.73 74.00 33.46
CA HIS T 276 8.93 74.32 32.68
C HIS T 276 9.24 75.80 32.60
N HIS T 277 8.19 76.60 32.46
CA HIS T 277 8.37 78.00 32.15
C HIS T 277 8.25 78.93 33.34
N ASN T 278 7.84 78.40 34.49
CA ASN T 278 7.87 79.24 35.65
C ASN T 278 6.71 80.19 35.83
N GLU T 279 5.75 80.15 34.91
CA GLU T 279 4.61 81.05 35.07
C GLU T 279 4.08 80.94 36.49
N THR T 280 3.57 82.05 36.99
CA THR T 280 2.94 82.10 38.28
C THR T 280 1.57 81.45 38.14
N ALA T 281 1.02 80.94 39.25
CA ALA T 281 -0.24 80.23 39.18
C ALA T 281 -1.29 81.00 38.38
N ASP T 282 -1.44 82.28 38.67
CA ASP T 282 -2.48 83.09 38.05
C ASP T 282 -2.34 83.18 36.55
N ARG T 283 -1.18 83.60 36.09
CA ARG T 283 -0.97 83.66 34.65
C ARG T 283 -1.34 82.32 34.10
N ALA T 284 -0.78 81.28 34.71
CA ALA T 284 -1.01 79.93 34.26
C ALA T 284 -2.49 79.71 34.06
N TYR T 285 -3.26 79.95 35.13
CA TYR T 285 -4.70 79.74 35.06
C TYR T 285 -5.29 80.50 33.89
N GLU T 286 -4.83 81.71 33.72
CA GLU T 286 -5.35 82.58 32.68
C GLU T 286 -5.20 82.01 31.29
N LEU T 287 -4.01 81.56 30.94
CA LEU T 287 -3.87 80.89 29.66
C LEU T 287 -4.66 79.58 29.71
N TYR T 288 -4.95 79.09 30.92
CA TYR T 288 -5.86 77.96 31.02
C TYR T 288 -7.15 78.33 30.32
N LEU T 289 -7.76 79.42 30.79
CA LEU T 289 -8.98 79.97 30.23
C LEU T 289 -8.81 80.43 28.80
N SER T 290 -7.66 81.05 28.55
CA SER T 290 -7.26 81.42 27.20
C SER T 290 -7.45 80.25 26.22
N GLU T 291 -6.89 79.09 26.58
CA GLU T 291 -6.84 77.93 25.69
C GLU T 291 -8.15 77.14 25.52
N LYS T 292 -9.16 77.38 26.38
CA LYS T 292 -10.51 76.84 26.16
C LYS T 292 -11.09 77.28 24.80
#